data_7TF9
#
_entry.id   7TF9
#
_cell.length_a   1.00
_cell.length_b   1.00
_cell.length_c   1.00
_cell.angle_alpha   90.00
_cell.angle_beta   90.00
_cell.angle_gamma   90.00
#
_symmetry.space_group_name_H-M   'P 1'
#
loop_
_entity.id
_entity.type
_entity.pdbx_description
1 polymer 'Glutamine synthetase'
2 polymer 'C-tail peptide of Glutamine synthetase repressor'
3 non-polymer 'MAGNESIUM ION'
4 non-polymer GLUTAMINE
#
loop_
_entity_poly.entity_id
_entity_poly.type
_entity_poly.pdbx_seq_one_letter_code
_entity_poly.pdbx_strand_id
1 'polypeptide(L)'
;MGSSHHHHHHSSGLVPRGSHMAKYTKEDIFRFADEQNVKFIRLQFTDILGIIKNVEIPVSQLKKALDNKIMFDGSSIEGF
VRIEESDMYLFPDLDTWVVFPWTAEKGKVARMICDIYNPDMTPFAGDPRANLKRVLKEMEELGFTEFNLGPEPEFFLFKL
DENRRPTLELNDSGGYFDLAPTDLGENCRRDIVLELEEMGFEIEASHHEVAPGQHEIDFKYEDAITACDSIQTFKLVVKT
IARKHGLHATFMPKPLFGVNGSGMHFNMSLFNEKGNAFFDESGELELSQTAYHFLAGMLKHARGYTAVTNPTINSFKRLV
PGYEAPCYIAWSGKNRSPLVRVPSSRGLSTRLELRSVDPSANPYLAMAVLLKAGLSGIKDELTPPAPVDRNIYGMNEEER
EATGIYDLPESLGHALIELEKNEIIKDGLGEHIFEHFIEAKTIECDMFRTAVHPWEREQYLEIY
;
A,B,C,F,G,H,I,N,O,P,Q,R,S,T
2 'polypeptide(L)' QLPRF D,E,J,K,L,M,U,V,W,X,Y,Z,a,b
#
loop_
_chem_comp.id
_chem_comp.type
_chem_comp.name
_chem_comp.formula
MG non-polymer 'MAGNESIUM ION' 'Mg 2'
#
# COMPACT_ATOMS: atom_id res chain seq x y z
N ALA A 22 68.84 17.83 14.00
CA ALA A 22 68.50 16.49 14.48
C ALA A 22 67.59 16.56 15.69
N LYS A 23 66.29 16.38 15.45
CA LYS A 23 65.29 16.42 16.52
C LYS A 23 65.10 15.08 17.19
N TYR A 24 65.18 13.98 16.43
CA TYR A 24 65.04 12.64 16.97
C TYR A 24 66.19 11.76 16.50
N THR A 25 66.50 10.74 17.29
CA THR A 25 67.47 9.73 16.94
C THR A 25 66.79 8.38 16.86
N LYS A 26 67.56 7.35 16.48
CA LYS A 26 67.00 6.01 16.38
C LYS A 26 66.48 5.53 17.72
N GLU A 27 67.24 5.78 18.79
CA GLU A 27 66.81 5.35 20.12
C GLU A 27 65.53 6.06 20.53
N ASP A 28 65.40 7.33 20.19
CA ASP A 28 64.16 8.06 20.47
C ASP A 28 62.99 7.41 19.75
N ILE A 29 63.18 7.03 18.48
CA ILE A 29 62.10 6.41 17.72
C ILE A 29 61.70 5.08 18.35
N PHE A 30 62.69 4.27 18.73
CA PHE A 30 62.40 3.00 19.37
C PHE A 30 61.64 3.20 20.68
N ARG A 31 62.07 4.18 21.48
CA ARG A 31 61.39 4.47 22.74
C ARG A 31 59.95 4.91 22.50
N PHE A 32 59.73 5.76 21.50
CA PHE A 32 58.38 6.20 21.19
C PHE A 32 57.52 5.02 20.75
N ALA A 33 58.05 4.16 19.90
CA ALA A 33 57.29 3.01 19.43
C ALA A 33 56.94 2.09 20.58
N ASP A 34 57.88 1.90 21.52
CA ASP A 34 57.60 1.04 22.67
C ASP A 34 56.55 1.66 23.59
N GLU A 35 56.69 2.95 23.90
CA GLU A 35 55.83 3.55 24.92
C GLU A 35 54.42 3.84 24.41
N GLN A 36 54.27 4.26 23.15
CA GLN A 36 52.93 4.54 22.64
C GLN A 36 52.24 3.31 22.09
N ASN A 37 52.91 2.15 22.08
CA ASN A 37 52.31 0.89 21.66
C ASN A 37 51.78 0.97 20.23
N VAL A 38 52.70 1.18 19.30
CA VAL A 38 52.39 1.22 17.88
C VAL A 38 52.74 -0.13 17.26
N LYS A 39 51.85 -0.64 16.42
CA LYS A 39 52.06 -1.90 15.74
C LYS A 39 52.15 -1.77 14.23
N PHE A 40 51.89 -0.57 13.71
CA PHE A 40 51.95 -0.34 12.23
C PHE A 40 52.67 0.98 11.93
N ILE A 41 53.56 0.96 10.93
CA ILE A 41 54.28 2.20 10.52
C ILE A 41 54.09 2.40 9.01
N ARG A 42 53.58 3.58 8.60
CA ARG A 42 53.33 3.87 7.17
C ARG A 42 54.51 4.68 6.61
N LEU A 43 55.45 4.02 5.93
CA LEU A 43 56.57 4.73 5.31
C LEU A 43 56.04 5.38 4.03
N GLN A 44 55.85 6.69 4.07
CA GLN A 44 55.13 7.38 3.01
C GLN A 44 56.05 8.30 2.21
N PHE A 45 55.59 8.63 1.01
CA PHE A 45 56.32 9.48 0.07
C PHE A 45 55.30 10.06 -0.90
N THR A 46 55.78 10.91 -1.80
CA THR A 46 54.93 11.60 -2.76
C THR A 46 55.41 11.32 -4.16
N ASP A 47 54.50 10.98 -5.06
CA ASP A 47 54.84 10.69 -6.44
C ASP A 47 54.89 11.99 -7.24
N ILE A 48 55.06 11.87 -8.56
CA ILE A 48 55.15 13.06 -9.41
C ILE A 48 53.82 13.80 -9.42
N LEU A 49 52.71 13.06 -9.51
CA LEU A 49 51.39 13.68 -9.60
C LEU A 49 50.93 14.33 -8.31
N GLY A 50 51.65 14.12 -7.20
CA GLY A 50 51.28 14.69 -5.93
C GLY A 50 50.47 13.78 -5.02
N ILE A 51 50.16 12.56 -5.47
CA ILE A 51 49.40 11.63 -4.64
C ILE A 51 50.31 11.06 -3.56
N ILE A 52 49.82 11.03 -2.33
CA ILE A 52 50.58 10.47 -1.22
C ILE A 52 50.49 8.95 -1.28
N LYS A 53 51.63 8.29 -1.38
CA LYS A 53 51.71 6.84 -1.42
C LYS A 53 52.52 6.36 -0.22
N ASN A 54 52.42 5.07 0.09
CA ASN A 54 53.10 4.57 1.31
C ASN A 54 53.25 3.04 1.30
N VAL A 55 54.26 2.54 2.02
CA VAL A 55 54.40 1.06 2.19
C VAL A 55 54.13 0.80 3.68
N GLU A 56 53.33 -0.21 4.00
CA GLU A 56 52.95 -0.43 5.43
C GLU A 56 53.73 -1.60 6.02
N ILE A 57 54.41 -1.36 7.14
CA ILE A 57 55.26 -2.43 7.77
C ILE A 57 54.88 -2.59 9.25
N PRO A 58 54.93 -3.81 9.82
CA PRO A 58 54.69 -4.00 11.26
C PRO A 58 55.81 -3.37 12.07
N VAL A 59 55.53 -3.17 13.36
CA VAL A 59 56.52 -2.56 14.25
C VAL A 59 57.77 -3.44 14.35
N SER A 60 57.61 -4.75 14.18
CA SER A 60 58.75 -5.66 14.28
C SER A 60 59.80 -5.40 13.22
N GLN A 61 59.43 -4.78 12.10
CA GLN A 61 60.36 -4.43 11.05
C GLN A 61 60.96 -3.04 11.23
N LEU A 62 60.56 -2.32 12.28
CA LEU A 62 60.96 -0.92 12.43
C LEU A 62 62.47 -0.78 12.41
N LYS A 63 63.18 -1.65 13.13
CA LYS A 63 64.63 -1.59 13.14
C LYS A 63 65.19 -1.64 11.71
N LYS A 64 64.70 -2.59 10.91
CA LYS A 64 65.14 -2.67 9.53
C LYS A 64 64.83 -1.38 8.79
N ALA A 65 63.65 -0.80 9.05
CA ALA A 65 63.29 0.45 8.41
C ALA A 65 64.28 1.55 8.78
N LEU A 66 64.79 1.53 10.01
CA LEU A 66 65.76 2.53 10.42
C LEU A 66 67.15 2.22 9.93
N ASP A 67 67.37 1.05 9.34
CA ASP A 67 68.65 0.70 8.76
C ASP A 67 68.74 1.03 7.27
N ASN A 68 67.70 1.64 6.71
CA ASN A 68 67.65 2.00 5.29
C ASN A 68 67.82 0.76 4.42
N LYS A 69 67.15 -0.34 4.79
CA LYS A 69 67.25 -1.59 4.07
C LYS A 69 65.94 -2.02 3.41
N ILE A 70 64.89 -1.22 3.50
CA ILE A 70 63.61 -1.59 2.90
C ILE A 70 63.65 -1.33 1.40
N MET A 71 63.29 -2.35 0.63
CA MET A 71 63.20 -2.24 -0.82
C MET A 71 61.74 -2.10 -1.23
N PHE A 72 61.50 -1.34 -2.30
CA PHE A 72 60.17 -1.22 -2.87
C PHE A 72 60.30 -0.89 -4.35
N ASP A 73 59.16 -0.75 -5.01
CA ASP A 73 59.10 -0.46 -6.44
C ASP A 73 59.10 1.05 -6.63
N GLY A 74 60.22 1.58 -7.15
CA GLY A 74 60.31 3.01 -7.36
C GLY A 74 59.47 3.53 -8.52
N SER A 75 59.09 2.65 -9.44
CA SER A 75 58.29 3.08 -10.59
C SER A 75 56.97 3.67 -10.18
N SER A 76 56.47 3.34 -8.99
CA SER A 76 55.22 3.93 -8.52
C SER A 76 55.33 5.45 -8.40
N ILE A 77 56.53 5.97 -8.18
CA ILE A 77 56.72 7.41 -8.14
C ILE A 77 56.34 8.03 -9.47
N GLU A 78 56.59 7.32 -10.58
CA GLU A 78 56.22 7.82 -11.89
C GLU A 78 54.71 7.90 -12.08
N GLY A 79 53.92 7.29 -11.21
CA GLY A 79 52.48 7.35 -11.33
C GLY A 79 51.92 6.28 -12.26
N PHE A 80 50.95 6.66 -13.09
CA PHE A 80 50.29 5.68 -13.98
C PHE A 80 51.13 5.43 -15.23
N VAL A 81 52.12 6.28 -15.50
CA VAL A 81 52.89 6.17 -16.74
C VAL A 81 54.10 5.29 -16.50
N ARG A 82 54.10 4.55 -15.39
CA ARG A 82 55.18 3.63 -15.10
C ARG A 82 55.18 2.48 -16.10
N ILE A 83 56.38 1.99 -16.42
CA ILE A 83 56.54 0.93 -17.41
C ILE A 83 57.25 -0.26 -16.79
N GLU A 84 58.48 -0.05 -16.32
CA GLU A 84 59.34 -1.11 -15.84
C GLU A 84 59.51 -1.02 -14.34
N GLU A 85 59.43 -2.15 -13.66
CA GLU A 85 59.66 -2.21 -12.23
C GLU A 85 61.12 -1.90 -11.91
N SER A 86 61.33 -1.03 -10.93
CA SER A 86 62.67 -0.65 -10.50
C SER A 86 62.74 -0.72 -8.98
N ASP A 87 63.76 -1.41 -8.47
CA ASP A 87 63.94 -1.54 -7.03
C ASP A 87 64.62 -0.30 -6.46
N MET A 88 64.12 0.17 -5.31
CA MET A 88 64.67 1.37 -4.71
C MET A 88 64.55 1.27 -3.20
N TYR A 89 65.45 1.95 -2.51
CA TYR A 89 65.48 1.96 -1.05
C TYR A 89 64.52 3.00 -0.50
N LEU A 90 64.32 2.97 0.80
CA LEU A 90 63.28 3.75 1.47
C LEU A 90 63.83 4.45 2.71
N PHE A 91 64.93 5.18 2.54
CA PHE A 91 65.54 6.00 3.59
C PHE A 91 64.50 6.87 4.29
N PRO A 92 64.18 6.60 5.54
CA PRO A 92 63.18 7.41 6.25
C PRO A 92 63.80 8.63 6.90
N ASP A 93 62.94 9.58 7.26
CA ASP A 93 63.33 10.79 7.95
C ASP A 93 62.85 10.70 9.39
N LEU A 94 63.80 10.79 10.33
CA LEU A 94 63.46 10.61 11.74
C LEU A 94 62.63 11.76 12.28
N ASP A 95 62.87 12.98 11.81
CA ASP A 95 62.19 14.15 12.32
C ASP A 95 60.71 14.20 11.96
N THR A 96 60.26 13.34 11.04
CA THR A 96 58.87 13.35 10.60
C THR A 96 58.03 12.31 11.31
N TRP A 97 58.48 11.80 12.45
CA TRP A 97 57.73 10.79 13.18
C TRP A 97 56.48 11.40 13.79
N VAL A 98 55.32 10.95 13.35
CA VAL A 98 54.03 11.42 13.86
C VAL A 98 53.14 10.22 14.12
N VAL A 99 52.52 10.18 15.29
CA VAL A 99 51.63 9.09 15.67
C VAL A 99 50.19 9.57 15.46
N PHE A 100 49.42 8.83 14.68
CA PHE A 100 48.04 9.20 14.42
C PHE A 100 47.19 8.95 15.65
N PRO A 101 46.21 9.82 15.94
CA PRO A 101 45.35 9.60 17.11
C PRO A 101 44.16 8.69 16.86
N TRP A 102 43.68 8.61 15.62
CA TRP A 102 42.49 7.81 15.29
C TRP A 102 42.92 6.39 14.94
N THR A 103 43.42 5.68 15.95
CA THR A 103 43.87 4.31 15.71
C THR A 103 43.25 3.28 16.65
N ALA A 104 42.23 3.63 17.43
CA ALA A 104 41.57 2.71 18.36
C ALA A 104 42.62 2.20 19.36
N GLU A 105 42.44 0.97 19.83
CA GLU A 105 43.35 0.40 20.83
C GLU A 105 44.14 -0.80 20.32
N LYS A 106 43.79 -1.37 19.17
CA LYS A 106 44.51 -2.51 18.64
C LYS A 106 45.79 -2.05 17.93
N GLY A 107 46.68 -1.39 18.68
CA GLY A 107 47.90 -0.88 18.11
C GLY A 107 47.70 0.45 17.40
N LYS A 108 48.63 1.38 17.57
CA LYS A 108 48.57 2.68 16.95
C LYS A 108 49.32 2.67 15.62
N VAL A 109 49.14 3.73 14.84
CA VAL A 109 49.75 3.88 13.53
C VAL A 109 50.60 5.13 13.54
N ALA A 110 51.83 5.02 13.06
CA ALA A 110 52.74 6.15 12.93
C ALA A 110 53.30 6.19 11.52
N ARG A 111 53.75 7.36 11.11
CA ARG A 111 54.29 7.54 9.77
C ARG A 111 55.61 8.29 9.83
N MET A 112 56.43 8.08 8.81
CA MET A 112 57.64 8.86 8.57
C MET A 112 57.80 9.08 7.08
N ILE A 113 57.95 10.33 6.66
CA ILE A 113 58.25 10.61 5.26
C ILE A 113 59.63 10.08 4.93
N CYS A 114 59.74 9.36 3.82
CA CYS A 114 60.97 8.68 3.45
C CYS A 114 61.55 9.27 2.18
N ASP A 115 62.88 9.22 2.08
CA ASP A 115 63.58 9.55 0.85
C ASP A 115 63.77 8.29 0.01
N ILE A 116 63.87 8.49 -1.30
CA ILE A 116 64.04 7.38 -2.24
C ILE A 116 65.48 7.37 -2.71
N TYR A 117 66.13 6.21 -2.61
CA TYR A 117 67.53 6.07 -2.95
C TYR A 117 67.71 4.94 -3.94
N ASN A 118 68.64 5.12 -4.88
CA ASN A 118 68.98 4.07 -5.82
C ASN A 118 69.70 2.93 -5.09
N PRO A 119 69.70 1.74 -5.67
CA PRO A 119 70.44 0.63 -5.04
C PRO A 119 71.93 0.89 -4.89
N ASP A 120 72.49 1.84 -5.64
CA ASP A 120 73.88 2.23 -5.50
C ASP A 120 74.07 3.36 -4.50
N MET A 121 73.17 3.47 -3.53
CA MET A 121 73.30 4.38 -2.39
C MET A 121 73.28 5.84 -2.82
N THR A 122 72.55 6.14 -3.90
CA THR A 122 72.45 7.49 -4.43
C THR A 122 71.00 7.92 -4.46
N PRO A 123 70.67 9.15 -4.05
CA PRO A 123 69.27 9.57 -4.06
C PRO A 123 68.68 9.53 -5.47
N PHE A 124 67.42 9.12 -5.55
CA PHE A 124 66.75 8.98 -6.83
C PHE A 124 66.45 10.34 -7.43
N ALA A 125 66.80 10.52 -8.71
CA ALA A 125 66.57 11.79 -9.38
C ALA A 125 65.09 12.03 -9.66
N GLY A 126 64.28 10.98 -9.73
CA GLY A 126 62.86 11.11 -9.99
C GLY A 126 62.01 11.38 -8.78
N ASP A 127 62.61 11.51 -7.60
CA ASP A 127 61.86 11.78 -6.38
C ASP A 127 61.71 13.29 -6.21
N PRO A 128 60.49 13.81 -6.09
CA PRO A 128 60.33 15.26 -5.92
C PRO A 128 61.05 15.81 -4.70
N ARG A 129 61.04 15.07 -3.60
CA ARG A 129 61.72 15.54 -2.39
C ARG A 129 63.23 15.63 -2.60
N ALA A 130 63.81 14.63 -3.26
CA ALA A 130 65.24 14.68 -3.55
C ALA A 130 65.57 15.83 -4.50
N ASN A 131 64.70 16.09 -5.47
CA ASN A 131 64.90 17.22 -6.37
C ASN A 131 64.87 18.54 -5.60
N LEU A 132 63.92 18.68 -4.68
CA LEU A 132 63.87 19.89 -3.86
C LEU A 132 65.13 20.02 -3.01
N LYS A 133 65.62 18.91 -2.48
CA LYS A 133 66.86 18.96 -1.70
C LYS A 133 68.04 19.39 -2.56
N ARG A 134 68.09 18.91 -3.81
CA ARG A 134 69.15 19.32 -4.72
C ARG A 134 69.08 20.82 -5.01
N VAL A 135 67.86 21.34 -5.24
CA VAL A 135 67.72 22.76 -5.51
C VAL A 135 68.12 23.58 -4.29
N LEU A 136 67.76 23.10 -3.09
CA LEU A 136 68.17 23.79 -1.87
C LEU A 136 69.68 23.76 -1.70
N LYS A 137 70.32 22.66 -2.10
CA LYS A 137 71.78 22.60 -2.07
C LYS A 137 72.38 23.63 -3.01
N GLU A 138 71.79 23.81 -4.19
CA GLU A 138 72.26 24.85 -5.10
C GLU A 138 72.10 26.24 -4.48
N MET A 139 70.96 26.48 -3.83
CA MET A 139 70.73 27.77 -3.18
C MET A 139 71.77 28.02 -2.08
N GLU A 140 72.05 27.01 -1.27
CA GLU A 140 73.07 27.15 -0.24
C GLU A 140 74.44 27.38 -0.85
N GLU A 141 74.72 26.77 -2.01
CA GLU A 141 75.97 27.04 -2.71
C GLU A 141 76.05 28.50 -3.13
N LEU A 142 74.94 29.10 -3.54
CA LEU A 142 74.99 30.50 -3.93
C LEU A 142 75.19 31.44 -2.75
N GLY A 143 74.92 31.00 -1.52
CA GLY A 143 75.23 31.82 -0.36
C GLY A 143 74.14 31.98 0.68
N PHE A 144 72.95 31.51 0.38
CA PHE A 144 71.82 31.65 1.30
C PHE A 144 71.73 30.44 2.22
N THR A 145 70.97 30.60 3.30
CA THR A 145 70.85 29.55 4.32
C THR A 145 69.55 28.76 4.18
N GLU A 146 68.41 29.43 4.19
CA GLU A 146 67.13 28.72 4.18
C GLU A 146 66.10 29.48 3.34
N PHE A 147 65.07 28.74 2.95
CA PHE A 147 63.97 29.23 2.14
C PHE A 147 62.68 29.00 2.92
N ASN A 148 62.27 29.98 3.72
CA ASN A 148 61.06 29.83 4.51
C ASN A 148 59.83 30.01 3.65
N LEU A 149 58.82 29.18 3.91
CA LEU A 149 57.59 29.20 3.15
C LEU A 149 56.39 29.09 4.08
N GLY A 150 55.37 29.90 3.80
CA GLY A 150 54.10 29.79 4.46
C GLY A 150 52.98 29.66 3.44
N PRO A 151 52.30 28.52 3.44
CA PRO A 151 51.19 28.33 2.50
C PRO A 151 49.85 28.74 3.09
N GLU A 152 48.92 29.08 2.20
CA GLU A 152 47.56 29.46 2.58
C GLU A 152 46.57 28.59 1.81
N PRO A 153 46.42 27.33 2.21
CA PRO A 153 45.52 26.43 1.49
C PRO A 153 44.06 26.68 1.83
N GLU A 154 43.21 26.56 0.81
CA GLU A 154 41.76 26.71 0.95
C GLU A 154 41.09 25.43 0.48
N PHE A 155 40.03 25.02 1.18
CA PHE A 155 39.35 23.79 0.83
C PHE A 155 37.84 23.96 0.94
N PHE A 156 37.13 23.11 0.22
CA PHE A 156 35.68 23.09 0.21
C PHE A 156 35.16 21.89 0.98
N LEU A 157 34.01 22.08 1.63
CA LEU A 157 33.36 21.01 2.39
C LEU A 157 32.00 20.73 1.77
N PHE A 158 31.75 19.47 1.43
CA PHE A 158 30.51 19.04 0.80
C PHE A 158 29.83 17.99 1.67
N LYS A 159 28.51 17.96 1.62
CA LYS A 159 27.77 16.96 2.38
C LYS A 159 27.77 15.62 1.66
N LEU A 160 27.91 14.55 2.42
CA LEU A 160 27.89 13.20 1.87
C LEU A 160 26.46 12.73 1.66
N ASP A 161 26.30 11.73 0.79
CA ASP A 161 25.00 11.16 0.49
C ASP A 161 24.72 10.00 1.42
N GLU A 162 23.63 9.27 1.15
CA GLU A 162 23.29 8.10 1.95
C GLU A 162 24.35 7.01 1.81
N ASN A 163 24.88 6.83 0.60
CA ASN A 163 25.90 5.84 0.33
C ASN A 163 27.31 6.36 0.60
N ARG A 164 27.44 7.39 1.43
CA ARG A 164 28.74 7.99 1.77
C ARG A 164 29.48 8.46 0.53
N ARG A 165 28.74 9.04 -0.42
CA ARG A 165 29.33 9.61 -1.61
C ARG A 165 29.19 11.12 -1.60
N PRO A 166 30.20 11.86 -2.05
CA PRO A 166 30.11 13.33 -2.03
C PRO A 166 28.98 13.82 -2.93
N THR A 167 28.32 14.88 -2.47
CA THR A 167 27.29 15.55 -3.24
C THR A 167 27.76 16.94 -3.62
N LEU A 168 26.89 17.72 -4.26
CA LEU A 168 27.21 19.07 -4.67
C LEU A 168 26.68 20.12 -3.70
N GLU A 169 26.19 19.70 -2.53
CA GLU A 169 25.62 20.62 -1.56
C GLU A 169 26.68 21.00 -0.54
N LEU A 170 26.89 22.31 -0.36
CA LEU A 170 27.88 22.80 0.57
C LEU A 170 27.37 22.68 2.01
N ASN A 171 28.32 22.66 2.94
CA ASN A 171 27.95 22.46 4.34
C ASN A 171 27.33 23.70 4.96
N ASP A 172 27.70 24.90 4.51
CA ASP A 172 27.11 26.12 5.02
C ASP A 172 27.19 27.21 3.98
N SER A 173 26.27 28.17 4.08
CA SER A 173 26.26 29.34 3.20
C SER A 173 26.90 30.53 3.91
N GLY A 174 28.21 30.42 4.10
CA GLY A 174 28.98 31.42 4.82
C GLY A 174 29.46 32.54 3.93
N GLY A 175 30.35 33.36 4.49
CA GLY A 175 30.90 34.49 3.80
C GLY A 175 32.34 34.71 4.19
N TYR A 176 32.92 35.78 3.66
CA TYR A 176 34.33 36.06 3.90
C TYR A 176 34.53 36.56 5.33
N PHE A 177 35.29 35.81 6.11
CA PHE A 177 35.58 36.11 7.52
C PHE A 177 34.33 36.13 8.37
N ASP A 178 33.25 35.50 7.91
CA ASP A 178 31.99 35.53 8.63
C ASP A 178 31.97 34.49 9.73
N LEU A 179 31.19 34.76 10.77
CA LEU A 179 30.98 33.81 11.86
C LEU A 179 29.80 32.90 11.52
N ALA A 180 29.97 32.17 10.42
CA ALA A 180 28.90 31.37 9.84
C ALA A 180 28.67 30.04 10.57
N PRO A 181 29.69 29.20 10.76
CA PRO A 181 29.43 27.92 11.44
C PRO A 181 28.91 28.08 12.86
N THR A 182 29.30 29.16 13.55
CA THR A 182 28.85 29.46 14.91
C THR A 182 29.16 28.33 15.88
N ASP A 183 28.58 28.42 17.09
CA ASP A 183 28.78 27.45 18.14
C ASP A 183 27.69 26.39 18.09
N LEU A 184 27.56 25.63 19.18
CA LEU A 184 26.51 24.62 19.34
C LEU A 184 26.66 23.50 18.32
N GLY A 185 27.80 22.83 18.32
CA GLY A 185 28.01 21.67 17.47
C GLY A 185 28.47 22.04 16.08
N GLU A 186 28.69 20.99 15.28
CA GLU A 186 29.20 21.10 13.91
C GLU A 186 30.51 21.88 13.96
N ASN A 187 30.67 22.93 13.17
CA ASN A 187 31.91 23.71 13.12
C ASN A 187 33.10 22.80 12.86
N CYS A 188 33.09 22.17 11.69
CA CYS A 188 34.15 21.22 11.35
C CYS A 188 35.51 21.88 11.32
N ARG A 189 35.54 23.17 10.99
CA ARG A 189 36.83 23.92 10.96
C ARG A 189 37.45 23.92 12.36
N ARG A 190 36.64 24.14 13.40
CA ARG A 190 37.15 24.16 14.77
C ARG A 190 37.70 22.80 15.17
N ASP A 191 36.97 21.73 14.87
CA ASP A 191 37.45 20.40 15.20
C ASP A 191 38.74 20.08 14.45
N ILE A 192 38.81 20.46 13.18
CA ILE A 192 40.00 20.19 12.38
C ILE A 192 41.20 20.90 12.97
N VAL A 193 41.05 22.18 13.31
CA VAL A 193 42.19 22.93 13.84
C VAL A 193 42.57 22.41 15.22
N LEU A 194 41.59 21.98 16.01
CA LEU A 194 41.91 21.42 17.33
C LEU A 194 42.71 20.14 17.21
N GLU A 195 42.30 19.23 16.32
CA GLU A 195 43.06 17.99 16.15
C GLU A 195 44.41 18.24 15.51
N LEU A 196 44.51 19.24 14.62
CA LEU A 196 45.82 19.59 14.07
C LEU A 196 46.75 20.12 15.15
N GLU A 197 46.23 20.95 16.05
CA GLU A 197 47.04 21.42 17.17
C GLU A 197 47.46 20.27 18.06
N GLU A 198 46.55 19.33 18.32
CA GLU A 198 46.89 18.17 19.14
C GLU A 198 47.98 17.33 18.47
N MET A 199 47.90 17.14 17.16
CA MET A 199 48.88 16.34 16.43
C MET A 199 50.26 17.01 16.35
N GLY A 200 50.36 18.29 16.70
CA GLY A 200 51.63 18.97 16.67
C GLY A 200 51.85 19.81 15.44
N PHE A 201 50.83 20.58 15.06
CA PHE A 201 50.90 21.49 13.93
C PHE A 201 50.90 22.93 14.45
N GLU A 202 51.68 23.78 13.78
CA GLU A 202 51.77 25.20 14.14
C GLU A 202 50.76 25.95 13.29
N ILE A 203 49.58 26.18 13.84
CA ILE A 203 48.49 26.86 13.15
C ILE A 203 48.46 28.32 13.58
N GLU A 204 48.60 29.21 12.60
CA GLU A 204 48.60 30.65 12.90
C GLU A 204 47.15 31.09 13.11
N ALA A 205 46.30 30.92 12.09
CA ALA A 205 44.89 31.35 12.19
C ALA A 205 44.00 30.47 11.31
N SER A 206 42.68 30.68 11.36
CA SER A 206 41.71 29.90 10.54
C SER A 206 40.46 30.74 10.32
N HIS A 207 39.88 30.71 9.11
CA HIS A 207 38.70 31.59 8.82
C HIS A 207 37.88 31.07 7.64
N HIS A 208 36.69 31.66 7.44
CA HIS A 208 35.80 31.30 6.35
C HIS A 208 36.16 32.13 5.12
N GLU A 209 36.19 31.49 3.95
CA GLU A 209 36.59 32.15 2.72
C GLU A 209 35.37 32.77 2.05
N VAL A 210 35.59 33.41 0.90
CA VAL A 210 34.52 34.14 0.22
C VAL A 210 33.39 33.19 -0.19
N ALA A 211 33.75 32.06 -0.78
CA ALA A 211 32.75 31.13 -1.27
C ALA A 211 32.04 30.45 -0.10
N PRO A 212 30.76 30.14 -0.24
CA PRO A 212 30.08 29.32 0.78
C PRO A 212 30.73 27.96 0.89
N GLY A 213 30.85 27.47 2.11
CA GLY A 213 31.47 26.18 2.34
C GLY A 213 32.96 26.13 2.09
N GLN A 214 33.62 27.28 1.94
CA GLN A 214 35.05 27.34 1.68
C GLN A 214 35.77 27.86 2.93
N HIS A 215 36.80 27.16 3.35
CA HIS A 215 37.52 27.49 4.58
C HIS A 215 39.02 27.54 4.31
N GLU A 216 39.71 28.39 5.06
CA GLU A 216 41.15 28.52 4.96
C GLU A 216 41.79 28.39 6.34
N ILE A 217 42.90 27.67 6.40
CA ILE A 217 43.69 27.52 7.61
C ILE A 217 45.14 27.88 7.28
N ASP A 218 45.72 28.77 8.08
CA ASP A 218 47.06 29.27 7.82
C ASP A 218 48.08 28.57 8.70
N PHE A 219 49.29 28.42 8.16
CA PHE A 219 50.38 27.74 8.86
C PHE A 219 51.42 28.75 9.34
N LYS A 220 52.32 28.26 10.18
CA LYS A 220 53.52 29.01 10.53
C LYS A 220 54.59 28.78 9.47
N TYR A 221 55.55 29.70 9.41
CA TYR A 221 56.57 29.66 8.37
C TYR A 221 57.71 28.74 8.80
N GLU A 222 57.92 27.66 8.04
CA GLU A 222 58.98 26.70 8.30
C GLU A 222 59.87 26.59 7.06
N ASP A 223 60.78 25.63 7.10
CA ASP A 223 61.65 25.36 5.96
C ASP A 223 60.83 24.81 4.79
N ALA A 224 61.45 24.79 3.62
CA ALA A 224 60.75 24.34 2.42
C ALA A 224 60.29 22.89 2.56
N ILE A 225 61.20 22.00 2.94
CA ILE A 225 60.86 20.58 3.03
C ILE A 225 59.83 20.36 4.13
N THR A 226 60.04 20.99 5.29
CA THR A 226 59.08 20.84 6.39
C THR A 226 57.72 21.41 6.00
N ALA A 227 57.69 22.53 5.29
CA ALA A 227 56.43 23.11 4.86
C ALA A 227 55.69 22.18 3.90
N CYS A 228 56.42 21.58 2.95
CA CYS A 228 55.77 20.66 2.01
C CYS A 228 55.23 19.42 2.74
N ASP A 229 56.02 18.88 3.67
CA ASP A 229 55.55 17.73 4.44
C ASP A 229 54.31 18.09 5.25
N SER A 230 54.31 19.28 5.85
CA SER A 230 53.14 19.73 6.59
C SER A 230 51.93 19.90 5.68
N ILE A 231 52.16 20.35 4.44
CA ILE A 231 51.06 20.49 3.49
C ILE A 231 50.43 19.13 3.21
N GLN A 232 51.27 18.13 2.93
CA GLN A 232 50.75 16.80 2.63
C GLN A 232 50.00 16.22 3.82
N THR A 233 50.60 16.33 5.01
CA THR A 233 49.96 15.81 6.21
C THR A 233 48.65 16.55 6.49
N PHE A 234 48.62 17.85 6.24
CA PHE A 234 47.42 18.64 6.43
C PHE A 234 46.30 18.18 5.51
N LYS A 235 46.63 17.93 4.24
CA LYS A 235 45.62 17.41 3.33
C LYS A 235 45.06 16.08 3.83
N LEU A 236 45.95 15.16 4.22
CA LEU A 236 45.50 13.85 4.68
C LEU A 236 44.62 13.97 5.91
N VAL A 237 45.05 14.77 6.88
CA VAL A 237 44.32 14.88 8.15
C VAL A 237 42.97 15.56 7.92
N VAL A 238 42.94 16.60 7.10
CA VAL A 238 41.68 17.30 6.83
C VAL A 238 40.69 16.36 6.15
N LYS A 239 41.15 15.60 5.15
CA LYS A 239 40.25 14.67 4.50
C LYS A 239 39.71 13.63 5.47
N THR A 240 40.59 13.07 6.32
CA THR A 240 40.15 12.05 7.26
C THR A 240 39.13 12.61 8.26
N ILE A 241 39.41 13.79 8.81
CA ILE A 241 38.51 14.36 9.81
C ILE A 241 37.18 14.75 9.19
N ALA A 242 37.20 15.30 7.97
CA ALA A 242 35.96 15.62 7.29
C ALA A 242 35.14 14.36 7.03
N ARG A 243 35.79 13.28 6.62
CA ARG A 243 35.08 12.01 6.47
C ARG A 243 34.51 11.53 7.79
N LYS A 244 35.19 11.84 8.90
CA LYS A 244 34.68 11.43 10.25
C LYS A 244 33.32 12.05 10.51
N HIS A 245 33.17 13.34 10.21
CA HIS A 245 31.93 14.06 10.49
C HIS A 245 30.94 14.02 9.32
N GLY A 246 31.03 13.00 8.48
CA GLY A 246 30.09 12.88 7.36
C GLY A 246 30.21 14.00 6.35
N LEU A 247 31.43 14.41 6.03
CA LEU A 247 31.67 15.47 5.06
C LEU A 247 32.80 15.04 4.12
N HIS A 248 32.85 15.69 2.96
CA HIS A 248 33.90 15.48 1.98
C HIS A 248 34.68 16.78 1.84
N ALA A 249 35.96 16.75 2.17
CA ALA A 249 36.83 17.90 2.03
C ALA A 249 37.60 17.76 0.72
N THR A 250 37.44 18.74 -0.16
CA THR A 250 38.07 18.70 -1.47
C THR A 250 38.98 19.90 -1.65
N PHE A 251 40.12 19.66 -2.29
CA PHE A 251 41.08 20.69 -2.65
C PHE A 251 41.10 20.95 -4.15
N MET A 252 39.99 20.66 -4.83
CA MET A 252 39.90 20.92 -6.29
C MET A 252 39.94 22.43 -6.52
N PRO A 253 40.77 22.97 -7.44
CA PRO A 253 40.89 24.42 -7.63
C PRO A 253 39.56 25.11 -7.90
N LYS A 254 38.64 24.47 -8.61
CA LYS A 254 37.36 25.09 -8.96
C LYS A 254 36.29 24.03 -9.04
N PRO A 255 35.77 23.59 -7.90
CA PRO A 255 34.71 22.57 -7.92
C PRO A 255 33.42 23.04 -8.55
N LEU A 256 33.10 24.32 -8.45
CA LEU A 256 31.83 24.85 -8.94
C LEU A 256 32.07 26.07 -9.82
N PHE A 257 31.16 26.27 -10.77
CA PHE A 257 31.23 27.40 -11.69
C PHE A 257 30.54 28.61 -11.09
N GLY A 258 31.09 29.79 -11.39
CA GLY A 258 30.51 31.02 -10.90
C GLY A 258 30.77 31.31 -9.44
N VAL A 259 31.64 30.53 -8.80
CA VAL A 259 31.96 30.68 -7.38
C VAL A 259 33.47 30.79 -7.26
N ASN A 260 33.92 31.41 -6.17
CA ASN A 260 35.36 31.58 -5.95
C ASN A 260 36.06 30.23 -5.90
N GLY A 261 37.26 30.17 -6.48
CA GLY A 261 38.06 28.97 -6.46
C GLY A 261 38.90 28.87 -5.20
N SER A 262 39.68 27.79 -5.14
CA SER A 262 40.55 27.50 -4.01
C SER A 262 42.00 27.74 -4.42
N GLY A 263 42.74 28.49 -3.60
CA GLY A 263 44.13 28.77 -3.88
C GLY A 263 45.05 28.34 -2.76
N MET A 264 46.35 28.30 -3.04
CA MET A 264 47.36 27.91 -2.08
C MET A 264 48.52 28.91 -2.11
N HIS A 265 48.18 30.19 -1.94
CA HIS A 265 49.18 31.26 -1.98
C HIS A 265 50.40 30.90 -1.16
N PHE A 266 51.57 31.13 -1.74
CA PHE A 266 52.85 30.81 -1.11
C PHE A 266 53.54 32.12 -0.72
N ASN A 267 53.83 32.29 0.56
CA ASN A 267 54.61 33.42 1.05
C ASN A 267 56.02 32.91 1.30
N MET A 268 56.95 33.32 0.45
CA MET A 268 58.32 32.83 0.50
C MET A 268 59.26 33.93 0.95
N SER A 269 60.25 33.56 1.75
CA SER A 269 61.30 34.46 2.20
C SER A 269 62.64 33.73 2.15
N LEU A 270 63.68 34.46 1.79
CA LEU A 270 65.02 33.90 1.65
C LEU A 270 65.89 34.44 2.77
N PHE A 271 66.63 33.56 3.44
CA PHE A 271 67.43 33.93 4.60
C PHE A 271 68.91 33.71 4.33
N ASN A 272 69.74 34.49 5.02
CA ASN A 272 71.18 34.31 4.98
C ASN A 272 71.74 34.28 6.39
N GLU A 273 73.07 34.35 6.52
CA GLU A 273 73.67 34.32 7.84
C GLU A 273 73.25 35.52 8.67
N LYS A 274 73.20 36.70 8.06
CA LYS A 274 72.81 37.91 8.79
C LYS A 274 71.35 37.85 9.23
N GLY A 275 70.46 37.52 8.30
CA GLY A 275 69.04 37.45 8.60
C GLY A 275 68.18 37.31 7.36
N ASN A 276 67.13 38.10 7.27
CA ASN A 276 66.28 38.08 6.09
C ASN A 276 66.98 38.80 4.93
N ALA A 277 67.10 38.09 3.80
CA ALA A 277 67.78 38.67 2.64
C ALA A 277 66.89 39.59 1.84
N PHE A 278 65.58 39.57 2.07
CA PHE A 278 64.65 40.41 1.32
C PHE A 278 64.44 41.77 1.96
N PHE A 279 65.01 42.02 3.14
CA PHE A 279 64.74 43.23 3.89
C PHE A 279 65.93 44.17 3.82
N ASP A 280 65.67 45.45 3.56
CA ASP A 280 66.70 46.47 3.52
C ASP A 280 66.04 47.79 3.86
N GLU A 281 66.38 48.35 5.03
CA GLU A 281 65.74 49.58 5.48
C GLU A 281 66.06 50.76 4.56
N SER A 282 67.19 50.71 3.87
CA SER A 282 67.62 51.80 3.01
C SER A 282 67.17 51.65 1.57
N GLY A 283 66.49 50.55 1.23
CA GLY A 283 66.05 50.34 -0.14
C GLY A 283 64.64 50.84 -0.40
N GLU A 284 64.32 50.95 -1.68
CA GLU A 284 62.98 51.35 -2.09
C GLU A 284 61.96 50.32 -1.63
N LEU A 285 60.86 50.80 -1.06
CA LEU A 285 59.81 49.95 -0.48
C LEU A 285 60.35 49.08 0.64
N GLU A 286 61.49 49.47 1.22
CA GLU A 286 62.18 48.67 2.23
C GLU A 286 62.45 47.25 1.73
N LEU A 287 62.87 47.15 0.47
CA LEU A 287 63.18 45.88 -0.17
C LEU A 287 64.61 45.88 -0.67
N SER A 288 65.31 44.77 -0.46
CA SER A 288 66.70 44.66 -0.88
C SER A 288 66.78 44.39 -2.38
N GLN A 289 67.99 44.56 -2.92
CA GLN A 289 68.21 44.23 -4.33
C GLN A 289 68.01 42.75 -4.58
N THR A 290 68.27 41.91 -3.58
CA THR A 290 68.00 40.47 -3.72
C THR A 290 66.52 40.22 -3.94
N ALA A 291 65.66 40.93 -3.21
CA ALA A 291 64.22 40.77 -3.38
C ALA A 291 63.78 41.19 -4.78
N TYR A 292 64.35 42.28 -5.30
CA TYR A 292 63.99 42.73 -6.64
C TYR A 292 64.47 41.74 -7.70
N HIS A 293 65.67 41.18 -7.54
CA HIS A 293 66.14 40.16 -8.46
C HIS A 293 65.25 38.92 -8.40
N PHE A 294 64.82 38.54 -7.20
CA PHE A 294 63.91 37.40 -7.07
C PHE A 294 62.59 37.69 -7.76
N LEU A 295 62.07 38.91 -7.61
CA LEU A 295 60.83 39.28 -8.31
C LEU A 295 61.01 39.20 -9.82
N ALA A 296 62.13 39.71 -10.33
CA ALA A 296 62.37 39.67 -11.76
C ALA A 296 62.44 38.24 -12.27
N GLY A 297 63.14 37.37 -11.53
CA GLY A 297 63.20 35.98 -11.92
C GLY A 297 61.85 35.29 -11.89
N MET A 298 61.06 35.57 -10.84
CA MET A 298 59.75 34.95 -10.71
C MET A 298 58.81 35.41 -11.82
N LEU A 299 58.86 36.69 -12.19
CA LEU A 299 57.99 37.20 -13.24
C LEU A 299 58.44 36.77 -14.62
N LYS A 300 59.75 36.66 -14.85
CA LYS A 300 60.24 36.32 -16.18
C LYS A 300 59.81 34.91 -16.59
N HIS A 301 59.89 33.95 -15.66
CA HIS A 301 59.62 32.56 -15.96
C HIS A 301 58.24 32.09 -15.51
N ALA A 302 57.34 33.02 -15.14
CA ALA A 302 56.02 32.62 -14.66
C ALA A 302 55.27 31.83 -15.71
N ARG A 303 55.35 32.28 -16.97
CA ARG A 303 54.74 31.54 -18.06
C ARG A 303 55.32 30.14 -18.20
N GLY A 304 56.56 29.96 -17.73
CA GLY A 304 57.20 28.65 -17.77
C GLY A 304 56.70 27.68 -16.74
N TYR A 305 56.65 28.09 -15.46
CA TYR A 305 56.27 27.19 -14.38
C TYR A 305 54.78 27.25 -14.06
N THR A 306 53.99 27.98 -14.85
CA THR A 306 52.55 27.96 -14.65
C THR A 306 52.00 26.54 -14.76
N ALA A 307 52.58 25.72 -15.63
CA ALA A 307 52.14 24.34 -15.75
C ALA A 307 52.40 23.55 -14.48
N VAL A 308 53.57 23.74 -13.86
CA VAL A 308 53.90 23.01 -12.65
C VAL A 308 53.04 23.49 -11.48
N THR A 309 52.83 24.80 -11.37
CA THR A 309 52.04 25.32 -10.25
C THR A 309 50.55 25.04 -10.42
N ASN A 310 50.09 24.83 -11.65
CA ASN A 310 48.68 24.52 -11.94
C ASN A 310 48.64 23.29 -12.85
N PRO A 311 48.81 22.10 -12.28
CA PRO A 311 49.00 20.90 -13.09
C PRO A 311 47.74 20.19 -13.55
N THR A 312 46.56 20.70 -13.19
CA THR A 312 45.30 19.99 -13.56
C THR A 312 44.52 20.81 -14.60
N ILE A 313 43.57 20.16 -15.30
CA ILE A 313 42.71 20.90 -16.27
C ILE A 313 41.82 21.85 -15.47
N ASN A 314 41.24 21.35 -14.37
CA ASN A 314 40.34 22.17 -13.52
C ASN A 314 41.08 23.42 -13.00
N SER A 315 42.42 23.39 -12.98
CA SER A 315 43.14 24.52 -12.40
C SER A 315 42.94 25.78 -13.24
N PHE A 316 43.02 25.65 -14.55
CA PHE A 316 42.88 26.82 -15.42
C PHE A 316 41.44 27.30 -15.52
N LYS A 317 40.48 26.54 -14.98
CA LYS A 317 39.14 27.09 -14.81
C LYS A 317 39.09 28.10 -13.67
N ARG A 318 40.01 28.01 -12.72
CA ARG A 318 40.09 28.99 -11.64
C ARG A 318 40.73 30.29 -12.12
N LEU A 319 41.69 30.19 -13.03
CA LEU A 319 42.43 31.37 -13.52
C LEU A 319 41.58 32.11 -14.56
N VAL A 320 40.48 32.68 -14.07
CA VAL A 320 39.59 33.48 -14.91
C VAL A 320 39.34 34.81 -14.21
N PRO A 321 39.09 35.89 -14.94
CA PRO A 321 38.90 37.19 -14.29
C PRO A 321 37.62 37.24 -13.48
N GLY A 322 37.63 38.08 -12.45
CA GLY A 322 36.46 38.33 -11.64
C GLY A 322 36.32 37.50 -10.38
N TYR A 323 37.29 36.64 -10.07
CA TYR A 323 37.22 35.80 -8.88
C TYR A 323 38.49 35.89 -8.06
N GLU A 324 39.21 37.01 -8.19
CA GLU A 324 40.42 37.34 -7.42
C GLU A 324 41.60 36.42 -7.73
N ALA A 325 41.44 35.48 -8.65
CA ALA A 325 42.58 34.67 -9.07
C ALA A 325 43.43 35.46 -10.06
N PRO A 326 44.75 35.28 -10.04
CA PRO A 326 45.60 36.02 -10.98
C PRO A 326 45.36 35.59 -12.42
N CYS A 327 45.49 36.55 -13.33
CA CYS A 327 45.37 36.28 -14.76
C CYS A 327 46.45 36.95 -15.60
N TYR A 328 47.24 37.86 -15.05
CA TYR A 328 48.26 38.58 -15.79
C TYR A 328 49.57 38.55 -15.02
N ILE A 329 50.67 38.57 -15.76
CA ILE A 329 52.00 38.52 -15.14
C ILE A 329 52.39 39.92 -14.70
N ALA A 330 52.10 40.25 -13.44
CA ALA A 330 52.43 41.55 -12.89
C ALA A 330 52.51 41.41 -11.37
N TRP A 331 53.20 42.37 -10.75
CA TRP A 331 53.37 42.40 -9.31
C TRP A 331 52.95 43.76 -8.77
N SER A 332 52.44 43.75 -7.53
CA SER A 332 51.97 44.97 -6.91
C SER A 332 51.95 44.78 -5.40
N GLY A 333 51.90 45.90 -4.68
CA GLY A 333 51.77 45.86 -3.25
C GLY A 333 50.31 45.88 -2.82
N LYS A 334 49.45 46.44 -3.66
CA LYS A 334 48.02 46.50 -3.37
C LYS A 334 47.29 46.61 -4.71
N ASN A 335 46.67 45.52 -5.14
CA ASN A 335 45.96 45.50 -6.41
C ASN A 335 44.96 44.36 -6.39
N ARG A 336 43.98 44.45 -7.31
CA ARG A 336 42.95 43.39 -7.43
C ARG A 336 43.55 42.19 -8.16
N SER A 337 43.91 41.14 -7.43
CA SER A 337 44.43 39.90 -7.97
C SER A 337 45.72 40.09 -8.76
N PRO A 338 46.83 40.41 -8.10
CA PRO A 338 48.11 40.41 -8.80
C PRO A 338 48.76 39.02 -8.76
N LEU A 339 49.63 38.76 -9.74
CA LEU A 339 50.33 37.49 -9.77
C LEU A 339 51.25 37.34 -8.57
N VAL A 340 51.99 38.39 -8.23
CA VAL A 340 52.88 38.39 -7.08
C VAL A 340 52.54 39.60 -6.23
N ARG A 341 52.35 39.36 -4.93
CA ARG A 341 51.97 40.41 -3.99
C ARG A 341 53.04 40.53 -2.91
N VAL A 342 53.35 41.77 -2.54
CA VAL A 342 54.34 42.05 -1.50
C VAL A 342 53.58 42.48 -0.25
N PRO A 343 53.50 41.64 0.79
CA PRO A 343 52.81 42.05 2.01
C PRO A 343 53.49 43.23 2.68
N SER A 344 52.70 44.02 3.39
CA SER A 344 53.21 45.24 4.01
C SER A 344 54.17 44.97 5.17
N SER A 345 54.14 43.77 5.74
CA SER A 345 55.01 43.46 6.86
C SER A 345 56.47 43.47 6.41
N ARG A 346 57.34 43.99 7.28
CA ARG A 346 58.76 44.07 6.99
C ARG A 346 59.59 43.49 8.13
N GLY A 347 60.90 43.69 8.08
CA GLY A 347 61.79 43.11 9.07
C GLY A 347 62.08 41.66 8.77
N LEU A 348 62.04 40.81 9.79
CA LEU A 348 62.20 39.38 9.56
C LEU A 348 61.00 38.75 8.87
N SER A 349 59.89 39.47 8.75
CA SER A 349 58.68 38.96 8.12
C SER A 349 58.56 39.37 6.66
N THR A 350 59.60 39.97 6.08
CA THR A 350 59.56 40.35 4.69
C THR A 350 59.45 39.09 3.81
N ARG A 351 58.53 39.12 2.85
CA ARG A 351 58.26 37.96 2.04
C ARG A 351 57.58 38.38 0.74
N LEU A 352 57.61 37.48 -0.23
CA LEU A 352 56.92 37.66 -1.50
C LEU A 352 55.85 36.58 -1.62
N GLU A 353 54.64 36.97 -2.00
CA GLU A 353 53.52 36.04 -2.09
C GLU A 353 53.19 35.78 -3.55
N LEU A 354 53.22 34.50 -3.93
CA LEU A 354 52.76 34.05 -5.23
C LEU A 354 51.37 33.47 -5.07
N ARG A 355 50.43 33.97 -5.87
CA ARG A 355 49.01 33.64 -5.72
C ARG A 355 48.48 32.71 -6.80
N SER A 356 49.32 32.31 -7.76
CA SER A 356 48.84 31.45 -8.84
C SER A 356 48.81 29.98 -8.45
N VAL A 357 49.42 29.61 -7.32
CA VAL A 357 49.46 28.21 -6.92
C VAL A 357 48.10 27.77 -6.39
N ASP A 358 47.72 26.54 -6.69
CA ASP A 358 46.48 25.94 -6.22
C ASP A 358 46.78 24.72 -5.36
N PRO A 359 45.83 24.29 -4.52
CA PRO A 359 46.10 23.15 -3.64
C PRO A 359 46.38 21.85 -4.38
N SER A 360 45.98 21.73 -5.64
CA SER A 360 46.22 20.51 -6.39
C SER A 360 47.68 20.31 -6.78
N ALA A 361 48.50 21.36 -6.69
CA ALA A 361 49.88 21.25 -7.15
C ALA A 361 50.72 20.42 -6.18
N ASN A 362 51.78 19.82 -6.71
CA ASN A 362 52.75 19.12 -5.89
C ASN A 362 53.63 20.15 -5.19
N PRO A 363 53.65 20.19 -3.85
CA PRO A 363 54.43 21.22 -3.16
C PRO A 363 55.92 21.19 -3.49
N TYR A 364 56.49 19.99 -3.60
CA TYR A 364 57.93 19.88 -3.84
C TYR A 364 58.31 20.41 -5.21
N LEU A 365 57.57 20.02 -6.25
CA LEU A 365 57.86 20.50 -7.59
C LEU A 365 57.67 22.00 -7.70
N ALA A 366 56.60 22.52 -7.13
CA ALA A 366 56.34 23.96 -7.18
C ALA A 366 57.44 24.73 -6.48
N MET A 367 57.85 24.28 -5.29
CA MET A 367 58.94 24.96 -4.60
C MET A 367 60.24 24.87 -5.38
N ALA A 368 60.52 23.72 -6.00
CA ALA A 368 61.74 23.56 -6.77
C ALA A 368 61.78 24.55 -7.93
N VAL A 369 60.68 24.64 -8.69
CA VAL A 369 60.69 25.51 -9.86
C VAL A 369 60.72 26.97 -9.44
N LEU A 370 59.99 27.33 -8.37
CA LEU A 370 60.02 28.72 -7.91
C LEU A 370 61.41 29.11 -7.41
N LEU A 371 62.06 28.23 -6.66
CA LEU A 371 63.42 28.50 -6.20
C LEU A 371 64.38 28.61 -7.36
N LYS A 372 64.23 27.75 -8.37
CA LYS A 372 65.11 27.84 -9.53
C LYS A 372 64.92 29.17 -10.26
N ALA A 373 63.67 29.61 -10.43
CA ALA A 373 63.41 30.87 -11.10
C ALA A 373 64.00 32.04 -10.32
N GLY A 374 63.78 32.06 -9.00
CA GLY A 374 64.33 33.14 -8.19
C GLY A 374 65.84 33.15 -8.19
N LEU A 375 66.46 31.97 -8.12
CA LEU A 375 67.91 31.87 -8.13
C LEU A 375 68.47 32.35 -9.47
N SER A 376 67.82 31.99 -10.57
CA SER A 376 68.25 32.47 -11.88
C SER A 376 68.13 33.99 -11.97
N GLY A 377 67.04 34.55 -11.44
CA GLY A 377 66.90 35.99 -11.42
C GLY A 377 67.98 36.68 -10.61
N ILE A 378 68.33 36.09 -9.46
CA ILE A 378 69.40 36.66 -8.64
C ILE A 378 70.74 36.58 -9.38
N LYS A 379 71.03 35.44 -9.99
CA LYS A 379 72.31 35.28 -10.68
C LYS A 379 72.43 36.23 -11.86
N ASP A 380 71.35 36.40 -12.63
CA ASP A 380 71.37 37.29 -13.77
C ASP A 380 71.19 38.75 -13.40
N GLU A 381 70.80 39.04 -12.16
CA GLU A 381 70.59 40.41 -11.68
C GLU A 381 69.59 41.16 -12.56
N LEU A 382 68.50 40.50 -12.91
CA LEU A 382 67.48 41.10 -13.75
C LEU A 382 66.75 42.22 -13.01
N THR A 383 66.35 43.24 -13.77
CA THR A 383 65.59 44.36 -13.21
C THR A 383 64.11 44.08 -13.34
N PRO A 384 63.35 44.09 -12.25
CA PRO A 384 61.93 43.78 -12.35
C PRO A 384 61.17 44.92 -13.00
N PRO A 385 60.04 44.62 -13.63
CA PRO A 385 59.21 45.70 -14.20
C PRO A 385 58.56 46.51 -13.09
N ALA A 386 58.15 47.73 -13.46
CA ALA A 386 57.51 48.61 -12.50
C ALA A 386 56.18 48.01 -12.06
N PRO A 387 55.83 48.15 -10.78
CA PRO A 387 54.55 47.60 -10.31
C PRO A 387 53.38 48.34 -10.94
N VAL A 388 52.27 47.62 -11.10
CA VAL A 388 51.07 48.16 -11.71
C VAL A 388 49.99 48.30 -10.63
N ASP A 389 49.32 49.44 -10.62
CA ASP A 389 48.29 49.74 -9.63
C ASP A 389 47.12 50.50 -10.23
N ARG A 390 46.84 50.29 -11.52
CA ARG A 390 45.90 51.12 -12.26
C ARG A 390 44.69 50.28 -12.68
N ASN A 391 44.54 49.11 -12.07
CA ASN A 391 43.45 48.17 -12.38
C ASN A 391 43.52 47.71 -13.84
N ILE A 392 44.58 46.94 -14.12
CA ILE A 392 44.87 46.38 -15.44
C ILE A 392 43.64 45.73 -16.07
N TYR A 393 42.70 45.28 -15.23
CA TYR A 393 41.43 44.77 -15.75
C TYR A 393 40.63 45.83 -16.49
N GLY A 394 40.95 47.11 -16.26
CA GLY A 394 40.22 48.17 -16.94
C GLY A 394 40.42 48.17 -18.44
N MET A 395 41.66 47.98 -18.89
CA MET A 395 41.94 48.01 -20.31
C MET A 395 41.66 46.65 -20.95
N ASN A 396 41.67 46.64 -22.28
CA ASN A 396 41.53 45.40 -23.03
C ASN A 396 42.89 44.69 -23.10
N GLU A 397 42.90 43.52 -23.73
CA GLU A 397 44.16 42.78 -23.86
C GLU A 397 45.17 43.54 -24.71
N GLU A 398 44.72 44.16 -25.80
CA GLU A 398 45.63 44.91 -26.66
C GLU A 398 46.17 46.14 -25.94
N GLU A 399 45.33 46.83 -25.17
CA GLU A 399 45.76 48.06 -24.50
C GLU A 399 46.77 47.81 -23.40
N ARG A 400 46.84 46.59 -22.86
CA ARG A 400 47.83 46.26 -21.84
C ARG A 400 48.99 45.43 -22.36
N GLU A 401 48.85 44.82 -23.54
CA GLU A 401 49.96 44.09 -24.13
C GLU A 401 51.06 45.03 -24.61
N ALA A 402 50.75 46.32 -24.79
CA ALA A 402 51.79 47.28 -25.16
C ALA A 402 52.82 47.41 -24.06
N THR A 403 52.38 47.42 -22.81
CA THR A 403 53.30 47.42 -21.67
C THR A 403 53.80 46.00 -21.42
N GLY A 404 54.46 45.79 -20.28
CA GLY A 404 55.00 44.50 -19.95
C GLY A 404 54.01 43.48 -19.44
N ILE A 405 52.72 43.82 -19.43
CA ILE A 405 51.70 42.92 -18.91
C ILE A 405 51.41 41.84 -19.94
N TYR A 406 51.51 40.58 -19.54
CA TYR A 406 51.24 39.45 -20.41
C TYR A 406 50.27 38.49 -19.72
N ASP A 407 49.56 37.72 -20.53
CA ASP A 407 48.57 36.79 -20.03
C ASP A 407 49.20 35.47 -19.63
N LEU A 408 48.69 34.87 -18.57
CA LEU A 408 49.06 33.51 -18.22
C LEU A 408 48.44 32.55 -19.23
N PRO A 409 49.01 31.35 -19.38
CA PRO A 409 48.42 30.37 -20.29
C PRO A 409 46.98 30.06 -19.92
N GLU A 410 46.13 29.94 -20.93
CA GLU A 410 44.70 29.77 -20.72
C GLU A 410 44.28 28.32 -20.63
N SER A 411 45.15 27.39 -20.98
CA SER A 411 44.83 25.97 -20.93
C SER A 411 46.08 25.19 -20.55
N LEU A 412 45.87 23.95 -20.13
CA LEU A 412 47.00 23.11 -19.71
C LEU A 412 47.91 22.78 -20.88
N GLY A 413 47.37 22.70 -22.10
CA GLY A 413 48.20 22.42 -23.26
C GLY A 413 49.18 23.55 -23.56
N HIS A 414 48.71 24.79 -23.49
CA HIS A 414 49.59 25.93 -23.70
C HIS A 414 50.65 26.00 -22.61
N ALA A 415 50.28 25.69 -21.38
CA ALA A 415 51.25 25.67 -20.29
C ALA A 415 52.29 24.58 -20.51
N LEU A 416 51.87 23.42 -21.03
CA LEU A 416 52.80 22.36 -21.34
C LEU A 416 53.77 22.78 -22.43
N ILE A 417 53.26 23.49 -23.45
CA ILE A 417 54.14 24.00 -24.50
C ILE A 417 55.16 24.97 -23.92
N GLU A 418 54.70 25.85 -23.02
CA GLU A 418 55.61 26.81 -22.39
C GLU A 418 56.67 26.09 -21.56
N LEU A 419 56.28 25.03 -20.86
CA LEU A 419 57.26 24.19 -20.16
C LEU A 419 58.28 23.61 -21.13
N GLU A 420 57.82 23.04 -22.23
CA GLU A 420 58.72 22.43 -23.19
C GLU A 420 59.64 23.46 -23.84
N LYS A 421 59.27 24.73 -23.83
CA LYS A 421 60.15 25.77 -24.37
C LYS A 421 61.18 26.23 -23.35
N ASN A 422 60.77 26.46 -22.10
CA ASN A 422 61.66 26.99 -21.09
C ASN A 422 62.71 25.98 -20.66
N GLU A 423 63.96 26.43 -20.49
CA GLU A 423 65.06 25.54 -20.12
C GLU A 423 65.39 25.58 -18.64
N ILE A 424 65.27 26.75 -18.00
CA ILE A 424 65.62 26.86 -16.58
C ILE A 424 64.68 26.01 -15.73
N ILE A 425 63.39 25.98 -16.08
CA ILE A 425 62.45 25.15 -15.34
C ILE A 425 62.77 23.67 -15.56
N LYS A 426 63.19 23.30 -16.76
CA LYS A 426 63.64 21.93 -17.00
C LYS A 426 64.83 21.57 -16.13
N ASP A 427 65.79 22.48 -16.01
CA ASP A 427 66.94 22.24 -15.15
C ASP A 427 66.52 22.12 -13.69
N GLY A 428 65.57 22.94 -13.25
CA GLY A 428 65.07 22.85 -11.89
C GLY A 428 64.23 21.63 -11.59
N LEU A 429 63.62 21.03 -12.61
CA LEU A 429 62.85 19.80 -12.43
C LEU A 429 63.67 18.54 -12.59
N GLY A 430 64.71 18.54 -13.41
CA GLY A 430 65.43 17.33 -13.72
C GLY A 430 64.81 16.59 -14.87
N GLU A 431 65.66 15.86 -15.61
CA GLU A 431 65.22 15.22 -16.85
C GLU A 431 64.15 14.17 -16.57
N HIS A 432 64.35 13.34 -15.56
CA HIS A 432 63.40 12.27 -15.26
C HIS A 432 62.03 12.82 -14.92
N ILE A 433 61.98 13.75 -13.96
CA ILE A 433 60.72 14.32 -13.53
C ILE A 433 60.06 15.09 -14.68
N PHE A 434 60.86 15.84 -15.45
CA PHE A 434 60.30 16.61 -16.56
C PHE A 434 59.65 15.69 -17.59
N GLU A 435 60.36 14.63 -17.99
CA GLU A 435 59.81 13.73 -19.00
C GLU A 435 58.55 13.05 -18.51
N HIS A 436 58.56 12.54 -17.27
CA HIS A 436 57.38 11.82 -16.80
C HIS A 436 56.20 12.75 -16.58
N PHE A 437 56.46 13.96 -16.07
CA PHE A 437 55.40 14.94 -15.91
C PHE A 437 54.80 15.34 -17.25
N ILE A 438 55.64 15.55 -18.26
CA ILE A 438 55.14 15.92 -19.57
C ILE A 438 54.30 14.79 -20.15
N GLU A 439 54.76 13.56 -20.02
CA GLU A 439 54.00 12.42 -20.55
C GLU A 439 52.64 12.33 -19.88
N ALA A 440 52.60 12.38 -18.54
CA ALA A 440 51.34 12.26 -17.84
C ALA A 440 50.38 13.40 -18.19
N LYS A 441 50.90 14.62 -18.26
CA LYS A 441 50.03 15.76 -18.53
C LYS A 441 49.54 15.76 -19.97
N THR A 442 50.36 15.33 -20.92
CA THR A 442 49.89 15.20 -22.30
C THR A 442 48.80 14.13 -22.40
N ILE A 443 48.97 13.01 -21.69
CA ILE A 443 47.90 11.98 -21.69
C ILE A 443 46.63 12.61 -21.13
N GLU A 444 46.75 13.35 -20.02
CA GLU A 444 45.55 13.97 -19.38
C GLU A 444 44.88 14.92 -20.37
N CYS A 445 45.66 15.75 -21.07
CA CYS A 445 45.10 16.69 -22.02
C CYS A 445 44.41 15.98 -23.18
N ASP A 446 45.03 14.92 -23.70
CA ASP A 446 44.40 14.16 -24.77
C ASP A 446 43.12 13.51 -24.31
N MET A 447 43.11 12.98 -23.08
CA MET A 447 41.89 12.36 -22.55
C MET A 447 40.77 13.38 -22.41
N PHE A 448 41.09 14.58 -21.97
CA PHE A 448 40.06 15.61 -21.81
C PHE A 448 39.57 16.14 -23.16
N ARG A 449 40.48 16.25 -24.13
CA ARG A 449 40.14 16.87 -25.41
C ARG A 449 39.12 16.04 -26.19
N THR A 450 39.26 14.72 -26.17
CA THR A 450 38.42 13.85 -26.98
C THR A 450 37.11 13.49 -26.29
N ALA A 451 36.92 13.87 -25.04
CA ALA A 451 35.69 13.55 -24.33
C ALA A 451 34.54 14.42 -24.82
N VAL A 452 33.33 13.89 -24.68
CA VAL A 452 32.10 14.62 -25.03
C VAL A 452 31.39 14.95 -23.72
N HIS A 453 31.22 16.21 -23.44
CA HIS A 453 30.66 16.65 -22.18
C HIS A 453 29.17 16.96 -22.32
N PRO A 454 28.41 16.85 -21.22
CA PRO A 454 26.98 17.20 -21.30
C PRO A 454 26.71 18.63 -21.69
N TRP A 455 27.72 19.51 -21.51
CA TRP A 455 27.56 20.92 -21.96
C TRP A 455 27.29 20.91 -23.47
N GLU A 456 28.07 20.14 -24.23
CA GLU A 456 27.93 20.10 -25.67
C GLU A 456 26.55 19.59 -26.07
N ARG A 457 26.04 18.58 -25.39
CA ARG A 457 24.70 18.08 -25.69
C ARG A 457 23.64 19.12 -25.36
N GLU A 458 23.78 19.79 -24.21
CA GLU A 458 22.81 20.83 -23.86
C GLU A 458 22.83 21.98 -24.84
N GLN A 459 23.97 22.22 -25.49
CA GLN A 459 24.07 23.34 -26.40
C GLN A 459 23.74 22.98 -27.85
N TYR A 460 23.88 21.71 -28.24
CA TYR A 460 23.69 21.40 -29.69
C TYR A 460 22.73 20.24 -29.98
N LEU A 461 22.37 19.41 -29.00
CA LEU A 461 21.54 18.26 -29.32
C LEU A 461 20.20 18.67 -29.92
N GLU A 462 19.58 19.72 -29.37
CA GLU A 462 18.28 20.17 -29.85
C GLU A 462 18.40 21.19 -30.98
N ILE A 463 19.38 22.07 -30.90
CA ILE A 463 19.54 23.11 -31.92
C ILE A 463 19.89 22.49 -33.27
N TYR A 464 20.81 21.55 -33.27
CA TYR A 464 21.24 20.89 -34.50
C TYR A 464 20.74 19.45 -34.56
N ALA B 22 -6.22 -40.61 59.72
CA ALA B 22 -6.15 -39.18 60.02
C ALA B 22 -4.74 -38.65 59.77
N LYS B 23 -4.55 -38.03 58.61
CA LYS B 23 -3.25 -37.48 58.24
C LYS B 23 -3.05 -36.05 58.74
N TYR B 24 -4.11 -35.24 58.78
CA TYR B 24 -4.03 -33.88 59.28
C TYR B 24 -5.15 -33.64 60.28
N THR B 25 -4.92 -32.69 61.19
CA THR B 25 -5.91 -32.24 62.15
C THR B 25 -6.20 -30.76 61.90
N LYS B 26 -7.14 -30.21 62.67
CA LYS B 26 -7.49 -28.80 62.52
C LYS B 26 -6.29 -27.91 62.82
N GLU B 27 -5.55 -28.24 63.88
CA GLU B 27 -4.38 -27.44 64.24
C GLU B 27 -3.33 -27.49 63.15
N ASP B 28 -3.15 -28.65 62.52
CA ASP B 28 -2.23 -28.76 61.40
C ASP B 28 -2.65 -27.85 60.25
N ILE B 29 -3.94 -27.82 59.95
CA ILE B 29 -4.44 -26.98 58.85
C ILE B 29 -4.22 -25.51 59.18
N PHE B 30 -4.50 -25.10 60.42
CA PHE B 30 -4.27 -23.71 60.81
C PHE B 30 -2.78 -23.36 60.71
N ARG B 31 -1.92 -24.25 61.16
CA ARG B 31 -0.48 -24.01 61.07
C ARG B 31 -0.02 -23.88 59.62
N PHE B 32 -0.53 -24.75 58.75
CA PHE B 32 -0.18 -24.67 57.34
C PHE B 32 -0.64 -23.35 56.74
N ALA B 33 -1.87 -22.94 57.04
CA ALA B 33 -2.39 -21.69 56.51
C ALA B 33 -1.57 -20.51 56.99
N ASP B 34 -1.15 -20.54 58.25
CA ASP B 34 -0.35 -19.44 58.78
C ASP B 34 1.03 -19.40 58.14
N GLU B 35 1.69 -20.57 58.03
CA GLU B 35 3.09 -20.57 57.61
C GLU B 35 3.25 -20.39 56.10
N GLN B 36 2.34 -20.94 55.28
CA GLN B 36 2.47 -20.75 53.84
C GLN B 36 1.81 -19.47 53.34
N ASN B 37 1.18 -18.70 54.23
CA ASN B 37 0.61 -17.41 53.88
C ASN B 37 -0.43 -17.53 52.76
N VAL B 38 -1.50 -18.28 53.07
CA VAL B 38 -2.61 -18.44 52.13
C VAL B 38 -3.73 -17.49 52.53
N LYS B 39 -4.31 -16.83 51.54
CA LYS B 39 -5.42 -15.91 51.77
C LYS B 39 -6.72 -16.34 51.12
N PHE B 40 -6.67 -17.42 50.33
CA PHE B 40 -7.90 -17.92 49.65
C PHE B 40 -7.98 -19.45 49.76
N ILE B 41 -9.17 -19.97 50.06
CA ILE B 41 -9.37 -21.45 50.14
C ILE B 41 -10.54 -21.84 49.24
N ARG B 42 -10.32 -22.77 48.31
CA ARG B 42 -11.39 -23.21 47.36
C ARG B 42 -12.02 -24.50 47.87
N LEU B 43 -13.16 -24.41 48.55
CA LEU B 43 -13.86 -25.60 49.02
C LEU B 43 -14.57 -26.22 47.82
N GLN B 44 -14.03 -27.33 47.31
CA GLN B 44 -14.47 -27.86 46.03
C GLN B 44 -15.17 -29.20 46.20
N PHE B 45 -15.95 -29.54 45.17
CA PHE B 45 -16.74 -30.76 45.12
C PHE B 45 -17.03 -31.06 43.65
N THR B 46 -17.71 -32.18 43.42
CA THR B 46 -17.99 -32.64 42.07
C THR B 46 -19.49 -32.86 41.92
N ASP B 47 -20.06 -32.35 40.84
CA ASP B 47 -21.49 -32.48 40.58
C ASP B 47 -21.76 -33.82 39.89
N ILE B 48 -23.02 -34.04 39.49
CA ILE B 48 -23.39 -35.29 38.84
C ILE B 48 -22.67 -35.44 37.50
N LEU B 49 -22.60 -34.36 36.72
CA LEU B 49 -22.00 -34.42 35.39
C LEU B 49 -20.49 -34.57 35.42
N GLY B 50 -19.85 -34.45 36.57
CA GLY B 50 -18.42 -34.57 36.69
C GLY B 50 -17.66 -33.27 36.66
N ILE B 51 -18.34 -32.14 36.53
CA ILE B 51 -17.67 -30.85 36.52
C ILE B 51 -17.24 -30.49 37.94
N ILE B 52 -16.01 -30.04 38.09
CA ILE B 52 -15.50 -29.63 39.40
C ILE B 52 -16.03 -28.24 39.72
N LYS B 53 -16.75 -28.11 40.83
CA LYS B 53 -17.29 -26.84 41.28
C LYS B 53 -16.70 -26.51 42.63
N ASN B 54 -16.83 -25.25 43.04
CA ASN B 54 -16.17 -24.84 44.32
C ASN B 54 -16.74 -23.53 44.87
N VAL B 55 -16.65 -23.34 46.18
CA VAL B 55 -17.04 -22.03 46.79
C VAL B 55 -15.73 -21.42 47.31
N GLU B 56 -15.52 -20.13 47.05
CA GLU B 56 -14.21 -19.51 47.43
C GLU B 56 -14.37 -18.67 48.69
N ILE B 57 -13.55 -18.93 49.71
CA ILE B 57 -13.68 -18.20 51.01
C ILE B 57 -12.31 -17.61 51.40
N PRO B 58 -12.23 -16.43 52.06
CA PRO B 58 -10.96 -15.91 52.54
C PRO B 58 -10.43 -16.75 53.70
N VAL B 59 -9.15 -16.58 53.99
CA VAL B 59 -8.53 -17.36 55.05
C VAL B 59 -9.17 -17.04 56.40
N SER B 60 -9.71 -15.83 56.56
CA SER B 60 -10.32 -15.44 57.82
C SER B 60 -11.54 -16.30 58.16
N GLN B 61 -12.17 -16.90 57.16
CA GLN B 61 -13.30 -17.79 57.38
C GLN B 61 -12.89 -19.24 57.58
N LEU B 62 -11.58 -19.54 57.51
CA LEU B 62 -11.13 -20.92 57.53
C LEU B 62 -11.62 -21.66 58.77
N LYS B 63 -11.55 -21.01 59.93
CA LYS B 63 -12.04 -21.65 61.16
C LYS B 63 -13.49 -22.08 61.00
N LYS B 64 -14.34 -21.19 60.49
CA LYS B 64 -15.74 -21.56 60.26
C LYS B 64 -15.84 -22.72 59.29
N ALA B 65 -14.99 -22.73 58.25
CA ALA B 65 -14.98 -23.84 57.31
C ALA B 65 -14.64 -25.14 58.01
N LEU B 66 -13.76 -25.09 59.01
CA LEU B 66 -13.41 -26.30 59.74
C LEU B 66 -14.45 -26.67 60.79
N ASP B 67 -15.43 -25.81 61.02
CA ASP B 67 -16.52 -26.11 61.94
C ASP B 67 -17.72 -26.71 61.26
N ASN B 68 -17.64 -26.96 59.95
CA ASN B 68 -18.74 -27.53 59.16
C ASN B 68 -19.98 -26.65 59.26
N LYS B 69 -19.79 -25.33 59.16
CA LYS B 69 -20.88 -24.38 59.26
C LYS B 69 -21.13 -23.60 57.99
N ILE B 70 -20.41 -23.89 56.90
CA ILE B 70 -20.60 -23.16 55.66
C ILE B 70 -21.83 -23.68 54.95
N MET B 71 -22.73 -22.78 54.56
CA MET B 71 -23.92 -23.11 53.79
C MET B 71 -23.72 -22.73 52.34
N PHE B 72 -24.31 -23.52 51.44
CA PHE B 72 -24.28 -23.21 50.03
C PHE B 72 -25.50 -23.84 49.37
N ASP B 73 -25.63 -23.63 48.06
CA ASP B 73 -26.76 -24.15 47.29
C ASP B 73 -26.41 -25.53 46.78
N GLY B 74 -27.08 -26.55 47.34
CA GLY B 74 -26.82 -27.93 46.93
C GLY B 74 -27.35 -28.27 45.56
N SER B 75 -28.33 -27.50 45.05
CA SER B 75 -28.90 -27.78 43.75
C SER B 75 -27.87 -27.72 42.63
N SER B 76 -26.76 -27.00 42.84
CA SER B 76 -25.71 -26.94 41.83
C SER B 76 -25.14 -28.33 41.56
N ILE B 77 -25.19 -29.23 42.54
CA ILE B 77 -24.74 -30.60 42.32
C ILE B 77 -25.56 -31.26 41.22
N GLU B 78 -26.84 -30.92 41.13
CA GLU B 78 -27.69 -31.48 40.08
C GLU B 78 -27.30 -30.98 38.69
N GLY B 79 -26.46 -29.96 38.59
CA GLY B 79 -26.04 -29.47 37.29
C GLY B 79 -27.00 -28.46 36.70
N PHE B 80 -27.26 -28.57 35.39
CA PHE B 80 -28.13 -27.58 34.71
C PHE B 80 -29.61 -27.95 34.89
N VAL B 81 -29.91 -29.15 35.40
CA VAL B 81 -31.29 -29.59 35.53
C VAL B 81 -31.82 -29.22 36.91
N ARG B 82 -31.09 -28.35 37.61
CA ARG B 82 -31.54 -27.89 38.92
C ARG B 82 -32.80 -27.04 38.78
N ILE B 83 -33.67 -27.14 39.78
CA ILE B 83 -34.94 -26.44 39.76
C ILE B 83 -35.06 -25.53 40.98
N GLU B 84 -35.02 -26.12 42.17
CA GLU B 84 -35.27 -25.41 43.42
C GLU B 84 -33.98 -25.29 44.21
N GLU B 85 -33.75 -24.10 44.77
CA GLU B 85 -32.59 -23.88 45.62
C GLU B 85 -32.73 -24.67 46.92
N SER B 86 -31.66 -25.35 47.31
CA SER B 86 -31.63 -26.14 48.53
C SER B 86 -30.35 -25.83 49.30
N ASP B 87 -30.51 -25.51 50.58
CA ASP B 87 -29.36 -25.19 51.41
C ASP B 87 -28.68 -26.47 51.90
N MET B 88 -27.35 -26.48 51.88
CA MET B 88 -26.61 -27.66 52.28
C MET B 88 -25.28 -27.24 52.88
N TYR B 89 -24.77 -28.08 53.79
CA TYR B 89 -23.52 -27.84 54.47
C TYR B 89 -22.34 -28.28 53.60
N LEU B 90 -21.14 -27.93 54.05
CA LEU B 90 -19.92 -28.10 53.24
C LEU B 90 -18.80 -28.72 54.08
N PHE B 91 -19.10 -29.84 54.73
CA PHE B 91 -18.13 -30.62 55.49
C PHE B 91 -16.85 -30.87 54.69
N PRO B 92 -15.73 -30.25 55.05
CA PRO B 92 -14.49 -30.45 54.30
C PRO B 92 -13.73 -31.68 54.79
N ASP B 93 -12.79 -32.12 53.95
CA ASP B 93 -11.91 -33.24 54.25
C ASP B 93 -10.52 -32.70 54.54
N LEU B 94 -10.01 -32.97 55.73
CA LEU B 94 -8.73 -32.41 56.13
C LEU B 94 -7.57 -33.01 55.35
N ASP B 95 -7.66 -34.30 55.01
CA ASP B 95 -6.57 -34.99 54.34
C ASP B 95 -6.35 -34.52 52.92
N THR B 96 -7.27 -33.74 52.35
CA THR B 96 -7.18 -33.28 50.97
C THR B 96 -6.60 -31.87 50.87
N TRP B 97 -5.94 -31.38 51.91
CA TRP B 97 -5.37 -30.04 51.89
C TRP B 97 -4.18 -29.99 50.94
N VAL B 98 -4.32 -29.20 49.87
CA VAL B 98 -3.25 -29.03 48.88
C VAL B 98 -3.12 -27.55 48.59
N VAL B 99 -1.88 -27.04 48.60
CA VAL B 99 -1.61 -25.65 48.31
C VAL B 99 -1.12 -25.55 46.87
N PHE B 100 -1.78 -24.71 46.08
CA PHE B 100 -1.39 -24.56 44.68
C PHE B 100 -0.09 -23.76 44.59
N PRO B 101 0.79 -24.09 43.65
CA PRO B 101 2.05 -23.35 43.51
C PRO B 101 1.94 -22.10 42.64
N TRP B 102 1.01 -22.08 41.69
CA TRP B 102 0.87 -20.96 40.75
C TRP B 102 -0.06 -19.92 41.37
N THR B 103 0.40 -19.27 42.45
CA THR B 103 -0.43 -18.26 43.09
C THR B 103 0.26 -16.91 43.28
N ALA B 104 1.42 -16.69 42.67
CA ALA B 104 2.16 -15.42 42.78
C ALA B 104 2.47 -15.19 44.26
N GLU B 105 2.53 -13.92 44.68
CA GLU B 105 2.90 -13.57 46.05
C GLU B 105 1.77 -12.91 46.82
N LYS B 106 0.71 -12.48 46.16
CA LYS B 106 -0.41 -11.84 46.86
C LYS B 106 -1.32 -12.89 47.48
N GLY B 107 -0.77 -13.68 48.40
CA GLY B 107 -1.53 -14.75 49.03
C GLY B 107 -1.63 -15.99 48.17
N LYS B 108 -1.49 -17.15 48.79
CA LYS B 108 -1.56 -18.42 48.08
C LYS B 108 -3.00 -18.96 48.12
N VAL B 109 -3.25 -19.98 47.32
CA VAL B 109 -4.56 -20.61 47.21
C VAL B 109 -4.43 -22.08 47.58
N ALA B 110 -5.33 -22.54 48.44
CA ALA B 110 -5.38 -23.94 48.84
C ALA B 110 -6.80 -24.46 48.66
N ARG B 111 -6.92 -25.79 48.54
CA ARG B 111 -8.22 -26.40 48.34
C ARG B 111 -8.39 -27.59 49.27
N MET B 112 -9.64 -27.91 49.57
CA MET B 112 -10.01 -29.14 50.26
C MET B 112 -11.30 -29.67 49.66
N ILE B 113 -11.29 -30.94 49.25
CA ILE B 113 -12.52 -31.57 48.78
C ILE B 113 -13.47 -31.70 49.96
N CYS B 114 -14.72 -31.30 49.75
CA CYS B 114 -15.71 -31.25 50.82
C CYS B 114 -16.83 -32.24 50.56
N ASP B 115 -17.40 -32.74 51.65
CA ASP B 115 -18.62 -33.55 51.60
C ASP B 115 -19.84 -32.66 51.74
N ILE B 116 -20.95 -33.11 51.17
CA ILE B 116 -22.20 -32.36 51.19
C ILE B 116 -23.14 -33.00 52.21
N TYR B 117 -23.65 -32.20 53.13
CA TYR B 117 -24.50 -32.69 54.20
C TYR B 117 -25.82 -31.93 54.22
N ASN B 118 -26.90 -32.64 54.53
CA ASN B 118 -28.20 -32.01 54.69
C ASN B 118 -28.20 -31.13 55.93
N PRO B 119 -29.11 -30.16 56.01
CA PRO B 119 -29.20 -29.33 57.22
C PRO B 119 -29.51 -30.13 58.48
N ASP B 120 -30.04 -31.35 58.35
CA ASP B 120 -30.28 -32.22 59.49
C ASP B 120 -29.10 -33.13 59.79
N MET B 121 -27.89 -32.68 59.44
CA MET B 121 -26.64 -33.34 59.81
C MET B 121 -26.51 -34.73 59.19
N THR B 122 -27.09 -34.91 58.01
CA THR B 122 -27.07 -36.19 57.30
C THR B 122 -26.43 -36.00 55.94
N PRO B 123 -25.54 -36.90 55.51
CA PRO B 123 -24.91 -36.74 54.19
C PRO B 123 -25.94 -36.73 53.07
N PHE B 124 -25.70 -35.88 52.08
CA PHE B 124 -26.63 -35.73 50.97
C PHE B 124 -26.59 -36.94 50.06
N ALA B 125 -27.76 -37.48 49.74
CA ALA B 125 -27.83 -38.66 48.88
C ALA B 125 -27.48 -38.35 47.44
N GLY B 126 -27.61 -37.10 47.02
CA GLY B 126 -27.29 -36.70 45.66
C GLY B 126 -25.84 -36.38 45.41
N ASP B 127 -24.98 -36.51 46.42
CA ASP B 127 -23.56 -36.23 46.26
C ASP B 127 -22.84 -37.49 45.79
N PRO B 128 -22.13 -37.46 44.65
CA PRO B 128 -21.44 -38.68 44.20
C PRO B 128 -20.44 -39.22 45.20
N ARG B 129 -19.72 -38.35 45.91
CA ARG B 129 -18.76 -38.80 46.90
C ARG B 129 -19.44 -39.52 48.05
N ALA B 130 -20.57 -38.99 48.53
CA ALA B 130 -21.31 -39.64 49.59
C ALA B 130 -21.87 -40.98 49.12
N ASN B 131 -22.31 -41.05 47.87
CA ASN B 131 -22.79 -42.32 47.32
C ASN B 131 -21.67 -43.35 47.28
N LEU B 132 -20.47 -42.93 46.85
CA LEU B 132 -19.34 -43.84 46.85
C LEU B 132 -18.99 -44.30 48.26
N LYS B 133 -19.07 -43.40 49.23
CA LYS B 133 -18.83 -43.78 50.62
C LYS B 133 -19.85 -44.80 51.10
N ARG B 134 -21.12 -44.62 50.72
CA ARG B 134 -22.15 -45.59 51.09
C ARG B 134 -21.87 -46.96 50.48
N VAL B 135 -21.47 -46.99 49.20
CA VAL B 135 -21.17 -48.26 48.56
C VAL B 135 -19.96 -48.92 49.23
N LEU B 136 -18.96 -48.12 49.60
CA LEU B 136 -17.81 -48.68 50.30
C LEU B 136 -18.21 -49.21 51.66
N LYS B 137 -19.16 -48.55 52.34
CA LYS B 137 -19.67 -49.07 53.60
C LYS B 137 -20.35 -50.42 53.40
N GLU B 138 -21.11 -50.56 52.31
CA GLU B 138 -21.72 -51.86 52.02
C GLU B 138 -20.65 -52.92 51.78
N MET B 139 -19.60 -52.56 51.04
CA MET B 139 -18.52 -53.51 50.78
C MET B 139 -17.85 -53.94 52.08
N GLU B 140 -17.58 -52.99 52.98
CA GLU B 140 -17.00 -53.33 54.26
C GLU B 140 -17.94 -54.20 55.08
N GLU B 141 -19.25 -53.97 54.96
CA GLU B 141 -20.21 -54.83 55.63
C GLU B 141 -20.12 -56.26 55.11
N LEU B 142 -19.88 -56.43 53.81
CA LEU B 142 -19.76 -57.79 53.29
C LEU B 142 -18.49 -58.50 53.75
N GLY B 143 -17.46 -57.76 54.18
CA GLY B 143 -16.30 -58.41 54.75
C GLY B 143 -14.95 -57.93 54.24
N PHE B 144 -14.94 -57.09 53.23
CA PHE B 144 -13.69 -56.60 52.65
C PHE B 144 -13.27 -55.29 53.33
N THR B 145 -12.00 -54.94 53.14
CA THR B 145 -11.42 -53.76 53.78
C THR B 145 -11.35 -52.56 52.85
N GLU B 146 -10.70 -52.70 51.69
CA GLU B 146 -10.51 -51.57 50.80
C GLU B 146 -10.62 -52.00 49.34
N PHE B 147 -10.83 -51.00 48.49
CA PHE B 147 -10.99 -51.16 47.05
C PHE B 147 -9.93 -50.29 46.37
N ASN B 148 -8.76 -50.87 46.12
CA ASN B 148 -7.68 -50.10 45.50
C ASN B 148 -7.93 -49.94 44.01
N LEU B 149 -7.63 -48.74 43.50
CA LEU B 149 -7.85 -48.42 42.10
C LEU B 149 -6.65 -47.68 41.54
N GLY B 150 -6.26 -48.05 40.33
CA GLY B 150 -5.27 -47.33 39.59
C GLY B 150 -5.80 -46.96 38.22
N PRO B 151 -5.94 -45.67 37.95
CA PRO B 151 -6.44 -45.23 36.64
C PRO B 151 -5.31 -44.96 35.66
N GLU B 152 -5.64 -45.08 34.38
CA GLU B 152 -4.70 -44.81 33.28
C GLU B 152 -5.32 -43.78 32.34
N PRO B 153 -5.33 -42.51 32.75
CA PRO B 153 -5.95 -41.48 31.91
C PRO B 153 -5.04 -41.06 30.75
N GLU B 154 -5.67 -40.81 29.61
CA GLU B 154 -4.99 -40.35 28.41
C GLU B 154 -5.58 -39.02 27.98
N PHE B 155 -4.74 -38.11 27.50
CA PHE B 155 -5.22 -36.78 27.12
C PHE B 155 -4.53 -36.32 25.84
N PHE B 156 -5.20 -35.41 25.14
CA PHE B 156 -4.70 -34.83 23.90
C PHE B 156 -4.25 -33.40 24.15
N LEU B 157 -3.20 -32.99 23.43
CA LEU B 157 -2.66 -31.64 23.51
C LEU B 157 -2.82 -30.97 22.16
N PHE B 158 -3.46 -29.79 22.15
CA PHE B 158 -3.71 -29.04 20.93
C PHE B 158 -3.07 -27.66 21.05
N LYS B 159 -2.65 -27.11 19.91
CA LYS B 159 -2.06 -25.78 19.90
C LYS B 159 -3.15 -24.72 19.95
N LEU B 160 -2.89 -23.65 20.71
CA LEU B 160 -3.82 -22.54 20.82
C LEU B 160 -3.65 -21.59 19.64
N ASP B 161 -4.69 -20.81 19.39
CA ASP B 161 -4.69 -19.84 18.30
C ASP B 161 -4.17 -18.49 18.80
N GLU B 162 -4.27 -17.45 17.96
CA GLU B 162 -3.84 -16.13 18.38
C GLU B 162 -4.71 -15.59 19.51
N ASN B 163 -6.01 -15.87 19.46
CA ASN B 163 -6.95 -15.42 20.48
C ASN B 163 -7.04 -16.40 21.64
N ARG B 164 -6.01 -17.23 21.85
CA ARG B 164 -5.97 -18.20 22.93
C ARG B 164 -7.16 -19.17 22.87
N ARG B 165 -7.53 -19.57 21.66
CA ARG B 165 -8.58 -20.54 21.45
C ARG B 165 -8.01 -21.84 20.92
N PRO B 166 -8.51 -22.98 21.37
CA PRO B 166 -7.96 -24.26 20.89
C PRO B 166 -8.17 -24.44 19.39
N THR B 167 -7.19 -25.04 18.75
CA THR B 167 -7.26 -25.38 17.34
C THR B 167 -7.30 -26.89 17.18
N LEU B 168 -7.28 -27.36 15.94
CA LEU B 168 -7.30 -28.79 15.65
C LEU B 168 -5.91 -29.33 15.34
N GLU B 169 -4.87 -28.54 15.57
CA GLU B 169 -3.50 -28.96 15.28
C GLU B 169 -2.85 -29.53 16.53
N LEU B 170 -2.34 -30.75 16.42
CA LEU B 170 -1.70 -31.42 17.55
C LEU B 170 -0.32 -30.84 17.81
N ASN B 171 0.16 -31.03 19.04
CA ASN B 171 1.44 -30.43 19.42
C ASN B 171 2.62 -31.19 18.82
N ASP B 172 2.50 -32.50 18.61
CA ASP B 172 3.57 -33.26 17.99
C ASP B 172 3.00 -34.48 17.28
N SER B 173 3.74 -34.96 16.29
CA SER B 173 3.36 -36.16 15.55
C SER B 173 4.16 -37.36 16.08
N GLY B 174 3.83 -37.74 17.31
CA GLY B 174 4.52 -38.80 18.01
C GLY B 174 3.95 -40.17 17.71
N GLY B 175 4.40 -41.16 18.48
CA GLY B 175 3.97 -42.52 18.32
C GLY B 175 3.88 -43.21 19.67
N TYR B 176 3.57 -44.50 19.62
CA TYR B 176 3.38 -45.28 20.84
C TYR B 176 4.73 -45.53 21.51
N PHE B 177 4.88 -45.01 22.73
CA PHE B 177 6.10 -45.13 23.53
C PHE B 177 7.30 -44.49 22.85
N ASP B 178 7.07 -43.59 21.89
CA ASP B 178 8.16 -42.98 21.14
C ASP B 178 8.76 -41.82 21.92
N LEU B 179 10.04 -41.56 21.64
CA LEU B 179 10.75 -40.43 22.23
C LEU B 179 10.56 -39.21 21.33
N ALA B 180 9.30 -38.82 21.17
CA ALA B 180 8.90 -37.79 20.23
C ALA B 180 9.17 -36.37 20.73
N PRO B 181 8.70 -35.98 21.92
CA PRO B 181 8.95 -34.60 22.36
C PRO B 181 10.43 -34.27 22.52
N THR B 182 11.25 -35.26 22.86
CA THR B 182 12.70 -35.10 23.02
C THR B 182 13.06 -34.03 24.03
N ASP B 183 14.34 -33.66 24.06
CA ASP B 183 14.87 -32.67 24.98
C ASP B 183 14.85 -31.28 24.32
N LEU B 184 15.59 -30.35 24.92
CA LEU B 184 15.75 -28.99 24.38
C LEU B 184 14.43 -28.23 24.36
N GLY B 185 13.80 -28.09 25.51
CA GLY B 185 12.60 -27.28 25.62
C GLY B 185 11.35 -28.06 25.28
N GLU B 186 10.22 -27.35 25.40
CA GLU B 186 8.88 -27.90 25.18
C GLU B 186 8.72 -29.12 26.10
N ASN B 187 8.33 -30.28 25.58
CA ASN B 187 8.11 -31.48 26.39
C ASN B 187 7.16 -31.18 27.54
N CYS B 188 5.92 -30.82 27.18
CA CYS B 188 4.93 -30.44 28.18
C CYS B 188 4.64 -31.59 29.14
N ARG B 189 4.78 -32.83 28.66
CA ARG B 189 4.54 -34.00 29.53
C ARG B 189 5.54 -34.00 30.69
N ARG B 190 6.81 -33.68 30.41
CA ARG B 190 7.83 -33.65 31.45
C ARG B 190 7.54 -32.56 32.48
N ASP B 191 7.16 -31.37 32.02
CA ASP B 191 6.84 -30.30 32.95
C ASP B 191 5.61 -30.66 33.79
N ILE B 192 4.61 -31.27 33.16
CA ILE B 192 3.39 -31.64 33.89
C ILE B 192 3.73 -32.65 34.98
N VAL B 193 4.51 -33.68 34.65
CA VAL B 193 4.82 -34.70 35.64
C VAL B 193 5.71 -34.12 36.74
N LEU B 194 6.61 -33.19 36.39
CA LEU B 194 7.45 -32.58 37.41
C LEU B 194 6.63 -31.76 38.39
N GLU B 195 5.70 -30.94 37.89
CA GLU B 195 4.86 -30.17 38.80
C GLU B 195 3.90 -31.04 39.59
N LEU B 196 3.43 -32.14 39.00
CA LEU B 196 2.60 -33.08 39.76
C LEU B 196 3.39 -33.72 40.88
N GLU B 197 4.64 -34.10 40.62
CA GLU B 197 5.49 -34.64 41.69
C GLU B 197 5.73 -33.60 42.76
N GLU B 198 5.95 -32.35 42.37
CA GLU B 198 6.16 -31.29 43.34
C GLU B 198 4.92 -31.08 44.21
N MET B 199 3.73 -31.13 43.59
CA MET B 199 2.48 -30.93 44.32
C MET B 199 2.15 -32.08 45.27
N GLY B 200 2.84 -33.21 45.16
CA GLY B 200 2.59 -34.34 46.04
C GLY B 200 1.73 -35.41 45.41
N PHE B 201 2.03 -35.77 44.17
CA PHE B 201 1.32 -36.83 43.47
C PHE B 201 2.24 -38.03 43.30
N GLU B 202 1.68 -39.23 43.43
CA GLU B 202 2.44 -40.46 43.26
C GLU B 202 2.31 -40.91 41.81
N ILE B 203 3.29 -40.54 41.00
CA ILE B 203 3.29 -40.85 39.58
C ILE B 203 4.18 -42.07 39.36
N GLU B 204 3.60 -43.10 38.72
CA GLU B 204 4.36 -44.34 38.44
C GLU B 204 5.19 -44.14 37.17
N ALA B 205 4.54 -43.81 36.06
CA ALA B 205 5.25 -43.62 34.77
C ALA B 205 4.51 -42.60 33.89
N SER B 206 5.09 -42.27 32.74
CA SER B 206 4.47 -41.31 31.79
C SER B 206 4.99 -41.58 30.38
N HIS B 207 4.12 -41.69 29.38
CA HIS B 207 4.59 -42.05 28.02
C HIS B 207 3.69 -41.50 26.92
N HIS B 208 4.14 -41.58 25.67
CA HIS B 208 3.39 -41.11 24.52
C HIS B 208 2.46 -42.23 24.04
N GLU B 209 1.22 -41.87 23.71
CA GLU B 209 0.24 -42.87 23.31
C GLU B 209 0.29 -43.07 21.80
N VAL B 210 -0.58 -43.94 21.28
CA VAL B 210 -0.55 -44.30 19.87
C VAL B 210 -0.82 -43.09 19.00
N ALA B 211 -1.84 -42.32 19.34
CA ALA B 211 -2.22 -41.18 18.53
C ALA B 211 -1.19 -40.07 18.66
N PRO B 212 -0.96 -39.31 17.59
CA PRO B 212 -0.10 -38.11 17.70
C PRO B 212 -0.70 -37.12 18.67
N GLY B 213 0.16 -36.50 19.47
CA GLY B 213 -0.30 -35.54 20.46
C GLY B 213 -1.07 -36.13 21.62
N GLN B 214 -1.04 -37.45 21.79
CA GLN B 214 -1.75 -38.12 22.87
C GLN B 214 -0.75 -38.63 23.89
N HIS B 215 -0.99 -38.34 25.16
CA HIS B 215 -0.06 -38.70 26.23
C HIS B 215 -0.80 -39.37 27.37
N GLU B 216 -0.10 -40.27 28.06
CA GLU B 216 -0.66 -40.98 29.19
C GLU B 216 0.27 -40.85 30.39
N ILE B 217 -0.32 -40.63 31.56
CA ILE B 217 0.41 -40.58 32.83
C ILE B 217 -0.27 -41.55 33.79
N ASP B 218 0.51 -42.43 34.41
CA ASP B 218 -0.02 -43.46 35.29
C ASP B 218 0.15 -43.06 36.74
N PHE B 219 -0.79 -43.50 37.57
CA PHE B 219 -0.80 -43.19 39.00
C PHE B 219 -0.43 -44.41 39.81
N LYS B 220 -0.18 -44.18 41.09
CA LYS B 220 -0.04 -45.27 42.06
C LYS B 220 -1.42 -45.68 42.56
N TYR B 221 -1.50 -46.89 43.08
CA TYR B 221 -2.78 -47.45 43.49
C TYR B 221 -3.12 -46.99 44.90
N GLU B 222 -4.22 -46.26 45.04
CA GLU B 222 -4.70 -45.76 46.31
C GLU B 222 -6.13 -46.23 46.53
N ASP B 223 -6.75 -45.73 47.61
CA ASP B 223 -8.13 -46.05 47.88
C ASP B 223 -9.04 -45.45 46.82
N ALA B 224 -10.30 -45.89 46.82
CA ALA B 224 -11.25 -45.44 45.80
C ALA B 224 -11.45 -43.92 45.88
N ILE B 225 -11.75 -43.41 47.07
CA ILE B 225 -12.02 -41.99 47.23
C ILE B 225 -10.78 -41.17 46.91
N THR B 226 -9.63 -41.61 47.43
CA THR B 226 -8.38 -40.89 47.16
C THR B 226 -8.03 -40.94 45.68
N ALA B 227 -8.27 -42.07 45.02
CA ALA B 227 -8.00 -42.16 43.59
C ALA B 227 -8.90 -41.22 42.79
N CYS B 228 -10.18 -41.14 43.15
CA CYS B 228 -11.08 -40.23 42.44
C CYS B 228 -10.68 -38.78 42.64
N ASP B 229 -10.33 -38.42 43.88
CA ASP B 229 -9.87 -37.06 44.16
C ASP B 229 -8.61 -36.74 43.38
N SER B 230 -7.68 -37.70 43.30
CA SER B 230 -6.46 -37.51 42.53
C SER B 230 -6.78 -37.35 41.05
N ILE B 231 -7.78 -38.07 40.55
CA ILE B 231 -8.17 -37.94 39.15
C ILE B 231 -8.66 -36.53 38.86
N GLN B 232 -9.54 -36.02 39.72
CA GLN B 232 -10.07 -34.66 39.52
C GLN B 232 -8.95 -33.62 39.60
N THR B 233 -8.09 -33.74 40.61
CA THR B 233 -6.99 -32.80 40.75
C THR B 233 -6.04 -32.88 39.56
N PHE B 234 -5.81 -34.10 39.06
CA PHE B 234 -4.93 -34.30 37.91
C PHE B 234 -5.50 -33.61 36.68
N LYS B 235 -6.81 -33.75 36.44
CA LYS B 235 -7.43 -33.06 35.32
C LYS B 235 -7.24 -31.56 35.45
N LEU B 236 -7.53 -31.01 36.63
CA LEU B 236 -7.41 -29.56 36.82
C LEU B 236 -5.98 -29.09 36.59
N VAL B 237 -5.01 -29.79 37.19
CA VAL B 237 -3.62 -29.37 37.10
C VAL B 237 -3.10 -29.49 35.68
N VAL B 238 -3.46 -30.57 34.98
CA VAL B 238 -3.00 -30.74 33.61
C VAL B 238 -3.56 -29.64 32.72
N LYS B 239 -4.86 -29.32 32.87
CA LYS B 239 -5.43 -28.25 32.06
C LYS B 239 -4.73 -26.92 32.34
N THR B 240 -4.49 -26.61 33.62
CA THR B 240 -3.86 -25.34 33.95
C THR B 240 -2.45 -25.26 33.39
N ILE B 241 -1.66 -26.33 33.55
CA ILE B 241 -0.28 -26.29 33.09
C ILE B 241 -0.22 -26.23 31.56
N ALA B 242 -1.10 -26.97 30.88
CA ALA B 242 -1.13 -26.89 29.43
C ALA B 242 -1.50 -25.48 28.97
N ARG B 243 -2.46 -24.85 29.64
CA ARG B 243 -2.77 -23.45 29.33
C ARG B 243 -1.58 -22.55 29.57
N LYS B 244 -0.74 -22.89 30.55
CA LYS B 244 0.47 -22.07 30.86
C LYS B 244 1.39 -22.03 29.65
N HIS B 245 1.62 -23.19 29.03
CA HIS B 245 2.55 -23.30 27.90
C HIS B 245 1.87 -23.08 26.55
N GLY B 246 0.74 -22.36 26.52
CA GLY B 246 0.08 -22.10 25.25
C GLY B 246 -0.47 -23.34 24.58
N LEU B 247 -1.05 -24.25 25.35
CA LEU B 247 -1.63 -25.48 24.84
C LEU B 247 -2.98 -25.72 25.47
N HIS B 248 -3.79 -26.53 24.81
CA HIS B 248 -5.09 -26.95 25.33
C HIS B 248 -5.05 -28.45 25.56
N ALA B 249 -5.23 -28.86 26.81
CA ALA B 249 -5.28 -30.28 27.16
C ALA B 249 -6.74 -30.69 27.25
N THR B 250 -7.11 -31.68 26.44
CA THR B 250 -8.49 -32.14 26.39
C THR B 250 -8.56 -33.61 26.75
N PHE B 251 -9.61 -33.97 27.49
CA PHE B 251 -9.92 -35.34 27.87
C PHE B 251 -11.14 -35.87 27.13
N MET B 252 -11.44 -35.29 25.96
CA MET B 252 -12.58 -35.76 25.15
C MET B 252 -12.30 -37.18 24.66
N PRO B 253 -13.22 -38.16 24.79
CA PRO B 253 -12.94 -39.55 24.40
C PRO B 253 -12.46 -39.70 22.97
N LYS B 254 -12.97 -38.90 22.04
CA LYS B 254 -12.61 -39.01 20.63
C LYS B 254 -12.67 -37.64 19.98
N PRO B 255 -11.63 -36.82 20.19
CA PRO B 255 -11.62 -35.49 19.57
C PRO B 255 -11.55 -35.53 18.05
N LEU B 256 -10.92 -36.54 17.46
CA LEU B 256 -10.71 -36.61 16.02
C LEU B 256 -11.15 -37.96 15.49
N PHE B 257 -11.59 -37.96 14.24
CA PHE B 257 -12.03 -39.17 13.57
C PHE B 257 -10.86 -39.88 12.92
N GLY B 258 -10.91 -41.21 12.92
CA GLY B 258 -9.86 -42.00 12.31
C GLY B 258 -8.59 -42.09 13.11
N VAL B 259 -8.60 -41.62 14.35
CA VAL B 259 -7.42 -41.62 15.22
C VAL B 259 -7.82 -42.29 16.52
N ASN B 260 -6.82 -42.81 17.24
CA ASN B 260 -7.09 -43.49 18.50
C ASN B 260 -7.75 -42.54 19.49
N GLY B 261 -8.70 -43.07 20.26
CA GLY B 261 -9.37 -42.30 21.28
C GLY B 261 -8.61 -42.31 22.59
N SER B 262 -9.19 -41.63 23.58
CA SER B 262 -8.61 -41.52 24.91
C SER B 262 -9.40 -42.37 25.88
N GLY B 263 -8.70 -43.18 26.67
CA GLY B 263 -9.34 -44.04 27.65
C GLY B 263 -8.84 -43.81 29.06
N MET B 264 -9.56 -44.34 30.04
CA MET B 264 -9.21 -44.21 31.45
C MET B 264 -9.31 -45.57 32.12
N HIS B 265 -8.61 -46.55 31.55
CA HIS B 265 -8.64 -47.91 32.09
C HIS B 265 -8.48 -47.92 33.61
N PHE B 266 -9.32 -48.69 34.27
CA PHE B 266 -9.33 -48.81 35.72
C PHE B 266 -8.80 -50.17 36.12
N ASN B 267 -7.73 -50.20 36.90
CA ASN B 267 -7.19 -51.44 37.47
C ASN B 267 -7.65 -51.49 38.92
N MET B 268 -8.59 -52.38 39.21
CA MET B 268 -9.20 -52.47 40.52
C MET B 268 -8.77 -53.75 41.23
N SER B 269 -8.54 -53.66 42.53
CA SER B 269 -8.22 -54.80 43.36
C SER B 269 -8.99 -54.68 44.68
N LEU B 270 -9.43 -55.83 45.20
CA LEU B 270 -10.20 -55.87 46.43
C LEU B 270 -9.36 -56.49 47.53
N PHE B 271 -9.34 -55.85 48.70
CA PHE B 271 -8.49 -56.30 49.79
C PHE B 271 -9.32 -56.73 50.98
N ASN B 272 -8.75 -57.64 51.78
CA ASN B 272 -9.36 -58.05 53.04
C ASN B 272 -8.34 -57.98 54.16
N GLU B 273 -8.67 -58.54 55.32
CA GLU B 273 -7.74 -58.50 56.45
C GLU B 273 -6.45 -59.26 56.13
N LYS B 274 -6.57 -60.42 55.48
CA LYS B 274 -5.40 -61.21 55.15
C LYS B 274 -4.52 -60.50 54.11
N GLY B 275 -5.13 -60.02 53.03
CA GLY B 275 -4.38 -59.35 51.99
C GLY B 275 -5.21 -59.11 50.74
N ASN B 276 -4.64 -59.43 49.58
CA ASN B 276 -5.38 -59.30 48.33
C ASN B 276 -6.40 -60.42 48.21
N ALA B 277 -7.66 -60.05 48.00
CA ALA B 277 -8.71 -61.05 47.89
C ALA B 277 -8.79 -61.69 46.51
N PHE B 278 -8.13 -61.11 45.51
CA PHE B 278 -8.17 -61.64 44.16
C PHE B 278 -7.07 -62.66 43.88
N PHE B 279 -6.17 -62.88 44.83
CA PHE B 279 -5.00 -63.73 44.61
C PHE B 279 -5.17 -65.06 45.33
N ASP B 280 -4.88 -66.15 44.63
CA ASP B 280 -4.94 -67.49 45.21
C ASP B 280 -3.96 -68.36 44.43
N GLU B 281 -2.87 -68.77 45.09
CA GLU B 281 -1.83 -69.54 44.40
C GLU B 281 -2.35 -70.90 43.94
N SER B 282 -3.37 -71.43 44.61
CA SER B 282 -3.90 -72.74 44.27
C SER B 282 -5.06 -72.70 43.28
N GLY B 283 -5.48 -71.50 42.85
CA GLY B 283 -6.58 -71.39 41.93
C GLY B 283 -6.15 -71.33 40.47
N GLU B 284 -7.12 -71.55 39.58
CA GLU B 284 -6.85 -71.46 38.15
C GLU B 284 -6.44 -70.04 37.79
N LEU B 285 -5.40 -69.93 36.97
CA LEU B 285 -4.81 -68.64 36.59
C LEU B 285 -4.30 -67.86 37.80
N GLU B 286 -4.08 -68.55 38.92
CA GLU B 286 -3.71 -67.91 40.19
C GLU B 286 -4.73 -66.84 40.57
N LEU B 287 -6.01 -67.15 40.39
CA LEU B 287 -7.10 -66.26 40.71
C LEU B 287 -8.04 -66.93 41.71
N SER B 288 -8.47 -66.16 42.70
CA SER B 288 -9.38 -66.68 43.72
C SER B 288 -10.81 -66.76 43.18
N GLN B 289 -11.66 -67.48 43.91
CA GLN B 289 -13.06 -67.53 43.55
C GLN B 289 -13.72 -66.17 43.68
N THR B 290 -13.22 -65.33 44.58
CA THR B 290 -13.73 -63.96 44.69
C THR B 290 -13.47 -63.19 43.40
N ALA B 291 -12.30 -63.36 42.82
CA ALA B 291 -12.00 -62.68 41.56
C ALA B 291 -12.91 -63.14 40.44
N TYR B 292 -13.20 -64.45 40.38
CA TYR B 292 -14.10 -64.95 39.34
C TYR B 292 -15.52 -64.46 39.54
N HIS B 293 -15.98 -64.39 40.79
CA HIS B 293 -17.31 -63.83 41.06
C HIS B 293 -17.36 -62.36 40.68
N PHE B 294 -16.29 -61.62 40.97
CA PHE B 294 -16.23 -60.22 40.56
C PHE B 294 -16.27 -60.08 39.05
N LEU B 295 -15.54 -60.94 38.33
CA LEU B 295 -15.59 -60.92 36.87
C LEU B 295 -17.00 -61.20 36.37
N ALA B 296 -17.66 -62.20 36.94
CA ALA B 296 -19.01 -62.53 36.50
C ALA B 296 -19.97 -61.36 36.73
N GLY B 297 -19.86 -60.72 37.89
CA GLY B 297 -20.70 -59.56 38.16
C GLY B 297 -20.41 -58.40 37.22
N MET B 298 -19.13 -58.15 36.95
CA MET B 298 -18.76 -57.06 36.07
C MET B 298 -19.24 -57.30 34.64
N LEU B 299 -19.16 -58.53 34.17
CA LEU B 299 -19.57 -58.84 32.81
C LEU B 299 -21.09 -58.89 32.68
N LYS B 300 -21.79 -59.36 33.72
CA LYS B 300 -23.24 -59.49 33.63
C LYS B 300 -23.91 -58.14 33.47
N HIS B 301 -23.46 -57.13 34.22
CA HIS B 301 -24.10 -55.82 34.24
C HIS B 301 -23.36 -54.79 33.42
N ALA B 302 -22.42 -55.19 32.57
CA ALA B 302 -21.67 -54.22 31.78
C ALA B 302 -22.59 -53.42 30.88
N ARG B 303 -23.55 -54.08 30.25
CA ARG B 303 -24.54 -53.38 29.44
C ARG B 303 -25.33 -52.38 30.27
N GLY B 304 -25.43 -52.61 31.58
CA GLY B 304 -26.13 -51.71 32.46
C GLY B 304 -25.38 -50.43 32.78
N TYR B 305 -24.13 -50.54 33.20
CA TYR B 305 -23.34 -49.39 33.61
C TYR B 305 -22.52 -48.79 32.49
N THR B 306 -22.67 -49.28 31.26
CA THR B 306 -22.00 -48.65 30.13
C THR B 306 -22.37 -47.18 30.01
N ALA B 307 -23.63 -46.84 30.33
CA ALA B 307 -24.04 -45.44 30.28
C ALA B 307 -23.28 -44.60 31.30
N VAL B 308 -23.10 -45.12 32.52
CA VAL B 308 -22.40 -44.37 33.55
C VAL B 308 -20.92 -44.23 33.22
N THR B 309 -20.30 -45.31 32.74
CA THR B 309 -18.88 -45.25 32.42
C THR B 309 -18.59 -44.44 31.16
N ASN B 310 -19.57 -44.30 30.27
CA ASN B 310 -19.41 -43.52 29.03
C ASN B 310 -20.60 -42.58 28.93
N PRO B 311 -20.58 -41.46 29.66
CA PRO B 311 -21.77 -40.61 29.79
C PRO B 311 -21.95 -39.56 28.70
N THR B 312 -21.05 -39.48 27.72
CA THR B 312 -21.16 -38.42 26.69
C THR B 312 -21.52 -39.04 25.33
N ILE B 313 -22.00 -38.23 24.39
CA ILE B 313 -22.30 -38.74 23.02
C ILE B 313 -20.96 -39.08 22.35
N ASN B 314 -19.97 -38.20 22.51
CA ASN B 314 -18.62 -38.42 21.90
C ASN B 314 -18.02 -39.72 22.42
N SER B 315 -18.48 -40.23 23.57
CA SER B 315 -17.86 -41.42 24.13
C SER B 315 -18.09 -42.64 23.23
N PHE B 316 -19.31 -42.81 22.74
CA PHE B 316 -19.61 -43.95 21.90
C PHE B 316 -19.02 -43.83 20.50
N LYS B 317 -18.48 -42.67 20.14
CA LYS B 317 -17.66 -42.60 18.94
C LYS B 317 -16.31 -43.28 19.12
N ARG B 318 -15.84 -43.38 20.37
CA ARG B 318 -14.61 -44.09 20.64
C ARG B 318 -14.81 -45.60 20.60
N LEU B 319 -15.97 -46.07 21.04
CA LEU B 319 -16.27 -47.51 21.11
C LEU B 319 -16.62 -48.03 19.72
N VAL B 320 -15.61 -48.02 18.85
CA VAL B 320 -15.75 -48.54 17.50
C VAL B 320 -14.60 -49.51 17.24
N PRO B 321 -14.79 -50.53 16.40
CA PRO B 321 -13.71 -51.50 16.17
C PRO B 321 -12.54 -50.88 15.43
N GLY B 322 -11.36 -51.44 15.68
CA GLY B 322 -10.15 -51.06 14.98
C GLY B 322 -9.29 -50.02 15.66
N TYR B 323 -9.66 -49.58 16.86
CA TYR B 323 -8.88 -48.57 17.58
C TYR B 323 -8.58 -49.00 19.00
N GLU B 324 -8.56 -50.32 19.24
CA GLU B 324 -8.21 -50.95 20.51
C GLU B 324 -9.21 -50.64 21.62
N ALA B 325 -10.27 -49.90 21.35
CA ALA B 325 -11.32 -49.70 22.34
C ALA B 325 -12.22 -50.94 22.40
N PRO B 326 -12.74 -51.29 23.57
CA PRO B 326 -13.61 -52.47 23.66
C PRO B 326 -14.92 -52.26 22.93
N CYS B 327 -15.44 -53.35 22.37
CA CYS B 327 -16.73 -53.32 21.70
C CYS B 327 -17.62 -54.51 22.04
N TYR B 328 -17.10 -55.54 22.70
CA TYR B 328 -17.88 -56.73 23.02
C TYR B 328 -17.68 -57.07 24.50
N ILE B 329 -18.71 -57.66 25.10
CA ILE B 329 -18.67 -58.03 26.50
C ILE B 329 -17.95 -59.35 26.65
N ALA B 330 -16.63 -59.29 26.89
CA ALA B 330 -15.82 -60.49 27.05
C ALA B 330 -14.58 -60.13 27.84
N TRP B 331 -13.97 -61.15 28.44
CA TRP B 331 -12.76 -60.97 29.23
C TRP B 331 -11.68 -61.92 28.73
N SER B 332 -10.43 -61.49 28.87
CA SER B 332 -9.29 -62.27 28.42
C SER B 332 -8.04 -61.81 29.14
N GLY B 333 -7.03 -62.66 29.11
CA GLY B 333 -5.73 -62.31 29.66
C GLY B 333 -4.83 -61.67 28.62
N LYS B 334 -5.07 -62.00 27.34
CA LYS B 334 -4.30 -61.42 26.25
C LYS B 334 -5.16 -61.49 24.99
N ASN B 335 -5.73 -60.36 24.60
CA ASN B 335 -6.60 -60.33 23.39
C ASN B 335 -6.62 -58.91 22.80
N ARG B 336 -7.09 -58.77 21.57
CA ARG B 336 -7.19 -57.44 20.93
C ARG B 336 -8.40 -56.70 21.51
N SER B 337 -8.17 -55.74 22.41
CA SER B 337 -9.26 -54.92 22.96
C SER B 337 -10.33 -55.75 23.64
N PRO B 338 -10.06 -56.37 24.79
CA PRO B 338 -11.12 -57.00 25.57
C PRO B 338 -11.78 -56.00 26.51
N LEU B 339 -13.02 -56.29 26.87
CA LEU B 339 -13.74 -55.42 27.81
C LEU B 339 -13.08 -55.43 29.18
N VAL B 340 -12.68 -56.61 29.66
CA VAL B 340 -12.00 -56.75 30.94
C VAL B 340 -10.72 -57.53 30.70
N ARG B 341 -9.60 -57.02 31.20
CA ARG B 341 -8.30 -57.63 31.01
C ARG B 341 -7.69 -57.96 32.37
N VAL B 342 -7.06 -59.12 32.46
CA VAL B 342 -6.41 -59.56 33.68
C VAL B 342 -4.90 -59.41 33.49
N PRO B 343 -4.26 -58.44 34.12
CA PRO B 343 -2.81 -58.30 33.97
C PRO B 343 -2.07 -59.50 34.54
N SER B 344 -0.89 -59.78 33.96
CA SER B 344 -0.12 -60.96 34.34
C SER B 344 0.45 -60.88 35.74
N SER B 345 0.54 -59.68 36.31
CA SER B 345 1.11 -59.54 37.65
C SER B 345 0.22 -60.20 38.68
N ARG B 346 0.83 -60.85 39.67
CA ARG B 346 0.10 -61.54 40.72
C ARG B 346 0.61 -61.14 42.09
N GLY B 347 0.16 -61.85 43.13
CA GLY B 347 0.51 -61.48 44.49
C GLY B 347 -0.35 -60.35 45.00
N LEU B 348 0.27 -59.38 45.66
CA LEU B 348 -0.47 -58.19 46.09
C LEU B 348 -0.85 -57.29 44.94
N SER B 349 -0.32 -57.52 43.75
CA SER B 349 -0.61 -56.71 42.57
C SER B 349 -1.70 -57.29 41.70
N THR B 350 -2.37 -58.35 42.15
CA THR B 350 -3.46 -58.94 41.38
C THR B 350 -4.59 -57.93 41.24
N ARG B 351 -5.10 -57.79 40.02
CA ARG B 351 -6.10 -56.77 39.74
C ARG B 351 -6.85 -57.13 38.47
N LEU B 352 -8.01 -56.51 38.30
CA LEU B 352 -8.82 -56.64 37.08
C LEU B 352 -8.90 -55.27 36.43
N GLU B 353 -8.67 -55.22 35.12
CA GLU B 353 -8.66 -53.96 34.40
C GLU B 353 -9.91 -53.87 33.54
N LEU B 354 -10.68 -52.80 33.74
CA LEU B 354 -11.81 -52.45 32.88
C LEU B 354 -11.37 -51.35 31.93
N ARG B 355 -11.56 -51.58 30.63
CA ARG B 355 -11.04 -50.69 29.59
C ARG B 355 -12.11 -49.85 28.93
N SER B 356 -13.38 -50.00 29.30
CA SER B 356 -14.43 -49.24 28.64
C SER B 356 -14.58 -47.83 29.20
N VAL B 357 -13.94 -47.52 30.33
CA VAL B 357 -14.08 -46.20 30.95
C VAL B 357 -13.28 -45.18 30.16
N ASP B 358 -13.81 -43.98 30.04
CA ASP B 358 -13.17 -42.87 29.36
C ASP B 358 -12.94 -41.72 30.34
N PRO B 359 -12.01 -40.81 30.04
CA PRO B 359 -11.73 -39.72 30.99
C PRO B 359 -12.91 -38.80 31.25
N SER B 360 -13.92 -38.77 30.37
CA SER B 360 -15.07 -37.90 30.59
C SER B 360 -15.99 -38.38 31.69
N ALA B 361 -15.85 -39.62 32.14
CA ALA B 361 -16.77 -40.16 33.13
C ALA B 361 -16.51 -39.56 34.51
N ASN B 362 -17.55 -39.54 35.32
CA ASN B 362 -17.42 -39.15 36.72
C ASN B 362 -16.76 -40.28 37.50
N PRO B 363 -15.60 -40.08 38.12
CA PRO B 363 -14.93 -41.19 38.79
C PRO B 363 -15.76 -41.80 39.91
N TYR B 364 -16.46 -40.97 40.69
CA TYR B 364 -17.21 -41.49 41.83
C TYR B 364 -18.36 -42.37 41.38
N LEU B 365 -19.13 -41.92 40.38
CA LEU B 365 -20.25 -42.72 39.90
C LEU B 365 -19.78 -44.02 39.28
N ALA B 366 -18.70 -43.96 38.48
CA ALA B 366 -18.18 -45.16 37.83
C ALA B 366 -17.69 -46.15 38.88
N MET B 367 -16.96 -45.68 39.89
CA MET B 367 -16.51 -46.60 40.93
C MET B 367 -17.69 -47.17 41.70
N ALA B 368 -18.71 -46.35 41.98
CA ALA B 368 -19.87 -46.85 42.71
C ALA B 368 -20.57 -47.97 41.93
N VAL B 369 -20.80 -47.76 40.64
CA VAL B 369 -21.54 -48.76 39.88
C VAL B 369 -20.69 -50.02 39.68
N LEU B 370 -19.38 -49.86 39.46
CA LEU B 370 -18.52 -51.02 39.31
C LEU B 370 -18.45 -51.83 40.59
N LEU B 371 -18.32 -51.15 41.74
CA LEU B 371 -18.30 -51.86 43.00
C LEU B 371 -19.62 -52.55 43.26
N LYS B 372 -20.74 -51.90 42.93
CA LYS B 372 -22.04 -52.54 43.12
C LYS B 372 -22.16 -53.81 42.26
N ALA B 373 -21.72 -53.74 41.00
CA ALA B 373 -21.78 -54.91 40.14
C ALA B 373 -20.91 -56.03 40.66
N GLY B 374 -19.67 -55.72 41.06
CA GLY B 374 -18.79 -56.76 41.59
C GLY B 374 -19.33 -57.37 42.87
N LEU B 375 -19.89 -56.53 43.75
CA LEU B 375 -20.45 -57.02 45.00
C LEU B 375 -21.66 -57.91 44.75
N SER B 376 -22.50 -57.55 43.79
CA SER B 376 -23.63 -58.39 43.44
C SER B 376 -23.15 -59.72 42.87
N GLY B 377 -22.11 -59.70 42.03
CA GLY B 377 -21.56 -60.93 41.52
C GLY B 377 -21.01 -61.83 42.61
N ILE B 378 -20.34 -61.23 43.60
CA ILE B 378 -19.81 -62.01 44.72
C ILE B 378 -20.94 -62.60 45.53
N LYS B 379 -21.97 -61.81 45.82
CA LYS B 379 -23.09 -62.30 46.63
C LYS B 379 -23.84 -63.42 45.94
N ASP B 380 -24.06 -63.29 44.63
CA ASP B 380 -24.77 -64.32 43.88
C ASP B 380 -23.88 -65.48 43.49
N GLU B 381 -22.56 -65.36 43.64
CA GLU B 381 -21.61 -66.41 43.30
C GLU B 381 -21.77 -66.86 41.84
N LEU B 382 -21.91 -65.90 40.95
CA LEU B 382 -22.08 -66.21 39.54
C LEU B 382 -20.80 -66.78 38.94
N THR B 383 -20.97 -67.69 37.99
CA THR B 383 -19.84 -68.29 37.29
C THR B 383 -19.52 -67.47 36.04
N PRO B 384 -18.29 -66.97 35.89
CA PRO B 384 -17.97 -66.15 34.73
C PRO B 384 -17.90 -66.99 33.46
N PRO B 385 -18.15 -66.41 32.30
CA PRO B 385 -17.97 -67.16 31.05
C PRO B 385 -16.51 -67.42 30.77
N ALA B 386 -16.28 -68.42 29.93
CA ALA B 386 -14.92 -68.79 29.57
C ALA B 386 -14.25 -67.64 28.81
N PRO B 387 -12.97 -67.38 29.06
CA PRO B 387 -12.29 -66.29 28.33
C PRO B 387 -12.18 -66.61 26.86
N VAL B 388 -12.16 -65.55 26.04
CA VAL B 388 -12.09 -65.69 24.59
C VAL B 388 -10.72 -65.18 24.13
N ASP B 389 -10.09 -65.93 23.22
CA ASP B 389 -8.75 -65.55 22.69
C ASP B 389 -8.72 -65.77 21.18
N ARG B 390 -9.86 -66.09 20.57
CA ARG B 390 -9.93 -66.39 19.12
C ARG B 390 -10.14 -65.11 18.32
N ASN B 391 -10.20 -63.95 18.98
CA ASN B 391 -10.47 -62.64 18.31
C ASN B 391 -11.90 -62.62 17.79
N ILE B 392 -12.84 -62.09 18.58
CA ILE B 392 -14.28 -62.04 18.18
C ILE B 392 -14.47 -61.10 16.99
N TYR B 393 -13.49 -60.22 16.73
CA TYR B 393 -13.56 -59.28 15.58
C TYR B 393 -13.50 -60.07 14.26
N GLY B 394 -12.83 -61.23 14.27
CA GLY B 394 -12.71 -62.06 13.05
C GLY B 394 -14.05 -62.49 12.51
N MET B 395 -14.96 -62.98 13.36
CA MET B 395 -16.28 -63.48 12.91
C MET B 395 -17.30 -62.33 12.83
N ASN B 396 -18.48 -62.59 12.27
CA ASN B 396 -19.50 -61.56 12.16
C ASN B 396 -20.29 -61.47 13.47
N GLU B 397 -21.23 -60.54 13.53
CA GLU B 397 -22.05 -60.39 14.73
C GLU B 397 -22.88 -61.64 14.99
N GLU B 398 -23.46 -62.22 13.94
CA GLU B 398 -24.28 -63.43 14.12
C GLU B 398 -23.44 -64.61 14.56
N GLU B 399 -22.23 -64.76 14.01
CA GLU B 399 -21.39 -65.90 14.33
C GLU B 399 -20.87 -65.86 15.76
N ARG B 400 -20.83 -64.70 16.41
CA ARG B 400 -20.40 -64.60 17.80
C ARG B 400 -21.56 -64.40 18.77
N GLU B 401 -22.74 -64.02 18.29
CA GLU B 401 -23.90 -63.92 19.16
C GLU B 401 -24.39 -65.28 19.62
N ALA B 402 -24.00 -66.35 18.91
CA ALA B 402 -24.36 -67.70 19.36
C ALA B 402 -23.73 -68.01 20.70
N THR B 403 -22.48 -67.62 20.90
CA THR B 403 -21.81 -67.77 22.18
C THR B 403 -22.25 -66.65 23.11
N GLY B 404 -21.56 -66.51 24.24
CA GLY B 404 -21.90 -65.49 25.21
C GLY B 404 -21.45 -64.08 24.88
N ILE B 405 -20.86 -63.87 23.71
CA ILE B 405 -20.36 -62.56 23.32
C ILE B 405 -21.52 -61.68 22.91
N TYR B 406 -21.63 -60.51 23.53
CA TYR B 406 -22.67 -59.55 23.21
C TYR B 406 -22.05 -58.18 22.98
N ASP B 407 -22.77 -57.35 22.23
CA ASP B 407 -22.29 -56.03 21.86
C ASP B 407 -22.62 -55.02 22.96
N LEU B 408 -21.70 -54.08 23.17
CA LEU B 408 -21.99 -52.93 24.01
C LEU B 408 -22.98 -52.02 23.30
N PRO B 409 -23.72 -51.19 24.05
CA PRO B 409 -24.63 -50.25 23.40
C PRO B 409 -23.90 -49.33 22.45
N GLU B 410 -24.53 -49.08 21.29
CA GLU B 410 -23.88 -48.32 20.23
C GLU B 410 -24.15 -46.82 20.31
N SER B 411 -25.08 -46.40 21.15
CA SER B 411 -25.39 -44.99 21.30
C SER B 411 -25.77 -44.71 22.75
N LEU B 412 -25.75 -43.42 23.11
CA LEU B 412 -26.08 -43.05 24.48
C LEU B 412 -27.53 -43.33 24.81
N GLY B 413 -28.42 -43.27 23.83
CA GLY B 413 -29.83 -43.57 24.09
C GLY B 413 -30.05 -45.02 24.47
N HIS B 414 -29.40 -45.94 23.74
CA HIS B 414 -29.52 -47.36 24.09
C HIS B 414 -28.93 -47.64 25.46
N ALA B 415 -27.81 -46.98 25.79
CA ALA B 415 -27.22 -47.14 27.11
C ALA B 415 -28.15 -46.61 28.19
N LEU B 416 -28.84 -45.50 27.92
CA LEU B 416 -29.80 -44.97 28.88
C LEU B 416 -30.96 -45.94 29.07
N ILE B 417 -31.43 -46.56 27.99
CA ILE B 417 -32.48 -47.57 28.11
C ILE B 417 -32.01 -48.73 28.97
N GLU B 418 -30.77 -49.17 28.75
CA GLU B 418 -30.22 -50.27 29.54
C GLU B 418 -30.11 -49.89 31.01
N LEU B 419 -29.72 -48.64 31.30
CA LEU B 419 -29.75 -48.15 32.67
C LEU B 419 -31.15 -48.22 33.26
N GLU B 420 -32.14 -47.74 32.52
CA GLU B 420 -33.50 -47.72 33.02
C GLU B 420 -34.05 -49.13 33.23
N LYS B 421 -33.47 -50.13 32.56
CA LYS B 421 -33.90 -51.50 32.78
C LYS B 421 -33.23 -52.14 33.99
N ASN B 422 -31.92 -51.95 34.14
CA ASN B 422 -31.16 -52.59 35.21
C ASN B 422 -31.51 -52.01 36.57
N GLU B 423 -31.65 -52.87 37.57
CA GLU B 423 -32.03 -52.44 38.92
C GLU B 423 -30.83 -52.34 39.87
N ILE B 424 -29.84 -53.21 39.73
CA ILE B 424 -28.70 -53.18 40.63
C ILE B 424 -27.91 -51.89 40.46
N ILE B 425 -27.76 -51.42 39.22
CA ILE B 425 -27.06 -50.16 38.98
C ILE B 425 -27.87 -49.00 39.56
N LYS B 426 -29.20 -49.07 39.49
CA LYS B 426 -30.02 -48.05 40.14
C LYS B 426 -29.80 -48.03 41.64
N ASP B 427 -29.73 -49.22 42.25
CA ASP B 427 -29.46 -49.28 43.69
C ASP B 427 -28.09 -48.74 44.03
N GLY B 428 -27.10 -49.01 43.19
CA GLY B 428 -25.75 -48.49 43.41
C GLY B 428 -25.61 -47.00 43.17
N LEU B 429 -26.49 -46.41 42.37
CA LEU B 429 -26.47 -44.97 42.13
C LEU B 429 -27.33 -44.18 43.11
N GLY B 430 -28.41 -44.76 43.62
CA GLY B 430 -29.35 -44.00 44.43
C GLY B 430 -30.39 -43.31 43.58
N GLU B 431 -31.57 -43.13 44.17
CA GLU B 431 -32.71 -42.60 43.40
C GLU B 431 -32.44 -41.18 42.91
N HIS B 432 -31.91 -40.33 43.77
CA HIS B 432 -31.68 -38.94 43.41
C HIS B 432 -30.71 -38.83 42.24
N ILE B 433 -29.54 -39.47 42.38
CA ILE B 433 -28.53 -39.41 41.34
C ILE B 433 -29.04 -40.05 40.05
N PHE B 434 -29.74 -41.19 40.17
CA PHE B 434 -30.24 -41.87 38.99
C PHE B 434 -31.21 -40.98 38.23
N GLU B 435 -32.18 -40.37 38.93
CA GLU B 435 -33.17 -39.54 38.26
C GLU B 435 -32.52 -38.33 37.60
N HIS B 436 -31.62 -37.65 38.31
CA HIS B 436 -31.04 -36.44 37.73
C HIS B 436 -30.11 -36.78 36.57
N PHE B 437 -29.35 -37.87 36.68
CA PHE B 437 -28.49 -38.31 35.59
C PHE B 437 -29.32 -38.67 34.36
N ILE B 438 -30.42 -39.40 34.56
CA ILE B 438 -31.27 -39.77 33.43
C ILE B 438 -31.86 -38.53 32.78
N GLU B 439 -32.33 -37.58 33.57
CA GLU B 439 -32.90 -36.36 33.01
C GLU B 439 -31.87 -35.60 32.17
N ALA B 440 -30.67 -35.40 32.73
CA ALA B 440 -29.65 -34.64 32.02
C ALA B 440 -29.23 -35.37 30.73
N LYS B 441 -29.07 -36.69 30.80
CA LYS B 441 -28.61 -37.42 29.63
C LYS B 441 -29.68 -37.48 28.55
N THR B 442 -30.95 -37.61 28.94
CA THR B 442 -32.02 -37.56 27.95
C THR B 442 -32.10 -36.19 27.28
N ILE B 443 -31.91 -35.13 28.07
CA ILE B 443 -31.88 -33.76 27.47
C ILE B 443 -30.72 -33.71 26.46
N GLU B 444 -29.55 -34.23 26.84
CA GLU B 444 -28.36 -34.20 25.95
C GLU B 444 -28.65 -34.97 24.66
N CYS B 445 -29.27 -36.16 24.78
CA CYS B 445 -29.58 -36.96 23.60
C CYS B 445 -30.58 -36.26 22.69
N ASP B 446 -31.61 -35.65 23.28
CA ASP B 446 -32.59 -34.93 22.48
C ASP B 446 -31.94 -33.74 21.78
N MET B 447 -31.05 -33.04 22.47
CA MET B 447 -30.37 -31.90 21.86
C MET B 447 -29.50 -32.34 20.68
N PHE B 448 -28.81 -33.47 20.82
CA PHE B 448 -27.97 -33.95 19.74
C PHE B 448 -28.79 -34.49 18.57
N ARG B 449 -29.93 -35.13 18.87
CA ARG B 449 -30.71 -35.79 17.83
C ARG B 449 -31.31 -34.79 16.84
N THR B 450 -31.79 -33.65 17.34
CA THR B 450 -32.49 -32.70 16.50
C THR B 450 -31.55 -31.72 15.79
N ALA B 451 -30.26 -31.76 16.09
CA ALA B 451 -29.31 -30.85 15.46
C ALA B 451 -29.04 -31.27 14.02
N VAL B 452 -28.66 -30.30 13.20
CA VAL B 452 -28.28 -30.53 11.82
C VAL B 452 -26.78 -30.30 11.71
N HIS B 453 -26.06 -31.31 11.33
CA HIS B 453 -24.60 -31.25 11.31
C HIS B 453 -24.10 -30.97 9.90
N PRO B 454 -22.91 -30.37 9.78
CA PRO B 454 -22.34 -30.12 8.45
C PRO B 454 -22.10 -31.39 7.65
N TRP B 455 -22.01 -32.53 8.32
CA TRP B 455 -21.88 -33.83 7.60
C TRP B 455 -23.09 -33.99 6.69
N GLU B 456 -24.29 -33.74 7.23
CA GLU B 456 -25.51 -33.92 6.46
C GLU B 456 -25.54 -33.01 5.25
N ARG B 457 -25.11 -31.75 5.41
CA ARG B 457 -25.06 -30.84 4.28
C ARG B 457 -24.05 -31.29 3.25
N GLU B 458 -22.87 -31.73 3.68
CA GLU B 458 -21.87 -32.21 2.73
C GLU B 458 -22.35 -33.45 2.00
N GLN B 459 -23.22 -34.23 2.60
CA GLN B 459 -23.69 -35.46 1.96
C GLN B 459 -24.95 -35.27 1.12
N TYR B 460 -25.78 -34.26 1.41
CA TYR B 460 -27.08 -34.17 0.70
C TYR B 460 -27.37 -32.81 0.06
N LEU B 461 -26.67 -31.73 0.43
CA LEU B 461 -27.04 -30.43 -0.10
C LEU B 461 -26.95 -30.39 -1.61
N GLU B 462 -25.90 -30.98 -2.18
CA GLU B 462 -25.71 -30.96 -3.63
C GLU B 462 -26.38 -32.13 -4.32
N ILE B 463 -26.37 -33.31 -3.69
CA ILE B 463 -26.96 -34.50 -4.31
C ILE B 463 -28.46 -34.32 -4.46
N TYR B 464 -29.12 -33.84 -3.41
CA TYR B 464 -30.56 -33.65 -3.42
C TYR B 464 -30.93 -32.17 -3.47
N ALA C 22 31.32 -54.95 35.40
CA ALA C 22 30.47 -54.14 36.26
C ALA C 22 31.11 -52.79 36.54
N LYS C 23 30.67 -51.77 35.80
CA LYS C 23 31.18 -50.42 35.93
C LYS C 23 30.47 -49.63 37.02
N TYR C 24 29.16 -49.83 37.18
CA TYR C 24 28.38 -49.14 38.20
C TYR C 24 27.55 -50.15 38.96
N THR C 25 27.23 -49.80 40.21
CA THR C 25 26.34 -50.57 41.06
C THR C 25 25.10 -49.73 41.38
N LYS C 26 24.17 -50.33 42.11
CA LYS C 26 22.95 -49.61 42.49
C LYS C 26 23.28 -48.40 43.36
N GLU C 27 24.19 -48.58 44.31
CA GLU C 27 24.57 -47.47 45.19
C GLU C 27 25.21 -46.34 44.39
N ASP C 28 26.02 -46.68 43.39
CA ASP C 28 26.60 -45.66 42.52
C ASP C 28 25.53 -44.89 41.79
N ILE C 29 24.51 -45.59 41.28
CA ILE C 29 23.43 -44.91 40.57
C ILE C 29 22.66 -43.98 41.49
N PHE C 30 22.37 -44.45 42.71
CA PHE C 30 21.67 -43.59 43.67
C PHE C 30 22.50 -42.37 44.02
N ARG C 31 23.81 -42.55 44.23
CA ARG C 31 24.67 -41.41 44.52
C ARG C 31 24.71 -40.43 43.37
N PHE C 32 24.80 -40.92 42.13
CA PHE C 32 24.79 -40.04 40.97
C PHE C 32 23.48 -39.26 40.89
N ALA C 33 22.36 -39.95 41.09
CA ALA C 33 21.06 -39.28 41.03
C ALA C 33 20.94 -38.21 42.10
N ASP C 34 21.46 -38.49 43.30
CA ASP C 34 21.39 -37.50 44.38
C ASP C 34 22.29 -36.31 44.08
N GLU C 35 23.52 -36.55 43.63
CA GLU C 35 24.48 -35.46 43.52
C GLU C 35 24.25 -34.60 42.29
N GLN C 36 23.84 -35.19 41.16
CA GLN C 36 23.59 -34.37 39.98
C GLN C 36 22.19 -33.79 39.93
N ASN C 37 21.35 -34.10 40.91
CA ASN C 37 20.01 -33.52 41.02
C ASN C 37 19.18 -33.79 39.78
N VAL C 38 18.93 -35.08 39.54
CA VAL C 38 18.09 -35.52 38.42
C VAL C 38 16.70 -35.82 38.96
N LYS C 39 15.68 -35.38 38.23
CA LYS C 39 14.29 -35.61 38.60
C LYS C 39 13.54 -36.46 37.59
N PHE C 40 14.17 -36.77 36.46
CA PHE C 40 13.51 -37.59 35.41
C PHE C 40 14.48 -38.64 34.86
N ILE C 41 14.01 -39.87 34.68
CA ILE C 41 14.86 -40.96 34.10
C ILE C 41 14.12 -41.58 32.91
N ARG C 42 14.76 -41.62 31.75
CA ARG C 42 14.14 -42.19 30.52
C ARG C 42 14.61 -43.64 30.32
N LEU C 43 13.81 -44.62 30.75
CA LEU C 43 14.16 -46.02 30.55
C LEU C 43 13.87 -46.35 29.09
N GLN C 44 14.93 -46.47 28.28
CA GLN C 44 14.77 -46.54 26.84
C GLN C 44 15.17 -47.91 26.30
N PHE C 45 14.68 -48.19 25.10
CA PHE C 45 14.90 -49.45 24.41
C PHE C 45 14.68 -49.19 22.92
N THR C 46 14.90 -50.24 22.12
CA THR C 46 14.80 -50.14 20.67
C THR C 46 13.82 -51.19 20.17
N ASP C 47 12.90 -50.78 19.29
CA ASP C 47 11.92 -51.69 18.74
C ASP C 47 12.49 -52.41 17.52
N ILE C 48 11.66 -53.18 16.83
CA ILE C 48 12.13 -53.93 15.67
C ILE C 48 12.55 -52.98 14.56
N LEU C 49 11.77 -51.93 14.32
CA LEU C 49 12.04 -51.01 13.22
C LEU C 49 13.26 -50.13 13.47
N GLY C 50 13.82 -50.14 14.68
CA GLY C 50 14.97 -49.32 14.99
C GLY C 50 14.65 -48.00 15.67
N ILE C 51 13.38 -47.68 15.87
CA ILE C 51 13.01 -46.43 16.52
C ILE C 51 13.29 -46.54 18.02
N ILE C 52 13.92 -45.51 18.57
CA ILE C 52 14.22 -45.48 20.01
C ILE C 52 12.95 -45.09 20.76
N LYS C 53 12.51 -45.96 21.66
CA LYS C 53 11.33 -45.71 22.47
C LYS C 53 11.74 -45.72 23.94
N ASN C 54 10.87 -45.18 24.80
CA ASN C 54 11.26 -45.04 26.23
C ASN C 54 10.06 -44.83 27.14
N VAL C 55 10.19 -45.21 28.41
CA VAL C 55 9.13 -44.91 29.42
C VAL C 55 9.76 -43.89 30.37
N GLU C 56 9.00 -42.85 30.73
CA GLU C 56 9.61 -41.76 31.56
C GLU C 56 9.12 -41.87 33.00
N ILE C 57 10.05 -41.95 33.96
CA ILE C 57 9.67 -42.12 35.39
C ILE C 57 10.33 -41.03 36.24
N PRO C 58 9.70 -40.52 37.32
CA PRO C 58 10.35 -39.57 38.22
C PRO C 58 11.48 -40.26 39.00
N VAL C 59 12.34 -39.43 39.58
CA VAL C 59 13.47 -39.96 40.33
C VAL C 59 12.99 -40.76 41.54
N SER C 60 11.82 -40.43 42.07
CA SER C 60 11.29 -41.13 43.24
C SER C 60 11.02 -42.60 42.95
N GLN C 61 10.82 -42.96 41.70
CA GLN C 61 10.61 -44.35 41.31
C GLN C 61 11.91 -45.07 40.98
N LEU C 62 13.04 -44.37 41.05
CA LEU C 62 14.31 -44.94 40.59
C LEU C 62 14.62 -46.26 41.29
N LYS C 63 14.41 -46.31 42.60
CA LYS C 63 14.66 -47.54 43.34
C LYS C 63 13.86 -48.70 42.74
N LYS C 64 12.57 -48.48 42.49
CA LYS C 64 11.76 -49.52 41.87
C LYS C 64 12.33 -49.90 40.50
N ALA C 65 12.79 -48.90 39.74
CA ALA C 65 13.39 -49.19 38.45
C ALA C 65 14.62 -50.08 38.60
N LEU C 66 15.37 -49.90 39.68
CA LEU C 66 16.55 -50.74 39.90
C LEU C 66 16.19 -52.09 40.49
N ASP C 67 14.93 -52.31 40.86
CA ASP C 67 14.48 -53.59 41.36
C ASP C 67 13.89 -54.47 40.25
N ASN C 68 13.92 -54.01 39.00
CA ASN C 68 13.38 -54.74 37.87
C ASN C 68 11.89 -55.04 38.07
N LYS C 69 11.15 -54.06 38.56
CA LYS C 69 9.73 -54.22 38.84
C LYS C 69 8.84 -53.34 37.97
N ILE C 70 9.40 -52.59 37.03
CA ILE C 70 8.59 -51.73 36.17
C ILE C 70 7.93 -52.56 35.08
N MET C 71 6.62 -52.42 34.94
CA MET C 71 5.85 -53.08 33.90
C MET C 71 5.53 -52.08 32.78
N PHE C 72 5.49 -52.58 31.56
CA PHE C 72 5.09 -51.77 30.42
C PHE C 72 4.52 -52.68 29.34
N ASP C 73 4.09 -52.07 28.24
CA ASP C 73 3.49 -52.79 27.12
C ASP C 73 4.60 -53.23 26.17
N GLY C 74 4.87 -54.54 26.12
CA GLY C 74 5.91 -55.04 25.24
C GLY C 74 5.55 -55.02 23.77
N SER C 75 4.26 -54.97 23.46
CA SER C 75 3.83 -54.96 22.06
C SER C 75 4.37 -53.76 21.29
N SER C 76 4.73 -52.68 21.99
CA SER C 76 5.33 -51.53 21.32
C SER C 76 6.61 -51.90 20.61
N ILE C 77 7.33 -52.92 21.10
CA ILE C 77 8.53 -53.38 20.43
C ILE C 77 8.21 -53.86 19.03
N GLU C 78 7.03 -54.45 18.83
CA GLU C 78 6.63 -54.89 17.51
C GLU C 78 6.38 -53.74 16.55
N GLY C 79 6.29 -52.51 17.04
CA GLY C 79 6.08 -51.38 16.17
C GLY C 79 4.62 -51.13 15.87
N PHE C 80 4.31 -50.80 14.61
CA PHE C 80 2.92 -50.47 14.23
C PHE C 80 2.10 -51.74 13.98
N VAL C 81 2.76 -52.90 13.87
CA VAL C 81 2.06 -54.13 13.53
C VAL C 81 1.63 -54.83 14.81
N ARG C 82 1.69 -54.11 15.93
CA ARG C 82 1.25 -54.68 17.20
C ARG C 82 -0.25 -54.92 17.18
N ILE C 83 -0.68 -55.98 17.87
CA ILE C 83 -2.08 -56.36 17.90
C ILE C 83 -2.59 -56.39 19.34
N GLU C 84 -1.98 -57.24 20.16
CA GLU C 84 -2.45 -57.50 21.52
C GLU C 84 -1.48 -56.92 22.53
N GLU C 85 -2.02 -56.27 23.55
CA GLU C 85 -1.19 -55.74 24.63
C GLU C 85 -0.58 -56.88 25.44
N SER C 86 0.72 -56.76 25.70
CA SER C 86 1.45 -57.76 26.48
C SER C 86 2.28 -57.06 27.53
N ASP C 87 2.16 -57.51 28.78
CA ASP C 87 2.91 -56.92 29.88
C ASP C 87 4.32 -57.48 29.91
N MET C 88 5.30 -56.60 30.14
CA MET C 88 6.69 -57.03 30.17
C MET C 88 7.47 -56.16 31.13
N TYR C 89 8.54 -56.74 31.68
CA TYR C 89 9.39 -56.04 32.63
C TYR C 89 10.42 -55.19 31.90
N LEU C 90 11.13 -54.37 32.67
CA LEU C 90 12.01 -53.34 32.12
C LEU C 90 13.37 -53.35 32.83
N PHE C 91 13.99 -54.52 32.90
CA PHE C 91 15.34 -54.69 33.44
C PHE C 91 16.31 -53.68 32.87
N PRO C 92 16.77 -52.72 33.66
CA PRO C 92 17.71 -51.71 33.14
C PRO C 92 19.16 -52.19 33.22
N ASP C 93 20.01 -51.49 32.48
CA ASP C 93 21.45 -51.75 32.46
C ASP C 93 22.15 -50.62 33.19
N LEU C 94 22.88 -50.96 34.26
CA LEU C 94 23.50 -49.94 35.09
C LEU C 94 24.63 -49.23 34.37
N ASP C 95 25.37 -49.95 33.51
CA ASP C 95 26.53 -49.38 32.85
C ASP C 95 26.16 -48.32 31.81
N THR C 96 24.89 -48.21 31.45
CA THR C 96 24.46 -47.26 30.43
C THR C 96 23.92 -45.96 31.02
N TRP C 97 24.23 -45.67 32.27
CA TRP C 97 23.75 -44.46 32.92
C TRP C 97 24.44 -43.24 32.32
N VAL C 98 23.66 -42.38 31.66
CA VAL C 98 24.18 -41.16 31.06
C VAL C 98 23.25 -40.01 31.42
N VAL C 99 23.81 -38.90 31.89
CA VAL C 99 23.05 -37.72 32.25
C VAL C 99 23.12 -36.72 31.11
N PHE C 100 21.97 -36.29 30.61
CA PHE C 100 21.95 -35.35 29.51
C PHE C 100 22.35 -33.96 30.00
N PRO C 101 23.08 -33.19 29.19
CA PRO C 101 23.48 -31.85 29.62
C PRO C 101 22.45 -30.76 29.33
N TRP C 102 21.61 -30.95 28.31
CA TRP C 102 20.62 -29.94 27.91
C TRP C 102 19.33 -30.16 28.71
N THR C 103 19.40 -29.92 30.02
CA THR C 103 18.22 -30.12 30.85
C THR C 103 17.86 -28.90 31.70
N ALA C 104 18.46 -27.74 31.47
CA ALA C 104 18.19 -26.52 32.24
C ALA C 104 18.48 -26.80 33.71
N GLU C 105 17.74 -26.14 34.62
CA GLU C 105 17.98 -26.28 36.05
C GLU C 105 16.82 -26.93 36.80
N LYS C 106 15.66 -27.07 36.18
CA LYS C 106 14.52 -27.70 36.85
C LYS C 106 14.65 -29.22 36.80
N GLY C 107 15.71 -29.75 37.39
CA GLY C 107 15.96 -31.18 37.38
C GLY C 107 16.59 -31.65 36.08
N LYS C 108 17.55 -32.55 36.18
CA LYS C 108 18.24 -33.09 35.02
C LYS C 108 17.55 -34.37 34.56
N VAL C 109 17.94 -34.84 33.37
CA VAL C 109 17.37 -36.03 32.77
C VAL C 109 18.49 -37.03 32.52
N ALA C 110 18.28 -38.28 32.92
CA ALA C 110 19.24 -39.35 32.69
C ALA C 110 18.52 -40.53 32.04
N ARG C 111 19.29 -41.38 31.37
CA ARG C 111 18.71 -42.53 30.69
C ARG C 111 19.53 -43.78 31.01
N MET C 112 18.87 -44.93 30.89
CA MET C 112 19.52 -46.23 30.94
C MET C 112 18.84 -47.14 29.95
N ILE C 113 19.63 -47.76 29.06
CA ILE C 113 19.08 -48.76 28.15
C ILE C 113 18.64 -49.97 28.96
N CYS C 114 17.43 -50.45 28.69
CA CYS C 114 16.83 -51.52 29.48
C CYS C 114 16.63 -52.76 28.63
N ASP C 115 16.70 -53.91 29.29
CA ASP C 115 16.35 -55.19 28.68
C ASP C 115 14.88 -55.48 28.93
N ILE C 116 14.29 -56.25 28.03
CA ILE C 116 12.87 -56.61 28.11
C ILE C 116 12.78 -58.06 28.57
N TYR C 117 11.99 -58.30 29.62
CA TYR C 117 11.86 -59.62 30.21
C TYR C 117 10.39 -60.01 30.29
N ASN C 118 10.12 -61.29 30.07
CA ASN C 118 8.78 -61.81 30.22
C ASN C 118 8.38 -61.79 31.69
N PRO C 119 7.07 -61.82 31.98
CA PRO C 119 6.64 -61.89 33.39
C PRO C 119 7.13 -63.12 34.12
N ASP C 120 7.54 -64.17 33.41
CA ASP C 120 8.10 -65.37 34.02
C ASP C 120 9.61 -65.28 34.13
N MET C 121 10.15 -64.07 34.24
CA MET C 121 11.55 -63.82 34.54
C MET C 121 12.49 -64.33 33.44
N THR C 122 12.01 -64.33 32.20
CA THR C 122 12.77 -64.80 31.06
C THR C 122 12.92 -63.68 30.04
N PRO C 123 14.09 -63.48 29.45
CA PRO C 123 14.25 -62.40 28.47
C PRO C 123 13.33 -62.59 27.28
N PHE C 124 12.79 -61.47 26.78
CA PHE C 124 11.84 -61.52 25.69
C PHE C 124 12.55 -61.86 24.38
N ALA C 125 12.00 -62.83 23.65
CA ALA C 125 12.60 -63.24 22.39
C ALA C 125 12.44 -62.20 21.30
N GLY C 126 11.45 -61.32 21.40
CA GLY C 126 11.22 -60.28 20.42
C GLY C 126 12.04 -59.02 20.61
N ASP C 127 12.90 -58.98 21.61
CA ASP C 127 13.73 -57.81 21.86
C ASP C 127 15.02 -57.93 21.06
N PRO C 128 15.36 -56.96 20.21
CA PRO C 128 16.60 -57.07 19.44
C PRO C 128 17.84 -57.17 20.29
N ARG C 129 17.89 -56.46 21.42
CA ARG C 129 19.05 -56.54 22.30
C ARG C 129 19.19 -57.93 22.91
N ALA C 130 18.08 -58.54 23.33
CA ALA C 130 18.14 -59.90 23.87
C ALA C 130 18.55 -60.89 22.80
N ASN C 131 18.08 -60.69 21.56
CA ASN C 131 18.50 -61.56 20.46
C ASN C 131 20.00 -61.45 20.21
N LEU C 132 20.54 -60.22 20.24
CA LEU C 132 21.97 -60.05 20.08
C LEU C 132 22.74 -60.71 21.21
N LYS C 133 22.22 -60.61 22.44
CA LYS C 133 22.85 -61.28 23.56
C LYS C 133 22.86 -62.80 23.38
N ARG C 134 21.76 -63.35 22.87
CA ARG C 134 21.70 -64.78 22.61
C ARG C 134 22.73 -65.20 21.55
N VAL C 135 22.85 -64.41 20.49
CA VAL C 135 23.82 -64.73 19.45
C VAL C 135 25.25 -64.64 20.00
N LEU C 136 25.51 -63.64 20.85
CA LEU C 136 26.81 -63.54 21.48
C LEU C 136 27.08 -64.72 22.40
N LYS C 137 26.05 -65.21 23.08
CA LYS C 137 26.21 -66.41 23.89
C LYS C 137 26.58 -67.60 23.03
N GLU C 138 25.94 -67.74 21.87
CA GLU C 138 26.33 -68.81 20.95
C GLU C 138 27.78 -68.68 20.51
N MET C 139 28.20 -67.46 20.18
CA MET C 139 29.59 -67.23 19.78
C MET C 139 30.56 -67.61 20.89
N GLU C 140 30.24 -67.22 22.13
CA GLU C 140 31.09 -67.61 23.26
C GLU C 140 31.11 -69.11 23.45
N GLU C 141 29.98 -69.77 23.18
CA GLU C 141 29.95 -71.23 23.24
C GLU C 141 30.88 -71.84 22.21
N LEU C 142 30.98 -71.24 21.02
CA LEU C 142 31.90 -71.78 20.03
C LEU C 142 33.37 -71.58 20.38
N GLY C 143 33.69 -70.64 21.27
CA GLY C 143 35.06 -70.52 21.73
C GLY C 143 35.65 -69.13 21.75
N PHE C 144 34.94 -68.15 21.18
CA PHE C 144 35.44 -66.80 21.12
C PHE C 144 34.98 -65.99 22.33
N THR C 145 35.65 -64.85 22.55
CA THR C 145 35.39 -64.02 23.71
C THR C 145 34.50 -62.82 23.39
N GLU C 146 34.90 -62.00 22.42
CA GLU C 146 34.16 -60.78 22.14
C GLU C 146 34.14 -60.49 20.64
N PHE C 147 33.20 -59.65 20.24
CA PHE C 147 32.98 -59.24 18.87
C PHE C 147 33.08 -57.71 18.82
N ASN C 148 34.28 -57.19 18.59
CA ASN C 148 34.47 -55.75 18.55
C ASN C 148 33.94 -55.17 17.24
N LEU C 149 33.30 -54.01 17.35
CA LEU C 149 32.71 -53.37 16.19
C LEU C 149 33.02 -51.87 16.22
N GLY C 150 33.37 -51.34 15.06
CA GLY C 150 33.49 -49.91 14.88
C GLY C 150 32.67 -49.44 13.71
N PRO C 151 31.66 -48.62 13.97
CA PRO C 151 30.81 -48.11 12.89
C PRO C 151 31.32 -46.78 12.34
N GLU C 152 30.95 -46.52 11.09
CA GLU C 152 31.31 -45.27 10.41
C GLU C 152 30.04 -44.63 9.87
N PRO C 153 29.23 -44.02 10.75
CA PRO C 153 27.97 -43.42 10.30
C PRO C 153 28.19 -42.08 9.61
N GLU C 154 27.39 -41.84 8.58
CA GLU C 154 27.40 -40.59 7.83
C GLU C 154 26.02 -39.96 7.87
N PHE C 155 25.96 -38.64 7.98
CA PHE C 155 24.67 -37.97 8.10
C PHE C 155 24.68 -36.69 7.27
N PHE C 156 23.48 -36.25 6.90
CA PHE C 156 23.28 -35.03 6.13
C PHE C 156 22.70 -33.95 7.02
N LEU C 157 23.08 -32.70 6.75
CA LEU C 157 22.58 -31.55 7.48
C LEU C 157 21.82 -30.65 6.52
N PHE C 158 20.57 -30.32 6.87
CA PHE C 158 19.71 -29.50 6.05
C PHE C 158 19.28 -28.27 6.83
N LYS C 159 19.05 -27.17 6.13
CA LYS C 159 18.59 -25.95 6.78
C LYS C 159 17.09 -26.02 7.04
N LEU C 160 16.69 -25.51 8.21
CA LEU C 160 15.29 -25.47 8.58
C LEU C 160 14.61 -24.26 7.96
N ASP C 161 13.28 -24.34 7.86
CA ASP C 161 12.48 -23.28 7.29
C ASP C 161 12.04 -22.31 8.38
N GLU C 162 11.16 -21.37 8.04
CA GLU C 162 10.64 -20.44 9.04
C GLU C 162 9.82 -21.16 10.09
N ASN C 163 9.04 -22.16 9.69
CA ASN C 163 8.22 -22.93 10.60
C ASN C 163 8.97 -24.10 11.22
N ARG C 164 10.31 -24.02 11.26
CA ARG C 164 11.14 -25.08 11.83
C ARG C 164 10.91 -26.43 11.16
N ARG C 165 10.72 -26.40 9.84
CA ARG C 165 10.56 -27.61 9.05
C ARG C 165 11.77 -27.82 8.16
N PRO C 166 12.24 -29.05 8.00
CA PRO C 166 13.41 -29.28 7.15
C PRO C 166 13.15 -28.90 5.70
N THR C 167 14.18 -28.34 5.07
CA THR C 167 14.14 -28.01 3.66
C THR C 167 15.09 -28.91 2.89
N LEU C 168 15.24 -28.65 1.60
CA LEU C 168 16.13 -29.43 0.75
C LEU C 168 17.46 -28.74 0.52
N GLU C 169 17.74 -27.65 1.24
CA GLU C 169 18.97 -26.89 1.08
C GLU C 169 20.01 -27.36 2.09
N LEU C 170 21.19 -27.75 1.59
CA LEU C 170 22.26 -28.23 2.44
C LEU C 170 22.93 -27.07 3.17
N ASN C 171 23.58 -27.40 4.29
CA ASN C 171 24.18 -26.36 5.11
C ASN C 171 25.46 -25.80 4.50
N ASP C 172 26.20 -26.61 3.75
CA ASP C 172 27.41 -26.12 3.09
C ASP C 172 27.70 -26.94 1.85
N SER C 173 28.41 -26.34 0.91
CA SER C 173 28.83 -27.02 -0.32
C SER C 173 30.28 -27.47 -0.17
N GLY C 174 30.47 -28.45 0.70
CA GLY C 174 31.79 -28.96 1.02
C GLY C 174 32.24 -30.06 0.07
N GLY C 175 33.34 -30.70 0.45
CA GLY C 175 33.92 -31.77 -0.34
C GLY C 175 34.51 -32.83 0.56
N TYR C 176 35.13 -33.83 -0.06
CA TYR C 176 35.68 -34.96 0.67
C TYR C 176 36.93 -34.52 1.42
N PHE C 177 36.89 -34.62 2.75
CA PHE C 177 37.98 -34.23 3.64
C PHE C 177 38.33 -32.76 3.53
N ASP C 178 37.41 -31.94 3.00
CA ASP C 178 37.70 -30.53 2.80
C ASP C 178 37.49 -29.74 4.08
N LEU C 179 38.21 -28.63 4.19
CA LEU C 179 38.06 -27.71 5.32
C LEU C 179 36.98 -26.68 4.97
N ALA C 180 35.77 -27.20 4.75
CA ALA C 180 34.66 -26.40 4.25
C ALA C 180 33.98 -25.56 5.34
N PRO C 181 33.55 -26.14 6.47
CA PRO C 181 32.88 -25.30 7.48
C PRO C 181 33.77 -24.20 8.03
N THR C 182 35.08 -24.42 8.09
CA THR C 182 36.05 -23.44 8.57
C THR C 182 35.75 -22.97 9.99
N ASP C 183 36.45 -21.92 10.40
CA ASP C 183 36.31 -21.35 11.74
C ASP C 183 35.29 -20.22 11.71
N LEU C 184 35.29 -19.40 12.77
CA LEU C 184 34.43 -18.22 12.88
C LEU C 184 32.96 -18.60 12.90
N GLY C 185 32.56 -19.41 13.89
CA GLY C 185 31.17 -19.75 14.08
C GLY C 185 30.71 -20.90 13.21
N GLU C 186 29.44 -21.25 13.40
CA GLU C 186 28.79 -22.38 12.72
C GLU C 186 29.62 -23.63 13.00
N ASN C 187 30.03 -24.39 12.00
CA ASN C 187 30.79 -25.63 12.19
C ASN C 187 30.07 -26.56 13.15
N CYS C 188 28.86 -26.98 12.73
CA CYS C 188 28.04 -27.83 13.58
C CYS C 188 28.73 -29.15 13.92
N ARG C 189 29.59 -29.62 13.02
CA ARG C 189 30.33 -30.89 13.26
C ARG C 189 31.23 -30.71 14.49
N ARG C 190 31.91 -29.57 14.62
CA ARG C 190 32.77 -29.32 15.76
C ARG C 190 31.99 -29.27 17.06
N ASP C 191 30.86 -28.58 17.07
CA ASP C 191 30.04 -28.53 18.28
C ASP C 191 29.51 -29.92 18.64
N ILE C 192 29.09 -30.68 17.64
CA ILE C 192 28.56 -32.02 17.89
C ILE C 192 29.63 -32.90 18.52
N VAL C 193 30.84 -32.89 17.95
CA VAL C 193 31.90 -33.74 18.48
C VAL C 193 32.33 -33.26 19.86
N LEU C 194 32.32 -31.95 20.10
CA LEU C 194 32.68 -31.46 21.43
C LEU C 194 31.67 -31.91 22.48
N GLU C 195 30.37 -31.79 22.19
CA GLU C 195 29.38 -32.25 23.16
C GLU C 195 29.38 -33.75 23.32
N LEU C 196 29.68 -34.50 22.25
CA LEU C 196 29.81 -35.95 22.38
C LEU C 196 30.98 -36.32 23.28
N GLU C 197 32.10 -35.62 23.13
CA GLU C 197 33.25 -35.85 24.02
C GLU C 197 32.88 -35.51 25.46
N GLU C 198 32.16 -34.41 25.66
CA GLU C 198 31.74 -34.04 27.00
C GLU C 198 30.83 -35.09 27.62
N MET C 199 29.90 -35.63 26.83
CA MET C 199 28.96 -36.64 27.30
C MET C 199 29.63 -37.98 27.62
N GLY C 200 30.88 -38.18 27.19
CA GLY C 200 31.57 -39.42 27.47
C GLY C 200 31.55 -40.40 26.30
N PHE C 201 31.83 -39.89 25.10
CA PHE C 201 31.92 -40.70 23.91
C PHE C 201 33.37 -40.78 23.44
N GLU C 202 33.77 -41.95 22.96
CA GLU C 202 35.12 -42.15 22.45
C GLU C 202 35.11 -41.90 20.95
N ILE C 203 35.46 -40.68 20.57
CA ILE C 203 35.46 -40.27 19.17
C ILE C 203 36.89 -40.35 18.64
N GLU C 204 37.06 -41.11 17.55
CA GLU C 204 38.39 -41.27 16.94
C GLU C 204 38.69 -40.07 16.05
N ALA C 205 37.81 -39.81 15.06
CA ALA C 205 38.02 -38.69 14.12
C ALA C 205 36.68 -38.15 13.62
N SER C 206 36.70 -37.06 12.84
CA SER C 206 35.47 -36.48 12.27
C SER C 206 35.83 -35.69 11.01
N HIS C 207 35.09 -35.88 9.90
CA HIS C 207 35.48 -35.21 8.64
C HIS C 207 34.29 -34.98 7.71
N HIS C 208 34.50 -34.21 6.64
CA HIS C 208 33.47 -33.93 5.66
C HIS C 208 33.46 -35.02 4.59
N GLU C 209 32.27 -35.47 4.21
CA GLU C 209 32.15 -36.56 3.25
C GLU C 209 32.10 -36.00 1.84
N VAL C 210 31.96 -36.90 0.85
CA VAL C 210 32.02 -36.51 -0.55
C VAL C 210 30.88 -35.55 -0.88
N ALA C 211 29.67 -35.89 -0.46
CA ALA C 211 28.52 -35.08 -0.79
C ALA C 211 28.55 -33.76 -0.02
N PRO C 212 28.05 -32.68 -0.62
CA PRO C 212 27.91 -31.43 0.13
C PRO C 212 26.95 -31.61 1.29
N GLY C 213 27.29 -31.00 2.43
CA GLY C 213 26.46 -31.13 3.61
C GLY C 213 26.46 -32.50 4.25
N GLN C 214 27.38 -33.38 3.87
CA GLN C 214 27.48 -34.72 4.42
C GLN C 214 28.70 -34.82 5.31
N HIS C 215 28.52 -35.33 6.53
CA HIS C 215 29.59 -35.40 7.51
C HIS C 215 29.66 -36.80 8.11
N GLU C 216 30.87 -37.20 8.49
CA GLU C 216 31.11 -38.50 9.10
C GLU C 216 31.88 -38.32 10.39
N ILE C 217 31.48 -39.06 11.42
CA ILE C 217 32.17 -39.10 12.71
C ILE C 217 32.45 -40.55 13.04
N ASP C 218 33.70 -40.85 13.38
CA ASP C 218 34.14 -42.22 13.64
C ASP C 218 34.20 -42.49 15.13
N PHE C 219 33.92 -43.73 15.52
CA PHE C 219 33.93 -44.16 16.91
C PHE C 219 35.15 -45.02 17.21
N LYS C 220 35.36 -45.26 18.49
CA LYS C 220 36.32 -46.26 18.94
C LYS C 220 35.66 -47.63 18.94
N TYR C 221 36.49 -48.67 18.90
CA TYR C 221 35.99 -50.03 18.78
C TYR C 221 35.64 -50.57 20.17
N GLU C 222 34.37 -50.89 20.38
CA GLU C 222 33.87 -51.44 21.63
C GLU C 222 33.18 -52.77 21.36
N ASP C 223 32.55 -53.31 22.40
CA ASP C 223 31.78 -54.54 22.25
C ASP C 223 30.56 -54.31 21.38
N ALA C 224 29.94 -55.40 20.95
CA ALA C 224 28.80 -55.30 20.06
C ALA C 224 27.65 -54.52 20.70
N ILE C 225 27.26 -54.91 21.92
CA ILE C 225 26.14 -54.27 22.58
C ILE C 225 26.46 -52.81 22.88
N THR C 226 27.67 -52.55 23.38
CA THR C 226 28.06 -51.18 23.67
C THR C 226 28.13 -50.34 22.40
N ALA C 227 28.61 -50.93 21.31
CA ALA C 227 28.66 -50.20 20.04
C ALA C 227 27.26 -49.85 19.54
N CYS C 228 26.32 -50.79 19.64
CA CYS C 228 24.96 -50.50 19.21
C CYS C 228 24.31 -49.42 20.07
N ASP C 229 24.52 -49.50 21.39
CA ASP C 229 23.98 -48.48 22.28
C ASP C 229 24.58 -47.12 21.95
N SER C 230 25.88 -47.08 21.68
CA SER C 230 26.53 -45.83 21.30
C SER C 230 25.98 -45.30 19.99
N ILE C 231 25.65 -46.19 19.05
CA ILE C 231 25.08 -45.76 17.78
C ILE C 231 23.73 -45.08 18.01
N GLN C 232 22.88 -45.70 18.83
CA GLN C 232 21.56 -45.12 19.09
C GLN C 232 21.69 -43.77 19.80
N THR C 233 22.55 -43.72 20.82
CA THR C 233 22.75 -42.46 21.54
C THR C 233 23.32 -41.40 20.63
N PHE C 234 24.23 -41.79 19.73
CA PHE C 234 24.82 -40.85 18.80
C PHE C 234 23.78 -40.26 17.87
N LYS C 235 22.88 -41.10 17.36
CA LYS C 235 21.79 -40.60 16.51
C LYS C 235 20.95 -39.59 17.28
N LEU C 236 20.56 -39.95 18.50
CA LEU C 236 19.70 -39.04 19.29
C LEU C 236 20.40 -37.71 19.55
N VAL C 237 21.66 -37.78 19.98
CA VAL C 237 22.40 -36.57 20.34
C VAL C 237 22.64 -35.70 19.13
N VAL C 238 23.00 -36.30 17.99
CA VAL C 238 23.24 -35.54 16.78
C VAL C 238 21.96 -34.83 16.34
N LYS C 239 20.83 -35.53 16.35
CA LYS C 239 19.57 -34.90 15.97
C LYS C 239 19.24 -33.74 16.89
N THR C 240 19.40 -33.93 18.21
CA THR C 240 19.06 -32.86 19.14
C THR C 240 19.96 -31.64 18.94
N ILE C 241 21.27 -31.86 18.80
CA ILE C 241 22.19 -30.74 18.67
C ILE C 241 21.97 -30.01 17.34
N ALA C 242 21.71 -30.77 16.27
CA ALA C 242 21.42 -30.12 15.00
C ALA C 242 20.15 -29.28 15.09
N ARG C 243 19.12 -29.79 15.77
CA ARG C 243 17.92 -28.99 15.99
C ARG C 243 18.23 -27.75 16.82
N LYS C 244 19.22 -27.83 17.72
CA LYS C 244 19.60 -26.67 18.56
C LYS C 244 20.09 -25.52 17.67
N HIS C 245 20.92 -25.82 16.68
CA HIS C 245 21.49 -24.81 15.82
C HIS C 245 20.66 -24.55 14.56
N GLY C 246 19.35 -24.81 14.62
CA GLY C 246 18.51 -24.55 13.47
C GLY C 246 18.83 -25.39 12.26
N LEU C 247 19.12 -26.67 12.46
CA LEU C 247 19.45 -27.59 11.38
C LEU C 247 18.70 -28.90 11.60
N HIS C 248 18.55 -29.65 10.52
CA HIS C 248 17.96 -30.98 10.55
C HIS C 248 19.02 -31.99 10.16
N ALA C 249 19.35 -32.90 11.07
CA ALA C 249 20.31 -33.96 10.79
C ALA C 249 19.53 -35.21 10.41
N THR C 250 19.79 -35.73 9.22
CA THR C 250 19.08 -36.90 8.72
C THR C 250 20.07 -38.02 8.42
N PHE C 251 19.64 -39.25 8.74
CA PHE C 251 20.39 -40.46 8.45
C PHE C 251 19.73 -41.28 7.35
N MET C 252 18.96 -40.61 6.48
CA MET C 252 18.31 -41.31 5.34
C MET C 252 19.40 -41.79 4.38
N PRO C 253 19.39 -43.07 3.92
CA PRO C 253 20.47 -43.58 3.07
C PRO C 253 20.70 -42.75 1.81
N LYS C 254 19.65 -42.19 1.22
CA LYS C 254 19.79 -41.42 -0.03
C LYS C 254 18.74 -40.31 -0.05
N PRO C 255 18.99 -39.22 0.67
CA PRO C 255 18.02 -38.12 0.66
C PRO C 255 17.87 -37.44 -0.69
N LEU C 256 18.92 -37.41 -1.51
CA LEU C 256 18.89 -36.70 -2.78
C LEU C 256 19.39 -37.60 -3.90
N PHE C 257 18.88 -37.36 -5.09
CA PHE C 257 19.26 -38.11 -6.27
C PHE C 257 20.50 -37.51 -6.92
N GLY C 258 21.35 -38.38 -7.48
CA GLY C 258 22.55 -37.92 -8.14
C GLY C 258 23.66 -37.49 -7.22
N VAL C 259 23.53 -37.73 -5.92
CA VAL C 259 24.51 -37.33 -4.92
C VAL C 259 24.86 -38.56 -4.11
N ASN C 260 26.04 -38.54 -3.49
CA ASN C 260 26.49 -39.69 -2.70
C ASN C 260 25.53 -39.95 -1.55
N GLY C 261 25.30 -41.23 -1.26
CA GLY C 261 24.44 -41.63 -0.18
C GLY C 261 25.20 -41.69 1.14
N SER C 262 24.47 -42.08 2.19
CA SER C 262 25.01 -42.19 3.53
C SER C 262 25.15 -43.66 3.90
N GLY C 263 26.32 -44.04 4.41
CA GLY C 263 26.56 -45.42 4.80
C GLY C 263 26.99 -45.54 6.24
N MET C 264 26.96 -46.77 6.77
CA MET C 264 27.33 -47.06 8.14
C MET C 264 28.27 -48.26 8.16
N HIS C 265 29.35 -48.18 7.40
CA HIS C 265 30.32 -49.27 7.31
C HIS C 265 30.67 -49.81 8.68
N PHE C 266 30.66 -51.14 8.80
CA PHE C 266 30.94 -51.84 10.05
C PHE C 266 32.30 -52.51 9.95
N ASN C 267 33.22 -52.16 10.84
CA ASN C 267 34.51 -52.82 10.94
C ASN C 267 34.43 -53.78 12.12
N MET C 268 34.38 -55.07 11.84
CA MET C 268 34.20 -56.09 12.86
C MET C 268 35.46 -56.91 13.03
N SER C 269 35.76 -57.26 14.28
CA SER C 269 36.87 -58.12 14.62
C SER C 269 36.43 -59.10 15.69
N LEU C 270 36.95 -60.33 15.60
CA LEU C 270 36.59 -61.40 16.53
C LEU C 270 37.79 -61.70 17.42
N PHE C 271 37.55 -61.80 18.73
CA PHE C 271 38.62 -61.98 19.69
C PHE C 271 38.49 -63.30 20.40
N ASN C 272 39.62 -63.84 20.86
CA ASN C 272 39.63 -65.03 21.69
C ASN C 272 40.51 -64.79 22.92
N GLU C 273 40.80 -65.86 23.67
CA GLU C 273 41.63 -65.71 24.86
C GLU C 273 43.03 -65.21 24.51
N LYS C 274 43.61 -65.73 23.43
CA LYS C 274 44.96 -65.32 23.04
C LYS C 274 44.97 -63.86 22.58
N GLY C 275 44.06 -63.49 21.69
CA GLY C 275 43.99 -62.13 21.18
C GLY C 275 43.05 -61.99 20.00
N ASN C 276 43.50 -61.32 18.96
CA ASN C 276 42.69 -61.19 17.75
C ASN C 276 42.67 -62.50 16.98
N ALA C 277 41.48 -63.01 16.70
CA ALA C 277 41.35 -64.28 16.00
C ALA C 277 41.52 -64.13 14.49
N PHE C 278 41.46 -62.92 13.97
CA PHE C 278 41.58 -62.69 12.53
C PHE C 278 43.02 -62.49 12.09
N PHE C 279 43.97 -62.45 13.01
CA PHE C 279 45.36 -62.12 12.69
C PHE C 279 46.22 -63.37 12.75
N ASP C 280 47.05 -63.56 11.73
CA ASP C 280 48.00 -64.67 11.69
C ASP C 280 49.18 -64.24 10.83
N GLU C 281 50.34 -64.07 11.46
CA GLU C 281 51.51 -63.58 10.73
C GLU C 281 51.96 -64.57 9.66
N SER C 282 51.67 -65.85 9.84
CA SER C 282 52.11 -66.87 8.90
C SER C 282 51.09 -67.17 7.81
N GLY C 283 49.93 -66.52 7.84
CA GLY C 283 48.90 -66.78 6.85
C GLY C 283 48.97 -65.84 5.66
N GLU C 284 48.27 -66.23 4.59
CA GLU C 284 48.19 -65.38 3.41
C GLU C 284 47.49 -64.07 3.74
N LEU C 285 48.06 -62.97 3.26
CA LEU C 285 47.59 -61.62 3.56
C LEU C 285 47.61 -61.33 5.05
N GLU C 286 48.40 -62.09 5.82
CA GLU C 286 48.43 -61.99 7.27
C GLU C 286 47.03 -62.15 7.86
N LEU C 287 46.28 -63.11 7.33
CA LEU C 287 44.93 -63.39 7.78
C LEU C 287 44.83 -64.85 8.20
N SER C 288 44.15 -65.09 9.32
CA SER C 288 43.99 -66.43 9.84
C SER C 288 42.92 -67.19 9.06
N GLN C 289 42.88 -68.50 9.25
CA GLN C 289 41.83 -69.31 8.63
C GLN C 289 40.46 -68.94 9.18
N THR C 290 40.40 -68.48 10.43
CA THR C 290 39.14 -68.00 10.99
C THR C 290 38.62 -66.80 10.20
N ALA C 291 39.51 -65.88 9.83
CA ALA C 291 39.09 -64.73 9.06
C ALA C 291 38.56 -65.14 7.69
N TYR C 292 39.21 -66.12 7.04
CA TYR C 292 38.74 -66.57 5.75
C TYR C 292 37.39 -67.28 5.85
N HIS C 293 37.20 -68.08 6.90
CA HIS C 293 35.90 -68.71 7.11
C HIS C 293 34.83 -67.66 7.37
N PHE C 294 35.15 -66.62 8.13
CA PHE C 294 34.21 -65.54 8.36
C PHE C 294 33.86 -64.82 7.07
N LEU C 295 34.86 -64.59 6.21
CA LEU C 295 34.60 -63.98 4.91
C LEU C 295 33.68 -64.85 4.06
N ALA C 296 33.93 -66.16 4.05
CA ALA C 296 33.11 -67.07 3.26
C ALA C 296 31.67 -67.06 3.76
N GLY C 297 31.49 -67.09 5.07
CA GLY C 297 30.14 -67.03 5.62
C GLY C 297 29.44 -65.72 5.33
N MET C 298 30.18 -64.60 5.42
CA MET C 298 29.58 -63.29 5.16
C MET C 298 29.18 -63.15 3.71
N LEU C 299 30.00 -63.67 2.79
CA LEU C 299 29.69 -63.55 1.37
C LEU C 299 28.60 -64.52 0.94
N LYS C 300 28.55 -65.72 1.54
CA LYS C 300 27.56 -66.70 1.13
C LYS C 300 26.14 -66.23 1.42
N HIS C 301 25.92 -65.63 2.58
CA HIS C 301 24.59 -65.24 3.02
C HIS C 301 24.31 -63.75 2.85
N ALA C 302 25.15 -63.03 2.10
CA ALA C 302 24.94 -61.60 1.94
C ALA C 302 23.59 -61.31 1.30
N ARG C 303 23.23 -62.09 0.28
CA ARG C 303 21.92 -61.95 -0.35
C ARG C 303 20.81 -62.20 0.64
N GLY C 304 21.08 -62.96 1.70
CA GLY C 304 20.10 -63.24 2.73
C GLY C 304 19.84 -62.09 3.68
N TYR C 305 20.91 -61.52 4.25
CA TYR C 305 20.76 -60.46 5.25
C TYR C 305 20.80 -59.07 4.64
N THR C 306 20.83 -58.95 3.31
CA THR C 306 20.75 -57.63 2.68
C THR C 306 19.47 -56.90 3.11
N ALA C 307 18.38 -57.65 3.31
CA ALA C 307 17.14 -57.04 3.76
C ALA C 307 17.28 -56.45 5.15
N VAL C 308 17.94 -57.17 6.06
CA VAL C 308 18.10 -56.69 7.43
C VAL C 308 19.05 -55.49 7.46
N THR C 309 20.15 -55.55 6.71
CA THR C 309 21.10 -54.45 6.72
C THR C 309 20.59 -53.23 5.99
N ASN C 310 19.64 -53.38 5.07
CA ASN C 310 19.05 -52.28 4.32
C ASN C 310 17.54 -52.43 4.38
N PRO C 311 16.92 -52.01 5.50
CA PRO C 311 15.51 -52.32 5.73
C PRO C 311 14.51 -51.31 5.16
N THR C 312 14.98 -50.27 4.48
CA THR C 312 14.04 -49.23 3.97
C THR C 312 14.00 -49.28 2.43
N ILE C 313 12.96 -48.69 1.83
CA ILE C 313 12.89 -48.62 0.34
C ILE C 313 13.99 -47.66 -0.12
N ASN C 314 14.15 -46.54 0.56
CA ASN C 314 15.18 -45.52 0.19
C ASN C 314 16.57 -46.16 0.24
N SER C 315 16.74 -47.27 0.97
CA SER C 315 18.07 -47.86 1.09
C SER C 315 18.57 -48.37 -0.24
N PHE C 316 17.72 -49.07 -0.99
CA PHE C 316 18.13 -49.63 -2.27
C PHE C 316 18.28 -48.57 -3.34
N LYS C 317 17.85 -47.33 -3.09
CA LYS C 317 18.23 -46.24 -3.98
C LYS C 317 19.69 -45.86 -3.83
N ARG C 318 20.29 -46.14 -2.67
CA ARG C 318 21.71 -45.89 -2.48
C ARG C 318 22.56 -46.96 -3.17
N LEU C 319 22.09 -48.20 -3.20
CA LEU C 319 22.84 -49.32 -3.78
C LEU C 319 22.73 -49.28 -5.30
N VAL C 320 23.33 -48.24 -5.88
CA VAL C 320 23.37 -48.08 -7.33
C VAL C 320 24.81 -47.82 -7.74
N PRO C 321 25.23 -48.22 -8.94
CA PRO C 321 26.63 -48.02 -9.34
C PRO C 321 26.97 -46.55 -9.51
N GLY C 322 28.24 -46.24 -9.29
CA GLY C 322 28.76 -44.91 -9.53
C GLY C 322 28.81 -43.99 -8.33
N TYR C 323 28.42 -44.47 -7.14
CA TYR C 323 28.43 -43.62 -5.95
C TYR C 323 29.14 -44.32 -4.80
N GLU C 324 30.06 -45.23 -5.12
CA GLU C 324 30.93 -45.93 -4.17
C GLU C 324 30.16 -46.88 -3.25
N ALA C 325 28.85 -46.99 -3.40
CA ALA C 325 28.10 -47.98 -2.63
C ALA C 325 28.26 -49.36 -3.26
N PRO C 326 28.30 -50.42 -2.47
CA PRO C 326 28.46 -51.76 -3.02
C PRO C 326 27.25 -52.17 -3.85
N CYS C 327 27.52 -52.95 -4.90
CA CYS C 327 26.46 -53.50 -5.74
C CYS C 327 26.64 -54.97 -6.08
N TYR C 328 27.80 -55.56 -5.82
CA TYR C 328 28.07 -56.95 -6.16
C TYR C 328 28.67 -57.65 -4.96
N ILE C 329 28.40 -58.95 -4.86
CA ILE C 329 28.88 -59.75 -3.74
C ILE C 329 30.32 -60.17 -4.01
N ALA C 330 31.27 -59.37 -3.54
CA ALA C 330 32.68 -59.66 -3.72
C ALA C 330 33.47 -58.97 -2.62
N TRP C 331 34.69 -59.44 -2.39
CA TRP C 331 35.57 -58.89 -1.39
C TRP C 331 36.91 -58.56 -2.01
N SER C 332 37.56 -57.53 -1.46
CA SER C 332 38.85 -57.08 -1.98
C SER C 332 39.56 -56.29 -0.90
N GLY C 333 40.87 -56.15 -1.09
CA GLY C 333 41.66 -55.31 -0.20
C GLY C 333 41.73 -53.88 -0.70
N LYS C 334 41.59 -53.70 -2.01
CA LYS C 334 41.61 -52.36 -2.61
C LYS C 334 40.85 -52.43 -3.92
N ASN C 335 39.62 -51.89 -3.92
CA ASN C 335 38.79 -51.91 -5.11
C ASN C 335 37.75 -50.81 -4.99
N ARG C 336 37.16 -50.45 -6.14
CA ARG C 336 36.10 -49.42 -6.19
C ARG C 336 34.80 -50.02 -5.68
N SER C 337 34.43 -49.71 -4.44
CA SER C 337 33.17 -50.15 -3.82
C SER C 337 33.04 -51.66 -3.76
N PRO C 338 33.83 -52.35 -2.95
CA PRO C 338 33.58 -53.78 -2.71
C PRO C 338 32.58 -53.99 -1.58
N LEU C 339 31.91 -55.14 -1.62
CA LEU C 339 30.95 -55.46 -0.57
C LEU C 339 31.65 -55.61 0.78
N VAL C 340 32.78 -56.30 0.80
CA VAL C 340 33.57 -56.49 2.01
C VAL C 340 34.99 -56.04 1.72
N ARG C 341 35.53 -55.20 2.59
CA ARG C 341 36.87 -54.65 2.43
C ARG C 341 37.73 -55.04 3.62
N VAL C 342 38.98 -55.39 3.35
CA VAL C 342 39.93 -55.76 4.39
C VAL C 342 40.91 -54.60 4.56
N PRO C 343 40.83 -53.85 5.65
CA PRO C 343 41.78 -52.74 5.85
C PRO C 343 43.20 -53.25 6.00
N SER C 344 44.15 -52.41 5.60
CA SER C 344 45.55 -52.81 5.60
C SER C 344 46.13 -52.98 6.99
N SER C 345 45.49 -52.41 8.02
CA SER C 345 46.00 -52.53 9.38
C SER C 345 45.95 -53.97 9.85
N ARG C 346 46.98 -54.39 10.58
CA ARG C 346 47.05 -55.75 11.09
C ARG C 346 47.37 -55.75 12.59
N GLY C 347 47.66 -56.93 13.13
CA GLY C 347 47.87 -57.06 14.56
C GLY C 347 46.58 -57.13 15.32
N LEU C 348 46.47 -56.40 16.43
CA LEU C 348 45.22 -56.33 17.16
C LEU C 348 44.15 -55.52 16.42
N SER C 349 44.52 -54.81 15.36
CA SER C 349 43.59 -53.99 14.60
C SER C 349 43.06 -54.70 13.37
N THR C 350 43.34 -55.99 13.20
CA THR C 350 42.82 -56.73 12.06
C THR C 350 41.30 -56.79 12.14
N ARG C 351 40.65 -56.50 11.01
CA ARG C 351 39.20 -56.42 10.99
C ARG C 351 38.70 -56.57 9.57
N LEU C 352 37.41 -56.88 9.44
CA LEU C 352 36.74 -56.96 8.16
C LEU C 352 35.67 -55.88 8.12
N GLU C 353 35.61 -55.14 7.02
CA GLU C 353 34.66 -54.04 6.88
C GLU C 353 33.56 -54.43 5.91
N LEU C 354 32.32 -54.36 6.38
CA LEU C 354 31.14 -54.52 5.55
C LEU C 354 30.58 -53.13 5.24
N ARG C 355 30.40 -52.84 3.94
CA ARG C 355 30.04 -51.52 3.49
C ARG C 355 28.60 -51.40 3.02
N SER C 356 27.82 -52.48 3.05
CA SER C 356 26.45 -52.42 2.59
C SER C 356 25.49 -51.86 3.63
N VAL C 357 25.91 -51.74 4.88
CA VAL C 357 25.04 -51.28 5.94
C VAL C 357 24.82 -49.77 5.81
N ASP C 358 23.60 -49.32 6.10
CA ASP C 358 23.24 -47.92 6.08
C ASP C 358 22.79 -47.47 7.46
N PRO C 359 22.82 -46.17 7.75
CA PRO C 359 22.43 -45.71 9.09
C PRO C 359 21.00 -46.02 9.47
N SER C 360 20.12 -46.29 8.51
CA SER C 360 18.73 -46.58 8.83
C SER C 360 18.54 -47.96 9.45
N ALA C 361 19.53 -48.84 9.36
CA ALA C 361 19.36 -50.20 9.85
C ALA C 361 19.36 -50.24 11.37
N ASN C 362 18.70 -51.27 11.92
CA ASN C 362 18.74 -51.52 13.34
C ASN C 362 20.09 -52.14 13.70
N PRO C 363 20.90 -51.51 14.56
CA PRO C 363 22.23 -52.06 14.83
C PRO C 363 22.20 -53.46 15.42
N TYR C 364 21.25 -53.74 16.32
CA TYR C 364 21.21 -55.03 16.98
C TYR C 364 20.90 -56.15 15.99
N LEU C 365 19.88 -55.95 15.15
CA LEU C 365 19.52 -56.97 14.17
C LEU C 365 20.65 -57.20 13.17
N ALA C 366 21.26 -56.12 12.69
CA ALA C 366 22.35 -56.25 11.74
C ALA C 366 23.52 -57.00 12.34
N MET C 367 23.90 -56.66 13.57
CA MET C 367 24.98 -57.39 14.22
C MET C 367 24.63 -58.84 14.44
N ALA C 368 23.38 -59.12 14.83
CA ALA C 368 22.97 -60.50 15.05
C ALA C 368 23.09 -61.32 13.77
N VAL C 369 22.58 -60.79 12.66
CA VAL C 369 22.60 -61.58 11.42
C VAL C 369 24.03 -61.72 10.90
N LEU C 370 24.85 -60.66 11.01
CA LEU C 370 26.23 -60.76 10.57
C LEU C 370 27.01 -61.77 11.40
N LEU C 371 26.82 -61.75 12.72
CA LEU C 371 27.49 -62.72 13.58
C LEU C 371 27.03 -64.13 13.27
N LYS C 372 25.72 -64.32 13.01
CA LYS C 372 25.24 -65.65 12.67
C LYS C 372 25.86 -66.14 11.37
N ALA C 373 25.95 -65.27 10.36
CA ALA C 373 26.54 -65.67 9.09
C ALA C 373 28.02 -66.02 9.26
N GLY C 374 28.77 -65.19 9.98
CA GLY C 374 30.17 -65.51 10.20
C GLY C 374 30.38 -66.78 11.00
N LEU C 375 29.55 -67.00 12.02
CA LEU C 375 29.64 -68.21 12.82
C LEU C 375 29.33 -69.44 11.99
N SER C 376 28.31 -69.36 11.13
CA SER C 376 28.00 -70.48 10.24
C SER C 376 29.16 -70.75 9.29
N GLY C 377 29.77 -69.69 8.75
CA GLY C 377 30.92 -69.88 7.89
C GLY C 377 32.08 -70.55 8.61
N ILE C 378 32.33 -70.15 9.85
CA ILE C 378 33.40 -70.77 10.64
C ILE C 378 33.08 -72.24 10.91
N LYS C 379 31.84 -72.54 11.30
CA LYS C 379 31.47 -73.92 11.61
C LYS C 379 31.57 -74.81 10.38
N ASP C 380 31.12 -74.32 9.22
CA ASP C 380 31.18 -75.10 8.00
C ASP C 380 32.55 -75.09 7.34
N GLU C 381 33.45 -74.20 7.79
CA GLU C 381 34.80 -74.09 7.23
C GLU C 381 34.76 -73.86 5.72
N LEU C 382 33.89 -72.96 5.29
CA LEU C 382 33.76 -72.66 3.87
C LEU C 382 34.99 -71.93 3.35
N THR C 383 35.32 -72.19 2.09
CA THR C 383 36.45 -71.54 1.43
C THR C 383 35.96 -70.28 0.73
N PRO C 384 36.50 -69.10 1.03
CA PRO C 384 36.01 -67.89 0.39
C PRO C 384 36.45 -67.82 -1.07
N PRO C 385 35.70 -67.12 -1.92
CA PRO C 385 36.13 -66.94 -3.30
C PRO C 385 37.34 -66.02 -3.39
N ALA C 386 38.06 -66.14 -4.50
CA ALA C 386 39.25 -65.32 -4.70
C ALA C 386 38.85 -63.84 -4.78
N PRO C 387 39.65 -62.95 -4.21
CA PRO C 387 39.32 -61.52 -4.28
C PRO C 387 39.40 -61.01 -5.71
N VAL C 388 38.58 -59.99 -5.99
CA VAL C 388 38.50 -59.40 -7.33
C VAL C 388 39.10 -58.01 -7.27
N ASP C 389 39.95 -57.68 -8.25
CA ASP C 389 40.63 -56.39 -8.30
C ASP C 389 40.73 -55.88 -9.74
N ARG C 390 39.78 -56.24 -10.59
CA ARG C 390 39.91 -55.98 -12.03
C ARG C 390 38.84 -54.99 -12.47
N ASN C 391 38.22 -54.30 -11.51
CA ASN C 391 37.15 -53.33 -11.76
C ASN C 391 35.94 -54.02 -12.42
N ILE C 392 35.30 -54.88 -11.62
CA ILE C 392 34.11 -55.63 -12.01
C ILE C 392 33.07 -54.77 -12.71
N TYR C 393 33.07 -53.47 -12.41
CA TYR C 393 32.19 -52.55 -13.13
C TYR C 393 32.53 -52.47 -14.62
N GLY C 394 33.72 -52.91 -15.01
CA GLY C 394 34.09 -52.86 -16.41
C GLY C 394 33.24 -53.77 -17.28
N MET C 395 32.98 -55.00 -16.82
CA MET C 395 32.22 -55.95 -17.61
C MET C 395 30.72 -55.71 -17.43
N ASN C 396 29.94 -56.38 -18.27
CA ASN C 396 28.49 -56.37 -18.15
C ASN C 396 28.06 -57.39 -17.09
N GLU C 397 26.75 -57.45 -16.84
CA GLU C 397 26.23 -58.41 -15.87
C GLU C 397 26.50 -59.84 -16.30
N GLU C 398 26.31 -60.13 -17.58
CA GLU C 398 26.53 -61.49 -18.08
C GLU C 398 28.00 -61.87 -18.01
N GLU C 399 28.90 -60.94 -18.33
CA GLU C 399 30.32 -61.23 -18.34
C GLU C 399 30.90 -61.49 -16.96
N ARG C 400 30.24 -61.01 -15.90
CA ARG C 400 30.69 -61.27 -14.54
C ARG C 400 29.87 -62.31 -13.81
N GLU C 401 28.67 -62.64 -14.31
CA GLU C 401 27.89 -63.71 -13.71
C GLU C 401 28.51 -65.08 -13.95
N ALA C 402 29.38 -65.19 -14.95
CA ALA C 402 30.09 -66.45 -15.18
C ALA C 402 30.96 -66.81 -13.98
N THR C 403 31.64 -65.83 -13.41
CA THR C 403 32.43 -66.04 -12.20
C THR C 403 31.49 -66.01 -10.99
N GLY C 404 32.07 -65.97 -9.79
CA GLY C 404 31.29 -65.97 -8.58
C GLY C 404 30.64 -64.66 -8.21
N ILE C 405 30.75 -63.64 -9.06
CA ILE C 405 30.20 -62.32 -8.76
C ILE C 405 28.69 -62.36 -9.00
N TYR C 406 27.93 -61.97 -7.98
CA TYR C 406 26.47 -61.91 -8.08
C TYR C 406 25.99 -60.55 -7.60
N ASP C 407 24.80 -60.19 -8.07
CA ASP C 407 24.22 -58.88 -7.75
C ASP C 407 23.47 -58.94 -6.44
N LEU C 408 23.54 -57.85 -5.69
CA LEU C 408 22.69 -57.68 -4.53
C LEU C 408 21.24 -57.45 -4.96
N PRO C 409 20.28 -57.74 -4.10
CA PRO C 409 18.88 -57.48 -4.46
C PRO C 409 18.67 -56.01 -4.81
N GLU C 410 17.87 -55.77 -5.85
CA GLU C 410 17.67 -54.42 -6.36
C GLU C 410 16.51 -53.70 -5.73
N SER C 411 15.66 -54.40 -4.99
CA SER C 411 14.51 -53.79 -4.33
C SER C 411 14.27 -54.49 -3.00
N LEU C 412 13.48 -53.83 -2.15
CA LEU C 412 13.19 -54.39 -0.84
C LEU C 412 12.36 -55.67 -0.93
N GLY C 413 11.52 -55.78 -1.96
CA GLY C 413 10.74 -57.00 -2.12
C GLY C 413 11.60 -58.21 -2.42
N HIS C 414 12.58 -58.06 -3.31
CA HIS C 414 13.49 -59.16 -3.61
C HIS C 414 14.30 -59.53 -2.38
N ALA C 415 14.73 -58.53 -1.61
CA ALA C 415 15.47 -58.81 -0.38
C ALA C 415 14.60 -59.56 0.62
N LEU C 416 13.31 -59.19 0.70
CA LEU C 416 12.39 -59.91 1.58
C LEU C 416 12.23 -61.35 1.14
N ILE C 417 12.13 -61.58 -0.17
CA ILE C 417 12.05 -62.95 -0.68
C ILE C 417 13.30 -63.73 -0.29
N GLU C 418 14.47 -63.11 -0.45
CA GLU C 418 15.72 -63.77 -0.08
C GLU C 418 15.76 -64.09 1.41
N LEU C 419 15.26 -63.18 2.25
CA LEU C 419 15.13 -63.48 3.67
C LEU C 419 14.23 -64.69 3.91
N GLU C 420 13.06 -64.72 3.25
CA GLU C 420 12.14 -65.82 3.45
C GLU C 420 12.71 -67.14 2.94
N LYS C 421 13.69 -67.10 2.05
CA LYS C 421 14.32 -68.33 1.60
C LYS C 421 15.42 -68.81 2.54
N ASN C 422 16.28 -67.89 3.00
CA ASN C 422 17.41 -68.26 3.84
C ASN C 422 16.97 -68.72 5.23
N GLU C 423 17.59 -69.77 5.75
CA GLU C 423 17.23 -70.32 7.05
C GLU C 423 18.17 -69.88 8.16
N ILE C 424 19.46 -69.72 7.87
CA ILE C 424 20.42 -69.33 8.91
C ILE C 424 20.10 -67.93 9.43
N ILE C 425 19.72 -67.02 8.54
CA ILE C 425 19.35 -65.68 8.99
C ILE C 425 18.09 -65.73 9.84
N LYS C 426 17.14 -66.60 9.49
CA LYS C 426 15.95 -66.78 10.31
C LYS C 426 16.34 -67.27 11.70
N ASP C 427 17.27 -68.23 11.78
CA ASP C 427 17.72 -68.71 13.08
C ASP C 427 18.41 -67.61 13.87
N GLY C 428 19.19 -66.78 13.21
CA GLY C 428 19.85 -65.67 13.88
C GLY C 428 18.93 -64.55 14.30
N LEU C 429 17.78 -64.41 13.65
CA LEU C 429 16.80 -63.40 14.04
C LEU C 429 15.80 -63.89 15.06
N GLY C 430 15.46 -65.16 15.08
CA GLY C 430 14.40 -65.66 15.93
C GLY C 430 13.04 -65.54 15.25
N GLU C 431 12.14 -66.46 15.62
CA GLU C 431 10.86 -66.54 14.94
C GLU C 431 10.04 -65.28 15.14
N HIS C 432 9.98 -64.76 16.37
CA HIS C 432 9.16 -63.59 16.65
C HIS C 432 9.63 -62.38 15.84
N ILE C 433 10.93 -62.08 15.93
CA ILE C 433 11.48 -60.94 15.21
C ILE C 433 11.34 -61.13 13.72
N PHE C 434 11.60 -62.33 13.21
CA PHE C 434 11.50 -62.58 11.79
C PHE C 434 10.08 -62.34 11.29
N GLU C 435 9.09 -62.89 11.98
CA GLU C 435 7.72 -62.74 11.53
C GLU C 435 7.29 -61.28 11.56
N HIS C 436 7.59 -60.56 12.64
CA HIS C 436 7.14 -59.19 12.74
C HIS C 436 7.86 -58.28 11.74
N PHE C 437 9.16 -58.52 11.54
CA PHE C 437 9.92 -57.77 10.55
C PHE C 437 9.38 -58.01 9.14
N ILE C 438 9.08 -59.27 8.81
CA ILE C 438 8.54 -59.57 7.50
C ILE C 438 7.19 -58.90 7.30
N GLU C 439 6.33 -58.95 8.32
CA GLU C 439 5.02 -58.33 8.20
C GLU C 439 5.15 -56.82 7.97
N ALA C 440 5.96 -56.15 8.78
CA ALA C 440 6.10 -54.70 8.64
C ALA C 440 6.70 -54.34 7.29
N LYS C 441 7.71 -55.08 6.84
CA LYS C 441 8.36 -54.73 5.58
C LYS C 441 7.46 -55.01 4.38
N THR C 442 6.67 -56.09 4.45
CA THR C 442 5.71 -56.34 3.37
C THR C 442 4.65 -55.25 3.32
N ILE C 443 4.18 -54.79 4.48
CA ILE C 443 3.21 -53.66 4.50
C ILE C 443 3.88 -52.45 3.85
N GLU C 444 5.13 -52.18 4.21
CA GLU C 444 5.85 -50.99 3.67
C GLU C 444 5.97 -51.12 2.14
N CYS C 445 6.31 -52.31 1.65
CA CYS C 445 6.45 -52.52 0.21
C CYS C 445 5.12 -52.34 -0.51
N ASP C 446 4.04 -52.89 0.07
CA ASP C 446 2.73 -52.73 -0.54
C ASP C 446 2.31 -51.26 -0.55
N MET C 447 2.60 -50.53 0.52
CA MET C 447 2.24 -49.12 0.58
C MET C 447 3.00 -48.33 -0.49
N PHE C 448 4.28 -48.64 -0.70
CA PHE C 448 5.05 -47.92 -1.70
C PHE C 448 4.63 -48.30 -3.11
N ARG C 449 4.27 -49.57 -3.33
CA ARG C 449 3.99 -50.04 -4.69
C ARG C 449 2.74 -49.39 -5.27
N THR C 450 1.70 -49.22 -4.45
CA THR C 450 0.43 -48.71 -4.94
C THR C 450 0.36 -47.19 -4.98
N ALA C 451 1.38 -46.49 -4.50
CA ALA C 451 1.37 -45.03 -4.50
C ALA C 451 1.64 -44.51 -5.90
N VAL C 452 1.15 -43.30 -6.16
CA VAL C 452 1.37 -42.60 -7.42
C VAL C 452 2.30 -41.43 -7.13
N HIS C 453 3.45 -41.44 -7.74
CA HIS C 453 4.46 -40.43 -7.45
C HIS C 453 4.44 -39.31 -8.50
N PRO C 454 4.89 -38.12 -8.13
CA PRO C 454 4.95 -37.02 -9.11
C PRO C 454 5.84 -37.31 -10.30
N TRP C 455 6.77 -38.26 -10.14
CA TRP C 455 7.63 -38.67 -11.29
C TRP C 455 6.71 -39.18 -12.40
N GLU C 456 5.75 -40.04 -12.06
CA GLU C 456 4.86 -40.63 -13.05
C GLU C 456 4.05 -39.54 -13.76
N ARG C 457 3.55 -38.55 -13.01
CA ARG C 457 2.81 -37.47 -13.64
C ARG C 457 3.70 -36.64 -14.56
N GLU C 458 4.92 -36.34 -14.12
CA GLU C 458 5.83 -35.57 -14.97
C GLU C 458 6.21 -36.34 -16.23
N GLN C 459 6.17 -37.67 -16.18
CA GLN C 459 6.54 -38.46 -17.35
C GLN C 459 5.38 -38.81 -18.25
N TYR C 460 4.14 -38.83 -17.74
CA TYR C 460 3.03 -39.34 -18.59
C TYR C 460 1.81 -38.40 -18.65
N LEU C 461 1.67 -37.43 -17.75
CA LEU C 461 0.44 -36.64 -17.76
C LEU C 461 0.26 -35.90 -19.07
N GLU C 462 1.34 -35.34 -19.62
CA GLU C 462 1.25 -34.59 -20.87
C GLU C 462 1.43 -35.46 -22.09
N ILE C 463 2.32 -36.46 -22.02
CA ILE C 463 2.58 -37.31 -23.17
C ILE C 463 1.35 -38.13 -23.52
N TYR C 464 0.70 -38.71 -22.51
CA TYR C 464 -0.48 -39.53 -22.72
C TYR C 464 -1.73 -38.82 -22.23
N GLN D 1 -17.54 -51.14 -4.52
CA GLN D 1 -18.55 -51.65 -3.60
C GLN D 1 -19.01 -50.55 -2.66
N LEU D 2 -18.06 -49.97 -1.93
CA LEU D 2 -18.34 -48.90 -0.98
C LEU D 2 -17.38 -47.74 -1.25
N PRO D 3 -17.61 -46.87 -2.28
CA PRO D 3 -16.72 -45.71 -2.47
C PRO D 3 -17.18 -44.52 -1.62
N ARG D 4 -18.25 -44.68 -0.84
CA ARG D 4 -18.76 -43.59 0.03
C ARG D 4 -17.78 -43.38 1.18
N PHE D 5 -17.31 -44.47 1.81
CA PHE D 5 -16.33 -44.37 2.92
C PHE D 5 -14.99 -43.83 2.39
N GLN E 1 19.96 -42.10 -28.64
CA GLN E 1 20.04 -43.41 -27.93
C GLN E 1 19.30 -43.29 -26.59
N LEU E 2 19.58 -42.24 -25.82
CA LEU E 2 18.96 -42.09 -24.48
C LEU E 2 18.89 -40.60 -24.08
N PRO E 3 17.97 -39.78 -24.63
CA PRO E 3 17.81 -38.41 -24.15
C PRO E 3 16.78 -38.32 -23.01
N ARG E 4 16.21 -39.46 -22.62
CA ARG E 4 15.23 -39.49 -21.51
C ARG E 4 15.95 -39.19 -20.19
N PHE E 5 17.13 -39.77 -19.99
CA PHE E 5 17.94 -39.50 -18.76
C PHE E 5 18.44 -38.06 -18.80
N ALA F 22 13.41 29.94 -64.64
CA ALA F 22 12.11 30.32 -64.11
C ALA F 22 11.13 29.16 -64.16
N LYS F 23 10.96 28.48 -63.02
CA LYS F 23 10.07 27.34 -62.92
C LYS F 23 8.64 27.75 -62.59
N TYR F 24 8.46 28.78 -61.78
CA TYR F 24 7.13 29.27 -61.42
C TYR F 24 7.08 30.78 -61.61
N THR F 25 5.87 31.27 -61.85
CA THR F 25 5.59 32.70 -61.94
C THR F 25 4.63 33.09 -60.83
N LYS F 26 4.33 34.40 -60.75
CA LYS F 26 3.40 34.88 -59.72
C LYS F 26 2.03 34.25 -59.90
N GLU F 27 1.55 34.18 -61.15
CA GLU F 27 0.25 33.59 -61.42
C GLU F 27 0.21 32.12 -61.01
N ASP F 28 1.30 31.40 -61.26
CA ASP F 28 1.38 30.01 -60.83
C ASP F 28 1.27 29.90 -59.32
N ILE F 29 1.95 30.79 -58.59
CA ILE F 29 1.89 30.75 -57.13
C ILE F 29 0.49 31.04 -56.64
N PHE F 30 -0.17 32.03 -57.23
CA PHE F 30 -1.55 32.34 -56.85
C PHE F 30 -2.47 31.17 -57.12
N ARG F 31 -2.32 30.53 -58.28
CA ARG F 31 -3.14 29.38 -58.61
C ARG F 31 -2.91 28.23 -57.64
N PHE F 32 -1.64 27.97 -57.27
CA PHE F 32 -1.34 26.92 -56.31
C PHE F 32 -1.97 27.24 -54.96
N ALA F 33 -1.86 28.48 -54.50
CA ALA F 33 -2.42 28.85 -53.22
C ALA F 33 -3.94 28.70 -53.23
N ASP F 34 -4.58 29.06 -54.34
CA ASP F 34 -6.03 28.92 -54.42
C ASP F 34 -6.45 27.45 -54.44
N GLU F 35 -5.77 26.63 -55.25
CA GLU F 35 -6.24 25.26 -55.45
C GLU F 35 -5.91 24.34 -54.28
N GLN F 36 -4.75 24.50 -53.65
CA GLN F 36 -4.41 23.64 -52.52
C GLN F 36 -4.97 24.15 -51.20
N ASN F 37 -5.63 25.30 -51.20
CA ASN F 37 -6.28 25.84 -50.00
C ASN F 37 -5.29 26.03 -48.86
N VAL F 38 -4.32 26.92 -49.09
CA VAL F 38 -3.34 27.26 -48.08
C VAL F 38 -3.75 28.59 -47.43
N LYS F 39 -3.63 28.64 -46.11
CA LYS F 39 -3.97 29.84 -45.35
C LYS F 39 -2.78 30.45 -44.63
N PHE F 40 -1.64 29.76 -44.66
CA PHE F 40 -0.42 30.27 -43.97
C PHE F 40 0.82 30.08 -44.86
N ILE F 41 1.67 31.11 -44.94
CA ILE F 41 2.92 31.02 -45.75
C ILE F 41 4.11 31.39 -44.84
N ARG F 42 5.12 30.51 -44.75
CA ARG F 42 6.30 30.76 -43.89
C ARG F 42 7.45 31.30 -44.75
N LEU F 43 7.65 32.62 -44.78
CA LEU F 43 8.75 33.20 -45.53
C LEU F 43 10.02 32.98 -44.71
N GLN F 44 10.85 32.04 -45.14
CA GLN F 44 11.96 31.58 -44.32
C GLN F 44 13.31 31.97 -44.92
N PHE F 45 14.31 31.97 -44.06
CA PHE F 45 15.67 32.33 -44.40
C PHE F 45 16.60 31.69 -43.37
N THR F 46 17.90 31.88 -43.57
CA THR F 46 18.91 31.28 -42.71
C THR F 46 19.82 32.37 -42.16
N ASP F 47 20.07 32.33 -40.85
CA ASP F 47 20.93 33.32 -40.22
C ASP F 47 22.39 32.89 -40.33
N ILE F 48 23.28 33.63 -39.69
CA ILE F 48 24.71 33.31 -39.76
C ILE F 48 25.00 31.97 -39.11
N LEU F 49 24.36 31.70 -37.97
CA LEU F 49 24.68 30.45 -37.21
C LEU F 49 24.02 29.22 -37.84
N GLY F 50 23.26 29.38 -38.92
CA GLY F 50 22.67 28.26 -39.61
C GLY F 50 21.27 27.89 -39.16
N ILE F 51 20.72 28.60 -38.17
CA ILE F 51 19.37 28.30 -37.71
C ILE F 51 18.36 28.83 -38.72
N ILE F 52 17.37 28.00 -39.05
CA ILE F 52 16.32 28.39 -39.98
C ILE F 52 15.33 29.27 -39.25
N LYS F 53 15.14 30.49 -39.74
CA LYS F 53 14.19 31.43 -39.17
C LYS F 53 13.15 31.78 -40.22
N ASN F 54 12.03 32.36 -39.78
CA ASN F 54 10.93 32.62 -40.74
C ASN F 54 9.94 33.65 -40.22
N VAL F 55 9.24 34.34 -41.13
CA VAL F 55 8.14 35.26 -40.70
C VAL F 55 6.86 34.61 -41.24
N GLU F 56 5.80 34.56 -40.42
CA GLU F 56 4.58 33.83 -40.84
C GLU F 56 3.49 34.82 -41.25
N ILE F 57 2.95 34.68 -42.46
CA ILE F 57 1.93 35.64 -42.98
C ILE F 57 0.70 34.87 -43.46
N PRO F 58 -0.54 35.40 -43.32
CA PRO F 58 -1.73 34.75 -43.87
C PRO F 58 -1.71 34.80 -45.39
N VAL F 59 -2.55 33.96 -45.99
CA VAL F 59 -2.59 33.88 -47.46
C VAL F 59 -3.07 35.21 -48.04
N SER F 60 -3.86 35.98 -47.28
CA SER F 60 -4.35 37.25 -47.78
C SER F 60 -3.24 38.25 -48.05
N GLN F 61 -2.08 38.08 -47.41
CA GLN F 61 -0.93 38.95 -47.64
C GLN F 61 -0.03 38.43 -48.75
N LEU F 62 -0.36 37.28 -49.35
CA LEU F 62 0.54 36.64 -50.30
C LEU F 62 0.90 37.58 -51.44
N LYS F 63 -0.08 38.30 -51.98
CA LYS F 63 0.20 39.24 -53.06
C LYS F 63 1.27 40.24 -52.64
N LYS F 64 1.13 40.82 -51.45
CA LYS F 64 2.14 41.75 -50.96
C LYS F 64 3.50 41.05 -50.85
N ALA F 65 3.50 39.80 -50.39
CA ALA F 65 4.74 39.05 -50.31
C ALA F 65 5.39 38.90 -51.68
N LEU F 66 4.57 38.75 -52.72
CA LEU F 66 5.11 38.63 -54.06
C LEU F 66 5.49 39.97 -54.66
N ASP F 67 5.16 41.07 -54.00
CA ASP F 67 5.55 42.40 -54.45
C ASP F 67 6.85 42.87 -53.81
N ASN F 68 7.50 42.02 -53.01
CA ASN F 68 8.75 42.37 -52.33
C ASN F 68 8.57 43.61 -51.45
N LYS F 69 7.46 43.65 -50.73
CA LYS F 69 7.14 44.79 -49.87
C LYS F 69 7.09 44.44 -48.38
N ILE F 70 7.40 43.19 -48.02
CA ILE F 70 7.37 42.80 -46.61
C ILE F 70 8.62 43.30 -45.91
N MET F 71 8.45 44.00 -44.79
CA MET F 71 9.53 44.47 -43.96
C MET F 71 9.68 43.58 -42.73
N PHE F 72 10.92 43.40 -42.29
CA PHE F 72 11.19 42.66 -41.07
C PHE F 72 12.50 43.15 -40.47
N ASP F 73 12.88 42.58 -39.34
CA ASP F 73 14.09 42.96 -38.62
C ASP F 73 15.25 42.12 -39.15
N GLY F 74 16.17 42.76 -39.88
CA GLY F 74 17.31 42.05 -40.42
C GLY F 74 18.33 41.65 -39.39
N SER F 75 18.35 42.31 -38.24
CA SER F 75 19.33 42.00 -37.20
C SER F 75 19.22 40.56 -36.72
N SER F 76 18.06 39.93 -36.89
CA SER F 76 17.91 38.53 -36.51
C SER F 76 18.87 37.64 -37.27
N ILE F 77 19.26 38.05 -38.49
CA ILE F 77 20.24 37.28 -39.25
C ILE F 77 21.55 37.20 -38.49
N GLU F 78 21.91 38.26 -37.76
CA GLU F 78 23.13 38.25 -36.97
C GLU F 78 23.08 37.27 -35.81
N GLY F 79 21.90 36.73 -35.48
CA GLY F 79 21.80 35.78 -34.39
C GLY F 79 21.64 36.44 -33.04
N PHE F 80 22.33 35.88 -32.04
CA PHE F 80 22.19 36.41 -30.65
C PHE F 80 23.08 37.64 -30.47
N VAL F 81 24.05 37.86 -31.37
CA VAL F 81 24.99 39.01 -31.23
C VAL F 81 24.39 40.26 -31.86
N ARG F 82 23.08 40.26 -32.13
CA ARG F 82 22.42 41.44 -32.68
C ARG F 82 22.36 42.55 -31.64
N ILE F 83 22.46 43.79 -32.12
CA ILE F 83 22.48 44.95 -31.24
C ILE F 83 21.35 45.90 -31.60
N GLU F 84 21.36 46.40 -32.83
CA GLU F 84 20.44 47.43 -33.27
C GLU F 84 19.45 46.86 -34.28
N GLU F 85 18.19 47.22 -34.12
CA GLU F 85 17.15 46.80 -35.07
C GLU F 85 17.37 47.48 -36.42
N SER F 86 17.29 46.69 -37.48
CA SER F 86 17.46 47.18 -38.84
C SER F 86 16.35 46.64 -39.72
N ASP F 87 15.68 47.53 -40.44
CA ASP F 87 14.58 47.14 -41.32
C ASP F 87 15.13 46.60 -42.63
N MET F 88 14.54 45.51 -43.11
CA MET F 88 15.01 44.90 -44.35
C MET F 88 13.84 44.24 -45.07
N TYR F 89 13.95 44.15 -46.39
CA TYR F 89 12.92 43.57 -47.22
C TYR F 89 13.08 42.05 -47.26
N LEU F 90 12.08 41.39 -47.85
CA LEU F 90 11.96 39.94 -47.79
C LEU F 90 11.63 39.37 -49.17
N PHE F 91 12.43 39.75 -50.17
CA PHE F 91 12.33 39.22 -51.53
C PHE F 91 12.25 37.69 -51.54
N PRO F 92 11.11 37.11 -51.89
CA PRO F 92 10.99 35.66 -51.91
C PRO F 92 11.46 35.06 -53.23
N ASP F 93 11.69 33.75 -53.21
CA ASP F 93 12.08 32.99 -54.39
C ASP F 93 10.91 32.12 -54.81
N LEU F 94 10.45 32.32 -56.05
CA LEU F 94 9.25 31.62 -56.51
C LEU F 94 9.51 30.13 -56.69
N ASP F 95 10.72 29.76 -57.11
CA ASP F 95 11.03 28.36 -57.40
C ASP F 95 11.07 27.49 -56.16
N THR F 96 11.08 28.08 -54.97
CA THR F 96 11.17 27.33 -53.73
C THR F 96 9.82 27.09 -53.07
N TRP F 97 8.73 27.23 -53.84
CA TRP F 97 7.40 27.03 -53.28
C TRP F 97 7.17 25.56 -52.98
N VAL F 98 6.98 25.23 -51.71
CA VAL F 98 6.73 23.86 -51.28
C VAL F 98 5.58 23.88 -50.28
N VAL F 99 4.61 23.00 -50.47
CA VAL F 99 3.45 22.89 -49.59
C VAL F 99 3.69 21.72 -48.64
N PHE F 100 3.62 21.97 -47.34
CA PHE F 100 3.83 20.93 -46.36
C PHE F 100 2.64 19.98 -46.33
N PRO F 101 2.86 18.69 -46.15
CA PRO F 101 1.72 17.75 -46.10
C PRO F 101 1.09 17.60 -44.72
N TRP F 102 1.85 17.83 -43.66
CA TRP F 102 1.36 17.65 -42.29
C TRP F 102 0.71 18.96 -41.81
N THR F 103 -0.42 19.31 -42.44
CA THR F 103 -1.10 20.54 -42.06
C THR F 103 -2.57 20.35 -41.70
N ALA F 104 -3.06 19.12 -41.56
CA ALA F 104 -4.46 18.85 -41.22
C ALA F 104 -5.35 19.45 -42.31
N GLU F 105 -6.56 19.89 -41.94
CA GLU F 105 -7.51 20.43 -42.90
C GLU F 105 -7.82 21.90 -42.70
N LYS F 106 -7.43 22.48 -41.56
CA LYS F 106 -7.71 23.89 -41.31
C LYS F 106 -6.68 24.76 -42.03
N GLY F 107 -6.62 24.66 -43.35
CA GLY F 107 -5.66 25.41 -44.12
C GLY F 107 -4.29 24.77 -44.14
N LYS F 108 -3.63 24.77 -45.30
CA LYS F 108 -2.31 24.18 -45.44
C LYS F 108 -1.24 25.25 -45.23
N VAL F 109 0.01 24.81 -45.11
CA VAL F 109 1.15 25.69 -44.88
C VAL F 109 2.14 25.49 -46.01
N ALA F 110 2.61 26.59 -46.58
CA ALA F 110 3.61 26.58 -47.63
C ALA F 110 4.74 27.52 -47.27
N ARG F 111 5.91 27.28 -47.85
CA ARG F 111 7.08 28.10 -47.56
C ARG F 111 7.76 28.51 -48.85
N MET F 112 8.49 29.62 -48.78
CA MET F 112 9.39 30.06 -49.85
C MET F 112 10.63 30.66 -49.22
N ILE F 113 11.80 30.18 -49.61
CA ILE F 113 13.04 30.78 -49.16
C ILE F 113 13.15 32.18 -49.75
N CYS F 114 13.48 33.15 -48.91
CA CYS F 114 13.49 34.55 -49.30
C CYS F 114 14.90 35.13 -49.24
N ASP F 115 15.16 36.09 -50.12
CA ASP F 115 16.38 36.88 -50.08
C ASP F 115 16.15 38.12 -49.23
N ILE F 116 17.24 38.62 -48.65
CA ILE F 116 17.20 39.78 -47.78
C ILE F 116 17.77 40.97 -48.55
N TYR F 117 17.02 42.06 -48.59
CA TYR F 117 17.40 43.25 -49.34
C TYR F 117 17.38 44.47 -48.44
N ASN F 118 18.32 45.37 -48.67
CA ASN F 118 18.34 46.63 -47.95
C ASN F 118 17.17 47.51 -48.40
N PRO F 119 16.78 48.48 -47.58
CA PRO F 119 15.70 49.39 -47.99
C PRO F 119 16.02 50.17 -49.25
N ASP F 120 17.28 50.29 -49.64
CA ASP F 120 17.67 50.95 -50.87
C ASP F 120 17.76 49.97 -52.04
N MET F 121 16.98 48.88 -51.98
CA MET F 121 16.81 47.95 -53.09
C MET F 121 18.10 47.22 -53.44
N THR F 122 18.96 47.00 -52.45
CA THR F 122 20.24 46.33 -52.64
C THR F 122 20.31 45.10 -51.75
N PRO F 123 20.79 43.97 -52.26
CA PRO F 123 20.86 42.76 -51.42
C PRO F 123 21.73 42.97 -50.21
N PHE F 124 21.31 42.39 -49.08
CA PHE F 124 22.02 42.58 -47.83
C PHE F 124 23.33 41.79 -47.84
N ALA F 125 24.42 42.45 -47.46
CA ALA F 125 25.72 41.80 -47.45
C ALA F 125 25.84 40.77 -46.33
N GLY F 126 25.05 40.89 -45.27
CA GLY F 126 25.09 39.96 -44.17
C GLY F 126 24.25 38.72 -44.34
N ASP F 127 23.60 38.55 -45.49
CA ASP F 127 22.79 37.37 -45.74
C ASP F 127 23.66 36.28 -46.35
N PRO F 128 23.73 35.09 -45.75
CA PRO F 128 24.56 34.03 -46.35
C PRO F 128 24.17 33.67 -47.77
N ARG F 129 22.87 33.66 -48.08
CA ARG F 129 22.44 33.33 -49.42
C ARG F 129 22.90 34.38 -50.43
N ALA F 130 22.81 35.66 -50.06
CA ALA F 130 23.28 36.72 -50.95
C ALA F 130 24.79 36.64 -51.13
N ASN F 131 25.51 36.29 -50.07
CA ASN F 131 26.96 36.12 -50.19
C ASN F 131 27.30 34.98 -51.14
N LEU F 132 26.57 33.86 -51.05
CA LEU F 132 26.80 32.76 -51.96
C LEU F 132 26.48 33.17 -53.40
N LYS F 133 25.43 33.96 -53.58
CA LYS F 133 25.11 34.44 -54.92
C LYS F 133 26.22 35.34 -55.47
N ARG F 134 26.80 36.18 -54.62
CA ARG F 134 27.91 37.03 -55.04
C ARG F 134 29.12 36.19 -55.44
N VAL F 135 29.44 35.16 -54.66
CA VAL F 135 30.57 34.30 -55.00
C VAL F 135 30.30 33.56 -56.32
N LEU F 136 29.06 33.11 -56.52
CA LEU F 136 28.71 32.47 -57.78
C LEU F 136 28.83 33.43 -58.95
N LYS F 137 28.48 34.70 -58.73
CA LYS F 137 28.66 35.71 -59.76
C LYS F 137 30.13 35.88 -60.11
N GLU F 138 30.99 35.88 -59.10
CA GLU F 138 32.43 35.94 -59.36
C GLU F 138 32.89 34.73 -60.17
N MET F 139 32.41 33.54 -59.81
CA MET F 139 32.78 32.34 -60.55
C MET F 139 32.33 32.42 -62.01
N GLU F 140 31.11 32.89 -62.24
CA GLU F 140 30.63 33.07 -63.61
C GLU F 140 31.45 34.11 -64.35
N GLU F 141 31.92 35.14 -63.64
CA GLU F 141 32.81 36.11 -64.26
C GLU F 141 34.12 35.47 -64.70
N LEU F 142 34.63 34.52 -63.91
CA LEU F 142 35.87 33.87 -64.32
C LEU F 142 35.69 32.94 -65.53
N GLY F 143 34.47 32.50 -65.82
CA GLY F 143 34.24 31.74 -67.04
C GLY F 143 33.42 30.47 -66.91
N PHE F 144 33.13 30.08 -65.68
CA PHE F 144 32.37 28.85 -65.44
C PHE F 144 30.88 29.14 -65.38
N THR F 145 30.08 28.08 -65.52
CA THR F 145 28.62 28.21 -65.56
C THR F 145 27.96 27.87 -64.23
N GLU F 146 28.23 26.68 -63.69
CA GLU F 146 27.54 26.25 -62.48
C GLU F 146 28.48 25.45 -61.58
N PHE F 147 28.09 25.36 -60.32
CA PHE F 147 28.83 24.65 -59.27
C PHE F 147 27.90 23.59 -58.69
N ASN F 148 27.92 22.39 -59.25
CA ASN F 148 27.05 21.33 -58.77
C ASN F 148 27.58 20.75 -57.47
N LEU F 149 26.67 20.46 -56.55
CA LEU F 149 27.03 19.94 -55.25
C LEU F 149 26.09 18.80 -54.87
N GLY F 150 26.67 17.74 -54.31
CA GLY F 150 25.90 16.67 -53.72
C GLY F 150 26.36 16.42 -52.30
N PRO F 151 25.48 16.64 -51.33
CA PRO F 151 25.83 16.40 -49.93
C PRO F 151 25.48 15.00 -49.47
N GLU F 152 26.20 14.54 -48.46
CA GLU F 152 25.95 13.24 -47.85
C GLU F 152 25.75 13.41 -46.35
N PRO F 153 24.58 13.90 -45.93
CA PRO F 153 24.35 14.15 -44.51
C PRO F 153 24.04 12.86 -43.76
N GLU F 154 24.54 12.78 -42.53
CA GLU F 154 24.30 11.66 -41.63
C GLU F 154 23.66 12.16 -40.35
N PHE F 155 22.71 11.40 -39.82
CA PHE F 155 22.00 11.84 -38.62
C PHE F 155 21.80 10.67 -37.66
N PHE F 156 21.62 11.01 -36.39
CA PHE F 156 21.38 10.04 -35.34
C PHE F 156 19.92 10.10 -34.90
N LEU F 157 19.39 8.94 -34.53
CA LEU F 157 18.02 8.82 -34.03
C LEU F 157 18.06 8.33 -32.59
N PHE F 158 17.40 9.08 -31.70
CA PHE F 158 17.36 8.76 -30.28
C PHE F 158 15.91 8.58 -29.85
N LYS F 159 15.70 7.73 -28.85
CA LYS F 159 14.36 7.51 -28.33
C LYS F 159 13.98 8.63 -27.37
N LEU F 160 12.72 9.05 -27.45
CA LEU F 160 12.21 10.09 -26.56
C LEU F 160 11.78 9.49 -25.22
N ASP F 161 11.72 10.36 -24.21
CA ASP F 161 11.35 9.94 -22.87
C ASP F 161 9.83 10.07 -22.70
N GLU F 162 9.36 9.89 -21.46
CA GLU F 162 7.93 10.04 -21.18
C GLU F 162 7.47 11.47 -21.41
N ASN F 163 8.31 12.45 -21.03
CA ASN F 163 8.00 13.86 -21.20
C ASN F 163 8.40 14.39 -22.59
N ARG F 164 8.52 13.49 -23.57
CA ARG F 164 8.89 13.87 -24.94
C ARG F 164 10.22 14.61 -24.97
N ARG F 165 11.17 14.15 -24.16
CA ARG F 165 12.51 14.70 -24.15
C ARG F 165 13.50 13.67 -24.70
N PRO F 166 14.49 14.09 -25.48
CA PRO F 166 15.45 13.13 -26.03
C PRO F 166 16.24 12.44 -24.94
N THR F 167 16.53 11.17 -25.15
CA THR F 167 17.35 10.38 -24.25
C THR F 167 18.66 10.02 -24.96
N LEU F 168 19.49 9.22 -24.31
CA LEU F 168 20.75 8.78 -24.88
C LEU F 168 20.68 7.38 -25.47
N GLU F 169 19.47 6.82 -25.59
CA GLU F 169 19.31 5.48 -26.11
C GLU F 169 19.00 5.53 -27.59
N LEU F 170 19.80 4.81 -28.38
CA LEU F 170 19.63 4.79 -29.83
C LEU F 170 18.44 3.93 -30.22
N ASN F 171 17.91 4.18 -31.41
CA ASN F 171 16.70 3.48 -31.85
C ASN F 171 17.00 2.04 -32.25
N ASP F 172 18.19 1.77 -32.78
CA ASP F 172 18.55 0.40 -33.15
C ASP F 172 20.06 0.23 -33.07
N SER F 173 20.48 -1.02 -32.89
CA SER F 173 21.89 -1.37 -32.86
C SER F 173 22.31 -1.96 -34.21
N GLY F 174 22.30 -1.08 -35.22
CA GLY F 174 22.59 -1.47 -36.58
C GLY F 174 24.06 -1.45 -36.90
N GLY F 175 24.37 -1.58 -38.18
CA GLY F 175 25.73 -1.61 -38.67
C GLY F 175 25.83 -0.93 -40.01
N TYR F 176 27.02 -0.96 -40.58
CA TYR F 176 27.29 -0.29 -41.84
C TYR F 176 26.62 -1.05 -42.99
N PHE F 177 25.68 -0.40 -43.66
CA PHE F 177 24.92 -0.97 -44.77
C PHE F 177 24.12 -2.19 -44.36
N ASP F 178 23.85 -2.34 -43.07
CA ASP F 178 23.14 -3.52 -42.58
C ASP F 178 21.64 -3.35 -42.75
N LEU F 179 20.95 -4.48 -42.88
CA LEU F 179 19.49 -4.49 -42.94
C LEU F 179 18.93 -4.60 -41.53
N ALA F 180 19.25 -3.59 -40.73
CA ALA F 180 18.95 -3.59 -39.30
C ALA F 180 17.49 -3.24 -38.99
N PRO F 181 16.95 -2.12 -39.49
CA PRO F 181 15.55 -1.80 -39.14
C PRO F 181 14.56 -2.84 -39.63
N THR F 182 14.85 -3.52 -40.74
CA THR F 182 14.00 -4.57 -41.30
C THR F 182 12.59 -4.09 -41.61
N ASP F 183 11.70 -5.02 -41.89
CA ASP F 183 10.31 -4.75 -42.23
C ASP F 183 9.45 -4.81 -40.97
N LEU F 184 8.13 -4.90 -41.17
CA LEU F 184 7.16 -5.05 -40.09
C LEU F 184 7.17 -3.85 -39.15
N GLY F 185 6.89 -2.67 -39.70
CA GLY F 185 6.76 -1.48 -38.88
C GLY F 185 8.08 -0.81 -38.59
N GLU F 186 7.98 0.31 -37.87
CA GLU F 186 9.12 1.17 -37.51
C GLU F 186 9.83 1.55 -38.81
N ASN F 187 11.14 1.35 -38.93
CA ASN F 187 11.91 1.73 -40.10
C ASN F 187 11.68 3.20 -40.45
N CYS F 188 12.08 4.07 -39.52
CA CYS F 188 11.85 5.50 -39.68
C CYS F 188 12.56 6.05 -40.92
N ARG F 189 13.67 5.41 -41.31
CA ARG F 189 14.41 5.85 -42.52
C ARG F 189 13.51 5.68 -43.75
N ARG F 190 12.79 4.56 -43.84
CA ARG F 190 11.90 4.32 -44.98
C ARG F 190 10.77 5.35 -45.03
N ASP F 191 10.16 5.64 -43.88
CA ASP F 191 9.09 6.64 -43.86
C ASP F 191 9.62 8.01 -44.24
N ILE F 192 10.81 8.35 -43.73
CA ILE F 192 11.40 9.66 -44.03
C ILE F 192 11.66 9.80 -45.52
N VAL F 193 12.25 8.77 -46.13
CA VAL F 193 12.56 8.86 -47.56
C VAL F 193 11.29 8.87 -48.38
N LEU F 194 10.26 8.13 -47.94
CA LEU F 194 9.00 8.14 -48.68
C LEU F 194 8.35 9.52 -48.65
N GLU F 195 8.30 10.16 -47.48
CA GLU F 195 7.71 11.48 -47.41
C GLU F 195 8.56 12.53 -48.13
N LEU F 196 9.89 12.36 -48.12
CA LEU F 196 10.74 13.26 -48.90
C LEU F 196 10.47 13.13 -50.39
N GLU F 197 10.31 11.88 -50.87
CA GLU F 197 9.96 11.68 -52.27
C GLU F 197 8.60 12.30 -52.59
N GLU F 198 7.64 12.14 -51.69
CA GLU F 198 6.32 12.74 -51.90
C GLU F 198 6.41 14.26 -51.97
N MET F 199 7.22 14.88 -51.09
CA MET F 199 7.35 16.32 -51.06
C MET F 199 8.09 16.88 -52.28
N GLY F 200 8.72 16.02 -53.08
CA GLY F 200 9.42 16.49 -54.27
C GLY F 200 10.91 16.63 -54.07
N PHE F 201 11.53 15.63 -53.46
CA PHE F 201 12.98 15.59 -53.26
C PHE F 201 13.57 14.51 -54.15
N GLU F 202 14.75 14.80 -54.69
CA GLU F 202 15.47 13.85 -55.54
C GLU F 202 16.43 13.06 -54.65
N ILE F 203 15.98 11.89 -54.21
CA ILE F 203 16.77 11.04 -53.33
C ILE F 203 17.44 9.96 -54.16
N GLU F 204 18.76 9.87 -54.04
CA GLU F 204 19.53 8.86 -54.81
C GLU F 204 19.47 7.52 -54.06
N ALA F 205 19.89 7.51 -52.79
CA ALA F 205 19.92 6.27 -51.99
C ALA F 205 19.75 6.57 -50.50
N SER F 206 19.64 5.53 -49.67
CA SER F 206 19.50 5.70 -48.20
C SER F 206 20.00 4.43 -47.51
N HIS F 207 20.86 4.57 -46.50
CA HIS F 207 21.46 3.36 -45.86
C HIS F 207 21.83 3.59 -44.40
N HIS F 208 22.15 2.51 -43.68
CA HIS F 208 22.55 2.58 -42.28
C HIS F 208 24.05 2.84 -42.19
N GLU F 209 24.45 3.73 -41.30
CA GLU F 209 25.85 4.10 -41.18
C GLU F 209 26.56 3.18 -40.18
N VAL F 210 27.84 3.43 -39.96
CA VAL F 210 28.65 2.55 -39.12
C VAL F 210 28.12 2.53 -37.69
N ALA F 211 27.84 3.70 -37.14
CA ALA F 211 27.39 3.79 -35.76
C ALA F 211 25.97 3.25 -35.63
N PRO F 212 25.65 2.62 -34.50
CA PRO F 212 24.26 2.24 -34.24
C PRO F 212 23.36 3.46 -34.20
N GLY F 213 22.17 3.32 -34.77
CA GLY F 213 21.24 4.43 -34.80
C GLY F 213 21.63 5.57 -35.71
N GLN F 214 22.62 5.39 -36.58
CA GLN F 214 23.09 6.43 -37.48
C GLN F 214 22.66 6.08 -38.91
N HIS F 215 22.06 7.03 -39.60
CA HIS F 215 21.53 6.80 -40.94
C HIS F 215 21.99 7.89 -41.88
N GLU F 216 22.14 7.53 -43.15
CA GLU F 216 22.55 8.47 -44.18
C GLU F 216 21.57 8.40 -45.35
N ILE F 217 21.22 9.57 -45.89
CA ILE F 217 20.38 9.69 -47.07
C ILE F 217 21.11 10.58 -48.07
N ASP F 218 21.24 10.12 -49.30
CA ASP F 218 21.99 10.82 -50.34
C ASP F 218 21.04 11.58 -51.26
N PHE F 219 21.52 12.70 -51.77
CA PHE F 219 20.74 13.57 -52.66
C PHE F 219 21.26 13.46 -54.09
N LYS F 220 20.48 14.02 -55.01
CA LYS F 220 20.93 14.22 -56.37
C LYS F 220 21.71 15.53 -56.45
N TYR F 221 22.53 15.65 -57.49
CA TYR F 221 23.42 16.80 -57.63
C TYR F 221 22.68 17.94 -58.30
N GLU F 222 22.53 19.05 -57.58
CA GLU F 222 21.87 20.24 -58.08
C GLU F 222 22.83 21.43 -57.98
N ASP F 223 22.30 22.62 -58.26
CA ASP F 223 23.09 23.84 -58.12
C ASP F 223 23.41 24.10 -56.66
N ALA F 224 24.34 25.03 -56.44
CA ALA F 224 24.78 25.33 -55.09
C ALA F 224 23.63 25.83 -54.22
N ILE F 225 22.90 26.84 -54.72
CA ILE F 225 21.82 27.43 -53.94
C ILE F 225 20.71 26.42 -53.72
N THR F 226 20.35 25.68 -54.77
CA THR F 226 19.30 24.67 -54.64
C THR F 226 19.72 23.57 -53.69
N ALA F 227 21.01 23.16 -53.75
CA ALA F 227 21.49 22.13 -52.83
C ALA F 227 21.42 22.60 -51.39
N CYS F 228 21.82 23.85 -51.12
CA CYS F 228 21.76 24.37 -49.75
C CYS F 228 20.31 24.45 -49.26
N ASP F 229 19.41 24.93 -50.11
CA ASP F 229 18.00 24.98 -49.73
C ASP F 229 17.46 23.59 -49.44
N SER F 230 17.84 22.61 -50.27
CA SER F 230 17.41 21.24 -50.04
C SER F 230 17.98 20.70 -48.73
N ILE F 231 19.21 21.09 -48.39
CA ILE F 231 19.80 20.66 -47.12
C ILE F 231 18.99 21.18 -45.94
N GLN F 232 18.65 22.47 -45.98
CA GLN F 232 17.88 23.06 -44.88
C GLN F 232 16.51 22.40 -44.77
N THR F 233 15.82 22.25 -45.91
CA THR F 233 14.51 21.63 -45.90
C THR F 233 14.59 20.18 -45.43
N PHE F 234 15.65 19.47 -45.81
CA PHE F 234 15.84 18.09 -45.39
C PHE F 234 16.00 18.00 -43.88
N LYS F 235 16.80 18.90 -43.30
CA LYS F 235 16.94 18.92 -41.85
C LYS F 235 15.59 19.14 -41.17
N LEU F 236 14.84 20.14 -41.65
CA LEU F 236 13.55 20.45 -41.04
C LEU F 236 12.60 19.25 -41.13
N VAL F 237 12.50 18.65 -42.32
CA VAL F 237 11.55 17.57 -42.55
C VAL F 237 11.95 16.34 -41.74
N VAL F 238 13.25 16.03 -41.69
CA VAL F 238 13.70 14.86 -40.93
C VAL F 238 13.39 15.05 -39.46
N LYS F 239 13.66 16.24 -38.91
CA LYS F 239 13.36 16.47 -37.51
C LYS F 239 11.86 16.33 -37.24
N THR F 240 11.02 16.90 -38.10
CA THR F 240 9.59 16.83 -37.89
C THR F 240 9.08 15.40 -37.95
N ILE F 241 9.53 14.63 -38.95
CA ILE F 241 9.05 13.26 -39.10
C ILE F 241 9.53 12.39 -37.95
N ALA F 242 10.79 12.58 -37.52
CA ALA F 242 11.28 11.81 -36.38
C ALA F 242 10.49 12.13 -35.13
N ARG F 243 10.15 13.41 -34.91
CA ARG F 243 9.29 13.77 -33.79
C ARG F 243 7.92 13.12 -33.92
N LYS F 244 7.42 12.92 -35.15
CA LYS F 244 6.10 12.26 -35.35
C LYS F 244 6.13 10.86 -34.77
N HIS F 245 7.19 10.11 -35.06
CA HIS F 245 7.27 8.72 -34.62
C HIS F 245 7.91 8.55 -33.25
N GLY F 246 7.85 9.58 -32.42
CA GLY F 246 8.42 9.48 -31.08
C GLY F 246 9.91 9.30 -31.06
N LEU F 247 10.62 10.02 -31.92
CA LEU F 247 12.08 9.95 -32.00
C LEU F 247 12.65 11.35 -32.11
N HIS F 248 13.92 11.48 -31.76
CA HIS F 248 14.66 12.73 -31.88
C HIS F 248 15.77 12.53 -32.90
N ALA F 249 15.72 13.28 -34.00
CA ALA F 249 16.74 13.23 -35.03
C ALA F 249 17.72 14.37 -34.78
N THR F 250 18.98 14.03 -34.59
CA THR F 250 20.00 15.02 -34.29
C THR F 250 21.11 14.98 -35.35
N PHE F 251 21.59 16.17 -35.71
CA PHE F 251 22.69 16.35 -36.63
C PHE F 251 23.96 16.83 -35.91
N MET F 252 24.08 16.54 -34.62
CA MET F 252 25.29 16.89 -33.90
C MET F 252 26.47 16.11 -34.47
N PRO F 253 27.62 16.75 -34.67
CA PRO F 253 28.76 16.03 -35.25
C PRO F 253 29.21 14.82 -34.44
N LYS F 254 29.13 14.88 -33.11
CA LYS F 254 29.60 13.79 -32.26
C LYS F 254 28.74 13.74 -31.01
N PRO F 255 27.54 13.18 -31.09
CA PRO F 255 26.69 13.09 -29.89
C PRO F 255 27.25 12.19 -28.81
N LEU F 256 28.00 11.16 -29.17
CA LEU F 256 28.49 10.17 -28.20
C LEU F 256 29.99 9.97 -28.39
N PHE F 257 30.65 9.63 -27.29
CA PHE F 257 32.09 9.38 -27.30
C PHE F 257 32.37 7.93 -27.65
N GLY F 258 33.47 7.69 -28.36
CA GLY F 258 33.86 6.35 -28.74
C GLY F 258 33.04 5.75 -29.86
N VAL F 259 32.20 6.55 -30.52
CA VAL F 259 31.34 6.07 -31.60
C VAL F 259 31.58 6.98 -32.80
N ASN F 260 31.28 6.46 -33.99
CA ASN F 260 31.48 7.24 -35.20
C ASN F 260 30.65 8.52 -35.18
N GLY F 261 31.22 9.60 -35.69
CA GLY F 261 30.54 10.86 -35.77
C GLY F 261 29.70 10.97 -37.04
N SER F 262 29.05 12.13 -37.18
CA SER F 262 28.20 12.43 -38.32
C SER F 262 28.90 13.42 -39.23
N GLY F 263 28.92 13.13 -40.53
CA GLY F 263 29.55 14.01 -41.49
C GLY F 263 28.61 14.43 -42.60
N MET F 264 29.00 15.45 -43.36
CA MET F 264 28.21 15.98 -44.46
C MET F 264 29.12 16.16 -45.68
N HIS F 265 29.79 15.08 -46.07
CA HIS F 265 30.70 15.12 -47.21
C HIS F 265 30.07 15.82 -48.40
N PHE F 266 30.84 16.73 -49.00
CA PHE F 266 30.39 17.52 -50.15
C PHE F 266 31.10 17.03 -51.40
N ASN F 267 30.34 16.59 -52.39
CA ASN F 267 30.89 16.22 -53.70
C ASN F 267 30.60 17.39 -54.64
N MET F 268 31.64 18.12 -55.00
CA MET F 268 31.50 19.33 -55.81
C MET F 268 32.09 19.11 -57.20
N SER F 269 31.41 19.67 -58.20
CA SER F 269 31.88 19.65 -59.57
C SER F 269 31.65 21.01 -60.20
N LEU F 270 32.57 21.43 -61.05
CA LEU F 270 32.51 22.73 -61.71
C LEU F 270 32.22 22.53 -63.19
N PHE F 271 31.26 23.29 -63.71
CA PHE F 271 30.81 23.11 -65.08
C PHE F 271 31.11 24.36 -65.90
N ASN F 272 31.28 24.16 -67.22
CA ASN F 272 31.42 25.27 -68.15
C ASN F 272 30.48 25.08 -69.33
N GLU F 273 30.66 25.87 -70.38
CA GLU F 273 29.78 25.75 -71.55
C GLU F 273 29.93 24.38 -72.21
N LYS F 274 31.17 23.89 -72.32
CA LYS F 274 31.40 22.60 -72.95
C LYS F 274 30.80 21.46 -72.12
N GLY F 275 31.10 21.45 -70.82
CA GLY F 275 30.60 20.40 -69.95
C GLY F 275 31.25 20.43 -68.58
N ASN F 276 31.68 19.27 -68.10
CA ASN F 276 32.37 19.20 -66.82
C ASN F 276 33.79 19.71 -66.97
N ALA F 277 34.15 20.70 -66.14
CA ALA F 277 35.47 21.29 -66.22
C ALA F 277 36.54 20.47 -65.52
N PHE F 278 36.14 19.50 -64.70
CA PHE F 278 37.09 18.66 -63.97
C PHE F 278 37.51 17.43 -64.74
N PHE F 279 36.93 17.17 -65.91
CA PHE F 279 37.17 15.94 -66.64
C PHE F 279 38.06 16.22 -67.85
N ASP F 280 39.07 15.36 -68.04
CA ASP F 280 39.95 15.46 -69.19
C ASP F 280 40.50 14.06 -69.46
N GLU F 281 40.09 13.47 -70.58
CA GLU F 281 40.50 12.10 -70.88
C GLU F 281 42.00 11.99 -71.09
N SER F 282 42.65 13.07 -71.50
CA SER F 282 44.09 13.05 -71.79
C SER F 282 44.94 13.44 -70.59
N GLY F 283 44.33 13.78 -69.45
CA GLY F 283 45.08 14.19 -68.29
C GLY F 283 45.37 13.04 -67.34
N GLU F 284 46.32 13.30 -66.43
CA GLU F 284 46.66 12.30 -65.42
C GLU F 284 45.46 12.05 -64.52
N LEU F 285 45.21 10.78 -64.23
CA LEU F 285 44.04 10.35 -63.46
C LEU F 285 42.73 10.78 -64.11
N GLU F 286 42.77 11.07 -65.41
CA GLU F 286 41.62 11.61 -66.14
C GLU F 286 41.07 12.85 -65.45
N LEU F 287 41.97 13.72 -65.02
CA LEU F 287 41.62 14.97 -64.36
C LEU F 287 42.22 16.14 -65.12
N SER F 288 41.43 17.21 -65.27
CA SER F 288 41.88 18.39 -65.98
C SER F 288 42.79 19.23 -65.08
N GLN F 289 43.49 20.18 -65.72
CA GLN F 289 44.31 21.10 -64.95
C GLN F 289 43.46 21.98 -64.04
N THR F 290 42.22 22.24 -64.44
CA THR F 290 41.31 22.99 -63.58
C THR F 290 41.05 22.23 -62.28
N ALA F 291 40.86 20.91 -62.38
CA ALA F 291 40.65 20.11 -61.18
C ALA F 291 41.86 20.15 -60.26
N TYR F 292 43.06 20.08 -60.83
CA TYR F 292 44.27 20.13 -60.00
C TYR F 292 44.44 21.49 -59.34
N HIS F 293 44.13 22.57 -60.08
CA HIS F 293 44.18 23.89 -59.47
C HIS F 293 43.16 24.03 -58.34
N PHE F 294 41.97 23.47 -58.55
CA PHE F 294 40.95 23.49 -57.50
C PHE F 294 41.42 22.70 -56.27
N LEU F 295 42.06 21.55 -56.49
CA LEU F 295 42.61 20.78 -55.38
C LEU F 295 43.66 21.57 -54.63
N ALA F 296 44.56 22.24 -55.37
CA ALA F 296 45.61 23.02 -54.72
C ALA F 296 45.01 24.15 -53.90
N GLY F 297 44.01 24.84 -54.43
CA GLY F 297 43.36 25.90 -53.68
C GLY F 297 42.64 25.37 -52.45
N MET F 298 41.96 24.24 -52.58
CA MET F 298 41.23 23.67 -51.46
C MET F 298 42.17 23.23 -50.35
N LEU F 299 43.30 22.64 -50.72
CA LEU F 299 44.26 22.17 -49.71
C LEU F 299 45.04 23.31 -49.08
N LYS F 300 45.35 24.36 -49.85
CA LYS F 300 46.16 25.46 -49.32
C LYS F 300 45.42 26.19 -48.19
N HIS F 301 44.12 26.43 -48.37
CA HIS F 301 43.35 27.23 -47.43
C HIS F 301 42.48 26.38 -46.51
N ALA F 302 42.69 25.07 -46.46
CA ALA F 302 41.86 24.22 -45.61
C ALA F 302 41.96 24.63 -44.15
N ARG F 303 43.17 24.93 -43.69
CA ARG F 303 43.36 25.41 -42.33
C ARG F 303 42.61 26.72 -42.10
N GLY F 304 42.34 27.47 -43.17
CA GLY F 304 41.61 28.72 -43.06
C GLY F 304 40.11 28.53 -42.88
N TYR F 305 39.47 27.73 -43.73
CA TYR F 305 38.03 27.57 -43.68
C TYR F 305 37.59 26.39 -42.82
N THR F 306 38.52 25.74 -42.11
CA THR F 306 38.12 24.69 -41.17
C THR F 306 37.15 25.23 -40.13
N ALA F 307 37.32 26.48 -39.72
CA ALA F 307 36.40 27.07 -38.77
C ALA F 307 34.99 27.20 -39.34
N VAL F 308 34.88 27.62 -40.59
CA VAL F 308 33.56 27.77 -41.21
C VAL F 308 32.91 26.42 -41.43
N THR F 309 33.68 25.43 -41.90
CA THR F 309 33.10 24.13 -42.16
C THR F 309 32.79 23.35 -40.89
N ASN F 310 33.44 23.67 -39.77
CA ASN F 310 33.21 23.04 -38.48
C ASN F 310 33.02 24.12 -37.44
N PRO F 311 31.83 24.77 -37.32
CA PRO F 311 31.68 25.93 -36.45
C PRO F 311 31.34 25.67 -34.97
N THR F 312 31.00 24.43 -34.61
CA THR F 312 30.58 24.17 -33.21
C THR F 312 31.78 23.65 -32.41
N ILE F 313 31.69 23.70 -31.09
CA ILE F 313 32.78 23.14 -30.25
C ILE F 313 32.79 21.61 -30.44
N ASN F 314 31.60 21.00 -30.48
CA ASN F 314 31.51 19.55 -30.60
C ASN F 314 32.09 19.05 -31.92
N SER F 315 32.15 19.90 -32.94
CA SER F 315 32.64 19.48 -34.25
C SER F 315 34.05 18.92 -34.17
N PHE F 316 34.92 19.60 -33.44
CA PHE F 316 36.30 19.16 -33.33
C PHE F 316 36.45 17.93 -32.44
N LYS F 317 35.40 17.52 -31.74
CA LYS F 317 35.43 16.21 -31.10
C LYS F 317 35.29 15.09 -32.12
N ARG F 318 34.70 15.38 -33.29
CA ARG F 318 34.60 14.38 -34.35
C ARG F 318 35.93 14.22 -35.07
N LEU F 319 36.68 15.31 -35.23
CA LEU F 319 37.95 15.30 -35.96
C LEU F 319 39.05 14.71 -35.09
N VAL F 320 38.91 13.42 -34.80
CA VAL F 320 39.90 12.67 -34.04
C VAL F 320 40.25 11.41 -34.80
N PRO F 321 41.47 10.89 -34.67
CA PRO F 321 41.85 9.70 -35.43
C PRO F 321 41.09 8.46 -34.98
N GLY F 322 40.91 7.54 -35.92
CA GLY F 322 40.32 6.25 -35.64
C GLY F 322 38.83 6.14 -35.89
N TYR F 323 38.19 7.19 -36.41
CA TYR F 323 36.75 7.15 -36.67
C TYR F 323 36.44 7.62 -38.07
N GLU F 324 37.40 7.48 -38.99
CA GLU F 324 37.28 7.77 -40.42
C GLU F 324 37.07 9.26 -40.71
N ALA F 325 37.06 10.11 -39.69
CA ALA F 325 37.01 11.55 -39.93
C ALA F 325 38.40 12.06 -40.32
N PRO F 326 38.48 13.04 -41.19
CA PRO F 326 39.79 13.56 -41.60
C PRO F 326 40.50 14.26 -40.45
N CYS F 327 41.82 14.15 -40.43
CA CYS F 327 42.64 14.83 -39.44
C CYS F 327 43.87 15.50 -40.02
N TYR F 328 44.23 15.25 -41.27
CA TYR F 328 45.42 15.81 -41.88
C TYR F 328 45.06 16.39 -43.25
N ILE F 329 45.78 17.44 -43.64
CA ILE F 329 45.53 18.11 -44.91
C ILE F 329 46.23 17.33 -46.02
N ALA F 330 45.49 16.42 -46.65
CA ALA F 330 46.03 15.62 -47.74
C ALA F 330 44.87 15.13 -48.59
N TRP F 331 45.19 14.75 -49.83
CA TRP F 331 44.20 14.25 -50.76
C TRP F 331 44.66 12.91 -51.32
N SER F 332 43.69 12.07 -51.64
CA SER F 332 43.98 10.74 -52.17
C SER F 332 42.77 10.21 -52.92
N GLY F 333 43.00 9.21 -53.75
CA GLY F 333 41.93 8.54 -54.45
C GLY F 333 41.38 7.37 -53.64
N LYS F 334 42.24 6.78 -52.79
CA LYS F 334 41.82 5.67 -51.95
C LYS F 334 42.74 5.66 -50.73
N ASN F 335 42.21 6.09 -49.59
CA ASN F 335 42.99 6.15 -48.35
C ASN F 335 42.04 6.15 -47.18
N ARG F 336 42.59 5.82 -46.00
CA ARG F 336 41.80 5.82 -44.75
C ARG F 336 41.62 7.27 -44.29
N SER F 337 40.43 7.83 -44.50
CA SER F 337 40.06 9.17 -44.06
C SER F 337 40.97 10.25 -44.62
N PRO F 338 40.91 10.53 -45.92
CA PRO F 338 41.62 11.70 -46.46
C PRO F 338 40.75 12.95 -46.36
N LEU F 339 41.43 14.11 -46.32
CA LEU F 339 40.70 15.36 -46.27
C LEU F 339 39.89 15.58 -47.55
N VAL F 340 40.49 15.31 -48.70
CA VAL F 340 39.82 15.43 -49.99
C VAL F 340 39.95 14.10 -50.72
N ARG F 341 38.84 13.57 -51.22
CA ARG F 341 38.81 12.30 -51.90
C ARG F 341 38.29 12.50 -53.32
N VAL F 342 38.91 11.80 -54.27
CA VAL F 342 38.52 11.86 -55.68
C VAL F 342 37.78 10.57 -56.00
N PRO F 343 36.47 10.59 -56.18
CA PRO F 343 35.74 9.37 -56.54
C PRO F 343 36.17 8.85 -57.89
N SER F 344 36.07 7.52 -58.05
CA SER F 344 36.53 6.87 -59.27
C SER F 344 35.68 7.20 -60.48
N SER F 345 34.46 7.68 -60.28
CA SER F 345 33.59 7.99 -61.41
C SER F 345 34.15 9.15 -62.22
N ARG F 346 34.02 9.06 -63.54
CA ARG F 346 34.53 10.10 -64.43
C ARG F 346 33.46 10.54 -65.42
N GLY F 347 33.84 11.32 -66.42
CA GLY F 347 32.90 11.86 -67.36
C GLY F 347 32.17 13.07 -66.80
N LEU F 348 30.85 13.13 -66.98
CA LEU F 348 30.08 14.20 -66.37
C LEU F 348 29.95 14.06 -64.86
N SER F 349 30.34 12.92 -64.30
CA SER F 349 30.25 12.67 -62.88
C SER F 349 31.55 12.95 -62.14
N THR F 350 32.54 13.53 -62.81
CA THR F 350 33.80 13.86 -62.16
C THR F 350 33.55 14.91 -61.08
N ARG F 351 34.11 14.67 -59.89
CA ARG F 351 33.86 15.53 -58.75
C ARG F 351 34.96 15.36 -57.73
N LEU F 352 35.06 16.33 -56.82
CA LEU F 352 35.97 16.28 -55.69
C LEU F 352 35.15 16.26 -54.42
N GLU F 353 35.49 15.36 -53.50
CA GLU F 353 34.74 15.20 -52.26
C GLU F 353 35.56 15.77 -51.10
N LEU F 354 34.97 16.71 -50.38
CA LEU F 354 35.53 17.22 -49.12
C LEU F 354 34.79 16.55 -47.97
N ARG F 355 35.55 15.94 -47.06
CA ARG F 355 34.98 15.13 -46.00
C ARG F 355 35.03 15.79 -44.63
N SER F 356 35.60 16.99 -44.52
CA SER F 356 35.70 17.64 -43.22
C SER F 356 34.41 18.35 -42.79
N VAL F 357 33.46 18.51 -43.70
CA VAL F 357 32.23 19.23 -43.38
C VAL F 357 31.33 18.35 -42.52
N ASP F 358 30.64 18.97 -41.57
CA ASP F 358 29.70 18.29 -40.69
C ASP F 358 28.31 18.88 -40.88
N PRO F 359 27.27 18.14 -40.49
CA PRO F 359 25.90 18.66 -40.70
C PRO F 359 25.60 19.95 -39.94
N SER F 360 26.36 20.28 -38.91
CA SER F 360 26.10 21.50 -38.15
C SER F 360 26.50 22.76 -38.89
N ALA F 361 27.28 22.65 -39.97
CA ALA F 361 27.76 23.83 -40.66
C ALA F 361 26.65 24.50 -41.45
N ASN F 362 26.79 25.81 -41.67
CA ASN F 362 25.89 26.54 -42.54
C ASN F 362 26.23 26.22 -43.98
N PRO F 363 25.30 25.66 -44.76
CA PRO F 363 25.64 25.28 -46.14
C PRO F 363 26.09 26.44 -47.00
N TYR F 364 25.45 27.60 -46.86
CA TYR F 364 25.79 28.73 -47.71
C TYR F 364 27.20 29.23 -47.44
N LEU F 365 27.56 29.40 -46.17
CA LEU F 365 28.89 29.87 -45.83
C LEU F 365 29.96 28.89 -46.25
N ALA F 366 29.72 27.60 -46.02
CA ALA F 366 30.68 26.58 -46.41
C ALA F 366 30.88 26.56 -47.91
N MET F 367 29.80 26.62 -48.68
CA MET F 367 29.94 26.65 -50.13
C MET F 367 30.66 27.91 -50.58
N ALA F 368 30.36 29.05 -49.96
CA ALA F 368 31.01 30.30 -50.35
C ALA F 368 32.52 30.20 -50.13
N VAL F 369 32.95 29.72 -48.96
CA VAL F 369 34.37 29.69 -48.67
C VAL F 369 35.08 28.65 -49.53
N LEU F 370 34.43 27.49 -49.76
CA LEU F 370 35.04 26.48 -50.62
C LEU F 370 35.18 26.98 -52.06
N LEU F 371 34.15 27.64 -52.58
CA LEU F 371 34.22 28.19 -53.93
C LEU F 371 35.29 29.26 -54.01
N LYS F 372 35.41 30.10 -52.98
CA LYS F 372 36.46 31.12 -53.00
C LYS F 372 37.84 30.50 -53.00
N ALA F 373 38.05 29.46 -52.20
CA ALA F 373 39.35 28.79 -52.17
C ALA F 373 39.68 28.15 -53.51
N GLY F 374 38.71 27.44 -54.10
CA GLY F 374 38.95 26.83 -55.39
C GLY F 374 39.20 27.85 -56.48
N LEU F 375 38.45 28.95 -56.48
CA LEU F 375 38.64 29.99 -57.46
C LEU F 375 40.01 30.65 -57.33
N SER F 376 40.46 30.87 -56.09
CA SER F 376 41.79 31.41 -55.87
C SER F 376 42.86 30.46 -56.37
N GLY F 377 42.67 29.16 -56.11
CA GLY F 377 43.62 28.18 -56.62
C GLY F 377 43.68 28.16 -58.14
N ILE F 378 42.52 28.27 -58.79
CA ILE F 378 42.49 28.30 -60.25
C ILE F 378 43.18 29.56 -60.77
N LYS F 379 42.90 30.72 -60.16
CA LYS F 379 43.50 31.97 -60.62
C LYS F 379 45.02 31.96 -60.44
N ASP F 380 45.49 31.44 -59.31
CA ASP F 380 46.93 31.40 -59.05
C ASP F 380 47.61 30.22 -59.74
N GLU F 381 46.85 29.27 -60.28
CA GLU F 381 47.39 28.10 -60.97
C GLU F 381 48.38 27.33 -60.07
N LEU F 382 47.99 27.14 -58.82
CA LEU F 382 48.84 26.44 -57.86
C LEU F 382 48.95 24.96 -58.23
N THR F 383 50.12 24.38 -57.95
CA THR F 383 50.35 22.97 -58.18
C THR F 383 50.00 22.17 -56.92
N PRO F 384 49.10 21.20 -56.99
CA PRO F 384 48.73 20.47 -55.78
C PRO F 384 49.84 19.54 -55.35
N PRO F 385 49.92 19.22 -54.06
CA PRO F 385 50.90 18.24 -53.60
C PRO F 385 50.56 16.84 -54.08
N ALA F 386 51.58 15.98 -54.10
CA ALA F 386 51.38 14.61 -54.54
C ALA F 386 50.43 13.88 -53.59
N PRO F 387 49.54 13.04 -54.10
CA PRO F 387 48.63 12.30 -53.21
C PRO F 387 49.39 11.33 -52.34
N VAL F 388 48.83 11.08 -51.15
CA VAL F 388 49.43 10.19 -50.16
C VAL F 388 48.58 8.94 -50.06
N ASP F 389 49.24 7.77 -50.06
CA ASP F 389 48.55 6.50 -50.00
C ASP F 389 49.31 5.49 -49.13
N ARG F 390 50.04 5.97 -48.13
CA ARG F 390 50.98 5.12 -47.39
C ARG F 390 50.52 5.00 -45.94
N ASN F 391 49.26 5.35 -45.68
CA ASN F 391 48.66 5.32 -44.34
C ASN F 391 49.41 6.25 -43.39
N ILE F 392 49.27 7.55 -43.66
CA ILE F 392 49.87 8.64 -42.90
C ILE F 392 49.68 8.45 -41.40
N TYR F 393 48.62 7.74 -41.00
CA TYR F 393 48.45 7.42 -39.59
C TYR F 393 49.56 6.54 -39.05
N GLY F 394 50.32 5.88 -39.93
CA GLY F 394 51.39 5.02 -39.47
C GLY F 394 52.50 5.79 -38.77
N MET F 395 52.90 6.93 -39.33
CA MET F 395 53.99 7.69 -38.76
C MET F 395 53.49 8.59 -37.62
N ASN F 396 54.44 9.16 -36.89
CA ASN F 396 54.11 10.14 -35.86
C ASN F 396 53.91 11.51 -36.50
N GLU F 397 53.57 12.50 -35.67
CA GLU F 397 53.37 13.85 -36.18
C GLU F 397 54.66 14.42 -36.77
N GLU F 398 55.79 14.20 -36.08
CA GLU F 398 57.06 14.71 -36.57
C GLU F 398 57.48 14.03 -37.88
N GLU F 399 57.25 12.72 -37.99
CA GLU F 399 57.66 11.99 -39.18
C GLU F 399 56.88 12.37 -40.42
N ARG F 400 55.67 12.94 -40.27
CA ARG F 400 54.89 13.37 -41.41
C ARG F 400 54.89 14.88 -41.60
N GLU F 401 55.29 15.65 -40.58
CA GLU F 401 55.41 17.09 -40.75
C GLU F 401 56.58 17.46 -41.66
N ALA F 402 57.53 16.56 -41.87
CA ALA F 402 58.61 16.81 -42.81
C ALA F 402 58.08 16.99 -44.22
N THR F 403 57.11 16.17 -44.61
CA THR F 403 56.46 16.30 -45.90
C THR F 403 55.39 17.40 -45.82
N GLY F 404 54.55 17.50 -46.83
CA GLY F 404 53.52 18.51 -46.87
C GLY F 404 52.31 18.24 -46.01
N ILE F 405 52.30 17.17 -45.24
CA ILE F 405 51.16 16.81 -44.43
C ILE F 405 51.13 17.70 -43.18
N TYR F 406 50.00 18.36 -42.96
CA TYR F 406 49.82 19.22 -41.80
C TYR F 406 48.52 18.86 -41.11
N ASP F 407 48.45 19.19 -39.82
CA ASP F 407 47.30 18.87 -38.99
C ASP F 407 46.23 19.94 -39.13
N LEU F 408 44.96 19.51 -39.10
CA LEU F 408 43.86 20.44 -38.99
C LEU F 408 43.83 21.03 -37.58
N PRO F 409 43.23 22.21 -37.41
CA PRO F 409 43.12 22.78 -36.07
C PRO F 409 42.40 21.84 -35.12
N GLU F 410 42.91 21.76 -33.89
CA GLU F 410 42.40 20.80 -32.91
C GLU F 410 41.28 21.36 -32.05
N SER F 411 41.05 22.66 -32.09
CA SER F 411 40.00 23.28 -31.30
C SER F 411 39.41 24.45 -32.09
N LEU F 412 38.21 24.88 -31.67
CA LEU F 412 37.55 26.00 -32.38
C LEU F 412 38.40 27.27 -32.25
N GLY F 413 39.05 27.48 -31.11
CA GLY F 413 39.84 28.70 -30.95
C GLY F 413 40.97 28.80 -31.95
N HIS F 414 41.68 27.70 -32.17
CA HIS F 414 42.76 27.69 -33.16
C HIS F 414 42.20 27.91 -34.56
N ALA F 415 41.03 27.33 -34.85
CA ALA F 415 40.40 27.55 -36.15
C ALA F 415 40.00 29.01 -36.31
N LEU F 416 39.54 29.64 -35.23
CA LEU F 416 39.15 31.06 -35.30
C LEU F 416 40.40 31.91 -35.53
N ILE F 417 41.53 31.55 -34.92
CA ILE F 417 42.78 32.26 -35.17
C ILE F 417 43.18 32.12 -36.63
N GLU F 418 43.06 30.91 -37.17
CA GLU F 418 43.40 30.69 -38.58
C GLU F 418 42.50 31.49 -39.50
N LEU F 419 41.20 31.58 -39.16
CA LEU F 419 40.30 32.46 -39.92
C LEU F 419 40.78 33.90 -39.86
N GLU F 420 41.11 34.40 -38.67
CA GLU F 420 41.54 35.78 -38.53
C GLU F 420 42.84 36.05 -39.26
N LYS F 421 43.64 35.01 -39.53
CA LYS F 421 44.87 35.21 -40.29
C LYS F 421 44.63 35.20 -41.80
N ASN F 422 43.82 34.26 -42.29
CA ASN F 422 43.60 34.12 -43.73
C ASN F 422 42.78 35.27 -44.29
N GLU F 423 43.16 35.77 -45.47
CA GLU F 423 42.49 36.90 -46.08
C GLU F 423 41.50 36.48 -47.18
N ILE F 424 41.81 35.43 -47.93
CA ILE F 424 40.93 35.01 -49.01
C ILE F 424 39.59 34.53 -48.46
N ILE F 425 39.61 33.82 -47.33
CA ILE F 425 38.36 33.39 -46.72
C ILE F 425 37.57 34.59 -46.21
N LYS F 426 38.26 35.61 -45.69
CA LYS F 426 37.56 36.83 -45.31
C LYS F 426 36.89 37.49 -46.50
N ASP F 427 37.59 37.53 -47.65
CA ASP F 427 36.99 38.10 -48.85
C ASP F 427 35.79 37.29 -49.31
N GLY F 428 35.88 35.97 -49.21
CA GLY F 428 34.77 35.11 -49.58
C GLY F 428 33.58 35.16 -48.64
N LEU F 429 33.80 35.54 -47.38
CA LEU F 429 32.72 35.70 -46.42
C LEU F 429 32.11 37.08 -46.38
N GLY F 430 32.88 38.12 -46.68
CA GLY F 430 32.40 39.48 -46.52
C GLY F 430 32.63 39.99 -45.11
N GLU F 431 32.80 41.31 -45.01
CA GLU F 431 33.17 41.91 -43.73
C GLU F 431 32.09 41.71 -42.68
N HIS F 432 30.83 41.93 -43.05
CA HIS F 432 29.74 41.81 -42.09
C HIS F 432 29.64 40.41 -41.52
N ILE F 433 29.58 39.41 -42.41
CA ILE F 433 29.46 38.03 -41.98
C ILE F 433 30.68 37.61 -41.20
N PHE F 434 31.88 38.01 -41.65
CA PHE F 434 33.09 37.62 -40.95
C PHE F 434 33.10 38.17 -39.53
N GLU F 435 32.79 39.46 -39.37
CA GLU F 435 32.82 40.05 -38.04
C GLU F 435 31.80 39.41 -37.11
N HIS F 436 30.57 39.21 -37.60
CA HIS F 436 29.55 38.65 -36.72
C HIS F 436 29.82 37.20 -36.38
N PHE F 437 30.36 36.44 -37.35
CA PHE F 437 30.72 35.02 -37.10
C PHE F 437 31.77 34.96 -35.99
N ILE F 438 32.88 35.67 -36.15
CA ILE F 438 33.99 35.65 -35.15
C ILE F 438 33.41 36.01 -33.77
N GLU F 439 32.67 37.13 -33.68
CA GLU F 439 32.07 37.57 -32.40
C GLU F 439 31.30 36.43 -31.74
N ALA F 440 30.34 35.85 -32.46
CA ALA F 440 29.49 34.77 -31.89
C ALA F 440 30.33 33.56 -31.48
N LYS F 441 31.31 33.18 -32.29
CA LYS F 441 32.09 31.95 -32.02
C LYS F 441 33.10 32.19 -30.89
N THR F 442 33.64 33.40 -30.75
CA THR F 442 34.55 33.69 -29.61
C THR F 442 33.75 33.63 -28.31
N ILE F 443 32.50 34.09 -28.32
CA ILE F 443 31.64 33.98 -27.12
C ILE F 443 31.45 32.50 -26.81
N GLU F 444 31.12 31.68 -27.82
CA GLU F 444 30.91 30.22 -27.62
C GLU F 444 32.16 29.61 -27.02
N CYS F 445 33.34 29.95 -27.55
CA CYS F 445 34.62 29.43 -27.02
C CYS F 445 34.76 29.80 -25.54
N ASP F 446 34.61 31.08 -25.21
CA ASP F 446 34.75 31.54 -23.80
C ASP F 446 33.72 30.83 -22.91
N MET F 447 32.47 30.75 -23.36
CA MET F 447 31.41 30.07 -22.58
C MET F 447 31.86 28.64 -22.25
N PHE F 448 32.41 27.93 -23.25
CA PHE F 448 32.88 26.55 -23.02
C PHE F 448 34.16 26.55 -22.21
N ARG F 449 35.00 27.59 -22.35
CA ARG F 449 36.29 27.50 -21.65
C ARG F 449 36.12 27.66 -20.14
N THR F 450 35.23 28.56 -19.71
CA THR F 450 35.09 28.85 -18.26
C THR F 450 34.18 27.84 -17.55
N ALA F 451 33.46 26.99 -18.30
CA ALA F 451 32.53 26.07 -17.68
C ALA F 451 33.27 24.96 -16.94
N VAL F 452 32.62 24.40 -15.93
CA VAL F 452 33.16 23.27 -15.16
C VAL F 452 32.33 22.06 -15.51
N HIS F 453 32.96 21.06 -16.08
CA HIS F 453 32.24 19.88 -16.55
C HIS F 453 32.32 18.75 -15.55
N PRO F 454 31.33 17.84 -15.57
CA PRO F 454 31.38 16.69 -14.64
C PRO F 454 32.58 15.80 -14.83
N TRP F 455 33.27 15.93 -15.98
CA TRP F 455 34.53 15.17 -16.19
C TRP F 455 35.53 15.56 -15.11
N GLU F 456 35.70 16.87 -14.88
CA GLU F 456 36.67 17.37 -13.88
C GLU F 456 36.22 16.97 -12.46
N ARG F 457 34.91 17.00 -12.20
CA ARG F 457 34.37 16.66 -10.86
C ARG F 457 34.34 15.13 -10.68
N GLU F 458 34.98 14.39 -11.59
CA GLU F 458 35.06 12.90 -11.47
C GLU F 458 36.52 12.47 -11.66
N GLN F 459 37.41 13.43 -11.93
CA GLN F 459 38.85 13.13 -12.13
C GLN F 459 39.68 13.81 -11.05
N TYR F 460 39.15 14.86 -10.41
CA TYR F 460 39.96 15.62 -9.41
C TYR F 460 39.17 15.84 -8.12
N LEU F 461 37.97 15.25 -8.00
CA LEU F 461 37.12 15.49 -6.79
C LEU F 461 37.75 14.83 -5.56
N GLU F 462 37.77 13.50 -5.52
CA GLU F 462 38.35 12.77 -4.36
C GLU F 462 39.88 12.77 -4.50
N ILE F 463 40.38 12.70 -5.73
CA ILE F 463 41.86 12.71 -5.97
C ILE F 463 42.45 13.95 -5.29
N TYR F 464 41.93 15.14 -5.61
CA TYR F 464 42.42 16.39 -4.98
C TYR F 464 41.29 17.01 -4.14
N ALA G 22 16.95 -16.75 -68.45
CA ALA G 22 16.35 -15.43 -68.33
C ALA G 22 14.87 -15.52 -68.02
N LYS G 23 14.53 -15.37 -66.75
CA LYS G 23 13.14 -15.44 -66.30
C LYS G 23 12.43 -14.10 -66.39
N TYR G 24 13.12 -13.00 -66.13
CA TYR G 24 12.55 -11.67 -66.22
C TYR G 24 13.46 -10.77 -67.04
N THR G 25 12.86 -9.75 -67.66
CA THR G 25 13.57 -8.72 -68.38
C THR G 25 13.33 -7.37 -67.71
N LYS G 26 13.98 -6.33 -68.23
CA LYS G 26 13.81 -4.99 -67.66
C LYS G 26 12.36 -4.54 -67.76
N GLU G 27 11.73 -4.78 -68.91
CA GLU G 27 10.34 -4.38 -69.09
C GLU G 27 9.42 -5.11 -68.11
N ASP G 28 9.71 -6.40 -67.86
CA ASP G 28 8.93 -7.14 -66.87
C ASP G 28 9.07 -6.51 -65.49
N ILE G 29 10.29 -6.11 -65.11
CA ILE G 29 10.51 -5.51 -63.81
C ILE G 29 9.76 -4.17 -63.70
N PHE G 30 9.82 -3.37 -64.76
CA PHE G 30 9.09 -2.10 -64.75
C PHE G 30 7.58 -2.33 -64.62
N ARG G 31 7.06 -3.31 -65.36
CA ARG G 31 5.64 -3.62 -65.29
C ARG G 31 5.25 -4.08 -63.89
N PHE G 32 6.07 -4.93 -63.27
CA PHE G 32 5.79 -5.40 -61.92
C PHE G 32 5.79 -4.23 -60.95
N ALA G 33 6.78 -3.35 -61.05
CA ALA G 33 6.86 -2.21 -60.15
C ALA G 33 5.65 -1.29 -60.32
N ASP G 34 5.20 -1.11 -61.56
CA ASP G 34 4.02 -0.26 -61.79
C ASP G 34 2.76 -0.91 -61.24
N GLU G 35 2.56 -2.20 -61.51
CA GLU G 35 1.29 -2.83 -61.17
C GLU G 35 1.15 -3.14 -59.68
N GLN G 36 2.23 -3.55 -59.02
CA GLN G 36 2.13 -3.85 -57.59
C GLN G 36 2.31 -2.62 -56.72
N ASN G 37 2.58 -1.46 -57.30
CA ASN G 37 2.68 -0.19 -56.56
C ASN G 37 3.76 -0.27 -55.48
N VAL G 38 5.00 -0.45 -55.92
CA VAL G 38 6.14 -0.48 -55.03
C VAL G 38 6.82 0.88 -55.07
N LYS G 39 7.21 1.38 -53.90
CA LYS G 39 7.89 2.65 -53.79
C LYS G 39 9.29 2.54 -53.23
N PHE G 40 9.67 1.34 -52.79
CA PHE G 40 11.03 1.13 -52.21
C PHE G 40 11.64 -0.16 -52.75
N ILE G 41 12.92 -0.12 -53.12
CA ILE G 41 13.63 -1.35 -53.61
C ILE G 41 14.92 -1.53 -52.79
N ARG G 42 15.08 -2.71 -52.19
CA ARG G 42 16.29 -3.00 -51.35
C ARG G 42 17.32 -3.78 -52.18
N LEU G 43 18.31 -3.09 -52.75
CA LEU G 43 19.36 -3.77 -53.50
C LEU G 43 20.29 -4.42 -52.48
N GLN G 44 20.21 -5.74 -52.34
CA GLN G 44 20.88 -6.43 -51.25
C GLN G 44 22.01 -7.33 -51.76
N PHE G 45 22.90 -7.64 -50.84
CA PHE G 45 24.07 -8.46 -51.09
C PHE G 45 24.53 -9.05 -49.77
N THR G 46 25.57 -9.88 -49.83
CA THR G 46 26.07 -10.58 -48.65
C THR G 46 27.56 -10.28 -48.50
N ASP G 47 27.97 -9.94 -47.28
CA ASP G 47 29.36 -9.64 -47.00
C ASP G 47 30.12 -10.92 -46.71
N ILE G 48 31.39 -10.79 -46.32
CA ILE G 48 32.22 -11.96 -46.04
C ILE G 48 31.67 -12.72 -44.84
N LEU G 49 31.25 -12.01 -43.80
CA LEU G 49 30.82 -12.68 -42.54
C LEU G 49 29.41 -13.28 -42.67
N GLY G 50 28.75 -13.11 -43.83
CA GLY G 50 27.45 -13.70 -44.04
C GLY G 50 26.27 -12.81 -43.69
N ILE G 51 26.52 -11.60 -43.20
CA ILE G 51 25.43 -10.69 -42.86
C ILE G 51 24.84 -10.11 -44.13
N ILE G 52 23.51 -10.11 -44.22
CA ILE G 52 22.82 -9.55 -45.37
C ILE G 52 22.81 -8.03 -45.24
N LYS G 53 23.38 -7.34 -46.23
CA LYS G 53 23.41 -5.90 -46.26
C LYS G 53 22.67 -5.42 -47.51
N ASN G 54 22.32 -4.13 -47.53
CA ASN G 54 21.50 -3.62 -48.66
C ASN G 54 21.54 -2.10 -48.78
N VAL G 55 21.32 -1.58 -49.99
CA VAL G 55 21.20 -0.11 -50.18
C VAL G 55 19.73 0.13 -50.56
N GLU G 56 19.07 1.12 -49.96
CA GLU G 56 17.62 1.31 -50.20
C GLU G 56 17.40 2.48 -51.16
N ILE G 57 16.67 2.26 -52.26
CA ILE G 57 16.44 3.33 -53.28
C ILE G 57 14.95 3.47 -53.55
N PRO G 58 14.43 4.69 -53.84
CA PRO G 58 13.02 4.84 -54.24
C PRO G 58 12.78 4.23 -55.61
N VAL G 59 11.49 4.01 -55.90
CA VAL G 59 11.13 3.41 -57.19
C VAL G 59 11.53 4.31 -58.35
N SER G 60 11.61 5.62 -58.12
CA SER G 60 11.99 6.55 -59.18
C SER G 60 13.40 6.31 -59.68
N GLN G 61 14.26 5.71 -58.87
CA GLN G 61 15.61 5.39 -59.28
C GLN G 61 15.73 4.01 -59.91
N LEU G 62 14.62 3.27 -60.00
CA LEU G 62 14.68 1.88 -60.44
C LEU G 62 15.34 1.76 -61.80
N LYS G 63 14.99 2.63 -62.74
CA LYS G 63 15.60 2.59 -64.06
C LYS G 63 17.12 2.67 -63.95
N LYS G 64 17.62 3.63 -63.16
CA LYS G 64 19.06 3.72 -62.97
C LYS G 64 19.62 2.44 -62.38
N ALA G 65 18.89 1.84 -61.43
CA ALA G 65 19.33 0.58 -60.86
C ALA G 65 19.44 -0.50 -61.92
N LEU G 66 18.54 -0.49 -62.90
CA LEU G 66 18.60 -1.47 -63.97
C LEU G 66 19.64 -1.13 -65.02
N ASP G 67 20.25 0.06 -64.95
CA ASP G 67 21.31 0.44 -65.86
C ASP G 67 22.70 0.12 -65.30
N ASN G 68 22.77 -0.51 -64.13
CA ASN G 68 24.04 -0.84 -63.49
C ASN G 68 24.89 0.41 -63.26
N LYS G 69 24.25 1.48 -62.80
CA LYS G 69 24.92 2.74 -62.56
C LYS G 69 24.94 3.17 -61.10
N ILE G 70 24.42 2.34 -60.19
CA ILE G 70 24.42 2.70 -58.78
C ILE G 70 25.80 2.46 -58.18
N MET G 71 26.33 3.47 -57.51
CA MET G 71 27.61 3.38 -56.81
C MET G 71 27.36 3.22 -55.31
N PHE G 72 28.24 2.46 -54.66
CA PHE G 72 28.19 2.34 -53.21
C PHE G 72 29.58 2.01 -52.70
N ASP G 73 29.70 1.87 -51.38
CA ASP G 73 30.97 1.59 -50.73
C ASP G 73 31.18 0.08 -50.67
N GLY G 74 32.13 -0.42 -51.45
CA GLY G 74 32.38 -1.86 -51.47
C GLY G 74 33.08 -2.37 -50.23
N SER G 75 33.74 -1.49 -49.48
CA SER G 75 34.45 -1.91 -48.27
C SER G 75 33.52 -2.54 -47.25
N SER G 76 32.22 -2.23 -47.30
CA SER G 76 31.27 -2.85 -46.38
C SER G 76 31.25 -4.36 -46.55
N ILE G 77 31.56 -4.86 -47.74
CA ILE G 77 31.64 -6.30 -47.94
C ILE G 77 32.70 -6.92 -47.04
N GLU G 78 33.79 -6.19 -46.79
CA GLU G 78 34.82 -6.68 -45.89
C GLU G 78 34.36 -6.78 -44.46
N GLY G 79 33.22 -6.20 -44.10
CA GLY G 79 32.73 -6.28 -42.75
C GLY G 79 33.30 -5.21 -41.83
N PHE G 80 33.62 -5.58 -40.60
CA PHE G 80 34.15 -4.62 -39.64
C PHE G 80 35.66 -4.44 -39.75
N VAL G 81 36.32 -5.18 -40.63
CA VAL G 81 37.76 -5.04 -40.81
C VAL G 81 38.05 -4.13 -41.99
N ARG G 82 37.03 -3.41 -42.45
CA ARG G 82 37.22 -2.47 -43.54
C ARG G 82 38.10 -1.31 -43.10
N ILE G 83 38.89 -0.79 -44.05
CA ILE G 83 39.82 0.28 -43.75
C ILE G 83 39.55 1.48 -44.65
N GLU G 84 39.66 1.28 -45.96
CA GLU G 84 39.57 2.35 -46.94
C GLU G 84 38.28 2.23 -47.74
N GLU G 85 37.62 3.37 -47.94
CA GLU G 85 36.42 3.40 -48.75
C GLU G 85 36.76 3.12 -50.21
N SER G 86 35.97 2.25 -50.83
CA SER G 86 36.16 1.89 -52.23
C SER G 86 34.82 1.94 -52.94
N ASP G 87 34.77 2.64 -54.07
CA ASP G 87 33.55 2.77 -54.84
C ASP G 87 33.35 1.53 -55.71
N MET G 88 32.11 1.04 -55.76
CA MET G 88 31.81 -0.16 -56.53
C MET G 88 30.39 -0.08 -57.06
N TYR G 89 30.17 -0.75 -58.18
CA TYR G 89 28.86 -0.78 -58.82
C TYR G 89 27.97 -1.85 -58.19
N LEU G 90 26.70 -1.83 -58.57
CA LEU G 90 25.66 -2.64 -57.93
C LEU G 90 24.80 -3.34 -58.96
N PHE G 91 25.43 -4.05 -59.89
CA PHE G 91 24.75 -4.87 -60.90
C PHE G 91 23.70 -5.77 -60.27
N PRO G 92 22.41 -5.52 -60.50
CA PRO G 92 21.37 -6.35 -59.92
C PRO G 92 21.07 -7.57 -60.77
N ASP G 93 20.39 -8.53 -60.15
CA ASP G 93 19.95 -9.75 -60.81
C ASP G 93 18.44 -9.69 -60.99
N LEU G 94 18.00 -9.77 -62.25
CA LEU G 94 16.58 -9.60 -62.54
C LEU G 94 15.75 -10.78 -62.03
N ASP G 95 16.31 -11.99 -62.07
CA ASP G 95 15.58 -13.18 -61.68
C ASP G 95 15.28 -13.25 -60.19
N THR G 96 15.89 -12.39 -59.38
CA THR G 96 15.72 -12.40 -57.94
C THR G 96 14.69 -11.39 -57.46
N TRP G 97 13.84 -10.90 -58.35
CA TRP G 97 12.84 -9.90 -57.97
C TRP G 97 11.77 -10.55 -57.11
N VAL G 98 11.66 -10.10 -55.86
CA VAL G 98 10.66 -10.61 -54.93
C VAL G 98 10.03 -9.43 -54.22
N VAL G 99 8.71 -9.41 -54.16
CA VAL G 99 7.95 -8.35 -53.49
C VAL G 99 7.54 -8.85 -52.12
N PHE G 100 7.91 -8.10 -51.07
CA PHE G 100 7.57 -8.51 -49.72
C PHE G 100 6.08 -8.29 -49.46
N PRO G 101 5.43 -9.16 -48.71
CA PRO G 101 4.00 -8.98 -48.44
C PRO G 101 3.70 -8.08 -47.24
N TRP G 102 4.61 -8.01 -46.27
CA TRP G 102 4.40 -7.23 -45.05
C TRP G 102 4.87 -5.79 -45.28
N THR G 103 4.16 -5.07 -46.16
CA THR G 103 4.54 -3.69 -46.45
C THR G 103 3.41 -2.69 -46.27
N ALA G 104 2.28 -3.07 -45.68
CA ALA G 104 1.13 -2.17 -45.46
C ALA G 104 0.66 -1.65 -46.83
N GLU G 105 0.14 -0.43 -46.87
CA GLU G 105 -0.39 0.15 -48.10
C GLU G 105 0.38 1.37 -48.59
N LYS G 106 1.26 1.94 -47.77
CA LYS G 106 2.04 3.10 -48.19
C LYS G 106 3.22 2.66 -49.05
N GLY G 107 2.95 2.02 -50.18
CA GLY G 107 3.99 1.53 -51.05
C GLY G 107 4.57 0.21 -50.58
N LYS G 108 4.82 -0.70 -51.51
CA LYS G 108 5.39 -2.00 -51.20
C LYS G 108 6.90 -1.95 -51.30
N VAL G 109 7.55 -3.01 -50.84
CA VAL G 109 9.00 -3.14 -50.83
C VAL G 109 9.38 -4.38 -51.61
N ALA G 110 10.34 -4.24 -52.52
CA ALA G 110 10.86 -5.34 -53.30
C ALA G 110 12.37 -5.36 -53.21
N ARG G 111 12.96 -6.53 -53.46
CA ARG G 111 14.40 -6.68 -53.37
C ARG G 111 14.92 -7.41 -54.60
N MET G 112 16.20 -7.17 -54.91
CA MET G 112 16.93 -7.92 -55.91
C MET G 112 18.36 -8.12 -55.42
N ILE G 113 18.82 -9.37 -55.39
CA ILE G 113 20.22 -9.62 -55.06
C ILE G 113 21.10 -9.07 -56.17
N CYS G 114 22.14 -8.34 -55.79
CA CYS G 114 22.98 -7.63 -56.74
C CYS G 114 24.40 -8.18 -56.73
N ASP G 115 25.05 -8.11 -57.88
CA ASP G 115 26.46 -8.42 -58.00
C ASP G 115 27.28 -7.15 -57.80
N ILE G 116 28.51 -7.32 -57.34
CA ILE G 116 29.41 -6.21 -57.07
C ILE G 116 30.46 -6.16 -58.18
N TYR G 117 30.62 -5.00 -58.80
CA TYR G 117 31.52 -4.83 -59.92
C TYR G 117 32.47 -3.69 -59.65
N ASN G 118 33.72 -3.85 -60.09
CA ASN G 118 34.69 -2.78 -60.00
C ASN G 118 34.32 -1.63 -60.93
N PRO G 119 34.84 -0.43 -60.67
CA PRO G 119 34.55 0.68 -61.59
C PRO G 119 35.05 0.45 -63.01
N ASP G 120 35.98 -0.48 -63.20
CA ASP G 120 36.46 -0.84 -64.54
C ASP G 120 35.66 -1.98 -65.15
N MET G 121 34.40 -2.12 -64.75
CA MET G 121 33.44 -3.04 -65.36
C MET G 121 33.84 -4.50 -65.17
N THR G 122 34.52 -4.80 -64.06
CA THR G 122 34.98 -6.14 -63.75
C THR G 122 34.39 -6.60 -62.43
N PRO G 123 33.91 -7.84 -62.32
CA PRO G 123 33.33 -8.29 -61.05
C PRO G 123 34.35 -8.24 -59.92
N PHE G 124 33.87 -7.86 -58.74
CA PHE G 124 34.75 -7.70 -57.59
C PHE G 124 35.19 -9.06 -57.07
N ALA G 125 36.50 -9.23 -56.85
CA ALA G 125 37.03 -10.49 -56.37
C ALA G 125 36.65 -10.76 -54.92
N GLY G 126 36.36 -9.71 -54.14
CA GLY G 126 35.99 -9.86 -52.76
C GLY G 126 34.54 -10.17 -52.50
N ASP G 127 33.73 -10.30 -53.55
CA ASP G 127 32.31 -10.60 -53.39
C ASP G 127 32.12 -12.11 -53.34
N PRO G 128 31.51 -12.65 -52.29
CA PRO G 128 31.31 -14.12 -52.24
C PRO G 128 30.52 -14.66 -53.41
N ARG G 129 29.50 -13.93 -53.87
CA ARG G 129 28.71 -14.40 -55.01
C ARG G 129 29.55 -14.47 -56.28
N ALA G 130 30.38 -13.45 -56.52
CA ALA G 130 31.24 -13.47 -57.69
C ALA G 130 32.26 -14.60 -57.59
N ASN G 131 32.77 -14.87 -56.39
CA ASN G 131 33.69 -15.99 -56.21
C ASN G 131 33.01 -17.31 -56.52
N LEU G 132 31.77 -17.48 -56.06
CA LEU G 132 31.03 -18.70 -56.37
C LEU G 132 30.80 -18.83 -57.87
N LYS G 133 30.51 -17.70 -58.53
CA LYS G 133 30.33 -17.74 -59.99
C LYS G 133 31.63 -18.14 -60.68
N ARG G 134 32.76 -17.65 -60.20
CA ARG G 134 34.05 -18.04 -60.78
C ARG G 134 34.30 -19.53 -60.60
N VAL G 135 34.02 -20.06 -59.42
CA VAL G 135 34.21 -21.49 -59.19
C VAL G 135 33.28 -22.31 -60.07
N LEU G 136 32.04 -21.86 -60.25
CA LEU G 136 31.13 -22.54 -61.15
C LEU G 136 31.62 -22.49 -62.59
N LYS G 137 32.23 -21.37 -62.99
CA LYS G 137 32.83 -21.29 -64.32
C LYS G 137 33.95 -22.31 -64.48
N GLU G 138 34.77 -22.47 -63.44
CA GLU G 138 35.81 -23.50 -63.49
C GLU G 138 35.21 -24.89 -63.63
N MET G 139 34.14 -25.16 -62.88
CA MET G 139 33.48 -26.46 -62.97
C MET G 139 32.93 -26.70 -64.36
N GLU G 140 32.29 -25.70 -64.96
CA GLU G 140 31.80 -25.82 -66.32
C GLU G 140 32.95 -26.04 -67.31
N GLU G 141 34.09 -25.41 -67.05
CA GLU G 141 35.26 -25.64 -67.88
C GLU G 141 35.71 -27.09 -67.80
N LEU G 142 35.62 -27.71 -66.63
CA LEU G 142 36.01 -29.11 -66.52
C LEU G 142 35.05 -30.06 -67.22
N GLY G 143 33.81 -29.64 -67.49
CA GLY G 143 32.92 -30.47 -68.28
C GLY G 143 31.51 -30.65 -67.74
N PHE G 144 31.26 -30.20 -66.52
CA PHE G 144 29.96 -30.37 -65.90
C PHE G 144 29.06 -29.18 -66.19
N THR G 145 27.77 -29.36 -65.97
CA THR G 145 26.78 -28.33 -66.27
C THR G 145 26.33 -27.55 -65.04
N GLU G 146 25.84 -28.25 -64.01
CA GLU G 146 25.31 -27.56 -62.85
C GLU G 146 25.63 -28.33 -61.58
N PHE G 147 25.54 -27.61 -60.46
CA PHE G 147 25.81 -28.11 -59.12
C PHE G 147 24.56 -27.90 -58.28
N ASN G 148 23.68 -28.90 -58.27
CA ASN G 148 22.44 -28.78 -57.51
C ASN G 148 22.69 -28.98 -56.03
N LEU G 149 22.01 -28.17 -55.22
CA LEU G 149 22.19 -28.20 -53.78
C LEU G 149 20.83 -28.12 -53.09
N GLY G 150 20.66 -28.94 -52.06
CA GLY G 150 19.53 -28.86 -51.19
C GLY G 150 19.96 -28.75 -49.74
N PRO G 151 19.65 -27.61 -49.10
CA PRO G 151 20.03 -27.43 -47.70
C PRO G 151 18.93 -27.87 -46.76
N GLU G 152 19.35 -28.22 -45.53
CA GLU G 152 18.44 -28.63 -44.47
C GLU G 152 18.70 -27.76 -43.24
N PRO G 153 18.25 -26.51 -43.26
CA PRO G 153 18.50 -25.62 -42.12
C PRO G 153 17.58 -25.91 -40.95
N GLU G 154 18.13 -25.79 -39.75
CA GLU G 154 17.39 -25.97 -38.50
C GLU G 154 17.51 -24.69 -37.68
N PHE G 155 16.42 -24.31 -37.01
CA PHE G 155 16.42 -23.09 -36.23
C PHE G 155 15.68 -23.28 -34.92
N PHE G 156 16.02 -22.43 -33.96
CA PHE G 156 15.41 -22.45 -32.63
C PHE G 156 14.47 -21.27 -32.48
N LEU G 157 13.38 -21.48 -31.73
CA LEU G 157 12.41 -20.44 -31.44
C LEU G 157 12.39 -20.18 -29.94
N PHE G 158 12.57 -18.91 -29.56
CA PHE G 158 12.60 -18.50 -28.17
C PHE G 158 11.51 -17.46 -27.93
N LYS G 159 10.99 -17.45 -26.69
CA LYS G 159 9.96 -16.48 -26.33
C LYS G 159 10.60 -15.14 -26.01
N LEU G 160 9.94 -14.07 -26.45
CA LEU G 160 10.41 -12.72 -26.18
C LEU G 160 9.98 -12.26 -24.79
N ASP G 161 10.69 -11.27 -24.28
CA ASP G 161 10.40 -10.72 -22.96
C ASP G 161 9.41 -9.56 -23.09
N GLU G 162 9.18 -8.86 -21.98
CA GLU G 162 8.30 -7.70 -22.01
C GLU G 162 8.85 -6.59 -22.89
N ASN G 163 10.18 -6.39 -22.85
CA ASN G 163 10.83 -5.37 -23.65
C ASN G 163 11.20 -5.88 -25.05
N ARG G 164 10.52 -6.91 -25.53
CA ARG G 164 10.77 -7.49 -26.86
C ARG G 164 12.23 -7.93 -27.00
N ARG G 165 12.77 -8.51 -25.93
CA ARG G 165 14.12 -9.05 -25.96
C ARG G 165 14.07 -10.58 -25.86
N PRO G 166 14.92 -11.30 -26.59
CA PRO G 166 14.88 -12.76 -26.54
C PRO G 166 15.22 -13.27 -25.14
N THR G 167 14.55 -14.33 -24.74
CA THR G 167 14.82 -15.01 -23.49
C THR G 167 15.40 -16.40 -23.77
N LEU G 168 15.61 -17.18 -22.72
CA LEU G 168 16.14 -18.52 -22.86
C LEU G 168 15.06 -19.59 -22.80
N GLU G 169 13.79 -19.20 -22.85
CA GLU G 169 12.68 -20.14 -22.75
C GLU G 169 12.21 -20.51 -24.15
N LEU G 170 12.17 -21.81 -24.43
CA LEU G 170 11.75 -22.31 -25.73
C LEU G 170 10.24 -22.21 -25.88
N ASN G 171 9.79 -22.18 -27.14
CA ASN G 171 8.37 -22.00 -27.41
C ASN G 171 7.57 -23.26 -27.11
N ASP G 172 8.16 -24.44 -27.28
CA ASP G 172 7.45 -25.68 -26.98
C ASP G 172 8.46 -26.76 -26.61
N SER G 173 7.99 -27.74 -25.85
CA SER G 173 8.80 -28.90 -25.46
C SER G 173 8.46 -30.09 -26.35
N GLY G 174 8.83 -29.95 -27.63
CA GLY G 174 8.53 -30.94 -28.63
C GLY G 174 9.55 -32.05 -28.70
N GLY G 175 9.44 -32.86 -29.76
CA GLY G 175 10.34 -33.97 -29.97
C GLY G 175 10.59 -34.17 -31.45
N TYR G 176 11.34 -35.22 -31.76
CA TYR G 176 11.73 -35.48 -33.14
C TYR G 176 10.53 -35.99 -33.93
N PHE G 177 10.13 -35.24 -34.95
CA PHE G 177 9.00 -35.55 -35.81
C PHE G 177 7.68 -35.59 -35.03
N ASP G 178 7.63 -34.99 -33.86
CA ASP G 178 6.45 -35.05 -33.03
C ASP G 178 5.42 -34.01 -33.46
N LEU G 179 4.14 -34.31 -33.20
CA LEU G 179 3.06 -33.38 -33.47
C LEU G 179 2.85 -32.49 -32.25
N ALA G 180 3.90 -31.74 -31.93
CA ALA G 180 3.95 -30.96 -30.69
C ALA G 180 3.18 -29.65 -30.79
N PRO G 181 3.42 -28.78 -31.78
CA PRO G 181 2.67 -27.51 -31.82
C PRO G 181 1.16 -27.70 -31.95
N THR G 182 0.73 -28.78 -32.61
CA THR G 182 -0.68 -29.11 -32.79
C THR G 182 -1.46 -27.98 -33.48
N ASP G 183 -2.78 -28.09 -33.46
CA ASP G 183 -3.67 -27.13 -34.09
C ASP G 183 -4.12 -26.09 -33.07
N LEU G 184 -5.20 -25.37 -33.39
CA LEU G 184 -5.79 -24.36 -32.45
C LEU G 184 -4.80 -23.22 -32.17
N GLY G 185 -4.33 -22.53 -33.22
CA GLY G 185 -3.50 -21.37 -33.03
C GLY G 185 -2.04 -21.70 -32.86
N GLU G 186 -1.24 -20.64 -32.71
CA GLU G 186 0.22 -20.72 -32.59
C GLU G 186 0.74 -21.49 -33.81
N ASN G 187 1.54 -22.53 -33.63
CA ASN G 187 2.13 -23.28 -34.73
C ASN G 187 2.85 -22.35 -35.70
N CYS G 188 3.90 -21.70 -35.17
CA CYS G 188 4.64 -20.73 -35.97
C CYS G 188 5.27 -21.36 -37.20
N ARG G 189 5.59 -22.65 -37.11
CA ARG G 189 6.19 -23.37 -38.27
C ARG G 189 5.19 -23.38 -39.43
N ARG G 190 3.90 -23.64 -39.14
CA ARG G 190 2.88 -23.66 -40.18
C ARG G 190 2.72 -22.29 -40.84
N ASP G 191 2.67 -21.23 -40.03
CA ASP G 191 2.55 -19.89 -40.59
C ASP G 191 3.77 -19.54 -41.44
N ILE G 192 4.96 -19.90 -40.96
CA ILE G 192 6.19 -19.61 -41.70
C ILE G 192 6.18 -20.31 -43.04
N VAL G 193 5.83 -21.59 -43.06
CA VAL G 193 5.84 -22.33 -44.33
C VAL G 193 4.75 -21.82 -45.26
N LEU G 194 3.60 -21.40 -44.70
CA LEU G 194 2.54 -20.86 -45.55
C LEU G 194 2.97 -19.56 -46.21
N GLU G 195 3.57 -18.65 -45.44
CA GLU G 195 4.04 -17.40 -46.04
C GLU G 195 5.20 -17.62 -47.00
N LEU G 196 6.06 -18.60 -46.72
CA LEU G 196 7.13 -18.92 -47.67
C LEU G 196 6.55 -19.44 -48.99
N GLU G 197 5.53 -20.30 -48.91
CA GLU G 197 4.87 -20.77 -50.12
C GLU G 197 4.22 -19.61 -50.88
N GLU G 198 3.59 -18.70 -50.15
CA GLU G 198 2.97 -17.54 -50.78
C GLU G 198 4.02 -16.67 -51.48
N MET G 199 5.16 -16.47 -50.85
CA MET G 199 6.23 -15.64 -51.42
C MET G 199 6.89 -16.29 -52.63
N GLY G 200 6.65 -17.57 -52.89
CA GLY G 200 7.23 -18.22 -54.03
C GLY G 200 8.45 -19.05 -53.71
N PHE G 201 8.38 -19.84 -52.64
CA PHE G 201 9.44 -20.74 -52.23
C PHE G 201 9.01 -22.18 -52.47
N GLU G 202 9.96 -23.01 -52.90
CA GLU G 202 9.69 -24.42 -53.15
C GLU G 202 10.05 -25.19 -51.88
N ILE G 203 9.04 -25.43 -51.05
CA ILE G 203 9.23 -26.14 -49.78
C ILE G 203 8.85 -27.59 -49.96
N GLU G 204 9.79 -28.49 -49.63
CA GLU G 204 9.54 -29.94 -49.77
C GLU G 204 8.78 -30.44 -48.54
N ALA G 205 9.32 -30.21 -47.35
CA ALA G 205 8.68 -30.68 -46.09
C ALA G 205 9.05 -29.77 -44.92
N SER G 206 8.45 -29.99 -43.75
CA SER G 206 8.74 -29.19 -42.54
C SER G 206 8.41 -30.03 -41.30
N HIS G 207 9.31 -30.09 -40.32
CA HIS G 207 9.05 -30.97 -39.14
C HIS G 207 9.76 -30.47 -37.88
N HIS G 208 9.45 -31.07 -36.73
CA HIS G 208 10.06 -30.72 -35.46
C HIS G 208 11.33 -31.53 -35.26
N GLU G 209 12.39 -30.88 -34.79
CA GLU G 209 13.68 -31.52 -34.64
C GLU G 209 13.78 -32.16 -33.25
N VAL G 210 14.93 -32.76 -32.97
CA VAL G 210 15.10 -33.52 -31.72
C VAL G 210 14.98 -32.59 -30.51
N ALA G 211 15.65 -31.44 -30.57
CA ALA G 211 15.64 -30.53 -29.45
C ALA G 211 14.27 -29.86 -29.30
N PRO G 212 13.85 -29.57 -28.08
CA PRO G 212 12.62 -28.79 -27.89
C PRO G 212 12.77 -27.40 -28.50
N GLY G 213 11.70 -26.94 -29.14
CA GLY G 213 11.75 -25.63 -29.77
C GLY G 213 12.60 -25.55 -31.01
N GLN G 214 13.04 -26.69 -31.57
CA GLN G 214 13.88 -26.72 -32.74
C GLN G 214 13.06 -27.25 -33.92
N HIS G 215 13.12 -26.52 -35.05
CA HIS G 215 12.32 -26.86 -36.21
C HIS G 215 13.19 -26.88 -37.45
N GLU G 216 12.82 -27.72 -38.41
CA GLU G 216 13.54 -27.84 -39.67
C GLU G 216 12.55 -27.71 -40.83
N ILE G 217 12.95 -26.96 -41.85
CA ILE G 217 12.20 -26.81 -43.09
C ILE G 217 13.12 -27.15 -44.25
N ASP G 218 12.67 -28.04 -45.14
CA ASP G 218 13.48 -28.52 -46.24
C ASP G 218 13.10 -27.80 -47.53
N PHE G 219 14.10 -27.61 -48.40
CA PHE G 219 13.92 -26.94 -49.67
C PHE G 219 13.96 -27.92 -50.83
N LYS G 220 13.57 -27.43 -52.00
CA LYS G 220 13.77 -28.16 -53.23
C LYS G 220 15.19 -27.90 -53.76
N TYR G 221 15.66 -28.80 -54.61
CA TYR G 221 17.03 -28.73 -55.10
C TYR G 221 17.11 -27.80 -56.29
N GLU G 222 17.87 -26.72 -56.14
CA GLU G 222 18.07 -25.73 -57.20
C GLU G 222 19.56 -25.59 -57.47
N ASP G 223 19.91 -24.62 -58.31
CA ASP G 223 21.29 -24.32 -58.61
C ASP G 223 21.99 -23.77 -57.36
N ALA G 224 23.32 -23.72 -57.42
CA ALA G 224 24.10 -23.27 -56.27
C ALA G 224 23.75 -21.84 -55.90
N ILE G 225 23.79 -20.93 -56.88
CA ILE G 225 23.53 -19.52 -56.60
C ILE G 225 22.09 -19.33 -56.12
N THR G 226 21.14 -19.96 -56.81
CA THR G 226 19.74 -19.85 -56.42
C THR G 226 19.52 -20.44 -55.03
N ALA G 227 20.18 -21.56 -54.71
CA ALA G 227 20.03 -22.15 -53.39
C ALA G 227 20.57 -21.23 -52.31
N CYS G 228 21.72 -20.60 -52.54
CA CYS G 228 22.28 -19.67 -51.55
C CYS G 228 21.38 -18.46 -51.37
N ASP G 229 20.86 -17.91 -52.46
CA ASP G 229 19.94 -16.78 -52.36
C ASP G 229 18.69 -17.17 -51.58
N SER G 230 18.17 -18.37 -51.85
CA SER G 230 17.01 -18.85 -51.11
C SER G 230 17.32 -19.02 -49.64
N ILE G 231 18.53 -19.46 -49.32
CA ILE G 231 18.93 -19.61 -47.92
C ILE G 231 18.91 -18.26 -47.22
N GLN G 232 19.50 -17.25 -47.85
CA GLN G 232 19.53 -15.92 -47.24
C GLN G 232 18.11 -15.36 -47.07
N THR G 233 17.29 -15.47 -48.11
CA THR G 233 15.92 -14.99 -48.03
C THR G 233 15.13 -15.74 -46.97
N PHE G 234 15.38 -17.05 -46.85
CA PHE G 234 14.69 -17.86 -45.85
C PHE G 234 15.04 -17.41 -44.45
N LYS G 235 16.32 -17.14 -44.20
CA LYS G 235 16.71 -16.62 -42.89
C LYS G 235 16.00 -15.32 -42.58
N LEU G 236 16.02 -14.39 -43.55
CA LEU G 236 15.39 -13.09 -43.33
C LEU G 236 13.89 -13.24 -43.05
N VAL G 237 13.21 -14.03 -43.86
CA VAL G 237 11.76 -14.18 -43.74
C VAL G 237 11.41 -14.87 -42.43
N VAL G 238 12.15 -15.91 -42.06
CA VAL G 238 11.87 -16.63 -40.82
C VAL G 238 12.04 -15.70 -39.63
N LYS G 239 13.13 -14.92 -39.61
CA LYS G 239 13.32 -13.99 -38.50
C LYS G 239 12.19 -12.97 -38.43
N THR G 240 11.79 -12.41 -39.57
CA THR G 240 10.73 -11.41 -39.56
C THR G 240 9.41 -12.00 -39.07
N ILE G 241 9.05 -13.18 -39.56
CA ILE G 241 7.77 -13.77 -39.19
C ILE G 241 7.77 -14.18 -37.72
N ALA G 242 8.90 -14.72 -37.23
CA ALA G 242 8.98 -15.05 -35.82
C ALA G 242 8.85 -13.81 -34.95
N ARG G 243 9.48 -12.70 -35.36
CA ARG G 243 9.29 -11.46 -34.64
C ARG G 243 7.85 -10.99 -34.68
N LYS G 244 7.13 -11.31 -35.76
CA LYS G 244 5.69 -10.92 -35.89
C LYS G 244 4.89 -11.57 -34.77
N HIS G 245 5.12 -12.86 -34.51
CA HIS G 245 4.35 -13.60 -33.52
C HIS G 245 4.99 -13.56 -32.13
N GLY G 246 5.77 -12.53 -31.84
CA GLY G 246 6.38 -12.42 -30.51
C GLY G 246 7.36 -13.53 -30.20
N LEU G 247 8.19 -13.91 -31.18
CA LEU G 247 9.18 -14.95 -30.99
C LEU G 247 10.50 -14.49 -31.61
N HIS G 248 11.58 -15.12 -31.17
CA HIS G 248 12.91 -14.88 -31.70
C HIS G 248 13.40 -16.17 -32.36
N ALA G 249 13.64 -16.12 -33.66
CA ALA G 249 14.17 -17.25 -34.41
C ALA G 249 15.67 -17.08 -34.53
N THR G 250 16.41 -18.05 -34.03
CA THR G 250 17.87 -18.00 -34.04
C THR G 250 18.43 -19.19 -34.80
N PHE G 251 19.50 -18.92 -35.55
CA PHE G 251 20.25 -19.92 -36.28
C PHE G 251 21.62 -20.16 -35.66
N MET G 252 21.78 -19.90 -34.38
CA MET G 252 23.03 -20.18 -33.70
C MET G 252 23.27 -21.69 -33.70
N PRO G 253 24.49 -22.15 -33.98
CA PRO G 253 24.74 -23.60 -34.02
C PRO G 253 24.44 -24.31 -32.73
N LYS G 254 24.67 -23.67 -31.58
CA LYS G 254 24.46 -24.31 -30.28
C LYS G 254 24.05 -23.27 -29.26
N PRO G 255 22.79 -22.84 -29.27
CA PRO G 255 22.34 -21.85 -28.29
C PRO G 255 22.37 -22.34 -26.86
N LEU G 256 22.16 -23.63 -26.63
CA LEU G 256 22.08 -24.17 -25.28
C LEU G 256 23.00 -25.38 -25.13
N PHE G 257 23.47 -25.58 -23.91
CA PHE G 257 24.35 -26.69 -23.59
C PHE G 257 23.54 -27.94 -23.24
N GLY G 258 24.06 -29.10 -23.62
CA GLY G 258 23.40 -30.35 -23.32
C GLY G 258 22.19 -30.64 -24.18
N VAL G 259 21.97 -29.86 -25.23
CA VAL G 259 20.83 -30.02 -26.12
C VAL G 259 21.36 -30.10 -27.54
N ASN G 260 20.58 -30.72 -28.43
CA ASN G 260 21.00 -30.87 -29.81
C ASN G 260 21.23 -29.50 -30.46
N GLY G 261 22.26 -29.42 -31.30
CA GLY G 261 22.55 -28.21 -32.02
C GLY G 261 21.78 -28.10 -33.31
N SER G 262 22.04 -27.02 -34.03
CA SER G 262 21.38 -26.72 -35.30
C SER G 262 22.38 -26.93 -36.44
N GLY G 263 21.95 -27.67 -37.46
CA GLY G 263 22.80 -27.93 -38.60
C GLY G 263 22.18 -27.49 -39.91
N MET G 264 22.99 -27.43 -40.96
CA MET G 264 22.54 -27.03 -42.29
C MET G 264 23.08 -28.02 -43.33
N HIS G 265 22.80 -29.30 -43.11
CA HIS G 265 23.28 -30.35 -44.01
C HIS G 265 23.04 -29.98 -45.47
N PHE G 266 24.07 -30.18 -46.28
CA PHE G 266 24.05 -29.86 -47.70
C PHE G 266 24.01 -31.14 -48.51
N ASN G 267 22.97 -31.32 -49.32
CA ASN G 267 22.88 -32.45 -50.24
C ASN G 267 23.25 -31.91 -51.62
N MET G 268 24.43 -32.30 -52.11
CA MET G 268 24.96 -31.78 -53.36
C MET G 268 24.97 -32.88 -54.41
N SER G 269 24.66 -32.49 -55.64
CA SER G 269 24.72 -33.39 -56.79
C SER G 269 25.32 -32.62 -57.98
N LEU G 270 26.10 -33.34 -58.77
CA LEU G 270 26.79 -32.75 -59.92
C LEU G 270 26.15 -33.29 -61.20
N PHE G 271 25.84 -32.39 -62.13
CA PHE G 271 25.15 -32.77 -63.35
C PHE G 271 26.01 -32.52 -64.58
N ASN G 272 25.76 -33.29 -65.63
CA ASN G 272 26.41 -33.08 -66.91
C ASN G 272 25.36 -33.06 -68.02
N GLU G 273 25.81 -33.11 -69.28
CA GLU G 273 24.87 -33.09 -70.40
C GLU G 273 23.96 -34.30 -70.38
N LYS G 274 24.52 -35.49 -70.08
CA LYS G 274 23.71 -36.70 -70.05
C LYS G 274 22.70 -36.68 -68.92
N GLY G 275 23.15 -36.34 -67.71
CA GLY G 275 22.28 -36.31 -66.56
C GLY G 275 23.02 -36.17 -65.25
N ASN G 276 22.67 -36.99 -64.26
CA ASN G 276 23.38 -36.96 -63.00
C ASN G 276 24.73 -37.64 -63.14
N ALA G 277 25.80 -36.93 -62.76
CA ALA G 277 27.15 -37.47 -62.89
C ALA G 277 27.51 -38.40 -61.76
N PHE G 278 26.75 -38.41 -60.67
CA PHE G 278 27.04 -39.26 -59.52
C PHE G 278 26.39 -40.64 -59.61
N PHE G 279 25.58 -40.88 -60.63
CA PHE G 279 24.81 -42.11 -60.73
C PHE G 279 25.40 -43.03 -61.79
N ASP G 280 25.54 -44.30 -61.45
CA ASP G 280 26.04 -45.32 -62.38
C ASP G 280 25.47 -46.65 -61.94
N GLU G 281 24.56 -47.21 -62.75
CA GLU G 281 23.91 -48.46 -62.37
C GLU G 281 24.89 -49.62 -62.29
N SER G 282 26.00 -49.54 -63.02
CA SER G 282 26.98 -50.62 -63.06
C SER G 282 28.09 -50.46 -62.03
N GLY G 283 28.08 -49.37 -61.25
CA GLY G 283 29.13 -49.14 -60.27
C GLY G 283 28.78 -49.66 -58.89
N GLU G 284 29.81 -49.77 -58.06
CA GLU G 284 29.61 -50.19 -56.68
C GLU G 284 28.74 -49.18 -55.94
N LEU G 285 27.76 -49.69 -55.18
CA LEU G 285 26.78 -48.86 -54.48
C LEU G 285 25.98 -47.99 -55.44
N GLU G 286 25.95 -48.37 -56.72
CA GLU G 286 25.32 -47.56 -57.76
C GLU G 286 25.86 -46.14 -57.78
N LEU G 287 27.18 -46.02 -57.63
CA LEU G 287 27.86 -44.74 -57.61
C LEU G 287 28.92 -44.72 -58.70
N SER G 288 29.00 -43.59 -59.42
CA SER G 288 29.98 -43.45 -60.48
C SER G 288 31.37 -43.16 -59.92
N GLN G 289 32.37 -43.29 -60.77
CA GLN G 289 33.73 -42.95 -60.37
C GLN G 289 33.85 -41.46 -60.07
N THR G 290 33.05 -40.64 -60.72
CA THR G 290 33.03 -39.21 -60.40
C THR G 290 32.59 -38.97 -58.97
N ALA G 291 31.57 -39.72 -58.50
CA ALA G 291 31.12 -39.58 -57.13
C ALA G 291 32.21 -39.99 -56.14
N TYR G 292 32.94 -41.07 -56.45
CA TYR G 292 34.01 -41.50 -55.55
C TYR G 292 35.15 -40.49 -55.53
N HIS G 293 35.50 -39.92 -56.67
CA HIS G 293 36.52 -38.87 -56.70
C HIS G 293 36.06 -37.66 -55.90
N PHE G 294 34.79 -37.29 -56.02
CA PHE G 294 34.26 -36.17 -55.24
C PHE G 294 34.33 -36.47 -53.75
N LEU G 295 33.99 -37.71 -53.36
CA LEU G 295 34.11 -38.09 -51.95
C LEU G 295 35.55 -38.00 -51.46
N ALA G 296 36.50 -38.48 -52.27
CA ALA G 296 37.90 -38.42 -51.88
C ALA G 296 38.36 -36.98 -51.71
N GLY G 297 37.97 -36.11 -52.64
CA GLY G 297 38.33 -34.71 -52.52
C GLY G 297 37.70 -34.04 -51.30
N MET G 298 36.43 -34.35 -51.04
CA MET G 298 35.75 -33.76 -49.90
C MET G 298 36.36 -34.21 -48.58
N LEU G 299 36.74 -35.49 -48.49
CA LEU G 299 37.32 -36.00 -47.25
C LEU G 299 38.77 -35.55 -47.06
N LYS G 300 39.52 -35.41 -48.15
CA LYS G 300 40.92 -35.05 -48.02
C LYS G 300 41.09 -33.65 -47.45
N HIS G 301 40.26 -32.70 -47.90
CA HIS G 301 40.40 -31.30 -47.52
C HIS G 301 39.38 -30.87 -46.47
N ALA G 302 38.70 -31.81 -45.81
CA ALA G 302 37.69 -31.44 -44.82
C ALA G 302 38.32 -30.66 -43.69
N ARG G 303 39.48 -31.09 -43.22
CA ARG G 303 40.20 -30.36 -42.19
C ARG G 303 40.54 -28.94 -42.66
N GLY G 304 40.65 -28.74 -43.96
CA GLY G 304 40.93 -27.42 -44.52
C GLY G 304 39.77 -26.47 -44.49
N TYR G 305 38.61 -26.89 -45.00
CA TYR G 305 37.45 -26.01 -45.10
C TYR G 305 36.53 -26.10 -43.89
N THR G 306 36.92 -26.84 -42.85
CA THR G 306 36.12 -26.85 -41.63
C THR G 306 35.96 -25.44 -41.06
N ALA G 307 36.99 -24.60 -41.22
CA ALA G 307 36.88 -23.22 -40.75
C ALA G 307 35.82 -22.45 -41.52
N VAL G 308 35.77 -22.62 -42.84
CA VAL G 308 34.79 -21.90 -43.64
C VAL G 308 33.38 -22.41 -43.37
N THR G 309 33.21 -23.72 -43.25
CA THR G 309 31.88 -24.26 -43.01
C THR G 309 31.39 -24.01 -41.59
N ASN G 310 32.30 -23.80 -40.64
CA ASN G 310 31.95 -23.50 -39.25
C ASN G 310 32.73 -22.27 -38.82
N PRO G 311 32.30 -21.02 -39.16
CA PRO G 311 33.12 -19.85 -38.90
C PRO G 311 33.00 -19.18 -37.52
N THR G 312 32.00 -19.57 -36.72
CA THR G 312 31.80 -18.89 -35.42
C THR G 312 32.49 -19.68 -34.31
N ILE G 313 32.71 -19.04 -33.16
CA ILE G 313 33.29 -19.78 -32.00
C ILE G 313 32.27 -20.81 -31.53
N ASN G 314 30.99 -20.42 -31.48
CA ASN G 314 29.96 -21.32 -30.98
C ASN G 314 29.80 -22.56 -31.85
N SER G 315 30.21 -22.48 -33.12
CA SER G 315 30.03 -23.60 -34.04
C SER G 315 30.71 -24.86 -33.51
N PHE G 316 31.94 -24.71 -33.03
CA PHE G 316 32.68 -25.87 -32.54
C PHE G 316 32.16 -26.37 -31.19
N LYS G 317 31.25 -25.64 -30.55
CA LYS G 317 30.54 -26.21 -29.41
C LYS G 317 29.50 -27.23 -29.87
N ARG G 318 29.04 -27.14 -31.11
CA ARG G 318 28.11 -28.13 -31.64
C ARG G 318 28.84 -29.42 -32.03
N LEU G 319 30.08 -29.29 -32.52
CA LEU G 319 30.85 -30.44 -32.99
C LEU G 319 31.44 -31.19 -31.79
N VAL G 320 30.54 -31.79 -31.01
CA VAL G 320 30.93 -32.59 -29.85
C VAL G 320 30.21 -33.94 -29.94
N PRO G 321 30.80 -35.01 -29.42
CA PRO G 321 30.14 -36.32 -29.54
C PRO G 321 28.87 -36.40 -28.72
N GLY G 322 27.95 -37.25 -29.19
CA GLY G 322 26.72 -37.54 -28.47
C GLY G 322 25.51 -36.72 -28.87
N TYR G 323 25.64 -35.84 -29.87
CA TYR G 323 24.51 -35.02 -30.30
C TYR G 323 24.32 -35.10 -31.80
N GLU G 324 24.75 -36.20 -32.41
CA GLU G 324 24.58 -36.53 -33.83
C GLU G 324 25.35 -35.59 -34.76
N ALA G 325 26.09 -34.63 -34.22
CA ALA G 325 26.95 -33.79 -35.06
C ALA G 325 28.22 -34.56 -35.42
N PRO G 326 28.76 -34.36 -36.61
CA PRO G 326 29.99 -35.07 -36.99
C PRO G 326 31.18 -34.63 -36.16
N CYS G 327 32.07 -35.58 -35.90
CA CYS G 327 33.30 -35.29 -35.19
C CYS G 327 34.54 -35.93 -35.81
N TYR G 328 34.39 -36.84 -36.77
CA TYR G 328 35.51 -37.53 -37.38
C TYR G 328 35.37 -37.49 -38.89
N ILE G 329 36.51 -37.47 -39.58
CA ILE G 329 36.52 -37.41 -41.04
C ILE G 329 36.30 -38.81 -41.60
N ALA G 330 35.05 -39.15 -41.87
CA ALA G 330 34.71 -40.45 -42.42
C ALA G 330 33.37 -40.34 -43.14
N TRP G 331 33.13 -41.29 -44.04
CA TRP G 331 31.89 -41.33 -44.81
C TRP G 331 31.24 -42.70 -44.67
N SER G 332 29.92 -42.71 -44.74
CA SER G 332 29.17 -43.95 -44.59
C SER G 332 27.79 -43.78 -45.21
N GLY G 333 27.14 -44.91 -45.49
CA GLY G 333 25.78 -44.89 -45.98
C GLY G 333 24.78 -44.93 -44.84
N LYS G 334 25.19 -45.52 -43.71
CA LYS G 334 24.32 -45.58 -42.54
C LYS G 334 25.22 -45.71 -41.31
N ASN G 335 25.33 -44.62 -40.56
CA ASN G 335 26.17 -44.59 -39.38
C ASN G 335 25.71 -43.48 -38.46
N ARG G 336 26.13 -43.57 -37.19
CA ARG G 336 25.78 -42.53 -36.19
C ARG G 336 26.67 -41.32 -36.41
N SER G 337 26.14 -40.26 -37.03
CA SER G 337 26.83 -39.00 -37.26
C SER G 337 28.10 -39.16 -38.09
N PRO G 338 27.98 -39.48 -39.38
CA PRO G 338 29.17 -39.44 -40.25
C PRO G 338 29.37 -38.05 -40.83
N LEU G 339 30.63 -37.76 -41.19
CA LEU G 339 30.92 -36.46 -41.80
C LEU G 339 30.23 -36.31 -43.15
N VAL G 340 30.27 -37.36 -43.97
CA VAL G 340 29.60 -37.36 -45.27
C VAL G 340 28.70 -38.58 -45.33
N ARG G 341 27.44 -38.37 -45.71
CA ARG G 341 26.45 -39.43 -45.79
C ARG G 341 25.93 -39.54 -47.21
N VAL G 342 25.75 -40.78 -47.67
CA VAL G 342 25.23 -41.05 -49.00
C VAL G 342 23.78 -41.51 -48.85
N PRO G 343 22.80 -40.68 -49.22
CA PRO G 343 21.41 -41.11 -49.12
C PRO G 343 21.11 -42.28 -50.04
N SER G 344 20.14 -43.11 -49.63
CA SER G 344 19.83 -44.32 -50.37
C SER G 344 19.18 -44.05 -51.73
N SER G 345 18.63 -42.86 -51.93
CA SER G 345 17.99 -42.54 -53.19
C SER G 345 19.01 -42.52 -54.32
N ARG G 346 18.60 -43.04 -55.49
CA ARG G 346 19.47 -43.09 -56.65
C ARG G 346 18.78 -42.52 -57.88
N GLY G 347 19.39 -42.68 -59.04
CA GLY G 347 18.86 -42.10 -60.26
C GLY G 347 19.24 -40.64 -60.38
N LEU G 348 18.28 -39.80 -60.76
CA LEU G 348 18.52 -38.36 -60.80
C LEU G 348 18.63 -37.75 -59.41
N SER G 349 18.28 -38.49 -58.36
CA SER G 349 18.32 -38.00 -57.00
C SER G 349 19.60 -38.39 -56.27
N THR G 350 20.57 -38.96 -56.98
CA THR G 350 21.83 -39.32 -56.34
C THR G 350 22.55 -38.07 -55.86
N ARG G 351 23.03 -38.10 -54.62
CA ARG G 351 23.63 -36.92 -54.02
C ARG G 351 24.52 -37.35 -52.85
N LEU G 352 25.40 -36.43 -52.45
CA LEU G 352 26.25 -36.62 -51.28
C LEU G 352 25.89 -35.55 -50.26
N GLU G 353 25.73 -35.97 -49.01
CA GLU G 353 25.32 -35.06 -47.95
C GLU G 353 26.49 -34.78 -47.03
N LEU G 354 26.83 -33.50 -46.88
CA LEU G 354 27.79 -33.04 -45.90
C LEU G 354 27.05 -32.49 -44.69
N ARG G 355 27.38 -33.00 -43.51
CA ARG G 355 26.64 -32.70 -42.30
C ARG G 355 27.37 -31.76 -41.35
N SER G 356 28.59 -31.33 -41.69
CA SER G 356 29.35 -30.47 -40.79
C SER G 356 28.95 -29.00 -40.91
N VAL G 357 28.18 -28.63 -41.93
CA VAL G 357 27.82 -27.24 -42.13
C VAL G 357 26.74 -26.83 -41.13
N ASP G 358 26.83 -25.60 -40.63
CA ASP G 358 25.87 -25.04 -39.71
C ASP G 358 25.20 -23.82 -40.33
N PRO G 359 24.03 -23.42 -39.82
CA PRO G 359 23.32 -22.27 -40.42
C PRO G 359 24.09 -20.97 -40.36
N SER G 360 25.06 -20.84 -39.46
CA SER G 360 25.82 -19.60 -39.34
C SER G 360 26.80 -19.38 -40.48
N ALA G 361 27.08 -20.40 -41.28
CA ALA G 361 28.07 -20.28 -42.34
C ALA G 361 27.54 -19.44 -43.50
N ASN G 362 28.46 -18.82 -44.22
CA ASN G 362 28.12 -18.11 -45.44
C ASN G 362 27.88 -19.13 -46.54
N PRO G 363 26.68 -19.18 -47.14
CA PRO G 363 26.41 -20.21 -48.15
C PRO G 363 27.33 -20.14 -49.35
N TYR G 364 27.66 -18.93 -49.81
CA TYR G 364 28.48 -18.80 -51.00
C TYR G 364 29.89 -19.31 -50.77
N LEU G 365 30.51 -18.92 -49.65
CA LEU G 365 31.86 -19.38 -49.35
C LEU G 365 31.91 -20.88 -49.15
N ALA G 366 30.93 -21.42 -48.43
CA ALA G 366 30.91 -22.86 -48.20
C ALA G 366 30.75 -23.63 -49.50
N MET G 367 29.84 -23.18 -50.37
CA MET G 367 29.69 -23.85 -51.66
C MET G 367 30.95 -23.72 -52.50
N ALA G 368 31.60 -22.57 -52.47
CA ALA G 368 32.82 -22.38 -53.25
C ALA G 368 33.91 -23.35 -52.80
N VAL G 369 34.12 -23.45 -51.48
CA VAL G 369 35.21 -24.31 -51.00
C VAL G 369 34.86 -25.78 -51.22
N LEU G 370 33.60 -26.16 -51.03
CA LEU G 370 33.22 -27.55 -51.27
C LEU G 370 33.37 -27.93 -52.74
N LEU G 371 32.94 -27.03 -53.64
CA LEU G 371 33.10 -27.29 -55.06
C LEU G 371 34.57 -27.37 -55.44
N LYS G 372 35.40 -26.50 -54.88
CA LYS G 372 36.83 -26.56 -55.17
C LYS G 372 37.43 -27.89 -54.70
N ALA G 373 37.06 -28.34 -53.50
CA ALA G 373 37.58 -29.61 -53.00
C ALA G 373 37.14 -30.78 -53.87
N GLY G 374 35.86 -30.82 -54.24
CA GLY G 374 35.38 -31.89 -55.09
C GLY G 374 36.03 -31.87 -56.47
N LEU G 375 36.20 -30.69 -57.04
CA LEU G 375 36.83 -30.56 -58.35
C LEU G 375 38.29 -31.00 -58.29
N SER G 376 39.00 -30.66 -57.22
CA SER G 376 40.37 -31.12 -57.07
C SER G 376 40.43 -32.63 -56.93
N GLY G 377 39.50 -33.21 -56.18
CA GLY G 377 39.44 -34.66 -56.08
C GLY G 377 39.19 -35.34 -57.41
N ILE G 378 38.29 -34.75 -58.21
CA ILE G 378 38.01 -35.31 -59.53
C ILE G 378 39.24 -35.20 -60.42
N LYS G 379 39.90 -34.05 -60.42
CA LYS G 379 41.07 -33.86 -61.28
C LYS G 379 42.20 -34.79 -60.89
N ASP G 380 42.44 -34.97 -59.59
CA ASP G 380 43.51 -35.85 -59.14
C ASP G 380 43.11 -37.32 -59.15
N GLU G 381 41.83 -37.63 -59.33
CA GLU G 381 41.33 -39.00 -59.35
C GLU G 381 41.72 -39.76 -58.08
N LEU G 382 41.55 -39.11 -56.94
CA LEU G 382 41.89 -39.73 -55.67
C LEU G 382 40.94 -40.87 -55.34
N THR G 383 41.47 -41.89 -54.67
CA THR G 383 40.67 -43.03 -54.23
C THR G 383 40.14 -42.77 -52.83
N PRO G 384 38.82 -42.81 -52.60
CA PRO G 384 38.31 -42.52 -51.27
C PRO G 384 38.59 -43.67 -50.32
N PRO G 385 38.68 -43.39 -49.02
CA PRO G 385 38.86 -44.47 -48.05
C PRO G 385 37.60 -45.31 -47.94
N ALA G 386 37.78 -46.53 -47.43
CA ALA G 386 36.66 -47.43 -47.27
C ALA G 386 35.67 -46.86 -46.24
N PRO G 387 34.37 -47.02 -46.46
CA PRO G 387 33.39 -46.50 -45.50
C PRO G 387 33.47 -47.25 -44.18
N VAL G 388 33.14 -46.54 -43.11
CA VAL G 388 33.18 -47.10 -41.77
C VAL G 388 31.76 -47.27 -41.26
N ASP G 389 31.48 -48.43 -40.66
CA ASP G 389 30.15 -48.75 -40.16
C ASP G 389 30.22 -49.53 -38.85
N ARG G 390 31.26 -49.31 -38.05
CA ARG G 390 31.54 -50.15 -36.89
C ARG G 390 31.39 -49.33 -35.61
N ASN G 391 30.75 -48.17 -35.72
CA ASN G 391 30.56 -47.24 -34.59
C ASN G 391 31.90 -46.77 -34.03
N ILE G 392 32.59 -45.97 -34.86
CA ILE G 392 33.88 -45.39 -34.55
C ILE G 392 33.92 -44.76 -33.16
N TYR G 393 32.76 -44.34 -32.66
CA TYR G 393 32.68 -43.84 -31.29
C TYR G 393 33.02 -44.91 -30.28
N GLY G 394 32.98 -46.19 -30.66
CA GLY G 394 33.30 -47.25 -29.72
C GLY G 394 34.74 -47.22 -29.26
N MET G 395 35.66 -47.00 -30.20
CA MET G 395 37.08 -47.01 -29.84
C MET G 395 37.51 -45.66 -29.30
N ASN G 396 38.72 -45.63 -28.74
CA ASN G 396 39.32 -44.38 -28.30
C ASN G 396 39.95 -43.65 -29.48
N GLU G 397 40.50 -42.47 -29.21
CA GLU G 397 41.14 -41.70 -30.28
C GLU G 397 42.35 -42.45 -30.84
N GLU G 398 43.16 -43.07 -29.98
CA GLU G 398 44.34 -43.79 -30.44
C GLU G 398 43.95 -45.01 -31.25
N GLU G 399 42.91 -45.73 -30.83
CA GLU G 399 42.50 -46.95 -31.51
C GLU G 399 41.93 -46.70 -32.91
N ARG G 400 41.44 -45.48 -33.19
CA ARG G 400 40.94 -45.15 -34.50
C ARG G 400 41.89 -44.29 -35.32
N GLU G 401 42.89 -43.67 -34.68
CA GLU G 401 43.88 -42.91 -35.44
C GLU G 401 44.80 -43.83 -36.24
N ALA G 402 44.86 -45.11 -35.89
CA ALA G 402 45.64 -46.06 -36.68
C ALA G 402 45.09 -46.18 -38.09
N THR G 403 43.78 -46.20 -38.23
CA THR G 403 43.13 -46.22 -39.54
C THR G 403 43.10 -44.79 -40.08
N GLY G 404 42.34 -44.58 -41.16
CA GLY G 404 42.25 -43.28 -41.78
C GLY G 404 41.34 -42.28 -41.08
N ILE G 405 40.80 -42.65 -39.92
CA ILE G 405 39.87 -41.76 -39.21
C ILE G 405 40.67 -40.69 -38.50
N TYR G 406 40.32 -39.43 -38.75
CA TYR G 406 40.97 -38.30 -38.11
C TYR G 406 39.93 -37.36 -37.52
N ASP G 407 40.34 -36.59 -36.54
CA ASP G 407 39.44 -35.68 -35.83
C ASP G 407 39.34 -34.36 -36.56
N LEU G 408 38.14 -33.78 -36.54
CA LEU G 408 37.96 -32.42 -37.01
C LEU G 408 38.60 -31.46 -36.01
N PRO G 409 38.95 -30.24 -36.45
CA PRO G 409 39.51 -29.26 -35.52
C PRO G 409 38.55 -28.99 -34.37
N GLU G 410 39.11 -28.87 -33.17
CA GLU G 410 38.30 -28.73 -31.96
C GLU G 410 38.01 -27.29 -31.60
N SER G 411 38.69 -26.33 -32.23
CA SER G 411 38.47 -24.92 -31.94
C SER G 411 38.65 -24.13 -33.23
N LEU G 412 38.14 -22.90 -33.23
CA LEU G 412 38.25 -22.04 -34.43
C LEU G 412 39.72 -21.77 -34.73
N GLY G 413 40.56 -21.59 -33.70
CA GLY G 413 41.96 -21.29 -33.97
C GLY G 413 42.66 -22.40 -34.73
N HIS G 414 42.42 -23.65 -34.35
CA HIS G 414 43.01 -24.77 -35.07
C HIS G 414 42.48 -24.83 -36.50
N ALA G 415 41.19 -24.55 -36.68
CA ALA G 415 40.62 -24.52 -38.02
C ALA G 415 41.25 -23.41 -38.86
N LEU G 416 41.54 -22.26 -38.24
CA LEU G 416 42.18 -21.14 -38.97
C LEU G 416 43.60 -21.53 -39.34
N ILE G 417 44.30 -22.27 -38.47
CA ILE G 417 45.64 -22.75 -38.83
C ILE G 417 45.56 -23.71 -40.01
N GLU G 418 44.57 -24.61 -39.99
CA GLU G 418 44.41 -25.55 -41.09
C GLU G 418 44.09 -24.83 -42.39
N LEU G 419 43.27 -23.77 -42.32
CA LEU G 419 43.04 -22.93 -43.50
C LEU G 419 44.34 -22.33 -44.01
N GLU G 420 45.13 -21.75 -43.11
CA GLU G 420 46.38 -21.11 -43.51
C GLU G 420 47.37 -22.12 -44.08
N LYS G 421 47.23 -23.40 -43.76
CA LYS G 421 48.11 -24.41 -44.34
C LYS G 421 47.63 -24.87 -45.71
N ASN G 422 46.33 -25.12 -45.88
CA ASN G 422 45.80 -25.65 -47.12
C ASN G 422 45.85 -24.61 -48.24
N GLU G 423 46.23 -25.05 -49.45
CA GLU G 423 46.35 -24.15 -50.58
C GLU G 423 45.16 -24.20 -51.52
N ILE G 424 44.54 -25.37 -51.69
CA ILE G 424 43.41 -25.49 -52.61
C ILE G 424 42.22 -24.66 -52.12
N ILE G 425 41.99 -24.66 -50.81
CA ILE G 425 40.91 -23.84 -50.25
C ILE G 425 41.21 -22.36 -50.44
N LYS G 426 42.48 -21.98 -50.31
CA LYS G 426 42.85 -20.60 -50.59
C LYS G 426 42.57 -20.23 -52.03
N ASP G 427 42.88 -21.13 -52.96
CA ASP G 427 42.59 -20.87 -54.37
C ASP G 427 41.08 -20.77 -54.62
N GLY G 428 40.30 -21.61 -53.95
CA GLY G 428 38.87 -21.55 -54.08
C GLY G 428 38.21 -20.35 -53.43
N LEU G 429 38.86 -19.74 -52.44
CA LEU G 429 38.35 -18.53 -51.80
C LEU G 429 38.82 -17.25 -52.46
N GLY G 430 40.00 -17.24 -53.05
CA GLY G 430 40.57 -16.00 -53.56
C GLY G 430 41.34 -15.26 -52.50
N GLU G 431 42.36 -14.51 -52.94
CA GLU G 431 43.26 -13.86 -52.00
C GLU G 431 42.54 -12.84 -51.14
N HIS G 432 41.70 -12.01 -51.75
CA HIS G 432 41.01 -10.96 -51.01
C HIS G 432 40.13 -11.54 -49.92
N ILE G 433 39.25 -12.49 -50.30
CA ILE G 433 38.35 -13.09 -49.34
C ILE G 433 39.12 -13.84 -48.27
N PHE G 434 40.16 -14.58 -48.67
CA PHE G 434 40.94 -15.34 -47.70
C PHE G 434 41.58 -14.42 -46.66
N GLU G 435 42.22 -13.35 -47.12
CA GLU G 435 42.89 -12.45 -46.18
C GLU G 435 41.90 -11.79 -45.25
N HIS G 436 40.77 -11.30 -45.77
CA HIS G 436 39.83 -10.60 -44.90
C HIS G 436 39.15 -11.56 -43.93
N PHE G 437 38.87 -12.79 -44.39
CA PHE G 437 38.27 -13.81 -43.51
C PHE G 437 39.21 -14.09 -42.34
N ILE G 438 40.47 -14.43 -42.63
CA ILE G 438 41.45 -14.74 -41.56
C ILE G 438 41.51 -13.57 -40.57
N GLU G 439 41.70 -12.35 -41.07
CA GLU G 439 41.78 -11.14 -40.20
C GLU G 439 40.59 -11.11 -39.24
N ALA G 440 39.37 -11.14 -39.76
CA ALA G 440 38.15 -11.02 -38.91
C ALA G 440 38.07 -12.19 -37.91
N LYS G 441 38.42 -13.40 -38.35
CA LYS G 441 38.25 -14.59 -37.48
C LYS G 441 39.36 -14.65 -36.42
N THR G 442 40.57 -14.20 -36.74
CA THR G 442 41.65 -14.15 -35.71
C THR G 442 41.26 -13.13 -34.65
N ILE G 443 40.67 -12.01 -35.06
CA ILE G 443 40.17 -11.00 -34.10
C ILE G 443 39.13 -11.67 -33.19
N GLU G 444 38.17 -12.39 -33.75
CA GLU G 444 37.11 -13.07 -32.97
C GLU G 444 37.75 -14.02 -31.96
N CYS G 445 38.69 -14.85 -32.42
CA CYS G 445 39.40 -15.79 -31.52
C CYS G 445 40.05 -15.02 -30.37
N ASP G 446 40.86 -14.00 -30.69
CA ASP G 446 41.58 -13.23 -29.65
C ASP G 446 40.57 -12.62 -28.65
N MET G 447 39.54 -11.95 -29.14
CA MET G 447 38.52 -11.33 -28.26
C MET G 447 37.96 -12.39 -27.30
N PHE G 448 37.56 -13.54 -27.85
CA PHE G 448 37.01 -14.64 -27.01
C PHE G 448 38.10 -15.17 -26.07
N ARG G 449 39.35 -15.24 -26.54
CA ARG G 449 40.37 -15.86 -25.69
C ARG G 449 40.64 -15.03 -24.43
N THR G 450 40.66 -13.72 -24.56
CA THR G 450 41.01 -12.85 -23.43
C THR G 450 39.83 -12.51 -22.54
N ALA G 451 38.61 -12.92 -22.90
CA ALA G 451 37.45 -12.63 -22.09
C ALA G 451 37.41 -13.52 -20.85
N VAL G 452 36.76 -13.02 -19.81
CA VAL G 452 36.56 -13.76 -18.57
C VAL G 452 35.09 -14.11 -18.48
N HIS G 453 34.79 -15.39 -18.46
CA HIS G 453 33.41 -15.84 -18.48
C HIS G 453 32.91 -16.18 -17.08
N PRO G 454 31.59 -16.10 -16.86
CA PRO G 454 31.06 -16.46 -15.54
C PRO G 454 31.33 -17.91 -15.15
N TRP G 455 31.67 -18.75 -16.12
CA TRP G 455 32.06 -20.16 -15.81
C TRP G 455 33.25 -20.13 -14.86
N GLU G 456 34.26 -19.32 -15.18
CA GLU G 456 35.50 -19.24 -14.35
C GLU G 456 35.17 -18.62 -12.99
N ARG G 457 34.28 -17.63 -12.95
CA ARG G 457 33.91 -16.96 -11.68
C ARG G 457 32.93 -17.83 -10.88
N GLU G 458 32.71 -19.08 -11.31
CA GLU G 458 31.84 -20.02 -10.56
C GLU G 458 32.60 -21.34 -10.36
N GLN G 459 33.85 -21.41 -10.85
CA GLN G 459 34.67 -22.63 -10.72
C GLN G 459 35.93 -22.32 -9.91
N TYR G 460 36.35 -21.06 -9.84
CA TYR G 460 37.61 -20.70 -9.16
C TYR G 460 37.42 -19.50 -8.21
N LEU G 461 36.18 -19.06 -7.99
CA LEU G 461 35.94 -17.85 -7.14
C LEU G 461 36.22 -18.18 -5.68
N GLU G 462 35.36 -18.98 -5.05
CA GLU G 462 35.55 -19.36 -3.62
C GLU G 462 36.66 -20.41 -3.54
N ILE G 463 36.74 -21.31 -4.52
CA ILE G 463 37.79 -22.36 -4.56
C ILE G 463 39.17 -21.70 -4.40
N TYR G 464 39.48 -20.71 -5.24
CA TYR G 464 40.78 -20.00 -5.17
C TYR G 464 40.53 -18.52 -4.85
N ALA H 22 -11.71 -49.78 -51.34
CA ALA H 22 -11.25 -48.51 -51.90
C ALA H 22 -12.34 -47.45 -51.80
N LYS H 23 -12.24 -46.61 -50.78
CA LYS H 23 -13.22 -45.55 -50.55
C LYS H 23 -12.88 -44.27 -51.31
N TYR H 24 -11.61 -43.95 -51.45
CA TYR H 24 -11.17 -42.77 -52.18
C TYR H 24 -10.08 -43.15 -53.17
N THR H 25 -9.97 -42.36 -54.24
CA THR H 25 -8.92 -42.49 -55.23
C THR H 25 -8.08 -41.21 -55.23
N LYS H 26 -7.03 -41.21 -56.04
CA LYS H 26 -6.17 -40.03 -56.14
C LYS H 26 -6.95 -38.82 -56.63
N GLU H 27 -7.79 -39.02 -57.64
CA GLU H 27 -8.59 -37.92 -58.18
C GLU H 27 -9.53 -37.37 -57.13
N ASP H 28 -10.12 -38.25 -56.32
CA ASP H 28 -10.98 -37.80 -55.23
C ASP H 28 -10.21 -36.94 -54.25
N ILE H 29 -8.98 -37.35 -53.91
CA ILE H 29 -8.17 -36.57 -52.97
C ILE H 29 -7.84 -35.20 -53.55
N PHE H 30 -7.46 -35.16 -54.83
CA PHE H 30 -7.17 -33.89 -55.47
C PHE H 30 -8.39 -32.98 -55.48
N ARG H 31 -9.56 -33.55 -55.80
CA ARG H 31 -10.79 -32.76 -55.82
C ARG H 31 -11.11 -32.23 -54.43
N PHE H 32 -10.94 -33.05 -53.39
CA PHE H 32 -11.19 -32.59 -52.04
C PHE H 32 -10.24 -31.46 -51.65
N ALA H 33 -8.96 -31.62 -51.99
CA ALA H 33 -7.98 -30.59 -51.66
C ALA H 33 -8.31 -29.28 -52.38
N ASP H 34 -8.75 -29.37 -53.63
CA ASP H 34 -9.10 -28.16 -54.38
C ASP H 34 -10.34 -27.49 -53.79
N GLU H 35 -11.39 -28.28 -53.51
CA GLU H 35 -12.67 -27.68 -53.13
C GLU H 35 -12.69 -27.18 -51.69
N GLN H 36 -12.04 -27.88 -50.76
CA GLN H 36 -12.03 -27.42 -49.37
C GLN H 36 -10.93 -26.41 -49.09
N ASN H 37 -10.08 -26.11 -50.07
CA ASN H 37 -9.03 -25.09 -49.94
C ASN H 37 -8.10 -25.40 -48.78
N VAL H 38 -7.39 -26.52 -48.91
CA VAL H 38 -6.39 -26.94 -47.94
C VAL H 38 -5.02 -26.56 -48.45
N LYS H 39 -4.18 -26.02 -47.57
CA LYS H 39 -2.83 -25.63 -47.91
C LYS H 39 -1.77 -26.40 -47.16
N PHE H 40 -2.19 -27.23 -46.19
CA PHE H 40 -1.22 -28.03 -45.40
C PHE H 40 -1.73 -29.47 -45.23
N ILE H 41 -0.84 -30.45 -45.39
CA ILE H 41 -1.22 -31.88 -45.20
C ILE H 41 -0.25 -32.52 -44.19
N ARG H 42 -0.76 -33.11 -43.13
CA ARG H 42 0.09 -33.74 -42.09
C ARG H 42 0.17 -35.26 -42.34
N LEU H 43 1.24 -35.72 -42.98
CA LEU H 43 1.41 -37.15 -43.21
C LEU H 43 1.88 -37.77 -41.89
N GLN H 44 0.98 -38.48 -41.21
CA GLN H 44 1.23 -38.90 -39.84
C GLN H 44 1.37 -40.41 -39.74
N PHE H 45 1.99 -40.83 -38.65
CA PHE H 45 2.26 -42.24 -38.36
C PHE H 45 2.46 -42.36 -36.85
N THR H 46 2.67 -43.59 -36.40
CA THR H 46 2.81 -43.89 -34.98
C THR H 46 4.12 -44.62 -34.75
N ASP H 47 4.88 -44.19 -33.75
CA ASP H 47 6.15 -44.80 -33.43
C ASP H 47 5.93 -46.00 -32.50
N ILE H 48 7.02 -46.60 -32.02
CA ILE H 48 6.91 -47.76 -31.15
C ILE H 48 6.24 -47.39 -29.83
N LEU H 49 6.60 -46.23 -29.28
CA LEU H 49 6.09 -45.83 -27.93
C LEU H 49 4.62 -45.39 -28.00
N GLY H 50 4.05 -45.26 -29.20
CA GLY H 50 2.67 -44.85 -29.33
C GLY H 50 2.45 -43.38 -29.57
N ILE H 51 3.51 -42.58 -29.61
CA ILE H 51 3.38 -41.15 -29.86
C ILE H 51 3.08 -40.92 -31.33
N ILE H 52 2.10 -40.07 -31.61
CA ILE H 52 1.73 -39.73 -32.97
C ILE H 52 2.74 -38.72 -33.51
N LYS H 53 3.42 -39.07 -34.60
CA LYS H 53 4.39 -38.21 -35.25
C LYS H 53 3.91 -37.93 -36.67
N ASN H 54 4.50 -36.90 -37.29
CA ASN H 54 4.01 -36.51 -38.64
C ASN H 54 5.01 -35.63 -39.38
N VAL H 55 4.95 -35.65 -40.72
CA VAL H 55 5.79 -34.72 -41.53
C VAL H 55 4.81 -33.76 -42.20
N GLU H 56 5.08 -32.46 -42.18
CA GLU H 56 4.10 -31.48 -42.71
C GLU H 56 4.52 -30.99 -44.09
N ILE H 57 3.63 -31.10 -45.07
CA ILE H 57 3.97 -30.70 -46.48
C ILE H 57 2.91 -29.73 -47.01
N PRO H 58 3.27 -28.74 -47.86
CA PRO H 58 2.27 -27.86 -48.49
C PRO H 58 1.43 -28.64 -49.49
N VAL H 59 0.29 -28.04 -49.85
CA VAL H 59 -0.62 -28.71 -50.78
C VAL H 59 0.05 -28.89 -52.14
N SER H 60 1.00 -28.03 -52.49
CA SER H 60 1.67 -28.14 -53.77
C SER H 60 2.46 -29.43 -53.91
N GLN H 61 2.85 -30.04 -52.81
CA GLN H 61 3.56 -31.33 -52.83
C GLN H 61 2.62 -32.51 -52.79
N LEU H 62 1.31 -32.27 -52.72
CA LEU H 62 0.36 -33.37 -52.51
C LEU H 62 0.50 -34.44 -53.57
N LYS H 63 0.63 -34.03 -54.84
CA LYS H 63 0.80 -35.01 -55.90
C LYS H 63 1.99 -35.93 -55.62
N LYS H 64 3.12 -35.35 -55.24
CA LYS H 64 4.28 -36.17 -54.90
C LYS H 64 3.97 -37.09 -53.75
N ALA H 65 3.22 -36.60 -52.75
CA ALA H 65 2.83 -37.44 -51.63
C ALA H 65 1.99 -38.62 -52.10
N LEU H 66 1.17 -38.41 -53.12
CA LEU H 66 0.36 -39.50 -53.64
C LEU H 66 1.14 -40.41 -54.57
N ASP H 67 2.37 -40.05 -54.92
CA ASP H 67 3.22 -40.90 -55.74
C ASP H 67 4.13 -41.78 -54.90
N ASN H 68 4.00 -41.75 -53.57
CA ASN H 68 4.84 -42.53 -52.67
C ASN H 68 6.32 -42.22 -52.88
N LYS H 69 6.64 -40.93 -53.02
CA LYS H 69 8.01 -40.50 -53.26
C LYS H 69 8.58 -39.65 -52.12
N ILE H 70 7.84 -39.45 -51.04
CA ILE H 70 8.34 -38.64 -49.93
C ILE H 70 9.30 -39.47 -49.09
N MET H 71 10.48 -38.92 -48.85
CA MET H 71 11.49 -39.53 -47.99
C MET H 71 11.50 -38.86 -46.64
N PHE H 72 11.77 -39.64 -45.59
CA PHE H 72 11.93 -39.10 -44.25
C PHE H 72 12.84 -40.02 -43.45
N ASP H 73 13.08 -39.65 -42.21
CA ASP H 73 13.95 -40.40 -41.31
C ASP H 73 13.13 -41.45 -40.58
N GLY H 74 13.34 -42.72 -40.93
CA GLY H 74 12.59 -43.79 -40.29
C GLY H 74 13.01 -44.06 -38.86
N SER H 75 14.21 -43.64 -38.47
CA SER H 75 14.68 -43.89 -37.10
C SER H 75 13.79 -43.24 -36.07
N SER H 76 13.03 -42.21 -36.44
CA SER H 76 12.11 -41.59 -35.49
C SER H 76 11.07 -42.58 -34.99
N ILE H 77 10.74 -43.59 -35.79
CA ILE H 77 9.82 -44.63 -35.36
C ILE H 77 10.36 -45.34 -34.13
N GLU H 78 11.69 -45.51 -34.05
CA GLU H 78 12.29 -46.14 -32.89
C GLU H 78 12.16 -45.31 -31.63
N GLY H 79 11.78 -44.03 -31.74
CA GLY H 79 11.63 -43.21 -30.57
C GLY H 79 12.92 -42.55 -30.12
N PHE H 80 13.15 -42.51 -28.81
CA PHE H 80 14.36 -41.86 -28.26
C PHE H 80 15.57 -42.79 -28.39
N VAL H 81 15.33 -44.09 -28.56
CA VAL H 81 16.45 -45.09 -28.62
C VAL H 81 17.00 -45.15 -30.05
N ARG H 82 16.71 -44.16 -30.89
CA ARG H 82 17.26 -44.14 -32.24
C ARG H 82 18.74 -43.82 -32.21
N ILE H 83 19.47 -44.41 -33.16
CA ILE H 83 20.92 -44.24 -33.22
C ILE H 83 21.32 -43.68 -34.57
N GLU H 84 21.02 -44.42 -35.63
CA GLU H 84 21.47 -44.08 -36.98
C GLU H 84 20.30 -43.63 -37.83
N GLU H 85 20.52 -42.56 -38.60
CA GLU H 85 19.51 -42.08 -39.52
C GLU H 85 19.30 -43.07 -40.65
N SER H 86 18.03 -43.35 -40.94
CA SER H 86 17.66 -44.28 -42.01
C SER H 86 16.58 -43.65 -42.86
N ASP H 87 16.78 -43.64 -44.18
CA ASP H 87 15.82 -43.07 -45.10
C ASP H 87 14.69 -44.05 -45.37
N MET H 88 13.46 -43.56 -45.40
CA MET H 88 12.31 -44.42 -45.61
C MET H 88 11.22 -43.65 -46.32
N TYR H 89 10.40 -44.38 -47.07
CA TYR H 89 9.31 -43.79 -47.83
C TYR H 89 8.08 -43.61 -46.94
N LEU H 90 7.08 -42.91 -47.47
CA LEU H 90 5.93 -42.45 -46.70
C LEU H 90 4.63 -42.74 -47.45
N PHE H 91 4.45 -43.99 -47.89
CA PHE H 91 3.23 -44.46 -48.54
C PHE H 91 1.99 -44.06 -47.75
N PRO H 92 1.17 -43.14 -48.25
CA PRO H 92 -0.02 -42.73 -47.53
C PRO H 92 -1.21 -43.64 -47.81
N ASP H 93 -2.22 -43.54 -46.94
CA ASP H 93 -3.46 -44.28 -47.08
C ASP H 93 -4.56 -43.31 -47.50
N LEU H 94 -5.17 -43.57 -48.65
CA LEU H 94 -6.16 -42.64 -49.19
C LEU H 94 -7.44 -42.63 -48.35
N ASP H 95 -7.83 -43.77 -47.78
CA ASP H 95 -9.07 -43.86 -47.04
C ASP H 95 -9.05 -43.09 -45.72
N THR H 96 -7.88 -42.64 -45.27
CA THR H 96 -7.75 -41.94 -44.01
C THR H 96 -7.75 -40.42 -44.17
N TRP H 97 -8.21 -39.92 -45.30
CA TRP H 97 -8.21 -38.48 -45.54
C TRP H 97 -9.26 -37.81 -44.66
N VAL H 98 -8.81 -36.96 -43.75
CA VAL H 98 -9.69 -36.22 -42.84
C VAL H 98 -9.25 -34.77 -42.81
N VAL H 99 -10.19 -33.85 -42.96
CA VAL H 99 -9.91 -32.42 -42.93
C VAL H 99 -10.29 -31.89 -41.55
N PHE H 100 -9.32 -31.25 -40.89
CA PHE H 100 -9.57 -30.72 -39.56
C PHE H 100 -10.48 -29.48 -39.65
N PRO H 101 -11.38 -29.29 -38.70
CA PRO H 101 -12.25 -28.10 -38.74
C PRO H 101 -11.66 -26.87 -38.10
N TRP H 102 -10.75 -27.03 -37.14
CA TRP H 102 -10.17 -25.89 -36.42
C TRP H 102 -8.94 -25.40 -37.17
N THR H 103 -9.15 -24.84 -38.35
CA THR H 103 -8.02 -24.35 -39.15
C THR H 103 -8.16 -22.90 -39.58
N ALA H 104 -9.13 -22.14 -39.06
CA ALA H 104 -9.34 -20.74 -39.42
C ALA H 104 -9.60 -20.66 -40.94
N GLU H 105 -9.19 -19.56 -41.58
CA GLU H 105 -9.43 -19.35 -42.99
C GLU H 105 -8.17 -19.32 -43.84
N LYS H 106 -6.99 -19.21 -43.22
CA LYS H 106 -5.74 -19.17 -43.98
C LYS H 106 -5.32 -20.58 -44.37
N GLY H 107 -6.17 -21.26 -45.15
CA GLY H 107 -5.89 -22.62 -45.56
C GLY H 107 -6.25 -23.63 -44.49
N LYS H 108 -6.83 -24.75 -44.91
CA LYS H 108 -7.21 -25.81 -43.98
C LYS H 108 -6.09 -26.84 -43.87
N VAL H 109 -6.23 -27.73 -42.90
CA VAL H 109 -5.23 -28.77 -42.63
C VAL H 109 -5.92 -30.12 -42.74
N ALA H 110 -5.30 -31.05 -43.47
CA ALA H 110 -5.80 -32.40 -43.61
C ALA H 110 -4.68 -33.38 -43.30
N ARG H 111 -5.06 -34.60 -42.93
CA ARG H 111 -4.08 -35.62 -42.58
C ARG H 111 -4.41 -36.93 -43.29
N MET H 112 -3.39 -37.74 -43.47
CA MET H 112 -3.54 -39.12 -43.93
C MET H 112 -2.52 -39.98 -43.21
N ILE H 113 -3.00 -41.06 -42.57
CA ILE H 113 -2.08 -42.02 -41.97
C ILE H 113 -1.29 -42.72 -43.06
N CYS H 114 0.03 -42.79 -42.88
CA CYS H 114 0.93 -43.30 -43.91
C CYS H 114 1.60 -44.58 -43.45
N ASP H 115 1.90 -45.44 -44.42
CA ASP H 115 2.71 -46.62 -44.18
C ASP H 115 4.17 -46.30 -44.42
N ILE H 116 5.05 -47.03 -43.75
CA ILE H 116 6.49 -46.83 -43.86
C ILE H 116 7.08 -47.95 -44.71
N TYR H 117 7.84 -47.58 -45.74
CA TYR H 117 8.39 -48.53 -46.68
C TYR H 117 9.89 -48.35 -46.79
N ASN H 118 10.62 -49.45 -46.93
CA ASN H 118 12.05 -49.39 -47.15
C ASN H 118 12.34 -48.82 -48.53
N PRO H 119 13.55 -48.30 -48.74
CA PRO H 119 13.90 -47.80 -50.08
C PRO H 119 13.84 -48.86 -51.17
N ASP H 120 13.87 -50.14 -50.80
CA ASP H 120 13.74 -51.23 -51.77
C ASP H 120 12.28 -51.65 -51.94
N MET H 121 11.35 -50.73 -51.71
CA MET H 121 9.93 -50.92 -52.01
C MET H 121 9.30 -52.03 -51.16
N THR H 122 9.82 -52.21 -49.94
CA THR H 122 9.33 -53.23 -49.02
C THR H 122 8.86 -52.57 -47.74
N PRO H 123 7.71 -52.99 -47.18
CA PRO H 123 7.23 -52.36 -45.94
C PRO H 123 8.23 -52.55 -44.80
N PHE H 124 8.36 -51.51 -43.99
CA PHE H 124 9.33 -51.53 -42.90
C PHE H 124 8.85 -52.46 -41.78
N ALA H 125 9.75 -53.33 -41.33
CA ALA H 125 9.41 -54.28 -40.28
C ALA H 125 9.23 -53.60 -38.92
N GLY H 126 9.85 -52.44 -38.72
CA GLY H 126 9.75 -51.72 -37.47
C GLY H 126 8.54 -50.83 -37.33
N ASP H 127 7.66 -50.81 -38.33
CA ASP H 127 6.45 -50.00 -38.27
C ASP H 127 5.34 -50.78 -37.61
N PRO H 128 4.73 -50.29 -36.53
CA PRO H 128 3.64 -51.05 -35.89
C PRO H 128 2.48 -51.34 -36.82
N ARG H 129 2.13 -50.40 -37.69
CA ARG H 129 1.02 -50.62 -38.62
C ARG H 129 1.34 -51.74 -39.60
N ALA H 130 2.57 -51.76 -40.13
CA ALA H 130 2.97 -52.83 -41.03
C ALA H 130 2.99 -54.17 -40.31
N ASN H 131 3.42 -54.18 -39.05
CA ASN H 131 3.40 -55.42 -38.28
C ASN H 131 1.98 -55.92 -38.09
N LEU H 132 1.04 -55.01 -37.79
CA LEU H 132 -0.36 -55.42 -37.66
C LEU H 132 -0.89 -55.96 -38.97
N LYS H 133 -0.50 -55.33 -40.09
CA LYS H 133 -0.93 -55.83 -41.40
C LYS H 133 -0.38 -57.23 -41.66
N ARG H 134 0.87 -57.47 -41.26
CA ARG H 134 1.44 -58.81 -41.42
C ARG H 134 0.69 -59.85 -40.59
N VAL H 135 0.35 -59.50 -39.35
CA VAL H 135 -0.39 -60.42 -38.50
C VAL H 135 -1.77 -60.69 -39.08
N LEU H 136 -2.42 -59.65 -39.62
CA LEU H 136 -3.72 -59.83 -40.26
C LEU H 136 -3.59 -60.72 -41.49
N LYS H 137 -2.49 -60.59 -42.23
CA LYS H 137 -2.26 -61.49 -43.37
C LYS H 137 -2.13 -62.93 -42.90
N GLU H 138 -1.44 -63.15 -41.79
CA GLU H 138 -1.36 -64.51 -41.24
C GLU H 138 -2.74 -65.03 -40.86
N MET H 139 -3.55 -64.17 -40.23
CA MET H 139 -4.90 -64.58 -39.85
C MET H 139 -5.73 -64.95 -41.08
N GLU H 140 -5.66 -64.14 -42.13
CA GLU H 140 -6.36 -64.46 -43.36
C GLU H 140 -5.85 -65.75 -43.98
N GLU H 141 -4.55 -66.01 -43.86
CA GLU H 141 -4.01 -67.28 -44.33
C GLU H 141 -4.61 -68.45 -43.56
N LEU H 142 -4.86 -68.30 -42.27
CA LEU H 142 -5.47 -69.39 -41.51
C LEU H 142 -6.92 -69.63 -41.88
N GLY H 143 -7.61 -68.65 -42.47
CA GLY H 143 -8.95 -68.90 -42.97
C GLY H 143 -10.00 -67.86 -42.60
N PHE H 144 -9.66 -66.91 -41.75
CA PHE H 144 -10.60 -65.89 -41.32
C PHE H 144 -10.52 -64.66 -42.22
N THR H 145 -11.55 -63.82 -42.13
CA THR H 145 -11.67 -62.66 -43.00
C THR H 145 -11.25 -61.36 -42.30
N GLU H 146 -11.86 -61.06 -41.16
CA GLU H 146 -11.58 -59.79 -40.49
C GLU H 146 -11.59 -59.96 -38.98
N PHE H 147 -10.99 -58.99 -38.30
CA PHE H 147 -10.85 -58.94 -36.85
C PHE H 147 -11.48 -57.63 -36.38
N ASN H 148 -12.77 -57.66 -36.07
CA ASN H 148 -13.45 -56.45 -35.63
C ASN H 148 -13.11 -56.13 -34.19
N LEU H 149 -12.92 -54.85 -33.92
CA LEU H 149 -12.54 -54.39 -32.58
C LEU H 149 -13.35 -53.16 -32.21
N GLY H 150 -13.81 -53.14 -30.97
CA GLY H 150 -14.42 -51.97 -30.39
C GLY H 150 -13.75 -51.60 -29.08
N PRO H 151 -13.11 -50.43 -29.05
CA PRO H 151 -12.45 -49.98 -27.83
C PRO H 151 -13.37 -49.14 -26.95
N GLU H 152 -13.05 -49.14 -25.65
CA GLU H 152 -13.77 -48.36 -24.66
C GLU H 152 -12.79 -47.48 -23.89
N PRO H 153 -12.30 -46.41 -24.51
CA PRO H 153 -11.31 -45.56 -23.84
C PRO H 153 -11.95 -44.64 -22.81
N GLU H 154 -11.23 -44.44 -21.71
CA GLU H 154 -11.66 -43.55 -20.64
C GLU H 154 -10.58 -42.49 -20.42
N PHE H 155 -11.00 -41.26 -20.15
CA PHE H 155 -10.05 -40.17 -19.99
C PHE H 155 -10.46 -39.28 -18.84
N PHE H 156 -9.48 -38.57 -18.29
CA PHE H 156 -9.68 -37.63 -17.19
C PHE H 156 -9.57 -36.21 -17.70
N LEU H 157 -10.35 -35.31 -17.11
CA LEU H 157 -10.33 -33.89 -17.44
C LEU H 157 -9.88 -33.10 -16.22
N PHE H 158 -8.85 -32.28 -16.39
CA PHE H 158 -8.29 -31.46 -15.32
C PHE H 158 -8.37 -30.00 -15.71
N LYS H 159 -8.51 -29.14 -14.69
CA LYS H 159 -8.55 -27.70 -14.94
C LYS H 159 -7.14 -27.16 -15.14
N LEU H 160 -7.01 -26.24 -16.08
CA LEU H 160 -5.73 -25.59 -16.35
C LEU H 160 -5.49 -24.45 -15.36
N ASP H 161 -4.22 -24.09 -15.22
CA ASP H 161 -3.82 -23.02 -14.33
C ASP H 161 -3.80 -21.68 -15.09
N GLU H 162 -3.30 -20.64 -14.44
CA GLU H 162 -3.20 -19.33 -15.08
C GLU H 162 -2.24 -19.38 -16.27
N ASN H 163 -1.13 -20.11 -16.11
CA ASN H 163 -0.13 -20.25 -17.17
C ASN H 163 -0.47 -21.38 -18.14
N ARG H 164 -1.73 -21.77 -18.23
CA ARG H 164 -2.18 -22.84 -19.13
C ARG H 164 -1.43 -24.15 -18.86
N ARG H 165 -1.20 -24.44 -17.57
CA ARG H 165 -0.59 -25.68 -17.17
C ARG H 165 -1.59 -26.56 -16.44
N PRO H 166 -1.58 -27.87 -16.66
CA PRO H 166 -2.55 -28.74 -15.98
C PRO H 166 -2.37 -28.71 -14.47
N THR H 167 -3.49 -28.76 -13.76
CA THR H 167 -3.50 -28.85 -12.31
C THR H 167 -4.03 -30.21 -11.88
N LEU H 168 -4.18 -30.42 -10.58
CA LEU H 168 -4.70 -31.66 -10.05
C LEU H 168 -6.17 -31.59 -9.70
N GLU H 169 -6.86 -30.51 -10.10
CA GLU H 169 -8.26 -30.33 -9.78
C GLU H 169 -9.12 -30.82 -10.94
N LEU H 170 -10.05 -31.72 -10.63
CA LEU H 170 -10.93 -32.28 -11.65
C LEU H 170 -12.00 -31.27 -12.05
N ASN H 171 -12.56 -31.47 -13.25
CA ASN H 171 -13.54 -30.53 -13.77
C ASN H 171 -14.89 -30.66 -13.09
N ASP H 172 -15.25 -31.86 -12.64
CA ASP H 172 -16.53 -32.04 -11.95
C ASP H 172 -16.43 -33.23 -11.01
N SER H 173 -17.27 -33.22 -9.98
CA SER H 173 -17.35 -34.32 -9.03
C SER H 173 -18.55 -35.20 -9.36
N GLY H 174 -18.44 -35.88 -10.50
CA GLY H 174 -19.50 -36.72 -11.01
C GLY H 174 -19.48 -38.12 -10.45
N GLY H 175 -20.30 -38.98 -11.06
CA GLY H 175 -20.42 -40.36 -10.64
C GLY H 175 -20.64 -41.25 -11.85
N TYR H 176 -20.84 -42.53 -11.57
CA TYR H 176 -20.99 -43.53 -12.63
C TYR H 176 -22.35 -43.36 -13.28
N PHE H 177 -22.35 -43.05 -14.58
CA PHE H 177 -23.55 -42.84 -15.37
C PHE H 177 -24.40 -41.68 -14.86
N ASP H 178 -23.81 -40.78 -14.08
CA ASP H 178 -24.55 -39.69 -13.49
C ASP H 178 -24.71 -38.54 -14.48
N LEU H 179 -25.78 -37.78 -14.30
CA LEU H 179 -26.02 -36.58 -15.10
C LEU H 179 -25.36 -35.38 -14.42
N ALA H 180 -24.04 -35.49 -14.30
CA ALA H 180 -23.25 -34.52 -13.53
C ALA H 180 -22.98 -33.22 -14.28
N PRO H 181 -22.43 -33.26 -15.51
CA PRO H 181 -22.16 -31.99 -16.19
C PRO H 181 -23.40 -31.16 -16.45
N THR H 182 -24.56 -31.81 -16.64
CA THR H 182 -25.84 -31.14 -16.87
C THR H 182 -25.80 -30.20 -18.09
N ASP H 183 -26.84 -29.39 -18.22
CA ASP H 183 -26.99 -28.45 -19.32
C ASP H 183 -26.43 -27.09 -18.92
N LEU H 184 -26.79 -26.06 -19.69
CA LEU H 184 -26.41 -24.67 -19.41
C LEU H 184 -24.89 -24.48 -19.47
N GLY H 185 -24.29 -24.79 -20.62
CA GLY H 185 -22.88 -24.53 -20.82
C GLY H 185 -22.00 -25.65 -20.30
N GLU H 186 -20.69 -25.46 -20.51
CA GLU H 186 -19.65 -26.43 -20.15
C GLU H 186 -20.01 -27.75 -20.83
N ASN H 187 -20.07 -28.86 -20.10
CA ASN H 187 -20.34 -30.18 -20.68
C ASN H 187 -19.39 -30.48 -21.83
N CYS H 188 -18.09 -30.55 -21.49
CA CYS H 188 -17.08 -30.76 -22.51
C CYS H 188 -17.26 -32.07 -23.24
N ARG H 189 -17.86 -33.07 -22.56
CA ARG H 189 -18.11 -34.39 -23.19
C ARG H 189 -19.08 -34.21 -24.37
N ARG H 190 -20.12 -33.38 -24.19
CA ARG H 190 -21.09 -33.15 -25.27
C ARG H 190 -20.44 -32.45 -26.46
N ASP H 191 -19.62 -31.43 -26.21
CA ASP H 191 -18.94 -30.75 -27.29
C ASP H 191 -17.98 -31.68 -28.02
N ILE H 192 -17.26 -32.51 -27.26
CA ILE H 192 -16.31 -33.43 -27.86
C ILE H 192 -17.03 -34.42 -28.77
N VAL H 193 -18.13 -34.99 -28.28
CA VAL H 193 -18.85 -35.98 -29.09
C VAL H 193 -19.49 -35.31 -30.31
N LEU H 194 -19.96 -34.07 -30.16
CA LEU H 194 -20.54 -33.37 -31.30
C LEU H 194 -19.49 -33.12 -32.38
N GLU H 195 -18.32 -32.64 -32.00
CA GLU H 195 -17.28 -32.40 -32.99
C GLU H 195 -16.75 -33.71 -33.58
N LEU H 196 -16.71 -34.78 -32.79
CA LEU H 196 -16.32 -36.08 -33.34
C LEU H 196 -17.33 -36.57 -34.38
N GLU H 197 -18.62 -36.39 -34.10
CA GLU H 197 -19.65 -36.74 -35.07
C GLU H 197 -19.51 -35.90 -36.33
N GLU H 198 -19.25 -34.60 -36.17
CA GLU H 198 -19.06 -33.74 -37.32
C GLU H 198 -17.86 -34.17 -38.16
N MET H 199 -16.77 -34.55 -37.51
CA MET H 199 -15.56 -34.98 -38.21
C MET H 199 -15.72 -36.31 -38.92
N GLY H 200 -16.79 -37.06 -38.64
CA GLY H 200 -17.01 -38.33 -39.30
C GLY H 200 -16.60 -39.53 -38.47
N PHE H 201 -16.96 -39.52 -37.20
CA PHE H 201 -16.69 -40.62 -36.29
C PHE H 201 -17.99 -41.34 -35.95
N GLU H 202 -17.93 -42.66 -35.85
CA GLU H 202 -19.09 -43.47 -35.49
C GLU H 202 -19.09 -43.66 -33.98
N ILE H 203 -19.83 -42.81 -33.28
CA ILE H 203 -19.90 -42.85 -31.83
C ILE H 203 -21.17 -43.58 -31.42
N GLU H 204 -21.00 -44.62 -30.60
CA GLU H 204 -22.17 -45.42 -30.13
C GLU H 204 -22.82 -44.71 -28.95
N ALA H 205 -22.04 -44.46 -27.88
CA ALA H 205 -22.59 -43.81 -26.67
C ALA H 205 -21.49 -43.00 -25.97
N SER H 206 -21.85 -42.26 -24.91
CA SER H 206 -20.87 -41.46 -24.13
C SER H 206 -21.43 -41.25 -22.71
N HIS H 207 -20.62 -41.50 -21.68
CA HIS H 207 -21.15 -41.41 -20.29
C HIS H 207 -20.06 -41.05 -19.27
N HIS H 208 -20.47 -40.72 -18.04
CA HIS H 208 -19.55 -40.40 -16.97
C HIS H 208 -19.10 -41.67 -16.27
N GLU H 209 -17.81 -41.76 -15.97
CA GLU H 209 -17.27 -42.96 -15.36
C GLU H 209 -17.33 -42.86 -13.84
N VAL H 210 -16.84 -43.89 -13.16
CA VAL H 210 -16.96 -43.96 -11.69
C VAL H 210 -16.22 -42.80 -11.04
N ALA H 211 -14.99 -42.56 -11.48
CA ALA H 211 -14.17 -41.51 -10.87
C ALA H 211 -14.71 -40.13 -11.23
N PRO H 212 -14.60 -39.17 -10.31
CA PRO H 212 -14.95 -37.79 -10.66
C PRO H 212 -14.05 -37.28 -11.79
N GLY H 213 -14.65 -36.53 -12.71
CA GLY H 213 -13.89 -36.01 -13.83
C GLY H 213 -13.45 -37.04 -14.84
N GLN H 214 -13.98 -38.26 -14.78
CA GLN H 214 -13.61 -39.32 -15.70
C GLN H 214 -14.77 -39.59 -16.65
N HIS H 215 -14.48 -39.64 -17.94
CA HIS H 215 -15.51 -39.80 -18.96
C HIS H 215 -15.12 -40.89 -19.93
N GLU H 216 -16.13 -41.57 -20.48
CA GLU H 216 -15.93 -42.63 -21.45
C GLU H 216 -16.78 -42.37 -22.68
N ILE H 217 -16.19 -42.60 -23.85
CA ILE H 217 -16.89 -42.50 -25.13
C ILE H 217 -16.66 -43.81 -25.88
N ASP H 218 -17.73 -44.42 -26.36
CA ASP H 218 -17.67 -45.71 -27.02
C ASP H 218 -17.72 -45.55 -28.54
N PHE H 219 -17.05 -46.44 -29.25
CA PHE H 219 -16.98 -46.42 -30.69
C PHE H 219 -17.82 -47.53 -31.30
N LYS H 220 -18.00 -47.45 -32.61
CA LYS H 220 -18.56 -48.55 -33.37
C LYS H 220 -17.47 -49.55 -33.73
N TYR H 221 -17.88 -50.77 -34.04
CA TYR H 221 -16.92 -51.84 -34.30
C TYR H 221 -16.47 -51.80 -35.75
N GLU H 222 -15.18 -51.56 -35.97
CA GLU H 222 -14.60 -51.52 -37.30
C GLU H 222 -13.46 -52.53 -37.39
N ASP H 223 -12.74 -52.50 -38.51
CA ASP H 223 -11.58 -53.36 -38.68
C ASP H 223 -10.47 -52.97 -37.71
N ALA H 224 -9.48 -53.86 -37.58
CA ALA H 224 -8.40 -53.62 -36.64
C ALA H 224 -7.65 -52.33 -36.97
N ILE H 225 -7.22 -52.19 -38.22
CA ILE H 225 -6.42 -51.02 -38.61
C ILE H 225 -7.26 -49.75 -38.49
N THR H 226 -8.50 -49.80 -38.97
CA THR H 226 -9.38 -48.64 -38.87
C THR H 226 -9.66 -48.28 -37.41
N ALA H 227 -9.84 -49.30 -36.56
CA ALA H 227 -10.09 -49.03 -35.15
C ALA H 227 -8.88 -48.36 -34.50
N CYS H 228 -7.67 -48.84 -34.81
CA CYS H 228 -6.47 -48.23 -34.23
C CYS H 228 -6.30 -46.79 -34.72
N ASP H 229 -6.53 -46.55 -36.01
CA ASP H 229 -6.44 -45.20 -36.53
C ASP H 229 -7.46 -44.29 -35.87
N SER H 230 -8.68 -44.80 -35.67
CA SER H 230 -9.71 -44.02 -34.98
C SER H 230 -9.31 -43.74 -33.54
N ILE H 231 -8.64 -44.69 -32.89
CA ILE H 231 -8.18 -44.47 -31.52
C ILE H 231 -7.18 -43.32 -31.47
N GLN H 232 -6.21 -43.34 -32.38
CA GLN H 232 -5.20 -42.27 -32.40
C GLN H 232 -5.84 -40.92 -32.69
N THR H 233 -6.71 -40.87 -33.70
CA THR H 233 -7.38 -39.62 -34.04
C THR H 233 -8.26 -39.14 -32.89
N PHE H 234 -8.91 -40.07 -32.19
CA PHE H 234 -9.74 -39.71 -31.05
C PHE H 234 -8.92 -39.08 -29.94
N LYS H 235 -7.76 -39.66 -29.64
CA LYS H 235 -6.88 -39.07 -28.64
C LYS H 235 -6.49 -37.66 -29.03
N LEU H 236 -6.06 -37.48 -30.29
CA LEU H 236 -5.63 -36.15 -30.74
C LEU H 236 -6.76 -35.14 -30.65
N VAL H 237 -7.94 -35.51 -31.13
CA VAL H 237 -9.07 -34.59 -31.18
C VAL H 237 -9.54 -34.25 -29.77
N VAL H 238 -9.60 -35.24 -28.89
CA VAL H 238 -10.03 -35.00 -27.51
C VAL H 238 -9.08 -34.04 -26.82
N LYS H 239 -7.76 -34.27 -26.99
CA LYS H 239 -6.80 -33.37 -26.36
C LYS H 239 -6.95 -31.95 -26.89
N THR H 240 -7.09 -31.81 -28.21
CA THR H 240 -7.21 -30.47 -28.79
C THR H 240 -8.47 -29.76 -28.29
N ILE H 241 -9.60 -30.45 -28.29
CA ILE H 241 -10.86 -29.82 -27.88
C ILE H 241 -10.84 -29.48 -26.40
N ALA H 242 -10.27 -30.35 -25.57
CA ALA H 242 -10.16 -30.05 -24.15
C ALA H 242 -9.28 -28.82 -23.93
N ARG H 243 -8.17 -28.73 -24.67
CA ARG H 243 -7.34 -27.53 -24.60
C ARG H 243 -8.12 -26.29 -25.05
N LYS H 244 -9.05 -26.45 -25.98
CA LYS H 244 -9.86 -25.31 -26.47
C LYS H 244 -10.67 -24.72 -25.32
N HIS H 245 -11.30 -25.58 -24.50
CA HIS H 245 -12.15 -25.12 -23.41
C HIS H 245 -11.40 -24.94 -22.09
N GLY H 246 -10.09 -24.71 -22.15
CA GLY H 246 -9.33 -24.50 -20.93
C GLY H 246 -9.26 -25.71 -20.04
N LEU H 247 -9.10 -26.90 -20.62
CA LEU H 247 -9.01 -28.14 -19.86
C LEU H 247 -7.87 -28.98 -20.41
N HIS H 248 -7.41 -29.91 -19.59
CA HIS H 248 -6.38 -30.86 -19.98
C HIS H 248 -6.99 -32.26 -19.93
N ALA H 249 -7.03 -32.93 -21.08
CA ALA H 249 -7.53 -34.28 -21.18
C ALA H 249 -6.34 -35.23 -21.14
N THR H 250 -6.34 -36.13 -20.17
CA THR H 250 -5.24 -37.06 -19.99
C THR H 250 -5.75 -38.49 -20.08
N PHE H 251 -4.93 -39.34 -20.71
CA PHE H 251 -5.18 -40.76 -20.82
C PHE H 251 -4.22 -41.58 -19.96
N MET H 252 -3.69 -40.99 -18.90
CA MET H 252 -2.83 -41.72 -17.98
C MET H 252 -3.63 -42.83 -17.31
N PRO H 253 -3.09 -44.04 -17.19
CA PRO H 253 -3.86 -45.12 -16.57
C PRO H 253 -4.31 -44.83 -15.15
N LYS H 254 -3.50 -44.13 -14.36
CA LYS H 254 -3.82 -43.85 -12.96
C LYS H 254 -3.24 -42.51 -12.56
N PRO H 255 -3.89 -41.41 -12.94
CA PRO H 255 -3.38 -40.09 -12.57
C PRO H 255 -3.39 -39.83 -11.07
N LEU H 256 -4.35 -40.40 -10.34
CA LEU H 256 -4.51 -40.13 -8.91
C LEU H 256 -4.60 -41.43 -8.13
N PHE H 257 -4.15 -41.38 -6.88
CA PHE H 257 -4.17 -42.53 -6.00
C PHE H 257 -5.51 -42.61 -5.28
N GLY H 258 -5.96 -43.84 -5.04
CA GLY H 258 -7.21 -44.06 -4.33
C GLY H 258 -8.44 -43.78 -5.15
N VAL H 259 -8.30 -43.58 -6.45
CA VAL H 259 -9.41 -43.29 -7.35
C VAL H 259 -9.35 -44.29 -8.50
N ASN H 260 -10.50 -44.51 -9.14
CA ASN H 260 -10.55 -45.44 -10.26
C ASN H 260 -9.61 -45.01 -11.38
N GLY H 261 -8.97 -45.99 -12.01
CA GLY H 261 -8.10 -45.73 -13.12
C GLY H 261 -8.84 -45.68 -14.44
N SER H 262 -8.08 -45.46 -15.51
CA SER H 262 -8.62 -45.37 -16.86
C SER H 262 -8.24 -46.62 -17.65
N GLY H 263 -9.23 -47.22 -18.30
CA GLY H 263 -9.00 -48.42 -19.08
C GLY H 263 -9.42 -48.27 -20.52
N MET H 264 -8.99 -49.19 -21.37
CA MET H 264 -9.32 -49.19 -22.80
C MET H 264 -9.76 -50.59 -23.22
N HIS H 265 -10.76 -51.12 -22.51
CA HIS H 265 -11.27 -52.46 -22.79
C HIS H 265 -11.48 -52.67 -24.29
N PHE H 266 -11.01 -53.81 -24.78
CA PHE H 266 -11.09 -54.17 -26.19
C PHE H 266 -12.12 -55.29 -26.35
N ASN H 267 -13.15 -55.03 -27.16
CA ASN H 267 -14.13 -56.06 -27.51
C ASN H 267 -13.78 -56.54 -28.91
N MET H 268 -13.26 -57.76 -29.01
CA MET H 268 -12.78 -58.30 -30.27
C MET H 268 -13.68 -59.43 -30.74
N SER H 269 -13.90 -59.48 -32.05
CA SER H 269 -14.65 -60.55 -32.68
C SER H 269 -13.95 -60.97 -33.97
N LEU H 270 -13.99 -62.26 -34.26
CA LEU H 270 -13.33 -62.82 -35.43
C LEU H 270 -14.38 -63.25 -36.44
N PHE H 271 -14.20 -62.87 -37.70
CA PHE H 271 -15.21 -63.14 -38.73
C PHE H 271 -14.63 -64.06 -39.80
N ASN H 272 -15.53 -64.81 -40.45
CA ASN H 272 -15.17 -65.64 -41.59
C ASN H 272 -16.13 -65.38 -42.74
N GLU H 273 -16.07 -66.22 -43.77
CA GLU H 273 -16.96 -66.04 -44.92
C GLU H 273 -18.42 -66.19 -44.52
N LYS H 274 -18.73 -67.17 -43.66
CA LYS H 274 -20.11 -67.38 -43.24
C LYS H 274 -20.61 -66.23 -42.38
N GLY H 275 -19.83 -65.83 -41.39
CA GLY H 275 -20.23 -64.75 -40.50
C GLY H 275 -19.34 -64.62 -39.29
N ASN H 276 -19.94 -64.49 -38.11
CA ASN H 276 -19.17 -64.43 -36.88
C ASN H 276 -18.65 -65.81 -36.52
N ALA H 277 -17.33 -65.93 -36.33
CA ALA H 277 -16.72 -67.21 -36.02
C ALA H 277 -16.85 -67.58 -34.55
N PHE H 278 -17.20 -66.63 -33.69
CA PHE H 278 -17.33 -66.88 -32.26
C PHE H 278 -18.71 -67.34 -31.85
N PHE H 279 -19.66 -67.37 -32.77
CA PHE H 279 -21.06 -67.67 -32.45
C PHE H 279 -21.42 -69.07 -32.91
N ASP H 280 -22.09 -69.82 -32.04
CA ASP H 280 -22.56 -71.16 -32.37
C ASP H 280 -23.77 -71.44 -31.49
N GLU H 281 -24.95 -71.52 -32.10
CA GLU H 281 -26.17 -71.71 -31.33
C GLU H 281 -26.20 -73.05 -30.62
N SER H 282 -25.47 -74.04 -31.13
CA SER H 282 -25.47 -75.37 -30.56
C SER H 282 -24.35 -75.60 -29.55
N GLY H 283 -23.50 -74.59 -29.32
CA GLY H 283 -22.41 -74.74 -28.40
C GLY H 283 -22.73 -74.28 -26.99
N GLU H 284 -21.89 -74.68 -26.05
CA GLU H 284 -22.05 -74.25 -24.66
C GLU H 284 -21.87 -72.73 -24.57
N LEU H 285 -22.77 -72.09 -23.82
CA LEU H 285 -22.82 -70.63 -23.70
C LEU H 285 -23.02 -69.95 -25.04
N GLU H 286 -23.54 -70.69 -26.03
CA GLU H 286 -23.68 -70.20 -27.40
C GLU H 286 -22.34 -69.67 -27.94
N LEU H 287 -21.28 -70.41 -27.65
CA LEU H 287 -19.93 -70.06 -28.09
C LEU H 287 -19.35 -71.20 -28.92
N SER H 288 -18.70 -70.85 -30.02
CA SER H 288 -18.09 -71.84 -30.89
C SER H 288 -16.78 -72.35 -30.30
N GLN H 289 -16.30 -73.46 -30.86
CA GLN H 289 -15.00 -73.98 -30.45
C GLN H 289 -13.88 -73.02 -30.79
N THR H 290 -14.05 -72.22 -31.85
CA THR H 290 -13.08 -71.20 -32.18
C THR H 290 -12.97 -70.16 -31.06
N ALA H 291 -14.11 -69.77 -30.48
CA ALA H 291 -14.09 -68.82 -29.38
C ALA H 291 -13.37 -69.39 -28.18
N TYR H 292 -13.59 -70.66 -27.87
CA TYR H 292 -12.92 -71.28 -26.73
C TYR H 292 -11.43 -71.40 -26.96
N HIS H 293 -11.02 -71.74 -28.20
CA HIS H 293 -9.60 -71.79 -28.51
C HIS H 293 -8.97 -70.39 -28.38
N PHE H 294 -9.69 -69.37 -28.84
CA PHE H 294 -9.20 -68.00 -28.69
C PHE H 294 -9.06 -67.62 -27.23
N LEU H 295 -10.04 -68.01 -26.40
CA LEU H 295 -9.93 -67.75 -24.96
C LEU H 295 -8.73 -68.45 -24.36
N ALA H 296 -8.49 -69.71 -24.73
CA ALA H 296 -7.36 -70.44 -24.20
C ALA H 296 -6.04 -69.79 -24.59
N GLY H 297 -5.94 -69.37 -25.86
CA GLY H 297 -4.73 -68.68 -26.29
C GLY H 297 -4.53 -67.35 -25.58
N MET H 298 -5.61 -66.59 -25.40
CA MET H 298 -5.51 -65.30 -24.75
C MET H 298 -5.10 -65.45 -23.28
N LEU H 299 -5.64 -66.45 -22.59
CA LEU H 299 -5.32 -66.65 -21.19
C LEU H 299 -3.93 -67.25 -21.00
N LYS H 300 -3.49 -68.13 -21.92
CA LYS H 300 -2.20 -68.77 -21.75
C LYS H 300 -1.05 -67.77 -21.82
N HIS H 301 -1.13 -66.82 -22.75
CA HIS H 301 -0.04 -65.87 -22.98
C HIS H 301 -0.29 -64.51 -22.38
N ALA H 302 -1.30 -64.37 -21.50
CA ALA H 302 -1.60 -63.06 -20.92
C ALA H 302 -0.40 -62.52 -20.15
N ARG H 303 0.26 -63.38 -19.38
CA ARG H 303 1.47 -62.97 -18.67
C ARG H 303 2.54 -62.52 -19.64
N GLY H 304 2.50 -62.99 -20.87
CA GLY H 304 3.47 -62.59 -21.88
C GLY H 304 3.23 -61.20 -22.45
N TYR H 305 2.02 -60.91 -22.89
CA TYR H 305 1.72 -59.63 -23.52
C TYR H 305 1.23 -58.57 -22.54
N THR H 306 1.23 -58.86 -21.24
CA THR H 306 0.88 -57.84 -20.27
C THR H 306 1.79 -56.62 -20.39
N ALA H 307 3.06 -56.85 -20.73
CA ALA H 307 3.98 -55.72 -20.92
C ALA H 307 3.56 -54.84 -22.10
N VAL H 308 3.14 -55.47 -23.21
CA VAL H 308 2.75 -54.70 -24.38
C VAL H 308 1.44 -53.96 -24.13
N THR H 309 0.48 -54.62 -23.48
CA THR H 309 -0.81 -53.97 -23.23
C THR H 309 -0.72 -52.90 -22.15
N ASN H 310 0.27 -52.99 -21.26
CA ASN H 310 0.47 -52.01 -20.20
C ASN H 310 1.93 -51.58 -20.22
N PRO H 311 2.37 -50.66 -21.12
CA PRO H 311 3.80 -50.34 -21.26
C PRO H 311 4.38 -49.29 -20.30
N THR H 312 3.55 -48.49 -19.65
CA THR H 312 4.09 -47.40 -18.78
C THR H 312 4.27 -47.90 -17.35
N ILE H 313 5.10 -47.23 -16.57
CA ILE H 313 5.28 -47.60 -15.13
C ILE H 313 3.94 -47.37 -14.41
N ASN H 314 3.28 -46.25 -14.72
CA ASN H 314 2.02 -45.93 -14.05
C ASN H 314 0.94 -46.95 -14.33
N SER H 315 1.04 -47.69 -15.43
CA SER H 315 0.00 -48.65 -15.79
C SER H 315 -0.22 -49.67 -14.69
N PHE H 316 0.86 -50.20 -14.12
CA PHE H 316 0.74 -51.22 -13.09
C PHE H 316 0.29 -50.64 -11.75
N LYS H 317 0.24 -49.31 -11.63
CA LYS H 317 -0.44 -48.72 -10.48
C LYS H 317 -1.96 -48.86 -10.60
N ARG H 318 -2.48 -49.00 -11.81
CA ARG H 318 -3.91 -49.23 -12.00
C ARG H 318 -4.28 -50.66 -11.69
N LEU H 319 -3.40 -51.61 -12.00
CA LEU H 319 -3.67 -53.04 -11.81
C LEU H 319 -3.50 -53.40 -10.33
N VAL H 320 -4.40 -52.86 -9.51
CA VAL H 320 -4.42 -53.15 -8.08
C VAL H 320 -5.83 -53.54 -7.69
N PRO H 321 -6.02 -54.40 -6.69
CA PRO H 321 -7.37 -54.83 -6.32
C PRO H 321 -8.20 -53.69 -5.74
N GLY H 322 -9.51 -53.80 -5.94
CA GLY H 322 -10.46 -52.87 -5.36
C GLY H 322 -10.89 -51.72 -6.24
N TYR H 323 -10.42 -51.66 -7.49
CA TYR H 323 -10.79 -50.58 -8.39
C TYR H 323 -11.27 -51.12 -9.73
N GLU H 324 -11.79 -52.34 -9.74
CA GLU H 324 -12.40 -53.01 -10.88
C GLU H 324 -11.40 -53.31 -12.00
N ALA H 325 -10.12 -52.99 -11.82
CA ALA H 325 -9.12 -53.38 -12.79
C ALA H 325 -8.75 -54.85 -12.60
N PRO H 326 -8.45 -55.58 -13.68
CA PRO H 326 -8.10 -56.99 -13.54
C PRO H 326 -6.78 -57.17 -12.79
N CYS H 327 -6.70 -58.25 -12.03
CA CYS H 327 -5.47 -58.60 -11.34
C CYS H 327 -5.10 -60.08 -11.43
N TYR H 328 -5.99 -60.93 -11.91
CA TYR H 328 -5.74 -62.37 -12.00
C TYR H 328 -6.10 -62.86 -13.39
N ILE H 329 -5.39 -63.89 -13.85
CA ILE H 329 -5.63 -64.46 -15.16
C ILE H 329 -6.80 -65.42 -15.10
N ALA H 330 -8.00 -64.90 -15.38
CA ALA H 330 -9.21 -65.71 -15.37
C ALA H 330 -10.25 -65.05 -16.25
N TRP H 331 -11.22 -65.86 -16.68
CA TRP H 331 -12.30 -65.37 -17.54
C TRP H 331 -13.64 -65.74 -16.92
N SER H 332 -14.64 -64.89 -17.17
CA SER H 332 -15.97 -65.10 -16.63
C SER H 332 -16.98 -64.33 -17.47
N GLY H 333 -18.24 -64.73 -17.32
CA GLY H 333 -19.32 -64.01 -17.96
C GLY H 333 -19.87 -62.91 -17.09
N LYS H 334 -19.74 -63.07 -15.77
CA LYS H 334 -20.20 -62.05 -14.81
C LYS H 334 -19.38 -62.23 -13.54
N ASN H 335 -18.43 -61.31 -13.31
CA ASN H 335 -17.58 -61.37 -12.14
C ASN H 335 -17.01 -59.99 -11.88
N ARG H 336 -16.53 -59.81 -10.65
CA ARG H 336 -15.90 -58.52 -10.24
C ARG H 336 -14.50 -58.45 -10.84
N SER H 337 -14.32 -57.69 -11.91
CA SER H 337 -13.03 -57.45 -12.56
C SER H 337 -12.37 -58.74 -13.04
N PRO H 338 -12.90 -59.39 -14.07
CA PRO H 338 -12.18 -60.50 -14.69
C PRO H 338 -11.23 -60.01 -15.77
N LEU H 339 -10.21 -60.81 -16.03
CA LEU H 339 -9.25 -60.45 -17.08
C LEU H 339 -9.92 -60.46 -18.44
N VAL H 340 -10.73 -61.46 -18.73
CA VAL H 340 -11.47 -61.56 -19.99
C VAL H 340 -12.94 -61.74 -19.65
N ARG H 341 -13.79 -60.93 -20.27
CA ARG H 341 -15.23 -60.97 -20.03
C ARG H 341 -15.95 -61.27 -21.33
N VAL H 342 -16.98 -62.11 -21.24
CA VAL H 342 -17.80 -62.48 -22.38
C VAL H 342 -19.13 -61.74 -22.27
N PRO H 343 -19.38 -60.73 -23.09
CA PRO H 343 -20.66 -60.03 -23.02
C PRO H 343 -21.82 -60.94 -23.39
N SER H 344 -22.99 -60.64 -22.82
CA SER H 344 -24.15 -61.48 -23.00
C SER H 344 -24.70 -61.45 -24.43
N SER H 345 -24.37 -60.42 -25.19
CA SER H 345 -24.87 -60.31 -26.55
C SER H 345 -24.34 -61.44 -27.43
N ARG H 346 -25.20 -61.97 -28.30
CA ARG H 346 -24.81 -63.06 -29.19
C ARG H 346 -25.18 -62.75 -30.62
N GLY H 347 -25.07 -63.73 -31.50
CA GLY H 347 -25.30 -63.52 -32.92
C GLY H 347 -24.10 -62.91 -33.59
N LEU H 348 -24.32 -61.90 -34.43
CA LEU H 348 -23.21 -61.18 -35.05
C LEU H 348 -22.47 -60.30 -34.05
N SER H 349 -23.00 -60.10 -32.85
CA SER H 349 -22.39 -59.25 -31.84
C SER H 349 -21.57 -60.05 -30.83
N THR H 350 -21.37 -61.34 -31.07
CA THR H 350 -20.57 -62.15 -30.17
C THR H 350 -19.13 -61.65 -30.16
N ARG H 351 -18.56 -61.48 -28.98
CA ARG H 351 -17.23 -60.90 -28.85
C ARG H 351 -16.63 -61.28 -27.51
N LEU H 352 -15.32 -61.13 -27.41
CA LEU H 352 -14.58 -61.33 -26.17
C LEU H 352 -13.96 -60.01 -25.76
N GLU H 353 -14.11 -59.64 -24.49
CA GLU H 353 -13.62 -58.37 -23.99
C GLU H 353 -12.39 -58.60 -23.11
N LEU H 354 -11.29 -57.96 -23.49
CA LEU H 354 -10.09 -57.91 -22.66
C LEU H 354 -10.04 -56.58 -21.94
N ARG H 355 -9.91 -56.64 -20.61
CA ARG H 355 -10.01 -55.46 -19.77
C ARG H 355 -8.68 -54.97 -19.21
N SER H 356 -7.58 -55.65 -19.52
CA SER H 356 -6.29 -55.25 -18.98
C SER H 356 -5.64 -54.11 -19.76
N VAL H 357 -6.16 -53.80 -20.95
CA VAL H 357 -5.55 -52.77 -21.78
C VAL H 357 -5.88 -51.39 -21.21
N ASP H 358 -4.92 -50.48 -21.30
CA ASP H 358 -5.07 -49.11 -20.85
C ASP H 358 -4.89 -48.14 -22.02
N PRO H 359 -5.39 -46.92 -21.91
CA PRO H 359 -5.27 -45.98 -23.05
C PRO H 359 -3.84 -45.64 -23.43
N SER H 360 -2.87 -45.84 -22.54
CA SER H 360 -1.48 -45.53 -22.85
C SER H 360 -0.84 -46.51 -23.82
N ALA H 361 -1.46 -47.66 -24.05
CA ALA H 361 -0.85 -48.68 -24.90
C ALA H 361 -0.91 -48.28 -26.37
N ASN H 362 0.03 -48.80 -27.15
CA ASN H 362 0.01 -48.63 -28.59
C ASN H 362 -1.05 -49.55 -29.18
N PRO H 363 -2.07 -49.03 -29.86
CA PRO H 363 -3.14 -49.91 -30.36
C PRO H 363 -2.65 -50.97 -31.33
N TYR H 364 -1.71 -50.63 -32.21
CA TYR H 364 -1.25 -51.58 -33.21
C TYR H 364 -0.51 -52.74 -32.57
N LEU H 365 0.41 -52.45 -31.65
CA LEU H 365 1.16 -53.52 -30.99
C LEU H 365 0.25 -54.40 -30.15
N ALA H 366 -0.68 -53.80 -29.42
CA ALA H 366 -1.60 -54.57 -28.60
C ALA H 366 -2.46 -55.49 -29.46
N MET H 367 -3.00 -54.96 -30.56
CA MET H 367 -3.79 -55.80 -31.45
C MET H 367 -2.95 -56.91 -32.06
N ALA H 368 -1.71 -56.60 -32.44
CA ALA H 368 -0.85 -57.62 -33.03
C ALA H 368 -0.60 -58.76 -32.06
N VAL H 369 -0.26 -58.43 -30.81
CA VAL H 369 0.07 -59.49 -29.85
C VAL H 369 -1.19 -60.27 -29.47
N LEU H 370 -2.32 -59.59 -29.32
CA LEU H 370 -3.56 -60.29 -28.99
C LEU H 370 -3.98 -61.23 -30.12
N LEU H 371 -3.88 -60.76 -31.37
CA LEU H 371 -4.21 -61.63 -32.50
C LEU H 371 -3.26 -62.80 -32.59
N LYS H 372 -1.97 -62.58 -32.33
CA LYS H 372 -1.02 -63.69 -32.36
C LYS H 372 -1.36 -64.72 -31.29
N ALA H 373 -1.69 -64.26 -30.08
CA ALA H 373 -2.04 -65.20 -29.01
C ALA H 373 -3.29 -65.99 -29.35
N GLY H 374 -4.34 -65.31 -29.85
CA GLY H 374 -5.54 -66.02 -30.22
C GLY H 374 -5.33 -67.00 -31.36
N LEU H 375 -4.54 -66.60 -32.35
CA LEU H 375 -4.25 -67.48 -33.48
C LEU H 375 -3.45 -68.71 -33.03
N SER H 376 -2.50 -68.52 -32.12
CA SER H 376 -1.77 -69.66 -31.58
C SER H 376 -2.70 -70.59 -30.81
N GLY H 377 -3.61 -70.02 -30.02
CA GLY H 377 -4.57 -70.85 -29.32
C GLY H 377 -5.45 -71.64 -30.26
N ILE H 378 -5.89 -71.01 -31.35
CA ILE H 378 -6.72 -71.72 -32.34
C ILE H 378 -5.92 -72.84 -33.00
N LYS H 379 -4.68 -72.55 -33.39
CA LYS H 379 -3.86 -73.56 -34.06
C LYS H 379 -3.57 -74.75 -33.14
N ASP H 380 -3.26 -74.47 -31.87
CA ASP H 380 -2.97 -75.55 -30.93
C ASP H 380 -4.22 -76.20 -30.37
N GLU H 381 -5.40 -75.62 -30.60
CA GLU H 381 -6.66 -76.16 -30.10
C GLU H 381 -6.63 -76.37 -28.59
N LEU H 382 -6.11 -75.38 -27.87
CA LEU H 382 -6.02 -75.48 -26.42
C LEU H 382 -7.40 -75.41 -25.78
N THR H 383 -7.55 -76.13 -24.67
CA THR H 383 -8.80 -76.13 -23.92
C THR H 383 -8.75 -75.04 -22.85
N PRO H 384 -9.69 -74.10 -22.82
CA PRO H 384 -9.62 -73.03 -21.84
C PRO H 384 -9.98 -73.54 -20.46
N PRO H 385 -9.48 -72.90 -19.41
CA PRO H 385 -9.88 -73.29 -18.06
C PRO H 385 -11.33 -72.93 -17.77
N ALA H 386 -11.89 -73.60 -16.77
CA ALA H 386 -13.27 -73.35 -16.41
C ALA H 386 -13.43 -71.92 -15.89
N PRO H 387 -14.52 -71.24 -16.22
CA PRO H 387 -14.71 -69.87 -15.73
C PRO H 387 -14.89 -69.86 -14.21
N VAL H 388 -14.48 -68.75 -13.61
CA VAL H 388 -14.55 -68.58 -12.16
C VAL H 388 -15.60 -67.53 -11.85
N ASP H 389 -16.45 -67.83 -10.86
CA ASP H 389 -17.53 -66.94 -10.47
C ASP H 389 -17.74 -66.93 -8.97
N ARG H 390 -16.68 -67.15 -8.19
CA ARG H 390 -16.80 -67.39 -6.76
C ARG H 390 -16.13 -66.25 -5.98
N ASN H 391 -15.85 -65.15 -6.68
CA ASN H 391 -15.18 -63.98 -6.10
C ASN H 391 -13.78 -64.35 -5.60
N ILE H 392 -12.92 -64.65 -6.58
CA ILE H 392 -11.53 -65.02 -6.36
C ILE H 392 -10.82 -64.08 -5.39
N TYR H 393 -11.29 -62.84 -5.29
CA TYR H 393 -10.76 -61.92 -4.29
C TYR H 393 -11.02 -62.40 -2.88
N GLY H 394 -11.97 -63.33 -2.69
CA GLY H 394 -12.25 -63.82 -1.35
C GLY H 394 -11.08 -64.57 -0.74
N MET H 395 -10.44 -65.44 -1.52
CA MET H 395 -9.35 -66.24 -0.99
C MET H 395 -8.04 -65.45 -1.02
N ASN H 396 -7.02 -66.02 -0.37
CA ASN H 396 -5.68 -65.45 -0.41
C ASN H 396 -4.98 -65.90 -1.68
N GLU H 397 -3.74 -65.42 -1.86
CA GLU H 397 -2.98 -65.81 -3.05
C GLU H 397 -2.69 -67.30 -3.06
N GLU H 398 -2.33 -67.87 -1.90
CA GLU H 398 -2.04 -69.29 -1.83
C GLU H 398 -3.28 -70.14 -2.09
N GLU H 399 -4.44 -69.71 -1.56
CA GLU H 399 -5.66 -70.49 -1.71
C GLU H 399 -6.18 -70.52 -3.14
N ARG H 400 -5.79 -69.55 -3.98
CA ARG H 400 -6.19 -69.55 -5.37
C ARG H 400 -5.09 -69.98 -6.33
N GLU H 401 -3.84 -69.99 -5.88
CA GLU H 401 -2.76 -70.49 -6.72
C GLU H 401 -2.84 -72.00 -6.91
N ALA H 402 -3.57 -72.70 -6.04
CA ALA H 402 -3.77 -74.14 -6.23
C ALA H 402 -4.51 -74.42 -7.52
N THR H 403 -5.54 -73.62 -7.82
CA THR H 403 -6.25 -73.74 -9.08
C THR H 403 -5.45 -73.04 -10.18
N GLY H 404 -6.08 -72.85 -11.34
CA GLY H 404 -5.41 -72.24 -12.47
C GLY H 404 -5.29 -70.73 -12.40
N ILE H 405 -5.70 -70.11 -11.30
CA ILE H 405 -5.67 -68.66 -11.18
C ILE H 405 -4.24 -68.22 -10.88
N TYR H 406 -3.72 -67.31 -11.69
CA TYR H 406 -2.38 -66.77 -11.52
C TYR H 406 -2.43 -65.25 -11.55
N ASP H 407 -1.43 -64.64 -10.94
CA ASP H 407 -1.36 -63.19 -10.83
C ASP H 407 -0.71 -62.59 -12.07
N LEU H 408 -1.20 -61.42 -12.47
CA LEU H 408 -0.54 -60.64 -13.49
C LEU H 408 0.76 -60.06 -12.92
N PRO H 409 1.72 -59.72 -13.78
CA PRO H 409 2.95 -59.10 -13.29
C PRO H 409 2.65 -57.81 -12.52
N GLU H 410 3.36 -57.62 -11.41
CA GLU H 410 3.09 -56.50 -10.52
C GLU H 410 3.89 -55.26 -10.85
N SER H 411 4.89 -55.37 -11.73
CA SER H 411 5.72 -54.23 -12.11
C SER H 411 6.11 -54.38 -13.57
N LEU H 412 6.56 -53.26 -14.16
CA LEU H 412 6.97 -53.29 -15.60
C LEU H 412 8.16 -54.23 -15.75
N GLY H 413 9.08 -54.26 -14.79
CA GLY H 413 10.25 -55.12 -14.95
C GLY H 413 9.90 -56.59 -15.06
N HIS H 414 8.97 -57.05 -14.21
CA HIS H 414 8.53 -58.43 -14.30
C HIS H 414 7.84 -58.71 -15.62
N ALA H 415 7.04 -57.75 -16.09
CA ALA H 415 6.39 -57.90 -17.38
C ALA H 415 7.41 -57.97 -18.51
N LEU H 416 8.48 -57.18 -18.39
CA LEU H 416 9.56 -57.20 -19.42
C LEU H 416 10.25 -58.57 -19.40
N ILE H 417 10.47 -59.13 -18.21
CA ILE H 417 11.06 -60.47 -18.11
C ILE H 417 10.15 -61.49 -18.77
N GLU H 418 8.83 -61.39 -18.51
CA GLU H 418 7.90 -62.32 -19.12
C GLU H 418 7.88 -62.19 -20.63
N LEU H 419 7.98 -60.96 -21.14
CA LEU H 419 8.14 -60.77 -22.59
C LEU H 419 9.39 -61.47 -23.11
N GLU H 420 10.52 -61.25 -22.43
CA GLU H 420 11.77 -61.86 -22.88
C GLU H 420 11.73 -63.38 -22.81
N LYS H 421 10.84 -63.95 -22.00
CA LYS H 421 10.72 -65.41 -21.95
C LYS H 421 9.81 -65.93 -23.06
N ASN H 422 8.66 -65.29 -23.28
CA ASN H 422 7.69 -65.79 -24.24
C ASN H 422 8.18 -65.63 -25.68
N GLU H 423 7.94 -66.65 -26.51
CA GLU H 423 8.41 -66.63 -27.89
C GLU H 423 7.33 -66.25 -28.89
N ILE H 424 6.07 -66.64 -28.63
CA ILE H 424 4.98 -66.34 -29.56
C ILE H 424 4.75 -64.84 -29.65
N ILE H 425 4.84 -64.13 -28.52
CA ILE H 425 4.68 -62.69 -28.54
C ILE H 425 5.84 -62.04 -29.28
N LYS H 426 7.05 -62.59 -29.15
CA LYS H 426 8.18 -62.09 -29.94
C LYS H 426 7.92 -62.25 -31.43
N ASP H 427 7.39 -63.42 -31.82
CA ASP H 427 7.07 -63.64 -33.24
C ASP H 427 5.98 -62.67 -33.71
N GLY H 428 4.99 -62.40 -32.87
CA GLY H 428 3.95 -61.46 -33.22
C GLY H 428 4.39 -60.01 -33.26
N LEU H 429 5.45 -59.66 -32.54
CA LEU H 429 5.99 -58.31 -32.56
C LEU H 429 7.05 -58.08 -33.63
N GLY H 430 7.80 -59.10 -34.00
CA GLY H 430 8.94 -58.92 -34.89
C GLY H 430 10.19 -58.53 -34.15
N GLU H 431 11.34 -58.92 -34.71
CA GLU H 431 12.60 -58.74 -34.02
C GLU H 431 12.91 -57.27 -33.79
N HIS H 432 12.71 -56.44 -34.82
CA HIS H 432 13.05 -55.02 -34.71
C HIS H 432 12.23 -54.35 -33.62
N ILE H 433 10.90 -54.51 -33.67
CA ILE H 433 10.02 -53.89 -32.70
C ILE H 433 10.30 -54.44 -31.31
N PHE H 434 10.51 -55.75 -31.20
CA PHE H 434 10.77 -56.35 -29.89
C PHE H 434 12.03 -55.78 -29.26
N GLU H 435 13.12 -55.73 -30.04
CA GLU H 435 14.37 -55.23 -29.49
C GLU H 435 14.25 -53.77 -29.07
N HIS H 436 13.65 -52.92 -29.93
CA HIS H 436 13.59 -51.51 -29.59
C HIS H 436 12.65 -51.25 -28.41
N PHE H 437 11.52 -51.98 -28.38
CA PHE H 437 10.55 -51.84 -27.26
C PHE H 437 11.25 -52.18 -25.94
N ILE H 438 11.88 -53.35 -25.87
CA ILE H 438 12.58 -53.78 -24.61
C ILE H 438 13.60 -52.70 -24.21
N GLU H 439 14.45 -52.27 -25.15
CA GLU H 439 15.49 -51.25 -24.85
C GLU H 439 14.85 -50.03 -24.19
N ALA H 440 13.84 -49.44 -24.83
CA ALA H 440 13.19 -48.22 -24.31
C ALA H 440 12.56 -48.48 -22.94
N LYS H 441 11.91 -49.63 -22.77
CA LYS H 441 11.18 -49.93 -21.50
C LYS H 441 12.17 -50.25 -20.36
N THR H 442 13.30 -50.91 -20.67
CA THR H 442 14.33 -51.17 -19.63
C THR H 442 14.90 -49.84 -19.17
N ILE H 443 15.10 -48.90 -20.10
CA ILE H 443 15.60 -47.54 -19.71
C ILE H 443 14.55 -46.91 -18.78
N GLU H 444 13.27 -46.95 -19.16
CA GLU H 444 12.18 -46.39 -18.32
C GLU H 444 12.27 -46.98 -16.92
N CYS H 445 12.39 -48.31 -16.82
CA CYS H 445 12.47 -49.00 -15.51
C CYS H 445 13.66 -48.46 -14.71
N ASP H 446 14.87 -48.47 -15.31
CA ASP H 446 16.09 -48.01 -14.60
C ASP H 446 15.92 -46.57 -14.11
N MET H 447 15.50 -45.66 -15.00
CA MET H 447 15.30 -44.24 -14.62
C MET H 447 14.39 -44.17 -13.39
N PHE H 448 13.24 -44.85 -13.45
CA PHE H 448 12.29 -44.84 -12.31
C PHE H 448 12.93 -45.51 -11.09
N ARG H 449 13.73 -46.56 -11.30
CA ARG H 449 14.23 -47.27 -10.13
C ARG H 449 15.21 -46.42 -9.32
N THR H 450 16.06 -45.66 -9.99
CA THR H 450 17.10 -44.89 -9.32
C THR H 450 16.62 -43.54 -8.83
N ALA H 451 15.40 -43.13 -9.15
CA ALA H 451 14.90 -41.84 -8.73
C ALA H 451 14.52 -41.86 -7.25
N VAL H 452 14.58 -40.69 -6.63
CA VAL H 452 14.18 -40.52 -5.24
C VAL H 452 12.89 -39.71 -5.23
N HIS H 453 11.85 -40.31 -4.70
CA HIS H 453 10.53 -39.69 -4.74
C HIS H 453 10.22 -38.99 -3.42
N PRO H 454 9.35 -37.98 -3.46
CA PRO H 454 8.97 -37.30 -2.20
C PRO H 454 8.29 -38.22 -1.21
N TRP H 455 7.81 -39.37 -1.65
CA TRP H 455 7.23 -40.38 -0.71
C TRP H 455 8.31 -40.79 0.30
N GLU H 456 9.52 -41.11 -0.18
CA GLU H 456 10.63 -41.54 0.70
C GLU H 456 11.07 -40.37 1.59
N ARG H 457 11.06 -39.15 1.06
CA ARG H 457 11.49 -37.95 1.83
C ARG H 457 10.36 -37.51 2.78
N GLU H 458 9.31 -38.31 2.91
CA GLU H 458 8.21 -38.00 3.86
C GLU H 458 7.93 -39.23 4.73
N GLN H 459 8.72 -40.30 4.51
CA GLN H 459 8.52 -41.56 5.28
C GLN H 459 9.79 -41.90 6.07
N TYR H 460 10.95 -41.38 5.63
CA TYR H 460 12.23 -41.74 6.30
C TYR H 460 13.06 -40.47 6.60
N LEU H 461 12.50 -39.28 6.35
CA LEU H 461 13.28 -38.02 6.55
C LEU H 461 13.54 -37.79 8.04
N GLU H 462 12.50 -37.45 8.80
CA GLU H 462 12.66 -37.22 10.26
C GLU H 462 12.81 -38.57 10.98
N ILE H 463 12.07 -39.58 10.52
CA ILE H 463 12.15 -40.95 11.12
C ILE H 463 13.62 -41.38 11.19
N TYR H 464 14.32 -41.38 10.04
CA TYR H 464 15.75 -41.77 10.01
C TYR H 464 16.58 -40.54 9.62
N ALA I 22 -57.41 39.80 -19.34
CA ALA I 22 -57.63 38.37 -19.56
C ALA I 22 -56.80 37.87 -20.73
N LYS I 23 -55.66 37.26 -20.42
CA LYS I 23 -54.76 36.73 -21.44
C LYS I 23 -55.11 35.32 -21.85
N TYR I 24 -55.58 34.49 -20.92
CA TYR I 24 -55.97 33.12 -21.22
C TYR I 24 -57.34 32.84 -20.62
N THR I 25 -58.05 31.90 -21.24
CA THR I 25 -59.33 31.41 -20.75
C THR I 25 -59.20 29.93 -20.40
N LYS I 26 -60.29 29.36 -19.88
CA LYS I 26 -60.27 27.94 -19.52
C LYS I 26 -60.01 27.07 -20.75
N GLU I 27 -60.67 27.40 -21.86
CA GLU I 27 -60.48 26.62 -23.08
C GLU I 27 -59.04 26.69 -23.57
N ASP I 28 -58.42 27.87 -23.45
CA ASP I 28 -57.02 28.00 -23.81
C ASP I 28 -56.14 27.10 -22.94
N ILE I 29 -56.42 27.05 -21.64
CA ILE I 29 -55.63 26.21 -20.75
C ILE I 29 -55.79 24.74 -21.11
N PHE I 30 -57.03 24.32 -21.38
CA PHE I 30 -57.26 22.93 -21.77
C PHE I 30 -56.53 22.60 -23.07
N ARG I 31 -56.59 23.51 -24.05
CA ARG I 31 -55.90 23.28 -25.31
C ARG I 31 -54.39 23.19 -25.10
N PHE I 32 -53.83 24.06 -24.26
CA PHE I 32 -52.40 24.00 -23.98
C PHE I 32 -52.03 22.68 -23.32
N ALA I 33 -52.82 22.26 -22.33
CA ALA I 33 -52.54 21.00 -21.65
C ALA I 33 -52.60 19.82 -22.61
N ASP I 34 -53.57 19.84 -23.54
CA ASP I 34 -53.68 18.75 -24.50
C ASP I 34 -52.52 18.76 -25.48
N GLU I 35 -52.16 19.92 -26.02
CA GLU I 35 -51.17 19.97 -27.09
C GLU I 35 -49.75 19.79 -26.60
N GLN I 36 -49.40 20.34 -25.42
CA GLN I 36 -48.04 20.18 -24.93
C GLN I 36 -47.84 18.89 -24.14
N ASN I 37 -48.90 18.10 -23.95
CA ASN I 37 -48.81 16.79 -23.29
C ASN I 37 -48.24 16.92 -21.89
N VAL I 38 -48.98 17.62 -21.04
CA VAL I 38 -48.62 17.79 -19.63
C VAL I 38 -49.44 16.81 -18.81
N LYS I 39 -48.78 16.16 -17.85
CA LYS I 39 -49.43 15.20 -16.97
C LYS I 39 -49.41 15.63 -15.50
N PHE I 40 -48.70 16.72 -15.20
CA PHE I 40 -48.61 17.21 -13.80
C PHE I 40 -48.77 18.73 -13.75
N ILE I 41 -49.56 19.23 -12.80
CA ILE I 41 -49.74 20.70 -12.64
C ILE I 41 -49.42 21.08 -11.18
N ARG I 42 -48.50 22.03 -10.97
CA ARG I 42 -48.11 22.46 -9.60
C ARG I 42 -48.87 23.73 -9.23
N LEU I 43 -49.97 23.61 -8.49
CA LEU I 43 -50.71 24.79 -8.04
C LEU I 43 -49.94 25.40 -6.89
N GLN I 44 -49.27 26.51 -7.14
CA GLN I 44 -48.31 27.06 -6.19
C GLN I 44 -48.79 28.39 -5.61
N PHE I 45 -48.19 28.72 -4.47
CA PHE I 45 -48.51 29.93 -3.72
C PHE I 45 -47.31 30.25 -2.84
N THR I 46 -47.40 31.36 -2.10
CA THR I 46 -46.31 31.83 -1.26
C THR I 46 -46.83 32.02 0.15
N ASP I 47 -46.08 31.52 1.13
CA ASP I 47 -46.45 31.62 2.52
C ASP I 47 -45.97 32.97 3.09
N ILE I 48 -46.14 33.16 4.39
CA ILE I 48 -45.74 34.41 5.01
C ILE I 48 -44.22 34.59 4.93
N LEU I 49 -43.47 33.51 5.17
CA LEU I 49 -41.98 33.63 5.23
C LEU I 49 -41.36 33.71 3.84
N GLY I 50 -42.17 33.66 2.77
CA GLY I 50 -41.66 33.81 1.43
C GLY I 50 -41.30 32.53 0.73
N ILE I 51 -41.44 31.38 1.40
CA ILE I 51 -41.12 30.10 0.78
C ILE I 51 -42.22 29.73 -0.21
N ILE I 52 -41.83 29.30 -1.40
CA ILE I 52 -42.78 28.89 -2.43
C ILE I 52 -43.27 27.48 -2.09
N LYS I 53 -44.57 27.34 -1.92
CA LYS I 53 -45.19 26.05 -1.63
C LYS I 53 -46.17 25.71 -2.75
N ASN I 54 -46.57 24.45 -2.83
CA ASN I 54 -47.43 24.04 -3.96
C ASN I 54 -48.15 22.71 -3.69
N VAL I 55 -49.30 22.50 -4.34
CA VAL I 55 -50.00 21.18 -4.27
C VAL I 55 -49.88 20.58 -5.67
N GLU I 56 -49.55 19.30 -5.77
CA GLU I 56 -49.31 18.70 -7.12
C GLU I 56 -50.50 17.83 -7.53
N ILE I 57 -51.09 18.10 -8.70
CA ILE I 57 -52.30 17.36 -9.15
C ILE I 57 -52.06 16.80 -10.56
N PRO I 58 -52.60 15.61 -10.92
CA PRO I 58 -52.49 15.10 -12.28
C PRO I 58 -53.33 15.95 -13.24
N VAL I 59 -53.04 15.79 -14.53
CA VAL I 59 -53.75 16.56 -15.53
C VAL I 59 -55.24 16.23 -15.54
N SER I 60 -55.59 15.01 -15.13
CA SER I 60 -56.99 14.59 -15.11
C SER I 60 -57.83 15.42 -14.14
N GLN I 61 -57.20 16.03 -13.14
CA GLN I 61 -57.90 16.89 -12.20
C GLN I 61 -57.94 18.34 -12.65
N LEU I 62 -57.32 18.66 -13.79
CA LEU I 62 -57.16 20.05 -14.20
C LEU I 62 -58.51 20.77 -14.27
N LYS I 63 -59.52 20.11 -14.83
CA LYS I 63 -60.85 20.71 -14.91
C LYS I 63 -61.33 21.14 -13.52
N LYS I 64 -61.21 20.23 -12.55
CA LYS I 64 -61.61 20.57 -11.18
C LYS I 64 -60.79 21.74 -10.67
N ALA I 65 -59.50 21.78 -10.99
CA ALA I 65 -58.66 22.90 -10.58
C ALA I 65 -59.17 24.20 -11.17
N LEU I 66 -59.69 24.16 -12.40
CA LEU I 66 -60.23 25.36 -13.01
C LEU I 66 -61.63 25.70 -12.51
N ASP I 67 -62.25 24.82 -11.73
CA ASP I 67 -63.55 25.09 -11.14
C ASP I 67 -63.45 25.69 -9.75
N ASN I 68 -62.23 25.95 -9.27
CA ASN I 68 -61.99 26.50 -7.93
C ASN I 68 -62.60 25.59 -6.85
N LYS I 69 -62.41 24.29 -7.00
CA LYS I 69 -62.94 23.31 -6.07
C LYS I 69 -61.88 22.54 -5.31
N ILE I 70 -60.60 22.85 -5.50
CA ILE I 70 -59.54 22.14 -4.81
C ILE I 70 -59.43 22.65 -3.38
N MET I 71 -59.45 21.74 -2.41
CA MET I 71 -59.27 22.05 -1.00
C MET I 71 -57.86 21.70 -0.57
N PHE I 72 -57.32 22.49 0.34
CA PHE I 72 -56.02 22.19 0.93
C PHE I 72 -55.95 22.81 2.32
N ASP I 73 -54.82 22.61 2.99
CA ASP I 73 -54.61 23.11 4.34
C ASP I 73 -54.04 24.52 4.27
N GLY I 74 -54.84 25.52 4.64
CA GLY I 74 -54.38 26.89 4.60
C GLY I 74 -53.37 27.25 5.66
N SER I 75 -53.32 26.47 6.75
CA SER I 75 -52.39 26.75 7.83
C SER I 75 -50.93 26.72 7.37
N SER I 76 -50.64 26.01 6.27
CA SER I 76 -49.28 26.00 5.75
C SER I 76 -48.81 27.39 5.37
N ILE I 77 -49.74 28.28 5.00
CA ILE I 77 -49.37 29.67 4.71
C ILE I 77 -48.74 30.32 5.92
N GLU I 78 -49.20 29.96 7.12
CA GLU I 78 -48.61 30.51 8.33
C GLU I 78 -47.19 30.04 8.57
N GLY I 79 -46.72 29.03 7.84
CA GLY I 79 -45.36 28.56 8.02
C GLY I 79 -45.22 27.55 9.12
N PHE I 80 -44.14 27.64 9.90
CA PHE I 80 -43.89 26.68 10.97
C PHE I 80 -44.60 27.06 12.27
N VAL I 81 -45.29 28.20 12.31
CA VAL I 81 -46.00 28.61 13.52
C VAL I 81 -47.46 28.21 13.40
N ARG I 82 -47.78 27.35 12.44
CA ARG I 82 -49.13 26.87 12.27
C ARG I 82 -49.54 26.01 13.46
N ILE I 83 -50.82 26.07 13.83
CA ILE I 83 -51.32 25.34 14.98
C ILE I 83 -52.46 24.42 14.56
N GLU I 84 -53.52 25.00 14.02
CA GLU I 84 -54.75 24.27 13.70
C GLU I 84 -54.93 24.16 12.19
N GLU I 85 -55.31 22.98 11.74
CA GLU I 85 -55.59 22.76 10.32
C GLU I 85 -56.83 23.53 9.90
N SER I 86 -56.73 24.23 8.78
CA SER I 86 -57.84 25.01 8.24
C SER I 86 -57.99 24.71 6.76
N ASP I 87 -59.21 24.37 6.35
CA ASP I 87 -59.47 24.07 4.94
C ASP I 87 -59.64 25.35 4.15
N MET I 88 -59.05 25.38 2.95
CA MET I 88 -59.13 26.57 2.12
C MET I 88 -59.10 26.17 0.65
N TYR I 89 -59.71 27.01 -0.18
CA TYR I 89 -59.78 26.77 -1.61
C TYR I 89 -58.51 27.26 -2.29
N LEU I 90 -58.40 26.92 -3.58
CA LEU I 90 -57.16 27.12 -4.33
C LEU I 90 -57.45 27.74 -5.69
N PHE I 91 -58.19 28.85 -5.69
CA PHE I 91 -58.47 29.65 -6.89
C PHE I 91 -57.21 29.92 -7.69
N PRO I 92 -57.05 29.33 -8.87
CA PRO I 92 -55.85 29.56 -9.67
C PRO I 92 -55.98 30.80 -10.55
N ASP I 93 -54.84 31.26 -11.05
CA ASP I 93 -54.77 32.39 -11.95
C ASP I 93 -54.41 31.87 -13.33
N LEU I 94 -55.29 32.15 -14.31
CA LEU I 94 -55.09 31.60 -15.65
C LEU I 94 -53.90 32.24 -16.35
N ASP I 95 -53.66 33.52 -16.10
CA ASP I 95 -52.60 34.24 -16.80
C ASP I 95 -51.20 33.78 -16.40
N THR I 96 -51.07 33.00 -15.33
CA THR I 96 -49.78 32.56 -14.84
C THR I 96 -49.40 31.16 -15.33
N TRP I 97 -50.06 30.67 -16.37
CA TRP I 97 -49.78 29.34 -16.90
C TRP I 97 -48.41 29.32 -17.56
N VAL I 98 -47.48 28.55 -17.00
CA VAL I 98 -46.13 28.40 -17.55
C VAL I 98 -45.78 26.93 -17.56
N VAL I 99 -45.27 26.44 -18.68
CA VAL I 99 -44.85 25.06 -18.83
C VAL I 99 -43.34 24.98 -18.66
N PHE I 100 -42.89 24.15 -17.73
CA PHE I 100 -41.46 24.02 -17.50
C PHE I 100 -40.81 23.24 -18.64
N PRO I 101 -39.59 23.61 -19.03
CA PRO I 101 -38.92 22.87 -20.12
C PRO I 101 -38.15 21.64 -19.66
N TRP I 102 -37.68 21.61 -18.42
CA TRP I 102 -36.88 20.50 -17.91
C TRP I 102 -37.82 19.43 -17.33
N THR I 103 -38.58 18.79 -18.22
CA THR I 103 -39.50 17.76 -17.75
C THR I 103 -39.35 16.42 -18.47
N ALA I 104 -38.31 16.22 -19.26
CA ALA I 104 -38.07 14.97 -20.00
C ALA I 104 -39.27 14.72 -20.92
N GLU I 105 -39.60 13.45 -21.16
CA GLU I 105 -40.68 13.09 -22.08
C GLU I 105 -41.84 12.40 -21.40
N LYS I 106 -41.70 11.95 -20.15
CA LYS I 106 -42.78 11.29 -19.45
C LYS I 106 -43.76 12.32 -18.88
N GLY I 107 -44.36 13.11 -19.76
CA GLY I 107 -45.27 14.15 -19.34
C GLY I 107 -44.56 15.41 -18.87
N LYS I 108 -45.08 16.56 -19.24
CA LYS I 108 -44.50 17.84 -18.85
C LYS I 108 -45.15 18.34 -17.57
N VAL I 109 -44.56 19.38 -16.99
CA VAL I 109 -45.03 19.97 -15.74
C VAL I 109 -45.33 21.44 -16.00
N ALA I 110 -46.51 21.89 -15.55
CA ALA I 110 -46.91 23.28 -15.66
C ALA I 110 -47.35 23.77 -14.29
N ARG I 111 -47.33 25.09 -14.11
CA ARG I 111 -47.71 25.69 -12.85
C ARG I 111 -48.64 26.86 -13.09
N MET I 112 -49.45 27.17 -12.07
CA MET I 112 -50.26 28.37 -12.02
C MET I 112 -50.27 28.89 -10.60
N ILE I 113 -49.92 30.16 -10.42
CA ILE I 113 -50.04 30.78 -9.10
C ILE I 113 -51.51 30.88 -8.73
N CYS I 114 -51.84 30.46 -7.51
CA CYS I 114 -53.23 30.37 -7.08
C CYS I 114 -53.50 31.35 -5.93
N ASP I 115 -54.74 31.83 -5.88
CA ASP I 115 -55.22 32.61 -4.75
C ASP I 115 -55.85 31.69 -3.72
N ILE I 116 -55.82 32.14 -2.47
CA ILE I 116 -56.35 31.36 -1.35
C ILE I 116 -57.68 31.98 -0.93
N TYR I 117 -58.72 31.16 -0.86
CA TYR I 117 -60.06 31.62 -0.54
C TYR I 117 -60.62 30.84 0.63
N ASN I 118 -61.38 31.52 1.48
CA ASN I 118 -62.06 30.86 2.58
C ASN I 118 -63.17 29.97 2.04
N PRO I 119 -63.61 28.99 2.82
CA PRO I 119 -64.73 28.15 2.38
C PRO I 119 -66.01 28.92 2.13
N ASP I 120 -66.15 30.13 2.67
CA ASP I 120 -67.30 30.98 2.43
C ASP I 120 -67.08 31.91 1.24
N MET I 121 -66.24 31.49 0.29
CA MET I 121 -66.06 32.16 -0.99
C MET I 121 -65.46 33.56 -0.82
N THR I 122 -64.65 33.76 0.21
CA THR I 122 -64.02 35.03 0.49
C THR I 122 -62.50 34.88 0.50
N PRO I 123 -61.76 35.79 -0.11
CA PRO I 123 -60.30 35.66 -0.12
C PRO I 123 -59.72 35.64 1.28
N PHE I 124 -58.70 34.81 1.48
CA PHE I 124 -58.10 34.65 2.79
C PHE I 124 -57.28 35.88 3.15
N ALA I 125 -57.50 36.41 4.36
CA ALA I 125 -56.77 37.59 4.80
C ALA I 125 -55.30 37.29 5.08
N GLY I 126 -54.96 36.05 5.38
CA GLY I 126 -53.59 35.67 5.66
C GLY I 126 -52.74 35.38 4.44
N ASP I 127 -53.29 35.52 3.24
CA ASP I 127 -52.54 35.27 2.03
C ASP I 127 -51.83 36.54 1.59
N PRO I 128 -50.50 36.54 1.44
CA PRO I 128 -49.81 37.77 1.00
C PRO I 128 -50.31 38.32 -0.32
N ARG I 129 -50.62 37.46 -1.27
CA ARG I 129 -51.11 37.92 -2.56
C ARG I 129 -52.47 38.61 -2.42
N ALA I 130 -53.36 38.05 -1.61
CA ALA I 130 -54.65 38.68 -1.39
C ALA I 130 -54.49 40.01 -0.68
N ASN I 131 -53.55 40.09 0.27
CA ASN I 131 -53.29 41.36 0.94
C ASN I 131 -52.78 42.40 -0.04
N LEU I 132 -51.88 42.01 -0.95
CA LEU I 132 -51.41 42.95 -1.96
C LEU I 132 -52.54 43.39 -2.87
N LYS I 133 -53.44 42.48 -3.22
CA LYS I 133 -54.60 42.85 -4.03
C LYS I 133 -55.50 43.84 -3.29
N ARG I 134 -55.69 43.65 -1.99
CA ARG I 134 -56.47 44.59 -1.20
C ARG I 134 -55.83 45.97 -1.18
N VAL I 135 -54.51 46.02 -1.00
CA VAL I 135 -53.82 47.31 -0.98
C VAL I 135 -53.92 47.98 -2.35
N LEU I 136 -53.81 47.21 -3.43
CA LEU I 136 -53.98 47.76 -4.76
C LEU I 136 -55.39 48.28 -4.97
N LYS I 137 -56.39 47.59 -4.41
CA LYS I 137 -57.75 48.09 -4.48
C LYS I 137 -57.88 49.43 -3.77
N GLU I 138 -57.24 49.57 -2.61
CA GLU I 138 -57.25 50.86 -1.92
C GLU I 138 -56.60 51.94 -2.77
N MET I 139 -55.47 51.61 -3.40
CA MET I 139 -54.79 52.59 -4.26
C MET I 139 -55.69 53.01 -5.42
N GLU I 140 -56.36 52.05 -6.06
CA GLU I 140 -57.29 52.38 -7.13
C GLU I 140 -58.45 53.23 -6.62
N GLU I 141 -58.90 52.98 -5.39
CA GLU I 141 -59.92 53.82 -4.79
C GLU I 141 -59.44 55.26 -4.63
N LEU I 142 -58.16 55.45 -4.29
CA LEU I 142 -57.67 56.81 -4.16
C LEU I 142 -57.55 57.54 -5.50
N GLY I 143 -57.50 56.82 -6.62
CA GLY I 143 -57.52 57.48 -7.91
C GLY I 143 -56.49 57.03 -8.92
N PHE I 144 -55.54 56.19 -8.50
CA PHE I 144 -54.49 55.73 -9.40
C PHE I 144 -54.90 54.43 -10.07
N THR I 145 -54.17 54.10 -11.15
CA THR I 145 -54.49 52.93 -11.96
C THR I 145 -53.59 51.74 -11.64
N GLU I 146 -52.27 51.90 -11.73
CA GLU I 146 -51.37 50.79 -11.54
C GLU I 146 -50.10 51.23 -10.82
N PHE I 147 -49.40 50.24 -10.27
CA PHE I 147 -48.18 50.41 -9.52
C PHE I 147 -47.10 49.57 -10.20
N ASN I 148 -46.37 50.17 -11.15
CA ASN I 148 -45.34 49.43 -11.86
C ASN I 148 -44.10 49.28 -11.00
N LEU I 149 -43.49 48.10 -11.08
CA LEU I 149 -42.32 47.78 -10.28
C LEU I 149 -41.28 47.07 -11.14
N GLY I 150 -40.03 47.46 -10.97
CA GLY I 150 -38.92 46.76 -11.55
C GLY I 150 -37.89 46.41 -10.49
N PRO I 151 -37.69 45.12 -10.26
CA PRO I 151 -36.70 44.68 -9.27
C PRO I 151 -35.34 44.45 -9.87
N GLU I 152 -34.32 44.57 -9.02
CA GLU I 152 -32.93 44.33 -9.42
C GLU I 152 -32.32 43.29 -8.47
N PRO I 153 -32.67 42.03 -8.64
CA PRO I 153 -32.15 41.00 -7.74
C PRO I 153 -30.71 40.61 -8.07
N GLU I 154 -29.94 40.36 -7.01
CA GLU I 154 -28.55 39.92 -7.13
C GLU I 154 -28.39 38.59 -6.42
N PHE I 155 -27.59 37.70 -7.00
CA PHE I 155 -27.42 36.37 -6.41
C PHE I 155 -25.96 35.94 -6.49
N PHE I 156 -25.60 35.02 -5.60
CA PHE I 156 -24.26 34.46 -5.54
C PHE I 156 -24.26 33.03 -6.08
N LEU I 157 -23.16 32.66 -6.71
CA LEU I 157 -22.98 31.31 -7.24
C LEU I 157 -21.81 30.64 -6.53
N PHE I 158 -22.05 29.47 -5.96
CA PHE I 158 -21.04 28.72 -5.23
C PHE I 158 -20.85 27.35 -5.87
N LYS I 159 -19.63 26.83 -5.77
CA LYS I 159 -19.34 25.51 -6.32
C LYS I 159 -19.83 24.42 -5.37
N LEU I 160 -20.39 23.37 -5.94
CA LEU I 160 -20.87 22.24 -5.15
C LEU I 160 -19.71 21.29 -4.82
N ASP I 161 -19.91 20.49 -3.78
CA ASP I 161 -18.91 19.54 -3.33
C ASP I 161 -19.12 18.19 -4.03
N GLU I 162 -18.39 17.17 -3.59
CA GLU I 162 -18.55 15.84 -4.17
C GLU I 162 -19.94 15.27 -3.87
N ASN I 163 -20.45 15.53 -2.67
CA ASN I 163 -21.77 15.06 -2.26
C ASN I 163 -22.88 16.03 -2.66
N ARG I 164 -22.64 16.86 -3.68
CA ARG I 164 -23.62 17.84 -4.17
C ARG I 164 -24.09 18.76 -3.05
N ARG I 165 -23.15 19.18 -2.20
CA ARG I 165 -23.43 20.13 -1.14
C ARG I 165 -22.74 21.45 -1.42
N PRO I 166 -23.37 22.58 -1.15
CA PRO I 166 -22.73 23.88 -1.43
C PRO I 166 -21.47 24.06 -0.58
N THR I 167 -20.47 24.69 -1.20
CA THR I 167 -19.24 25.04 -0.53
C THR I 167 -19.14 26.56 -0.41
N LEU I 168 -18.02 27.04 0.11
CA LEU I 168 -17.78 28.46 0.26
C LEU I 168 -16.93 29.04 -0.86
N GLU I 169 -16.68 28.27 -1.91
CA GLU I 169 -15.84 28.72 -3.01
C GLU I 169 -16.70 29.29 -4.13
N LEU I 170 -16.42 30.51 -4.53
CA LEU I 170 -17.18 31.18 -5.58
C LEU I 170 -16.80 30.62 -6.95
N ASN I 171 -17.72 30.80 -7.90
CA ASN I 171 -17.52 30.23 -9.23
C ASN I 171 -16.48 31.01 -10.03
N ASP I 172 -16.36 32.32 -9.81
CA ASP I 172 -15.37 33.11 -10.52
C ASP I 172 -14.98 34.33 -9.68
N SER I 173 -13.77 34.83 -9.93
CA SER I 173 -13.30 36.04 -9.27
C SER I 173 -13.46 37.24 -10.19
N GLY I 174 -14.72 37.59 -10.42
CA GLY I 174 -15.08 38.67 -11.32
C GLY I 174 -15.07 40.03 -10.66
N GLY I 175 -15.59 41.01 -11.39
CA GLY I 175 -15.65 42.38 -10.92
C GLY I 175 -16.91 43.05 -11.40
N TYR I 176 -17.05 44.33 -11.09
CA TYR I 176 -18.24 45.09 -11.42
C TYR I 176 -18.29 45.36 -12.92
N PHE I 177 -19.30 44.83 -13.58
CA PHE I 177 -19.51 44.96 -15.03
C PHE I 177 -18.36 44.35 -15.83
N ASP I 178 -17.59 43.46 -15.23
CA ASP I 178 -16.44 42.88 -15.90
C ASP I 178 -16.86 41.73 -16.79
N LEU I 179 -16.07 41.49 -17.84
CA LEU I 179 -16.28 40.36 -18.74
C LEU I 179 -15.51 39.15 -18.19
N ALA I 180 -15.91 38.74 -16.99
CA ALA I 180 -15.19 37.71 -16.24
C ALA I 180 -15.51 36.29 -16.72
N PRO I 181 -16.78 35.88 -16.80
CA PRO I 181 -17.05 34.50 -17.23
C PRO I 181 -16.55 34.19 -18.64
N THR I 182 -16.53 35.19 -19.52
CA THR I 182 -16.06 35.06 -20.89
C THR I 182 -16.80 33.98 -21.67
N ASP I 183 -16.27 33.63 -22.84
CA ASP I 183 -16.86 32.64 -23.72
C ASP I 183 -16.26 31.27 -23.45
N LEU I 184 -16.45 30.33 -24.37
CA LEU I 184 -15.88 28.99 -24.31
C LEU I 184 -16.41 28.21 -23.11
N GLY I 185 -17.71 28.04 -23.03
CA GLY I 185 -18.31 27.21 -22.01
C GLY I 185 -18.55 27.96 -20.72
N GLU I 186 -19.13 27.23 -19.75
CA GLU I 186 -19.51 27.76 -18.44
C GLU I 186 -20.43 28.97 -18.68
N ASN I 187 -20.15 30.12 -18.09
CA ASN I 187 -21.00 31.32 -18.22
C ASN I 187 -22.44 30.99 -17.85
N CYS I 188 -22.63 30.61 -16.58
CA CYS I 188 -23.95 30.20 -16.11
C CYS I 188 -24.96 31.33 -16.25
N ARG I 189 -24.50 32.58 -16.17
CA ARG I 189 -25.40 33.75 -16.30
C ARG I 189 -26.03 33.74 -17.71
N ARG I 190 -25.22 33.45 -18.74
CA ARG I 190 -25.73 33.42 -20.11
C ARG I 190 -26.76 32.32 -20.28
N ASP I 191 -26.48 31.12 -19.77
CA ASP I 191 -27.45 30.03 -19.88
C ASP I 191 -28.74 30.36 -19.13
N ILE I 192 -28.61 30.96 -17.93
CA ILE I 192 -29.79 31.31 -17.15
C ILE I 192 -30.65 32.30 -17.90
N VAL I 193 -30.04 33.35 -18.46
CA VAL I 193 -30.82 34.36 -19.16
C VAL I 193 -31.43 33.79 -20.43
N LEU I 194 -30.71 32.89 -21.10
CA LEU I 194 -31.26 32.28 -22.31
C LEU I 194 -32.49 31.43 -21.98
N GLU I 195 -32.42 30.61 -20.93
CA GLU I 195 -33.58 29.80 -20.58
C GLU I 195 -34.72 30.66 -20.04
N LEU I 196 -34.40 31.75 -19.35
CA LEU I 196 -35.46 32.66 -18.91
C LEU I 196 -36.16 33.31 -20.10
N GLU I 197 -35.40 33.71 -21.12
CA GLU I 197 -36.01 34.25 -22.33
C GLU I 197 -36.86 33.20 -23.02
N GLU I 198 -36.38 31.96 -23.08
CA GLU I 198 -37.17 30.89 -23.68
C GLU I 198 -38.46 30.65 -22.92
N MET I 199 -38.42 30.69 -21.59
CA MET I 199 -39.60 30.45 -20.77
C MET I 199 -40.62 31.59 -20.86
N GLY I 200 -40.24 32.73 -21.43
CA GLY I 200 -41.17 33.84 -21.56
C GLY I 200 -40.99 34.91 -20.50
N PHE I 201 -39.75 35.29 -20.23
CA PHE I 201 -39.43 36.35 -19.29
C PHE I 201 -38.91 37.57 -20.04
N GLU I 202 -39.28 38.75 -19.57
CA GLU I 202 -38.84 40.00 -20.18
C GLU I 202 -37.58 40.46 -19.43
N ILE I 203 -36.43 40.11 -19.99
CA ILE I 203 -35.15 40.45 -19.38
C ILE I 203 -34.58 41.68 -20.07
N GLU I 204 -34.29 42.71 -19.26
CA GLU I 204 -33.74 43.97 -19.81
C GLU I 204 -32.24 43.82 -20.03
N ALA I 205 -31.50 43.48 -18.96
CA ALA I 205 -30.03 43.33 -19.05
C ALA I 205 -29.53 42.30 -18.03
N SER I 206 -28.23 41.99 -18.06
CA SER I 206 -27.62 41.03 -17.10
C SER I 206 -26.12 41.32 -16.99
N HIS I 207 -25.59 41.41 -15.77
CA HIS I 207 -24.16 41.79 -15.61
C HIS I 207 -23.53 41.23 -14.34
N HIS I 208 -22.21 41.34 -14.21
CA HIS I 208 -21.49 40.88 -13.03
C HIS I 208 -21.46 41.99 -11.99
N GLU I 209 -21.69 41.62 -10.73
CA GLU I 209 -21.76 42.59 -9.66
C GLU I 209 -20.37 42.81 -9.06
N VAL I 210 -20.30 43.67 -8.04
CA VAL I 210 -19.02 44.05 -7.46
C VAL I 210 -18.31 42.85 -6.86
N ALA I 211 -19.05 42.06 -6.09
CA ALA I 211 -18.46 40.92 -5.41
C ALA I 211 -18.11 39.82 -6.41
N PRO I 212 -17.03 39.08 -6.17
CA PRO I 212 -16.75 37.90 -7.01
C PRO I 212 -17.87 36.88 -6.90
N GLY I 213 -18.21 36.27 -8.03
CA GLY I 213 -19.28 35.30 -8.04
C GLY I 213 -20.66 35.86 -7.83
N GLN I 214 -20.84 37.17 -7.91
CA GLN I 214 -22.13 37.82 -7.72
C GLN I 214 -22.63 38.34 -9.07
N HIS I 215 -23.88 38.02 -9.39
CA HIS I 215 -24.45 38.38 -10.68
C HIS I 215 -25.82 39.03 -10.48
N GLU I 216 -26.16 39.93 -11.40
CA GLU I 216 -27.44 40.63 -11.37
C GLU I 216 -28.12 40.50 -12.73
N ILE I 217 -29.43 40.26 -12.70
CA ILE I 217 -30.26 40.21 -13.89
C ILE I 217 -31.44 41.15 -13.68
N ASP I 218 -31.68 42.03 -14.64
CA ASP I 218 -32.72 43.04 -14.52
C ASP I 218 -33.96 42.63 -15.30
N PHE I 219 -35.12 43.04 -14.78
CA PHE I 219 -36.41 42.72 -15.39
C PHE I 219 -37.01 43.94 -16.07
N LYS I 220 -38.05 43.70 -16.85
CA LYS I 220 -38.89 44.77 -17.36
C LYS I 220 -39.93 45.16 -16.32
N TYR I 221 -40.47 46.36 -16.46
CA TYR I 221 -41.38 46.90 -15.47
C TYR I 221 -42.81 46.41 -15.77
N GLU I 222 -43.38 45.66 -14.83
CA GLU I 222 -44.73 45.13 -14.95
C GLU I 222 -45.55 45.58 -13.75
N ASP I 223 -46.77 45.05 -13.65
CA ASP I 223 -47.62 45.34 -12.51
C ASP I 223 -47.03 44.73 -11.24
N ALA I 224 -47.57 45.15 -10.10
CA ALA I 224 -47.06 44.70 -8.82
C ALA I 224 -47.18 43.18 -8.68
N ILE I 225 -48.38 42.65 -8.93
CA ILE I 225 -48.61 41.21 -8.76
C ILE I 225 -47.78 40.43 -9.76
N THR I 226 -47.76 40.88 -11.01
CA THR I 226 -46.98 40.18 -12.03
C THR I 226 -45.49 40.26 -11.72
N ALA I 227 -45.02 41.39 -11.21
CA ALA I 227 -43.61 41.51 -10.84
C ALA I 227 -43.26 40.56 -9.71
N CYS I 228 -44.11 40.45 -8.70
CA CYS I 228 -43.83 39.54 -7.59
C CYS I 228 -43.83 38.08 -8.07
N ASP I 229 -44.80 37.73 -8.91
CA ASP I 229 -44.82 36.36 -9.45
C ASP I 229 -43.57 36.08 -10.27
N SER I 230 -43.14 37.05 -11.07
CA SER I 230 -41.91 36.89 -11.84
C SER I 230 -40.70 36.75 -10.93
N ILE I 231 -40.69 37.46 -9.80
CA ILE I 231 -39.59 37.34 -8.86
C ILE I 231 -39.51 35.91 -8.30
N GLN I 232 -40.66 35.38 -7.88
CA GLN I 232 -40.66 34.02 -7.34
C GLN I 232 -40.24 33.00 -8.38
N THR I 233 -40.79 33.12 -9.59
CA THR I 233 -40.43 32.20 -10.66
C THR I 233 -38.96 32.31 -11.02
N PHE I 234 -38.43 33.54 -11.00
CA PHE I 234 -37.02 33.75 -11.29
C PHE I 234 -36.13 33.08 -10.27
N LYS I 235 -36.49 33.20 -8.98
CA LYS I 235 -35.72 32.51 -7.94
C LYS I 235 -35.72 31.01 -8.19
N LEU I 236 -36.91 30.44 -8.44
CA LEU I 236 -37.00 29.00 -8.64
C LEU I 236 -36.18 28.55 -9.84
N VAL I 237 -36.32 29.26 -10.97
CA VAL I 237 -35.65 28.87 -12.20
C VAL I 237 -34.13 29.01 -12.05
N VAL I 238 -33.68 30.09 -11.42
CA VAL I 238 -32.24 30.30 -11.24
C VAL I 238 -31.66 29.20 -10.37
N LYS I 239 -32.34 28.85 -9.27
CA LYS I 239 -31.84 27.77 -8.43
C LYS I 239 -31.76 26.46 -9.19
N THR I 240 -32.82 26.13 -9.95
CA THR I 240 -32.83 24.88 -10.68
C THR I 240 -31.71 24.82 -11.73
N ILE I 241 -31.53 25.90 -12.49
CA ILE I 241 -30.53 25.90 -13.54
C ILE I 241 -29.13 25.86 -12.95
N ALA I 242 -28.90 26.58 -11.85
CA ALA I 242 -27.60 26.52 -11.20
C ALA I 242 -27.31 25.11 -10.70
N ARG I 243 -28.31 24.45 -10.12
CA ARG I 243 -28.14 23.06 -9.72
C ARG I 243 -27.83 22.18 -10.92
N LYS I 244 -28.37 22.51 -12.09
CA LYS I 244 -28.12 21.72 -13.32
C LYS I 244 -26.63 21.71 -13.65
N HIS I 245 -25.99 22.88 -13.57
CA HIS I 245 -24.58 23.01 -13.92
C HIS I 245 -23.65 22.80 -12.73
N GLY I 246 -24.08 22.07 -11.71
CA GLY I 246 -23.22 21.81 -10.57
C GLY I 246 -22.87 23.05 -9.78
N LEU I 247 -23.83 23.93 -9.58
CA LEU I 247 -23.62 25.15 -8.82
C LEU I 247 -24.79 25.36 -7.87
N HIS I 248 -24.54 26.17 -6.84
CA HIS I 248 -25.57 26.55 -5.87
C HIS I 248 -25.79 28.05 -6.00
N ALA I 249 -27.00 28.45 -6.36
CA ALA I 249 -27.36 29.86 -6.45
C ALA I 249 -28.07 30.25 -5.17
N THR I 250 -27.52 31.24 -4.47
CA THR I 250 -28.08 31.68 -3.20
C THR I 250 -28.45 33.14 -3.27
N PHE I 251 -29.58 33.47 -2.63
CA PHE I 251 -30.07 34.84 -2.49
C PHE I 251 -29.94 35.34 -1.06
N MET I 252 -29.00 34.80 -0.30
CA MET I 252 -28.76 35.29 1.04
C MET I 252 -28.26 36.73 0.97
N PRO I 253 -28.76 37.62 1.83
CA PRO I 253 -28.30 39.02 1.75
C PRO I 253 -26.81 39.20 1.94
N LYS I 254 -26.16 38.40 2.79
CA LYS I 254 -24.74 38.55 3.07
C LYS I 254 -24.15 37.18 3.37
N PRO I 255 -23.88 36.38 2.34
CA PRO I 255 -23.29 35.05 2.58
C PRO I 255 -21.88 35.10 3.16
N LEU I 256 -21.11 36.13 2.84
CA LEU I 256 -19.72 36.22 3.28
C LEU I 256 -19.44 37.57 3.92
N PHE I 257 -18.50 37.57 4.85
CA PHE I 257 -18.11 38.79 5.56
C PHE I 257 -17.03 39.53 4.78
N GLY I 258 -17.08 40.85 4.84
CA GLY I 258 -16.09 41.67 4.15
C GLY I 258 -16.28 41.77 2.67
N VAL I 259 -17.39 41.28 2.14
CA VAL I 259 -17.68 41.29 0.71
C VAL I 259 -19.04 41.95 0.52
N ASN I 260 -19.27 42.48 -0.68
CA ASN I 260 -20.54 43.14 -0.97
C ASN I 260 -21.70 42.17 -0.81
N GLY I 261 -22.82 42.68 -0.27
CA GLY I 261 -24.01 41.88 -0.11
C GLY I 261 -24.87 41.88 -1.35
N SER I 262 -26.00 41.19 -1.25
CA SER I 262 -26.95 41.06 -2.34
C SER I 262 -28.19 41.90 -2.03
N GLY I 263 -28.61 42.70 -3.00
CA GLY I 263 -29.78 43.54 -2.83
C GLY I 263 -30.84 43.31 -3.88
N MET I 264 -32.04 43.81 -3.64
CA MET I 264 -33.17 43.67 -4.55
C MET I 264 -33.85 45.03 -4.74
N HIS I 265 -33.07 46.02 -5.12
CA HIS I 265 -33.58 47.38 -5.31
C HIS I 265 -34.87 47.37 -6.10
N PHE I 266 -35.85 48.12 -5.61
CA PHE I 266 -37.18 48.22 -6.22
C PHE I 266 -37.33 49.59 -6.86
N ASN I 267 -37.58 49.62 -8.15
CA ASN I 267 -37.89 50.86 -8.87
C ASN I 267 -39.40 50.89 -9.07
N MET I 268 -40.07 51.77 -8.34
CA MET I 268 -41.53 51.83 -8.35
C MET I 268 -42.00 53.11 -9.01
N SER I 269 -43.08 53.00 -9.77
CA SER I 269 -43.73 54.14 -10.41
C SER I 269 -45.23 54.00 -10.27
N LEU I 270 -45.91 55.12 -10.09
CA LEU I 270 -47.36 55.14 -9.90
C LEU I 270 -48.00 55.76 -11.13
N PHE I 271 -49.05 55.11 -11.65
CA PHE I 271 -49.67 55.55 -12.89
C PHE I 271 -51.12 55.97 -12.63
N ASN I 272 -51.62 56.86 -13.48
CA ASN I 272 -53.01 57.25 -13.46
C ASN I 272 -53.60 57.19 -14.87
N GLU I 273 -54.80 57.73 -15.06
CA GLU I 273 -55.42 57.70 -16.37
C GLU I 273 -54.60 58.48 -17.39
N LYS I 274 -54.08 59.65 -16.99
CA LYS I 274 -53.30 60.47 -17.91
C LYS I 274 -51.98 59.78 -18.27
N GLY I 275 -51.25 59.31 -17.27
CA GLY I 275 -49.98 58.66 -17.51
C GLY I 275 -49.19 58.42 -16.24
N ASN I 276 -47.91 58.76 -16.25
CA ASN I 276 -47.09 58.63 -15.05
C ASN I 276 -47.43 59.74 -14.06
N ALA I 277 -47.77 59.35 -12.83
CA ALA I 277 -48.14 60.33 -11.82
C ALA I 277 -46.94 60.99 -11.16
N PHE I 278 -45.75 60.42 -11.33
CA PHE I 278 -44.54 60.96 -10.72
C PHE I 278 -43.85 62.01 -11.58
N PHE I 279 -44.33 62.24 -12.80
CA PHE I 279 -43.65 63.11 -13.75
C PHE I 279 -44.39 64.43 -13.88
N ASP I 280 -43.64 65.53 -13.84
CA ASP I 280 -44.22 66.87 -14.02
C ASP I 280 -43.12 67.76 -14.57
N GLU I 281 -43.26 68.18 -15.83
CA GLU I 281 -42.22 68.98 -16.46
C GLU I 281 -42.04 70.33 -15.79
N SER I 282 -43.08 70.84 -15.13
CA SER I 282 -43.04 72.15 -14.50
C SER I 282 -42.62 72.09 -13.04
N GLY I 283 -42.39 70.89 -12.49
CA GLY I 283 -42.02 70.77 -11.09
C GLY I 283 -40.52 70.74 -10.87
N GLU I 284 -40.14 70.95 -9.61
CA GLU I 284 -38.73 70.88 -9.24
C GLU I 284 -38.20 69.47 -9.47
N LEU I 285 -37.00 69.39 -10.08
CA LEU I 285 -36.39 68.13 -10.46
C LEU I 285 -37.26 67.33 -11.43
N GLU I 286 -38.18 68.01 -12.11
CA GLU I 286 -39.17 67.37 -12.98
C GLU I 286 -39.92 66.28 -12.24
N LEU I 287 -40.32 66.57 -11.01
CA LEU I 287 -41.06 65.65 -10.17
C LEU I 287 -42.36 66.28 -9.73
N SER I 288 -43.44 65.50 -9.76
CA SER I 288 -44.75 66.00 -9.38
C SER I 288 -44.87 66.04 -7.86
N GLN I 289 -45.91 66.75 -7.39
CA GLN I 289 -46.19 66.78 -5.96
C GLN I 289 -46.56 65.40 -5.44
N THR I 290 -47.15 64.56 -6.29
CA THR I 290 -47.43 63.19 -5.88
C THR I 290 -46.15 62.43 -5.57
N ALA I 291 -45.11 62.63 -6.39
CA ALA I 291 -43.84 61.96 -6.14
C ALA I 291 -43.23 62.43 -4.82
N TYR I 292 -43.32 63.73 -4.53
CA TYR I 292 -42.78 64.23 -3.27
C TYR I 292 -43.55 63.71 -2.07
N HIS I 293 -44.87 63.62 -2.18
CA HIS I 293 -45.66 63.04 -1.11
C HIS I 293 -45.31 61.57 -0.90
N PHE I 294 -45.11 60.84 -2.01
CA PHE I 294 -44.70 59.44 -1.91
C PHE I 294 -43.35 59.32 -1.23
N LEU I 295 -42.41 60.21 -1.57
CA LEU I 295 -41.11 60.20 -0.91
C LEU I 295 -41.24 60.47 0.59
N ALA I 296 -42.07 61.44 0.95
CA ALA I 296 -42.26 61.75 2.36
C ALA I 296 -42.84 60.57 3.11
N GLY I 297 -43.84 59.91 2.52
CA GLY I 297 -44.41 58.74 3.15
C GLY I 297 -43.42 57.59 3.27
N MET I 298 -42.62 57.37 2.23
CA MET I 298 -41.65 56.29 2.26
C MET I 298 -40.57 56.53 3.30
N LEU I 299 -40.13 57.78 3.44
CA LEU I 299 -39.08 58.10 4.41
C LEU I 299 -39.61 58.13 5.84
N LYS I 300 -40.86 58.56 6.03
CA LYS I 300 -41.39 58.68 7.38
C LYS I 300 -41.51 57.31 8.04
N HIS I 301 -41.98 56.31 7.30
CA HIS I 301 -42.25 54.99 7.85
C HIS I 301 -41.17 53.97 7.53
N ALA I 302 -40.01 54.40 7.04
CA ALA I 302 -38.95 53.45 6.68
C ALA I 302 -38.52 52.64 7.89
N ARG I 303 -38.37 53.30 9.04
CA ARG I 303 -38.04 52.59 10.27
C ARG I 303 -39.12 51.57 10.62
N GLY I 304 -40.34 51.78 10.15
CA GLY I 304 -41.43 50.85 10.40
C GLY I 304 -41.37 49.59 9.57
N TYR I 305 -41.23 49.71 8.25
CA TYR I 305 -41.24 48.57 7.36
C TYR I 305 -39.86 48.00 7.09
N THR I 306 -38.82 48.50 7.76
CA THR I 306 -37.50 47.90 7.63
C THR I 306 -37.52 46.43 8.00
N ALA I 307 -38.34 46.06 8.98
CA ALA I 307 -38.46 44.65 9.36
C ALA I 307 -39.04 43.81 8.23
N VAL I 308 -40.07 44.32 7.56
CA VAL I 308 -40.69 43.57 6.48
C VAL I 308 -39.75 43.47 5.28
N THR I 309 -39.08 44.56 4.94
CA THR I 309 -38.19 44.53 3.78
C THR I 309 -36.91 43.74 4.06
N ASN I 310 -36.51 43.59 5.31
CA ASN I 310 -35.32 42.82 5.69
C ASN I 310 -35.72 41.86 6.81
N PRO I 311 -36.34 40.68 6.50
CA PRO I 311 -36.88 39.82 7.56
C PRO I 311 -35.92 38.80 8.19
N THR I 312 -34.75 38.58 7.61
CA THR I 312 -33.84 37.54 8.15
C THR I 312 -32.84 38.19 9.09
N ILE I 313 -32.20 37.37 9.94
CA ILE I 313 -31.14 37.92 10.84
C ILE I 313 -29.97 38.36 9.97
N ASN I 314 -29.62 37.57 8.95
CA ASN I 314 -28.47 37.90 8.10
C ASN I 314 -28.67 39.19 7.34
N SER I 315 -29.92 39.61 7.13
CA SER I 315 -30.18 40.82 6.36
C SER I 315 -29.49 42.03 6.96
N PHE I 316 -29.57 42.19 8.26
CA PHE I 316 -28.96 43.33 8.92
C PHE I 316 -27.44 43.24 8.98
N LYS I 317 -26.86 42.10 8.62
CA LYS I 317 -25.42 42.05 8.40
C LYS I 317 -25.03 42.75 7.11
N ARG I 318 -25.96 42.85 6.15
CA ARG I 318 -25.69 43.59 4.92
C ARG I 318 -25.77 45.09 5.14
N LEU I 319 -26.67 45.53 6.01
CA LEU I 319 -26.88 46.96 6.27
C LEU I 319 -25.78 47.50 7.18
N VAL I 320 -24.57 47.52 6.64
CA VAL I 320 -23.41 48.05 7.35
C VAL I 320 -22.70 49.04 6.43
N PRO I 321 -22.04 50.07 6.97
CA PRO I 321 -21.40 51.06 6.11
C PRO I 321 -20.21 50.47 5.35
N GLY I 322 -19.95 51.04 4.19
CA GLY I 322 -18.80 50.69 3.38
C GLY I 322 -19.03 49.66 2.30
N TYR I 323 -20.26 49.20 2.11
CA TYR I 323 -20.55 48.19 1.09
C TYR I 323 -21.74 48.62 0.24
N GLU I 324 -21.97 49.92 0.13
CA GLU I 324 -22.98 50.55 -0.72
C GLU I 324 -24.41 50.21 -0.30
N ALA I 325 -24.59 49.46 0.77
CA ALA I 325 -25.93 49.24 1.30
C ALA I 325 -26.39 50.45 2.10
N PRO I 326 -27.67 50.78 2.08
CA PRO I 326 -28.15 51.94 2.83
C PRO I 326 -28.04 51.72 4.33
N CYS I 327 -27.77 52.80 5.05
CA CYS I 327 -27.71 52.76 6.50
C CYS I 327 -28.43 53.92 7.18
N TYR I 328 -28.83 54.95 6.44
CA TYR I 328 -29.47 56.13 7.01
C TYR I 328 -30.72 56.46 6.21
N ILE I 329 -31.71 57.02 6.90
CA ILE I 329 -32.98 57.37 6.25
C ILE I 329 -32.83 58.71 5.55
N ALA I 330 -32.47 58.67 4.27
CA ALA I 330 -32.30 59.88 3.48
C ALA I 330 -32.49 59.54 2.01
N TRP I 331 -32.78 60.55 1.21
CA TRP I 331 -32.98 60.39 -0.22
C TRP I 331 -32.09 61.35 -0.98
N SER I 332 -31.67 60.94 -2.17
CA SER I 332 -30.79 61.77 -2.98
C SER I 332 -30.90 61.32 -4.44
N GLY I 333 -30.46 62.19 -5.34
CA GLY I 333 -30.40 61.85 -6.74
C GLY I 333 -29.06 61.24 -7.11
N LYS I 334 -28.02 61.58 -6.35
CA LYS I 334 -26.69 61.03 -6.60
C LYS I 334 -25.92 61.10 -5.27
N ASN I 335 -25.76 59.95 -4.63
CA ASN I 335 -25.05 59.89 -3.35
C ASN I 335 -24.56 58.46 -3.14
N ARG I 336 -23.60 58.34 -2.22
CA ARG I 336 -23.04 57.01 -1.87
C ARG I 336 -24.02 56.27 -0.96
N SER I 337 -24.77 55.32 -1.52
CA SER I 337 -25.70 54.48 -0.78
C SER I 337 -26.80 55.29 -0.08
N PRO I 338 -27.72 55.89 -0.82
CA PRO I 338 -28.90 56.49 -0.18
C PRO I 338 -30.01 55.47 -0.01
N LEU I 339 -30.88 55.74 0.98
CA LEU I 339 -32.01 54.84 1.21
C LEU I 339 -32.97 54.85 0.03
N VAL I 340 -33.26 56.03 -0.52
CA VAL I 340 -34.12 56.17 -1.67
C VAL I 340 -33.38 56.98 -2.72
N ARG I 341 -33.34 56.47 -3.95
CA ARG I 341 -32.63 57.11 -5.04
C ARG I 341 -33.60 57.44 -6.17
N VAL I 342 -33.45 58.61 -6.76
CA VAL I 342 -34.28 59.05 -7.87
C VAL I 342 -33.45 58.93 -9.15
N PRO I 343 -33.74 57.96 -10.02
CA PRO I 343 -32.99 57.84 -11.27
C PRO I 343 -33.21 59.06 -12.16
N SER I 344 -32.19 59.36 -12.97
CA SER I 344 -32.22 60.55 -13.81
C SER I 344 -33.25 60.46 -14.93
N SER I 345 -33.71 59.26 -15.28
CA SER I 345 -34.67 59.11 -16.36
C SER I 345 -36.00 59.75 -15.98
N ARG I 346 -36.63 60.40 -16.96
CA ARG I 346 -37.91 61.06 -16.72
C ARG I 346 -38.93 60.66 -17.79
N GLY I 347 -40.07 61.33 -17.81
CA GLY I 347 -41.15 60.97 -18.71
C GLY I 347 -41.96 59.82 -18.17
N LEU I 348 -42.27 58.83 -19.02
CA LEU I 348 -42.96 57.64 -18.55
C LEU I 348 -42.07 56.74 -17.72
N SER I 349 -40.76 57.00 -17.68
CA SER I 349 -39.80 56.19 -16.94
C SER I 349 -39.49 56.77 -15.57
N THR I 350 -40.20 57.81 -15.14
CA THR I 350 -39.98 58.39 -13.83
C THR I 350 -40.31 57.36 -12.75
N ARG I 351 -39.42 57.22 -11.78
CA ARG I 351 -39.59 56.19 -10.76
C ARG I 351 -38.75 56.55 -9.54
N LEU I 352 -39.08 55.91 -8.42
CA LEU I 352 -38.33 56.04 -7.18
C LEU I 352 -37.75 54.68 -6.84
N GLU I 353 -36.47 54.65 -6.49
CA GLU I 353 -35.78 53.39 -6.20
C GLU I 353 -35.53 53.29 -4.70
N LEU I 354 -36.03 52.20 -4.10
CA LEU I 354 -35.72 51.85 -2.73
C LEU I 354 -34.65 50.76 -2.74
N ARG I 355 -33.57 51.00 -2.01
CA ARG I 355 -32.40 50.14 -2.04
C ARG I 355 -32.22 49.29 -0.80
N SER I 356 -33.10 49.40 0.19
CA SER I 356 -32.96 48.64 1.41
C SER I 356 -33.49 47.22 1.29
N VAL I 357 -34.23 46.91 0.23
CA VAL I 357 -34.82 45.58 0.08
C VAL I 357 -33.75 44.58 -0.32
N ASP I 358 -33.85 43.37 0.21
CA ASP I 358 -32.95 42.28 -0.11
C ASP I 358 -33.72 41.13 -0.75
N PRO I 359 -33.03 40.23 -1.46
CA PRO I 359 -33.75 39.13 -2.13
C PRO I 359 -34.47 38.20 -1.19
N SER I 360 -34.11 38.17 0.09
CA SER I 360 -34.77 37.27 1.03
C SER I 360 -36.17 37.72 1.41
N ALA I 361 -36.54 38.96 1.10
CA ALA I 361 -37.84 39.47 1.52
C ALA I 361 -38.96 38.86 0.69
N ASN I 362 -40.15 38.82 1.28
CA ASN I 362 -41.35 38.40 0.56
C ASN I 362 -41.79 39.54 -0.34
N PRO I 363 -41.85 39.34 -1.67
CA PRO I 363 -42.21 40.47 -2.55
C PRO I 363 -43.58 41.04 -2.28
N TYR I 364 -44.55 40.19 -1.98
CA TYR I 364 -45.92 40.68 -1.78
C TYR I 364 -46.01 41.55 -0.53
N LEU I 365 -45.44 41.10 0.58
CA LEU I 365 -45.49 41.89 1.81
C LEU I 365 -44.74 43.21 1.66
N ALA I 366 -43.57 43.16 1.04
CA ALA I 366 -42.79 44.39 0.84
C ALA I 366 -43.54 45.38 -0.02
N MET I 367 -44.13 44.91 -1.12
CA MET I 367 -44.90 45.82 -1.96
C MET I 367 -46.11 46.37 -1.22
N ALA I 368 -46.78 45.53 -0.43
CA ALA I 368 -47.94 46.00 0.32
C ALA I 368 -47.57 47.11 1.29
N VAL I 369 -46.49 46.91 2.06
CA VAL I 369 -46.13 47.90 3.06
C VAL I 369 -45.62 49.18 2.38
N LEU I 370 -44.85 49.04 1.30
CA LEU I 370 -44.37 50.23 0.59
C LEU I 370 -45.52 51.02 -0.01
N LEU I 371 -46.48 50.33 -0.62
CA LEU I 371 -47.64 51.02 -1.17
C LEU I 371 -48.45 51.69 -0.08
N LYS I 372 -48.61 51.03 1.08
CA LYS I 372 -49.34 51.64 2.18
C LYS I 372 -48.64 52.91 2.66
N ALA I 373 -47.31 52.86 2.79
CA ALA I 373 -46.57 54.04 3.23
C ALA I 373 -46.69 55.18 2.24
N GLY I 374 -46.53 54.88 0.95
CA GLY I 374 -46.66 55.93 -0.06
C GLY I 374 -48.06 56.50 -0.11
N LEU I 375 -49.07 55.65 -0.01
CA LEU I 375 -50.45 56.13 -0.02
C LEU I 375 -50.75 57.00 1.19
N SER I 376 -50.24 56.62 2.37
CA SER I 376 -50.41 57.46 3.54
C SER I 376 -49.72 58.80 3.37
N GLY I 377 -48.52 58.80 2.79
CA GLY I 377 -47.84 60.06 2.52
C GLY I 377 -48.62 60.95 1.57
N ILE I 378 -49.20 60.35 0.53
CA ILE I 378 -50.01 61.12 -0.42
C ILE I 378 -51.24 61.70 0.27
N LYS I 379 -51.94 60.87 1.06
CA LYS I 379 -53.15 61.33 1.73
C LYS I 379 -52.85 62.45 2.71
N ASP I 380 -51.77 62.32 3.48
CA ASP I 380 -51.41 63.35 4.45
C ASP I 380 -50.69 64.54 3.82
N GLU I 381 -50.27 64.44 2.56
CA GLU I 381 -49.57 65.51 1.86
C GLU I 381 -48.34 65.98 2.64
N LEU I 382 -47.57 65.02 3.13
CA LEU I 382 -46.37 65.34 3.88
C LEU I 382 -45.30 65.95 2.99
N THR I 383 -44.52 66.85 3.57
CA THR I 383 -43.41 67.49 2.85
C THR I 383 -42.14 66.69 3.07
N PRO I 384 -41.46 66.22 2.02
CA PRO I 384 -40.26 65.42 2.23
C PRO I 384 -39.11 66.27 2.70
N PRO I 385 -38.15 65.69 3.42
CA PRO I 385 -36.96 66.46 3.80
C PRO I 385 -36.09 66.76 2.59
N ALA I 386 -35.24 67.77 2.75
CA ALA I 386 -34.35 68.16 1.68
C ALA I 386 -33.36 67.03 1.39
N PRO I 387 -33.02 66.79 0.13
CA PRO I 387 -32.07 65.73 -0.19
C PRO I 387 -30.68 66.06 0.34
N VAL I 388 -29.92 65.03 0.66
CA VAL I 388 -28.58 65.17 1.20
C VAL I 388 -27.58 64.70 0.15
N ASP I 389 -26.52 65.48 -0.03
CA ASP I 389 -25.49 65.19 -1.02
C ASP I 389 -24.10 65.53 -0.52
N ARG I 390 -23.87 65.47 0.79
CA ARG I 390 -22.66 65.99 1.40
C ARG I 390 -21.85 64.85 2.01
N ASN I 391 -22.17 63.63 1.62
CA ASN I 391 -21.51 62.42 2.13
C ASN I 391 -21.70 62.28 3.65
N ILE I 392 -22.96 62.04 4.02
CA ILE I 392 -23.39 61.86 5.40
C ILE I 392 -22.48 60.91 6.18
N TYR I 393 -21.80 60.01 5.47
CA TYR I 393 -20.82 59.16 6.12
C TYR I 393 -19.64 59.95 6.68
N GLY I 394 -19.46 61.19 6.22
CA GLY I 394 -18.36 61.99 6.72
C GLY I 394 -18.49 62.33 8.20
N MET I 395 -19.70 62.71 8.63
CA MET I 395 -19.90 63.10 10.01
C MET I 395 -20.12 61.86 10.89
N ASN I 396 -20.09 62.10 12.20
CA ASN I 396 -20.41 61.06 13.17
C ASN I 396 -21.93 60.94 13.31
N GLU I 397 -22.38 59.99 14.14
CA GLU I 397 -23.80 59.81 14.35
C GLU I 397 -24.42 61.05 15.01
N GLU I 398 -23.73 61.62 15.99
CA GLU I 398 -24.26 62.80 16.67
C GLU I 398 -24.32 64.01 15.73
N GLU I 399 -23.31 64.18 14.89
CA GLU I 399 -23.26 65.34 13.99
C GLU I 399 -24.34 65.29 12.91
N ARG I 400 -24.88 64.12 12.60
CA ARG I 400 -25.95 64.01 11.62
C ARG I 400 -27.32 63.79 12.24
N GLU I 401 -27.38 63.38 13.51
CA GLU I 401 -28.67 63.25 14.18
C GLU I 401 -29.31 64.61 14.44
N ALA I 402 -28.52 65.68 14.42
CA ALA I 402 -29.10 67.02 14.57
C ALA I 402 -30.06 67.34 13.42
N THR I 403 -29.70 66.96 12.21
CA THR I 403 -30.58 67.11 11.06
C THR I 403 -31.59 65.96 11.04
N GLY I 404 -32.32 65.82 9.94
CA GLY I 404 -33.32 64.79 9.83
C GLY I 404 -32.80 63.40 9.53
N ILE I 405 -31.49 63.21 9.51
CA ILE I 405 -30.90 61.92 9.19
C ILE I 405 -31.00 61.01 10.41
N TYR I 406 -31.59 59.83 10.23
CA TYR I 406 -31.73 58.86 11.31
C TYR I 406 -31.23 57.51 10.83
N ASP I 407 -30.84 56.67 11.79
CA ASP I 407 -30.29 55.36 11.48
C ASP I 407 -31.39 54.33 11.31
N LEU I 408 -31.17 53.41 10.38
CA LEU I 408 -32.04 52.25 10.28
C LEU I 408 -31.80 51.32 11.46
N PRO I 409 -32.78 50.47 11.79
CA PRO I 409 -32.58 49.52 12.88
C PRO I 409 -31.37 48.63 12.62
N GLU I 410 -30.58 48.38 13.67
CA GLU I 410 -29.34 47.65 13.54
C GLU I 410 -29.50 46.15 13.72
N SER I 411 -30.65 45.69 14.21
CA SER I 411 -30.89 44.27 14.41
C SER I 411 -32.35 43.98 14.13
N LEU I 412 -32.66 42.70 13.92
CA LEU I 412 -34.06 42.28 13.63
C LEU I 412 -34.94 42.63 14.83
N GLY I 413 -34.44 42.48 16.06
CA GLY I 413 -35.28 42.74 17.22
C GLY I 413 -35.74 44.19 17.28
N HIS I 414 -34.83 45.13 17.00
CA HIS I 414 -35.21 46.53 16.98
C HIS I 414 -36.21 46.81 15.86
N ALA I 415 -36.02 46.17 14.71
CA ALA I 415 -36.97 46.32 13.61
C ALA I 415 -38.34 45.76 13.99
N LEU I 416 -38.36 44.67 14.73
CA LEU I 416 -39.64 44.06 15.18
C LEU I 416 -40.33 45.01 16.17
N ILE I 417 -39.55 45.66 17.04
CA ILE I 417 -40.12 46.65 17.96
C ILE I 417 -40.72 47.81 17.17
N GLU I 418 -40.00 48.28 16.16
CA GLU I 418 -40.50 49.38 15.33
C GLU I 418 -41.78 48.98 14.60
N LEU I 419 -41.84 47.74 14.11
CA LEU I 419 -43.10 47.23 13.54
C LEU I 419 -44.22 47.27 14.56
N GLU I 420 -43.96 46.76 15.77
CA GLU I 420 -45.00 46.73 16.79
C GLU I 420 -45.44 48.12 17.20
N LYS I 421 -44.61 49.14 16.98
CA LYS I 421 -45.02 50.51 17.30
C LYS I 421 -45.83 51.14 16.18
N ASN I 422 -45.41 50.98 14.93
CA ASN I 422 -46.07 51.61 13.80
C ASN I 422 -47.45 51.01 13.53
N GLU I 423 -48.43 51.86 13.23
CA GLU I 423 -49.79 51.40 12.99
C GLU I 423 -50.14 51.31 11.51
N ILE I 424 -49.60 52.20 10.68
CA ILE I 424 -49.93 52.19 9.26
C ILE I 424 -49.42 50.91 8.61
N ILE I 425 -48.23 50.46 9.00
CA ILE I 425 -47.69 49.22 8.46
C ILE I 425 -48.54 48.03 8.92
N LYS I 426 -49.04 48.07 10.15
CA LYS I 426 -49.96 47.03 10.61
C LYS I 426 -51.22 47.00 9.77
N ASP I 427 -51.77 48.19 9.46
CA ASP I 427 -52.95 48.25 8.61
C ASP I 427 -52.67 47.72 7.22
N GLY I 428 -51.50 48.02 6.68
CA GLY I 428 -51.12 47.51 5.37
C GLY I 428 -50.81 46.03 5.32
N LEU I 429 -50.44 45.44 6.45
CA LEU I 429 -50.20 44.00 6.52
C LEU I 429 -51.43 43.18 6.87
N GLY I 430 -52.36 43.73 7.64
CA GLY I 430 -53.48 42.96 8.13
C GLY I 430 -53.14 42.26 9.43
N GLU I 431 -54.18 42.05 10.25
CA GLU I 431 -53.96 41.51 11.59
C GLU I 431 -53.38 40.11 11.55
N HIS I 432 -53.92 39.25 10.68
CA HIS I 432 -53.46 37.86 10.61
C HIS I 432 -51.99 37.79 10.23
N ILE I 433 -51.63 38.44 9.13
CA ILE I 433 -50.26 38.42 8.66
C ILE I 433 -49.33 39.06 9.66
N PHE I 434 -49.74 40.18 10.26
CA PHE I 434 -48.91 40.86 11.24
C PHE I 434 -48.61 39.96 12.43
N GLU I 435 -49.65 39.34 12.98
CA GLU I 435 -49.46 38.50 14.16
C GLU I 435 -48.56 37.31 13.84
N HIS I 436 -48.80 36.63 12.72
CA HIS I 436 -48.00 35.44 12.42
C HIS I 436 -46.57 35.81 12.08
N PHE I 437 -46.37 36.95 11.40
CA PHE I 437 -45.00 37.42 11.07
C PHE I 437 -44.22 37.66 12.36
N ILE I 438 -44.77 38.48 13.26
CA ILE I 438 -44.08 38.81 14.54
C ILE I 438 -43.73 37.51 15.27
N GLU I 439 -44.71 36.63 15.45
CA GLU I 439 -44.49 35.34 16.15
C GLU I 439 -43.28 34.61 15.56
N ALA I 440 -43.28 34.37 14.23
CA ALA I 440 -42.18 33.61 13.59
C ALA I 440 -40.84 34.33 13.74
N LYS I 441 -40.83 35.66 13.60
CA LYS I 441 -39.55 36.41 13.63
C LYS I 441 -39.03 36.55 15.06
N THR I 442 -39.91 36.65 16.06
CA THR I 442 -39.44 36.70 17.47
C THR I 442 -38.81 35.34 17.82
N ILE I 443 -39.38 34.25 17.30
CA ILE I 443 -38.79 32.90 17.51
C ILE I 443 -37.39 32.90 16.89
N GLU I 444 -37.23 33.41 15.66
CA GLU I 444 -35.92 33.44 14.96
C GLU I 444 -34.93 34.23 15.80
N CYS I 445 -35.33 35.42 16.28
CA CYS I 445 -34.46 36.24 17.13
C CYS I 445 -34.03 35.44 18.36
N ASP I 446 -34.99 34.90 19.12
CA ASP I 446 -34.67 34.13 20.36
C ASP I 446 -33.69 33.00 20.05
N MET I 447 -34.00 32.17 19.04
CA MET I 447 -33.12 31.04 18.66
C MET I 447 -31.71 31.57 18.43
N PHE I 448 -31.57 32.60 17.59
CA PHE I 448 -30.23 33.18 17.30
C PHE I 448 -29.62 33.76 18.58
N ARG I 449 -30.44 34.36 19.44
CA ARG I 449 -29.84 35.03 20.60
C ARG I 449 -29.20 34.03 21.55
N THR I 450 -29.83 32.88 21.76
CA THR I 450 -29.34 31.91 22.74
C THR I 450 -28.29 30.96 22.18
N ALA I 451 -28.00 31.02 20.88
CA ALA I 451 -27.02 30.14 20.29
C ALA I 451 -25.61 30.58 20.65
N VAL I 452 -24.69 29.62 20.65
CA VAL I 452 -23.28 29.88 20.90
C VAL I 452 -22.54 29.67 19.59
N HIS I 453 -21.91 30.71 19.10
CA HIS I 453 -21.27 30.66 17.79
C HIS I 453 -19.77 30.41 17.93
N PRO I 454 -19.14 29.84 16.90
CA PRO I 454 -17.69 29.61 16.96
C PRO I 454 -16.89 30.89 17.09
N TRP I 455 -17.45 32.04 16.73
CA TRP I 455 -16.77 33.31 16.95
C TRP I 455 -16.50 33.52 18.44
N GLU I 456 -17.48 33.22 19.28
CA GLU I 456 -17.32 33.38 20.72
C GLU I 456 -16.22 32.48 21.25
N ARG I 457 -16.16 31.24 20.77
CA ARG I 457 -15.11 30.33 21.20
C ARG I 457 -13.74 30.82 20.73
N GLU I 458 -13.65 31.28 19.48
CA GLU I 458 -12.38 31.78 18.98
C GLU I 458 -11.92 33.02 19.74
N GLN I 459 -12.86 33.78 20.29
CA GLN I 459 -12.50 35.00 20.99
C GLN I 459 -12.27 34.80 22.49
N TYR I 460 -12.86 33.76 23.10
CA TYR I 460 -12.74 33.68 24.59
C TYR I 460 -12.28 32.30 25.10
N LEU I 461 -12.32 31.25 24.30
CA LEU I 461 -11.97 29.93 24.85
C LEU I 461 -10.57 29.91 25.42
N GLU I 462 -9.62 30.53 24.71
CA GLU I 462 -8.23 30.53 25.15
C GLU I 462 -7.91 31.70 26.07
N ILE I 463 -8.48 32.87 25.80
CA ILE I 463 -8.19 34.05 26.62
C ILE I 463 -8.71 33.85 28.04
N TYR I 464 -9.93 33.34 28.18
CA TYR I 464 -10.52 33.13 29.49
C TYR I 464 -10.60 31.65 29.82
N GLN J 1 51.38 2.07 -18.00
CA GLN J 1 51.60 3.13 -19.02
C GLN J 1 50.32 3.96 -19.17
N LEU J 2 49.17 3.31 -19.39
CA LEU J 2 47.91 4.07 -19.64
C LEU J 2 46.71 3.48 -18.87
N PRO J 3 46.72 3.37 -17.51
CA PRO J 3 45.52 2.95 -16.77
C PRO J 3 44.45 4.04 -16.86
N ARG J 4 44.86 5.30 -16.92
CA ARG J 4 43.90 6.44 -17.04
C ARG J 4 43.06 6.23 -18.32
N PHE J 5 43.71 6.04 -19.47
CA PHE J 5 42.98 5.80 -20.73
C PHE J 5 42.23 4.47 -20.64
N GLN K 1 35.24 -40.40 -9.35
CA GLN K 1 36.00 -40.24 -10.62
C GLN K 1 35.59 -38.94 -11.30
N LEU K 2 34.30 -38.70 -11.48
CA LEU K 2 33.84 -37.48 -12.20
C LEU K 2 32.72 -36.77 -11.45
N PRO K 3 32.93 -36.23 -10.22
CA PRO K 3 31.90 -35.45 -9.53
C PRO K 3 31.80 -34.07 -10.20
N ARG K 4 32.91 -33.54 -10.71
CA ARG K 4 32.91 -32.23 -11.40
C ARG K 4 31.95 -32.29 -12.60
N PHE K 5 32.12 -33.29 -13.47
CA PHE K 5 31.23 -33.45 -14.65
C PHE K 5 29.80 -33.71 -14.18
N GLN L 1 -2.19 -52.59 14.22
CA GLN L 1 -1.90 -53.51 13.08
C GLN L 1 -1.49 -52.70 11.85
N LEU L 2 -2.30 -51.71 11.45
CA LEU L 2 -1.99 -50.94 10.21
C LEU L 2 -2.19 -49.43 10.41
N PRO L 3 -1.48 -48.73 11.32
CA PRO L 3 -1.56 -47.27 11.42
C PRO L 3 -0.88 -46.64 10.21
N ARG L 4 0.17 -47.28 9.68
CA ARG L 4 0.88 -46.78 8.48
C ARG L 4 -0.12 -46.67 7.32
N PHE L 5 -0.83 -47.76 7.01
CA PHE L 5 -1.85 -47.74 5.93
C PHE L 5 -2.98 -46.79 6.33
N GLN M 1 -4.37 50.85 18.86
CA GLN M 1 -5.76 51.36 18.98
C GLN M 1 -6.74 50.24 18.61
N LEU M 2 -6.56 49.62 17.45
CA LEU M 2 -7.51 48.57 16.98
C LEU M 2 -6.78 47.33 16.46
N PRO M 3 -6.01 46.58 17.28
CA PRO M 3 -5.39 45.33 16.83
C PRO M 3 -6.46 44.25 16.69
N ARG M 4 -7.50 44.28 17.54
CA ARG M 4 -8.60 43.30 17.46
C ARG M 4 -9.25 43.37 16.07
N PHE M 5 -9.67 44.57 15.65
CA PHE M 5 -10.30 44.75 14.32
C PHE M 5 -9.29 44.38 13.22
N ALA N 22 40.57 50.16 33.03
CA ALA N 22 41.29 48.91 32.84
C ALA N 22 40.75 47.83 33.78
N LYS N 23 39.88 46.98 33.25
CA LYS N 23 39.28 45.89 34.02
C LYS N 23 40.14 44.63 34.02
N TYR N 24 40.81 44.33 32.92
CA TYR N 24 41.69 43.17 32.82
C TYR N 24 43.03 43.58 32.27
N THR N 25 44.06 42.81 32.61
CA THR N 25 45.41 42.97 32.08
C THR N 25 45.78 41.71 31.31
N LYS N 26 46.98 41.73 30.71
CA LYS N 26 47.45 40.57 29.96
C LYS N 26 47.57 39.36 30.85
N GLU N 27 48.14 39.55 32.06
CA GLU N 27 48.30 38.45 32.98
C GLU N 27 46.95 37.86 33.39
N ASP N 28 45.96 38.72 33.59
CA ASP N 28 44.62 38.24 33.89
C ASP N 28 44.07 37.38 32.77
N ILE N 29 44.29 37.81 31.52
CA ILE N 29 43.79 37.04 30.37
C ILE N 29 44.48 35.68 30.30
N PHE N 30 45.81 35.66 30.52
CA PHE N 30 46.53 34.40 30.50
C PHE N 30 46.04 33.48 31.61
N ARG N 31 45.82 34.03 32.80
CA ARG N 31 45.32 33.22 33.91
C ARG N 31 43.94 32.66 33.60
N PHE N 32 43.06 33.47 33.03
CA PHE N 32 41.73 33.00 32.66
C PHE N 32 41.81 31.88 31.63
N ALA N 33 42.65 32.07 30.61
CA ALA N 33 42.80 31.04 29.58
C ALA N 33 43.33 29.74 30.16
N ASP N 34 44.27 29.83 31.10
CA ASP N 34 44.81 28.63 31.72
C ASP N 34 43.78 27.93 32.59
N GLU N 35 43.06 28.70 33.42
CA GLU N 35 42.18 28.07 34.40
C GLU N 35 40.88 27.56 33.81
N GLN N 36 40.30 28.26 32.83
CA GLN N 36 39.06 27.78 32.23
C GLN N 36 39.29 26.79 31.10
N ASN N 37 40.55 26.51 30.75
CA ASN N 37 40.89 25.50 29.74
C ASN N 37 40.24 25.82 28.39
N VAL N 38 40.63 26.96 27.82
CA VAL N 38 40.16 27.38 26.51
C VAL N 38 41.23 27.04 25.48
N LYS N 39 40.80 26.50 24.35
CA LYS N 39 41.69 26.14 23.26
C LYS N 39 41.44 26.93 21.99
N PHE N 40 40.37 27.72 21.97
CA PHE N 40 40.05 28.54 20.77
C PHE N 40 39.66 29.96 21.17
N ILE N 41 40.16 30.96 20.44
CA ILE N 41 39.80 32.39 20.72
C ILE N 41 39.31 33.03 19.42
N ARG N 42 38.10 33.61 19.44
CA ARG N 42 37.51 34.24 18.23
C ARG N 42 37.73 35.75 18.27
N LEU N 43 38.77 36.25 17.60
CA LEU N 43 39.02 37.68 17.55
C LEU N 43 38.02 38.29 16.58
N GLN N 44 37.01 38.97 17.12
CA GLN N 44 35.87 39.38 16.32
C GLN N 44 35.81 40.90 16.16
N PHE N 45 35.08 41.32 15.14
CA PHE N 45 34.90 42.72 14.78
C PHE N 45 33.62 42.83 13.96
N THR N 46 33.28 44.06 13.59
CA THR N 46 32.05 44.35 12.86
C THR N 46 32.39 45.10 11.58
N ASP N 47 31.82 44.66 10.48
CA ASP N 47 32.05 45.30 9.18
C ASP N 47 31.09 46.48 9.02
N ILE N 48 31.12 47.09 7.82
CA ILE N 48 30.25 48.25 7.57
C ILE N 48 28.78 47.84 7.61
N LEU N 49 28.45 46.70 7.02
CA LEU N 49 27.07 46.26 6.93
C LEU N 49 26.49 45.81 8.27
N GLY N 50 27.32 45.67 9.30
CA GLY N 50 26.85 45.24 10.60
C GLY N 50 27.02 43.76 10.88
N ILE N 51 27.52 42.98 9.92
CA ILE N 51 27.71 41.56 10.13
C ILE N 51 28.92 41.34 11.03
N ILE N 52 28.76 40.47 12.03
CA ILE N 52 29.85 40.14 12.93
C ILE N 52 30.79 39.16 12.24
N LYS N 53 32.05 39.55 12.10
CA LYS N 53 33.07 38.70 11.50
C LYS N 53 34.16 38.42 12.51
N ASN N 54 34.99 37.42 12.24
CA ASN N 54 36.01 37.02 13.25
C ASN N 54 37.13 36.18 12.63
N VAL N 55 38.31 36.22 13.24
CA VAL N 55 39.43 35.33 12.80
C VAL N 55 39.69 34.41 14.00
N GLU N 56 39.68 33.09 13.78
CA GLU N 56 39.81 32.15 14.94
C GLU N 56 41.26 31.70 15.09
N ILE N 57 41.78 31.72 16.32
CA ILE N 57 43.20 31.33 16.57
C ILE N 57 43.25 30.34 17.74
N PRO N 58 44.19 29.36 17.76
CA PRO N 58 44.34 28.47 18.92
C PRO N 58 44.87 29.24 20.11
N VAL N 59 44.73 28.63 21.30
CA VAL N 59 45.17 29.29 22.52
C VAL N 59 46.68 29.50 22.50
N SER N 60 47.42 28.66 21.78
CA SER N 60 48.87 28.80 21.72
C SER N 60 49.30 30.11 21.08
N GLN N 61 48.46 30.71 20.25
CA GLN N 61 48.75 32.00 19.65
C GLN N 61 48.29 33.18 20.49
N LEU N 62 47.67 32.92 21.65
CA LEU N 62 47.05 33.99 22.43
C LEU N 62 48.06 35.07 22.77
N LYS N 63 49.27 34.69 23.18
CA LYS N 63 50.29 35.67 23.49
C LYS N 63 50.52 36.61 22.32
N LYS N 64 50.68 36.05 21.12
CA LYS N 64 50.86 36.89 19.93
C LYS N 64 49.64 37.79 19.74
N ALA N 65 48.45 37.27 19.98
CA ALA N 65 47.24 38.09 19.86
C ALA N 65 47.29 39.26 20.83
N LEU N 66 47.87 39.05 22.02
CA LEU N 66 47.97 40.14 22.98
C LEU N 66 49.13 41.08 22.68
N ASP N 67 49.98 40.74 21.72
CA ASP N 67 51.06 41.61 21.30
C ASP N 67 50.68 42.50 20.12
N ASN N 68 49.43 42.44 19.68
CA ASN N 68 48.95 43.24 18.55
C ASN N 68 49.77 42.96 17.29
N LYS N 69 50.06 41.67 17.05
CA LYS N 69 50.86 41.27 15.90
C LYS N 69 50.09 40.42 14.90
N ILE N 70 48.80 40.20 15.10
CA ILE N 70 48.02 39.38 14.18
C ILE N 70 47.66 40.22 12.96
N MET N 71 47.95 39.68 11.77
CA MET N 71 47.59 40.31 10.50
C MET N 71 46.39 39.61 9.91
N PHE N 72 45.54 40.39 9.22
CA PHE N 72 44.41 39.83 8.52
C PHE N 72 44.06 40.76 7.36
N ASP N 73 43.03 40.38 6.60
CA ASP N 73 42.59 41.14 5.44
C ASP N 73 41.55 42.17 5.89
N GLY N 74 41.93 43.44 5.86
CA GLY N 74 41.02 44.49 6.28
C GLY N 74 39.90 44.75 5.30
N SER N 75 40.06 44.35 4.04
CA SER N 75 39.03 44.59 3.04
C SER N 75 37.71 43.91 3.39
N SER N 76 37.75 42.87 4.22
CA SER N 76 36.52 42.22 4.64
C SER N 76 35.60 43.19 5.38
N ILE N 77 36.17 44.21 6.04
CA ILE N 77 35.35 45.22 6.70
C ILE N 77 34.46 45.92 5.68
N GLU N 78 34.96 46.12 4.46
CA GLU N 78 34.16 46.75 3.42
C GLU N 78 32.98 45.89 2.99
N GLY N 79 32.93 44.62 3.37
CA GLY N 79 31.82 43.77 3.00
C GLY N 79 31.99 43.14 1.64
N PHE N 80 30.90 43.09 0.86
CA PHE N 80 30.95 42.42 -0.46
C PHE N 80 31.51 43.36 -1.53
N VAL N 81 31.65 44.66 -1.22
CA VAL N 81 32.10 45.62 -2.21
C VAL N 81 33.61 45.75 -2.14
N ARG N 82 34.26 44.82 -1.44
CA ARG N 82 35.71 44.82 -1.37
C ARG N 82 36.33 44.54 -2.73
N ILE N 83 37.49 45.16 -2.98
CA ILE N 83 38.15 45.02 -4.26
C ILE N 83 39.56 44.48 -4.06
N GLU N 84 40.38 45.22 -3.32
CA GLU N 84 41.80 44.92 -3.17
C GLU N 84 42.09 44.45 -1.75
N GLU N 85 42.88 43.38 -1.63
CA GLU N 85 43.29 42.89 -0.33
C GLU N 85 44.21 43.90 0.35
N SER N 86 43.94 44.16 1.64
CA SER N 86 44.73 45.09 2.42
C SER N 86 45.04 44.45 3.77
N ASP N 87 46.32 44.46 4.14
CA ASP N 87 46.75 43.88 5.40
C ASP N 87 46.51 44.85 6.54
N MET N 88 46.01 44.33 7.66
CA MET N 88 45.70 45.18 8.80
C MET N 88 45.90 44.39 10.08
N TYR N 89 46.21 45.11 11.15
CA TYR N 89 46.45 44.52 12.46
C TYR N 89 45.12 44.30 13.19
N LEU N 90 45.20 43.59 14.32
CA LEU N 90 44.02 43.11 15.02
C LEU N 90 44.13 43.38 16.52
N PHE N 91 44.43 44.62 16.88
CA PHE N 91 44.48 45.08 18.27
C PHE N 91 43.24 44.66 19.05
N PRO N 92 43.38 43.73 19.99
CA PRO N 92 42.22 43.28 20.76
C PRO N 92 41.95 44.17 21.97
N ASP N 93 40.74 44.04 22.51
CA ASP N 93 40.32 44.77 23.70
C ASP N 93 40.25 43.78 24.86
N LEU N 94 41.02 44.04 25.91
CA LEU N 94 41.10 43.11 27.02
C LEU N 94 39.81 43.05 27.81
N ASP N 95 39.11 44.18 27.94
CA ASP N 95 37.91 44.24 28.76
C ASP N 95 36.73 43.46 28.16
N THR N 96 36.84 43.02 26.91
CA THR N 96 35.76 42.31 26.24
C THR N 96 35.94 40.80 26.29
N TRP N 97 36.77 40.29 27.19
CA TRP N 97 37.02 38.86 27.28
C TRP N 97 35.78 38.17 27.84
N VAL N 98 35.16 37.31 27.03
CA VAL N 98 33.98 36.55 27.44
C VAL N 98 34.16 35.11 27.00
N VAL N 99 33.93 34.16 27.91
CA VAL N 99 34.04 32.74 27.63
C VAL N 99 32.64 32.19 27.37
N PHE N 100 32.46 31.55 26.22
CA PHE N 100 31.17 31.00 25.87
C PHE N 100 30.89 29.76 26.70
N PRO N 101 29.64 29.53 27.12
CA PRO N 101 29.33 28.34 27.91
C PRO N 101 29.03 27.10 27.09
N TRP N 102 28.55 27.27 25.86
CA TRP N 102 28.15 26.14 25.01
C TRP N 102 29.38 25.68 24.20
N THR N 103 30.36 25.12 24.90
CA THR N 103 31.57 24.66 24.21
C THR N 103 31.94 23.22 24.51
N ALA N 104 31.07 22.44 25.15
CA ALA N 104 31.33 21.03 25.48
C ALA N 104 32.59 20.97 26.36
N GLU N 105 33.36 19.89 26.25
CA GLU N 105 34.54 19.69 27.06
C GLU N 105 35.84 19.68 26.28
N LYS N 106 35.79 19.59 24.95
CA LYS N 106 37.01 19.59 24.14
C LYS N 106 37.52 21.01 23.96
N GLY N 107 37.85 21.68 25.06
CA GLY N 107 38.32 23.05 25.00
C GLY N 107 37.18 24.05 24.87
N LYS N 108 37.28 25.16 25.59
CA LYS N 108 36.26 26.19 25.55
C LYS N 108 36.62 27.24 24.51
N VAL N 109 35.67 28.12 24.22
CA VAL N 109 35.83 29.17 23.23
C VAL N 109 35.60 30.52 23.91
N ALA N 110 36.51 31.46 23.67
CA ALA N 110 36.41 32.80 24.19
C ALA N 110 36.58 33.80 23.06
N ARG N 111 36.07 35.01 23.26
CA ARG N 111 36.15 36.04 22.24
C ARG N 111 36.63 37.35 22.86
N MET N 112 37.22 38.19 22.01
CA MET N 112 37.54 39.57 22.36
C MET N 112 37.30 40.45 21.15
N ILE N 113 36.50 41.50 21.32
CA ILE N 113 36.33 42.47 20.24
C ILE N 113 37.65 43.19 20.01
N CYS N 114 38.04 43.29 18.74
CA CYS N 114 39.34 43.83 18.37
C CYS N 114 39.19 45.12 17.58
N ASP N 115 40.17 46.00 17.73
CA ASP N 115 40.28 47.19 16.90
C ASP N 115 41.13 46.89 15.68
N ILE N 116 40.89 47.64 14.60
CA ILE N 116 41.59 47.46 13.35
C ILE N 116 42.59 48.60 13.20
N TYR N 117 43.86 48.25 12.95
CA TYR N 117 44.93 49.24 12.85
C TYR N 117 45.67 49.07 11.53
N ASN N 118 46.08 50.19 10.96
CA ASN N 118 46.89 50.16 9.76
C ASN N 118 48.27 49.61 10.08
N PRO N 119 49.00 49.11 9.06
CA PRO N 119 50.36 48.63 9.31
C PRO N 119 51.29 49.70 9.84
N ASP N 120 50.96 50.99 9.67
CA ASP N 120 51.76 52.08 10.22
C ASP N 120 51.28 52.49 11.61
N MET N 121 50.70 51.54 12.35
CA MET N 121 50.36 51.71 13.76
C MET N 121 49.29 52.79 13.97
N THR N 122 48.41 52.96 13.00
CA THR N 122 47.36 53.97 13.05
C THR N 122 46.00 53.30 12.93
N PRO N 123 45.01 53.67 13.73
CA PRO N 123 43.70 53.03 13.62
C PRO N 123 43.08 53.22 12.25
N PHE N 124 42.42 52.17 11.76
CA PHE N 124 41.84 52.20 10.43
C PHE N 124 40.62 53.10 10.39
N ALA N 125 40.58 54.00 9.40
CA ALA N 125 39.46 54.92 9.28
C ALA N 125 38.18 54.22 8.84
N GLY N 126 38.28 53.07 8.19
CA GLY N 126 37.12 52.33 7.74
C GLY N 126 36.49 51.42 8.76
N ASP N 127 37.02 51.40 9.99
CA ASP N 127 36.47 50.56 11.05
C ASP N 127 35.39 51.32 11.78
N PRO N 128 34.15 50.80 11.86
CA PRO N 128 33.10 51.52 12.58
C PRO N 128 33.43 51.81 14.04
N ARG N 129 34.09 50.87 14.71
CA ARG N 129 34.46 51.10 16.11
C ARG N 129 35.47 52.22 16.26
N ALA N 130 36.46 52.27 15.37
CA ALA N 130 37.43 53.36 15.40
C ALA N 130 36.76 54.70 15.09
N ASN N 131 35.80 54.70 14.17
CA ASN N 131 35.07 55.92 13.87
C ASN N 131 34.28 56.40 15.08
N LEU N 132 33.63 55.47 15.79
CA LEU N 132 32.92 55.84 17.00
C LEU N 132 33.87 56.38 18.05
N LYS N 133 35.05 55.78 18.18
CA LYS N 133 36.04 56.29 19.12
C LYS N 133 36.48 57.70 18.76
N ARG N 134 36.66 57.97 17.46
CA ARG N 134 37.02 59.31 17.02
C ARG N 134 35.93 60.33 17.36
N VAL N 135 34.67 59.95 17.13
CA VAL N 135 33.57 60.86 17.45
C VAL N 135 33.50 61.11 18.95
N LEU N 136 33.73 60.06 19.75
CA LEU N 136 33.75 60.23 21.20
C LEU N 136 34.90 61.13 21.63
N LYS N 137 36.05 61.03 20.94
CA LYS N 137 37.15 61.94 21.23
C LYS N 137 36.77 63.38 20.93
N GLU N 138 36.05 63.61 19.83
CA GLU N 138 35.56 64.96 19.55
C GLU N 138 34.62 65.45 20.63
N MET N 139 33.72 64.58 21.10
CA MET N 139 32.79 64.95 22.16
C MET N 139 33.54 65.32 23.44
N GLU N 140 34.54 64.52 23.81
CA GLU N 140 35.35 64.83 24.97
C GLU N 140 36.11 66.14 24.79
N GLU N 141 36.54 66.44 23.56
CA GLU N 141 37.17 67.72 23.28
C GLU N 141 36.21 68.87 23.52
N LEU N 142 34.93 68.68 23.19
CA LEU N 142 33.98 69.76 23.43
C LEU N 142 33.67 69.98 24.91
N GLY N 143 33.94 69.00 25.77
CA GLY N 143 33.81 69.23 27.20
C GLY N 143 33.06 68.16 27.98
N PHE N 144 32.44 67.21 27.29
CA PHE N 144 31.67 66.17 27.95
C PHE N 144 32.55 64.95 28.25
N THR N 145 32.04 64.09 29.13
CA THR N 145 32.80 62.93 29.60
C THR N 145 32.37 61.65 28.91
N GLU N 146 31.08 61.31 28.97
CA GLU N 146 30.61 60.04 28.41
C GLU N 146 29.24 60.20 27.78
N PHE N 147 28.91 59.23 26.94
CA PHE N 147 27.65 59.16 26.20
C PHE N 147 26.98 57.84 26.55
N ASN N 148 26.15 57.84 27.58
CA ASN N 148 25.49 56.61 28.00
C ASN N 148 24.33 56.28 27.07
N LEU N 149 24.19 54.99 26.77
CA LEU N 149 23.16 54.53 25.85
C LEU N 149 22.49 53.29 26.41
N GLY N 150 21.18 53.25 26.30
CA GLY N 150 20.41 52.05 26.59
C GLY N 150 19.53 51.68 25.42
N PRO N 151 19.78 50.52 24.82
CA PRO N 151 18.97 50.08 23.70
C PRO N 151 17.80 49.21 24.14
N GLU N 152 16.77 49.20 23.30
CA GLU N 152 15.57 48.39 23.52
C GLU N 152 15.32 47.53 22.29
N PRO N 153 16.10 46.47 22.10
CA PRO N 153 15.93 45.62 20.92
C PRO N 153 14.74 44.69 21.05
N GLU N 154 14.05 44.49 19.93
CA GLU N 154 12.92 43.57 19.84
C GLU N 154 13.22 42.53 18.77
N PHE N 155 12.80 41.29 19.01
CA PHE N 155 13.08 40.22 18.08
C PHE N 155 11.89 39.30 17.94
N PHE N 156 11.82 38.61 16.81
CA PHE N 156 10.76 37.65 16.52
C PHE N 156 11.30 36.23 16.61
N LEU N 157 10.44 35.32 17.06
CA LEU N 157 10.77 33.90 17.17
C LEU N 157 9.88 33.11 16.23
N PHE N 158 10.49 32.30 15.37
CA PHE N 158 9.77 31.49 14.40
C PHE N 158 10.11 30.03 14.61
N LYS N 159 9.16 29.15 14.30
CA LYS N 159 9.38 27.72 14.42
C LYS N 159 10.17 27.20 13.23
N LEU N 160 11.10 26.30 13.49
CA LEU N 160 11.90 25.68 12.44
C LEU N 160 11.14 24.52 11.79
N ASP N 161 11.56 24.18 10.58
CA ASP N 161 10.93 23.11 9.82
C ASP N 161 11.64 21.80 10.12
N GLU N 162 11.29 20.74 9.37
CA GLU N 162 11.95 19.45 9.54
C GLU N 162 13.42 19.53 9.17
N ASN N 163 13.76 20.28 8.12
CA ASN N 163 15.12 20.45 7.67
C ASN N 163 15.84 21.58 8.39
N ARG N 164 15.37 21.96 9.58
CA ARG N 164 15.98 23.02 10.38
C ARG N 164 16.02 24.34 9.61
N ARG N 165 14.95 24.62 8.86
CA ARG N 165 14.83 25.87 8.14
C ARG N 165 13.72 26.71 8.75
N PRO N 166 13.89 28.03 8.85
CA PRO N 166 12.86 28.87 9.45
C PRO N 166 11.57 28.83 8.64
N THR N 167 10.46 28.86 9.35
CA THR N 167 9.13 28.93 8.74
C THR N 167 8.51 30.28 9.06
N LEU N 168 7.25 30.45 8.64
CA LEU N 168 6.53 31.70 8.90
C LEU N 168 5.58 31.59 10.09
N GLU N 169 5.67 30.51 10.86
CA GLU N 169 4.80 30.29 12.00
C GLU N 169 5.47 30.78 13.27
N LEU N 170 4.78 31.65 14.00
CA LEU N 170 5.30 32.21 15.22
C LEU N 170 5.23 31.19 16.36
N ASN N 171 6.08 31.40 17.37
CA ASN N 171 6.16 30.43 18.46
C ASN N 171 4.96 30.54 19.41
N ASP N 172 4.38 31.72 19.56
CA ASP N 172 3.20 31.87 20.41
C ASP N 172 2.37 33.06 19.94
N SER N 173 1.08 33.02 20.26
CA SER N 173 0.16 34.10 19.94
C SER N 173 -0.06 34.97 21.19
N GLY N 174 1.00 35.66 21.57
CA GLY N 174 1.01 36.48 22.75
C GLY N 174 0.48 37.88 22.52
N GLY N 175 0.67 38.73 23.53
CA GLY N 175 0.21 40.11 23.47
C GLY N 175 1.19 41.00 24.20
N TYR N 176 0.83 42.29 24.27
CA TYR N 176 1.70 43.28 24.88
C TYR N 176 1.72 43.11 26.39
N PHE N 177 2.91 42.81 26.92
CA PHE N 177 3.12 42.58 28.36
C PHE N 177 2.31 41.40 28.88
N ASP N 178 1.87 40.51 28.01
CA ASP N 178 1.04 39.39 28.42
C ASP N 178 1.89 38.25 28.97
N LEU N 179 1.28 37.47 29.85
CA LEU N 179 1.93 36.27 30.41
C LEU N 179 1.61 35.09 29.49
N ALA N 180 2.07 35.21 28.25
CA ALA N 180 1.73 34.26 27.20
C ALA N 180 2.55 32.97 27.26
N PRO N 181 3.89 33.03 27.29
CA PRO N 181 4.65 31.76 27.32
C PRO N 181 4.37 30.91 28.55
N THR N 182 4.04 31.55 29.68
CA THR N 182 3.72 30.86 30.93
C THR N 182 4.84 29.95 31.40
N ASP N 183 4.53 29.11 32.38
CA ASP N 183 5.48 28.19 32.98
C ASP N 183 5.38 26.83 32.28
N LEU N 184 5.95 25.80 32.92
CA LEU N 184 5.89 24.42 32.44
C LEU N 184 6.58 24.25 31.09
N GLY N 185 7.87 24.58 31.05
CA GLY N 185 8.66 24.36 29.86
C GLY N 185 8.55 25.48 28.85
N GLU N 186 9.30 25.31 27.76
CA GLU N 186 9.39 26.30 26.67
C GLU N 186 9.84 27.62 27.29
N ASN N 187 9.14 28.74 27.05
CA ASN N 187 9.51 30.05 27.55
C ASN N 187 10.96 30.38 27.19
N CYS N 188 11.20 30.47 25.88
CA CYS N 188 12.54 30.70 25.39
C CYS N 188 13.10 32.03 25.90
N ARG N 189 12.22 33.00 26.14
CA ARG N 189 12.67 34.32 26.67
C ARG N 189 13.32 34.13 28.03
N ARG N 190 12.74 33.29 28.90
CA ARG N 190 13.29 33.05 30.22
C ARG N 190 14.66 32.39 30.14
N ASP N 191 14.79 31.37 29.28
CA ASP N 191 16.08 30.71 29.13
C ASP N 191 17.13 31.68 28.57
N ILE N 192 16.73 32.51 27.60
CA ILE N 192 17.66 33.46 27.01
C ILE N 192 18.16 34.44 28.06
N VAL N 193 17.25 34.99 28.86
CA VAL N 193 17.66 35.97 29.86
C VAL N 193 18.49 35.31 30.95
N LEU N 194 18.18 34.06 31.29
CA LEU N 194 18.98 33.36 32.31
C LEU N 194 20.41 33.14 31.82
N GLU N 195 20.57 32.68 30.57
CA GLU N 195 21.92 32.47 30.06
C GLU N 195 22.65 33.80 29.85
N LEU N 196 21.94 34.86 29.49
CA LEU N 196 22.57 36.16 29.38
C LEU N 196 23.06 36.65 30.75
N GLU N 197 22.26 36.45 31.79
CA GLU N 197 22.70 36.78 33.14
C GLU N 197 23.92 35.96 33.55
N GLU N 198 23.91 34.67 33.21
CA GLU N 198 25.05 33.82 33.52
C GLU N 198 26.31 34.28 32.80
N MET N 199 26.19 34.69 31.54
CA MET N 199 27.32 35.14 30.75
C MET N 199 27.87 36.48 31.22
N GLY N 200 27.15 37.20 32.07
CA GLY N 200 27.63 38.48 32.57
C GLY N 200 27.04 39.67 31.86
N PHE N 201 25.72 39.65 31.65
CA PHE N 201 25.00 40.74 31.03
C PHE N 201 24.12 41.42 32.07
N GLU N 202 24.03 42.74 31.98
CA GLU N 202 23.20 43.53 32.89
C GLU N 202 21.83 43.71 32.25
N ILE N 203 20.90 42.83 32.61
CA ILE N 203 19.55 42.85 32.06
C ILE N 203 18.63 43.55 33.04
N GLU N 204 17.94 44.59 32.56
CA GLU N 204 17.02 45.37 33.42
C GLU N 204 15.67 44.64 33.49
N ALA N 205 15.06 44.37 32.33
CA ALA N 205 13.74 43.70 32.29
C ALA N 205 13.58 42.90 30.99
N SER N 206 12.49 42.14 30.87
CA SER N 206 12.20 41.36 29.64
C SER N 206 10.70 41.12 29.54
N HIS N 207 10.10 41.36 28.36
CA HIS N 207 8.62 41.23 28.26
C HIS N 207 8.17 40.88 26.84
N HIS N 208 6.88 40.56 26.68
CA HIS N 208 6.31 40.23 25.38
C HIS N 208 5.83 41.50 24.69
N GLU N 209 6.11 41.62 23.41
CA GLU N 209 5.78 42.82 22.66
C GLU N 209 4.36 42.70 22.07
N VAL N 210 3.94 43.73 21.35
CA VAL N 210 2.58 43.78 20.84
C VAL N 210 2.31 42.63 19.88
N ALA N 211 3.24 42.41 18.94
CA ALA N 211 3.05 41.38 17.93
C ALA N 211 3.16 39.99 18.56
N PRO N 212 2.41 39.02 18.06
CA PRO N 212 2.62 37.63 18.51
C PRO N 212 4.01 37.15 18.17
N GLY N 213 4.61 36.40 19.09
CA GLY N 213 5.95 35.91 18.88
C GLY N 213 7.04 36.96 18.91
N GLN N 214 6.74 38.17 19.38
CA GLN N 214 7.70 39.26 19.46
C GLN N 214 8.06 39.51 20.91
N HIS N 215 9.36 39.58 21.20
CA HIS N 215 9.83 39.73 22.57
C HIS N 215 10.87 40.84 22.64
N GLU N 216 10.91 41.51 23.80
CA GLU N 216 11.86 42.58 24.04
C GLU N 216 12.61 42.33 25.33
N ILE N 217 13.92 42.58 25.30
CA ILE N 217 14.78 42.48 26.47
C ILE N 217 15.54 43.80 26.61
N ASP N 218 15.50 44.39 27.79
CA ASP N 218 16.11 45.70 28.02
C ASP N 218 17.46 45.55 28.71
N PHE N 219 18.36 46.47 28.42
CA PHE N 219 19.71 46.46 28.96
C PHE N 219 19.87 47.57 30.00
N LYS N 220 20.98 47.50 30.73
CA LYS N 220 21.41 48.60 31.58
C LYS N 220 22.19 49.61 30.74
N TYR N 221 22.27 50.83 31.26
CA TYR N 221 22.89 51.92 30.51
C TYR N 221 24.39 51.91 30.73
N GLU N 222 25.15 51.70 29.65
CA GLU N 222 26.60 51.68 29.69
C GLU N 222 27.15 52.72 28.71
N ASP N 223 28.46 52.71 28.54
CA ASP N 223 29.10 53.59 27.57
C ASP N 223 28.69 53.21 26.15
N ALA N 224 28.99 54.11 25.21
CA ALA N 224 28.60 53.88 23.82
C ALA N 224 29.25 52.62 23.26
N ILE N 225 30.56 52.50 23.41
CA ILE N 225 31.28 51.35 22.85
C ILE N 225 30.83 50.07 23.53
N THR N 226 30.73 50.10 24.87
CA THR N 226 30.30 48.92 25.60
C THR N 226 28.86 48.54 25.23
N ALA N 227 28.00 49.54 25.05
CA ALA N 227 26.62 49.25 24.66
C ALA N 227 26.56 48.60 23.29
N CYS N 228 27.35 49.10 22.33
CA CYS N 228 27.35 48.51 21.00
C CYS N 228 27.89 47.07 21.03
N ASP N 229 28.96 46.85 21.78
CA ASP N 229 29.50 45.50 21.92
C ASP N 229 28.47 44.57 22.54
N SER N 230 27.76 45.05 23.56
CA SER N 230 26.72 44.25 24.20
C SER N 230 25.60 43.95 23.22
N ILE N 231 25.27 44.91 22.34
CA ILE N 231 24.23 44.68 21.34
C ILE N 231 24.64 43.55 20.40
N GLN N 232 25.87 43.60 19.90
CA GLN N 232 26.34 42.55 18.99
C GLN N 232 26.36 41.19 19.68
N THR N 233 26.89 41.14 20.90
CA THR N 233 26.94 39.89 21.63
C THR N 233 25.54 39.37 21.93
N PHE N 234 24.61 40.27 22.23
CA PHE N 234 23.24 39.88 22.51
C PHE N 234 22.59 39.26 21.27
N LYS N 235 22.80 39.87 20.10
CA LYS N 235 22.28 39.28 18.87
C LYS N 235 22.83 37.87 18.67
N LEU N 236 24.15 37.71 18.81
CA LEU N 236 24.77 36.41 18.60
C LEU N 236 24.21 35.37 19.58
N VAL N 237 24.16 35.73 20.86
CA VAL N 237 23.72 34.79 21.89
C VAL N 237 22.26 34.43 21.70
N VAL N 238 21.42 35.41 21.39
CA VAL N 238 19.99 35.13 21.20
C VAL N 238 19.79 34.19 20.03
N LYS N 239 20.49 34.45 18.92
CA LYS N 239 20.35 33.55 17.76
C LYS N 239 20.80 32.14 18.11
N THR N 240 21.93 32.00 18.80
CA THR N 240 22.43 30.67 19.13
C THR N 240 21.46 29.93 20.06
N ILE N 241 20.95 30.61 21.09
CA ILE N 241 20.07 29.95 22.04
C ILE N 241 18.74 29.59 21.39
N ALA N 242 18.22 30.46 20.53
CA ALA N 242 16.99 30.14 19.83
C ALA N 242 17.20 28.93 18.92
N ARG N 243 18.34 28.86 18.24
CA ARG N 243 18.64 27.68 17.44
C ARG N 243 18.74 26.43 18.32
N LYS N 244 19.18 26.59 19.57
CA LYS N 244 19.30 25.44 20.50
C LYS N 244 17.92 24.82 20.72
N HIS N 245 16.90 25.65 20.95
CA HIS N 245 15.56 25.16 21.25
C HIS N 245 14.70 24.99 20.01
N GLY N 246 15.31 24.78 18.85
CA GLY N 246 14.54 24.57 17.64
C GLY N 246 13.72 25.77 17.21
N LEU N 247 14.30 26.97 17.32
CA LEU N 247 13.64 28.21 16.94
C LEU N 247 14.60 29.08 16.15
N HIS N 248 14.04 30.00 15.39
CA HIS N 248 14.80 30.98 14.64
C HIS N 248 14.48 32.37 15.20
N ALA N 249 15.49 33.03 15.72
CA ALA N 249 15.35 34.39 16.23
C ALA N 249 15.79 35.36 15.15
N THR N 250 14.90 36.25 14.74
CA THR N 250 15.18 37.20 13.68
C THR N 250 15.03 38.62 14.19
N PHE N 251 15.93 39.49 13.73
CA PHE N 251 15.90 40.92 14.03
C PHE N 251 15.52 41.74 12.80
N MET N 252 14.79 41.11 11.86
CA MET N 252 14.33 41.84 10.64
C MET N 252 13.32 42.90 11.07
N PRO N 253 13.44 44.17 10.62
CA PRO N 253 12.53 45.24 11.07
C PRO N 253 11.06 44.93 10.87
N LYS N 254 10.70 44.23 9.79
CA LYS N 254 9.31 43.93 9.48
C LYS N 254 9.22 42.60 8.77
N PRO N 255 9.30 41.49 9.51
CA PRO N 255 9.21 40.17 8.87
C PRO N 255 7.85 39.88 8.26
N LEU N 256 6.78 40.44 8.80
CA LEU N 256 5.43 40.14 8.35
C LEU N 256 4.66 41.43 8.09
N PHE N 257 3.72 41.38 7.16
CA PHE N 257 2.89 42.51 6.83
C PHE N 257 1.66 42.56 7.73
N GLY N 258 1.23 43.79 8.04
CA GLY N 258 0.06 43.96 8.88
C GLY N 258 0.28 43.70 10.35
N VAL N 259 1.52 43.50 10.77
CA VAL N 259 1.86 43.20 12.15
C VAL N 259 2.91 44.21 12.59
N ASN N 260 3.01 44.41 13.90
CA ASN N 260 3.97 45.37 14.44
C ASN N 260 5.39 44.97 14.08
N GLY N 261 6.22 45.96 13.76
CA GLY N 261 7.61 45.73 13.44
C GLY N 261 8.48 45.68 14.69
N SER N 262 9.78 45.49 14.44
CA SER N 262 10.77 45.40 15.50
C SER N 262 11.61 46.67 15.51
N GLY N 263 11.77 47.26 16.69
CA GLY N 263 12.55 48.47 16.83
C GLY N 263 13.68 48.33 17.82
N MET N 264 14.62 49.28 17.81
CA MET N 264 15.77 49.28 18.71
C MET N 264 15.93 50.68 19.31
N HIS N 265 14.86 51.18 19.92
CA HIS N 265 14.88 52.51 20.51
C HIS N 265 16.14 52.73 21.34
N PHE N 266 16.76 53.89 21.14
CA PHE N 266 17.99 54.26 21.82
C PHE N 266 17.69 55.36 22.83
N ASN N 267 17.98 55.11 24.10
CA ASN N 267 17.86 56.11 25.15
C ASN N 267 19.27 56.61 25.43
N MET N 268 19.55 57.84 25.02
CA MET N 268 20.89 58.42 25.13
C MET N 268 20.91 59.52 26.16
N SER N 269 22.00 59.59 26.91
CA SER N 269 22.23 60.65 27.88
C SER N 269 23.69 61.09 27.80
N LEU N 270 23.91 62.39 27.98
CA LEU N 270 25.24 62.98 27.88
C LEU N 270 25.69 63.40 29.27
N PHE N 271 26.92 63.05 29.64
CA PHE N 271 27.43 63.31 30.98
C PHE N 271 28.61 64.25 30.94
N ASN N 272 28.80 64.99 32.03
CA ASN N 272 29.97 65.83 32.20
C ASN N 272 30.61 65.58 33.55
N GLU N 273 31.56 66.43 33.95
CA GLU N 273 32.22 66.25 35.24
C GLU N 273 31.23 66.36 36.40
N LYS N 274 30.31 67.32 36.32
CA LYS N 274 29.34 67.52 37.39
C LYS N 274 28.37 66.33 37.47
N GLY N 275 27.80 65.94 36.33
CA GLY N 275 26.85 64.84 36.31
C GLY N 275 26.13 64.72 34.98
N ASN N 276 24.82 64.57 35.02
CA ASN N 276 24.04 64.50 33.79
C ASN N 276 23.91 65.89 33.19
N ALA N 277 24.29 66.03 31.92
CA ALA N 277 24.25 67.32 31.26
C ALA N 277 22.85 67.66 30.74
N PHE N 278 21.95 66.69 30.68
CA PHE N 278 20.61 66.93 30.19
C PHE N 278 19.63 67.36 31.27
N PHE N 279 20.05 67.39 32.53
CA PHE N 279 19.16 67.65 33.65
C PHE N 279 19.41 69.05 34.20
N ASP N 280 18.32 69.78 34.44
CA ASP N 280 18.39 71.11 35.02
C ASP N 280 17.07 71.37 35.74
N GLU N 281 17.12 71.43 37.08
CA GLU N 281 15.90 71.59 37.86
C GLU N 281 15.22 72.92 37.59
N SER N 282 15.97 73.93 37.17
CA SER N 282 15.43 75.26 36.94
C SER N 282 14.99 75.48 35.50
N GLY N 283 15.16 74.50 34.62
CA GLY N 283 14.79 74.66 33.23
C GLY N 283 13.40 74.16 32.92
N GLU N 284 12.89 74.57 31.76
CA GLU N 284 11.58 74.12 31.31
C GLU N 284 11.59 72.61 31.10
N LEU N 285 10.55 71.94 31.59
CA LEU N 285 10.44 70.48 31.56
C LEU N 285 11.58 69.81 32.31
N GLU N 286 12.24 70.55 33.21
CA GLU N 286 13.43 70.07 33.91
C GLU N 286 14.49 69.58 32.93
N LEU N 287 14.68 70.34 31.85
CA LEU N 287 15.66 70.01 30.81
C LEU N 287 16.63 71.18 30.65
N SER N 288 17.91 70.85 30.53
CA SER N 288 18.93 71.86 30.36
C SER N 288 18.95 72.39 28.93
N GLN N 289 19.65 73.51 28.74
CA GLN N 289 19.82 74.05 27.39
C GLN N 289 20.62 73.11 26.52
N THR N 290 21.52 72.32 27.12
CA THR N 290 22.25 71.32 26.36
C THR N 290 21.30 70.28 25.78
N ALA N 291 20.31 69.86 26.55
CA ALA N 291 19.34 68.88 26.06
C ALA N 291 18.53 69.47 24.89
N TYR N 292 18.14 70.73 24.99
CA TYR N 292 17.38 71.34 23.91
C TYR N 292 18.23 71.50 22.65
N HIS N 293 19.50 71.87 22.80
CA HIS N 293 20.40 71.93 21.65
C HIS N 293 20.58 70.55 21.02
N PHE N 294 20.70 69.51 21.85
CA PHE N 294 20.80 68.16 21.33
C PHE N 294 19.55 67.76 20.58
N LEU N 295 18.38 68.12 21.11
CA LEU N 295 17.12 67.85 20.40
C LEU N 295 17.08 68.56 19.05
N ALA N 296 17.49 69.83 19.03
CA ALA N 296 17.47 70.58 17.78
C ALA N 296 18.41 69.95 16.75
N GLY N 297 19.61 69.55 17.19
CA GLY N 297 20.52 68.89 16.28
C GLY N 297 20.00 67.56 15.77
N MET N 298 19.38 66.77 16.67
CA MET N 298 18.85 65.47 16.28
C MET N 298 17.70 65.61 15.29
N LEU N 299 16.83 66.60 15.50
CA LEU N 299 15.70 66.79 14.60
C LEU N 299 16.11 67.42 13.28
N LYS N 300 17.10 68.31 13.29
CA LYS N 300 17.50 68.98 12.05
C LYS N 300 18.06 67.99 11.03
N HIS N 301 18.88 67.06 11.49
CA HIS N 301 19.57 66.13 10.59
C HIS N 301 18.95 64.75 10.55
N ALA N 302 17.73 64.59 11.08
CA ALA N 302 17.10 63.27 11.09
C ALA N 302 16.92 62.74 9.67
N ARG N 303 16.48 63.60 8.76
CA ARG N 303 16.37 63.21 7.36
C ARG N 303 17.71 62.78 6.79
N GLY N 304 18.80 63.26 7.35
CA GLY N 304 20.13 62.90 6.91
C GLY N 304 20.57 61.51 7.35
N TYR N 305 20.46 61.20 8.63
CA TYR N 305 20.93 59.93 9.15
C TYR N 305 19.85 58.85 9.17
N THR N 306 18.67 59.13 8.63
CA THR N 306 17.66 58.08 8.51
C THR N 306 18.19 56.89 7.72
N ALA N 307 19.03 57.13 6.72
CA ALA N 307 19.61 56.03 5.96
C ALA N 307 20.51 55.16 6.83
N VAL N 308 21.33 55.79 7.68
CA VAL N 308 22.24 55.03 8.53
C VAL N 308 21.47 54.26 9.59
N THR N 309 20.46 54.89 10.19
CA THR N 309 19.70 54.23 11.25
C THR N 309 18.77 53.15 10.70
N ASN N 310 18.39 53.23 9.43
CA ASN N 310 17.53 52.24 8.78
C ASN N 310 18.18 51.84 7.46
N PRO N 311 19.17 50.97 7.50
CA PRO N 311 19.99 50.69 6.32
C PRO N 311 19.48 49.62 5.38
N THR N 312 18.32 49.02 5.68
CA THR N 312 17.82 47.90 4.82
C THR N 312 16.55 48.36 4.08
N ILE N 313 16.18 47.65 3.01
CA ILE N 313 14.92 47.96 2.29
C ILE N 313 13.75 47.62 3.20
N ASN N 314 13.82 46.46 3.87
CA ASN N 314 12.74 46.01 4.79
C ASN N 314 12.54 47.05 5.91
N SER N 315 13.53 47.88 6.18
CA SER N 315 13.41 48.83 7.29
C SER N 315 12.30 49.83 7.03
N PHE N 316 12.24 50.38 5.82
CA PHE N 316 11.23 51.37 5.50
C PHE N 316 9.84 50.77 5.33
N LYS N 317 9.72 49.44 5.31
CA LYS N 317 8.41 48.83 5.44
C LYS N 317 7.87 48.94 6.85
N ARG N 318 8.75 49.08 7.84
CA ARG N 318 8.31 49.29 9.22
C ARG N 318 7.84 50.72 9.44
N LEU N 319 8.47 51.69 8.79
CA LEU N 319 8.15 53.10 8.97
C LEU N 319 6.89 53.44 8.18
N VAL N 320 5.78 52.89 8.65
CA VAL N 320 4.47 53.16 8.05
C VAL N 320 3.51 53.52 9.18
N PRO N 321 2.50 54.36 8.93
CA PRO N 321 1.59 54.76 9.99
C PRO N 321 0.73 53.60 10.49
N GLY N 322 0.35 53.69 11.76
CA GLY N 322 -0.56 52.73 12.36
C GLY N 322 0.07 51.59 13.11
N TYR N 323 1.40 51.55 13.22
CA TYR N 323 2.08 50.47 13.92
C TYR N 323 3.08 51.02 14.94
N GLU N 324 2.85 52.24 15.43
CA GLU N 324 3.61 52.90 16.47
C GLU N 324 5.04 53.23 16.05
N ALA N 325 5.42 52.93 14.82
CA ALA N 325 6.73 53.36 14.32
C ALA N 325 6.68 54.83 13.92
N PRO N 326 7.77 55.58 14.12
CA PRO N 326 7.76 56.99 13.76
C PRO N 326 7.66 57.19 12.25
N CYS N 327 6.97 58.27 11.86
CA CYS N 327 6.86 58.63 10.46
C CYS N 327 7.08 60.10 10.18
N TYR N 328 7.12 60.95 11.20
CA TYR N 328 7.29 62.39 11.02
C TYR N 328 8.38 62.90 11.95
N ILE N 329 9.07 63.94 11.52
CA ILE N 329 10.15 64.52 12.30
C ILE N 329 9.57 65.46 13.35
N ALA N 330 9.33 64.93 14.54
CA ALA N 330 8.79 65.72 15.64
C ALA N 330 9.16 65.05 16.95
N TRP N 331 9.12 65.83 18.02
CA TRP N 331 9.44 65.34 19.36
C TRP N 331 8.31 65.67 20.31
N SER N 332 8.13 64.82 21.31
CA SER N 332 7.06 65.00 22.29
C SER N 332 7.41 64.23 23.55
N GLY N 333 6.73 64.59 24.63
CA GLY N 333 6.86 63.85 25.88
C GLY N 333 5.85 62.73 25.98
N LYS N 334 4.72 62.88 25.29
CA LYS N 334 3.68 61.85 25.30
C LYS N 334 2.88 62.02 24.02
N ASN N 335 3.08 61.12 23.06
CA ASN N 335 2.39 61.18 21.79
C ASN N 335 2.42 59.81 21.14
N ARG N 336 1.51 59.62 20.19
CA ARG N 336 1.44 58.34 19.43
C ARG N 336 2.59 58.31 18.41
N SER N 337 3.63 57.55 18.70
CA SER N 337 4.78 57.35 17.81
C SER N 337 5.46 58.65 17.43
N PRO N 338 6.16 59.31 18.36
CA PRO N 338 7.00 60.44 17.98
C PRO N 338 8.40 59.98 17.57
N LEU N 339 9.06 60.81 16.77
CA LEU N 339 10.42 60.48 16.34
C LEU N 339 11.37 60.47 17.53
N VAL N 340 11.26 61.47 18.40
CA VAL N 340 12.09 61.57 19.60
C VAL N 340 11.15 61.73 20.79
N ARG N 341 11.36 60.91 21.81
CA ARG N 341 10.54 60.92 23.02
C ARG N 341 11.39 61.22 24.22
N VAL N 342 10.86 62.03 25.13
CA VAL N 342 11.54 62.41 26.36
C VAL N 342 10.89 61.65 27.51
N PRO N 343 11.54 60.63 28.07
CA PRO N 343 10.95 59.90 29.19
C PRO N 343 10.77 60.80 30.41
N SER N 344 9.76 60.48 31.22
CA SER N 344 9.41 61.30 32.36
C SER N 344 10.46 61.27 33.47
N SER N 345 11.33 60.26 33.47
CA SER N 345 12.34 60.16 34.51
C SER N 345 13.34 61.31 34.41
N ARG N 346 13.75 61.83 35.57
CA ARG N 346 14.69 62.94 35.61
C ARG N 346 15.85 62.63 36.55
N GLY N 347 16.67 63.64 36.83
CA GLY N 347 17.85 63.43 37.65
C GLY N 347 18.99 62.85 36.84
N LEU N 348 19.68 61.84 37.39
CA LEU N 348 20.72 61.16 36.63
C LEU N 348 20.15 60.28 35.53
N SER N 349 18.83 60.06 35.51
CA SER N 349 18.20 59.21 34.51
C SER N 349 17.62 60.01 33.35
N THR N 350 17.90 61.31 33.28
CA THR N 350 17.41 62.12 32.17
C THR N 350 18.03 61.64 30.87
N ARG N 351 17.20 61.47 29.85
CA ARG N 351 17.66 60.91 28.58
C ARG N 351 16.69 61.28 27.47
N LEU N 352 17.16 61.16 26.24
CA LEU N 352 16.35 61.36 25.05
C LEU N 352 16.26 60.04 24.30
N GLU N 353 15.07 59.66 23.89
CA GLU N 353 14.85 58.39 23.21
C GLU N 353 14.58 58.63 21.73
N LEU N 354 15.39 58.02 20.89
CA LEU N 354 15.15 57.99 19.45
C LEU N 354 14.55 56.65 19.08
N ARG N 355 13.41 56.69 18.40
CA ARG N 355 12.62 55.49 18.12
C ARG N 355 12.70 55.03 16.68
N SER N 356 13.42 55.74 15.82
CA SER N 356 13.49 55.34 14.41
C SER N 356 14.50 54.24 14.15
N VAL N 357 15.36 53.92 15.12
CA VAL N 357 16.38 52.90 14.91
C VAL N 357 15.76 51.52 14.95
N ASP N 358 16.26 50.63 14.11
CA ASP N 358 15.81 49.24 14.04
C ASP N 358 16.97 48.31 14.36
N PRO N 359 16.69 47.07 14.76
CA PRO N 359 17.79 46.15 15.12
C PRO N 359 18.74 45.84 13.98
N SER N 360 18.34 46.05 12.73
CA SER N 360 19.22 45.76 11.60
C SER N 360 20.36 46.76 11.46
N ALA N 361 20.28 47.91 12.12
CA ALA N 361 21.29 48.95 11.95
C ALA N 361 22.60 48.56 12.62
N ASN N 362 23.68 49.11 12.10
CA ASN N 362 24.99 48.96 12.74
C ASN N 362 25.05 49.87 13.96
N PRO N 363 25.24 49.33 15.16
CA PRO N 363 25.23 50.21 16.35
C PRO N 363 26.29 51.28 16.33
N TYR N 364 27.50 50.97 15.86
CA TYR N 364 28.58 51.94 15.88
C TYR N 364 28.30 53.11 14.94
N LEU N 365 27.85 52.82 13.72
CA LEU N 365 27.56 53.89 12.76
C LEU N 365 26.40 54.75 13.24
N ALA N 366 25.35 54.12 13.77
CA ALA N 366 24.21 54.87 14.26
C ALA N 366 24.60 55.78 15.42
N MET N 367 25.37 55.26 16.37
CA MET N 367 25.83 56.09 17.47
C MET N 367 26.72 57.23 16.99
N ALA N 368 27.60 56.94 16.03
CA ALA N 368 28.48 57.98 15.51
C ALA N 368 27.68 59.11 14.88
N VAL N 369 26.70 58.77 14.04
CA VAL N 369 25.96 59.82 13.35
C VAL N 369 25.07 60.59 14.32
N LEU N 370 24.45 59.89 15.28
CA LEU N 370 23.62 60.56 16.27
C LEU N 370 24.45 61.50 17.14
N LEU N 371 25.63 61.06 17.57
CA LEU N 371 26.50 61.92 18.36
C LEU N 371 26.96 63.12 17.55
N LYS N 372 27.28 62.91 16.28
CA LYS N 372 27.68 64.04 15.44
C LYS N 372 26.56 65.06 15.30
N ALA N 373 25.33 64.58 15.08
CA ALA N 373 24.19 65.49 14.96
C ALA N 373 23.95 66.27 16.25
N GLY N 374 23.98 65.57 17.39
CA GLY N 374 23.78 66.26 18.66
C GLY N 374 24.89 67.26 18.96
N LEU N 375 26.13 66.89 18.65
CA LEU N 375 27.26 67.79 18.88
C LEU N 375 27.16 69.02 17.99
N SER N 376 26.75 68.84 16.74
CA SER N 376 26.55 69.99 15.86
C SER N 376 25.45 70.89 16.38
N GLY N 377 24.35 70.29 16.87
CA GLY N 377 23.28 71.10 17.45
C GLY N 377 23.75 71.89 18.65
N ILE N 378 24.56 71.26 19.51
CA ILE N 378 25.10 71.97 20.68
C ILE N 378 26.01 73.10 20.26
N LYS N 379 26.90 72.85 19.29
CA LYS N 379 27.83 73.88 18.85
C LYS N 379 27.10 75.05 18.21
N ASP N 380 26.09 74.78 17.39
CA ASP N 380 25.35 75.84 16.74
C ASP N 380 24.29 76.47 17.64
N GLU N 381 24.00 75.87 18.79
CA GLU N 381 23.00 76.37 19.74
C GLU N 381 21.65 76.57 19.06
N LEU N 382 21.24 75.58 18.27
CA LEU N 382 19.96 75.66 17.58
C LEU N 382 18.80 75.57 18.55
N THR N 383 17.72 76.27 18.22
CA THR N 383 16.50 76.24 19.03
C THR N 383 15.58 75.13 18.52
N PRO N 384 15.18 74.18 19.35
CA PRO N 384 14.33 73.09 18.85
C PRO N 384 12.92 73.59 18.59
N PRO N 385 12.20 72.94 17.69
CA PRO N 385 10.79 73.30 17.47
C PRO N 385 9.93 72.91 18.67
N ALA N 386 8.78 73.56 18.76
CA ALA N 386 7.86 73.29 19.85
C ALA N 386 7.35 71.85 19.75
N PRO N 387 7.20 71.15 20.87
CA PRO N 387 6.69 69.78 20.82
C PRO N 387 5.25 69.74 20.34
N VAL N 388 4.90 68.64 19.69
CA VAL N 388 3.56 68.45 19.14
C VAL N 388 2.85 67.37 19.94
N ASP N 389 1.59 67.64 20.29
CA ASP N 389 0.79 66.73 21.10
C ASP N 389 -0.66 66.69 20.65
N ARG N 390 -0.91 66.94 19.36
CA ARG N 390 -2.27 67.15 18.86
C ARG N 390 -2.66 66.02 17.91
N ASN N 391 -1.89 64.92 17.95
CA ASN N 391 -2.10 63.76 17.08
C ASN N 391 -1.97 64.14 15.60
N ILE N 392 -0.72 64.48 15.24
CA ILE N 392 -0.33 64.87 13.89
C ILE N 392 -0.90 63.94 12.83
N TYR N 393 -1.17 62.69 13.21
CA TYR N 393 -1.82 61.77 12.28
C TYR N 393 -3.22 62.22 11.92
N GLY N 394 -3.80 63.12 12.70
CA GLY N 394 -5.15 63.60 12.39
C GLY N 394 -5.22 64.37 11.08
N MET N 395 -4.25 65.25 10.85
CA MET N 395 -4.29 66.07 9.65
C MET N 395 -3.69 65.31 8.47
N ASN N 396 -3.86 65.88 7.28
CA ASN N 396 -3.25 65.34 6.08
C ASN N 396 -1.80 65.82 5.98
N GLU N 397 -1.09 65.37 4.94
CA GLU N 397 0.30 65.78 4.76
C GLU N 397 0.39 67.28 4.52
N GLU N 398 -0.51 67.83 3.71
CA GLU N 398 -0.48 69.27 3.43
C GLU N 398 -0.79 70.09 4.68
N GLU N 399 -1.74 69.63 5.49
CA GLU N 399 -2.15 70.39 6.67
C GLU N 399 -1.07 70.43 7.75
N ARG N 400 -0.13 69.48 7.75
CA ARG N 400 0.96 69.49 8.70
C ARG N 400 2.28 69.95 8.11
N GLU N 401 2.41 69.97 6.79
CA GLU N 401 3.62 70.51 6.18
C GLU N 401 3.73 72.01 6.35
N ALA N 402 2.62 72.70 6.65
CA ALA N 402 2.68 74.12 6.92
C ALA N 402 3.53 74.41 8.15
N THR N 403 3.39 73.60 9.19
CA THR N 403 4.21 73.72 10.38
C THR N 403 5.56 73.05 10.12
N GLY N 404 6.35 72.87 11.17
CA GLY N 404 7.66 72.26 11.04
C GLY N 404 7.68 70.77 10.89
N ILE N 405 6.52 70.13 10.78
CA ILE N 405 6.45 68.67 10.69
C ILE N 405 6.80 68.25 9.27
N TYR N 406 7.77 67.37 9.13
CA TYR N 406 8.20 66.85 7.84
C TYR N 406 8.22 65.34 7.87
N ASP N 407 8.11 64.74 6.70
CA ASP N 407 8.07 63.28 6.58
C ASP N 407 9.48 62.71 6.52
N LEU N 408 9.65 61.54 7.11
CA LEU N 408 10.88 60.78 6.94
C LEU N 408 10.92 60.22 5.51
N PRO N 409 12.12 59.91 5.01
CA PRO N 409 12.20 59.30 3.68
C PRO N 409 11.40 58.00 3.61
N GLU N 410 10.71 57.81 2.49
CA GLU N 410 9.80 56.68 2.34
C GLU N 410 10.48 55.45 1.74
N SER N 411 11.69 55.59 1.21
CA SER N 411 12.41 54.48 0.61
C SER N 411 13.90 54.64 0.88
N LEU N 412 14.64 53.55 0.71
CA LEU N 412 16.07 53.60 0.95
C LEU N 412 16.79 54.48 -0.06
N GLY N 413 16.26 54.60 -1.29
CA GLY N 413 16.89 55.47 -2.26
C GLY N 413 16.81 56.94 -1.89
N HIS N 414 15.64 57.38 -1.40
CA HIS N 414 15.51 58.76 -0.95
C HIS N 414 16.40 59.03 0.24
N ALA N 415 16.50 58.06 1.15
CA ALA N 415 17.39 58.21 2.30
C ALA N 415 18.85 58.31 1.85
N LEU N 416 19.23 57.53 0.84
CA LEU N 416 20.58 57.62 0.30
C LEU N 416 20.84 58.99 -0.32
N ILE N 417 19.86 59.53 -1.03
CA ILE N 417 19.99 60.87 -1.59
C ILE N 417 20.18 61.89 -0.47
N GLU N 418 19.40 61.76 0.60
CA GLU N 418 19.53 62.68 1.72
C GLU N 418 20.90 62.57 2.38
N LEU N 419 21.43 61.35 2.50
CA LEU N 419 22.80 61.18 2.96
C LEU N 419 23.78 61.90 2.06
N GLU N 420 23.66 61.70 0.75
CA GLU N 420 24.58 62.33 -0.18
C GLU N 420 24.48 63.85 -0.17
N LYS N 421 23.36 64.40 0.31
CA LYS N 421 23.23 65.85 0.41
C LYS N 421 23.84 66.38 1.71
N ASN N 422 23.57 65.72 2.83
CA ASN N 422 24.01 66.20 4.13
C ASN N 422 25.52 66.07 4.30
N GLU N 423 26.15 67.08 4.88
CA GLU N 423 27.60 67.09 5.05
C GLU N 423 28.05 66.71 6.45
N ILE N 424 27.27 67.08 7.47
CA ILE N 424 27.66 66.77 8.85
C ILE N 424 27.67 65.26 9.08
N ILE N 425 26.69 64.55 8.51
CA ILE N 425 26.67 63.10 8.64
C ILE N 425 27.85 62.48 7.91
N LYS N 426 28.23 63.05 6.76
CA LYS N 426 29.43 62.58 6.08
C LYS N 426 30.67 62.76 6.95
N ASP N 427 30.78 63.92 7.61
CA ASP N 427 31.92 64.14 8.50
C ASP N 427 31.91 63.17 9.67
N GLY N 428 30.73 62.87 10.21
CA GLY N 428 30.63 61.91 11.28
C GLY N 428 30.87 60.47 10.89
N LEU N 429 30.67 60.13 9.62
CA LEU N 429 30.95 58.79 9.13
C LEU N 429 32.38 58.59 8.63
N GLY N 430 33.02 59.64 8.10
CA GLY N 430 34.30 59.48 7.46
C GLY N 430 34.17 59.11 6.01
N GLU N 431 35.16 59.53 5.21
CA GLU N 431 35.07 59.37 3.77
C GLU N 431 35.04 57.89 3.37
N HIS N 432 35.89 57.07 3.98
CA HIS N 432 35.96 55.66 3.62
C HIS N 432 34.63 54.96 3.89
N ILE N 433 34.12 55.10 5.12
CA ILE N 433 32.87 54.45 5.48
C ILE N 433 31.72 54.99 4.65
N PHE N 434 31.68 56.30 4.43
CA PHE N 434 30.61 56.89 3.65
C PHE N 434 30.59 56.34 2.24
N GLU N 435 31.75 56.31 1.57
CA GLU N 435 31.79 55.82 0.20
C GLU N 435 31.40 54.36 0.11
N HIS N 436 31.93 53.52 1.01
CA HIS N 436 31.63 52.10 0.90
C HIS N 436 30.16 51.82 1.26
N PHE N 437 29.62 52.52 2.26
CA PHE N 437 28.21 52.38 2.60
C PHE N 437 27.32 52.79 1.46
N ILE N 438 27.64 53.92 0.80
CA ILE N 438 26.84 54.38 -0.32
C ILE N 438 26.89 53.38 -1.45
N GLU N 439 28.07 52.85 -1.76
CA GLU N 439 28.19 51.87 -2.83
C GLU N 439 27.35 50.63 -2.55
N ALA N 440 27.49 50.08 -1.34
CA ALA N 440 26.75 48.87 -1.00
C ALA N 440 25.24 49.11 -1.03
N LYS N 441 24.79 50.24 -0.50
CA LYS N 441 23.36 50.50 -0.43
C LYS N 441 22.78 50.78 -1.81
N THR N 442 23.54 51.46 -2.68
CA THR N 442 23.07 51.66 -4.05
C THR N 442 22.98 50.33 -4.79
N ILE N 443 23.94 49.44 -4.57
CA ILE N 443 23.87 48.08 -5.20
C ILE N 443 22.61 47.39 -4.69
N GLU N 444 22.34 47.48 -3.38
CA GLU N 444 21.16 46.82 -2.78
C GLU N 444 19.88 47.39 -3.41
N CYS N 445 19.80 48.71 -3.55
CA CYS N 445 18.61 49.34 -4.11
C CYS N 445 18.41 48.94 -5.57
N ASP N 446 19.49 48.91 -6.35
CA ASP N 446 19.39 48.49 -7.74
C ASP N 446 18.95 47.03 -7.83
N MET N 447 19.47 46.17 -6.96
CA MET N 447 19.08 44.77 -6.97
C MET N 447 17.61 44.61 -6.66
N PHE N 448 17.10 45.38 -5.69
CA PHE N 448 15.68 45.27 -5.34
C PHE N 448 14.79 45.87 -6.41
N ARG N 449 15.23 46.94 -7.07
CA ARG N 449 14.37 47.65 -8.01
C ARG N 449 14.07 46.81 -9.24
N THR N 450 15.05 46.07 -9.75
CA THR N 450 14.89 45.31 -10.98
C THR N 450 14.28 43.94 -10.77
N ALA N 451 14.06 43.52 -9.53
CA ALA N 451 13.48 42.21 -9.27
C ALA N 451 11.99 42.21 -9.57
N VAL N 452 11.47 41.03 -9.89
CA VAL N 452 10.05 40.83 -10.14
C VAL N 452 9.51 40.01 -8.98
N HIS N 453 8.57 40.57 -8.25
CA HIS N 453 8.06 39.93 -7.04
C HIS N 453 6.74 39.21 -7.33
N PRO N 454 6.42 38.18 -6.54
CA PRO N 454 5.14 37.49 -6.74
C PRO N 454 3.93 38.38 -6.55
N TRP N 455 4.09 39.50 -5.84
CA TRP N 455 2.99 40.47 -5.70
C TRP N 455 2.57 40.93 -7.09
N GLU N 456 3.55 41.29 -7.94
CA GLU N 456 3.25 41.79 -9.27
C GLU N 456 2.52 40.74 -10.10
N ARG N 457 2.93 39.49 -10.01
CA ARG N 457 2.24 38.42 -10.73
C ARG N 457 0.81 38.24 -10.21
N GLU N 458 0.63 38.26 -8.90
CA GLU N 458 -0.71 38.11 -8.35
C GLU N 458 -1.61 39.28 -8.74
N GLN N 459 -1.03 40.45 -8.99
CA GLN N 459 -1.84 41.60 -9.34
C GLN N 459 -2.06 41.78 -10.84
N TYR N 460 -1.17 41.24 -11.68
CA TYR N 460 -1.31 41.55 -13.14
C TYR N 460 -1.28 40.32 -14.06
N LEU N 461 -0.86 39.15 -13.59
CA LEU N 461 -0.73 38.02 -14.51
C LEU N 461 -2.08 37.66 -15.12
N GLU N 462 -3.15 37.67 -14.33
CA GLU N 462 -4.47 37.31 -14.83
C GLU N 462 -5.23 38.50 -15.38
N ILE N 463 -5.09 39.67 -14.76
CA ILE N 463 -5.82 40.85 -15.22
C ILE N 463 -5.35 41.27 -16.60
N TYR N 464 -4.04 41.28 -16.82
CA TYR N 464 -3.48 41.69 -18.11
C TYR N 464 -2.89 40.49 -18.84
N ALA O 22 1.20 43.69 57.82
CA ALA O 22 2.53 43.46 57.27
C ALA O 22 3.00 42.03 57.56
N LYS O 23 2.85 41.16 56.56
CA LYS O 23 3.25 39.76 56.70
C LYS O 23 4.70 39.53 56.35
N TYR O 24 5.24 40.25 55.37
CA TYR O 24 6.64 40.14 54.98
C TYR O 24 7.27 41.52 54.91
N THR O 25 8.58 41.56 55.10
CA THR O 25 9.38 42.77 54.95
C THR O 25 10.39 42.55 53.82
N LYS O 26 11.15 43.61 53.52
CA LYS O 26 12.15 43.52 52.47
C LYS O 26 13.20 42.46 52.80
N GLU O 27 13.66 42.43 54.05
CA GLU O 27 14.65 41.45 54.46
C GLU O 27 14.11 40.03 54.32
N ASP O 28 12.84 39.84 54.66
CA ASP O 28 12.22 38.52 54.48
C ASP O 28 12.22 38.11 53.01
N ILE O 29 11.91 39.05 52.12
CA ILE O 29 11.89 38.74 50.69
C ILE O 29 13.29 38.38 50.20
N PHE O 30 14.30 39.14 50.64
CA PHE O 30 15.67 38.83 50.24
C PHE O 30 16.09 37.46 50.76
N ARG O 31 15.74 37.14 52.00
CA ARG O 31 16.08 35.84 52.56
C ARG O 31 15.40 34.72 51.80
N PHE O 32 14.11 34.91 51.45
CA PHE O 32 13.42 33.89 50.67
C PHE O 32 14.07 33.70 49.31
N ALA O 33 14.40 34.80 48.64
CA ALA O 33 15.04 34.69 47.33
C ALA O 33 16.38 33.98 47.42
N ASP O 34 17.14 34.25 48.47
CA ASP O 34 18.44 33.59 48.63
C ASP O 34 18.27 32.11 48.93
N GLU O 35 17.36 31.76 49.83
CA GLU O 35 17.28 30.38 50.29
C GLU O 35 16.58 29.46 49.29
N GLN O 36 15.55 29.93 48.61
CA GLN O 36 14.87 29.08 47.63
C GLN O 36 15.53 29.10 46.26
N ASN O 37 16.58 29.89 46.08
CA ASN O 37 17.35 29.93 44.84
C ASN O 37 16.46 30.28 43.64
N VAL O 38 15.91 31.48 43.67
CA VAL O 38 15.09 31.99 42.58
C VAL O 38 15.95 32.92 41.73
N LYS O 39 15.83 32.78 40.41
CA LYS O 39 16.56 33.62 39.47
C LYS O 39 15.66 34.49 38.61
N PHE O 40 14.35 34.30 38.72
CA PHE O 40 13.39 35.10 37.92
C PHE O 40 12.22 35.56 38.78
N ILE O 41 11.81 36.83 38.65
CA ILE O 41 10.64 37.37 39.40
C ILE O 41 9.65 38.00 38.41
N ARG O 42 8.39 37.56 38.44
CA ARG O 42 7.36 38.08 37.51
C ARG O 42 6.53 39.16 38.22
N LEU O 43 6.85 40.43 38.00
CA LEU O 43 6.08 41.51 38.60
C LEU O 43 4.80 41.65 37.80
N GLN O 44 3.68 41.19 38.36
CA GLN O 44 2.45 41.05 37.59
C GLN O 44 1.38 42.02 38.06
N PHE O 45 0.42 42.24 37.18
CA PHE O 45 -0.71 43.15 37.41
C PHE O 45 -1.84 42.73 36.48
N THR O 46 -2.96 43.43 36.58
CA THR O 46 -4.15 43.12 35.82
C THR O 46 -4.60 44.35 35.05
N ASP O 47 -4.89 44.18 33.77
CA ASP O 47 -5.33 45.29 32.93
C ASP O 47 -6.84 45.47 33.07
N ILE O 48 -7.42 46.38 32.27
CA ILE O 48 -8.85 46.64 32.35
C ILE O 48 -9.64 45.41 31.94
N LEU O 49 -9.22 44.73 30.87
CA LEU O 49 -9.96 43.60 30.36
C LEU O 49 -9.88 42.36 31.25
N GLY O 50 -9.03 42.38 32.27
CA GLY O 50 -8.88 41.24 33.16
C GLY O 50 -7.74 40.31 32.83
N ILE O 51 -7.00 40.56 31.77
CA ILE O 51 -5.87 39.70 31.40
C ILE O 51 -4.72 39.98 32.35
N ILE O 52 -4.10 38.91 32.84
CA ILE O 52 -2.96 39.03 33.73
C ILE O 52 -1.72 39.33 32.89
N LYS O 53 -1.07 40.45 33.16
CA LYS O 53 0.15 40.85 32.47
C LYS O 53 1.27 40.95 33.48
N ASN O 54 2.52 40.98 32.98
CA ASN O 54 3.67 40.97 33.92
C ASN O 54 4.96 41.43 33.26
N VAL O 55 5.90 41.95 34.05
CA VAL O 55 7.25 42.29 33.52
C VAL O 55 8.21 41.31 34.20
N GLU O 56 9.13 40.72 33.43
CA GLU O 56 10.01 39.67 34.02
C GLU O 56 11.41 40.24 34.29
N ILE O 57 11.89 40.12 35.53
CA ILE O 57 13.21 40.69 35.90
C ILE O 57 14.08 39.61 36.56
N PRO O 58 15.43 39.61 36.37
CA PRO O 58 16.30 38.66 37.06
C PRO O 58 16.35 38.98 38.55
N VAL O 59 16.82 37.99 39.33
CA VAL O 59 16.90 38.18 40.77
C VAL O 59 17.85 39.31 41.13
N SER O 60 18.85 39.57 40.29
CA SER O 60 19.81 40.63 40.56
C SER O 60 19.17 42.00 40.62
N GLN O 61 18.01 42.18 39.97
CA GLN O 61 17.28 43.44 40.01
C GLN O 61 16.29 43.50 41.15
N LEU O 62 16.18 42.44 41.96
CA LEU O 62 15.14 42.37 42.97
C LEU O 62 15.20 43.57 43.92
N LYS O 63 16.40 43.94 44.36
CA LYS O 63 16.54 45.09 45.24
C LYS O 63 15.91 46.33 44.62
N LYS O 64 16.22 46.59 43.35
CA LYS O 64 15.61 47.73 42.67
C LYS O 64 14.10 47.59 42.64
N ALA O 65 13.60 46.38 42.41
CA ALA O 65 12.16 46.15 42.41
C ALA O 65 11.56 46.50 43.76
N LEU O 66 12.30 46.24 44.85
CA LEU O 66 11.80 46.57 46.17
C LEU O 66 11.98 48.04 46.51
N ASP O 67 12.67 48.80 45.68
CA ASP O 67 12.82 50.23 45.87
C ASP O 67 11.79 51.04 45.12
N ASN O 68 10.84 50.37 44.46
CA ASN O 68 9.79 51.04 43.67
C ASN O 68 10.39 51.94 42.60
N LYS O 69 11.42 51.43 41.92
CA LYS O 69 12.11 52.20 40.88
C LYS O 69 11.97 51.60 39.49
N ILE O 70 11.20 50.52 39.33
CA ILE O 70 11.04 49.91 38.02
C ILE O 70 10.03 50.71 37.20
N MET O 71 10.43 51.07 35.98
CA MET O 71 9.56 51.77 35.04
C MET O 71 9.05 50.80 33.99
N PHE O 72 7.82 51.03 33.55
CA PHE O 72 7.25 50.24 32.46
C PHE O 72 6.20 51.09 31.75
N ASP O 73 5.59 50.50 30.71
CA ASP O 73 4.59 51.18 29.90
C ASP O 73 3.22 50.95 30.53
N GLY O 74 2.64 52.02 31.10
CA GLY O 74 1.33 51.89 31.72
C GLY O 74 0.19 51.74 30.75
N SER O 75 0.40 52.14 29.48
CA SER O 75 -0.67 52.04 28.49
C SER O 75 -1.13 50.60 28.28
N SER O 76 -0.28 49.62 28.60
CA SER O 76 -0.70 48.23 28.47
C SER O 76 -1.90 47.92 29.35
N ILE O 77 -2.06 48.65 30.46
CA ILE O 77 -3.23 48.47 31.30
C ILE O 77 -4.50 48.76 30.53
N GLU O 78 -4.45 49.72 29.61
CA GLU O 78 -5.61 50.03 28.79
C GLU O 78 -5.97 48.92 27.82
N GLY O 79 -5.10 47.93 27.63
CA GLY O 79 -5.40 46.83 26.74
C GLY O 79 -5.06 47.12 25.30
N PHE O 80 -5.93 46.72 24.37
CA PHE O 80 -5.64 46.90 22.93
C PHE O 80 -6.01 48.32 22.47
N VAL O 81 -6.74 49.08 23.30
CA VAL O 81 -7.20 50.40 22.91
C VAL O 81 -6.16 51.44 23.31
N ARG O 82 -4.97 50.99 23.68
CA ARG O 82 -3.90 51.91 24.03
C ARG O 82 -3.46 52.70 22.82
N ILE O 83 -3.06 53.95 23.06
CA ILE O 83 -2.67 54.86 21.99
C ILE O 83 -1.25 55.36 22.22
N GLU O 84 -1.04 56.04 23.34
CA GLU O 84 0.23 56.70 23.62
C GLU O 84 0.96 56.00 24.76
N GLU O 85 2.27 55.81 24.58
CA GLU O 85 3.09 55.21 25.62
C GLU O 85 3.19 56.14 26.82
N SER O 86 3.01 55.58 28.01
CA SER O 86 3.08 56.34 29.25
C SER O 86 3.93 55.57 30.25
N ASP O 87 4.92 56.26 30.82
CA ASP O 87 5.82 55.64 31.80
C ASP O 87 5.15 55.59 33.17
N MET O 88 5.30 54.47 33.85
CA MET O 88 4.68 54.30 35.16
C MET O 88 5.54 53.39 36.01
N TYR O 89 5.45 53.59 37.33
CA TYR O 89 6.20 52.81 38.29
C TYR O 89 5.49 51.49 38.60
N LEU O 90 6.18 50.62 39.32
CA LEU O 90 5.74 49.24 39.54
C LEU O 90 5.88 48.85 41.00
N PHE O 91 5.31 49.67 41.89
CA PHE O 91 5.25 49.40 43.32
C PHE O 91 4.76 47.98 43.60
N PRO O 92 5.60 47.09 44.09
CA PRO O 92 5.16 45.71 44.37
C PRO O 92 4.55 45.59 45.76
N ASP O 93 3.84 44.49 45.96
CA ASP O 93 3.23 44.15 47.23
C ASP O 93 4.00 42.99 47.85
N LEU O 94 4.54 43.21 49.04
CA LEU O 94 5.40 42.21 49.67
C LEU O 94 4.60 40.98 50.11
N ASP O 95 3.36 41.18 50.55
CA ASP O 95 2.56 40.08 51.07
C ASP O 95 2.13 39.08 49.99
N THR O 96 2.31 39.41 48.71
CA THR O 96 1.90 38.55 47.62
C THR O 96 3.04 37.70 47.08
N TRP O 97 4.12 37.54 47.83
CA TRP O 97 5.27 36.77 47.36
C TRP O 97 4.91 35.29 47.35
N VAL O 98 4.91 34.69 46.16
CA VAL O 98 4.61 33.27 45.98
C VAL O 98 5.64 32.69 45.03
N VAL O 99 6.22 31.55 45.41
CA VAL O 99 7.21 30.86 44.60
C VAL O 99 6.52 29.72 43.88
N PHE O 100 6.64 29.69 42.56
CA PHE O 100 6.00 28.64 41.76
C PHE O 100 6.76 27.33 41.95
N PRO O 101 6.05 26.20 41.98
CA PRO O 101 6.74 24.91 42.14
C PRO O 101 7.23 24.29 40.84
N TRP O 102 6.57 24.60 39.72
CA TRP O 102 6.91 24.01 38.42
C TRP O 102 7.99 24.87 37.76
N THR O 103 9.19 24.87 38.34
CA THR O 103 10.26 25.67 37.77
C THR O 103 11.55 24.87 37.51
N ALA O 104 11.52 23.54 37.60
CA ALA O 104 12.71 22.70 37.37
C ALA O 104 13.80 23.11 38.36
N GLU O 105 15.06 22.99 37.97
CA GLU O 105 16.18 23.28 38.85
C GLU O 105 17.02 24.47 38.40
N LYS O 106 16.84 24.95 37.16
CA LYS O 106 17.62 26.08 36.67
C LYS O 106 17.03 27.39 37.19
N GLY O 107 16.98 27.55 38.50
CA GLY O 107 16.40 28.74 39.11
C GLY O 107 14.89 28.66 39.18
N LYS O 108 14.32 29.12 40.30
CA LYS O 108 12.88 29.12 40.49
C LYS O 108 12.30 30.46 40.07
N VAL O 109 10.97 30.50 39.99
CA VAL O 109 10.24 31.69 39.57
C VAL O 109 9.29 32.09 40.67
N ALA O 110 9.29 33.37 41.02
CA ALA O 110 8.39 33.92 42.02
C ALA O 110 7.69 35.14 41.45
N ARG O 111 6.54 35.47 42.03
CA ARG O 111 5.76 36.60 41.56
C ARG O 111 5.33 37.47 42.74
N MET O 112 5.08 38.74 42.44
CA MET O 112 4.45 39.66 43.38
C MET O 112 3.51 40.57 42.61
N ILE O 113 2.25 40.64 43.04
CA ILE O 113 1.32 41.58 42.45
C ILE O 113 1.77 43.00 42.79
N CYS O 114 1.81 43.86 41.77
CA CYS O 114 2.35 45.20 41.91
C CYS O 114 1.25 46.25 41.70
N ASP O 115 1.41 47.37 42.39
CA ASP O 115 0.57 48.54 42.17
C ASP O 115 1.21 49.44 41.11
N ILE O 116 0.38 50.20 40.41
CA ILE O 116 0.84 51.09 39.36
C ILE O 116 0.78 52.53 39.88
N TYR O 117 1.90 53.24 39.77
CA TYR O 117 2.02 54.59 40.28
C TYR O 117 2.47 55.54 39.18
N ASN O 118 1.94 56.75 39.21
CA ASN O 118 2.38 57.78 38.28
C ASN O 118 3.80 58.21 38.60
N PRO O 119 4.51 58.79 37.64
CA PRO O 119 5.87 59.29 37.92
C PRO O 119 5.92 60.34 39.01
N ASP O 120 4.79 61.00 39.32
CA ASP O 120 4.72 61.96 40.42
C ASP O 120 4.32 61.30 41.73
N MET O 121 4.63 60.02 41.89
CA MET O 121 4.47 59.29 43.15
C MET O 121 3.02 59.19 43.58
N THR O 122 2.10 59.13 42.62
CA THR O 122 0.67 59.05 42.88
C THR O 122 0.11 57.79 42.22
N PRO O 123 -0.75 57.04 42.91
CA PRO O 123 -1.30 55.82 42.29
C PRO O 123 -2.08 56.13 41.02
N PHE O 124 -1.93 55.25 40.04
CA PHE O 124 -2.57 55.45 38.74
C PHE O 124 -4.08 55.24 38.85
N ALA O 125 -4.84 56.19 38.32
CA ALA O 125 -6.30 56.09 38.38
C ALA O 125 -6.84 55.00 37.45
N GLY O 126 -6.09 54.63 36.42
CA GLY O 126 -6.52 53.60 35.50
C GLY O 126 -6.22 52.19 35.91
N ASP O 127 -5.64 51.99 37.10
CA ASP O 127 -5.32 50.66 37.59
C ASP O 127 -6.51 50.11 38.35
N PRO O 128 -7.05 48.94 37.97
CA PRO O 128 -8.21 48.40 38.71
C PRO O 128 -7.93 48.18 40.18
N ARG O 129 -6.73 47.72 40.54
CA ARG O 129 -6.40 47.50 41.94
C ARG O 129 -6.39 48.81 42.72
N ALA O 130 -5.83 49.87 42.14
CA ALA O 130 -5.84 51.17 42.81
C ALA O 130 -7.26 51.70 42.96
N ASN O 131 -8.10 51.47 41.94
CA ASN O 131 -9.49 51.88 42.03
C ASN O 131 -10.21 51.14 43.17
N LEU O 132 -9.96 49.85 43.28
CA LEU O 132 -10.56 49.08 44.38
C LEU O 132 -10.06 49.59 45.73
N LYS O 133 -8.77 49.94 45.81
CA LYS O 133 -8.25 50.49 47.06
C LYS O 133 -8.92 51.82 47.39
N ARG O 134 -9.17 52.66 46.38
CA ARG O 134 -9.86 53.92 46.61
C ARG O 134 -11.28 53.70 47.12
N VAL O 135 -11.99 52.74 46.51
CA VAL O 135 -13.35 52.45 46.97
C VAL O 135 -13.34 51.91 48.39
N LEU O 136 -12.36 51.07 48.72
CA LEU O 136 -12.24 50.58 50.09
C LEU O 136 -11.93 51.70 51.07
N LYS O 137 -11.14 52.68 50.63
CA LYS O 137 -10.88 53.85 51.47
C LYS O 137 -12.17 54.62 51.73
N GLU O 138 -13.01 54.77 50.70
CA GLU O 138 -14.31 55.41 50.90
C GLU O 138 -15.16 54.64 51.90
N MET O 139 -15.17 53.31 51.77
CA MET O 139 -15.95 52.48 52.69
C MET O 139 -15.45 52.65 54.13
N GLU O 140 -14.13 52.65 54.32
CA GLU O 140 -13.57 52.88 55.64
C GLU O 140 -13.93 54.26 56.16
N GLU O 141 -13.98 55.25 55.27
CA GLU O 141 -14.41 56.58 55.67
C GLU O 141 -15.85 56.57 56.17
N LEU O 142 -16.71 55.77 55.55
CA LEU O 142 -18.09 55.71 56.02
C LEU O 142 -18.24 55.02 57.39
N GLY O 143 -17.27 54.21 57.80
CA GLY O 143 -17.30 53.65 59.14
C GLY O 143 -17.03 52.16 59.25
N PHE O 144 -16.94 51.46 58.12
CA PHE O 144 -16.72 50.03 58.14
C PHE O 144 -15.23 49.71 58.08
N THR O 145 -14.88 48.47 58.42
CA THR O 145 -13.50 48.04 58.50
C THR O 145 -13.06 47.24 57.27
N GLU O 146 -13.77 46.17 56.94
CA GLU O 146 -13.34 45.31 55.84
C GLU O 146 -14.54 44.78 55.08
N PHE O 147 -14.26 44.32 53.86
CA PHE O 147 -15.25 43.78 52.93
C PHE O 147 -14.81 42.36 52.57
N ASN O 148 -15.27 41.38 53.34
CA ASN O 148 -14.87 40.00 53.09
C ASN O 148 -15.63 39.44 51.89
N LEU O 149 -14.93 38.68 51.07
CA LEU O 149 -15.51 38.09 49.87
C LEU O 149 -15.09 36.64 49.72
N GLY O 150 -16.03 35.80 49.35
CA GLY O 150 -15.76 34.45 48.98
C GLY O 150 -16.34 34.13 47.61
N PRO O 151 -15.47 33.83 46.65
CA PRO O 151 -15.93 33.50 45.31
C PRO O 151 -16.14 32.00 45.12
N GLU O 152 -17.02 31.68 44.17
CA GLU O 152 -17.32 30.30 43.81
C GLU O 152 -17.11 30.12 42.30
N PRO O 153 -15.87 30.06 41.86
CA PRO O 153 -15.61 29.93 40.42
C PRO O 153 -15.83 28.51 39.92
N GLU O 154 -16.37 28.41 38.71
CA GLU O 154 -16.60 27.14 38.04
C GLU O 154 -15.86 27.14 36.71
N PHE O 155 -15.29 25.99 36.34
CA PHE O 155 -14.52 25.91 35.11
C PHE O 155 -14.80 24.60 34.40
N PHE O 156 -14.55 24.62 33.09
CA PHE O 156 -14.74 23.46 32.23
C PHE O 156 -13.38 22.88 31.84
N LEU O 157 -13.34 21.56 31.70
CA LEU O 157 -12.13 20.85 31.28
C LEU O 157 -12.40 20.16 29.94
N PHE O 158 -11.55 20.43 28.96
CA PHE O 158 -11.68 19.87 27.63
C PHE O 158 -10.42 19.08 27.29
N LYS O 159 -10.58 18.05 26.46
CA LYS O 159 -9.45 17.26 26.02
C LYS O 159 -8.70 17.96 24.90
N LEU O 160 -7.38 17.88 24.95
CA LEU O 160 -6.54 18.48 23.91
C LEU O 160 -6.43 17.54 22.72
N ASP O 161 -6.08 18.11 21.57
CA ASP O 161 -5.93 17.36 20.34
C ASP O 161 -4.48 16.88 20.19
N GLU O 162 -4.16 16.31 19.03
CA GLU O 162 -2.79 15.86 18.79
C GLU O 162 -1.82 17.03 18.77
N ASN O 163 -2.24 18.17 18.20
CA ASN O 163 -1.40 19.36 18.13
C ASN O 163 -1.53 20.23 19.38
N ARG O 164 -1.95 19.65 20.50
CA ARG O 164 -2.09 20.36 21.77
C ARG O 164 -3.06 21.54 21.63
N ARG O 165 -4.13 21.34 20.87
CA ARG O 165 -5.16 22.35 20.71
C ARG O 165 -6.44 21.89 21.39
N PRO O 166 -7.17 22.79 22.05
CA PRO O 166 -8.40 22.37 22.73
C PRO O 166 -9.44 21.86 21.75
N THR O 167 -10.18 20.84 22.18
CA THR O 167 -11.28 20.28 21.41
C THR O 167 -12.59 20.57 22.12
N LEU O 168 -13.68 20.04 21.59
CA LEU O 168 -15.00 20.22 22.18
C LEU O 168 -15.43 19.04 23.01
N GLU O 169 -14.54 18.09 23.28
CA GLU O 169 -14.87 16.89 24.03
C GLU O 169 -14.51 17.09 25.50
N LEU O 170 -15.50 16.88 26.37
CA LEU O 170 -15.30 17.05 27.80
C LEU O 170 -14.50 15.87 28.37
N ASN O 171 -13.87 16.13 29.53
CA ASN O 171 -13.02 15.11 30.13
C ASN O 171 -13.82 13.98 30.77
N ASP O 172 -15.01 14.28 31.28
CA ASP O 172 -15.84 13.24 31.88
C ASP O 172 -17.30 13.64 31.78
N SER O 173 -18.17 12.63 31.80
CA SER O 173 -19.62 12.85 31.79
C SER O 173 -20.17 12.71 33.20
N GLY O 174 -19.80 13.68 34.04
CA GLY O 174 -20.17 13.68 35.44
C GLY O 174 -21.52 14.31 35.70
N GLY O 175 -21.80 14.53 36.99
CA GLY O 175 -23.05 15.11 37.41
C GLY O 175 -22.84 16.00 38.61
N TYR O 176 -23.94 16.53 39.14
CA TYR O 176 -23.87 17.46 40.25
C TYR O 176 -23.52 16.72 41.53
N PHE O 177 -22.37 17.08 42.12
CA PHE O 177 -21.86 16.47 43.34
C PHE O 177 -21.58 14.98 43.17
N ASP O 178 -21.44 14.50 41.94
CA ASP O 178 -21.25 13.08 41.69
C ASP O 178 -19.78 12.70 41.87
N LEU O 179 -19.57 11.44 42.22
CA LEU O 179 -18.22 10.87 42.35
C LEU O 179 -17.80 10.32 40.99
N ALA O 180 -17.73 11.22 40.02
CA ALA O 180 -17.51 10.85 38.62
C ALA O 180 -16.04 10.57 38.31
N PRO O 181 -15.04 11.44 38.62
CA PRO O 181 -13.66 11.18 38.24
C PRO O 181 -13.10 9.95 38.98
N THR O 182 -13.64 9.62 40.17
CA THR O 182 -13.24 8.44 40.94
C THR O 182 -11.74 8.40 41.20
N ASP O 183 -11.26 7.26 41.68
CA ASP O 183 -9.86 7.05 42.02
C ASP O 183 -9.13 6.44 40.82
N LEU O 184 -7.94 5.90 41.08
CA LEU O 184 -7.14 5.19 40.07
C LEU O 184 -6.71 6.12 38.93
N GLY O 185 -6.00 7.20 39.27
CA GLY O 185 -5.45 8.07 38.27
C GLY O 185 -6.43 9.14 37.81
N GLU O 186 -5.94 9.99 36.91
CA GLU O 186 -6.68 11.13 36.37
C GLU O 186 -7.14 11.98 37.55
N ASN O 187 -8.45 12.26 37.63
CA ASN O 187 -8.99 13.16 38.70
C ASN O 187 -8.18 14.45 38.71
N CYS O 188 -8.23 15.21 37.60
CA CYS O 188 -7.48 16.49 37.50
C CYS O 188 -7.84 17.39 38.69
N ARG O 189 -9.13 17.47 39.03
CA ARG O 189 -9.58 18.33 40.15
C ARG O 189 -8.77 18.01 41.42
N ARG O 190 -8.67 16.73 41.77
CA ARG O 190 -7.90 16.30 42.98
C ARG O 190 -6.46 16.82 42.88
N ASP O 191 -5.80 16.56 41.76
CA ASP O 191 -4.40 17.03 41.56
C ASP O 191 -4.34 18.55 41.73
N ILE O 192 -5.25 19.28 41.07
CA ILE O 192 -5.25 20.78 41.13
C ILE O 192 -5.33 21.24 42.60
N VAL O 193 -6.35 20.79 43.34
CA VAL O 193 -6.56 21.29 44.73
C VAL O 193 -5.34 20.90 45.59
N LEU O 194 -4.73 19.73 45.36
CA LEU O 194 -3.53 19.39 46.12
C LEU O 194 -2.41 20.39 45.88
N GLU O 195 -2.16 20.75 44.61
CA GLU O 195 -1.12 21.73 44.33
C GLU O 195 -1.50 23.12 44.83
N LEU O 196 -2.78 23.47 44.80
CA LEU O 196 -3.20 24.75 45.37
C LEU O 196 -2.96 24.79 46.88
N GLU O 197 -3.25 23.68 47.57
CA GLU O 197 -2.96 23.61 49.00
C GLU O 197 -1.46 23.72 49.26
N GLU O 198 -0.65 23.05 48.42
CA GLU O 198 0.79 23.13 48.57
C GLU O 198 1.29 24.55 48.36
N MET O 199 0.75 25.26 47.38
CA MET O 199 1.16 26.62 47.08
C MET O 199 0.74 27.62 48.15
N GLY O 200 -0.14 27.23 49.06
CA GLY O 200 -0.56 28.13 50.12
C GLY O 200 -1.90 28.79 49.87
N PHE O 201 -2.87 28.00 49.42
CA PHE O 201 -4.22 28.48 49.18
C PHE O 201 -5.16 27.89 50.22
N GLU O 202 -6.12 28.69 50.66
CA GLU O 202 -7.12 28.25 51.64
C GLU O 202 -8.33 27.74 50.87
N ILE O 203 -8.38 26.43 50.66
CA ILE O 203 -9.46 25.80 49.91
C ILE O 203 -10.46 25.21 50.90
N GLU O 204 -11.73 25.61 50.75
CA GLU O 204 -12.79 25.12 51.66
C GLU O 204 -13.27 23.75 51.17
N ALA O 205 -13.73 23.68 49.91
CA ALA O 205 -14.24 22.41 49.35
C ALA O 205 -14.02 22.37 47.84
N SER O 206 -14.36 21.24 47.20
CA SER O 206 -14.23 21.08 45.73
C SER O 206 -15.16 19.96 45.27
N HIS O 207 -15.98 20.19 44.24
CA HIS O 207 -16.97 19.16 43.82
C HIS O 207 -17.24 19.23 42.31
N HIS O 208 -18.04 18.30 41.79
CA HIS O 208 -18.42 18.30 40.35
C HIS O 208 -19.70 19.13 40.17
N GLU O 209 -19.76 19.94 39.11
CA GLU O 209 -20.90 20.79 38.87
C GLU O 209 -21.95 20.04 38.03
N VAL O 210 -23.05 20.72 37.72
CA VAL O 210 -24.17 20.07 37.02
C VAL O 210 -23.72 19.60 35.64
N ALA O 211 -23.04 20.46 34.90
CA ALA O 211 -22.65 20.13 33.54
C ALA O 211 -21.54 19.07 33.55
N PRO O 212 -21.52 18.19 32.56
CA PRO O 212 -20.40 17.26 32.43
C PRO O 212 -19.09 18.02 32.20
N GLY O 213 -18.03 17.55 32.83
CA GLY O 213 -16.75 18.22 32.70
C GLY O 213 -16.64 19.56 33.37
N GLN O 214 -17.60 19.92 34.23
CA GLN O 214 -17.60 21.19 34.93
C GLN O 214 -17.30 20.97 36.40
N HIS O 215 -16.33 21.71 36.93
CA HIS O 215 -15.91 21.51 38.34
C HIS O 215 -15.95 22.84 39.11
N GLU O 216 -16.15 22.78 40.43
CA GLU O 216 -16.20 24.02 41.26
C GLU O 216 -15.31 23.88 42.48
N ILE O 217 -14.39 24.84 42.69
CA ILE O 217 -13.54 24.83 43.87
C ILE O 217 -13.83 26.10 44.66
N ASP O 218 -14.08 25.94 45.96
CA ASP O 218 -14.47 27.04 46.82
C ASP O 218 -13.28 27.54 47.64
N PHE O 219 -13.27 28.83 47.92
CA PHE O 219 -12.20 29.47 48.66
C PHE O 219 -12.67 29.83 50.07
N LYS O 220 -11.70 30.20 50.90
CA LYS O 220 -12.00 30.80 52.19
C LYS O 220 -12.23 32.30 52.02
N TYR O 221 -12.90 32.90 53.00
CA TYR O 221 -13.28 34.30 52.89
C TYR O 221 -12.14 35.18 53.37
N GLU O 222 -11.61 36.00 52.47
CA GLU O 222 -10.53 36.93 52.78
C GLU O 222 -10.96 38.35 52.43
N ASP O 223 -10.02 39.28 52.53
CA ASP O 223 -10.28 40.66 52.15
C ASP O 223 -10.54 40.76 50.66
N ALA O 224 -11.06 41.92 50.24
CA ALA O 224 -11.40 42.12 48.83
C ALA O 224 -10.17 42.00 47.94
N ILE O 225 -9.11 42.72 48.27
CA ILE O 225 -7.90 42.71 47.45
C ILE O 225 -7.27 41.32 47.44
N THR O 226 -7.17 40.71 48.63
CA THR O 226 -6.59 39.37 48.71
C THR O 226 -7.44 38.36 47.95
N ALA O 227 -8.76 38.49 48.03
CA ALA O 227 -9.64 37.58 47.30
C ALA O 227 -9.46 37.72 45.79
N CYS O 228 -9.36 38.96 45.30
CA CYS O 228 -9.16 39.15 43.87
C CYS O 228 -7.81 38.60 43.41
N ASP O 229 -6.76 38.84 44.20
CA ASP O 229 -5.45 38.29 43.87
C ASP O 229 -5.49 36.78 43.84
N SER O 230 -6.17 36.17 44.82
CA SER O 230 -6.31 34.73 44.85
C SER O 230 -7.08 34.22 43.65
N ILE O 231 -8.08 34.98 43.19
CA ILE O 231 -8.84 34.58 42.00
C ILE O 231 -7.93 34.54 40.79
N GLN O 232 -7.13 35.59 40.59
CA GLN O 232 -6.23 35.64 39.45
C GLN O 232 -5.20 34.51 39.50
N THR O 233 -4.60 34.31 40.68
CA THR O 233 -3.61 33.24 40.82
C THR O 233 -4.27 31.88 40.61
N PHE O 234 -5.50 31.71 41.06
CA PHE O 234 -6.21 30.44 40.88
C PHE O 234 -6.44 30.16 39.41
N LYS O 235 -6.87 31.18 38.66
CA LYS O 235 -7.03 30.99 37.22
C LYS O 235 -5.73 30.56 36.56
N LEU O 236 -4.65 31.27 36.88
CA LEU O 236 -3.35 30.94 36.27
C LEU O 236 -2.92 29.52 36.62
N VAL O 237 -3.01 29.16 37.89
CA VAL O 237 -2.55 27.85 38.34
C VAL O 237 -3.41 26.74 37.75
N VAL O 238 -4.72 26.94 37.71
CA VAL O 238 -5.61 25.92 37.15
C VAL O 238 -5.30 25.71 35.68
N LYS O 239 -5.12 26.79 34.93
CA LYS O 239 -4.80 26.64 33.51
C LYS O 239 -3.49 25.90 33.32
N THR O 240 -2.46 26.26 34.09
CA THR O 240 -1.16 25.61 33.95
C THR O 240 -1.24 24.12 34.28
N ILE O 241 -1.91 23.77 35.38
CA ILE O 241 -1.97 22.37 35.79
C ILE O 241 -2.80 21.56 34.81
N ALA O 242 -3.90 22.14 34.30
CA ALA O 242 -4.69 21.43 33.30
C ALA O 242 -3.87 21.19 32.04
N ARG O 243 -3.09 22.19 31.61
CA ARG O 243 -2.20 21.98 30.48
C ARG O 243 -1.17 20.90 30.77
N LYS O 244 -0.76 20.76 32.04
CA LYS O 244 0.23 19.71 32.42
C LYS O 244 -0.34 18.33 32.10
N HIS O 245 -1.60 18.09 32.44
CA HIS O 245 -2.21 16.78 32.26
C HIS O 245 -2.91 16.64 30.92
N GLY O 246 -2.49 17.40 29.91
CA GLY O 246 -3.11 17.29 28.59
C GLY O 246 -4.56 17.69 28.55
N LEU O 247 -4.92 18.76 29.25
CA LEU O 247 -6.29 19.25 29.29
C LEU O 247 -6.27 20.77 29.13
N HIS O 248 -7.42 21.31 28.72
CA HIS O 248 -7.62 22.74 28.60
C HIS O 248 -8.69 23.15 29.59
N ALA O 249 -8.32 24.01 30.54
CA ALA O 249 -9.25 24.54 31.53
C ALA O 249 -9.73 25.90 31.05
N THR O 250 -11.04 26.04 30.87
CA THR O 250 -11.62 27.28 30.37
C THR O 250 -12.60 27.84 31.38
N PHE O 251 -12.59 29.17 31.50
CA PHE O 251 -13.52 29.91 32.34
C PHE O 251 -14.52 30.70 31.51
N MET O 252 -14.80 30.26 30.28
CA MET O 252 -15.80 30.91 29.46
C MET O 252 -17.17 30.75 30.12
N PRO O 253 -17.99 31.80 30.17
CA PRO O 253 -19.30 31.67 30.83
C PRO O 253 -20.19 30.60 30.24
N LYS O 254 -20.15 30.40 28.92
CA LYS O 254 -21.02 29.42 28.26
C LYS O 254 -20.30 28.85 27.06
N PRO O 255 -19.39 27.89 27.28
CA PRO O 255 -18.67 27.28 26.15
C PRO O 255 -19.58 26.48 25.23
N LEU O 256 -20.65 25.88 25.73
CA LEU O 256 -21.51 25.02 24.95
C LEU O 256 -22.97 25.42 25.11
N PHE O 257 -23.75 25.18 24.07
CA PHE O 257 -25.18 25.49 24.07
C PHE O 257 -25.96 24.33 24.66
N GLY O 258 -27.05 24.67 25.36
CA GLY O 258 -27.90 23.67 25.95
C GLY O 258 -27.34 23.01 27.19
N VAL O 259 -26.24 23.52 27.72
CA VAL O 259 -25.59 22.96 28.91
C VAL O 259 -25.42 24.09 29.91
N ASN O 260 -25.29 23.72 31.18
CA ASN O 260 -25.15 24.71 32.24
C ASN O 260 -23.89 25.55 32.02
N GLY O 261 -23.99 26.84 32.31
CA GLY O 261 -22.87 27.75 32.20
C GLY O 261 -22.02 27.76 33.44
N SER O 262 -20.98 28.59 33.41
CA SER O 262 -20.04 28.73 34.51
C SER O 262 -20.26 30.07 35.20
N GLY O 263 -20.36 30.03 36.52
CA GLY O 263 -20.57 31.24 37.29
C GLY O 263 -19.51 31.47 38.34
N MET O 264 -19.45 32.67 38.89
CA MET O 264 -18.48 33.04 39.92
C MET O 264 -19.20 33.77 41.05
N HIS O 265 -20.23 33.12 41.60
CA HIS O 265 -21.02 33.70 42.68
C HIS O 265 -20.12 34.31 43.75
N PHE O 266 -20.47 35.53 44.17
CA PHE O 266 -19.71 36.28 45.16
C PHE O 266 -20.52 36.33 46.46
N ASN O 267 -19.94 35.81 47.54
CA ASN O 267 -20.54 35.91 48.86
C ASN O 267 -19.81 37.03 49.59
N MET O 268 -20.48 38.16 49.78
CA MET O 268 -19.86 39.35 50.37
C MET O 268 -20.44 39.61 51.75
N SER O 269 -19.57 40.04 52.66
CA SER O 269 -19.96 40.44 54.00
C SER O 269 -19.20 41.71 54.39
N LEU O 270 -19.88 42.59 55.12
CA LEU O 270 -19.30 43.86 55.53
C LEU O 270 -19.06 43.83 57.03
N PHE O 271 -17.86 44.24 57.45
CA PHE O 271 -17.46 44.16 58.85
C PHE O 271 -17.23 45.55 59.43
N ASN O 272 -17.42 45.67 60.74
CA ASN O 272 -17.11 46.89 61.47
C ASN O 272 -16.26 46.57 62.69
N GLU O 273 -16.08 47.54 63.58
CA GLU O 273 -15.29 47.31 64.78
C GLU O 273 -15.92 46.24 65.67
N LYS O 274 -17.25 46.28 65.82
CA LYS O 274 -17.92 45.29 66.66
C LYS O 274 -17.83 43.90 66.06
N GLY O 275 -18.16 43.77 64.78
CA GLY O 275 -18.12 42.48 64.12
C GLY O 275 -18.76 42.49 62.75
N ASN O 276 -19.61 41.52 62.47
CA ASN O 276 -20.33 41.50 61.20
C ASN O 276 -21.44 42.53 61.20
N ALA O 277 -21.43 43.42 60.20
CA ALA O 277 -22.42 44.48 60.13
C ALA O 277 -23.75 44.00 59.55
N PHE O 278 -23.77 42.82 58.92
CA PHE O 278 -24.99 42.30 58.32
C PHE O 278 -25.83 41.47 59.28
N PHE O 279 -25.35 41.23 60.49
CA PHE O 279 -26.00 40.33 61.43
C PHE O 279 -26.68 41.13 62.53
N ASP O 280 -27.92 40.77 62.83
CA ASP O 280 -28.68 41.40 63.92
C ASP O 280 -29.70 40.38 64.41
N GLU O 281 -29.51 39.88 65.64
CA GLU O 281 -30.39 38.84 66.16
C GLU O 281 -31.81 39.36 66.34
N SER O 282 -32.00 40.66 66.52
CA SER O 282 -33.31 41.23 66.76
C SER O 282 -34.00 41.69 65.48
N GLY O 283 -33.34 41.57 64.32
CA GLY O 283 -33.93 42.03 63.08
C GLY O 283 -34.66 40.93 62.33
N GLU O 284 -35.48 41.35 61.37
CA GLU O 284 -36.20 40.41 60.53
C GLU O 284 -35.23 39.57 59.73
N LEU O 285 -35.47 38.25 59.69
CA LEU O 285 -34.59 37.29 59.05
C LEU O 285 -33.19 37.29 59.66
N GLU O 286 -33.06 37.81 60.88
CA GLU O 286 -31.77 37.99 61.55
C GLU O 286 -30.81 38.79 60.67
N LEU O 287 -31.34 39.85 60.06
CA LEU O 287 -30.56 40.72 59.19
C LEU O 287 -30.65 42.15 59.71
N SER O 288 -29.51 42.84 59.70
CA SER O 288 -29.47 44.22 60.17
C SER O 288 -30.01 45.17 59.12
N GLN O 289 -30.28 46.40 59.55
CA GLN O 289 -30.72 47.43 58.60
C GLN O 289 -29.62 47.74 57.58
N THR O 290 -28.36 47.58 57.97
CA THR O 290 -27.27 47.76 57.03
C THR O 290 -27.36 46.74 55.90
N ALA O 291 -27.69 45.49 56.22
CA ALA O 291 -27.83 44.47 55.20
C ALA O 291 -28.97 44.80 54.25
N TYR O 292 -30.09 45.29 54.77
CA TYR O 292 -31.22 45.65 53.91
C TYR O 292 -30.88 46.83 53.02
N HIS O 293 -30.16 47.83 53.56
CA HIS O 293 -29.73 48.94 52.72
C HIS O 293 -28.78 48.47 51.63
N PHE O 294 -27.87 47.55 51.97
CA PHE O 294 -26.96 46.99 50.96
C PHE O 294 -27.74 46.24 49.89
N LEU O 295 -28.75 45.48 50.28
CA LEU O 295 -29.59 44.80 49.30
C LEU O 295 -30.29 45.78 48.39
N ALA O 296 -30.85 46.85 48.96
CA ALA O 296 -31.55 47.85 48.15
C ALA O 296 -30.60 48.50 47.16
N GLY O 297 -29.39 48.85 47.61
CA GLY O 297 -28.41 49.43 46.70
C GLY O 297 -27.99 48.47 45.61
N MET O 298 -27.78 47.20 45.96
CA MET O 298 -27.36 46.21 44.99
C MET O 298 -28.44 45.97 43.94
N LEU O 299 -29.70 45.93 44.36
CA LEU O 299 -30.79 45.68 43.43
C LEU O 299 -31.10 46.90 42.58
N LYS O 300 -30.97 48.11 43.14
CA LYS O 300 -31.31 49.32 42.39
C LYS O 300 -30.40 49.50 41.19
N HIS O 301 -29.10 49.27 41.36
CA HIS O 301 -28.12 49.53 40.32
C HIS O 301 -27.66 48.27 39.60
N ALA O 302 -28.36 47.15 39.77
CA ALA O 302 -27.94 45.91 39.12
C ALA O 302 -27.93 46.06 37.60
N ARG O 303 -28.96 46.71 37.05
CA ARG O 303 -29.00 46.98 35.63
C ARG O 303 -27.81 47.84 35.20
N GLY O 304 -27.25 48.62 36.12
CA GLY O 304 -26.10 49.44 35.82
C GLY O 304 -24.79 48.68 35.73
N TYR O 305 -24.47 47.86 36.72
CA TYR O 305 -23.21 47.16 36.75
C TYR O 305 -23.27 45.77 36.12
N THR O 306 -24.40 45.40 35.52
CA THR O 306 -24.47 44.13 34.80
C THR O 306 -23.40 44.07 33.71
N ALA O 307 -23.10 45.21 33.08
CA ALA O 307 -22.05 45.23 32.06
C ALA O 307 -20.69 44.91 32.65
N VAL O 308 -20.38 45.46 33.83
CA VAL O 308 -19.08 45.21 34.44
C VAL O 308 -18.98 43.77 34.93
N THR O 309 -20.05 43.26 35.54
CA THR O 309 -20.00 41.89 36.05
C THR O 309 -20.04 40.85 34.94
N ASN O 310 -20.57 41.19 33.77
CA ASN O 310 -20.64 40.29 32.62
C ASN O 310 -20.09 41.03 31.41
N PRO O 311 -18.77 41.12 31.27
CA PRO O 311 -18.16 41.99 30.26
C PRO O 311 -17.97 41.38 28.89
N THR O 312 -18.34 40.13 28.67
CA THR O 312 -18.11 39.48 27.38
C THR O 312 -19.42 39.26 26.64
N ILE O 313 -19.30 39.08 25.33
CA ILE O 313 -20.47 38.76 24.51
C ILE O 313 -21.06 37.42 24.94
N ASN O 314 -20.21 36.42 25.15
CA ASN O 314 -20.67 35.10 25.54
C ASN O 314 -21.35 35.10 26.90
N SER O 315 -21.04 36.08 27.75
CA SER O 315 -21.60 36.10 29.10
C SER O 315 -23.12 36.11 29.07
N PHE O 316 -23.70 36.94 28.20
CA PHE O 316 -25.15 37.04 28.13
C PHE O 316 -25.79 35.82 27.46
N LYS O 317 -25.00 34.93 26.88
CA LYS O 317 -25.53 33.63 26.49
C LYS O 317 -25.80 32.74 27.69
N ARG O 318 -25.10 32.98 28.80
CA ARG O 318 -25.36 32.23 30.03
C ARG O 318 -26.61 32.72 30.72
N LEU O 319 -26.89 34.02 30.66
CA LEU O 319 -28.04 34.62 31.34
C LEU O 319 -29.31 34.34 30.53
N VAL O 320 -29.68 33.07 30.50
CA VAL O 320 -30.91 32.63 29.83
C VAL O 320 -31.69 31.75 30.80
N PRO O 321 -33.02 31.72 30.73
CA PRO O 321 -33.79 30.92 31.67
C PRO O 321 -33.58 29.43 31.47
N GLY O 322 -33.72 28.69 32.57
CA GLY O 322 -33.68 27.24 32.54
C GLY O 322 -32.33 26.62 32.86
N TYR O 323 -31.32 27.42 33.19
CA TYR O 323 -29.99 26.89 33.50
C TYR O 323 -29.48 27.44 34.83
N GLU O 324 -30.39 27.84 35.72
CA GLU O 324 -30.12 28.31 37.07
C GLU O 324 -29.36 29.63 37.10
N ALA O 325 -29.06 30.22 35.95
CA ALA O 325 -28.46 31.55 35.93
C ALA O 325 -29.53 32.61 36.18
N PRO O 326 -29.21 33.70 36.87
CA PRO O 326 -30.20 34.74 37.12
C PRO O 326 -30.64 35.43 35.83
N CYS O 327 -31.91 35.83 35.80
CA CYS O 327 -32.44 36.58 34.68
C CYS O 327 -33.31 37.76 35.08
N TYR O 328 -33.69 37.89 36.35
CA TYR O 328 -34.55 38.97 36.81
C TYR O 328 -33.96 39.60 38.06
N ILE O 329 -34.20 40.88 38.23
CA ILE O 329 -33.68 41.62 39.37
C ILE O 329 -34.57 41.38 40.58
N ALA O 330 -34.22 40.38 41.38
CA ALA O 330 -34.98 40.05 42.59
C ALA O 330 -34.07 39.31 43.54
N TRP O 331 -34.46 39.31 44.82
CA TRP O 331 -33.70 38.64 45.86
C TRP O 331 -34.61 37.71 46.63
N SER O 332 -34.03 36.63 47.14
CA SER O 332 -34.78 35.63 47.88
C SER O 332 -33.82 34.83 48.75
N GLY O 333 -34.40 34.14 49.74
CA GLY O 333 -33.63 33.25 50.57
C GLY O 333 -33.61 31.84 50.01
N LYS O 334 -34.64 31.48 49.24
CA LYS O 334 -34.71 30.16 48.63
C LYS O 334 -35.61 30.29 47.40
N ASN O 335 -35.00 30.28 46.21
CA ASN O 335 -35.74 30.40 44.97
C ASN O 335 -34.90 29.84 43.84
N ARG O 336 -35.58 29.54 42.72
CA ARG O 336 -34.89 29.02 41.52
C ARG O 336 -34.19 30.19 40.82
N SER O 337 -32.87 30.27 40.96
CA SER O 337 -32.03 31.27 40.31
C SER O 337 -32.45 32.70 40.64
N PRO O 338 -32.24 33.17 41.87
CA PRO O 338 -32.43 34.59 42.16
C PRO O 338 -31.16 35.39 41.88
N LEU O 339 -31.35 36.68 41.62
CA LEU O 339 -30.20 37.54 41.37
C LEU O 339 -29.33 37.65 42.61
N VAL O 340 -29.94 37.84 43.78
CA VAL O 340 -29.23 37.92 45.05
C VAL O 340 -29.83 36.90 45.99
N ARG O 341 -28.98 36.09 46.61
CA ARG O 341 -29.41 35.04 47.52
C ARG O 341 -28.82 35.27 48.89
N VAL O 342 -29.61 35.04 49.93
CA VAL O 342 -29.18 35.20 51.31
C VAL O 342 -28.98 33.80 51.90
N PRO O 343 -27.75 33.36 52.11
CA PRO O 343 -27.53 32.02 52.69
C PRO O 343 -28.07 31.95 54.11
N SER O 344 -28.47 30.74 54.51
CA SER O 344 -29.12 30.54 55.80
C SER O 344 -28.15 30.74 56.97
N SER O 345 -26.85 30.67 56.73
CA SER O 345 -25.88 30.83 57.81
C SER O 345 -25.93 32.24 58.38
N ARG O 346 -25.81 32.34 59.71
CA ARG O 346 -25.84 33.63 60.38
C ARG O 346 -24.66 33.79 61.31
N GLY O 347 -24.69 34.84 62.13
CA GLY O 347 -23.56 35.13 63.01
C GLY O 347 -22.46 35.85 62.26
N LEU O 348 -21.21 35.45 62.47
CA LEU O 348 -20.11 36.02 61.72
C LEU O 348 -20.10 35.58 60.26
N SER O 349 -20.92 34.59 59.90
CA SER O 349 -20.97 34.07 58.54
C SER O 349 -22.10 34.69 57.73
N THR O 350 -22.77 35.70 58.26
CA THR O 350 -23.83 36.37 57.50
C THR O 350 -23.25 37.04 56.26
N ARG O 351 -23.89 36.82 55.12
CA ARG O 351 -23.37 37.31 53.86
C ARG O 351 -24.50 37.39 52.83
N LEU O 352 -24.25 38.14 51.77
CA LEU O 352 -25.15 38.25 50.64
C LEU O 352 -24.45 37.70 49.41
N GLU O 353 -25.14 36.85 48.66
CA GLU O 353 -24.55 36.19 47.49
C GLU O 353 -25.13 36.80 46.22
N LEU O 354 -24.25 37.32 45.37
CA LEU O 354 -24.61 37.76 44.03
C LEU O 354 -24.23 36.68 43.04
N ARG O 355 -25.19 36.25 42.22
CA ARG O 355 -25.01 35.11 41.34
C ARG O 355 -24.86 35.49 39.87
N SER O 356 -24.92 36.78 39.54
CA SER O 356 -24.82 37.18 38.14
C SER O 356 -23.38 37.26 37.64
N VAL O 357 -22.40 37.21 38.54
CA VAL O 357 -21.01 37.34 38.14
C VAL O 357 -20.53 36.05 37.48
N ASP O 358 -19.70 36.18 36.46
CA ASP O 358 -19.12 35.05 35.75
C ASP O 358 -17.60 35.09 35.88
N PRO O 359 -16.92 33.96 35.66
CA PRO O 359 -15.46 33.95 35.83
C PRO O 359 -14.72 34.87 34.87
N SER O 360 -15.34 35.28 33.76
CA SER O 360 -14.67 36.15 32.80
C SER O 360 -14.52 37.58 33.30
N ALA O 361 -15.25 37.97 34.35
CA ALA O 361 -15.22 39.34 34.81
C ALA O 361 -13.91 39.67 35.51
N ASN O 362 -13.56 40.95 35.48
CA ASN O 362 -12.40 41.43 36.23
C ASN O 362 -12.79 41.51 37.71
N PRO O 363 -12.11 40.79 38.60
CA PRO O 363 -12.53 40.82 40.01
C PRO O 363 -12.47 42.20 40.64
N TYR O 364 -11.44 42.98 40.32
CA TYR O 364 -11.30 44.29 40.95
C TYR O 364 -12.42 45.24 40.54
N LEU O 365 -12.73 45.30 39.24
CA LEU O 365 -13.80 46.18 38.78
C LEU O 365 -15.15 45.75 39.33
N ALA O 366 -15.42 44.44 39.34
CA ALA O 366 -16.69 43.96 39.87
C ALA O 366 -16.83 44.28 41.35
N MET O 367 -15.77 44.06 42.13
CA MET O 367 -15.84 44.40 43.55
C MET O 367 -16.01 45.90 43.74
N ALA O 368 -15.32 46.71 42.94
CA ALA O 368 -15.45 48.15 43.08
C ALA O 368 -16.88 48.61 42.82
N VAL O 369 -17.49 48.13 41.75
CA VAL O 369 -18.84 48.58 41.42
C VAL O 369 -19.85 48.05 42.43
N LEU O 370 -19.69 46.81 42.88
CA LEU O 370 -20.61 46.27 43.88
C LEU O 370 -20.50 47.03 45.20
N LEU O 371 -19.27 47.32 45.64
CA LEU O 371 -19.09 48.10 46.85
C LEU O 371 -19.67 49.49 46.71
N LYS O 372 -19.49 50.12 45.55
CA LYS O 372 -20.07 51.44 45.35
C LYS O 372 -21.59 51.40 45.42
N ALA O 373 -22.21 50.38 44.80
CA ALA O 373 -23.66 50.27 44.85
C ALA O 373 -24.16 50.04 46.27
N GLY O 374 -23.51 49.14 47.00
CA GLY O 374 -23.93 48.90 48.38
C GLY O 374 -23.73 50.12 49.26
N LEU O 375 -22.62 50.83 49.09
CA LEU O 375 -22.36 52.03 49.87
C LEU O 375 -23.39 53.11 49.57
N SER O 376 -23.75 53.27 48.29
CA SER O 376 -24.79 54.24 47.94
C SER O 376 -26.13 53.85 48.56
N GLY O 377 -26.46 52.55 48.54
CA GLY O 377 -27.68 52.12 49.18
C GLY O 377 -27.70 52.39 50.67
N ILE O 378 -26.55 52.16 51.34
CA ILE O 378 -26.46 52.44 52.77
C ILE O 378 -26.61 53.94 53.03
N LYS O 379 -25.93 54.78 52.24
CA LYS O 379 -26.00 56.22 52.45
C LYS O 379 -27.41 56.75 52.23
N ASP O 380 -28.08 56.27 51.19
CA ASP O 380 -29.44 56.72 50.89
C ASP O 380 -30.50 56.04 51.75
N GLU O 381 -30.13 54.98 52.48
CA GLU O 381 -31.07 54.24 53.34
C GLU O 381 -32.29 53.77 52.56
N LEU O 382 -32.05 53.22 51.37
CA LEU O 382 -33.13 52.74 50.53
C LEU O 382 -33.78 51.50 51.14
N THR O 383 -35.08 51.36 50.92
CA THR O 383 -35.83 50.21 51.40
C THR O 383 -35.85 49.14 50.32
N PRO O 384 -35.39 47.92 50.58
CA PRO O 384 -35.36 46.90 49.54
C PRO O 384 -36.76 46.39 49.24
N PRO O 385 -36.99 45.90 48.03
CA PRO O 385 -38.29 45.31 47.72
C PRO O 385 -38.48 44.00 48.45
N ALA O 386 -39.75 43.61 48.58
CA ALA O 386 -40.07 42.36 49.26
C ALA O 386 -39.51 41.17 48.48
N PRO O 387 -38.98 40.16 49.17
CA PRO O 387 -38.45 38.99 48.46
C PRO O 387 -39.55 38.24 47.74
N VAL O 388 -39.17 37.59 46.64
CA VAL O 388 -40.10 36.84 45.81
C VAL O 388 -39.78 35.35 45.95
N ASP O 389 -40.84 34.55 46.14
CA ASP O 389 -40.69 33.12 46.32
C ASP O 389 -41.80 32.33 45.63
N ARG O 390 -42.34 32.87 44.53
CA ARG O 390 -43.54 32.33 43.91
C ARG O 390 -43.22 31.78 42.53
N ASN O 391 -41.93 31.59 42.26
CA ASN O 391 -41.43 31.09 40.97
C ASN O 391 -41.82 32.05 39.83
N ILE O 392 -41.17 33.22 39.89
CA ILE O 392 -41.35 34.31 38.93
C ILE O 392 -41.30 33.81 37.48
N TYR O 393 -40.60 32.69 37.25
CA TYR O 393 -40.61 32.08 35.93
C TYR O 393 -41.99 31.60 35.52
N GLY O 394 -42.91 31.44 36.48
CA GLY O 394 -44.25 30.99 36.13
C GLY O 394 -45.01 31.99 35.27
N MET O 395 -44.92 33.27 35.61
CA MET O 395 -45.67 34.28 34.87
C MET O 395 -44.90 34.70 33.62
N ASN O 396 -45.58 35.45 32.76
CA ASN O 396 -44.95 36.03 31.59
C ASN O 396 -44.22 37.32 31.97
N GLU O 397 -43.57 37.94 31.00
CA GLU O 397 -42.85 39.18 31.27
C GLU O 397 -43.81 40.29 31.69
N GLU O 398 -44.96 40.39 31.02
CA GLU O 398 -45.92 41.43 31.37
C GLU O 398 -46.51 41.20 32.75
N GLU O 399 -46.79 39.95 33.11
CA GLU O 399 -47.42 39.65 34.39
C GLU O 399 -46.50 39.91 35.58
N ARG O 400 -45.18 39.95 35.37
CA ARG O 400 -44.25 40.25 36.44
C ARG O 400 -43.67 41.66 36.35
N GLU O 401 -43.79 42.33 35.21
CA GLU O 401 -43.35 43.72 35.12
C GLU O 401 -44.25 44.65 35.91
N ALA O 402 -45.46 44.21 36.24
CA ALA O 402 -46.34 45.02 37.08
C ALA O 402 -45.73 45.24 38.46
N THR O 403 -45.13 44.19 39.03
CA THR O 403 -44.43 44.30 40.29
C THR O 403 -43.04 44.87 40.04
N GLY O 404 -42.18 44.82 41.06
CA GLY O 404 -40.84 45.36 40.95
C GLY O 404 -39.85 44.51 40.20
N ILE O 405 -40.29 43.40 39.62
CA ILE O 405 -39.39 42.48 38.93
C ILE O 405 -39.08 43.06 37.56
N TYR O 406 -37.79 43.20 37.26
CA TYR O 406 -37.33 43.70 35.98
C TYR O 406 -36.29 42.76 35.39
N ASP O 407 -36.14 42.82 34.08
CA ASP O 407 -35.23 41.94 33.36
C ASP O 407 -33.82 42.53 33.34
N LEU O 408 -32.84 41.65 33.43
CA LEU O 408 -31.46 42.06 33.20
C LEU O 408 -31.26 42.35 31.71
N PRO O 409 -30.26 43.16 31.36
CA PRO O 409 -29.99 43.40 29.94
C PRO O 409 -29.71 42.09 29.20
N GLU O 410 -30.26 42.00 27.98
CA GLU O 410 -30.19 40.77 27.22
C GLU O 410 -28.98 40.70 26.31
N SER O 411 -28.25 41.80 26.12
CA SER O 411 -27.08 41.83 25.27
C SER O 411 -26.07 42.79 25.86
N LEU O 412 -24.82 42.68 25.40
CA LEU O 412 -23.76 43.54 25.91
C LEU O 412 -23.98 45.00 25.51
N GLY O 413 -24.62 45.25 24.37
CA GLY O 413 -24.89 46.62 23.98
C GLY O 413 -25.87 47.32 24.89
N HIS O 414 -26.94 46.62 25.28
CA HIS O 414 -27.89 47.20 26.22
C HIS O 414 -27.24 47.44 27.57
N ALA O 415 -26.38 46.52 28.01
CA ALA O 415 -25.67 46.70 29.26
C ALA O 415 -24.74 47.91 29.18
N LEU O 416 -24.09 48.11 28.04
CA LEU O 416 -23.24 49.28 27.85
C LEU O 416 -24.05 50.56 27.91
N ILE O 417 -25.24 50.56 27.30
CA ILE O 417 -26.11 51.72 27.39
C ILE O 417 -26.49 52.01 28.84
N GLU O 418 -26.82 50.96 29.59
CA GLU O 418 -27.17 51.12 30.99
C GLU O 418 -25.99 51.68 31.79
N LEU O 419 -24.78 51.22 31.50
CA LEU O 419 -23.59 51.80 32.10
C LEU O 419 -23.48 53.28 31.79
N GLU O 420 -23.64 53.65 30.51
CA GLU O 420 -23.52 55.03 30.12
C GLU O 420 -24.60 55.90 30.74
N LYS O 421 -25.71 55.32 31.17
CA LYS O 421 -26.75 56.10 31.84
C LYS O 421 -26.48 56.26 33.33
N ASN O 422 -26.07 55.19 34.01
CA ASN O 422 -25.86 55.23 35.45
C ASN O 422 -24.65 56.06 35.83
N GLU O 423 -24.78 56.87 36.88
CA GLU O 423 -23.70 57.75 37.32
C GLU O 423 -22.91 57.20 38.50
N ILE O 424 -23.57 56.48 39.42
CA ILE O 424 -22.88 55.95 40.58
C ILE O 424 -21.84 54.93 40.17
N ILE O 425 -22.16 54.08 39.19
CA ILE O 425 -21.20 53.11 38.71
C ILE O 425 -20.02 53.80 38.02
N LYS O 426 -20.30 54.90 37.31
CA LYS O 426 -19.21 55.68 36.74
C LYS O 426 -18.29 56.24 37.83
N ASP O 427 -18.88 56.75 38.91
CA ASP O 427 -18.07 57.25 40.02
C ASP O 427 -17.25 56.14 40.66
N GLY O 428 -17.83 54.95 40.78
CA GLY O 428 -17.11 53.81 41.33
C GLY O 428 -16.04 53.25 40.44
N LEU O 429 -16.14 53.45 39.14
CA LEU O 429 -15.12 53.01 38.20
C LEU O 429 -14.02 54.04 37.94
N GLY O 430 -14.33 55.32 38.02
CA GLY O 430 -13.38 56.34 37.65
C GLY O 430 -13.45 56.65 36.16
N GLU O 431 -13.12 57.90 35.82
CA GLU O 431 -13.29 58.35 34.44
C GLU O 431 -12.39 57.58 33.48
N HIS O 432 -11.13 57.37 33.86
CA HIS O 432 -10.19 56.68 32.96
C HIS O 432 -10.66 55.26 32.66
N ILE O 433 -10.94 54.50 33.72
CA ILE O 433 -11.37 53.11 33.54
C ILE O 433 -12.69 53.05 32.79
N PHE O 434 -13.63 53.95 33.13
CA PHE O 434 -14.93 53.94 32.47
C PHE O 434 -14.78 54.19 30.97
N GLU O 435 -14.01 55.21 30.59
CA GLU O 435 -13.85 55.53 29.18
C GLU O 435 -13.18 54.40 28.43
N HIS O 436 -12.11 53.83 28.98
CA HIS O 436 -11.40 52.79 28.25
C HIS O 436 -12.22 51.51 28.17
N PHE O 437 -12.94 51.17 29.24
CA PHE O 437 -13.81 50.01 29.23
C PHE O 437 -14.93 50.18 28.20
N ILE O 438 -15.54 51.36 28.15
CA ILE O 438 -16.60 51.61 27.17
C ILE O 438 -16.06 51.50 25.76
N GLU O 439 -14.89 52.08 25.50
CA GLU O 439 -14.32 52.00 24.16
C GLU O 439 -14.05 50.57 23.74
N ALA O 440 -13.40 49.78 24.62
CA ALA O 440 -13.09 48.40 24.28
C ALA O 440 -14.36 47.58 24.07
N LYS O 441 -15.36 47.77 24.92
CA LYS O 441 -16.57 46.96 24.81
C LYS O 441 -17.39 47.35 23.59
N THR O 442 -17.41 48.64 23.23
CA THR O 442 -18.09 49.04 22.00
C THR O 442 -17.40 48.47 20.78
N ILE O 443 -16.06 48.46 20.80
CA ILE O 443 -15.30 47.84 19.67
C ILE O 443 -15.70 46.36 19.60
N GLU O 444 -15.75 45.68 20.75
CA GLU O 444 -16.08 44.22 20.78
C GLU O 444 -17.49 44.02 20.21
N CYS O 445 -18.46 44.84 20.62
CA CYS O 445 -19.83 44.71 20.14
C CYS O 445 -19.92 44.95 18.64
N ASP O 446 -19.22 45.97 18.14
CA ASP O 446 -19.23 46.23 16.70
C ASP O 446 -18.59 45.08 15.94
N MET O 447 -17.52 44.51 16.47
CA MET O 447 -16.87 43.39 15.81
C MET O 447 -17.79 42.18 15.74
N PHE O 448 -18.53 41.91 16.82
CA PHE O 448 -19.45 40.78 16.82
C PHE O 448 -20.66 41.02 15.93
N ARG O 449 -21.15 42.26 15.87
CA ARG O 449 -22.38 42.55 15.16
C ARG O 449 -22.22 42.35 13.66
N THR O 450 -21.09 42.75 13.09
CA THR O 450 -20.89 42.70 11.66
C THR O 450 -20.39 41.35 11.15
N ALA O 451 -20.09 40.42 12.05
CA ALA O 451 -19.60 39.11 11.63
C ALA O 451 -20.73 38.27 11.08
N VAL O 452 -20.38 37.33 10.21
CA VAL O 452 -21.32 36.37 9.64
C VAL O 452 -21.00 35.01 10.23
N HIS O 453 -21.95 34.44 10.93
CA HIS O 453 -21.72 33.19 11.63
C HIS O 453 -22.24 32.01 10.83
N PRO O 454 -21.68 30.81 11.06
CA PRO O 454 -22.18 29.63 10.35
C PRO O 454 -23.64 29.31 10.66
N TRP O 455 -24.15 29.82 11.77
CA TRP O 455 -25.60 29.64 12.09
C TRP O 455 -26.41 30.25 10.96
N GLU O 456 -26.06 31.47 10.54
CA GLU O 456 -26.81 32.16 9.50
C GLU O 456 -26.77 31.38 8.18
N ARG O 457 -25.62 30.82 7.83
CA ARG O 457 -25.53 30.02 6.62
C ARG O 457 -26.37 28.76 6.73
N GLU O 458 -26.32 28.08 7.87
CA GLU O 458 -27.12 26.88 8.05
C GLU O 458 -28.61 27.19 8.00
N GLN O 459 -29.00 28.40 8.37
CA GLN O 459 -30.42 28.75 8.38
C GLN O 459 -30.92 29.35 7.07
N TYR O 460 -30.03 29.96 6.27
CA TYR O 460 -30.56 30.69 5.08
C TYR O 460 -29.86 30.32 3.76
N LEU O 461 -28.69 29.67 3.77
CA LEU O 461 -27.99 29.44 2.51
C LEU O 461 -28.83 28.61 1.56
N GLU O 462 -29.49 27.58 2.07
CA GLU O 462 -30.30 26.69 1.22
C GLU O 462 -31.73 27.18 1.07
N ILE O 463 -32.31 27.73 2.13
CA ILE O 463 -33.70 28.19 2.07
C ILE O 463 -33.84 29.35 1.09
N TYR O 464 -32.92 30.31 1.16
CA TYR O 464 -32.97 31.47 0.28
C TYR O 464 -31.86 31.43 -0.76
N ALA P 22 -19.62 3.31 69.68
CA ALA P 22 -18.57 4.26 69.35
C ALA P 22 -17.24 3.56 69.12
N LYS P 23 -16.92 3.34 67.85
CA LYS P 23 -15.68 2.67 67.46
C LYS P 23 -14.50 3.63 67.34
N TYR P 24 -14.74 4.86 66.87
CA TYR P 24 -13.70 5.86 66.74
C TYR P 24 -14.17 7.17 67.37
N THR P 25 -13.20 7.97 67.80
CA THR P 25 -13.45 9.32 68.31
C THR P 25 -12.74 10.32 67.42
N LYS P 26 -12.93 11.61 67.72
CA LYS P 26 -12.29 12.66 66.95
C LYS P 26 -10.77 12.52 67.00
N GLU P 27 -10.23 12.27 68.20
CA GLU P 27 -8.79 12.14 68.35
C GLU P 27 -8.26 10.97 67.55
N ASP P 28 -9.01 9.86 67.51
CA ASP P 28 -8.62 8.72 66.70
C ASP P 28 -8.56 9.09 65.23
N ILE P 29 -9.55 9.85 64.75
CA ILE P 29 -9.56 10.26 63.35
C ILE P 29 -8.37 11.16 63.04
N PHE P 30 -8.07 12.11 63.93
CA PHE P 30 -6.93 12.98 63.72
C PHE P 30 -5.63 12.18 63.70
N ARG P 31 -5.49 11.23 64.61
CA ARG P 31 -4.29 10.38 64.64
C ARG P 31 -4.15 9.57 63.36
N PHE P 32 -5.27 9.00 62.88
CA PHE P 32 -5.23 8.24 61.64
C PHE P 32 -4.82 9.12 60.48
N ALA P 33 -5.40 10.32 60.39
CA ALA P 33 -5.07 11.23 59.29
C ALA P 33 -3.60 11.62 59.35
N ASP P 34 -3.06 11.84 60.54
CA ASP P 34 -1.65 12.21 60.66
C ASP P 34 -0.74 11.04 60.27
N GLU P 35 -1.04 9.84 60.78
CA GLU P 35 -0.11 8.72 60.60
C GLU P 35 -0.16 8.13 59.20
N GLN P 36 -1.34 8.04 58.59
CA GLN P 36 -1.41 7.49 57.24
C GLN P 36 -1.13 8.52 56.15
N ASN P 37 -0.93 9.78 56.51
CA ASN P 37 -0.57 10.83 55.57
C ASN P 37 -1.63 10.98 54.47
N VAL P 38 -2.83 11.36 54.89
CA VAL P 38 -3.93 11.61 53.98
C VAL P 38 -4.05 13.12 53.76
N LYS P 39 -4.25 13.51 52.50
CA LYS P 39 -4.40 14.91 52.15
C LYS P 39 -5.76 15.23 51.56
N PHE P 40 -6.59 14.21 51.33
CA PHE P 40 -7.94 14.43 50.76
C PHE P 40 -8.98 13.58 51.50
N ILE P 41 -10.14 14.17 51.82
CA ILE P 41 -11.24 13.42 52.49
C ILE P 41 -12.52 13.59 51.67
N ARG P 42 -13.14 12.47 51.27
CA ARG P 42 -14.39 12.52 50.46
C ARG P 42 -15.61 12.34 51.38
N LEU P 43 -16.26 13.45 51.77
CA LEU P 43 -17.45 13.35 52.59
C LEU P 43 -18.60 12.95 51.69
N GLN P 44 -19.03 11.69 51.78
CA GLN P 44 -19.95 11.13 50.80
C GLN P 44 -21.31 10.83 51.42
N PHE P 45 -22.29 10.72 50.53
CA PHE P 45 -23.68 10.46 50.90
C PHE P 45 -24.37 9.86 49.68
N THR P 46 -25.64 9.51 49.84
CA THR P 46 -26.42 8.86 48.80
C THR P 46 -27.68 9.67 48.54
N ASP P 47 -27.98 9.92 47.26
CA ASP P 47 -29.15 10.68 46.89
C ASP P 47 -30.36 9.75 46.81
N ILE P 48 -31.50 10.28 46.35
CA ILE P 48 -32.71 9.48 46.25
C ILE P 48 -32.54 8.37 45.23
N LEU P 49 -31.93 8.67 44.08
CA LEU P 49 -31.79 7.69 43.01
C LEU P 49 -30.79 6.60 43.32
N GLY P 50 -30.02 6.73 44.40
CA GLY P 50 -29.03 5.74 44.76
C GLY P 50 -27.62 6.03 44.30
N ILE P 51 -27.40 7.15 43.60
CA ILE P 51 -26.07 7.49 43.14
C ILE P 51 -25.25 8.02 44.31
N ILE P 52 -24.02 7.54 44.44
CA ILE P 52 -23.13 7.98 45.50
C ILE P 52 -22.55 9.34 45.10
N LYS P 53 -22.78 10.35 45.94
CA LYS P 53 -22.26 11.69 45.71
C LYS P 53 -21.35 12.06 46.87
N ASN P 54 -20.54 13.10 46.68
CA ASN P 54 -19.55 13.44 47.73
C ASN P 54 -19.01 14.87 47.58
N VAL P 55 -18.56 15.47 48.69
CA VAL P 55 -17.87 16.79 48.61
C VAL P 55 -16.42 16.52 49.00
N GLU P 56 -15.45 17.06 48.26
CA GLU P 56 -14.03 16.72 48.52
C GLU P 56 -13.34 17.88 49.26
N ILE P 57 -12.72 17.60 50.41
CA ILE P 57 -12.08 18.66 51.22
C ILE P 57 -10.63 18.27 51.53
N PRO P 58 -9.67 19.23 51.60
CA PRO P 58 -8.30 18.91 52.02
C PRO P 58 -8.26 18.51 53.48
N VAL P 59 -7.15 17.89 53.86
CA VAL P 59 -6.99 17.42 55.23
C VAL P 59 -6.99 18.60 56.21
N SER P 60 -6.56 19.78 55.74
CA SER P 60 -6.52 20.95 56.62
C SER P 60 -7.90 21.36 57.10
N GLN P 61 -8.96 20.99 56.38
CA GLN P 61 -10.32 21.29 56.79
C GLN P 61 -10.93 20.19 57.65
N LEU P 62 -10.18 19.11 57.91
CA LEU P 62 -10.75 17.95 58.59
C LEU P 62 -11.36 18.32 59.92
N LYS P 63 -10.66 19.16 60.70
CA LYS P 63 -11.19 19.59 61.98
C LYS P 63 -12.58 20.22 61.82
N LYS P 64 -12.71 21.13 60.85
CA LYS P 64 -14.01 21.73 60.60
C LYS P 64 -15.03 20.67 60.22
N ALA P 65 -14.62 19.69 59.42
CA ALA P 65 -15.52 18.60 59.06
C ALA P 65 -15.99 17.85 60.29
N LEU P 66 -15.12 17.70 61.30
CA LEU P 66 -15.52 17.01 62.51
C LEU P 66 -16.31 17.91 63.45
N ASP P 67 -16.42 19.20 63.14
CA ASP P 67 -17.23 20.11 63.94
C ASP P 67 -18.65 20.25 63.40
N ASN P 68 -19.00 19.50 62.35
CA ASN P 68 -20.32 19.57 61.73
C ASN P 68 -20.64 20.98 61.26
N LYS P 69 -19.65 21.63 60.63
CA LYS P 69 -19.81 23.00 60.16
C LYS P 69 -19.73 23.12 58.64
N ILE P 70 -19.59 22.02 57.91
CA ILE P 70 -19.50 22.09 56.46
C ILE P 70 -20.89 22.29 55.87
N MET P 71 -21.02 23.29 55.01
CA MET P 71 -22.26 23.56 54.29
C MET P 71 -22.14 23.06 52.86
N PHE P 72 -23.26 22.60 52.31
CA PHE P 72 -23.31 22.20 50.91
C PHE P 72 -24.75 22.35 50.43
N ASP P 73 -24.95 22.03 49.15
CA ASP P 73 -26.26 22.15 48.52
C ASP P 73 -27.02 20.84 48.71
N GLY P 74 -28.06 20.88 49.55
CA GLY P 74 -28.85 19.68 49.80
C GLY P 74 -29.73 19.25 48.64
N SER P 75 -30.03 20.17 47.73
CA SER P 75 -30.89 19.84 46.59
C SER P 75 -30.30 18.75 45.73
N SER P 76 -28.98 18.54 45.78
CA SER P 76 -28.37 17.46 45.01
C SER P 76 -28.92 16.10 45.44
N ILE P 77 -29.36 15.98 46.70
CA ILE P 77 -29.96 14.73 47.15
C ILE P 77 -31.20 14.41 46.32
N GLU P 78 -31.95 15.44 45.92
CA GLU P 78 -33.13 15.24 45.08
C GLU P 78 -32.79 14.72 43.69
N GLY P 79 -31.52 14.75 43.29
CA GLY P 79 -31.14 14.24 41.99
C GLY P 79 -31.30 15.27 40.88
N PHE P 80 -31.81 14.84 39.73
CA PHE P 80 -31.94 15.75 38.56
C PHE P 80 -33.23 16.59 38.66
N VAL P 81 -34.13 16.24 39.59
CA VAL P 81 -35.40 16.94 39.68
C VAL P 81 -35.28 18.08 40.68
N ARG P 82 -34.05 18.43 41.04
CA ARG P 82 -33.82 19.55 41.94
C ARG P 82 -34.21 20.86 41.27
N ILE P 83 -34.72 21.79 42.08
CA ILE P 83 -35.19 23.07 41.57
C ILE P 83 -34.45 24.22 42.25
N GLU P 84 -34.58 24.30 43.57
CA GLU P 84 -34.06 25.42 44.35
C GLU P 84 -32.88 24.97 45.19
N GLU P 85 -31.82 25.78 45.21
CA GLU P 85 -30.67 25.50 46.05
C GLU P 85 -31.04 25.64 47.52
N SER P 86 -30.63 24.66 48.32
CA SER P 86 -30.89 24.65 49.75
C SER P 86 -29.62 24.31 50.49
N ASP P 87 -29.26 25.13 51.48
CA ASP P 87 -28.05 24.91 52.26
C ASP P 87 -28.30 23.87 53.34
N MET P 88 -27.35 22.97 53.51
CA MET P 88 -27.49 21.90 54.49
C MET P 88 -26.14 21.52 55.05
N TYR P 89 -26.14 21.02 56.28
CA TYR P 89 -24.92 20.62 56.96
C TYR P 89 -24.52 19.20 56.57
N LEU P 90 -23.33 18.80 56.98
CA LEU P 90 -22.71 17.57 56.52
C LEU P 90 -22.13 16.78 57.69
N PHE P 91 -22.95 16.54 58.72
CA PHE P 91 -22.60 15.73 59.88
C PHE P 91 -21.99 14.39 59.44
N PRO P 92 -20.69 14.17 59.68
CA PRO P 92 -20.06 12.92 59.29
C PRO P 92 -20.22 11.85 60.36
N ASP P 93 -19.98 10.60 59.94
CA ASP P 93 -20.01 9.45 60.82
C ASP P 93 -18.59 8.97 61.04
N LEU P 94 -18.16 8.95 62.31
CA LEU P 94 -16.77 8.61 62.61
C LEU P 94 -16.47 7.14 62.35
N ASP P 95 -17.45 6.26 62.58
CA ASP P 95 -17.23 4.83 62.43
C ASP P 95 -17.04 4.40 60.99
N THR P 96 -17.31 5.26 60.02
CA THR P 96 -17.20 4.92 58.61
C THR P 96 -15.88 5.37 58.00
N TRP P 97 -14.88 5.66 58.82
CA TRP P 97 -13.59 6.11 58.31
C TRP P 97 -12.88 4.97 57.61
N VAL P 98 -12.65 5.10 56.31
CA VAL P 98 -11.96 4.11 55.52
C VAL P 98 -10.95 4.81 54.63
N VAL P 99 -9.72 4.31 54.61
CA VAL P 99 -8.65 4.88 53.79
C VAL P 99 -8.50 4.03 52.54
N PHE P 100 -8.59 4.66 51.38
CA PHE P 100 -8.48 3.93 50.13
C PHE P 100 -7.02 3.52 49.90
N PRO P 101 -6.78 2.34 49.33
CA PRO P 101 -5.40 1.91 49.07
C PRO P 101 -4.83 2.41 47.74
N TRP P 102 -5.68 2.65 46.75
CA TRP P 102 -5.23 3.06 45.42
C TRP P 102 -5.10 4.59 45.38
N THR P 103 -4.14 5.11 46.13
CA THR P 103 -3.97 6.57 46.16
C THR P 103 -2.55 7.02 45.85
N ALA P 104 -1.67 6.14 45.38
CA ALA P 104 -0.27 6.48 45.06
C ALA P 104 0.40 7.02 46.32
N GLU P 105 1.35 7.94 46.16
CA GLU P 105 2.11 8.48 47.27
C GLU P 105 1.87 9.97 47.52
N LYS P 106 1.24 10.68 46.59
CA LYS P 106 0.98 12.09 46.76
C LYS P 106 -0.25 12.30 47.64
N GLY P 107 -0.20 11.81 48.88
CA GLY P 107 -1.32 11.92 49.78
C GLY P 107 -2.37 10.86 49.54
N LYS P 108 -2.92 10.29 50.61
CA LYS P 108 -3.94 9.26 50.50
C LYS P 108 -5.33 9.90 50.55
N VAL P 109 -6.34 9.09 50.26
CA VAL P 109 -7.73 9.54 50.21
C VAL P 109 -8.53 8.69 51.19
N ALA P 110 -9.33 9.34 52.03
CA ALA P 110 -10.20 8.67 52.98
C ALA P 110 -11.60 9.22 52.83
N ARG P 111 -12.59 8.42 53.26
CA ARG P 111 -13.98 8.82 53.15
C ARG P 111 -14.69 8.58 54.47
N MET P 112 -15.77 9.33 54.68
CA MET P 112 -16.70 9.10 55.78
C MET P 112 -18.11 9.37 55.28
N ILE P 113 -19.01 8.41 55.46
CA ILE P 113 -20.41 8.65 55.13
C ILE P 113 -20.98 9.68 56.10
N CYS P 114 -21.67 10.67 55.55
CA CYS P 114 -22.15 11.81 56.33
C CYS P 114 -23.67 11.83 56.38
N ASP P 115 -24.21 12.34 57.48
CA ASP P 115 -25.62 12.62 57.59
C ASP P 115 -25.91 14.05 57.15
N ILE P 116 -27.13 14.28 56.67
CA ILE P 116 -27.55 15.59 56.19
C ILE P 116 -28.46 16.22 57.23
N TYR P 117 -28.14 17.45 57.62
CA TYR P 117 -28.88 18.15 58.67
C TYR P 117 -29.33 19.50 58.16
N ASN P 118 -30.53 19.90 58.58
CA ASN P 118 -31.03 21.22 58.27
C ASN P 118 -30.22 22.29 59.00
N PRO P 119 -30.24 23.53 58.51
CA PRO P 119 -29.53 24.61 59.23
C PRO P 119 -30.03 24.82 60.64
N ASP P 120 -31.24 24.37 60.97
CA ASP P 120 -31.77 24.46 62.33
C ASP P 120 -31.44 23.22 63.16
N MET P 121 -30.34 22.56 62.83
CA MET P 121 -29.78 21.46 63.63
C MET P 121 -30.72 20.26 63.69
N THR P 122 -31.49 20.04 62.63
CA THR P 122 -32.44 18.94 62.55
C THR P 122 -32.11 18.08 61.35
N PRO P 123 -32.14 16.75 61.48
CA PRO P 123 -31.82 15.89 60.33
C PRO P 123 -32.79 16.12 59.18
N PHE P 124 -32.24 16.08 57.96
CA PHE P 124 -33.04 16.35 56.77
C PHE P 124 -33.97 15.18 56.49
N ALA P 125 -35.25 15.49 56.26
CA ALA P 125 -36.24 14.46 55.98
C ALA P 125 -36.05 13.82 54.62
N GLY P 126 -35.41 14.52 53.68
CA GLY P 126 -35.17 14.00 52.36
C GLY P 126 -33.95 13.13 52.21
N ASP P 127 -33.22 12.88 53.29
CA ASP P 127 -32.03 12.05 53.24
C ASP P 127 -32.42 10.60 53.47
N PRO P 128 -32.10 9.68 52.55
CA PRO P 128 -32.47 8.27 52.77
C PRO P 128 -31.91 7.68 54.05
N ARG P 129 -30.67 8.04 54.40
CA ARG P 129 -30.08 7.51 55.63
C ARG P 129 -30.83 8.00 56.87
N ALA P 130 -31.20 9.27 56.89
CA ALA P 130 -31.98 9.80 58.01
C ALA P 130 -33.35 9.14 58.08
N ASN P 131 -33.96 8.88 56.93
CA ASN P 131 -35.24 8.18 56.91
C ASN P 131 -35.11 6.77 57.48
N LEU P 132 -34.04 6.06 57.10
CA LEU P 132 -33.80 4.73 57.65
C LEU P 132 -33.59 4.80 59.15
N LYS P 133 -32.87 5.82 59.62
CA LYS P 133 -32.67 5.98 61.06
C LYS P 133 -33.98 6.23 61.77
N ARG P 134 -34.87 7.03 61.17
CA ARG P 134 -36.19 7.26 61.76
C ARG P 134 -37.00 5.97 61.85
N VAL P 135 -36.97 5.16 60.78
CA VAL P 135 -37.71 3.90 60.81
C VAL P 135 -37.13 2.96 61.85
N LEU P 136 -35.80 2.94 61.99
CA LEU P 136 -35.19 2.12 63.03
C LEU P 136 -35.57 2.61 64.42
N LYS P 137 -35.70 3.93 64.59
CA LYS P 137 -36.17 4.47 65.86
C LYS P 137 -37.58 3.99 66.16
N GLU P 138 -38.45 3.98 65.14
CA GLU P 138 -39.79 3.45 65.34
C GLU P 138 -39.75 1.98 65.74
N MET P 139 -38.90 1.19 65.08
CA MET P 139 -38.77 -0.22 65.42
C MET P 139 -38.32 -0.40 66.86
N GLU P 140 -37.32 0.38 67.28
CA GLU P 140 -36.87 0.31 68.67
C GLU P 140 -37.97 0.73 69.64
N GLU P 141 -38.80 1.69 69.24
CA GLU P 141 -39.95 2.07 70.06
C GLU P 141 -40.91 0.90 70.22
N LEU P 142 -41.10 0.10 69.18
CA LEU P 142 -42.00 -1.03 69.30
C LEU P 142 -41.45 -2.14 70.20
N GLY P 143 -40.13 -2.19 70.42
CA GLY P 143 -39.60 -3.13 71.38
C GLY P 143 -38.39 -3.93 70.93
N PHE P 144 -38.03 -3.83 69.65
CA PHE P 144 -36.90 -4.59 69.12
C PHE P 144 -35.61 -3.78 69.23
N THR P 145 -34.49 -4.48 69.09
CA THR P 145 -33.17 -3.88 69.24
C THR P 145 -32.51 -3.56 67.91
N GLU P 146 -32.36 -4.55 67.03
CA GLU P 146 -31.64 -4.34 65.79
C GLU P 146 -32.28 -5.13 64.67
N PHE P 147 -31.96 -4.71 63.44
CA PHE P 147 -32.45 -5.30 62.20
C PHE P 147 -31.24 -5.75 61.39
N ASN P 148 -30.80 -6.99 61.58
CA ASN P 148 -29.64 -7.47 60.86
C ASN P 148 -30.00 -7.82 59.42
N LEU P 149 -29.09 -7.49 58.51
CA LEU P 149 -29.31 -7.70 57.09
C LEU P 149 -28.05 -8.27 56.45
N GLY P 150 -28.25 -9.27 55.59
CA GLY P 150 -27.19 -9.77 54.75
C GLY P 150 -27.61 -9.76 53.30
N PRO P 151 -26.92 -8.97 52.48
CA PRO P 151 -27.23 -8.90 51.06
C PRO P 151 -26.43 -9.89 50.23
N GLU P 152 -26.99 -10.26 49.10
CA GLU P 152 -26.35 -11.17 48.15
C GLU P 152 -26.29 -10.50 46.77
N PRO P 153 -25.40 -9.53 46.58
CA PRO P 153 -25.35 -8.82 45.30
C PRO P 153 -24.64 -9.65 44.23
N GLU P 154 -25.14 -9.54 43.00
CA GLU P 154 -24.57 -10.20 41.84
C GLU P 154 -24.22 -9.15 40.80
N PHE P 155 -23.10 -9.33 40.11
CA PHE P 155 -22.66 -8.35 39.13
C PHE P 155 -22.11 -9.04 37.90
N PHE P 156 -22.13 -8.32 36.79
CA PHE P 156 -21.61 -8.80 35.51
C PHE P 156 -20.30 -8.11 35.19
N LEU P 157 -19.41 -8.84 34.52
CA LEU P 157 -18.12 -8.32 34.09
C LEU P 157 -18.05 -8.35 32.57
N PHE P 158 -17.75 -7.20 31.97
CA PHE P 158 -17.68 -7.06 30.52
C PHE P 158 -16.28 -6.58 30.14
N LYS P 159 -15.84 -6.98 28.94
CA LYS P 159 -14.54 -6.55 28.45
C LYS P 159 -14.63 -5.14 27.88
N LEU P 160 -13.60 -4.35 28.15
CA LEU P 160 -13.53 -2.99 27.63
C LEU P 160 -13.00 -2.98 26.20
N ASP P 161 -13.31 -1.91 25.48
CA ASP P 161 -12.88 -1.76 24.10
C ASP P 161 -11.52 -1.05 24.05
N GLU P 162 -11.08 -0.69 22.85
CA GLU P 162 -9.82 0.03 22.70
C GLU P 162 -9.88 1.41 23.36
N ASN P 163 -11.03 2.09 23.23
CA ASN P 163 -11.22 3.40 23.82
C ASN P 163 -11.71 3.32 25.27
N ARG P 164 -11.46 2.21 25.95
CA ARG P 164 -11.86 2.01 27.34
C ARG P 164 -13.37 2.18 27.51
N ARG P 165 -14.13 1.68 26.55
CA ARG P 165 -15.58 1.70 26.63
C ARG P 165 -16.11 0.28 26.80
N PRO P 166 -17.14 0.08 27.62
CA PRO P 166 -17.66 -1.27 27.82
C PRO P 166 -18.23 -1.85 26.53
N THR P 167 -18.02 -3.15 26.35
CA THR P 167 -18.57 -3.88 25.22
C THR P 167 -19.62 -4.87 25.73
N LEU P 168 -20.15 -5.69 24.83
CA LEU P 168 -21.15 -6.68 25.18
C LEU P 168 -20.55 -8.08 25.35
N GLU P 169 -19.23 -8.19 25.37
CA GLU P 169 -18.57 -9.47 25.48
C GLU P 169 -18.22 -9.74 26.95
N LEU P 170 -18.67 -10.89 27.45
CA LEU P 170 -18.42 -11.27 28.83
C LEU P 170 -16.98 -11.73 29.01
N ASN P 171 -16.51 -11.65 30.26
CA ASN P 171 -15.12 -11.98 30.55
C ASN P 171 -14.86 -13.48 30.50
N ASP P 172 -15.85 -14.30 30.85
CA ASP P 172 -15.68 -15.74 30.80
C ASP P 172 -17.03 -16.42 30.60
N SER P 173 -17.00 -17.62 30.02
CA SER P 173 -18.20 -18.42 29.84
C SER P 173 -18.30 -19.47 30.93
N GLY P 174 -18.55 -18.98 32.15
CA GLY P 174 -18.61 -19.83 33.32
C GLY P 174 -19.98 -20.42 33.56
N GLY P 175 -20.14 -21.02 34.74
CA GLY P 175 -21.38 -21.66 35.12
C GLY P 175 -21.64 -21.48 36.59
N TYR P 176 -22.72 -22.10 37.06
CA TYR P 176 -23.14 -21.94 38.45
C TYR P 176 -22.18 -22.72 39.36
N PHE P 177 -21.50 -22.00 40.25
CA PHE P 177 -20.53 -22.56 41.18
C PHE P 177 -19.37 -23.24 40.48
N ASP P 178 -19.13 -22.92 39.21
CA ASP P 178 -18.08 -23.56 38.44
C ASP P 178 -16.73 -22.93 38.73
N LEU P 179 -15.67 -23.73 38.57
CA LEU P 179 -14.30 -23.25 38.71
C LEU P 179 -13.82 -22.75 37.35
N ALA P 180 -14.52 -21.72 36.87
CA ALA P 180 -14.31 -21.21 35.51
C ALA P 180 -13.10 -20.29 35.40
N PRO P 181 -12.95 -19.24 36.22
CA PRO P 181 -11.78 -18.37 36.06
C PRO P 181 -10.46 -19.08 36.27
N THR P 182 -10.43 -20.11 37.13
CA THR P 182 -9.24 -20.91 37.41
C THR P 182 -8.08 -20.06 37.92
N ASP P 183 -6.90 -20.67 37.97
CA ASP P 183 -5.68 -20.03 38.45
C ASP P 183 -4.91 -19.42 37.27
N LEU P 184 -3.65 -19.09 37.50
CA LEU P 184 -2.75 -18.58 36.48
C LEU P 184 -3.22 -17.24 35.93
N GLY P 185 -3.36 -16.24 36.81
CA GLY P 185 -3.70 -14.90 36.38
C GLY P 185 -5.19 -14.68 36.21
N GLU P 186 -5.52 -13.45 35.85
CA GLU P 186 -6.91 -12.99 35.69
C GLU P 186 -7.64 -13.27 37.01
N ASN P 187 -8.79 -13.94 37.00
CA ASN P 187 -9.58 -14.21 38.19
C ASN P 187 -9.86 -12.92 38.95
N CYS P 188 -10.60 -12.03 38.29
CA CYS P 188 -10.88 -10.72 38.87
C CYS P 188 -11.66 -10.84 40.17
N ARG P 189 -12.45 -11.91 40.31
CA ARG P 189 -13.24 -12.13 41.54
C ARG P 189 -12.27 -12.31 42.73
N ARG P 190 -11.20 -13.07 42.53
CA ARG P 190 -10.22 -13.31 43.59
C ARG P 190 -9.53 -12.01 44.00
N ASP P 191 -9.11 -11.20 43.03
CA ASP P 191 -8.48 -9.94 43.35
C ASP P 191 -9.44 -9.00 44.07
N ILE P 192 -10.69 -8.97 43.62
CA ILE P 192 -11.69 -8.10 44.25
C ILE P 192 -11.90 -8.50 45.70
N VAL P 193 -12.06 -9.80 45.96
CA VAL P 193 -12.31 -10.24 47.33
C VAL P 193 -11.07 -10.02 48.19
N LEU P 194 -9.87 -10.18 47.62
CA LEU P 194 -8.66 -9.94 48.39
C LEU P 194 -8.54 -8.48 48.80
N GLU P 195 -8.78 -7.56 47.86
CA GLU P 195 -8.71 -6.14 48.21
C GLU P 195 -9.84 -5.73 49.15
N LEU P 196 -11.01 -6.35 49.02
CA LEU P 196 -12.09 -6.06 49.97
C LEU P 196 -11.71 -6.53 51.38
N GLU P 197 -11.09 -7.71 51.49
CA GLU P 197 -10.62 -8.17 52.79
C GLU P 197 -9.55 -7.23 53.35
N GLU P 198 -8.64 -6.77 52.49
CA GLU P 198 -7.62 -5.83 52.94
C GLU P 198 -8.23 -4.53 53.43
N MET P 199 -9.24 -4.02 52.74
CA MET P 199 -9.89 -2.77 53.11
C MET P 199 -10.70 -2.89 54.39
N GLY P 200 -10.96 -4.09 54.88
CA GLY P 200 -11.70 -4.26 56.10
C GLY P 200 -13.16 -4.62 55.89
N PHE P 201 -13.42 -5.55 54.97
CA PHE P 201 -14.76 -6.04 54.69
C PHE P 201 -14.89 -7.46 55.21
N GLU P 202 -16.07 -7.77 55.74
CA GLU P 202 -16.35 -9.12 56.24
C GLU P 202 -17.02 -9.91 55.12
N ILE P 203 -16.21 -10.66 54.38
CA ILE P 203 -16.69 -11.44 53.25
C ILE P 203 -16.89 -12.88 53.70
N GLU P 204 -18.10 -13.40 53.49
CA GLU P 204 -18.42 -14.79 53.89
C GLU P 204 -17.95 -15.75 52.80
N ALA P 205 -18.40 -15.54 51.55
CA ALA P 205 -18.02 -16.43 50.43
C ALA P 205 -18.06 -15.66 49.11
N SER P 206 -17.62 -16.31 48.02
CA SER P 206 -17.64 -15.68 46.67
C SER P 206 -17.69 -16.79 45.61
N HIS P 207 -18.60 -16.69 44.64
CA HIS P 207 -18.76 -17.79 43.65
C HIS P 207 -19.26 -17.29 42.29
N HIS P 208 -19.22 -18.17 41.28
CA HIS P 208 -19.70 -17.84 39.95
C HIS P 208 -21.19 -18.12 39.85
N GLU P 209 -21.93 -17.21 39.24
CA GLU P 209 -23.37 -17.34 39.15
C GLU P 209 -23.76 -18.12 37.89
N VAL P 210 -25.07 -18.29 37.69
CA VAL P 210 -25.56 -19.12 36.58
C VAL P 210 -25.13 -18.54 35.24
N ALA P 211 -25.31 -17.23 35.07
CA ALA P 211 -25.00 -16.61 33.80
C ALA P 211 -23.49 -16.54 33.59
N PRO P 212 -23.03 -16.67 32.34
CA PRO P 212 -21.60 -16.45 32.06
C PRO P 212 -21.20 -15.03 32.42
N GLY P 213 -20.00 -14.89 33.00
CA GLY P 213 -19.54 -13.58 33.40
C GLY P 213 -20.26 -12.96 34.57
N GLN P 214 -21.06 -13.73 35.29
CA GLN P 214 -21.81 -13.23 36.44
C GLN P 214 -21.21 -13.81 37.71
N HIS P 215 -20.95 -12.93 38.69
CA HIS P 215 -20.31 -13.34 39.92
C HIS P 215 -21.08 -12.80 41.12
N GLU P 216 -21.01 -13.55 42.23
CA GLU P 216 -21.68 -13.15 43.45
C GLU P 216 -20.68 -13.20 44.61
N ILE P 217 -20.73 -12.18 45.47
CA ILE P 217 -19.93 -12.12 46.68
C ILE P 217 -20.87 -11.88 47.86
N ASP P 218 -20.76 -12.69 48.89
CA ASP P 218 -21.65 -12.62 50.04
C ASP P 218 -20.98 -11.89 51.20
N PHE P 219 -21.80 -11.20 51.99
CA PHE P 219 -21.34 -10.42 53.12
C PHE P 219 -21.71 -11.09 54.43
N LYS P 220 -21.12 -10.59 55.51
CA LYS P 220 -21.54 -10.96 56.85
C LYS P 220 -22.73 -10.09 57.26
N TYR P 221 -23.47 -10.57 58.25
CA TYR P 221 -24.71 -9.92 58.65
C TYR P 221 -24.39 -8.82 59.67
N GLU P 222 -24.68 -7.57 59.31
CA GLU P 222 -24.46 -6.42 60.16
C GLU P 222 -25.78 -5.67 60.36
N ASP P 223 -25.69 -4.52 61.00
CA ASP P 223 -26.85 -3.67 61.19
C ASP P 223 -27.33 -3.12 59.84
N ALA P 224 -28.54 -2.56 59.84
CA ALA P 224 -29.13 -2.07 58.61
C ALA P 224 -28.28 -0.96 58.00
N ILE P 225 -27.93 0.05 58.79
CA ILE P 225 -27.17 1.19 58.28
C ILE P 225 -25.79 0.73 57.83
N THR P 226 -25.12 -0.08 58.65
CA THR P 226 -23.80 -0.58 58.28
C THR P 226 -23.86 -1.45 57.03
N ALA P 227 -24.91 -2.27 56.90
CA ALA P 227 -25.04 -3.10 55.71
C ALA P 227 -25.23 -2.24 54.47
N CYS P 228 -26.06 -1.19 54.55
CA CYS P 228 -26.26 -0.33 53.39
C CYS P 228 -24.96 0.42 53.02
N ASP P 229 -24.24 0.91 54.02
CA ASP P 229 -22.97 1.57 53.75
C ASP P 229 -21.98 0.60 53.10
N SER P 230 -21.94 -0.64 53.59
CA SER P 230 -21.08 -1.65 53.00
C SER P 230 -21.49 -1.95 51.56
N ILE P 231 -22.79 -1.94 51.29
CA ILE P 231 -23.26 -2.18 49.92
C ILE P 231 -22.75 -1.09 48.99
N GLN P 232 -22.88 0.18 49.41
CA GLN P 232 -22.43 1.28 48.57
C GLN P 232 -20.92 1.23 48.36
N THR P 233 -20.17 0.99 49.44
CA THR P 233 -18.71 0.90 49.32
C THR P 233 -18.32 -0.27 48.45
N PHE P 234 -19.04 -1.38 48.55
CA PHE P 234 -18.75 -2.56 47.73
C PHE P 234 -18.95 -2.26 46.26
N LYS P 235 -20.04 -1.58 45.92
CA LYS P 235 -20.26 -1.19 44.53
C LYS P 235 -19.11 -0.33 44.02
N LEU P 236 -18.74 0.69 44.80
CA LEU P 236 -17.67 1.59 44.38
C LEU P 236 -16.35 0.84 44.18
N VAL P 237 -15.98 0.00 45.15
CA VAL P 237 -14.71 -0.70 45.10
C VAL P 237 -14.69 -1.70 43.95
N VAL P 238 -15.79 -2.42 43.75
CA VAL P 238 -15.84 -3.40 42.66
C VAL P 238 -15.70 -2.69 41.32
N LYS P 239 -16.40 -1.58 41.13
CA LYS P 239 -16.28 -0.85 39.87
C LYS P 239 -14.84 -0.38 39.65
N THR P 240 -14.23 0.18 40.68
CA THR P 240 -12.86 0.69 40.53
C THR P 240 -11.88 -0.43 40.21
N ILE P 241 -11.97 -1.56 40.91
CA ILE P 241 -11.03 -2.65 40.69
C ILE P 241 -11.24 -3.28 39.33
N ALA P 242 -12.50 -3.42 38.90
CA ALA P 242 -12.75 -3.95 37.56
C ALA P 242 -12.19 -3.02 36.50
N ARG P 243 -12.35 -1.71 36.68
CA ARG P 243 -11.72 -0.77 35.75
C ARG P 243 -10.20 -0.90 35.77
N LYS P 244 -9.62 -1.26 36.92
CA LYS P 244 -8.15 -1.42 37.02
C LYS P 244 -7.68 -2.52 36.06
N HIS P 245 -8.40 -3.65 36.03
CA HIS P 245 -8.00 -4.79 35.20
C HIS P 245 -8.62 -4.76 33.81
N GLY P 246 -8.97 -3.58 33.31
CA GLY P 246 -9.53 -3.49 31.97
C GLY P 246 -10.88 -4.17 31.82
N LEU P 247 -11.75 -4.03 32.82
CA LEU P 247 -13.07 -4.63 32.79
C LEU P 247 -14.10 -3.62 33.27
N HIS P 248 -15.35 -3.85 32.91
CA HIS P 248 -16.47 -3.03 33.35
C HIS P 248 -17.38 -3.90 34.20
N ALA P 249 -17.54 -3.53 35.46
CA ALA P 249 -18.43 -4.23 36.38
C ALA P 249 -19.75 -3.49 36.42
N THR P 250 -20.83 -4.18 36.07
CA THR P 250 -22.15 -3.57 36.02
C THR P 250 -23.10 -4.30 36.96
N PHE P 251 -23.95 -3.52 37.61
CA PHE P 251 -25.00 -4.01 38.49
C PHE P 251 -26.39 -3.83 37.87
N MET P 252 -26.47 -3.76 36.55
CA MET P 252 -27.77 -3.66 35.89
C MET P 252 -28.56 -4.93 36.16
N PRO P 253 -29.85 -4.84 36.47
CA PRO P 253 -30.63 -6.05 36.76
C PRO P 253 -30.66 -7.05 35.62
N LYS P 254 -30.68 -6.58 34.37
CA LYS P 254 -30.77 -7.48 33.21
C LYS P 254 -30.03 -6.85 32.04
N PRO P 255 -28.70 -6.95 32.02
CA PRO P 255 -27.95 -6.38 30.91
C PRO P 255 -28.21 -7.07 29.57
N LEU P 256 -28.52 -8.37 29.58
CA LEU P 256 -28.70 -9.14 28.35
C LEU P 256 -30.00 -9.90 28.38
N PHE P 257 -30.57 -10.13 27.21
CA PHE P 257 -31.82 -10.86 27.06
C PHE P 257 -31.54 -12.35 26.95
N GLY P 258 -32.45 -13.14 27.52
CA GLY P 258 -32.32 -14.58 27.47
C GLY P 258 -31.29 -15.16 28.41
N VAL P 259 -30.75 -14.35 29.31
CA VAL P 259 -29.72 -14.78 30.26
C VAL P 259 -30.20 -14.39 31.65
N ASN P 260 -29.67 -15.09 32.66
CA ASN P 260 -30.07 -14.82 34.04
C ASN P 260 -29.75 -13.39 34.42
N GLY P 261 -30.64 -12.77 35.20
CA GLY P 261 -30.43 -11.43 35.68
C GLY P 261 -29.62 -11.39 36.96
N SER P 262 -29.42 -10.18 37.46
CA SER P 262 -28.66 -9.94 38.68
C SER P 262 -29.62 -9.56 39.80
N GLY P 263 -29.47 -10.20 40.96
CA GLY P 263 -30.32 -9.91 42.09
C GLY P 263 -29.53 -9.53 43.33
N MET P 264 -30.21 -8.97 44.32
CA MET P 264 -29.60 -8.54 45.58
C MET P 264 -30.44 -9.05 46.75
N HIS P 265 -30.67 -10.36 46.77
CA HIS P 265 -31.48 -10.98 47.82
C HIS P 265 -31.07 -10.46 49.20
N PHE P 266 -32.08 -10.12 50.00
CA PHE P 266 -31.88 -9.58 51.34
C PHE P 266 -32.31 -10.62 52.36
N ASN P 267 -31.38 -11.04 53.23
CA ASN P 267 -31.69 -11.93 54.34
C ASN P 267 -31.78 -11.07 55.58
N MET P 268 -33.00 -10.87 56.09
CA MET P 268 -33.25 -9.99 57.22
C MET P 268 -33.64 -10.79 58.44
N SER P 269 -33.16 -10.33 59.60
CA SER P 269 -33.52 -10.92 60.88
C SER P 269 -33.75 -9.80 61.88
N LEU P 270 -34.71 -10.00 62.77
CA LEU P 270 -35.08 -9.02 63.78
C LEU P 270 -34.65 -9.52 65.15
N PHE P 271 -34.00 -8.65 65.92
CA PHE P 271 -33.45 -9.05 67.21
C PHE P 271 -34.11 -8.27 68.34
N ASN P 272 -34.14 -8.89 69.52
CA ASN P 272 -34.60 -8.22 70.73
C ASN P 272 -33.59 -8.39 71.85
N GLU P 273 -33.98 -8.05 73.08
CA GLU P 273 -33.08 -8.19 74.21
C GLU P 273 -32.69 -9.65 74.43
N LYS P 274 -33.65 -10.55 74.33
CA LYS P 274 -33.38 -11.97 74.55
C LYS P 274 -32.47 -12.53 73.46
N GLY P 275 -32.81 -12.28 72.20
CA GLY P 275 -32.02 -12.78 71.10
C GLY P 275 -32.70 -12.60 69.76
N ASN P 276 -32.73 -13.64 68.94
CA ASN P 276 -33.42 -13.59 67.66
C ASN P 276 -34.92 -13.66 67.87
N ALA P 277 -35.65 -12.67 67.35
CA ALA P 277 -37.09 -12.64 67.52
C ALA P 277 -37.84 -13.55 66.56
N PHE P 278 -37.17 -14.03 65.52
CA PHE P 278 -37.80 -14.90 64.52
C PHE P 278 -37.71 -16.38 64.88
N PHE P 279 -37.02 -16.73 65.96
CA PHE P 279 -36.76 -18.12 66.29
C PHE P 279 -37.62 -18.54 67.48
N ASP P 280 -38.25 -19.70 67.37
CA ASP P 280 -39.06 -20.27 68.44
C ASP P 280 -39.06 -21.78 68.27
N GLU P 281 -38.41 -22.49 69.20
CA GLU P 281 -38.29 -23.94 69.07
C GLU P 281 -39.64 -24.63 69.16
N SER P 282 -40.61 -24.01 69.82
CA SER P 282 -41.91 -24.61 70.02
C SER P 282 -42.92 -24.22 68.94
N GLY P 283 -42.53 -23.38 67.98
CA GLY P 283 -43.45 -22.95 66.94
C GLY P 283 -43.37 -23.80 65.69
N GLU P 284 -44.38 -23.65 64.85
CA GLU P 284 -44.41 -24.36 63.58
C GLU P 284 -43.26 -23.90 62.70
N LEU P 285 -42.57 -24.86 62.08
CA LEU P 285 -41.37 -24.61 61.28
C LEU P 285 -40.27 -23.96 62.09
N GLU P 286 -40.33 -24.09 63.42
CA GLU P 286 -39.41 -23.41 64.33
C GLU P 286 -39.37 -21.90 64.06
N LEU P 287 -40.55 -21.32 63.85
CA LEU P 287 -40.70 -19.90 63.59
C LEU P 287 -41.63 -19.29 64.62
N SER P 288 -41.26 -18.11 65.11
CA SER P 288 -42.06 -17.42 66.11
C SER P 288 -43.26 -16.73 65.45
N GLN P 289 -44.21 -16.32 66.29
CA GLN P 289 -45.35 -15.56 65.78
C GLN P 289 -44.91 -14.22 65.20
N THR P 290 -43.82 -13.66 65.74
CA THR P 290 -43.28 -12.43 65.18
C THR P 290 -42.83 -12.64 63.73
N ALA P 291 -42.20 -13.77 63.45
CA ALA P 291 -41.77 -14.07 62.09
C ALA P 291 -42.97 -14.20 61.15
N TYR P 292 -44.04 -14.84 61.61
CA TYR P 292 -45.22 -14.99 60.78
C TYR P 292 -45.90 -13.65 60.53
N HIS P 293 -45.96 -12.80 61.54
CA HIS P 293 -46.51 -11.45 61.34
C HIS P 293 -45.66 -10.66 60.37
N PHE P 294 -44.34 -10.78 60.46
CA PHE P 294 -43.45 -10.11 59.52
C PHE P 294 -43.68 -10.63 58.10
N LEU P 295 -43.86 -11.93 57.95
CA LEU P 295 -44.16 -12.50 56.63
C LEU P 295 -45.47 -11.94 56.08
N ALA P 296 -46.49 -11.89 56.92
CA ALA P 296 -47.78 -11.37 56.48
C ALA P 296 -47.68 -9.92 56.04
N GLY P 297 -46.95 -9.11 56.82
CA GLY P 297 -46.76 -7.72 56.44
C GLY P 297 -45.97 -7.57 55.15
N MET P 298 -44.92 -8.38 54.99
CA MET P 298 -44.10 -8.31 53.78
C MET P 298 -44.88 -8.72 52.54
N LEU P 299 -45.72 -9.75 52.66
CA LEU P 299 -46.50 -10.21 51.52
C LEU P 299 -47.67 -9.29 51.21
N LYS P 300 -48.28 -8.69 52.23
CA LYS P 300 -49.44 -7.84 51.99
C LYS P 300 -49.08 -6.61 51.17
N HIS P 301 -47.94 -5.98 51.47
CA HIS P 301 -47.55 -4.74 50.84
C HIS P 301 -46.49 -4.90 49.77
N ALA P 302 -46.23 -6.14 49.32
CA ALA P 302 -45.20 -6.36 48.31
C ALA P 302 -45.51 -5.62 47.03
N ARG P 303 -46.78 -5.65 46.61
CA ARG P 303 -47.20 -4.89 45.44
C ARG P 303 -46.96 -3.39 45.64
N GLY P 304 -46.93 -2.93 46.88
CA GLY P 304 -46.69 -1.55 47.19
C GLY P 304 -45.24 -1.12 47.03
N TYR P 305 -44.31 -1.85 47.65
CA TYR P 305 -42.90 -1.48 47.63
C TYR P 305 -42.13 -2.11 46.49
N THR P 306 -42.81 -2.82 45.58
CA THR P 306 -42.11 -3.34 44.41
C THR P 306 -41.45 -2.23 43.61
N ALA P 307 -42.07 -1.05 43.57
CA ALA P 307 -41.48 0.08 42.88
C ALA P 307 -40.18 0.51 43.53
N VAL P 308 -40.14 0.56 44.87
CA VAL P 308 -38.95 1.00 45.57
C VAL P 308 -37.83 -0.04 45.43
N THR P 309 -38.18 -1.32 45.55
CA THR P 309 -37.16 -2.37 45.46
C THR P 309 -36.67 -2.57 44.04
N ASN P 310 -37.46 -2.20 43.02
CA ASN P 310 -37.08 -2.31 41.62
C ASN P 310 -37.35 -0.97 40.95
N PRO P 311 -36.46 -0.01 41.12
CA PRO P 311 -36.75 1.37 40.70
C PRO P 311 -36.40 1.71 39.26
N THR P 312 -35.87 0.78 38.48
CA THR P 312 -35.46 1.07 37.11
C THR P 312 -36.38 0.40 36.11
N ILE P 313 -36.37 0.92 34.89
CA ILE P 313 -37.13 0.31 33.80
C ILE P 313 -36.62 -1.10 33.52
N ASN P 314 -35.29 -1.25 33.46
CA ASN P 314 -34.70 -2.55 33.18
C ASN P 314 -34.98 -3.58 34.26
N SER P 315 -35.29 -3.13 35.48
CA SER P 315 -35.52 -4.05 36.58
C SER P 315 -36.64 -5.02 36.26
N PHE P 316 -37.74 -4.52 35.72
CA PHE P 316 -38.89 -5.37 35.41
C PHE P 316 -38.64 -6.26 34.21
N LYS P 317 -37.55 -6.06 33.47
CA LYS P 317 -37.14 -7.05 32.48
C LYS P 317 -36.56 -8.29 33.15
N ARG P 318 -36.04 -8.16 34.36
CA ARG P 318 -35.55 -9.31 35.10
C ARG P 318 -36.69 -10.13 35.68
N LEU P 319 -37.78 -9.47 36.10
CA LEU P 319 -38.91 -10.15 36.73
C LEU P 319 -39.78 -10.81 35.66
N VAL P 320 -39.21 -11.83 35.03
CA VAL P 320 -39.91 -12.62 34.03
C VAL P 320 -39.75 -14.09 34.38
N PRO P 321 -40.72 -14.94 34.04
CA PRO P 321 -40.61 -16.36 34.40
C PRO P 321 -39.49 -17.06 33.66
N GLY P 322 -38.94 -18.10 34.31
CA GLY P 322 -37.94 -18.95 33.69
C GLY P 322 -36.50 -18.60 33.99
N TYR P 323 -36.24 -17.58 34.81
CA TYR P 323 -34.88 -17.18 35.13
C TYR P 323 -34.68 -17.05 36.64
N GLU P 324 -35.47 -17.79 37.41
CA GLU P 324 -35.39 -17.89 38.86
C GLU P 324 -35.70 -16.59 39.58
N ALA P 325 -36.05 -15.52 38.85
CA ALA P 325 -36.50 -14.30 39.50
C ALA P 325 -37.95 -14.45 39.94
N PRO P 326 -38.33 -13.85 41.07
CA PRO P 326 -39.72 -13.96 41.52
C PRO P 326 -40.69 -13.26 40.58
N CYS P 327 -41.88 -13.83 40.47
CA CYS P 327 -42.94 -13.23 39.68
C CYS P 327 -44.30 -13.22 40.35
N TYR P 328 -44.47 -13.93 41.46
CA TYR P 328 -45.75 -14.03 42.15
C TYR P 328 -45.55 -13.78 43.63
N ILE P 329 -46.57 -13.21 44.26
CA ILE P 329 -46.51 -12.90 45.69
C ILE P 329 -46.82 -14.15 46.49
N ALA P 330 -45.78 -14.89 46.87
CA ALA P 330 -45.94 -16.10 47.65
C ALA P 330 -44.64 -16.37 48.39
N TRP P 331 -44.74 -17.18 49.44
CA TRP P 331 -43.58 -17.55 50.25
C TRP P 331 -43.50 -19.06 50.38
N SER P 332 -42.28 -19.56 50.50
CA SER P 332 -42.07 -21.00 50.60
C SER P 332 -40.71 -21.25 51.23
N GLY P 333 -40.52 -22.47 51.72
CA GLY P 333 -39.25 -22.89 52.25
C GLY P 333 -38.37 -23.50 51.17
N LYS P 334 -39.01 -24.08 50.15
CA LYS P 334 -38.27 -24.68 49.04
C LYS P 334 -39.20 -24.67 47.82
N ASN P 335 -38.91 -23.76 46.89
CA ASN P 335 -39.72 -23.63 45.69
C ASN P 335 -38.89 -22.96 44.61
N ARG P 336 -39.36 -23.11 43.36
CA ARG P 336 -38.69 -22.47 42.20
C ARG P 336 -39.05 -20.99 42.17
N SER P 337 -38.13 -20.13 42.62
CA SER P 337 -38.28 -18.68 42.59
C SER P 337 -39.48 -18.20 43.39
N PRO P 338 -39.46 -18.29 44.72
CA PRO P 338 -40.50 -17.66 45.53
C PRO P 338 -40.14 -16.22 45.85
N LEU P 339 -41.18 -15.42 46.11
CA LEU P 339 -40.94 -14.03 46.47
C LEU P 339 -40.20 -13.91 47.79
N VAL P 340 -40.59 -14.70 48.78
CA VAL P 340 -39.95 -14.73 50.09
C VAL P 340 -39.57 -16.16 50.39
N ARG P 341 -38.31 -16.38 50.77
CA ARG P 341 -37.79 -17.71 51.07
C ARG P 341 -37.31 -17.75 52.51
N VAL P 342 -37.59 -18.86 53.18
CA VAL P 342 -37.17 -19.07 54.57
C VAL P 342 -36.02 -20.06 54.55
N PRO P 343 -34.78 -19.62 54.80
CA PRO P 343 -33.65 -20.56 54.82
C PRO P 343 -33.80 -21.57 55.94
N SER P 344 -33.22 -22.75 55.71
CA SER P 344 -33.36 -23.85 56.67
C SER P 344 -32.62 -23.60 57.97
N SER P 345 -31.65 -22.69 57.99
CA SER P 345 -30.89 -22.42 59.20
C SER P 345 -31.78 -21.82 60.27
N ARG P 346 -31.56 -22.23 61.52
CA ARG P 346 -32.35 -21.75 62.64
C ARG P 346 -31.45 -21.28 63.77
N GLY P 347 -32.04 -20.99 64.93
CA GLY P 347 -31.28 -20.44 66.05
C GLY P 347 -31.07 -18.95 65.89
N LEU P 348 -29.85 -18.49 66.15
CA LEU P 348 -29.54 -17.08 65.92
C LEU P 348 -29.45 -16.73 64.45
N SER P 349 -29.44 -17.72 63.56
CA SER P 349 -29.34 -17.50 62.12
C SER P 349 -30.70 -17.50 61.43
N THR P 350 -31.79 -17.53 62.19
CA THR P 350 -33.11 -17.49 61.59
C THR P 350 -33.31 -16.17 60.86
N ARG P 351 -33.82 -16.23 59.64
CA ARG P 351 -33.95 -15.04 58.82
C ARG P 351 -34.97 -15.29 57.72
N LEU P 352 -35.45 -14.21 57.13
CA LEU P 352 -36.35 -14.25 55.99
C LEU P 352 -35.65 -13.61 54.80
N GLU P 353 -35.70 -14.26 53.65
CA GLU P 353 -35.01 -13.78 52.46
C GLU P 353 -36.03 -13.25 51.46
N LEU P 354 -35.86 -11.98 51.08
CA LEU P 354 -36.61 -11.37 50.00
C LEU P 354 -35.75 -11.37 48.74
N ARG P 355 -36.30 -11.91 47.66
CA ARG P 355 -35.54 -12.13 46.44
C ARG P 355 -35.90 -11.17 45.31
N SER P 356 -36.84 -10.26 45.53
CA SER P 356 -37.25 -9.35 44.47
C SER P 356 -36.33 -8.15 44.33
N VAL P 357 -35.44 -7.93 45.31
CA VAL P 357 -34.56 -6.76 45.26
C VAL P 357 -33.47 -6.98 44.24
N ASP P 358 -33.09 -5.91 43.54
CA ASP P 358 -32.02 -5.93 42.56
C ASP P 358 -30.91 -4.97 42.98
N PRO P 359 -29.70 -5.13 42.45
CA PRO P 359 -28.59 -4.25 42.87
C PRO P 359 -28.80 -2.79 42.54
N SER P 360 -29.69 -2.46 41.60
CA SER P 360 -29.93 -1.07 41.24
C SER P 360 -30.70 -0.30 42.30
N ALA P 361 -31.32 -0.98 43.24
CA ALA P 361 -32.16 -0.30 44.23
C ALA P 361 -31.31 0.47 45.24
N ASN P 362 -31.90 1.50 45.80
CA ASN P 362 -31.27 2.23 46.90
C ASN P 362 -31.40 1.41 48.17
N PRO P 363 -30.28 1.02 48.80
CA PRO P 363 -30.40 0.15 49.99
C PRO P 363 -31.18 0.78 51.13
N TYR P 364 -31.01 2.09 51.36
CA TYR P 364 -31.68 2.73 52.48
C TYR P 364 -33.18 2.76 52.29
N LEU P 365 -33.64 3.15 51.10
CA LEU P 365 -35.08 3.20 50.84
C LEU P 365 -35.70 1.81 50.90
N ALA P 366 -35.03 0.81 50.33
CA ALA P 366 -35.55 -0.54 50.35
C ALA P 366 -35.65 -1.06 51.77
N MET P 367 -34.62 -0.85 52.58
CA MET P 367 -34.68 -1.29 53.97
C MET P 367 -35.77 -0.55 54.73
N ALA P 368 -35.94 0.75 54.48
CA ALA P 368 -36.96 1.51 55.17
C ALA P 368 -38.34 0.97 54.85
N VAL P 369 -38.64 0.73 53.58
CA VAL P 369 -39.97 0.27 53.21
C VAL P 369 -40.22 -1.15 53.71
N LEU P 370 -39.20 -2.02 53.63
CA LEU P 370 -39.36 -3.38 54.12
C LEU P 370 -39.59 -3.41 55.63
N LEU P 371 -38.83 -2.60 56.37
CA LEU P 371 -39.03 -2.52 57.82
C LEU P 371 -40.40 -1.97 58.15
N LYS P 372 -40.86 -0.96 57.40
CA LYS P 372 -42.19 -0.43 57.65
C LYS P 372 -43.26 -1.48 57.41
N ALA P 373 -43.14 -2.24 56.32
CA ALA P 373 -44.12 -3.28 56.03
C ALA P 373 -44.12 -4.36 57.11
N GLY P 374 -42.94 -4.82 57.52
CA GLY P 374 -42.88 -5.83 58.57
C GLY P 374 -43.41 -5.32 59.90
N LEU P 375 -43.10 -4.08 60.24
CA LEU P 375 -43.59 -3.50 61.49
C LEU P 375 -45.11 -3.36 61.46
N SER P 376 -45.68 -2.95 60.32
CA SER P 376 -47.13 -2.88 60.20
C SER P 376 -47.76 -4.26 60.34
N GLY P 377 -47.13 -5.28 59.73
CA GLY P 377 -47.64 -6.62 59.89
C GLY P 377 -47.61 -7.10 61.32
N ILE P 378 -46.54 -6.78 62.04
CA ILE P 378 -46.45 -7.15 63.45
C ILE P 378 -47.51 -6.43 64.27
N LYS P 379 -47.68 -5.13 64.04
CA LYS P 379 -48.66 -4.37 64.80
C LYS P 379 -50.07 -4.85 64.55
N ASP P 380 -50.41 -5.16 63.29
CA ASP P 380 -51.74 -5.62 62.96
C ASP P 380 -51.93 -7.11 63.25
N GLU P 381 -50.85 -7.85 63.52
CA GLU P 381 -50.92 -9.29 63.81
C GLU P 381 -51.61 -10.04 62.69
N LEU P 382 -51.25 -9.72 61.45
CA LEU P 382 -51.84 -10.37 60.30
C LEU P 382 -51.40 -11.83 60.21
N THR P 383 -52.31 -12.68 59.71
CA THR P 383 -52.01 -14.09 59.51
C THR P 383 -51.47 -14.30 58.11
N PRO P 384 -50.29 -14.88 57.94
CA PRO P 384 -49.74 -15.05 56.59
C PRO P 384 -50.47 -16.15 55.85
N PRO P 385 -50.49 -16.10 54.52
CA PRO P 385 -51.10 -17.18 53.75
C PRO P 385 -50.26 -18.45 53.82
N ALA P 386 -50.90 -19.57 53.54
CA ALA P 386 -50.21 -20.84 53.58
C ALA P 386 -49.12 -20.88 52.51
N PRO P 387 -47.97 -21.47 52.80
CA PRO P 387 -46.91 -21.54 51.80
C PRO P 387 -47.31 -22.43 50.63
N VAL P 388 -46.77 -22.12 49.46
CA VAL P 388 -47.07 -22.83 48.24
C VAL P 388 -45.84 -23.62 47.81
N ASP P 389 -46.04 -24.88 47.44
CA ASP P 389 -44.95 -25.77 47.05
C ASP P 389 -45.35 -26.68 45.90
N ARG P 390 -46.26 -26.22 45.04
CA ARG P 390 -46.87 -27.09 44.03
C ARG P 390 -46.47 -26.63 42.64
N ASN P 391 -45.44 -25.79 42.56
CA ASN P 391 -44.94 -25.23 41.30
C ASN P 391 -46.03 -24.38 40.61
N ILE P 392 -46.33 -23.26 41.26
CA ILE P 392 -47.32 -22.28 40.81
C ILE P 392 -47.17 -21.95 39.33
N TYR P 393 -45.95 -22.10 38.80
CA TYR P 393 -45.74 -21.91 37.37
C TYR P 393 -46.50 -22.94 36.54
N GLY P 394 -46.92 -24.05 37.15
CA GLY P 394 -47.66 -25.05 36.41
C GLY P 394 -49.00 -24.57 35.91
N MET P 395 -49.73 -23.86 36.75
CA MET P 395 -51.06 -23.39 36.35
C MET P 395 -50.96 -22.09 35.57
N ASN P 396 -52.09 -21.70 34.97
CA ASN P 396 -52.20 -20.43 34.28
C ASN P 396 -52.45 -19.31 35.30
N GLU P 397 -52.53 -18.07 34.81
CA GLU P 397 -52.79 -16.95 35.70
C GLU P 397 -54.17 -17.07 36.35
N GLU P 398 -55.17 -17.47 35.57
CA GLU P 398 -56.53 -17.60 36.12
C GLU P 398 -56.61 -18.73 37.15
N GLU P 399 -55.92 -19.84 36.89
CA GLU P 399 -55.99 -20.99 37.80
C GLU P 399 -55.32 -20.73 39.15
N ARG P 400 -54.40 -19.76 39.23
CA ARG P 400 -53.76 -19.41 40.47
C ARG P 400 -54.28 -18.12 41.09
N GLU P 401 -54.99 -17.29 40.32
CA GLU P 401 -55.60 -16.10 40.89
C GLU P 401 -56.77 -16.44 41.81
N ALA P 402 -57.32 -17.65 41.69
CA ALA P 402 -58.38 -18.07 42.60
C ALA P 402 -57.87 -18.13 44.04
N THR P 403 -56.65 -18.64 44.22
CA THR P 403 -56.02 -18.65 45.54
C THR P 403 -55.41 -17.28 45.82
N GLY P 404 -54.61 -17.18 46.87
CA GLY P 404 -54.01 -15.92 47.25
C GLY P 404 -52.82 -15.48 46.42
N ILE P 405 -52.49 -16.23 45.37
CA ILE P 405 -51.32 -15.91 44.54
C ILE P 405 -51.68 -14.75 43.62
N TYR P 406 -50.87 -13.69 43.66
CA TYR P 406 -51.07 -12.53 42.81
C TYR P 406 -49.77 -12.19 42.10
N ASP P 407 -49.89 -11.50 40.97
CA ASP P 407 -48.74 -11.15 40.16
C ASP P 407 -48.11 -9.85 40.64
N LEU P 408 -46.78 -9.78 40.56
CA LEU P 408 -46.09 -8.53 40.79
C LEU P 408 -46.35 -7.58 39.61
N PRO P 409 -46.20 -6.28 39.83
CA PRO P 409 -46.38 -5.33 38.71
C PRO P 409 -45.43 -5.66 37.56
N GLU P 410 -45.94 -5.56 36.34
CA GLU P 410 -45.18 -5.95 35.16
C GLU P 410 -44.38 -4.80 34.56
N SER P 411 -44.62 -3.57 34.99
CA SER P 411 -43.90 -2.42 34.46
C SER P 411 -43.72 -1.41 35.58
N LEU P 412 -42.80 -0.47 35.35
CA LEU P 412 -42.52 0.55 36.37
C LEU P 412 -43.71 1.47 36.58
N GLY P 413 -44.51 1.71 35.53
CA GLY P 413 -45.68 2.55 35.69
C GLY P 413 -46.72 1.96 36.61
N HIS P 414 -46.98 0.65 36.46
CA HIS P 414 -47.92 -0.01 37.36
C HIS P 414 -47.42 -0.02 38.79
N ALA P 415 -46.11 -0.22 38.96
CA ALA P 415 -45.53 -0.16 40.30
C ALA P 415 -45.65 1.23 40.90
N LEU P 416 -45.48 2.27 40.08
CA LEU P 416 -45.67 3.64 40.56
C LEU P 416 -47.10 3.89 40.98
N ILE P 417 -48.06 3.36 40.21
CA ILE P 417 -49.46 3.48 40.60
C ILE P 417 -49.71 2.80 41.93
N GLU P 418 -49.14 1.60 42.11
CA GLU P 418 -49.30 0.87 43.36
C GLU P 418 -48.69 1.64 44.52
N LEU P 419 -47.54 2.28 44.30
CA LEU P 419 -46.97 3.16 45.32
C LEU P 419 -47.92 4.29 45.66
N GLU P 420 -48.47 4.96 44.65
CA GLU P 420 -49.36 6.08 44.89
C GLU P 420 -50.64 5.65 45.59
N LYS P 421 -51.00 4.37 45.50
CA LYS P 421 -52.18 3.89 46.22
C LYS P 421 -51.87 3.54 47.67
N ASN P 422 -50.76 2.84 47.93
CA ASN P 422 -50.42 2.38 49.26
C ASN P 422 -50.04 3.54 50.18
N GLU P 423 -50.51 3.50 51.43
CA GLU P 423 -50.24 4.57 52.38
C GLU P 423 -49.12 4.24 53.36
N ILE P 424 -48.99 2.97 53.75
CA ILE P 424 -47.95 2.59 54.72
C ILE P 424 -46.57 2.80 54.12
N ILE P 425 -46.39 2.49 52.84
CA ILE P 425 -45.11 2.72 52.19
C ILE P 425 -44.82 4.21 52.10
N LYS P 426 -45.85 5.03 51.86
CA LYS P 426 -45.66 6.47 51.87
C LYS P 426 -45.21 6.95 53.25
N ASP P 427 -45.80 6.42 54.31
CA ASP P 427 -45.38 6.79 55.66
C ASP P 427 -43.96 6.36 55.93
N GLY P 428 -43.56 5.18 55.45
CA GLY P 428 -42.21 4.71 55.62
C GLY P 428 -41.17 5.44 54.80
N LEU P 429 -41.58 6.05 53.69
CA LEU P 429 -40.67 6.84 52.87
C LEU P 429 -40.60 8.31 53.27
N GLY P 430 -41.65 8.89 53.82
CA GLY P 430 -41.70 10.30 54.07
C GLY P 430 -42.17 11.09 52.86
N GLU P 431 -42.81 12.22 53.14
CA GLU P 431 -43.44 12.99 52.07
C GLU P 431 -42.41 13.50 51.06
N HIS P 432 -41.29 14.04 51.55
CA HIS P 432 -40.28 14.61 50.66
C HIS P 432 -39.73 13.54 49.72
N ILE P 433 -39.27 12.42 50.28
CA ILE P 433 -38.69 11.36 49.48
C ILE P 433 -39.73 10.78 48.54
N PHE P 434 -40.95 10.58 49.02
CA PHE P 434 -42.00 10.01 48.17
C PHE P 434 -42.28 10.89 46.97
N GLU P 435 -42.45 12.21 47.21
CA GLU P 435 -42.76 13.10 46.11
C GLU P 435 -41.62 13.16 45.10
N HIS P 436 -40.39 13.28 45.58
CA HIS P 436 -39.27 13.40 44.62
C HIS P 436 -39.04 12.09 43.87
N PHE P 437 -39.18 10.95 44.55
CA PHE P 437 -39.05 9.66 43.88
C PHE P 437 -40.13 9.48 42.83
N ILE P 438 -41.37 9.85 43.15
CA ILE P 438 -42.46 9.72 42.19
C ILE P 438 -42.20 10.60 40.98
N GLU P 439 -41.76 11.84 41.21
CA GLU P 439 -41.50 12.75 40.10
C GLU P 439 -40.40 12.19 39.19
N ALA P 440 -39.29 11.76 39.78
CA ALA P 440 -38.18 11.25 38.97
C ALA P 440 -38.60 10.00 38.19
N LYS P 441 -39.32 9.09 38.84
CA LYS P 441 -39.69 7.85 38.18
C LYS P 441 -40.73 8.08 37.09
N THR P 442 -41.66 9.02 37.30
CA THR P 442 -42.61 9.35 36.24
C THR P 442 -41.90 9.98 35.05
N ILE P 443 -40.91 10.83 35.31
CA ILE P 443 -40.11 11.42 34.19
C ILE P 443 -39.43 10.27 33.44
N GLU P 444 -38.84 9.32 34.18
CA GLU P 444 -38.13 8.17 33.55
C GLU P 444 -39.09 7.37 32.69
N CYS P 445 -40.29 7.09 33.21
CA CYS P 445 -41.27 6.31 32.46
C CYS P 445 -41.72 7.04 31.21
N ASP P 446 -41.96 8.35 31.32
CA ASP P 446 -42.35 9.12 30.14
C ASP P 446 -41.24 9.15 29.10
N MET P 447 -39.99 9.27 29.56
CA MET P 447 -38.87 9.28 28.62
C MET P 447 -38.75 7.95 27.90
N PHE P 448 -38.96 6.84 28.60
CA PHE P 448 -38.87 5.53 27.96
C PHE P 448 -40.04 5.27 27.04
N ARG P 449 -41.24 5.74 27.40
CA ARG P 449 -42.44 5.42 26.64
C ARG P 449 -42.42 6.04 25.25
N THR P 450 -41.94 7.28 25.14
CA THR P 450 -41.97 8.00 23.87
C THR P 450 -40.78 7.69 22.97
N ALA P 451 -39.81 6.93 23.44
CA ALA P 451 -38.64 6.61 22.63
C ALA P 451 -38.99 5.57 21.57
N VAL P 452 -38.24 5.60 20.48
CA VAL P 452 -38.38 4.62 19.39
C VAL P 452 -37.14 3.73 19.43
N HIS P 453 -37.35 2.46 19.63
CA HIS P 453 -36.25 1.52 19.79
C HIS P 453 -35.97 0.79 18.50
N PRO P 454 -34.73 0.31 18.31
CA PRO P 454 -34.42 -0.45 17.10
C PRO P 454 -35.22 -1.73 16.96
N TRP P 455 -35.77 -2.24 18.07
CA TRP P 455 -36.66 -3.42 18.00
C TRP P 455 -37.83 -3.09 17.09
N GLU P 456 -38.44 -1.92 17.28
CA GLU P 456 -39.61 -1.53 16.49
C GLU P 456 -39.26 -1.43 15.01
N ARG P 457 -38.09 -0.88 14.68
CA ARG P 457 -37.68 -0.80 13.29
C ARG P 457 -37.43 -2.18 12.70
N GLU P 458 -36.78 -3.06 13.47
CA GLU P 458 -36.53 -4.41 12.97
C GLU P 458 -37.84 -5.18 12.77
N GLN P 459 -38.88 -4.83 13.52
CA GLN P 459 -40.14 -5.55 13.40
C GLN P 459 -41.10 -4.93 12.38
N TYR P 460 -40.98 -3.64 12.09
CA TYR P 460 -42.03 -3.01 11.22
C TYR P 460 -41.47 -2.22 10.03
N LEU P 461 -40.18 -1.87 10.00
CA LEU P 461 -39.70 -1.02 8.92
C LEU P 461 -39.90 -1.67 7.56
N GLU P 462 -39.62 -2.97 7.46
CA GLU P 462 -39.75 -3.69 6.20
C GLU P 462 -41.14 -4.25 5.98
N ILE P 463 -41.79 -4.74 7.04
CA ILE P 463 -43.11 -5.34 6.91
C ILE P 463 -44.13 -4.28 6.48
N TYR P 464 -44.08 -3.12 7.12
CA TYR P 464 -45.03 -2.05 6.81
C TYR P 464 -44.33 -0.91 6.07
N ALA Q 22 64.72 -28.95 15.06
CA ALA Q 22 63.69 -29.37 16.00
C ALA Q 22 63.30 -28.22 16.92
N LYS Q 23 62.19 -27.57 16.59
CA LYS Q 23 61.69 -26.43 17.37
C LYS Q 23 60.79 -26.87 18.52
N TYR Q 24 60.00 -27.92 18.33
CA TYR Q 24 59.12 -28.44 19.37
C TYR Q 24 59.29 -29.95 19.48
N THR Q 25 59.01 -30.46 20.67
CA THR Q 25 59.00 -31.89 20.94
C THR Q 25 57.59 -32.31 21.34
N LYS Q 26 57.41 -33.62 21.56
CA LYS Q 26 56.10 -34.13 21.96
C LYS Q 26 55.67 -33.53 23.29
N GLU Q 27 56.59 -33.44 24.24
CA GLU Q 27 56.26 -32.88 25.55
C GLU Q 27 55.86 -31.42 25.43
N ASP Q 28 56.53 -30.67 24.55
CA ASP Q 28 56.15 -29.29 24.32
C ASP Q 28 54.74 -29.20 23.77
N ILE Q 29 54.38 -30.07 22.83
CA ILE Q 29 53.04 -30.06 22.26
C ILE Q 29 52.00 -30.39 23.33
N PHE Q 30 52.26 -31.38 24.17
CA PHE Q 30 51.33 -31.72 25.23
C PHE Q 30 51.17 -30.56 26.21
N ARG Q 31 52.28 -29.90 26.56
CA ARG Q 31 52.21 -28.76 27.46
C ARG Q 31 51.40 -27.62 26.84
N PHE Q 32 51.61 -27.35 25.56
CA PHE Q 32 50.84 -26.30 24.88
C PHE Q 32 49.36 -26.64 24.88
N ALA Q 33 49.03 -27.89 24.56
CA ALA Q 33 47.62 -28.29 24.53
C ALA Q 33 46.98 -28.16 25.90
N ASP Q 34 47.73 -28.51 26.95
CA ASP Q 34 47.18 -28.39 28.30
C ASP Q 34 46.99 -26.94 28.71
N GLU Q 35 47.99 -26.09 28.45
CA GLU Q 35 47.96 -24.74 28.97
C GLU Q 35 47.03 -23.82 28.18
N GLN Q 36 46.95 -23.97 26.86
CA GLN Q 36 46.05 -23.12 26.09
C GLN Q 36 44.63 -23.65 26.02
N ASN Q 37 44.36 -24.82 26.61
CA ASN Q 37 43.02 -25.38 26.68
C ASN Q 37 42.42 -25.57 25.29
N VAL Q 38 43.05 -26.43 24.51
CA VAL Q 38 42.56 -26.78 23.18
C VAL Q 38 41.82 -28.10 23.26
N LYS Q 39 40.67 -28.17 22.59
CA LYS Q 39 39.87 -29.39 22.56
C LYS Q 39 39.73 -29.98 21.17
N PHE Q 40 40.24 -29.27 20.15
CA PHE Q 40 40.14 -29.76 18.75
C PHE Q 40 41.48 -29.56 18.02
N ILE Q 41 41.92 -30.56 17.27
CA ILE Q 41 43.18 -30.44 16.47
C ILE Q 41 42.87 -30.80 15.01
N ARG Q 42 43.20 -29.90 14.08
CA ARG Q 42 42.93 -30.14 12.63
C ARG Q 42 44.21 -30.64 11.95
N LEU Q 43 44.34 -31.97 11.78
CA LEU Q 43 45.51 -32.52 11.09
C LEU Q 43 45.30 -32.28 9.60
N GLN Q 44 46.02 -31.33 9.04
CA GLN Q 44 45.75 -30.86 7.69
C GLN Q 44 46.87 -31.22 6.73
N PHE Q 45 46.52 -31.20 5.45
CA PHE Q 45 47.42 -31.54 4.35
C PHE Q 45 46.87 -30.90 3.09
N THR Q 46 47.60 -31.06 1.99
CA THR Q 46 47.25 -30.45 0.72
C THR Q 46 47.16 -31.53 -0.35
N ASP Q 47 46.08 -31.50 -1.14
CA ASP Q 47 45.88 -32.47 -2.19
C ASP Q 47 46.61 -32.02 -3.45
N ILE Q 48 46.41 -32.75 -4.55
CA ILE Q 48 47.08 -32.41 -5.81
C ILE Q 48 46.59 -31.06 -6.33
N LEU Q 49 45.28 -30.82 -6.26
CA LEU Q 49 44.71 -29.60 -6.81
C LEU Q 49 45.05 -28.37 -5.99
N GLY Q 50 45.64 -28.52 -4.81
CA GLY Q 50 45.99 -27.39 -3.97
C GLY Q 50 44.98 -27.06 -2.89
N ILE Q 51 43.86 -27.79 -2.81
CA ILE Q 51 42.86 -27.53 -1.79
C ILE Q 51 43.36 -28.05 -0.45
N ILE Q 52 43.22 -27.23 0.59
CA ILE Q 52 43.63 -27.63 1.93
C ILE Q 52 42.55 -28.54 2.51
N LYS Q 53 42.94 -29.76 2.87
CA LYS Q 53 42.04 -30.72 3.47
C LYS Q 53 42.55 -31.08 4.86
N ASN Q 54 41.69 -31.69 5.68
CA ASN Q 54 42.09 -31.95 7.08
C ASN Q 54 41.21 -33.00 7.75
N VAL Q 55 41.76 -33.69 8.77
CA VAL Q 55 40.92 -34.63 9.57
C VAL Q 55 40.84 -34.00 10.97
N GLU Q 56 39.64 -33.98 11.57
CA GLU Q 56 39.48 -33.26 12.87
C GLU Q 56 39.42 -34.28 14.01
N ILE Q 57 40.29 -34.13 15.02
CA ILE Q 57 40.34 -35.10 16.15
C ILE Q 57 40.23 -34.35 17.48
N PRO Q 58 39.59 -34.91 18.53
CA PRO Q 58 39.57 -34.27 19.84
C PRO Q 58 40.96 -34.30 20.48
N VAL Q 59 41.13 -33.46 21.50
CA VAL Q 59 42.42 -33.38 22.16
C VAL Q 59 42.77 -34.70 22.83
N SER Q 60 41.78 -35.49 23.21
CA SER Q 60 42.03 -36.77 23.86
C SER Q 60 42.77 -37.74 22.96
N GLN Q 61 42.68 -37.57 21.64
CA GLN Q 61 43.40 -38.41 20.69
C GLN Q 61 44.78 -37.87 20.35
N LEU Q 62 45.15 -36.72 20.91
CA LEU Q 62 46.39 -36.05 20.51
C LEU Q 62 47.59 -36.97 20.66
N LYS Q 63 47.67 -37.69 21.77
CA LYS Q 63 48.78 -38.62 21.97
C LYS Q 63 48.88 -39.61 20.80
N LYS Q 64 47.75 -40.21 20.42
CA LYS Q 64 47.76 -41.11 19.28
C LYS Q 64 48.22 -40.41 18.02
N ALA Q 65 47.79 -39.15 17.84
CA ALA Q 65 48.23 -38.39 16.68
C ALA Q 65 49.74 -38.20 16.69
N LEU Q 66 50.33 -38.05 17.87
CA LEU Q 66 51.77 -37.91 17.96
C LEU Q 66 52.50 -39.24 17.85
N ASP Q 67 51.78 -40.36 17.86
CA ASP Q 67 52.38 -41.67 17.68
C ASP Q 67 52.36 -42.13 16.23
N ASN Q 68 51.90 -41.27 15.31
CA ASN Q 68 51.81 -41.60 13.90
C ASN Q 68 50.97 -42.86 13.66
N LYS Q 69 49.84 -42.94 14.36
CA LYS Q 69 48.95 -44.08 14.27
C LYS Q 69 47.58 -43.75 13.68
N ILE Q 70 47.35 -42.50 13.25
CA ILE Q 70 46.06 -42.13 12.70
C ILE Q 70 45.98 -42.61 11.25
N MET Q 71 44.90 -43.32 10.93
CA MET Q 71 44.61 -43.79 9.58
C MET Q 71 43.56 -42.91 8.94
N PHE Q 72 43.69 -42.71 7.63
CA PHE Q 72 42.67 -41.99 6.88
C PHE Q 72 42.71 -42.46 5.43
N ASP Q 73 41.83 -41.89 4.61
CA ASP Q 73 41.71 -42.26 3.20
C ASP Q 73 42.66 -41.40 2.39
N GLY Q 74 43.72 -42.01 1.86
CA GLY Q 74 44.68 -41.27 1.07
C GLY Q 74 44.19 -40.86 -0.29
N SER Q 75 43.16 -41.54 -0.80
CA SER Q 75 42.63 -41.22 -2.12
C SER Q 75 42.12 -39.79 -2.22
N SER Q 76 41.77 -39.18 -1.08
CA SER Q 76 41.34 -37.79 -1.09
C SER Q 76 42.43 -36.87 -1.63
N ILE Q 77 43.69 -37.25 -1.47
CA ILE Q 77 44.79 -36.46 -2.03
C ILE Q 77 44.66 -36.37 -3.53
N GLU Q 78 44.17 -37.43 -4.18
CA GLU Q 78 43.97 -37.41 -5.62
C GLU Q 78 42.87 -36.44 -6.05
N GLY Q 79 42.08 -35.93 -5.13
CA GLY Q 79 41.03 -34.99 -5.49
C GLY Q 79 39.75 -35.66 -5.92
N PHE Q 80 39.12 -35.12 -6.97
CA PHE Q 80 37.82 -35.67 -7.44
C PHE Q 80 38.04 -36.88 -8.34
N VAL Q 81 39.27 -37.12 -8.79
CA VAL Q 81 39.52 -38.21 -9.73
C VAL Q 81 39.87 -39.47 -8.96
N ARG Q 82 39.60 -39.48 -7.66
CA ARG Q 82 39.84 -40.65 -6.84
C ARG Q 82 38.90 -41.78 -7.24
N ILE Q 83 39.40 -43.01 -7.15
CA ILE Q 83 38.63 -44.18 -7.55
C ILE Q 83 38.49 -45.14 -6.38
N GLU Q 84 39.62 -45.63 -5.87
CA GLU Q 84 39.65 -46.67 -4.87
C GLU Q 84 40.13 -46.12 -3.53
N GLU Q 85 39.45 -46.50 -2.46
CA GLU Q 85 39.86 -46.08 -1.12
C GLU Q 85 41.18 -46.74 -0.75
N SER Q 86 42.11 -45.94 -0.22
CA SER Q 86 43.42 -46.42 0.20
C SER Q 86 43.72 -45.88 1.59
N ASP Q 87 44.11 -46.78 2.50
CA ASP Q 87 44.42 -46.39 3.87
C ASP Q 87 45.83 -45.83 3.94
N MET Q 88 46.00 -44.75 4.68
CA MET Q 88 47.31 -44.12 4.80
C MET Q 88 47.45 -43.47 6.17
N TYR Q 89 48.69 -43.36 6.63
CA TYR Q 89 48.99 -42.79 7.92
C TYR Q 89 49.07 -41.27 7.82
N LEU Q 90 49.16 -40.62 8.98
CA LEU Q 90 49.03 -39.17 9.08
C LEU Q 90 50.13 -38.59 9.97
N PHE Q 91 51.39 -38.94 9.67
CA PHE Q 91 52.57 -38.40 10.34
C PHE Q 91 52.51 -36.89 10.44
N PRO Q 92 52.33 -36.32 11.62
CA PRO Q 92 52.27 -34.87 11.76
C PRO Q 92 53.66 -34.25 11.90
N ASP Q 93 53.71 -32.93 11.70
CA ASP Q 93 54.93 -32.15 11.85
C ASP Q 93 54.80 -31.30 13.10
N LEU Q 94 55.73 -31.49 14.05
CA LEU Q 94 55.62 -30.80 15.33
C LEU Q 94 55.88 -29.31 15.20
N ASP Q 95 56.76 -28.91 14.28
CA ASP Q 95 57.13 -27.50 14.14
C ASP Q 95 56.01 -26.64 13.58
N THR Q 96 54.94 -27.25 13.07
CA THR Q 96 53.84 -26.52 12.46
C THR Q 96 52.68 -26.31 13.42
N TRP Q 97 52.90 -26.46 14.72
CA TRP Q 97 51.83 -26.29 15.69
C TRP Q 97 51.44 -24.82 15.78
N VAL Q 98 50.20 -24.51 15.42
CA VAL Q 98 49.68 -23.15 15.47
C VAL Q 98 48.28 -23.20 16.09
N VAL Q 99 48.03 -22.33 17.06
CA VAL Q 99 46.74 -22.26 17.73
C VAL Q 99 45.96 -21.09 17.12
N PHE Q 100 44.76 -21.36 16.63
CA PHE Q 100 43.94 -20.33 16.04
C PHE Q 100 43.39 -19.41 17.12
N PRO Q 101 43.29 -18.10 16.86
CA PRO Q 101 42.75 -17.18 17.87
C PRO Q 101 41.23 -17.07 17.86
N TRP Q 102 40.59 -17.29 16.71
CA TRP Q 102 39.15 -17.13 16.58
C TRP Q 102 38.47 -18.46 16.95
N THR Q 103 38.55 -18.82 18.23
CA THR Q 103 37.94 -20.08 18.66
C THR Q 103 36.99 -19.92 19.85
N ALA Q 104 36.62 -18.70 20.24
CA ALA Q 104 35.72 -18.45 21.37
C ALA Q 104 36.34 -19.06 22.64
N GLU Q 105 35.50 -19.53 23.56
CA GLU Q 105 35.98 -20.07 24.83
C GLU Q 105 35.68 -21.55 25.00
N LYS Q 106 34.83 -22.14 24.17
CA LYS Q 106 34.52 -23.55 24.29
C LYS Q 106 35.61 -24.40 23.65
N GLY Q 107 36.83 -24.28 24.17
CA GLY Q 107 37.96 -25.00 23.61
C GLY Q 107 38.54 -24.34 22.39
N LYS Q 108 39.86 -24.31 22.29
CA LYS Q 108 40.54 -23.70 21.16
C LYS Q 108 40.83 -24.76 20.09
N VAL Q 109 41.25 -24.29 18.92
CA VAL Q 109 41.54 -25.15 17.78
C VAL Q 109 42.99 -24.92 17.37
N ALA Q 110 43.72 -26.01 17.18
CA ALA Q 110 45.10 -25.96 16.72
C ALA Q 110 45.26 -26.89 15.52
N ARG Q 111 46.29 -26.62 14.72
CA ARG Q 111 46.54 -27.43 13.53
C ARG Q 111 48.00 -27.81 13.46
N MET Q 112 48.27 -28.91 12.75
CA MET Q 112 49.62 -29.32 12.39
C MET Q 112 49.59 -29.91 10.99
N ILE Q 113 50.44 -29.39 10.10
CA ILE Q 113 50.57 -29.99 8.78
C ILE Q 113 51.18 -31.37 8.92
N CYS Q 114 50.57 -32.35 8.25
CA CYS Q 114 50.95 -33.74 8.40
C CYS Q 114 51.52 -34.29 7.10
N ASP Q 115 52.43 -35.24 7.22
CA ASP Q 115 52.93 -36.01 6.09
C ASP Q 115 52.09 -37.26 5.91
N ILE Q 116 52.03 -37.75 4.68
CA ILE Q 116 51.25 -38.93 4.33
C ILE Q 116 52.21 -40.10 4.13
N TYR Q 117 51.95 -41.20 4.82
CA TYR Q 117 52.81 -42.37 4.77
C TYR Q 117 52.01 -43.60 4.40
N ASN Q 118 52.64 -44.49 3.63
CA ASN Q 118 52.03 -45.75 3.29
C ASN Q 118 51.95 -46.64 4.53
N PRO Q 119 51.05 -47.63 4.52
CA PRO Q 119 50.98 -48.55 5.67
C PRO Q 119 52.27 -49.32 5.91
N ASP Q 120 53.16 -49.40 4.92
CA ASP Q 120 54.46 -50.04 5.09
C ASP Q 120 55.53 -49.05 5.52
N MET Q 121 55.13 -47.98 6.21
CA MET Q 121 56.03 -47.03 6.85
C MET Q 121 56.89 -46.27 5.84
N THR Q 122 56.35 -46.05 4.64
CA THR Q 122 57.06 -45.36 3.58
C THR Q 122 56.27 -44.13 3.16
N PRO Q 123 56.92 -42.98 2.94
CA PRO Q 123 56.17 -41.79 2.53
C PRO Q 123 55.44 -41.99 1.22
N PHE Q 124 54.23 -41.44 1.14
CA PHE Q 124 53.40 -41.62 -0.04
C PHE Q 124 53.95 -40.81 -1.20
N ALA Q 125 54.08 -41.46 -2.37
CA ALA Q 125 54.61 -40.79 -3.54
C ALA Q 125 53.64 -39.77 -4.11
N GLY Q 126 52.34 -39.92 -3.85
CA GLY Q 126 51.34 -39.00 -4.35
C GLY Q 126 51.12 -37.77 -3.50
N ASP Q 127 51.89 -37.60 -2.43
CA ASP Q 127 51.75 -36.43 -1.57
C ASP Q 127 52.65 -35.32 -2.08
N PRO Q 128 52.12 -34.14 -2.38
CA PRO Q 128 52.99 -33.06 -2.87
C PRO Q 128 54.11 -32.69 -1.91
N ARG Q 129 53.83 -32.69 -0.61
CA ARG Q 129 54.86 -32.36 0.37
C ARG Q 129 55.98 -33.39 0.36
N ALA Q 130 55.63 -34.68 0.29
CA ALA Q 130 56.65 -35.71 0.22
C ALA Q 130 57.46 -35.61 -1.07
N ASN Q 131 56.81 -35.26 -2.18
CA ASN Q 131 57.52 -35.06 -3.42
C ASN Q 131 58.51 -33.90 -3.32
N LEU Q 132 58.09 -32.81 -2.69
CA LEU Q 132 59.01 -31.68 -2.49
C LEU Q 132 60.18 -32.08 -1.61
N LYS Q 133 59.90 -32.88 -0.57
CA LYS Q 133 60.99 -33.37 0.29
C LYS Q 133 61.97 -34.23 -0.51
N ARG Q 134 61.46 -35.07 -1.39
CA ARG Q 134 62.34 -35.90 -2.23
C ARG Q 134 63.20 -35.04 -3.14
N VAL Q 135 62.61 -34.01 -3.75
CA VAL Q 135 63.38 -33.12 -4.62
C VAL Q 135 64.44 -32.37 -3.81
N LEU Q 136 64.10 -31.94 -2.60
CA LEU Q 136 65.08 -31.29 -1.75
C LEU Q 136 66.20 -32.25 -1.36
N LYS Q 137 65.87 -33.52 -1.15
CA LYS Q 137 66.91 -34.51 -0.88
C LYS Q 137 67.84 -34.65 -2.07
N GLU Q 138 67.30 -34.64 -3.29
CA GLU Q 138 68.15 -34.67 -4.47
C GLU Q 138 69.05 -33.45 -4.53
N MET Q 139 68.51 -32.27 -4.23
CA MET Q 139 69.31 -31.06 -4.23
C MET Q 139 70.44 -31.13 -3.21
N GLU Q 140 70.14 -31.61 -2.01
CA GLU Q 140 71.17 -31.79 -0.99
C GLU Q 140 72.21 -32.80 -1.44
N GLU Q 141 71.79 -33.84 -2.17
CA GLU Q 141 72.75 -34.79 -2.72
C GLU Q 141 73.69 -34.12 -3.72
N LEU Q 142 73.19 -33.17 -4.50
CA LEU Q 142 74.06 -32.49 -5.44
C LEU Q 142 75.05 -31.55 -4.76
N GLY Q 143 74.80 -31.14 -3.52
CA GLY Q 143 75.80 -30.37 -2.79
C GLY Q 143 75.30 -29.12 -2.10
N PHE Q 144 74.05 -28.72 -2.33
CA PHE Q 144 73.51 -27.52 -1.74
C PHE Q 144 72.82 -27.83 -0.42
N THR Q 145 72.57 -26.79 0.37
CA THR Q 145 72.01 -26.94 1.70
C THR Q 145 70.51 -26.63 1.74
N GLU Q 146 70.11 -25.45 1.29
CA GLU Q 146 68.71 -25.04 1.38
C GLU Q 146 68.29 -24.23 0.17
N PHE Q 147 66.98 -24.16 -0.02
CA PHE Q 147 66.34 -23.45 -1.12
C PHE Q 147 65.39 -22.42 -0.52
N ASN Q 148 65.88 -21.21 -0.28
CA ASN Q 148 65.06 -20.18 0.31
C ASN Q 148 64.10 -19.60 -0.71
N LEU Q 149 62.87 -19.34 -0.27
CA LEU Q 149 61.84 -18.81 -1.16
C LEU Q 149 61.07 -17.71 -0.45
N GLY Q 150 60.80 -16.64 -1.20
CA GLY Q 150 59.92 -15.60 -0.75
C GLY Q 150 58.83 -15.34 -1.77
N PRO Q 151 57.58 -15.60 -1.39
CA PRO Q 151 56.47 -15.37 -2.30
C PRO Q 151 55.87 -13.98 -2.14
N GLU Q 152 55.25 -13.52 -3.23
CA GLU Q 152 54.57 -12.22 -3.26
C GLU Q 152 53.13 -12.42 -3.72
N PRO Q 153 52.27 -12.94 -2.84
CA PRO Q 153 50.88 -13.20 -3.24
C PRO Q 153 50.05 -11.93 -3.26
N GLU Q 154 49.14 -11.86 -4.24
CA GLU Q 154 48.22 -10.74 -4.38
C GLU Q 154 46.79 -11.28 -4.36
N PHE Q 155 45.89 -10.54 -3.73
CA PHE Q 155 44.51 -11.01 -3.60
C PHE Q 155 43.55 -9.86 -3.80
N PHE Q 156 42.32 -10.21 -4.19
CA PHE Q 156 41.25 -9.25 -4.41
C PHE Q 156 40.23 -9.34 -3.28
N LEU Q 157 39.65 -8.20 -2.94
CA LEU Q 157 38.62 -8.10 -1.92
C LEU Q 157 37.31 -7.64 -2.56
N PHE Q 158 36.24 -8.40 -2.35
CA PHE Q 158 34.94 -8.10 -2.91
C PHE Q 158 33.92 -7.95 -1.78
N LYS Q 159 32.92 -7.11 -2.01
CA LYS Q 159 31.87 -6.93 -1.02
C LYS Q 159 30.86 -8.06 -1.09
N LEU Q 160 30.40 -8.50 0.07
CA LEU Q 160 29.41 -9.57 0.15
C LEU Q 160 28.00 -8.99 -0.04
N ASP Q 161 27.08 -9.86 -0.42
CA ASP Q 161 25.69 -9.47 -0.64
C ASP Q 161 24.89 -9.63 0.65
N GLU Q 162 23.58 -9.48 0.56
CA GLU Q 162 22.72 -9.65 1.72
C GLU Q 162 22.75 -11.09 2.22
N ASN Q 163 22.79 -12.06 1.29
CA ASN Q 163 22.84 -13.47 1.63
C ASN Q 163 24.26 -13.97 1.86
N ARG Q 164 25.19 -13.07 2.18
CA ARG Q 164 26.60 -13.42 2.42
C ARG Q 164 27.21 -14.13 1.21
N ARG Q 165 26.87 -13.66 0.01
CA ARG Q 165 27.44 -14.20 -1.21
C ARG Q 165 28.33 -13.15 -1.86
N PRO Q 166 29.46 -13.54 -2.43
CA PRO Q 166 30.36 -12.56 -3.04
C PRO Q 166 29.70 -11.87 -4.23
N THR Q 167 29.99 -10.58 -4.38
CA THR Q 167 29.52 -9.79 -5.50
C THR Q 167 30.71 -9.40 -6.37
N LEU Q 168 30.45 -8.59 -7.39
CA LEU Q 168 31.50 -8.13 -8.29
C LEU Q 168 31.98 -6.72 -7.95
N GLU Q 169 31.57 -6.18 -6.81
CA GLU Q 169 31.94 -4.83 -6.42
C GLU Q 169 33.16 -4.87 -5.50
N LEU Q 170 34.19 -4.13 -5.89
CA LEU Q 170 35.42 -4.10 -5.11
C LEU Q 170 35.25 -3.25 -3.86
N ASN Q 171 36.12 -3.50 -2.87
CA ASN Q 171 35.99 -2.82 -1.59
C ASN Q 171 36.45 -1.37 -1.67
N ASP Q 172 37.43 -1.06 -2.52
CA ASP Q 172 37.89 0.31 -2.67
C ASP Q 172 38.46 0.51 -4.07
N SER Q 173 38.44 1.76 -4.51
CA SER Q 173 39.03 2.14 -5.81
C SER Q 173 40.41 2.74 -5.59
N GLY Q 174 41.33 1.89 -5.17
CA GLY Q 174 42.68 2.29 -4.85
C GLY Q 174 43.60 2.31 -6.05
N GLY Q 175 44.89 2.46 -5.77
CA GLY Q 175 45.90 2.51 -6.80
C GLY Q 175 47.18 1.85 -6.31
N TYR Q 176 48.20 1.91 -7.16
CA TYR Q 176 49.47 1.25 -6.86
C TYR Q 176 50.20 2.01 -5.78
N PHE Q 177 50.43 1.35 -4.64
CA PHE Q 177 51.10 1.93 -3.47
C PHE Q 177 50.35 3.13 -2.91
N ASP Q 178 49.07 3.26 -3.22
CA ASP Q 178 48.31 4.42 -2.76
C ASP Q 178 47.83 4.22 -1.34
N LEU Q 179 47.62 5.35 -0.65
CA LEU Q 179 47.07 5.34 0.71
C LEU Q 179 45.54 5.42 0.61
N ALA Q 180 44.98 4.39 -0.03
CA ALA Q 180 43.56 4.37 -0.36
C ALA Q 180 42.67 4.00 0.82
N PRO Q 181 42.90 2.86 1.51
CA PRO Q 181 42.00 2.53 2.62
C PRO Q 181 42.00 3.55 3.74
N THR Q 182 43.12 4.24 3.95
CA THR Q 182 43.25 5.28 4.97
C THR Q 182 42.92 4.78 6.37
N ASP Q 183 42.78 5.71 7.31
CA ASP Q 183 42.51 5.41 8.70
C ASP Q 183 41.00 5.45 8.95
N LEU Q 184 40.62 5.52 10.23
CA LEU Q 184 39.22 5.64 10.65
C LEU Q 184 38.40 4.42 10.23
N GLY Q 185 38.80 3.25 10.69
CA GLY Q 185 38.02 2.04 10.46
C GLY Q 185 38.33 1.39 9.13
N GLU Q 186 37.66 0.26 8.90
CA GLU Q 186 37.84 -0.58 7.70
C GLU Q 186 39.32 -0.93 7.61
N ASN Q 187 39.98 -0.71 6.48
CA ASN Q 187 41.38 -1.07 6.28
C ASN Q 187 41.62 -2.53 6.62
N CYS Q 188 40.97 -3.40 5.85
CA CYS Q 188 41.04 -4.84 6.11
C CYS Q 188 42.46 -5.35 5.99
N ARG Q 189 43.29 -4.70 5.16
CA ARG Q 189 44.70 -5.11 5.00
C ARG Q 189 45.44 -4.94 6.33
N ARG Q 190 45.18 -3.83 7.05
CA ARG Q 190 45.83 -3.60 8.34
C ARG Q 190 45.42 -4.64 9.37
N ASP Q 191 44.12 -4.95 9.44
CA ASP Q 191 43.67 -5.98 10.38
C ASP Q 191 44.26 -7.33 10.04
N ILE Q 192 44.31 -7.67 8.75
CA ILE Q 192 44.85 -8.96 8.32
C ILE Q 192 46.32 -9.06 8.73
N VAL Q 193 47.10 -8.02 8.46
CA VAL Q 193 48.53 -8.10 8.78
C VAL Q 193 48.74 -8.12 10.30
N LEU Q 194 47.88 -7.41 11.05
CA LEU Q 194 48.01 -7.43 12.50
C LEU Q 194 47.73 -8.82 13.06
N GLU Q 195 46.66 -9.46 12.60
CA GLU Q 195 46.37 -10.81 13.08
C GLU Q 195 47.41 -11.82 12.60
N LEU Q 196 47.96 -11.63 11.40
CA LEU Q 196 49.03 -12.51 10.96
C LEU Q 196 50.28 -12.36 11.83
N GLU Q 197 50.62 -11.12 12.20
CA GLU Q 197 51.74 -10.90 13.11
C GLU Q 197 51.46 -11.54 14.47
N GLU Q 198 50.22 -11.41 14.96
CA GLU Q 198 49.87 -12.03 16.23
C GLU Q 198 49.99 -13.55 16.17
N MET Q 199 49.56 -14.15 15.06
CA MET Q 199 49.62 -15.60 14.90
C MET Q 199 51.04 -16.13 14.75
N GLY Q 200 52.01 -15.27 14.53
CA GLY Q 200 53.39 -15.70 14.40
C GLY Q 200 53.86 -15.82 12.97
N PHE Q 201 53.55 -14.81 12.16
CA PHE Q 201 53.98 -14.75 10.77
C PHE Q 201 55.03 -13.65 10.61
N GLU Q 202 56.03 -13.91 9.77
CA GLU Q 202 57.08 -12.94 9.50
C GLU Q 202 56.67 -12.15 8.26
N ILE Q 203 56.05 -10.99 8.49
CA ILE Q 203 55.58 -10.13 7.41
C ILE Q 203 56.59 -9.03 7.17
N GLU Q 204 57.06 -8.92 5.92
CA GLU Q 204 58.06 -7.88 5.57
C GLU Q 204 57.35 -6.56 5.32
N ALA Q 205 56.37 -6.55 4.40
CA ALA Q 205 55.64 -5.31 4.05
C ALA Q 205 54.23 -5.64 3.55
N SER Q 206 53.40 -4.61 3.33
CA SER Q 206 52.02 -4.80 2.82
C SER Q 206 51.58 -3.54 2.09
N HIS Q 207 51.02 -3.66 0.88
CA HIS Q 207 50.67 -2.45 0.10
C HIS Q 207 49.50 -2.70 -0.86
N HIS Q 208 48.99 -1.62 -1.47
CA HIS Q 208 47.90 -1.71 -2.43
C HIS Q 208 48.46 -1.92 -3.83
N GLU Q 209 47.84 -2.82 -4.58
CA GLU Q 209 48.33 -3.17 -5.90
C GLU Q 209 47.71 -2.25 -6.95
N VAL Q 210 48.06 -2.48 -8.21
CA VAL Q 210 47.64 -1.59 -9.29
C VAL Q 210 46.11 -1.60 -9.41
N ALA Q 211 45.51 -2.78 -9.42
CA ALA Q 211 44.08 -2.89 -9.60
C ALA Q 211 43.34 -2.37 -8.37
N PRO Q 212 42.17 -1.77 -8.55
CA PRO Q 212 41.35 -1.40 -7.39
C PRO Q 212 40.94 -2.65 -6.61
N GLY Q 213 40.95 -2.53 -5.29
CA GLY Q 213 40.60 -3.66 -4.45
C GLY Q 213 41.61 -4.79 -4.43
N GLN Q 214 42.81 -4.56 -4.95
CA GLN Q 214 43.85 -5.58 -4.99
C GLN Q 214 44.95 -5.21 -4.01
N HIS Q 215 45.34 -6.18 -3.17
CA HIS Q 215 46.32 -5.95 -2.13
C HIS Q 215 47.39 -7.03 -2.14
N GLU Q 216 48.60 -6.65 -1.74
CA GLU Q 216 49.73 -7.56 -1.68
C GLU Q 216 50.36 -7.50 -0.30
N ILE Q 217 50.71 -8.67 0.23
CA ILE Q 217 51.43 -8.79 1.48
C ILE Q 217 52.66 -9.66 1.25
N ASP Q 218 53.83 -9.18 1.67
CA ASP Q 218 55.09 -9.85 1.42
C ASP Q 218 55.54 -10.62 2.66
N PHE Q 219 56.22 -11.73 2.44
CA PHE Q 219 56.71 -12.59 3.49
C PHE Q 219 58.22 -12.46 3.64
N LYS Q 220 58.72 -13.02 4.74
CA LYS Q 220 60.16 -13.21 4.91
C LYS Q 220 60.59 -14.50 4.22
N TYR Q 221 61.88 -14.59 3.92
CA TYR Q 221 62.40 -15.72 3.16
C TYR Q 221 62.72 -16.87 4.10
N GLU Q 222 62.02 -17.99 3.91
CA GLU Q 222 62.21 -19.19 4.71
C GLU Q 222 62.55 -20.36 3.79
N ASP Q 223 62.60 -21.56 4.37
CA ASP Q 223 62.84 -22.76 3.60
C ASP Q 223 61.66 -23.03 2.67
N ALA Q 224 61.87 -23.95 1.73
CA ALA Q 224 60.84 -24.26 0.74
C ALA Q 224 59.58 -24.79 1.42
N ILE Q 225 59.73 -25.80 2.27
CA ILE Q 225 58.57 -26.42 2.92
C ILE Q 225 57.88 -25.43 3.84
N THR Q 226 58.67 -24.69 4.63
CA THR Q 226 58.09 -23.70 5.53
C THR Q 226 57.39 -22.60 4.75
N ALA Q 227 57.97 -22.18 3.62
CA ALA Q 227 57.34 -21.15 2.81
C ALA Q 227 56.01 -21.63 2.24
N CYS Q 228 55.96 -22.88 1.76
CA CYS Q 228 54.70 -23.40 1.22
C CYS Q 228 53.65 -23.52 2.31
N ASP Q 229 54.04 -24.00 3.49
CA ASP Q 229 53.10 -24.09 4.60
C ASP Q 229 52.58 -22.71 4.98
N SER Q 230 53.47 -21.71 5.01
CA SER Q 230 53.05 -20.35 5.31
C SER Q 230 52.11 -19.82 4.24
N ILE Q 231 52.33 -20.20 2.99
CA ILE Q 231 51.43 -19.76 1.92
C ILE Q 231 50.03 -20.31 2.15
N GLN Q 232 49.93 -21.61 2.45
CA GLN Q 232 48.63 -22.22 2.68
C GLN Q 232 47.93 -21.60 3.88
N THR Q 233 48.66 -21.43 4.98
CA THR Q 233 48.09 -20.84 6.17
C THR Q 233 47.67 -19.39 5.92
N PHE Q 234 48.46 -18.67 5.12
CA PHE Q 234 48.12 -17.29 4.79
C PHE Q 234 46.83 -17.21 4.00
N LYS Q 235 46.66 -18.10 3.02
CA LYS Q 235 45.40 -18.14 2.28
C LYS Q 235 44.22 -18.39 3.21
N LEU Q 236 44.35 -19.39 4.07
CA LEU Q 236 43.26 -19.73 4.98
C LEU Q 236 42.92 -18.55 5.90
N VAL Q 237 43.94 -17.95 6.49
CA VAL Q 237 43.73 -16.87 7.46
C VAL Q 237 43.14 -15.65 6.77
N VAL Q 238 43.64 -15.30 5.59
CA VAL Q 238 43.12 -14.15 4.87
C VAL Q 238 41.66 -14.35 4.52
N LYS Q 239 41.31 -15.55 4.03
CA LYS Q 239 39.91 -15.79 3.70
C LYS Q 239 39.03 -15.69 4.94
N THR Q 240 39.46 -16.27 6.05
CA THR Q 240 38.65 -16.23 7.27
C THR Q 240 38.47 -14.79 7.77
N ILE Q 241 39.55 -14.01 7.79
CA ILE Q 241 39.46 -12.65 8.31
C ILE Q 241 38.62 -11.78 7.39
N ALA Q 242 38.76 -11.95 6.07
CA ALA Q 242 37.92 -11.20 5.15
C ALA Q 242 36.46 -11.54 5.33
N ARG Q 243 36.15 -12.82 5.52
CA ARG Q 243 34.77 -13.21 5.83
C ARG Q 243 34.30 -12.58 7.12
N LYS Q 244 35.20 -12.37 8.08
CA LYS Q 244 34.83 -11.76 9.38
C LYS Q 244 34.29 -10.35 9.16
N HIS Q 245 34.95 -9.57 8.31
CA HIS Q 245 34.58 -8.19 8.06
C HIS Q 245 33.60 -8.03 6.90
N GLY Q 246 32.83 -9.07 6.59
CA GLY Q 246 31.86 -8.98 5.51
C GLY Q 246 32.49 -8.77 4.14
N LEU Q 247 33.58 -9.46 3.86
CA LEU Q 247 34.26 -9.36 2.58
C LEU Q 247 34.63 -10.76 2.10
N HIS Q 248 34.86 -10.86 0.80
CA HIS Q 248 35.32 -12.09 0.17
C HIS Q 248 36.70 -11.86 -0.40
N ALA Q 249 37.68 -12.60 0.10
CA ALA Q 249 39.05 -12.53 -0.39
C ALA Q 249 39.26 -13.64 -1.39
N THR Q 250 39.62 -13.29 -2.61
CA THR Q 250 39.81 -14.27 -3.67
C THR Q 250 41.23 -14.20 -4.21
N PHE Q 251 41.78 -15.38 -4.51
CA PHE Q 251 43.09 -15.52 -5.12
C PHE Q 251 42.98 -15.98 -6.58
N MET Q 252 41.85 -15.70 -7.22
CA MET Q 252 41.67 -16.08 -8.65
C MET Q 252 42.64 -15.25 -9.50
N PRO Q 253 43.42 -15.86 -10.42
CA PRO Q 253 44.42 -15.10 -11.20
C PRO Q 253 43.86 -13.90 -11.92
N LYS Q 254 42.62 -13.98 -12.42
CA LYS Q 254 42.03 -12.89 -13.19
C LYS Q 254 40.53 -12.87 -12.96
N PRO Q 255 40.08 -12.33 -11.83
CA PRO Q 255 38.64 -12.28 -11.57
C PRO Q 255 37.87 -11.37 -12.53
N LEU Q 256 38.50 -10.31 -13.04
CA LEU Q 256 37.83 -9.35 -13.88
C LEU Q 256 38.62 -9.11 -15.16
N PHE Q 257 37.91 -8.77 -16.22
CA PHE Q 257 38.52 -8.49 -17.52
C PHE Q 257 38.93 -7.02 -17.60
N GLY Q 258 40.04 -6.77 -18.29
CA GLY Q 258 40.52 -5.42 -18.47
C GLY Q 258 41.18 -4.81 -17.24
N VAL Q 259 41.43 -5.62 -16.21
CA VAL Q 259 42.04 -5.15 -14.98
C VAL Q 259 43.23 -6.04 -14.69
N ASN Q 260 44.18 -5.51 -13.91
CA ASN Q 260 45.38 -6.27 -13.58
C ASN Q 260 45.02 -7.56 -12.85
N GLY Q 261 45.75 -8.63 -13.16
CA GLY Q 261 45.56 -9.90 -12.51
C GLY Q 261 46.35 -10.01 -11.23
N SER Q 262 46.22 -11.18 -10.60
CA SER Q 262 46.89 -11.48 -9.34
C SER Q 262 48.03 -12.45 -9.58
N GLY Q 263 49.21 -12.15 -9.07
CA GLY Q 263 50.36 -13.01 -9.23
C GLY Q 263 50.96 -13.43 -7.91
N MET Q 264 51.84 -14.44 -7.95
CA MET Q 264 52.52 -14.96 -6.77
C MET Q 264 54.01 -15.12 -7.07
N HIS Q 265 54.62 -14.03 -7.51
CA HIS Q 265 56.04 -14.04 -7.85
C HIS Q 265 56.87 -14.74 -6.78
N PHE Q 266 57.76 -15.62 -7.21
CA PHE Q 266 58.61 -16.41 -6.34
C PHE Q 266 60.04 -15.89 -6.45
N ASN Q 267 60.61 -15.45 -5.32
CA ASN Q 267 62.01 -15.06 -5.27
C ASN Q 267 62.77 -16.21 -4.62
N MET Q 268 63.55 -16.93 -5.41
CA MET Q 268 64.24 -18.12 -4.95
C MET Q 268 65.74 -17.88 -4.90
N SER Q 269 66.36 -18.44 -3.86
CA SER Q 269 67.81 -18.40 -3.70
C SER Q 269 68.31 -19.76 -3.24
N LEU Q 270 69.48 -20.15 -3.71
CA LEU Q 270 70.07 -21.44 -3.40
C LEU Q 270 71.28 -21.23 -2.50
N PHE Q 271 71.36 -22.00 -1.42
CA PHE Q 271 72.41 -21.82 -0.42
C PHE Q 271 73.30 -23.05 -0.35
N ASN Q 272 74.55 -22.83 0.05
CA ASN Q 272 75.48 -23.92 0.31
C ASN Q 272 76.14 -23.74 1.66
N GLU Q 273 77.18 -24.52 1.95
CA GLU Q 273 77.86 -24.40 3.24
C GLU Q 273 78.50 -23.03 3.40
N LYS Q 274 79.11 -22.51 2.33
CA LYS Q 274 79.77 -21.20 2.41
C LYS Q 274 78.74 -20.08 2.60
N GLY Q 275 77.69 -20.08 1.79
CA GLY Q 275 76.67 -19.05 1.87
C GLY Q 275 75.71 -19.08 0.71
N ASN Q 276 75.43 -17.92 0.13
CA ASN Q 276 74.58 -17.85 -1.05
C ASN Q 276 75.32 -18.35 -2.27
N ALA Q 277 74.74 -19.33 -2.97
CA ALA Q 277 75.39 -19.90 -4.13
C ALA Q 277 75.19 -19.06 -5.39
N PHE Q 278 74.26 -18.11 -5.37
CA PHE Q 278 73.99 -17.28 -6.52
C PHE Q 278 74.84 -16.02 -6.57
N PHE Q 279 75.65 -15.76 -5.55
CA PHE Q 279 76.40 -14.51 -5.44
C PHE Q 279 77.87 -14.75 -5.72
N ASP Q 280 78.46 -13.89 -6.54
CA ASP Q 280 79.88 -13.95 -6.85
C ASP Q 280 80.33 -12.55 -7.22
N GLU Q 281 81.16 -11.95 -6.37
CA GLU Q 281 81.58 -10.56 -6.59
C GLU Q 281 82.41 -10.42 -7.86
N SER Q 282 83.08 -11.49 -8.29
CA SER Q 282 83.95 -11.45 -9.46
C SER Q 282 83.23 -11.83 -10.75
N GLY Q 283 81.95 -12.19 -10.68
CA GLY Q 283 81.23 -12.61 -11.86
C GLY Q 283 80.47 -11.46 -12.53
N GLU Q 284 80.05 -11.71 -13.77
CA GLU Q 284 79.27 -10.73 -14.50
C GLU Q 284 77.94 -10.51 -13.79
N LEU Q 285 77.54 -9.24 -13.67
CA LEU Q 285 76.35 -8.84 -12.94
C LEU Q 285 76.39 -9.28 -11.47
N GLU Q 286 77.58 -9.56 -10.96
CA GLU Q 286 77.76 -10.11 -9.61
C GLU Q 286 76.93 -11.37 -9.42
N LEU Q 287 76.94 -12.24 -10.44
CA LEU Q 287 76.20 -13.49 -10.42
C LEU Q 287 77.17 -14.64 -10.64
N SER Q 288 76.99 -15.71 -9.88
CA SER Q 288 77.85 -16.89 -10.00
C SER Q 288 77.44 -17.72 -11.21
N GLN Q 289 78.32 -18.65 -11.59
CA GLN Q 289 78.00 -19.57 -12.67
C GLN Q 289 76.84 -20.47 -12.30
N THR Q 290 76.67 -20.75 -11.01
CA THR Q 290 75.51 -21.53 -10.56
C THR Q 290 74.22 -20.79 -10.86
N ALA Q 291 74.20 -19.47 -10.64
CA ALA Q 291 73.01 -18.69 -10.94
C ALA Q 291 72.70 -18.72 -12.43
N TYR Q 292 73.72 -18.62 -13.28
CA TYR Q 292 73.49 -18.65 -14.72
C TYR Q 292 72.99 -20.01 -15.18
N HIS Q 293 73.54 -21.09 -14.60
CA HIS Q 293 73.04 -22.43 -14.92
C HIS Q 293 71.59 -22.58 -14.48
N PHE Q 294 71.25 -22.05 -13.29
CA PHE Q 294 69.87 -22.09 -12.83
C PHE Q 294 68.95 -21.31 -13.76
N LEU Q 295 69.39 -20.15 -14.23
CA LEU Q 295 68.60 -19.39 -15.20
C LEU Q 295 68.40 -20.17 -16.48
N ALA Q 296 69.45 -20.80 -16.99
CA ALA Q 296 69.33 -21.58 -18.22
C ALA Q 296 68.35 -22.73 -18.05
N GLY Q 297 68.43 -23.42 -16.92
CA GLY Q 297 67.48 -24.50 -16.66
C GLY Q 297 66.06 -24.01 -16.53
N MET Q 298 65.87 -22.88 -15.84
CA MET Q 298 64.53 -22.35 -15.65
C MET Q 298 63.91 -21.89 -16.97
N LEU Q 299 64.72 -21.28 -17.85
CA LEU Q 299 64.22 -20.81 -19.12
C LEU Q 299 64.00 -21.94 -20.11
N LYS Q 300 64.84 -22.97 -20.08
CA LYS Q 300 64.71 -24.06 -21.04
C LYS Q 300 63.40 -24.82 -20.86
N HIS Q 301 63.02 -25.09 -19.62
CA HIS Q 301 61.85 -25.90 -19.33
C HIS Q 301 60.63 -25.09 -18.92
N ALA Q 302 60.65 -23.77 -19.13
CA ALA Q 302 59.52 -22.94 -18.72
C ALA Q 302 58.24 -23.37 -19.44
N ARG Q 303 58.35 -23.66 -20.74
CA ARG Q 303 57.21 -24.15 -21.49
C ARG Q 303 56.71 -25.47 -20.92
N GLY Q 304 57.57 -26.21 -20.25
CA GLY Q 304 57.18 -27.47 -19.63
C GLY Q 304 56.37 -27.32 -18.36
N TYR Q 305 56.86 -26.52 -17.41
CA TYR Q 305 56.20 -26.38 -16.12
C TYR Q 305 55.21 -25.22 -16.08
N THR Q 306 54.95 -24.56 -17.21
CA THR Q 306 53.92 -23.53 -17.24
C THR Q 306 52.57 -24.09 -16.81
N ALA Q 307 52.29 -25.36 -17.15
CA ALA Q 307 51.05 -25.98 -16.74
C ALA Q 307 50.96 -26.12 -15.22
N VAL Q 308 52.06 -26.52 -14.58
CA VAL Q 308 52.06 -26.69 -13.14
C VAL Q 308 51.96 -25.35 -12.43
N THR Q 309 52.69 -24.35 -12.92
CA THR Q 309 52.66 -23.04 -12.26
C THR Q 309 51.37 -22.29 -12.51
N ASN Q 310 50.65 -22.62 -13.59
CA ASN Q 310 49.36 -21.99 -13.91
C ASN Q 310 48.36 -23.11 -14.20
N PRO Q 311 47.81 -23.73 -13.17
CA PRO Q 311 47.01 -24.95 -13.35
C PRO Q 311 45.53 -24.73 -13.64
N THR Q 312 45.07 -23.48 -13.73
CA THR Q 312 43.62 -23.23 -13.94
C THR Q 312 43.38 -22.63 -15.34
N ILE Q 313 42.15 -22.70 -15.82
CA ILE Q 313 41.81 -22.06 -17.14
C ILE Q 313 41.93 -20.55 -16.96
N ASN Q 314 41.39 -20.02 -15.86
CA ASN Q 314 41.43 -18.56 -15.58
C ASN Q 314 42.87 -18.07 -15.54
N SER Q 315 43.84 -18.95 -15.29
CA SER Q 315 45.23 -18.50 -15.16
C SER Q 315 45.73 -17.92 -16.47
N PHE Q 316 45.47 -18.60 -17.58
CA PHE Q 316 45.95 -18.13 -18.87
C PHE Q 316 45.19 -16.91 -19.38
N LYS Q 317 44.10 -16.52 -18.72
CA LYS Q 317 43.50 -15.22 -18.99
C LYS Q 317 44.35 -14.09 -18.42
N ARG Q 318 45.15 -14.37 -17.39
CA ARG Q 318 46.06 -13.37 -16.85
C ARG Q 318 47.28 -13.18 -17.74
N LEU Q 319 47.76 -14.25 -18.36
CA LEU Q 319 48.96 -14.21 -19.19
C LEU Q 319 48.63 -13.61 -20.56
N VAL Q 320 48.29 -12.32 -20.53
CA VAL Q 320 47.99 -11.56 -21.75
C VAL Q 320 48.82 -10.29 -21.72
N PRO Q 321 49.22 -9.75 -22.88
CA PRO Q 321 50.04 -8.54 -22.89
C PRO Q 321 49.30 -7.33 -22.38
N GLY Q 322 50.05 -6.40 -21.80
CA GLY Q 322 49.51 -5.12 -21.37
C GLY Q 322 49.11 -5.03 -19.92
N TYR Q 323 49.31 -6.08 -19.13
CA TYR Q 323 48.94 -6.07 -17.72
C TYR Q 323 50.10 -6.53 -16.84
N GLU Q 324 51.33 -6.37 -17.32
CA GLU Q 324 52.57 -6.64 -16.61
C GLU Q 324 52.77 -8.12 -16.31
N ALA Q 325 51.87 -8.99 -16.74
CA ALA Q 325 52.09 -10.43 -16.62
C ALA Q 325 53.04 -10.90 -17.71
N PRO Q 326 53.89 -11.89 -17.42
CA PRO Q 326 54.81 -12.38 -18.44
C PRO Q 326 54.08 -13.08 -19.57
N CYS Q 327 54.64 -12.94 -20.78
CA CYS Q 327 54.10 -13.61 -21.95
C CYS Q 327 55.15 -14.26 -22.83
N TYR Q 328 56.44 -13.98 -22.61
CA TYR Q 328 57.51 -14.52 -23.43
C TYR Q 328 58.60 -15.09 -22.53
N ILE Q 329 59.28 -16.12 -23.03
CA ILE Q 329 60.32 -16.78 -22.27
C ILE Q 329 61.62 -15.98 -22.42
N ALA Q 330 61.85 -15.07 -21.48
CA ALA Q 330 63.06 -14.25 -21.49
C ALA Q 330 63.33 -13.77 -20.08
N TRP Q 331 64.58 -13.37 -19.84
CA TRP Q 331 65.00 -12.88 -18.53
C TRP Q 331 65.68 -11.53 -18.70
N SER Q 332 65.54 -10.70 -17.67
CA SER Q 332 66.12 -9.35 -17.69
C SER Q 332 66.27 -8.85 -16.27
N GLY Q 333 67.10 -7.83 -16.12
CA GLY Q 333 67.26 -7.16 -14.84
C GLY Q 333 66.28 -6.02 -14.68
N LYS Q 334 65.86 -5.43 -15.80
CA LYS Q 334 64.90 -4.32 -15.78
C LYS Q 334 64.19 -4.32 -17.13
N ASN Q 335 62.94 -4.77 -17.15
CA ASN Q 335 62.16 -4.82 -18.37
C ASN Q 335 60.68 -4.87 -18.01
N ARG Q 336 59.85 -4.54 -19.01
CA ARG Q 336 58.38 -4.56 -18.83
C ARG Q 336 57.90 -6.00 -18.87
N SER Q 337 57.60 -6.59 -17.72
CA SER Q 337 57.07 -7.94 -17.58
C SER Q 337 57.99 -9.00 -18.18
N PRO Q 338 59.14 -9.27 -17.58
CA PRO Q 338 59.95 -10.42 -18.00
C PRO Q 338 59.51 -11.69 -17.28
N LEU Q 339 59.80 -12.83 -17.91
CA LEU Q 339 59.46 -14.11 -17.29
C LEU Q 339 60.27 -14.32 -16.02
N VAL Q 340 61.57 -14.02 -16.06
CA VAL Q 340 62.45 -14.15 -14.91
C VAL Q 340 63.14 -12.81 -14.71
N ARG Q 341 63.11 -12.30 -13.49
CA ARG Q 341 63.70 -11.02 -13.15
C ARG Q 341 64.77 -11.20 -12.07
N VAL Q 342 65.87 -10.49 -12.22
CA VAL Q 342 66.97 -10.54 -11.27
C VAL Q 342 66.94 -9.25 -10.45
N PRO Q 343 66.53 -9.30 -9.19
CA PRO Q 343 66.52 -8.09 -8.37
C PRO Q 343 67.93 -7.54 -8.17
N SER Q 344 68.01 -6.21 -8.00
CA SER Q 344 69.30 -5.54 -7.89
C SER Q 344 70.04 -5.88 -6.60
N SER Q 345 69.34 -6.38 -5.59
CA SER Q 345 69.99 -6.69 -4.33
C SER Q 345 70.99 -7.84 -4.50
N ARG Q 346 72.13 -7.73 -3.82
CA ARG Q 346 73.16 -8.75 -3.91
C ARG Q 346 73.61 -9.19 -2.53
N GLY Q 347 74.69 -9.97 -2.47
CA GLY Q 347 75.15 -10.51 -1.20
C GLY Q 347 74.36 -11.73 -0.81
N LEU Q 348 73.96 -11.82 0.46
CA LEU Q 348 73.10 -12.91 0.90
C LEU Q 348 71.68 -12.79 0.37
N SER Q 349 71.32 -11.64 -0.21
CA SER Q 349 69.98 -11.41 -0.74
C SER Q 349 69.87 -11.68 -2.23
N THR Q 350 70.92 -12.23 -2.84
CA THR Q 350 70.87 -12.55 -4.26
C THR Q 350 69.80 -13.61 -4.52
N ARG Q 351 68.96 -13.38 -5.52
CA ARG Q 351 67.85 -14.26 -5.79
C ARG Q 351 67.38 -14.07 -7.22
N LEU Q 352 66.62 -15.05 -7.70
CA LEU Q 352 65.98 -15.00 -9.02
C LEU Q 352 64.48 -15.01 -8.82
N GLU Q 353 63.78 -14.11 -9.51
CA GLU Q 353 62.34 -13.99 -9.36
C GLU Q 353 61.64 -14.54 -10.59
N LEU Q 354 60.76 -15.50 -10.37
CA LEU Q 354 59.87 -16.02 -11.42
C LEU Q 354 58.50 -15.38 -11.23
N ARG Q 355 57.99 -14.77 -12.30
CA ARG Q 355 56.77 -13.97 -12.23
C ARG Q 355 55.57 -14.65 -12.87
N SER Q 356 55.73 -15.84 -13.43
CA SER Q 356 54.61 -16.51 -14.10
C SER Q 356 53.69 -17.24 -13.12
N VAL Q 357 54.11 -17.41 -11.87
CA VAL Q 357 53.31 -18.16 -10.91
C VAL Q 357 52.14 -17.30 -10.45
N ASP Q 358 51.00 -17.93 -10.24
CA ASP Q 358 49.78 -17.29 -9.75
C ASP Q 358 49.37 -17.90 -8.42
N PRO Q 359 48.55 -17.19 -7.63
CA PRO Q 359 48.18 -17.73 -6.32
C PRO Q 359 47.39 -19.03 -6.38
N SER Q 360 46.78 -19.36 -7.51
CA SER Q 360 46.00 -20.59 -7.62
C SER Q 360 46.87 -21.84 -7.68
N ALA Q 361 48.17 -21.71 -7.92
CA ALA Q 361 49.02 -22.87 -8.07
C ALA Q 361 49.28 -23.55 -6.73
N ASN Q 362 49.56 -24.85 -6.79
CA ASN Q 362 49.98 -25.59 -5.62
C ASN Q 362 51.42 -25.24 -5.30
N PRO Q 363 51.72 -24.69 -4.12
CA PRO Q 363 53.11 -24.28 -3.84
C PRO Q 363 54.10 -25.43 -3.89
N TYR Q 364 53.72 -26.60 -3.39
CA TYR Q 364 54.65 -27.72 -3.34
C TYR Q 364 55.01 -28.21 -4.74
N LEU Q 365 54.02 -28.38 -5.61
CA LEU Q 365 54.28 -28.83 -6.96
C LEU Q 365 55.11 -27.81 -7.74
N ALA Q 366 54.77 -26.53 -7.60
CA ALA Q 366 55.52 -25.49 -8.30
C ALA Q 366 56.97 -25.45 -7.85
N MET Q 367 57.20 -25.53 -6.54
CA MET Q 367 58.57 -25.54 -6.05
C MET Q 367 59.31 -26.78 -6.51
N ALA Q 368 58.64 -27.93 -6.53
CA ALA Q 368 59.29 -29.16 -6.97
C ALA Q 368 59.74 -29.05 -8.42
N VAL Q 369 58.85 -28.57 -9.30
CA VAL Q 369 59.19 -28.51 -10.71
C VAL Q 369 60.25 -27.45 -10.96
N LEU Q 370 60.17 -26.30 -10.28
CA LEU Q 370 61.18 -25.27 -10.44
C LEU Q 370 62.55 -25.75 -9.97
N LEU Q 371 62.59 -26.42 -8.82
CA LEU Q 371 63.86 -26.96 -8.33
C LEU Q 371 64.41 -28.01 -9.27
N LYS Q 372 63.54 -28.86 -9.83
CA LYS Q 372 64.02 -29.86 -10.76
C LYS Q 372 64.61 -29.21 -12.00
N ALA Q 373 63.94 -28.17 -12.53
CA ALA Q 373 64.46 -27.49 -13.71
C ALA Q 373 65.80 -26.82 -13.43
N GLY Q 374 65.91 -26.12 -12.29
CA GLY Q 374 67.17 -25.49 -11.95
C GLY Q 374 68.29 -26.50 -11.73
N LEU Q 375 67.97 -27.61 -11.07
CA LEU Q 375 68.97 -28.64 -10.82
C LEU Q 375 69.43 -29.27 -12.13
N SER Q 376 68.51 -29.50 -13.06
CA SER Q 376 68.90 -30.02 -14.37
C SER Q 376 69.79 -29.04 -15.11
N GLY Q 377 69.45 -27.75 -15.04
CA GLY Q 377 70.30 -26.75 -15.67
C GLY Q 377 71.69 -26.71 -15.08
N ILE Q 378 71.79 -26.84 -13.75
CA ILE Q 378 73.10 -26.86 -13.10
C ILE Q 378 73.88 -28.09 -13.52
N LYS Q 379 73.24 -29.26 -13.54
CA LYS Q 379 73.93 -30.49 -13.90
C LYS Q 379 74.41 -30.46 -15.34
N ASP Q 380 73.58 -29.95 -16.26
CA ASP Q 380 73.97 -29.87 -17.66
C ASP Q 380 74.86 -28.69 -17.97
N GLU Q 381 75.00 -27.74 -17.05
CA GLU Q 381 75.83 -26.55 -17.24
C GLU Q 381 75.43 -25.78 -18.50
N LEU Q 382 74.12 -25.61 -18.69
CA LEU Q 382 73.61 -24.90 -19.84
C LEU Q 382 73.96 -23.42 -19.78
N THR Q 383 74.18 -22.82 -20.94
CA THR Q 383 74.48 -21.40 -21.04
C THR Q 383 73.18 -20.63 -21.25
N PRO Q 384 72.85 -19.67 -20.39
CA PRO Q 384 71.57 -18.96 -20.56
C PRO Q 384 71.64 -18.01 -21.75
N PRO Q 385 70.50 -17.70 -22.35
CA PRO Q 385 70.49 -16.71 -23.43
C PRO Q 385 70.75 -15.31 -22.90
N ALA Q 386 71.18 -14.44 -23.80
CA ALA Q 386 71.47 -13.07 -23.42
C ALA Q 386 70.19 -12.37 -22.97
N PRO Q 387 70.27 -11.54 -21.93
CA PRO Q 387 69.06 -10.83 -21.48
C PRO Q 387 68.57 -9.85 -22.52
N VAL Q 388 67.26 -9.62 -22.52
CA VAL Q 388 66.61 -8.73 -23.47
C VAL Q 388 66.13 -7.50 -22.74
N ASP Q 389 66.38 -6.32 -23.32
CA ASP Q 389 66.02 -5.05 -22.71
C ASP Q 389 65.54 -4.05 -23.75
N ARG Q 390 64.96 -4.52 -24.85
CA ARG Q 390 64.67 -3.68 -25.99
C ARG Q 390 63.15 -3.57 -26.20
N ASN Q 391 62.38 -3.95 -25.17
CA ASN Q 391 60.93 -3.94 -25.20
C ASN Q 391 60.39 -4.87 -26.29
N ILE Q 392 60.61 -6.17 -26.06
CA ILE Q 392 60.20 -7.25 -26.95
C ILE Q 392 58.76 -7.10 -27.41
N TYR Q 393 57.93 -6.40 -26.63
CA TYR Q 393 56.57 -6.10 -27.06
C TYR Q 393 56.54 -5.20 -28.28
N GLY Q 394 57.65 -4.52 -28.58
CA GLY Q 394 57.68 -3.65 -29.74
C GLY Q 394 57.53 -4.40 -31.05
N MET Q 395 58.23 -5.53 -31.19
CA MET Q 395 58.19 -6.28 -32.43
C MET Q 395 56.96 -7.20 -32.46
N ASN Q 396 56.71 -7.77 -33.64
CA ASN Q 396 55.67 -8.76 -33.80
C ASN Q 396 56.17 -10.13 -33.37
N GLU Q 397 55.29 -11.13 -33.42
CA GLU Q 397 55.70 -12.48 -33.04
C GLU Q 397 56.78 -13.02 -33.97
N GLU Q 398 56.65 -12.78 -35.27
CA GLU Q 398 57.64 -13.27 -36.22
C GLU Q 398 58.98 -12.57 -36.04
N GLU Q 399 58.97 -11.26 -35.76
CA GLU Q 399 60.20 -10.51 -35.63
C GLU Q 399 61.01 -10.89 -34.39
N ARG Q 400 60.36 -11.48 -33.37
CA ARG Q 400 61.07 -11.92 -32.17
C ARG Q 400 61.27 -13.42 -32.11
N GLU Q 401 60.54 -14.20 -32.92
CA GLU Q 401 60.76 -15.63 -32.98
C GLU Q 401 62.08 -15.98 -33.64
N ALA Q 402 62.66 -15.04 -34.40
CA ALA Q 402 63.98 -15.27 -34.98
C ALA Q 402 65.03 -15.44 -33.90
N THR Q 403 64.96 -14.63 -32.85
CA THR Q 403 65.86 -14.77 -31.72
C THR Q 403 65.33 -15.88 -30.80
N GLY Q 404 65.91 -15.98 -29.61
CA GLY Q 404 65.51 -17.02 -28.67
C GLY Q 404 64.22 -16.78 -27.93
N ILE Q 405 63.50 -15.71 -28.26
CA ILE Q 405 62.26 -15.38 -27.56
C ILE Q 405 61.15 -16.28 -28.07
N TYR Q 406 60.47 -16.97 -27.15
CA TYR Q 406 59.37 -17.84 -27.49
C TYR Q 406 58.18 -17.52 -26.60
N ASP Q 407 56.99 -17.87 -27.09
CA ASP Q 407 55.75 -17.58 -26.40
C ASP Q 407 55.43 -18.67 -25.38
N LEU Q 408 54.86 -18.25 -24.26
CA LEU Q 408 54.31 -19.20 -23.31
C LEU Q 408 53.03 -19.82 -23.90
N PRO Q 409 52.65 -21.00 -23.43
CA PRO Q 409 51.39 -21.60 -23.91
C PRO Q 409 50.21 -20.68 -23.66
N GLU Q 410 49.32 -20.60 -24.64
CA GLU Q 410 48.20 -19.67 -24.59
C GLU Q 410 46.95 -20.25 -23.95
N SER Q 411 46.92 -21.56 -23.73
CA SER Q 411 45.76 -22.21 -23.13
C SER Q 411 46.25 -23.37 -22.27
N LEU Q 412 45.36 -23.84 -21.38
CA LEU Q 412 45.72 -24.94 -20.50
C LEU Q 412 45.95 -26.23 -21.27
N GLY Q 413 45.25 -26.42 -22.40
CA GLY Q 413 45.47 -27.62 -23.19
C GLY Q 413 46.86 -27.69 -23.79
N HIS Q 414 47.34 -26.57 -24.33
CA HIS Q 414 48.69 -26.54 -24.88
C HIS Q 414 49.72 -26.76 -23.78
N ALA Q 415 49.49 -26.19 -22.60
CA ALA Q 415 50.39 -26.41 -21.47
C ALA Q 415 50.40 -27.87 -21.06
N LEU Q 416 49.23 -28.51 -21.08
CA LEU Q 416 49.16 -29.94 -20.77
C LEU Q 416 49.94 -30.76 -21.78
N ILE Q 417 49.83 -30.40 -23.07
CA ILE Q 417 50.61 -31.10 -24.09
C ILE Q 417 52.10 -30.93 -23.84
N GLU Q 418 52.51 -29.71 -23.48
CA GLU Q 418 53.92 -29.46 -23.19
C GLU Q 418 54.39 -30.27 -21.99
N LEU Q 419 53.54 -30.39 -20.96
CA LEU Q 419 53.84 -31.28 -19.84
C LEU Q 419 54.03 -32.71 -20.30
N GLU Q 420 53.10 -33.21 -21.11
CA GLU Q 420 53.18 -34.59 -21.58
C GLU Q 420 54.40 -34.83 -22.46
N LYS Q 421 54.96 -33.77 -23.05
CA LYS Q 421 56.18 -33.94 -23.84
C LYS Q 421 57.43 -33.93 -22.98
N ASN Q 422 57.53 -32.99 -22.02
CA ASN Q 422 58.72 -32.83 -21.21
C ASN Q 422 58.91 -34.00 -20.24
N GLU Q 423 60.15 -34.47 -20.10
CA GLU Q 423 60.44 -35.61 -19.23
C GLU Q 423 61.00 -35.20 -17.88
N ILE Q 424 61.78 -34.12 -17.82
CA ILE Q 424 62.39 -33.71 -16.55
C ILE Q 424 61.31 -33.27 -15.57
N ILE Q 425 60.29 -32.57 -16.06
CA ILE Q 425 59.19 -32.16 -15.18
C ILE Q 425 58.42 -33.38 -14.69
N LYS Q 426 58.26 -34.39 -15.55
CA LYS Q 426 57.63 -35.64 -15.12
C LYS Q 426 58.45 -36.29 -14.01
N ASP Q 427 59.77 -36.31 -14.15
CA ASP Q 427 60.61 -36.87 -13.10
C ASP Q 427 60.51 -36.08 -11.81
N GLY Q 428 60.43 -34.76 -11.91
CA GLY Q 428 60.27 -33.92 -10.74
C GLY Q 428 58.92 -34.00 -10.07
N LEU Q 429 57.88 -34.39 -10.81
CA LEU Q 429 56.55 -34.57 -10.24
C LEU Q 429 56.29 -35.97 -9.72
N GLY Q 430 56.90 -36.99 -10.30
CA GLY Q 430 56.58 -38.36 -9.95
C GLY Q 430 55.41 -38.89 -10.77
N GLU Q 431 55.42 -40.20 -10.98
CA GLU Q 431 54.43 -40.80 -11.87
C GLU Q 431 53.02 -40.64 -11.33
N HIS Q 432 52.82 -40.87 -10.04
CA HIS Q 432 51.48 -40.80 -9.46
C HIS Q 432 50.91 -39.40 -9.60
N ILE Q 433 51.66 -38.39 -9.15
CA ILE Q 433 51.20 -37.02 -9.20
C ILE Q 433 51.00 -36.58 -10.65
N PHE Q 434 51.93 -36.95 -11.54
CA PHE Q 434 51.80 -36.55 -12.94
C PHE Q 434 50.53 -37.12 -13.56
N GLU Q 435 50.28 -38.41 -13.36
CA GLU Q 435 49.10 -39.02 -13.96
C GLU Q 435 47.82 -38.41 -13.42
N HIS Q 436 47.72 -38.23 -12.10
CA HIS Q 436 46.49 -37.70 -11.53
C HIS Q 436 46.27 -36.24 -11.92
N PHE Q 437 47.35 -35.45 -11.93
CA PHE Q 437 47.26 -34.06 -12.37
C PHE Q 437 46.81 -33.97 -13.82
N ILE Q 438 47.38 -34.80 -14.69
CA ILE Q 438 47.00 -34.78 -16.09
C ILE Q 438 45.53 -35.16 -16.25
N GLU Q 439 45.09 -36.19 -15.54
CA GLU Q 439 43.69 -36.61 -15.63
C GLU Q 439 42.76 -35.49 -15.20
N ALA Q 440 43.02 -34.89 -14.05
CA ALA Q 440 42.15 -33.83 -13.55
C ALA Q 440 42.14 -32.63 -14.49
N LYS Q 441 43.30 -32.24 -15.00
CA LYS Q 441 43.36 -31.06 -15.85
C LYS Q 441 42.72 -31.32 -17.21
N THR Q 442 42.86 -32.52 -17.75
CA THR Q 442 42.15 -32.85 -18.99
C THR Q 442 40.65 -32.85 -18.79
N ILE Q 443 40.19 -33.36 -17.65
CA ILE Q 443 38.73 -33.31 -17.35
C ILE Q 443 38.30 -31.84 -17.30
N GLU Q 444 39.10 -30.99 -16.64
CA GLU Q 444 38.75 -29.55 -16.51
C GLU Q 444 38.69 -28.90 -17.90
N CYS Q 445 39.66 -29.20 -18.76
CA CYS Q 445 39.69 -28.62 -20.10
C CYS Q 445 38.50 -29.09 -20.92
N ASP Q 446 38.16 -30.38 -20.84
CA ASP Q 446 37.00 -30.87 -21.57
C ASP Q 446 35.71 -30.24 -21.07
N MET Q 447 35.60 -30.05 -19.75
CA MET Q 447 34.41 -29.41 -19.19
C MET Q 447 34.28 -27.98 -19.67
N PHE Q 448 35.38 -27.25 -19.74
CA PHE Q 448 35.32 -25.86 -20.19
C PHE Q 448 35.06 -25.76 -21.69
N ARG Q 449 35.61 -26.70 -22.47
CA ARG Q 449 35.52 -26.60 -23.93
C ARG Q 449 34.08 -26.76 -24.42
N THR Q 450 33.33 -27.68 -23.82
CA THR Q 450 31.99 -27.99 -24.29
C THR Q 450 30.93 -27.07 -23.72
N ALA Q 451 31.28 -26.17 -22.80
CA ALA Q 451 30.31 -25.27 -22.21
C ALA Q 451 29.94 -24.16 -23.18
N VAL Q 452 28.73 -23.62 -23.01
CA VAL Q 452 28.24 -22.50 -23.82
C VAL Q 452 28.19 -21.30 -22.90
N HIS Q 453 28.94 -20.27 -23.21
CA HIS Q 453 29.06 -19.10 -22.36
C HIS Q 453 28.15 -17.98 -22.83
N PRO Q 454 27.74 -17.09 -21.93
CA PRO Q 454 26.90 -15.96 -22.35
C PRO Q 454 27.57 -15.04 -23.35
N TRP Q 455 28.91 -15.08 -23.42
CA TRP Q 455 29.64 -14.29 -24.45
C TRP Q 455 29.14 -14.73 -25.82
N GLU Q 456 29.06 -16.05 -26.05
CA GLU Q 456 28.65 -16.57 -27.35
C GLU Q 456 27.23 -16.13 -27.70
N ARG Q 457 26.33 -16.15 -26.72
CA ARG Q 457 24.96 -15.69 -26.98
C ARG Q 457 24.93 -14.21 -27.29
N GLU Q 458 25.70 -13.40 -26.54
CA GLU Q 458 25.72 -11.96 -26.80
C GLU Q 458 26.31 -11.66 -28.18
N GLN Q 459 27.18 -12.54 -28.67
CA GLN Q 459 27.81 -12.28 -29.97
C GLN Q 459 27.05 -12.87 -31.15
N TYR Q 460 26.24 -13.92 -30.93
CA TYR Q 460 25.64 -14.59 -32.12
C TYR Q 460 24.12 -14.79 -32.03
N LEU Q 461 23.50 -14.66 -30.85
CA LEU Q 461 22.06 -14.97 -30.77
C LEU Q 461 21.24 -14.06 -31.67
N GLU Q 462 21.59 -12.76 -31.72
CA GLU Q 462 20.83 -11.83 -32.53
C GLU Q 462 21.37 -11.72 -33.95
N ILE Q 463 22.69 -11.79 -34.13
CA ILE Q 463 23.29 -11.66 -35.45
C ILE Q 463 22.87 -12.83 -36.34
N TYR Q 464 22.93 -14.05 -35.79
CA TYR Q 464 22.58 -15.24 -36.55
C TYR Q 464 21.27 -15.83 -36.07
N ALA R 22 -19.69 55.10 -42.79
CA ALA R 22 -20.82 54.26 -42.39
C ALA R 22 -20.77 52.92 -43.11
N LYS R 23 -20.27 51.90 -42.40
CA LYS R 23 -20.15 50.55 -42.94
C LYS R 23 -21.42 49.73 -42.77
N TYR R 24 -22.12 49.91 -41.65
CA TYR R 24 -23.36 49.20 -41.38
C TYR R 24 -24.43 50.19 -40.95
N THR R 25 -25.68 49.81 -41.18
CA THR R 25 -26.85 50.55 -40.74
C THR R 25 -27.65 49.69 -39.77
N LYS R 26 -28.73 50.27 -39.22
CA LYS R 26 -29.57 49.53 -38.30
C LYS R 26 -30.19 48.31 -38.98
N GLU R 27 -30.67 48.49 -40.21
CA GLU R 27 -31.28 47.39 -40.94
C GLU R 27 -30.27 46.27 -41.19
N ASP R 28 -29.03 46.65 -41.49
CA ASP R 28 -27.97 45.65 -41.66
C ASP R 28 -27.76 44.86 -40.38
N ILE R 29 -27.74 45.54 -39.24
CA ILE R 29 -27.55 44.86 -37.96
C ILE R 29 -28.69 43.90 -37.67
N PHE R 30 -29.93 44.35 -37.93
CA PHE R 30 -31.08 43.47 -37.71
C PHE R 30 -31.01 42.26 -38.62
N ARG R 31 -30.64 42.46 -39.89
CA ARG R 31 -30.52 41.34 -40.81
C ARG R 31 -29.45 40.36 -40.36
N PHE R 32 -28.31 40.88 -39.91
CA PHE R 32 -27.24 40.00 -39.42
C PHE R 32 -27.71 39.20 -38.21
N ALA R 33 -28.38 39.87 -37.27
CA ALA R 33 -28.86 39.17 -36.08
C ALA R 33 -29.86 38.10 -36.44
N ASP R 34 -30.73 38.37 -37.41
CA ASP R 34 -31.72 37.37 -37.83
C ASP R 34 -31.05 36.19 -38.52
N GLU R 35 -30.12 36.46 -39.45
CA GLU R 35 -29.60 35.40 -40.28
C GLU R 35 -28.56 34.53 -39.56
N GLN R 36 -27.73 35.13 -38.69
CA GLN R 36 -26.75 34.33 -37.98
C GLN R 36 -27.29 33.71 -36.70
N ASN R 37 -28.54 34.00 -36.35
CA ASN R 37 -29.21 33.40 -35.19
C ASN R 37 -28.43 33.68 -33.91
N VAL R 38 -28.35 34.96 -33.56
CA VAL R 38 -27.71 35.39 -32.32
C VAL R 38 -28.79 35.67 -31.29
N LYS R 39 -28.55 35.21 -30.06
CA LYS R 39 -29.48 35.42 -28.97
C LYS R 39 -28.91 36.26 -27.83
N PHE R 40 -27.61 36.60 -27.93
CA PHE R 40 -26.96 37.41 -26.87
C PHE R 40 -26.07 38.49 -27.51
N ILE R 41 -26.13 39.72 -26.98
CA ILE R 41 -25.28 40.82 -27.49
C ILE R 41 -24.52 41.45 -26.31
N ARG R 42 -23.18 41.51 -26.40
CA ARG R 42 -22.36 42.08 -25.30
C ARG R 42 -22.00 43.54 -25.63
N LEU R 43 -22.75 44.49 -25.08
CA LEU R 43 -22.44 45.91 -25.29
C LEU R 43 -21.25 46.24 -24.41
N GLN R 44 -20.08 46.39 -25.02
CA GLN R 44 -18.84 46.48 -24.26
C GLN R 44 -18.21 47.87 -24.38
N PHE R 45 -17.33 48.15 -23.42
CA PHE R 45 -16.63 49.42 -23.31
C PHE R 45 -15.37 49.18 -22.48
N THR R 46 -14.57 50.23 -22.32
CA THR R 46 -13.31 50.15 -21.61
C THR R 46 -13.29 51.19 -20.51
N ASP R 47 -12.88 50.78 -19.31
CA ASP R 47 -12.81 51.67 -18.16
C ASP R 47 -11.48 52.42 -18.17
N ILE R 48 -11.22 53.18 -17.11
CA ILE R 48 -9.98 53.95 -17.03
C ILE R 48 -8.78 53.02 -16.95
N LEU R 49 -8.89 51.94 -16.17
CA LEU R 49 -7.72 51.05 -15.94
C LEU R 49 -7.48 50.14 -17.14
N GLY R 50 -8.30 50.20 -18.18
CA GLY R 50 -8.09 49.39 -19.37
C GLY R 50 -8.80 48.07 -19.39
N ILE R 51 -9.53 47.72 -18.32
CA ILE R 51 -10.25 46.46 -18.28
C ILE R 51 -11.48 46.55 -19.17
N ILE R 52 -11.70 45.53 -19.99
CA ILE R 52 -12.86 45.49 -20.86
C ILE R 52 -14.08 45.08 -20.04
N LYS R 53 -15.11 45.92 -20.02
CA LYS R 53 -16.34 45.64 -19.30
C LYS R 53 -17.48 45.63 -20.29
N ASN R 54 -18.63 45.07 -19.88
CA ASN R 54 -19.75 44.93 -20.85
C ASN R 54 -21.09 44.69 -20.15
N VAL R 55 -22.19 45.05 -20.81
CA VAL R 55 -23.55 44.72 -20.28
C VAL R 55 -24.13 43.69 -21.26
N GLU R 56 -24.74 42.63 -20.75
CA GLU R 56 -25.22 41.55 -21.65
C GLU R 56 -26.73 41.64 -21.83
N ILE R 57 -27.20 41.72 -23.07
CA ILE R 57 -28.68 41.87 -23.34
C ILE R 57 -29.13 40.79 -24.32
N PRO R 58 -30.37 40.26 -24.21
CA PRO R 58 -30.89 39.31 -25.20
C PRO R 58 -31.13 40.00 -26.53
N VAL R 59 -31.27 39.18 -27.57
CA VAL R 59 -31.48 39.73 -28.91
C VAL R 59 -32.79 40.50 -28.98
N SER R 60 -33.77 40.14 -28.15
CA SER R 60 -35.06 40.82 -28.16
C SER R 60 -34.94 42.29 -27.78
N GLN R 61 -33.89 42.66 -27.05
CA GLN R 61 -33.66 44.06 -26.69
C GLN R 61 -32.82 44.80 -27.72
N LEU R 62 -32.38 44.12 -28.78
CA LEU R 62 -31.44 44.72 -29.71
C LEU R 62 -31.97 46.03 -30.28
N LYS R 63 -33.24 46.06 -30.65
CA LYS R 63 -33.83 47.30 -31.17
C LYS R 63 -33.64 48.44 -30.19
N LYS R 64 -33.96 48.20 -28.92
CA LYS R 64 -33.76 49.24 -27.91
C LYS R 64 -32.30 49.65 -27.83
N ALA R 65 -31.39 48.67 -27.94
CA ALA R 65 -29.97 48.98 -27.93
C ALA R 65 -29.61 49.89 -29.09
N LEU R 66 -30.26 49.70 -30.24
CA LEU R 66 -29.98 50.56 -31.38
C LEU R 66 -30.69 51.90 -31.29
N ASP R 67 -31.57 52.09 -30.31
CA ASP R 67 -32.22 53.37 -30.09
C ASP R 67 -31.50 54.24 -29.08
N ASN R 68 -30.34 53.79 -28.59
CA ASN R 68 -29.55 54.52 -27.60
C ASN R 68 -30.38 54.81 -26.34
N LYS R 69 -31.12 53.80 -25.89
CA LYS R 69 -31.98 53.94 -24.73
C LYS R 69 -31.56 53.05 -23.55
N ILE R 70 -30.45 52.31 -23.66
CA ILE R 70 -30.01 51.45 -22.59
C ILE R 70 -29.32 52.28 -21.52
N MET R 71 -29.74 52.12 -20.27
CA MET R 71 -29.14 52.78 -19.12
C MET R 71 -28.25 51.79 -18.37
N PHE R 72 -27.16 52.30 -17.81
CA PHE R 72 -26.29 51.49 -16.97
C PHE R 72 -25.57 52.40 -15.98
N ASP R 73 -24.75 51.81 -15.13
CA ASP R 73 -24.01 52.53 -14.11
C ASP R 73 -22.68 53.00 -14.70
N GLY R 74 -22.54 54.30 -14.91
CA GLY R 74 -21.31 54.84 -15.47
C GLY R 74 -20.14 54.82 -14.52
N SER R 75 -20.41 54.75 -13.20
CA SER R 75 -19.33 54.75 -12.23
C SER R 75 -18.38 53.57 -12.41
N SER R 76 -18.83 52.50 -13.05
CA SER R 76 -17.95 51.36 -13.30
C SER R 76 -16.76 51.77 -14.17
N ILE R 77 -16.93 52.79 -15.01
CA ILE R 77 -15.81 53.28 -15.81
C ILE R 77 -14.69 53.77 -14.91
N GLU R 78 -15.03 54.34 -13.76
CA GLU R 78 -14.02 54.80 -12.83
C GLU R 78 -13.23 53.65 -12.21
N GLY R 79 -13.69 52.41 -12.36
CA GLY R 79 -12.97 51.28 -11.80
C GLY R 79 -13.32 51.00 -10.35
N PHE R 80 -12.32 50.66 -9.54
CA PHE R 80 -12.56 50.35 -8.14
C PHE R 80 -12.57 51.58 -7.25
N VAL R 81 -12.33 52.77 -7.80
CA VAL R 81 -12.34 53.99 -7.01
C VAL R 81 -13.69 54.67 -7.16
N ARG R 82 -14.68 53.95 -7.70
CA ARG R 82 -16.02 54.49 -7.83
C ARG R 82 -16.65 54.69 -6.46
N ILE R 83 -17.47 55.74 -6.36
CA ILE R 83 -18.10 56.09 -5.09
C ILE R 83 -19.62 56.10 -5.24
N GLU R 84 -20.13 56.95 -6.14
CA GLU R 84 -21.55 57.18 -6.28
C GLU R 84 -22.04 56.62 -7.61
N GLU R 85 -23.19 55.94 -7.56
CA GLU R 85 -23.80 55.42 -8.77
C GLU R 85 -24.29 56.55 -9.66
N SER R 86 -23.98 56.47 -10.95
CA SER R 86 -24.38 57.47 -11.93
C SER R 86 -24.97 56.77 -13.14
N ASP R 87 -26.15 57.20 -13.55
CA ASP R 87 -26.82 56.61 -14.71
C ASP R 87 -26.27 57.19 -15.99
N MET R 88 -26.04 56.33 -16.98
CA MET R 88 -25.48 56.79 -18.25
C MET R 88 -26.00 55.92 -19.38
N TYR R 89 -26.05 56.51 -20.57
CA TYR R 89 -26.54 55.82 -21.75
C TYR R 89 -25.42 54.99 -22.38
N LEU R 90 -25.80 54.18 -23.36
CA LEU R 90 -24.92 53.17 -23.94
C LEU R 90 -24.98 53.19 -25.46
N PHE R 91 -24.79 54.38 -26.05
CA PHE R 91 -24.72 54.57 -27.49
C PHE R 91 -23.77 53.57 -28.14
N PRO R 92 -24.26 52.62 -28.91
CA PRO R 92 -23.39 51.63 -29.54
C PRO R 92 -22.85 52.14 -30.88
N ASP R 93 -21.80 51.46 -31.35
CA ASP R 93 -21.17 51.74 -32.63
C ASP R 93 -21.52 50.62 -33.60
N LEU R 94 -22.17 50.97 -34.70
CA LEU R 94 -22.64 49.94 -35.63
C LEU R 94 -21.49 49.27 -36.36
N ASP R 95 -20.43 50.01 -36.66
CA ASP R 95 -19.32 49.46 -37.43
C ASP R 95 -18.51 48.41 -36.66
N THR R 96 -18.73 48.27 -35.36
CA THR R 96 -17.99 47.34 -34.54
C THR R 96 -18.71 46.03 -34.33
N TRP R 97 -19.71 45.72 -35.15
CA TRP R 97 -20.48 44.49 -35.00
C TRP R 97 -19.62 43.30 -35.38
N VAL R 98 -19.35 42.43 -34.41
CA VAL R 98 -18.55 41.22 -34.64
C VAL R 98 -19.26 40.05 -33.96
N VAL R 99 -19.41 38.95 -34.69
CA VAL R 99 -20.05 37.75 -34.16
C VAL R 99 -18.96 36.77 -33.76
N PHE R 100 -18.99 36.32 -32.50
CA PHE R 100 -17.99 35.39 -32.02
C PHE R 100 -18.23 34.00 -32.61
N PRO R 101 -17.19 33.26 -32.93
CA PRO R 101 -17.38 31.91 -33.49
C PRO R 101 -17.54 30.82 -32.45
N TRP R 102 -16.98 31.00 -31.26
CA TRP R 102 -17.02 29.98 -30.20
C TRP R 102 -18.29 30.17 -29.38
N THR R 103 -19.44 29.92 -30.00
CA THR R 103 -20.70 30.08 -29.28
C THR R 103 -21.60 28.85 -29.33
N ALA R 104 -21.12 27.70 -29.80
CA ALA R 104 -21.91 26.47 -29.88
C ALA R 104 -23.12 26.73 -30.77
N GLU R 105 -24.24 26.06 -30.50
CA GLU R 105 -25.44 26.17 -31.32
C GLU R 105 -26.62 26.81 -30.59
N LYS R 106 -26.56 26.94 -29.27
CA LYS R 106 -27.65 27.53 -28.52
C LYS R 106 -27.58 29.05 -28.59
N GLY R 107 -27.68 29.59 -29.81
CA GLY R 107 -27.58 31.03 -30.01
C GLY R 107 -26.16 31.52 -30.02
N LYS R 108 -25.85 32.44 -30.92
CA LYS R 108 -24.52 33.00 -31.04
C LYS R 108 -24.42 34.28 -30.21
N VAL R 109 -23.19 34.77 -30.04
CA VAL R 109 -22.90 35.96 -29.26
C VAL R 109 -22.22 36.98 -30.16
N ALA R 110 -22.69 38.22 -30.13
CA ALA R 110 -22.11 39.31 -30.88
C ALA R 110 -21.84 40.48 -29.94
N ARG R 111 -20.92 41.35 -30.33
CA ARG R 111 -20.57 42.49 -29.52
C ARG R 111 -20.54 43.76 -30.37
N MET R 112 -20.73 44.90 -29.71
CA MET R 112 -20.53 46.21 -30.31
C MET R 112 -19.92 47.13 -29.25
N ILE R 113 -18.80 47.76 -29.59
CA ILE R 113 -18.23 48.76 -28.69
C ILE R 113 -19.17 49.96 -28.63
N CYS R 114 -19.45 50.42 -27.42
CA CYS R 114 -20.44 51.46 -27.19
C CYS R 114 -19.78 52.72 -26.64
N ASP R 115 -20.36 53.86 -26.97
CA ASP R 115 -19.99 55.14 -26.37
C ASP R 115 -20.85 55.41 -25.16
N ILE R 116 -20.30 56.17 -24.22
CA ILE R 116 -20.98 56.51 -22.97
C ILE R 116 -21.47 57.95 -23.07
N TYR R 117 -22.75 58.16 -22.80
CA TYR R 117 -23.37 59.47 -22.91
C TYR R 117 -24.07 59.83 -21.61
N ASN R 118 -24.01 61.11 -21.26
CA ASN R 118 -24.73 61.60 -20.10
C ASN R 118 -26.23 61.56 -20.36
N PRO R 119 -27.04 61.56 -19.31
CA PRO R 119 -28.49 61.60 -19.51
C PRO R 119 -28.97 62.84 -20.26
N ASP R 120 -28.17 63.90 -20.31
CA ASP R 120 -28.52 65.10 -21.06
C ASP R 120 -27.97 65.04 -22.49
N MET R 121 -27.81 63.83 -23.03
CA MET R 121 -27.49 63.61 -24.43
C MET R 121 -26.10 64.15 -24.80
N THR R 122 -25.18 64.15 -23.84
CA THR R 122 -23.83 64.65 -24.04
C THR R 122 -22.82 63.55 -23.75
N PRO R 123 -21.80 63.37 -24.57
CA PRO R 123 -20.82 62.30 -24.30
C PRO R 123 -20.14 62.49 -22.95
N PHE R 124 -19.90 61.38 -22.28
CA PHE R 124 -19.31 61.42 -20.94
C PHE R 124 -17.83 61.78 -21.03
N ALA R 125 -17.42 62.76 -20.21
CA ALA R 125 -16.03 63.18 -20.21
C ALA R 125 -15.10 62.15 -19.62
N GLY R 126 -15.60 61.26 -18.78
CA GLY R 126 -14.79 60.22 -18.16
C GLY R 126 -14.60 58.98 -18.99
N ASP R 127 -15.14 58.94 -20.20
CA ASP R 127 -14.98 57.78 -21.07
C ASP R 127 -13.71 57.93 -21.90
N PRO R 128 -12.78 56.98 -21.84
CA PRO R 128 -11.54 57.12 -22.64
C PRO R 128 -11.80 57.25 -24.13
N ARG R 129 -12.79 56.52 -24.66
CA ARG R 129 -13.09 56.61 -26.08
C ARG R 129 -13.60 58.00 -26.46
N ALA R 130 -14.48 58.58 -25.62
CA ALA R 130 -14.96 59.92 -25.89
C ALA R 130 -13.83 60.94 -25.80
N ASN R 131 -12.91 60.75 -24.85
CA ASN R 131 -11.75 61.63 -24.75
C ASN R 131 -10.89 61.55 -26.00
N LEU R 132 -10.66 60.34 -26.51
CA LEU R 132 -9.90 60.19 -27.74
C LEU R 132 -10.62 60.86 -28.91
N LYS R 133 -11.94 60.73 -28.96
CA LYS R 133 -12.70 61.40 -30.01
C LYS R 133 -12.56 62.93 -29.92
N ARG R 134 -12.57 63.46 -28.70
CA ARG R 134 -12.38 64.90 -28.52
C ARG R 134 -11.01 65.35 -28.99
N VAL R 135 -9.97 64.57 -28.65
CA VAL R 135 -8.62 64.92 -29.09
C VAL R 135 -8.52 64.84 -30.62
N LEU R 136 -9.15 63.85 -31.22
CA LEU R 136 -9.17 63.76 -32.67
C LEU R 136 -9.90 64.94 -33.30
N LYS R 137 -10.97 65.39 -32.66
CA LYS R 137 -11.67 66.59 -33.12
C LYS R 137 -10.75 67.81 -33.09
N GLU R 138 -9.96 67.94 -32.02
CA GLU R 138 -8.99 69.02 -31.95
C GLU R 138 -7.98 68.92 -33.08
N MET R 139 -7.48 67.71 -33.34
CA MET R 139 -6.52 67.52 -34.42
C MET R 139 -7.12 67.90 -35.77
N GLU R 140 -8.36 67.49 -36.03
CA GLU R 140 -9.03 67.87 -37.25
C GLU R 140 -9.22 69.38 -37.33
N GLU R 141 -9.47 70.02 -36.19
CA GLU R 141 -9.56 71.48 -36.17
C GLU R 141 -8.24 72.12 -36.57
N LEU R 142 -7.11 71.54 -36.17
CA LEU R 142 -5.84 72.11 -36.56
C LEU R 142 -5.54 71.93 -38.05
N GLY R 143 -6.18 70.98 -38.73
CA GLY R 143 -6.02 70.89 -40.17
C GLY R 143 -5.75 69.51 -40.72
N PHE R 144 -5.52 68.52 -39.85
CA PHE R 144 -5.23 67.17 -40.29
C PHE R 144 -6.50 66.35 -40.41
N THR R 145 -6.40 65.22 -41.12
CA THR R 145 -7.55 64.37 -41.38
C THR R 145 -7.61 63.15 -40.46
N GLU R 146 -6.55 62.35 -40.41
CA GLU R 146 -6.58 61.12 -39.63
C GLU R 146 -5.23 60.86 -38.99
N PHE R 147 -5.26 60.00 -37.98
CA PHE R 147 -4.10 59.60 -37.19
C PHE R 147 -4.00 58.08 -37.27
N ASN R 148 -3.26 57.58 -38.27
CA ASN R 148 -3.13 56.14 -38.45
C ASN R 148 -2.15 55.57 -37.43
N LEU R 149 -2.49 54.40 -36.89
CA LEU R 149 -1.68 53.75 -35.88
C LEU R 149 -1.56 52.27 -36.18
N GLY R 150 -0.35 51.75 -36.02
CA GLY R 150 -0.11 50.33 -36.08
C GLY R 150 0.61 49.86 -34.83
N PRO R 151 -0.04 49.01 -34.04
CA PRO R 151 0.59 48.50 -32.82
C PRO R 151 1.32 47.19 -33.06
N GLU R 152 2.31 46.94 -32.20
CA GLU R 152 3.10 45.70 -32.23
C GLU R 152 3.04 45.04 -30.86
N PRO R 153 1.92 44.41 -30.53
CA PRO R 153 1.80 43.79 -29.20
C PRO R 153 2.55 42.47 -29.11
N GLU R 154 3.14 42.22 -27.96
CA GLU R 154 3.85 40.98 -27.67
C GLU R 154 3.23 40.33 -26.44
N PHE R 155 3.12 39.00 -26.44
CA PHE R 155 2.49 38.31 -25.34
C PHE R 155 3.26 37.04 -25.01
N PHE R 156 3.10 36.58 -23.77
CA PHE R 156 3.73 35.36 -23.28
C PHE R 156 2.70 34.26 -23.14
N LEU R 157 3.12 33.03 -23.38
CA LEU R 157 2.27 31.85 -23.26
C LEU R 157 2.83 30.95 -22.17
N PHE R 158 1.99 30.61 -21.19
CA PHE R 158 2.38 29.77 -20.07
C PHE R 158 1.51 28.52 -20.03
N LYS R 159 2.07 27.43 -19.54
CA LYS R 159 1.32 26.20 -19.41
C LYS R 159 0.44 26.23 -18.17
N LEU R 160 -0.78 25.70 -18.31
CA LEU R 160 -1.72 25.64 -17.20
C LEU R 160 -1.42 24.42 -16.33
N ASP R 161 -1.90 24.48 -15.09
CA ASP R 161 -1.70 23.41 -14.13
C ASP R 161 -2.87 22.43 -14.21
N GLU R 162 -2.91 21.47 -13.28
CA GLU R 162 -4.02 20.51 -13.25
C GLU R 162 -5.34 21.21 -12.94
N ASN R 163 -5.32 22.20 -12.05
CA ASN R 163 -6.51 22.94 -11.69
C ASN R 163 -6.77 24.13 -12.62
N ARG R 164 -6.25 24.08 -13.85
CA ARG R 164 -6.42 25.13 -14.84
C ARG R 164 -5.93 26.48 -14.32
N ARG R 165 -4.82 26.46 -13.59
CA ARG R 165 -4.20 27.69 -13.10
C ARG R 165 -2.88 27.92 -13.81
N PRO R 166 -2.55 29.17 -14.15
CA PRO R 166 -1.29 29.43 -14.85
C PRO R 166 -0.09 29.06 -14.00
N THR R 167 0.93 28.53 -14.66
CA THR R 167 2.20 28.20 -14.03
C THR R 167 3.28 29.13 -14.56
N LEU R 168 4.53 28.89 -14.14
CA LEU R 168 5.66 29.70 -14.58
C LEU R 168 6.44 29.03 -15.69
N GLU R 169 5.92 27.95 -16.26
CA GLU R 169 6.61 27.21 -17.32
C GLU R 169 6.14 27.69 -18.68
N LEU R 170 7.07 28.10 -19.53
CA LEU R 170 6.76 28.59 -20.85
C LEU R 170 6.40 27.43 -21.79
N ASN R 171 5.66 27.76 -22.85
CA ASN R 171 5.19 26.73 -23.76
C ASN R 171 6.30 26.19 -24.65
N ASP R 172 7.28 27.02 -25.00
CA ASP R 172 8.40 26.57 -25.82
C ASP R 172 9.63 27.41 -25.54
N SER R 173 10.79 26.83 -25.79
CA SER R 173 12.06 27.53 -25.64
C SER R 173 12.55 28.01 -27.01
N GLY R 174 11.82 28.97 -27.55
CA GLY R 174 12.09 29.51 -28.86
C GLY R 174 13.11 30.63 -28.86
N GLY R 175 13.22 31.29 -30.01
CA GLY R 175 14.17 32.38 -30.18
C GLY R 175 13.58 33.43 -31.09
N TYR R 176 14.40 34.44 -31.37
CA TYR R 176 13.95 35.58 -32.18
C TYR R 176 13.81 35.16 -33.63
N PHE R 177 12.58 35.24 -34.15
CA PHE R 177 12.25 34.86 -35.53
C PHE R 177 12.53 33.39 -35.80
N ASP R 178 12.63 32.57 -34.77
CA ASP R 178 12.96 31.16 -34.95
C ASP R 178 11.72 30.36 -35.32
N LEU R 179 11.95 29.26 -36.02
CA LEU R 179 10.89 28.32 -36.39
C LEU R 179 10.76 27.29 -35.27
N ALA R 180 10.43 27.78 -34.08
CA ALA R 180 10.43 26.97 -32.87
C ALA R 180 9.18 26.11 -32.73
N PRO R 181 7.95 26.66 -32.81
CA PRO R 181 6.78 25.80 -32.65
C PRO R 181 6.67 24.71 -33.70
N THR R 182 7.17 24.96 -34.91
CA THR R 182 7.17 23.99 -36.01
C THR R 182 5.77 23.49 -36.34
N ASP R 183 5.70 22.45 -37.15
CA ASP R 183 4.45 21.86 -37.61
C ASP R 183 4.05 20.71 -36.69
N LEU R 184 3.12 19.88 -37.15
CA LEU R 184 2.67 18.68 -36.43
C LEU R 184 2.01 19.04 -35.10
N GLY R 185 0.94 19.83 -35.16
CA GLY R 185 0.17 20.14 -33.98
C GLY R 185 0.74 21.29 -33.17
N GLU R 186 0.02 21.62 -32.10
CA GLU R 186 0.35 22.74 -31.21
C GLU R 186 0.41 24.00 -32.07
N ASN R 187 1.49 24.78 -32.01
CA ASN R 187 1.62 26.04 -32.75
C ASN R 187 0.42 26.94 -32.50
N CYS R 188 0.28 27.34 -31.23
CA CYS R 188 -0.86 28.17 -30.84
C CYS R 188 -0.90 29.49 -31.59
N ARG R 189 0.28 29.99 -31.97
CA ARG R 189 0.35 31.27 -32.74
C ARG R 189 -0.37 31.11 -34.08
N ARG R 190 -0.18 29.97 -34.76
CA ARG R 190 -0.83 29.72 -36.03
C ARG R 190 -2.35 29.65 -35.88
N ASP R 191 -2.83 28.93 -34.86
CA ASP R 191 -4.27 28.85 -34.64
C ASP R 191 -4.84 30.22 -34.30
N ILE R 192 -4.13 31.00 -33.48
CA ILE R 192 -4.61 32.32 -33.10
C ILE R 192 -4.74 33.20 -34.32
N VAL R 193 -3.71 33.22 -35.18
CA VAL R 193 -3.75 34.10 -36.34
C VAL R 193 -4.81 33.62 -37.33
N LEU R 194 -5.02 32.30 -37.44
CA LEU R 194 -6.05 31.79 -38.34
C LEU R 194 -7.44 32.22 -37.87
N GLU R 195 -7.72 32.07 -36.57
CA GLU R 195 -9.03 32.49 -36.08
C GLU R 195 -9.20 34.01 -36.12
N LEU R 196 -8.12 34.76 -35.94
CA LEU R 196 -8.22 36.21 -36.09
C LEU R 196 -8.54 36.60 -37.52
N GLU R 197 -7.90 35.93 -38.49
CA GLU R 197 -8.23 36.17 -39.90
C GLU R 197 -9.68 35.80 -40.19
N GLU R 198 -10.15 34.68 -39.63
CA GLU R 198 -11.54 34.29 -39.83
C GLU R 198 -12.50 35.32 -39.25
N MET R 199 -12.19 35.85 -38.07
CA MET R 199 -13.04 36.84 -37.42
C MET R 199 -13.05 38.18 -38.13
N GLY R 200 -12.15 38.41 -39.07
CA GLY R 200 -12.13 39.66 -39.81
C GLY R 200 -11.10 40.65 -39.29
N PHE R 201 -9.89 40.16 -39.04
CA PHE R 201 -8.78 40.99 -38.60
C PHE R 201 -7.75 41.11 -39.71
N GLU R 202 -7.16 42.29 -39.85
CA GLU R 202 -6.13 42.52 -40.86
C GLU R 202 -4.78 42.28 -40.21
N ILE R 203 -4.26 41.07 -40.38
CA ILE R 203 -2.98 40.67 -39.79
C ILE R 203 -1.89 40.79 -40.84
N GLU R 204 -0.84 41.56 -40.52
CA GLU R 204 0.27 41.76 -41.49
C GLU R 204 1.22 40.57 -41.37
N ALA R 205 1.74 40.29 -40.17
CA ALA R 205 2.70 39.18 -39.96
C ALA R 205 2.60 38.63 -38.54
N SER R 206 3.33 37.55 -38.25
CA SER R 206 3.33 36.94 -36.89
C SER R 206 4.64 36.18 -36.69
N HIS R 207 5.32 36.38 -35.57
CA HIS R 207 6.65 35.73 -35.38
C HIS R 207 6.99 35.50 -33.91
N HIS R 208 8.06 34.75 -33.64
CA HIS R 208 8.51 34.46 -32.29
C HIS R 208 9.45 35.55 -31.83
N GLU R 209 9.29 36.00 -30.59
CA GLU R 209 10.08 37.09 -30.06
C GLU R 209 11.36 36.55 -29.41
N VAL R 210 12.17 37.45 -28.86
CA VAL R 210 13.46 37.07 -28.32
C VAL R 210 13.30 36.10 -27.16
N ALA R 211 12.40 36.41 -26.25
CA ALA R 211 12.22 35.58 -25.07
C ALA R 211 11.55 34.26 -25.44
N PRO R 212 11.92 33.18 -24.74
CA PRO R 212 11.19 31.92 -24.95
C PRO R 212 9.73 32.07 -24.58
N GLY R 213 8.86 31.45 -25.37
CA GLY R 213 7.44 31.55 -25.13
C GLY R 213 6.83 32.91 -25.38
N GLN R 214 7.55 33.81 -26.05
CA GLN R 214 7.06 35.15 -26.35
C GLN R 214 6.77 35.26 -27.83
N HIS R 215 5.59 35.76 -28.18
CA HIS R 215 5.16 35.84 -29.56
C HIS R 215 4.62 37.23 -29.87
N GLU R 216 4.79 37.65 -31.13
CA GLU R 216 4.32 38.94 -31.59
C GLU R 216 3.47 38.76 -32.83
N ILE R 217 2.36 39.48 -32.90
CA ILE R 217 1.49 39.52 -34.06
C ILE R 217 1.28 40.98 -34.45
N ASP R 218 1.50 41.30 -35.73
CA ASP R 218 1.43 42.66 -36.21
C ASP R 218 0.10 42.92 -36.90
N PHE R 219 -0.39 44.15 -36.81
CA PHE R 219 -1.65 44.56 -37.39
C PHE R 219 -1.42 45.45 -38.61
N LYS R 220 -2.50 45.67 -39.35
CA LYS R 220 -2.51 46.68 -40.40
C LYS R 220 -2.82 48.05 -39.78
N TYR R 221 -2.45 49.10 -40.51
CA TYR R 221 -2.59 50.45 -39.99
C TYR R 221 -3.99 50.97 -40.25
N GLU R 222 -4.73 51.26 -39.19
CA GLU R 222 -6.08 51.79 -39.27
C GLU R 222 -6.16 53.11 -38.51
N ASP R 223 -7.38 53.63 -38.38
CA ASP R 223 -7.59 54.84 -37.61
C ASP R 223 -7.32 54.59 -36.13
N ALA R 224 -7.22 55.68 -35.38
CA ALA R 224 -6.89 55.58 -33.96
C ALA R 224 -7.94 54.77 -33.20
N ILE R 225 -9.22 55.14 -33.38
CA ILE R 225 -10.29 54.46 -32.65
C ILE R 225 -10.39 53.00 -33.07
N THR R 226 -10.33 52.76 -34.39
CA THR R 226 -10.40 51.39 -34.89
C THR R 226 -9.21 50.57 -34.41
N ALA R 227 -8.02 51.18 -34.38
CA ALA R 227 -6.85 50.47 -33.89
C ALA R 227 -6.98 50.10 -32.42
N CYS R 228 -7.49 51.02 -31.60
CA CYS R 228 -7.67 50.72 -30.18
C CYS R 228 -8.70 49.62 -29.98
N ASP R 229 -9.81 49.68 -30.72
CA ASP R 229 -10.83 48.64 -30.63
C ASP R 229 -10.25 47.29 -31.05
N SER R 230 -9.44 47.28 -32.11
CA SER R 230 -8.81 46.04 -32.55
C SER R 230 -7.85 45.52 -31.50
N ILE R 231 -7.16 46.42 -30.80
CA ILE R 231 -6.24 46.00 -29.73
C ILE R 231 -7.01 45.29 -28.63
N GLN R 232 -8.12 45.89 -28.19
CA GLN R 232 -8.92 45.28 -27.12
C GLN R 232 -9.48 43.93 -27.56
N THR R 233 -10.03 43.87 -28.77
CA THR R 233 -10.58 42.62 -29.27
C THR R 233 -9.48 41.56 -29.42
N PHE R 234 -8.29 41.99 -29.85
CA PHE R 234 -7.18 41.06 -30.00
C PHE R 234 -6.77 40.47 -28.67
N LYS R 235 -6.70 41.30 -27.62
CA LYS R 235 -6.40 40.78 -26.29
C LYS R 235 -7.43 39.75 -25.86
N LEU R 236 -8.71 40.08 -26.01
CA LEU R 236 -9.77 39.17 -25.60
C LEU R 236 -9.69 37.84 -26.35
N VAL R 237 -9.54 37.92 -27.68
CA VAL R 237 -9.53 36.72 -28.51
C VAL R 237 -8.32 35.87 -28.22
N VAL R 238 -7.15 36.49 -28.05
CA VAL R 238 -5.94 35.75 -27.77
C VAL R 238 -6.06 35.02 -26.43
N LYS R 239 -6.58 35.71 -25.41
CA LYS R 239 -6.75 35.06 -24.11
C LYS R 239 -7.70 33.88 -24.22
N THR R 240 -8.84 34.06 -24.92
CA THR R 240 -9.80 32.98 -25.03
C THR R 240 -9.22 31.77 -25.77
N ILE R 241 -8.53 32.02 -26.90
CA ILE R 241 -8.00 30.92 -27.68
C ILE R 241 -6.89 30.20 -26.92
N ALA R 242 -6.03 30.96 -26.23
CA ALA R 242 -5.00 30.31 -25.43
C ALA R 242 -5.60 29.45 -24.33
N ARG R 243 -6.67 29.94 -23.68
CA ARG R 243 -7.37 29.12 -22.70
C ARG R 243 -7.96 27.87 -23.34
N LYS R 244 -8.35 27.97 -24.62
CA LYS R 244 -8.93 26.79 -25.33
C LYS R 244 -7.90 25.67 -25.40
N HIS R 245 -6.65 26.00 -25.74
CA HIS R 245 -5.61 25.00 -25.89
C HIS R 245 -4.83 24.73 -24.62
N GLY R 246 -5.43 24.98 -23.46
CA GLY R 246 -4.75 24.72 -22.20
C GLY R 246 -3.53 25.57 -21.96
N LEU R 247 -3.62 26.85 -22.30
CA LEU R 247 -2.52 27.79 -22.13
C LEU R 247 -3.06 29.09 -21.53
N HIS R 248 -2.16 29.86 -20.93
CA HIS R 248 -2.47 31.17 -20.39
C HIS R 248 -1.68 32.20 -21.17
N ALA R 249 -2.37 33.11 -21.85
CA ALA R 249 -1.74 34.19 -22.58
C ALA R 249 -1.75 35.43 -21.70
N THR R 250 -0.57 35.97 -21.43
CA THR R 250 -0.43 37.13 -20.56
C THR R 250 0.23 38.28 -21.31
N PHE R 251 -0.26 39.48 -21.04
CA PHE R 251 0.30 40.71 -21.58
C PHE R 251 1.00 41.53 -20.51
N MET R 252 1.47 40.88 -19.46
CA MET R 252 2.24 41.58 -18.43
C MET R 252 3.53 42.12 -19.04
N PRO R 253 3.93 43.35 -18.73
CA PRO R 253 5.15 43.89 -19.32
C PRO R 253 6.40 43.09 -19.01
N LYS R 254 6.50 42.50 -17.82
CA LYS R 254 7.70 41.76 -17.42
C LYS R 254 7.29 40.64 -16.47
N PRO R 255 6.77 39.54 -17.02
CA PRO R 255 6.38 38.42 -16.15
C PRO R 255 7.55 37.76 -15.44
N LEU R 256 8.73 37.75 -16.04
CA LEU R 256 9.89 37.06 -15.50
C LEU R 256 11.09 37.99 -15.46
N PHE R 257 11.98 37.74 -14.49
CA PHE R 257 13.19 38.52 -14.33
C PHE R 257 14.31 37.95 -15.18
N GLY R 258 15.16 38.84 -15.69
CA GLY R 258 16.28 38.41 -16.51
C GLY R 258 15.92 37.97 -17.91
N VAL R 259 14.69 38.20 -18.34
CA VAL R 259 14.21 37.81 -19.65
C VAL R 259 13.60 39.05 -20.30
N ASN R 260 13.55 39.04 -21.63
CA ASN R 260 13.00 40.17 -22.36
C ASN R 260 11.54 40.41 -21.98
N GLY R 261 11.17 41.68 -21.88
CA GLY R 261 9.81 42.05 -21.57
C GLY R 261 8.94 42.12 -22.81
N SER R 262 7.67 42.48 -22.59
CA SER R 262 6.69 42.59 -23.65
C SER R 262 6.38 44.06 -23.91
N GLY R 263 6.42 44.45 -25.18
CA GLY R 263 6.14 45.82 -25.55
C GLY R 263 5.01 45.95 -26.55
N MET R 264 4.51 47.16 -26.74
CA MET R 264 3.42 47.44 -27.66
C MET R 264 3.77 48.66 -28.50
N HIS R 265 4.93 48.61 -29.15
CA HIS R 265 5.40 49.72 -29.98
C HIS R 265 4.29 50.25 -30.87
N PHE R 266 4.16 51.57 -30.90
CA PHE R 266 3.14 52.27 -31.68
C PHE R 266 3.80 52.96 -32.86
N ASN R 267 3.39 52.61 -34.07
CA ASN R 267 3.84 53.30 -35.29
C ASN R 267 2.72 54.24 -35.70
N MET R 268 2.93 55.54 -35.52
CA MET R 268 1.91 56.54 -35.77
C MET R 268 2.27 57.38 -36.99
N SER R 269 1.26 57.72 -37.78
CA SER R 269 1.41 58.60 -38.93
C SER R 269 0.24 59.57 -38.96
N LEU R 270 0.52 60.79 -39.38
CA LEU R 270 -0.48 61.85 -39.44
C LEU R 270 -0.80 62.17 -40.90
N PHE R 271 -2.08 62.24 -41.25
CA PHE R 271 -2.49 62.43 -42.62
C PHE R 271 -3.23 63.74 -42.79
N ASN R 272 -3.16 64.28 -44.00
CA ASN R 272 -3.93 65.47 -44.36
C ASN R 272 -4.67 65.24 -45.66
N GLU R 273 -5.23 66.30 -46.24
CA GLU R 273 -5.96 66.16 -47.50
C GLU R 273 -5.04 65.69 -48.62
N LYS R 274 -3.83 66.23 -48.69
CA LYS R 274 -2.88 65.84 -49.74
C LYS R 274 -2.44 64.39 -49.57
N GLY R 275 -2.03 64.02 -48.36
CA GLY R 275 -1.56 62.67 -48.11
C GLY R 275 -0.90 62.52 -46.76
N ASN R 276 0.26 61.87 -46.72
CA ASN R 276 1.00 61.73 -45.48
C ASN R 276 1.67 63.06 -45.12
N ALA R 277 1.40 63.55 -43.92
CA ALA R 277 1.96 64.82 -43.49
C ALA R 277 3.40 64.70 -42.99
N PHE R 278 3.87 63.48 -42.73
CA PHE R 278 5.22 63.28 -42.24
C PHE R 278 6.25 63.11 -43.35
N PHE R 279 5.83 63.07 -44.61
CA PHE R 279 6.70 62.77 -45.72
C PHE R 279 7.00 64.04 -46.52
N ASP R 280 8.27 64.25 -46.85
CA ASP R 280 8.68 65.38 -47.66
C ASP R 280 9.97 64.99 -48.37
N GLU R 281 9.90 64.83 -49.69
CA GLU R 281 11.07 64.37 -50.45
C GLU R 281 12.21 65.37 -50.39
N SER R 282 11.91 66.65 -50.18
CA SER R 282 12.92 67.70 -50.17
C SER R 282 13.47 67.99 -48.78
N GLY R 283 12.96 67.31 -47.75
CA GLY R 283 13.41 67.57 -46.40
C GLY R 283 14.53 66.64 -45.96
N GLU R 284 15.19 67.03 -44.87
CA GLU R 284 16.24 66.19 -44.30
C GLU R 284 15.67 64.87 -43.82
N LEU R 285 16.37 63.78 -44.15
CA LEU R 285 15.92 62.42 -43.86
C LEU R 285 14.59 62.11 -44.52
N GLU R 286 14.22 62.87 -45.55
CA GLU R 286 12.91 62.77 -46.20
C GLU R 286 11.78 62.89 -45.19
N LEU R 287 11.93 63.84 -44.27
CA LEU R 287 10.94 64.10 -43.23
C LEU R 287 10.48 65.54 -43.31
N SER R 288 9.18 65.76 -43.17
CA SER R 288 8.62 67.10 -43.23
C SER R 288 8.86 67.83 -41.91
N GLN R 289 8.65 69.15 -41.95
CA GLN R 289 8.74 69.94 -40.73
C GLN R 289 7.67 69.54 -39.72
N THR R 290 6.52 69.07 -40.21
CA THR R 290 5.49 68.57 -39.31
C THR R 290 5.99 67.37 -38.52
N ALA R 291 6.73 66.46 -39.18
CA ALA R 291 7.28 65.31 -38.48
C ALA R 291 8.27 65.74 -37.41
N TYR R 292 9.12 66.72 -37.72
CA TYR R 292 10.09 67.19 -36.73
C TYR R 292 9.41 67.86 -35.55
N HIS R 293 8.36 68.66 -35.82
CA HIS R 293 7.60 69.25 -34.72
C HIS R 293 6.93 68.18 -33.86
N PHE R 294 6.40 67.14 -34.50
CA PHE R 294 5.81 66.04 -33.75
C PHE R 294 6.85 65.33 -32.90
N LEU R 295 8.05 65.12 -33.44
CA LEU R 295 9.13 64.53 -32.65
C LEU R 295 9.48 65.39 -31.46
N ALA R 296 9.58 66.70 -31.67
CA ALA R 296 9.93 67.60 -30.57
C ALA R 296 8.87 67.57 -29.48
N GLY R 297 7.59 67.57 -29.88
CA GLY R 297 6.53 67.48 -28.90
C GLY R 297 6.53 66.16 -28.15
N MET R 298 6.76 65.07 -28.87
CA MET R 298 6.77 63.75 -28.24
C MET R 298 7.93 63.62 -27.25
N LEU R 299 9.09 64.16 -27.60
CA LEU R 299 10.25 64.05 -26.72
C LEU R 299 10.15 65.01 -25.54
N LYS R 300 9.57 66.19 -25.73
CA LYS R 300 9.51 67.17 -24.65
C LYS R 300 8.65 66.67 -23.50
N HIS R 301 7.51 66.05 -23.80
CA HIS R 301 6.56 65.63 -22.79
C HIS R 301 6.62 64.14 -22.48
N ALA R 302 7.66 63.44 -22.92
CA ALA R 302 7.75 62.00 -22.69
C ALA R 302 7.76 61.70 -21.19
N ARG R 303 8.52 62.49 -20.42
CA ARG R 303 8.53 62.33 -18.98
C ARG R 303 7.14 62.55 -18.39
N GLY R 304 6.29 63.30 -19.08
CA GLY R 304 4.94 63.55 -18.61
C GLY R 304 3.99 62.38 -18.81
N TYR R 305 3.93 61.83 -20.02
CA TYR R 305 3.01 60.76 -20.32
C TYR R 305 3.59 59.37 -20.11
N THR R 306 4.81 59.27 -19.59
CA THR R 306 5.36 57.96 -19.25
C THR R 306 4.45 57.21 -18.29
N ALA R 307 3.80 57.93 -17.37
CA ALA R 307 2.86 57.28 -16.45
C ALA R 307 1.67 56.68 -17.18
N VAL R 308 1.13 57.40 -18.16
CA VAL R 308 -0.04 56.91 -18.88
C VAL R 308 0.36 55.73 -19.78
N THR R 309 1.50 55.82 -20.45
CA THR R 309 1.92 54.73 -21.34
C THR R 309 2.38 53.50 -20.57
N ASN R 310 2.82 53.67 -19.32
CA ASN R 310 3.26 52.55 -18.48
C ASN R 310 2.55 52.67 -17.14
N PRO R 311 1.26 52.22 -17.00
CA PRO R 311 0.51 52.48 -15.76
C PRO R 311 0.67 51.45 -14.62
N THR R 312 1.27 50.30 -14.88
CA THR R 312 1.36 49.26 -13.82
C THR R 312 2.70 49.38 -13.10
N ILE R 313 2.80 48.81 -11.90
CA ILE R 313 4.10 48.81 -11.16
C ILE R 313 5.09 47.95 -11.96
N ASN R 314 4.62 46.81 -12.48
CA ASN R 314 5.51 45.90 -13.20
C ASN R 314 6.07 46.53 -14.47
N SER R 315 5.39 47.54 -15.02
CA SER R 315 5.83 48.15 -16.27
C SER R 315 7.25 48.69 -16.16
N PHE R 316 7.54 49.38 -15.05
CA PHE R 316 8.87 49.96 -14.88
C PHE R 316 9.93 48.91 -14.55
N LYS R 317 9.54 47.67 -14.30
CA LYS R 317 10.52 46.59 -14.27
C LYS R 317 11.01 46.24 -15.66
N ARG R 318 10.21 46.53 -16.70
CA ARG R 318 10.66 46.30 -18.07
C ARG R 318 11.62 47.38 -18.53
N LEU R 319 11.42 48.62 -18.07
CA LEU R 319 12.25 49.75 -18.49
C LEU R 319 13.58 49.73 -17.73
N VAL R 320 14.38 48.71 -18.05
CA VAL R 320 15.71 48.57 -17.47
C VAL R 320 16.70 48.34 -18.61
N PRO R 321 17.95 48.77 -18.47
CA PRO R 321 18.92 48.59 -19.56
C PRO R 321 19.24 47.13 -19.82
N GLY R 322 19.59 46.84 -21.06
CA GLY R 322 20.06 45.52 -21.46
C GLY R 322 19.00 44.59 -22.01
N TYR R 323 17.76 45.04 -22.15
CA TYR R 323 16.69 44.20 -22.68
C TYR R 323 15.95 44.88 -23.82
N GLU R 324 16.61 45.82 -24.50
CA GLU R 324 16.12 46.53 -25.67
C GLU R 324 14.93 47.45 -25.37
N ALA R 325 14.50 47.53 -24.12
CA ALA R 325 13.47 48.50 -23.75
C ALA R 325 14.09 49.89 -23.61
N PRO R 326 13.36 50.94 -23.98
CA PRO R 326 13.91 52.30 -23.87
C PRO R 326 14.14 52.69 -22.42
N CYS R 327 15.19 53.49 -22.21
CA CYS R 327 15.48 54.01 -20.88
C CYS R 327 15.85 55.49 -20.89
N TYR R 328 16.09 56.10 -22.04
CA TYR R 328 16.49 57.50 -22.12
C TYR R 328 15.64 58.20 -23.17
N ILE R 329 15.41 59.50 -22.95
CA ILE R 329 14.60 60.29 -23.85
C ILE R 329 15.45 60.74 -25.03
N ALA R 330 15.44 59.96 -26.10
CA ALA R 330 16.19 60.28 -27.30
C ALA R 330 15.55 59.58 -28.48
N TRP R 331 15.85 60.08 -29.68
CA TRP R 331 15.33 59.52 -30.91
C TRP R 331 16.46 59.23 -31.87
N SER R 332 16.27 58.21 -32.70
CA SER R 332 17.29 57.79 -33.65
C SER R 332 16.64 57.00 -34.77
N GLY R 333 17.36 56.87 -35.87
CA GLY R 333 16.92 56.04 -36.97
C GLY R 333 17.42 54.63 -36.85
N LYS R 334 18.55 54.45 -36.16
CA LYS R 334 19.12 53.13 -35.94
C LYS R 334 19.98 53.20 -34.68
N ASN R 335 19.47 52.63 -33.59
CA ASN R 335 20.19 52.65 -32.32
C ASN R 335 19.67 51.52 -31.45
N ARG R 336 20.46 51.18 -30.44
CA ARG R 336 20.08 50.12 -29.47
C ARG R 336 19.04 50.70 -28.50
N SER R 337 17.77 50.37 -28.68
CA SER R 337 16.67 50.77 -27.81
C SER R 337 16.53 52.28 -27.70
N PRO R 338 16.11 52.99 -28.75
CA PRO R 338 15.76 54.39 -28.61
C PRO R 338 14.33 54.58 -28.18
N LEU R 339 14.05 55.71 -27.55
CA LEU R 339 12.69 56.00 -27.13
C LEU R 339 11.76 56.15 -28.32
N VAL R 340 12.21 56.87 -29.35
CA VAL R 340 11.44 57.06 -30.58
C VAL R 340 12.32 56.63 -31.75
N ARG R 341 11.78 55.78 -32.62
CA ARG R 341 12.51 55.27 -33.77
C ARG R 341 11.79 55.65 -35.05
N VAL R 342 12.56 56.05 -36.06
CA VAL R 342 12.03 56.42 -37.36
C VAL R 342 12.31 55.27 -38.33
N PRO R 343 11.30 54.50 -38.73
CA PRO R 343 11.53 53.42 -39.68
C PRO R 343 11.99 53.95 -41.03
N SER R 344 12.77 53.13 -41.73
CA SER R 344 13.37 53.55 -43.00
C SER R 344 12.34 53.72 -44.11
N SER R 345 11.16 53.12 -43.97
CA SER R 345 10.15 53.23 -45.01
C SER R 345 9.67 54.67 -45.15
N ARG R 346 9.44 55.10 -46.39
CA ARG R 346 8.98 56.45 -46.66
C ARG R 346 7.77 56.45 -47.57
N GLY R 347 7.38 57.63 -48.05
CA GLY R 347 6.18 57.73 -48.86
C GLY R 347 4.94 57.78 -48.00
N LEU R 348 3.90 57.04 -48.39
CA LEU R 348 2.71 56.93 -47.57
C LEU R 348 2.94 56.12 -46.30
N SER R 349 4.06 55.42 -46.20
CA SER R 349 4.38 54.60 -45.04
C SER R 349 5.25 55.30 -44.02
N THR R 350 5.49 56.60 -44.20
CA THR R 350 6.28 57.35 -43.23
C THR R 350 5.57 57.38 -41.89
N ARG R 351 6.31 57.09 -40.82
CA ARG R 351 5.72 56.99 -39.50
C ARG R 351 6.80 57.15 -38.45
N LEU R 352 6.36 57.43 -37.22
CA LEU R 352 7.23 57.52 -36.05
C LEU R 352 6.83 56.42 -35.08
N GLU R 353 7.81 55.69 -34.56
CA GLU R 353 7.55 54.58 -33.67
C GLU R 353 7.94 54.95 -32.26
N LEU R 354 7.00 54.85 -31.34
CA LEU R 354 7.25 55.00 -29.91
C LEU R 354 7.33 53.61 -29.29
N ARG R 355 8.42 53.33 -28.58
CA ARG R 355 8.70 52.00 -28.07
C ARG R 355 8.51 51.86 -26.58
N SER R 356 8.13 52.92 -25.87
CA SER R 356 7.97 52.85 -24.43
C SER R 356 6.63 52.27 -24.01
N VAL R 357 5.68 52.13 -24.94
CA VAL R 357 4.35 51.64 -24.60
C VAL R 357 4.40 50.13 -24.36
N ASP R 358 3.63 49.67 -23.39
CA ASP R 358 3.53 48.26 -23.06
C ASP R 358 2.09 47.79 -23.26
N PRO R 359 1.87 46.47 -23.42
CA PRO R 359 0.49 46.00 -23.65
C PRO R 359 -0.47 46.27 -22.51
N SER R 360 0.03 46.54 -21.30
CA SER R 360 -0.86 46.80 -20.18
C SER R 360 -1.53 48.17 -20.24
N ALA R 361 -1.05 49.07 -21.10
CA ALA R 361 -1.58 50.42 -21.14
C ALA R 361 -2.96 50.44 -21.78
N ASN R 362 -3.74 51.45 -21.41
CA ASN R 362 -5.03 51.69 -22.05
C ASN R 362 -4.78 52.32 -23.42
N PRO R 363 -5.21 51.70 -24.52
CA PRO R 363 -4.89 52.28 -25.84
C PRO R 363 -5.47 53.66 -26.04
N TYR R 364 -6.70 53.91 -25.56
CA TYR R 364 -7.33 55.20 -25.80
C TYR R 364 -6.59 56.33 -25.08
N LEU R 365 -6.25 56.12 -23.80
CA LEU R 365 -5.54 57.14 -23.05
C LEU R 365 -4.17 57.40 -23.63
N ALA R 366 -3.45 56.33 -24.00
CA ALA R 366 -2.11 56.50 -24.57
C ALA R 366 -2.17 57.27 -25.88
N MET R 367 -3.14 56.92 -26.75
CA MET R 367 -3.27 57.65 -28.01
C MET R 367 -3.65 59.10 -27.76
N ALA R 368 -4.53 59.35 -26.79
CA ALA R 368 -4.93 60.72 -26.51
C ALA R 368 -3.75 61.56 -26.05
N VAL R 369 -2.94 61.04 -25.13
CA VAL R 369 -1.83 61.83 -24.61
C VAL R 369 -0.75 62.00 -25.67
N LEU R 370 -0.49 60.96 -26.46
CA LEU R 370 0.50 61.10 -27.54
C LEU R 370 0.06 62.11 -28.58
N LEU R 371 -1.21 62.07 -28.98
CA LEU R 371 -1.72 63.04 -29.93
C LEU R 371 -1.66 64.45 -29.36
N LYS R 372 -1.99 64.61 -28.08
CA LYS R 372 -1.90 65.94 -27.47
C LYS R 372 -0.47 66.45 -27.48
N ALA R 373 0.49 65.59 -27.14
CA ALA R 373 1.89 66.02 -27.14
C ALA R 373 2.35 66.40 -28.54
N GLY R 374 2.03 65.59 -29.53
CA GLY R 374 2.43 65.91 -30.90
C GLY R 374 1.77 67.18 -31.40
N LEU R 375 0.49 67.37 -31.09
CA LEU R 375 -0.21 68.57 -31.50
C LEU R 375 0.37 69.81 -30.85
N SER R 376 0.73 69.71 -29.56
CA SER R 376 1.37 70.84 -28.89
C SER R 376 2.73 71.15 -29.53
N GLY R 377 3.49 70.11 -29.86
CA GLY R 377 4.76 70.33 -30.54
C GLY R 377 4.59 71.02 -31.88
N ILE R 378 3.58 70.60 -32.65
CA ILE R 378 3.31 71.24 -33.93
C ILE R 378 2.90 72.69 -33.75
N LYS R 379 2.02 72.96 -32.78
CA LYS R 379 1.56 74.33 -32.57
C LYS R 379 2.70 75.23 -32.12
N ASP R 380 3.56 74.74 -31.24
CA ASP R 380 4.68 75.54 -30.75
C ASP R 380 5.86 75.56 -31.71
N GLU R 381 5.85 74.69 -32.73
CA GLU R 381 6.94 74.62 -33.71
C GLU R 381 8.29 74.40 -33.04
N LEU R 382 8.32 73.49 -32.07
CA LEU R 382 9.56 73.20 -31.36
C LEU R 382 10.56 72.50 -32.25
N THR R 383 11.84 72.78 -32.02
CA THR R 383 12.92 72.16 -32.77
C THR R 383 13.37 70.90 -32.03
N PRO R 384 13.36 69.73 -32.67
CA PRO R 384 13.75 68.51 -31.96
C PRO R 384 15.25 68.47 -31.74
N PRO R 385 15.71 67.77 -30.72
CA PRO R 385 17.15 67.61 -30.52
C PRO R 385 17.76 66.72 -31.59
N ALA R 386 19.07 66.86 -31.76
CA ALA R 386 19.77 66.06 -32.75
C ALA R 386 19.71 64.58 -32.38
N PRO R 387 19.55 63.69 -33.36
CA PRO R 387 19.50 62.26 -33.04
C PRO R 387 20.83 61.77 -32.51
N VAL R 388 20.76 60.74 -31.67
CA VAL R 388 21.94 60.17 -31.04
C VAL R 388 22.16 58.77 -31.62
N ASP R 389 23.43 58.48 -31.97
CA ASP R 389 23.79 57.20 -32.57
C ASP R 389 25.13 56.71 -32.07
N ARG R 390 25.50 57.06 -30.83
CA ARG R 390 26.86 56.82 -30.34
C ARG R 390 26.83 55.82 -29.19
N ASN R 391 25.70 55.11 -29.06
CA ASN R 391 25.48 54.13 -27.99
C ASN R 391 25.56 54.79 -26.61
N ILE R 392 24.54 55.62 -26.36
CA ILE R 392 24.38 56.37 -25.12
C ILE R 392 24.58 55.49 -23.89
N TYR R 393 24.35 54.19 -24.02
CA TYR R 393 24.64 53.26 -22.93
C TYR R 393 26.11 53.21 -22.60
N GLY R 394 26.97 53.67 -23.51
CA GLY R 394 28.41 53.65 -23.25
C GLY R 394 28.80 54.55 -22.10
N MET R 395 28.26 55.76 -22.05
CA MET R 395 28.64 56.71 -21.01
C MET R 395 27.83 56.45 -19.73
N ASN R 396 28.25 57.11 -18.66
CA ASN R 396 27.52 57.07 -17.41
C ASN R 396 26.37 58.07 -17.45
N GLU R 397 25.58 58.11 -16.37
CA GLU R 397 24.46 59.04 -16.31
C GLU R 397 24.94 60.49 -16.34
N GLU R 398 26.02 60.79 -15.62
CA GLU R 398 26.53 62.15 -15.59
C GLU R 398 27.09 62.56 -16.95
N GLU R 399 27.78 61.65 -17.64
CA GLU R 399 28.40 61.98 -18.92
C GLU R 399 27.38 62.22 -20.03
N ARG R 400 26.15 61.72 -19.89
CA ARG R 400 25.11 61.96 -20.87
C ARG R 400 24.08 62.99 -20.43
N GLU R 401 24.01 63.30 -19.13
CA GLU R 401 23.12 64.35 -18.66
C GLU R 401 23.58 65.73 -19.10
N ALA R 402 24.86 65.87 -19.48
CA ALA R 402 25.33 67.15 -20.00
C ALA R 402 24.63 67.52 -21.29
N THR R 403 24.41 66.53 -22.17
CA THR R 403 23.64 66.74 -23.38
C THR R 403 22.16 66.69 -23.06
N GLY R 404 21.32 66.64 -24.09
CA GLY R 404 19.88 66.61 -23.90
C GLY R 404 19.30 65.29 -23.48
N ILE R 405 20.14 64.28 -23.23
CA ILE R 405 19.66 62.95 -22.87
C ILE R 405 19.23 62.97 -21.41
N TYR R 406 17.99 62.54 -21.15
CA TYR R 406 17.45 62.47 -19.80
C TYR R 406 16.84 61.09 -19.58
N ASP R 407 16.76 60.71 -18.31
CA ASP R 407 16.26 59.39 -17.93
C ASP R 407 14.74 59.42 -17.82
N LEU R 408 14.12 58.32 -18.20
CA LEU R 408 12.70 58.13 -17.94
C LEU R 408 12.50 57.87 -16.45
N PRO R 409 11.30 58.13 -15.93
CA PRO R 409 11.03 57.85 -14.52
C PRO R 409 11.28 56.39 -14.20
N GLU R 410 11.89 56.14 -13.04
CA GLU R 410 12.30 54.80 -12.66
C GLU R 410 11.23 54.04 -11.87
N SER R 411 10.19 54.72 -11.42
CA SER R 411 9.12 54.08 -10.67
C SER R 411 7.80 54.75 -11.01
N LEU R 412 6.70 54.06 -10.70
CA LEU R 412 5.36 54.63 -10.99
C LEU R 412 5.17 55.93 -10.20
N GLY R 413 5.66 56.00 -8.95
CA GLY R 413 5.45 57.19 -8.16
C GLY R 413 6.07 58.43 -8.80
N HIS R 414 7.30 58.30 -9.30
CA HIS R 414 7.93 59.42 -9.99
C HIS R 414 7.17 59.80 -11.24
N ALA R 415 6.67 58.80 -11.98
CA ALA R 415 5.86 59.07 -13.15
C ALA R 415 4.57 59.79 -12.78
N LEU R 416 3.98 59.42 -11.65
CA LEU R 416 2.73 60.09 -11.20
C LEU R 416 3.05 61.53 -10.81
N ILE R 417 4.21 61.79 -10.19
CA ILE R 417 4.60 63.15 -9.89
C ILE R 417 4.78 63.95 -11.17
N GLU R 418 5.42 63.35 -12.18
CA GLU R 418 5.61 64.03 -13.45
C GLU R 418 4.28 64.33 -14.12
N LEU R 419 3.32 63.41 -14.04
CA LEU R 419 1.97 63.69 -14.52
C LEU R 419 1.36 64.88 -13.79
N GLU R 420 1.45 64.89 -12.46
CA GLU R 420 0.86 65.97 -11.69
C GLU R 420 1.54 67.31 -11.98
N LYS R 421 2.76 67.29 -12.49
CA LYS R 421 3.42 68.56 -12.86
C LYS R 421 3.02 69.03 -14.25
N ASN R 422 2.98 68.13 -15.22
CA ASN R 422 2.70 68.50 -16.61
C ASN R 422 1.26 68.94 -16.79
N GLU R 423 1.03 69.99 -17.57
CA GLU R 423 -0.31 70.52 -17.78
C GLU R 423 -0.92 70.09 -19.12
N ILE R 424 -0.10 69.96 -20.16
CA ILE R 424 -0.62 69.58 -21.47
C ILE R 424 -1.21 68.17 -21.43
N ILE R 425 -0.56 67.25 -20.71
CA ILE R 425 -1.09 65.91 -20.58
C ILE R 425 -2.39 65.91 -19.79
N LYS R 426 -2.49 66.78 -18.78
CA LYS R 426 -3.76 66.93 -18.06
C LYS R 426 -4.86 67.41 -18.99
N ASP R 427 -4.54 68.38 -19.86
CA ASP R 427 -5.54 68.86 -20.81
C ASP R 427 -5.95 67.77 -21.79
N GLY R 428 -4.98 66.95 -22.22
CA GLY R 428 -5.30 65.85 -23.12
C GLY R 428 -6.05 64.70 -22.48
N LEU R 429 -5.95 64.55 -21.17
CA LEU R 429 -6.70 63.52 -20.46
C LEU R 429 -8.07 63.98 -19.97
N GLY R 430 -8.25 65.25 -19.66
CA GLY R 430 -9.47 65.72 -19.06
C GLY R 430 -9.43 65.58 -17.55
N GLU R 431 -10.17 66.48 -16.88
CA GLU R 431 -10.10 66.54 -15.42
C GLU R 431 -10.60 65.26 -14.78
N HIS R 432 -11.74 64.73 -15.26
CA HIS R 432 -12.32 63.54 -14.66
C HIS R 432 -11.36 62.36 -14.75
N ILE R 433 -10.88 62.08 -15.97
CA ILE R 433 -9.98 60.95 -16.17
C ILE R 433 -8.69 61.14 -15.40
N PHE R 434 -8.15 62.37 -15.41
CA PHE R 434 -6.90 62.63 -14.72
C PHE R 434 -7.04 62.37 -13.22
N GLU R 435 -8.11 62.90 -12.60
CA GLU R 435 -8.29 62.72 -11.18
C GLU R 435 -8.47 61.26 -10.81
N HIS R 436 -9.30 60.54 -11.57
CA HIS R 436 -9.56 59.15 -11.20
C HIS R 436 -8.33 58.27 -11.45
N PHE R 437 -7.57 58.58 -12.51
CA PHE R 437 -6.33 57.83 -12.80
C PHE R 437 -5.34 57.99 -11.64
N ILE R 438 -5.05 59.24 -11.26
CA ILE R 438 -4.07 59.51 -10.17
C ILE R 438 -4.53 58.77 -8.91
N GLU R 439 -5.80 58.93 -8.51
CA GLU R 439 -6.35 58.25 -7.31
C GLU R 439 -6.05 56.75 -7.36
N ALA R 440 -6.45 56.07 -8.43
CA ALA R 440 -6.27 54.60 -8.54
C ALA R 440 -4.79 54.23 -8.49
N LYS R 441 -3.93 55.00 -9.18
CA LYS R 441 -2.50 54.63 -9.28
C LYS R 441 -1.76 54.95 -7.97
N THR R 442 -2.15 56.00 -7.25
CA THR R 442 -1.53 56.28 -5.93
C THR R 442 -1.88 55.16 -4.97
N ILE R 443 -3.11 54.65 -5.04
CA ILE R 443 -3.52 53.49 -4.20
C ILE R 443 -2.63 52.30 -4.55
N GLU R 444 -2.41 52.04 -5.84
CA GLU R 444 -1.58 50.88 -6.28
C GLU R 444 -0.17 51.05 -5.72
N CYS R 445 0.41 52.25 -5.85
CA CYS R 445 1.76 52.52 -5.31
C CYS R 445 1.76 52.26 -3.81
N ASP R 446 0.85 52.87 -3.06
CA ASP R 446 0.80 52.70 -1.58
C ASP R 446 0.74 51.22 -1.22
N MET R 447 -0.21 50.48 -1.82
CA MET R 447 -0.35 49.02 -1.54
C MET R 447 1.00 48.34 -1.76
N PHE R 448 1.60 48.54 -2.94
CA PHE R 448 2.91 47.91 -3.26
C PHE R 448 3.98 48.39 -2.28
N ARG R 449 3.93 49.66 -1.88
CA ARG R 449 5.03 50.15 -1.04
C ARG R 449 5.03 49.49 0.33
N THR R 450 3.86 49.28 0.91
CA THR R 450 3.77 48.75 2.27
C THR R 450 3.81 47.23 2.33
N ALA R 451 3.81 46.55 1.20
CA ALA R 451 3.84 45.10 1.19
C ALA R 451 5.23 44.59 1.54
N VAL R 452 5.27 43.37 2.08
CA VAL R 452 6.52 42.69 2.41
C VAL R 452 6.67 41.54 1.43
N HIS R 453 7.72 41.56 0.65
CA HIS R 453 7.90 40.58 -0.40
C HIS R 453 8.86 39.48 0.05
N PRO R 454 8.75 38.28 -0.53
CA PRO R 454 9.68 37.20 -0.18
C PRO R 454 11.13 37.51 -0.48
N TRP R 455 11.38 38.52 -1.33
CA TRP R 455 12.76 38.96 -1.59
C TRP R 455 13.40 39.42 -0.27
N GLU R 456 12.67 40.23 0.50
CA GLU R 456 13.21 40.75 1.79
C GLU R 456 13.37 39.60 2.79
N ARG R 457 12.45 38.63 2.77
CA ARG R 457 12.50 37.48 3.72
C ARG R 457 13.54 36.45 3.22
N GLU R 458 14.36 36.81 2.23
CA GLU R 458 15.43 35.91 1.74
C GLU R 458 16.75 36.70 1.69
N GLN R 459 16.71 38.00 2.03
CA GLN R 459 17.92 38.85 2.00
C GLN R 459 18.23 39.35 3.41
N TYR R 460 17.24 39.36 4.31
CA TYR R 460 17.46 39.91 5.68
C TYR R 460 16.92 38.97 6.76
N LEU R 461 16.50 37.75 6.40
CA LEU R 461 15.88 36.83 7.39
C LEU R 461 16.96 36.30 8.35
N GLU R 462 17.85 35.44 7.86
CA GLU R 462 18.94 34.89 8.70
C GLU R 462 20.01 35.97 8.91
N ILE R 463 20.27 36.77 7.87
CA ILE R 463 21.27 37.88 7.95
C ILE R 463 20.97 38.74 9.19
N TYR R 464 19.74 39.25 9.29
CA TYR R 464 19.34 40.07 10.46
C TYR R 464 18.23 39.35 11.23
N ALA S 22 -51.02 -44.32 -26.21
CA ALA S 22 -49.96 -44.06 -27.18
C ALA S 22 -50.05 -42.62 -27.71
N LYS S 23 -49.23 -41.74 -27.14
CA LYS S 23 -49.19 -40.34 -27.53
C LYS S 23 -48.26 -40.09 -28.72
N TYR S 24 -47.14 -40.78 -28.79
CA TYR S 24 -46.20 -40.64 -29.88
C TYR S 24 -45.83 -42.01 -30.43
N THR S 25 -45.45 -42.03 -31.70
CA THR S 25 -44.95 -43.22 -32.37
C THR S 25 -43.50 -42.98 -32.80
N LYS S 26 -42.89 -44.02 -33.38
CA LYS S 26 -41.51 -43.90 -33.83
C LYS S 26 -41.38 -42.82 -34.91
N GLU S 27 -42.33 -42.80 -35.85
CA GLU S 27 -42.29 -41.80 -36.92
C GLU S 27 -42.42 -40.40 -36.36
N ASP S 28 -43.27 -40.22 -35.34
CA ASP S 28 -43.39 -38.92 -34.70
C ASP S 28 -42.07 -38.50 -34.07
N ILE S 29 -41.37 -39.42 -33.41
CA ILE S 29 -40.10 -39.10 -32.79
C ILE S 29 -39.08 -38.71 -33.84
N PHE S 30 -39.02 -39.46 -34.95
CA PHE S 30 -38.08 -39.12 -36.02
C PHE S 30 -38.40 -37.75 -36.60
N ARG S 31 -39.68 -37.46 -36.81
CA ARG S 31 -40.07 -36.15 -37.34
C ARG S 31 -39.67 -35.03 -36.38
N PHE S 32 -39.91 -35.24 -35.08
CA PHE S 32 -39.52 -34.23 -34.10
C PHE S 32 -38.02 -34.00 -34.11
N ALA S 33 -37.24 -35.09 -34.14
CA ALA S 33 -35.79 -34.96 -34.16
C ALA S 33 -35.32 -34.22 -35.39
N ASP S 34 -35.94 -34.49 -36.55
CA ASP S 34 -35.55 -33.82 -37.77
C ASP S 34 -35.91 -32.34 -37.73
N GLU S 35 -37.13 -32.00 -37.29
CA GLU S 35 -37.60 -30.63 -37.40
C GLU S 35 -37.01 -29.72 -36.33
N GLN S 36 -36.81 -30.21 -35.10
CA GLN S 36 -36.24 -29.35 -34.07
C GLN S 36 -34.72 -29.34 -34.08
N ASN S 37 -34.09 -30.13 -34.97
CA ASN S 37 -32.64 -30.13 -35.13
C ASN S 37 -31.93 -30.47 -33.82
N VAL S 38 -32.18 -31.69 -33.36
CA VAL S 38 -31.53 -32.21 -32.15
C VAL S 38 -30.37 -33.10 -32.58
N LYS S 39 -29.24 -32.95 -31.90
CA LYS S 39 -28.06 -33.76 -32.17
C LYS S 39 -27.64 -34.64 -31.00
N PHE S 40 -28.31 -34.49 -29.86
CA PHE S 40 -27.97 -35.29 -28.66
C PHE S 40 -29.25 -35.79 -27.97
N ILE S 41 -29.26 -37.06 -27.56
CA ILE S 41 -30.44 -37.62 -26.83
C ILE S 41 -29.95 -38.25 -25.52
N ARG S 42 -30.53 -37.84 -24.39
CA ARG S 42 -30.11 -38.37 -23.06
C ARG S 42 -31.09 -39.47 -22.63
N LEU S 43 -30.74 -40.74 -22.85
CA LEU S 43 -31.59 -41.83 -22.41
C LEU S 43 -31.40 -41.99 -20.91
N GLN S 44 -32.39 -41.55 -20.13
CA GLN S 44 -32.22 -41.42 -18.69
C GLN S 44 -33.09 -42.42 -17.94
N PHE S 45 -32.70 -42.65 -16.69
CA PHE S 45 -33.36 -43.58 -15.79
C PHE S 45 -33.00 -43.18 -14.36
N THR S 46 -33.57 -43.90 -13.39
CA THR S 46 -33.39 -43.60 -11.98
C THR S 46 -32.87 -44.83 -11.28
N ASP S 47 -31.84 -44.65 -10.45
CA ASP S 47 -31.24 -45.75 -9.71
C ASP S 47 -32.02 -45.97 -8.41
N ILE S 48 -31.52 -46.87 -7.57
CA ILE S 48 -32.19 -47.17 -6.30
C ILE S 48 -32.18 -45.94 -5.40
N LEU S 49 -31.05 -45.24 -5.32
CA LEU S 49 -30.91 -44.11 -4.41
C LEU S 49 -31.72 -42.90 -4.86
N GLY S 50 -32.28 -42.90 -6.06
CA GLY S 50 -33.04 -41.78 -6.56
C GLY S 50 -32.28 -40.81 -7.44
N ILE S 51 -30.98 -41.04 -7.66
CA ILE S 51 -30.19 -40.17 -8.51
C ILE S 51 -30.55 -40.42 -9.96
N ILE S 52 -30.76 -39.35 -10.72
CA ILE S 52 -31.07 -39.46 -12.14
C ILE S 52 -29.78 -39.72 -12.90
N LYS S 53 -29.73 -40.84 -13.62
CA LYS S 53 -28.58 -41.21 -14.42
C LYS S 53 -29.01 -41.31 -15.88
N ASN S 54 -28.03 -41.31 -16.79
CA ASN S 54 -28.39 -41.28 -18.23
C ASN S 54 -27.23 -41.72 -19.13
N VAL S 55 -27.54 -42.23 -20.32
CA VAL S 55 -26.47 -42.53 -21.32
C VAL S 55 -26.69 -41.54 -22.46
N GLU S 56 -25.62 -40.93 -22.98
CA GLU S 56 -25.80 -39.87 -24.00
C GLU S 56 -25.44 -40.41 -25.38
N ILE S 57 -26.36 -40.30 -26.34
CA ILE S 57 -26.13 -40.86 -27.71
C ILE S 57 -26.36 -39.77 -28.76
N PRO S 58 -25.62 -39.73 -29.89
CA PRO S 58 -25.89 -38.78 -30.97
C PRO S 58 -27.22 -39.12 -31.65
N VAL S 59 -27.73 -38.14 -32.40
CA VAL S 59 -29.00 -38.33 -33.08
C VAL S 59 -28.90 -39.44 -34.12
N SER S 60 -27.71 -39.69 -34.66
CA SER S 60 -27.54 -40.72 -35.66
C SER S 60 -27.83 -42.12 -35.11
N GLN S 61 -27.73 -42.30 -33.80
CA GLN S 61 -28.06 -43.57 -33.17
C GLN S 61 -29.52 -43.67 -32.77
N LEU S 62 -30.31 -42.62 -32.99
CA LEU S 62 -31.67 -42.59 -32.47
C LEU S 62 -32.48 -43.78 -32.95
N LYS S 63 -32.36 -44.14 -34.22
CA LYS S 63 -33.08 -45.31 -34.74
C LYS S 63 -32.76 -46.54 -33.92
N LYS S 64 -31.47 -46.79 -33.67
CA LYS S 64 -31.10 -47.93 -32.84
C LYS S 64 -31.71 -47.82 -31.45
N ALA S 65 -31.74 -46.61 -30.89
CA ALA S 65 -32.37 -46.41 -29.59
C ALA S 65 -33.84 -46.79 -29.63
N LEU S 66 -34.51 -46.52 -30.75
CA LEU S 66 -35.91 -46.88 -30.86
C LEU S 66 -36.11 -48.35 -31.19
N ASP S 67 -35.04 -49.09 -31.48
CA ASP S 67 -35.13 -50.51 -31.71
C ASP S 67 -34.88 -51.33 -30.46
N ASN S 68 -34.69 -50.68 -29.31
CA ASN S 68 -34.42 -51.36 -28.04
C ASN S 68 -33.17 -52.23 -28.13
N LYS S 69 -32.13 -51.70 -28.77
CA LYS S 69 -30.89 -52.44 -28.96
C LYS S 69 -29.70 -51.83 -28.23
N ILE S 70 -29.90 -50.76 -27.45
CA ILE S 70 -28.80 -50.14 -26.74
C ILE S 70 -28.47 -50.95 -25.50
N MET S 71 -27.19 -51.28 -25.33
CA MET S 71 -26.70 -51.99 -24.17
C MET S 71 -25.99 -51.01 -23.23
N PHE S 72 -26.10 -51.26 -21.94
CA PHE S 72 -25.38 -50.48 -20.95
C PHE S 72 -25.16 -51.33 -19.71
N ASP S 73 -24.49 -50.75 -18.71
CA ASP S 73 -24.17 -51.44 -17.47
C ASP S 73 -25.33 -51.23 -16.49
N GLY S 74 -26.07 -52.31 -16.22
CA GLY S 74 -27.19 -52.22 -15.30
C GLY S 74 -26.80 -52.08 -13.85
N SER S 75 -25.56 -52.46 -13.50
CA SER S 75 -25.12 -52.37 -12.12
C SER S 75 -25.15 -50.94 -11.60
N SER S 76 -25.10 -49.95 -12.48
CA SER S 76 -25.18 -48.56 -12.04
C SER S 76 -26.50 -48.28 -11.33
N ILE S 77 -27.55 -49.03 -11.66
CA ILE S 77 -28.82 -48.87 -10.96
C ILE S 77 -28.66 -49.18 -9.49
N GLU S 78 -27.79 -50.13 -9.15
CA GLU S 78 -27.53 -50.45 -7.76
C GLU S 78 -26.83 -49.33 -7.00
N GLY S 79 -26.31 -48.32 -7.70
CA GLY S 79 -25.65 -47.22 -7.03
C GLY S 79 -24.19 -47.49 -6.73
N PHE S 80 -23.73 -47.07 -5.55
CA PHE S 80 -22.33 -47.26 -5.19
C PHE S 80 -22.05 -48.62 -4.57
N VAL S 81 -23.07 -49.45 -4.39
CA VAL S 81 -22.88 -50.78 -3.81
C VAL S 81 -22.79 -51.80 -4.93
N ARG S 82 -22.62 -51.33 -6.16
CA ARG S 82 -22.46 -52.24 -7.30
C ARG S 82 -21.17 -53.02 -7.19
N ILE S 83 -21.20 -54.27 -7.66
CA ILE S 83 -20.04 -55.14 -7.57
C ILE S 83 -19.64 -55.62 -8.96
N GLU S 84 -20.54 -56.31 -9.64
CA GLU S 84 -20.26 -56.96 -10.91
C GLU S 84 -20.98 -56.25 -12.05
N GLU S 85 -20.27 -56.04 -13.15
CA GLU S 85 -20.87 -55.43 -14.33
C GLU S 85 -21.90 -56.38 -14.94
N SER S 86 -23.06 -55.83 -15.28
CA SER S 86 -24.14 -56.60 -15.88
C SER S 86 -24.69 -55.83 -17.07
N ASP S 87 -24.78 -56.51 -18.21
CA ASP S 87 -25.29 -55.88 -19.43
C ASP S 87 -26.81 -55.87 -19.42
N MET S 88 -27.39 -54.74 -19.83
CA MET S 88 -28.84 -54.61 -19.83
C MET S 88 -29.27 -53.69 -20.96
N TYR S 89 -30.49 -53.90 -21.43
CA TYR S 89 -31.05 -53.12 -22.52
C TYR S 89 -31.65 -51.83 -21.99
N LEU S 90 -32.03 -50.95 -22.92
CA LEU S 90 -32.43 -49.59 -22.59
C LEU S 90 -33.71 -49.21 -23.33
N PHE S 91 -34.74 -50.05 -23.21
CA PHE S 91 -36.07 -49.79 -23.76
C PHE S 91 -36.56 -48.39 -23.41
N PRO S 92 -36.66 -47.48 -24.38
CA PRO S 92 -37.12 -46.12 -24.08
C PRO S 92 -38.65 -46.02 -24.12
N ASP S 93 -39.14 -44.93 -23.56
CA ASP S 93 -40.57 -44.62 -23.54
C ASP S 93 -40.81 -43.46 -24.48
N LEU S 94 -41.66 -43.68 -25.49
CA LEU S 94 -41.88 -42.67 -26.52
C LEU S 94 -42.63 -41.47 -25.96
N ASP S 95 -43.56 -41.69 -25.03
CA ASP S 95 -44.39 -40.61 -24.51
C ASP S 95 -43.61 -39.61 -23.67
N THR S 96 -42.37 -39.92 -23.29
CA THR S 96 -41.58 -39.05 -22.44
C THR S 96 -40.61 -38.18 -23.23
N TRP S 97 -40.83 -38.01 -24.53
CA TRP S 97 -39.95 -37.21 -25.35
C TRP S 97 -40.11 -35.73 -25.00
N VAL S 98 -39.04 -35.13 -24.49
CA VAL S 98 -39.04 -33.71 -24.12
C VAL S 98 -37.76 -33.10 -24.66
N VAL S 99 -37.88 -31.95 -25.32
CA VAL S 99 -36.73 -31.23 -25.86
C VAL S 99 -36.39 -30.09 -24.92
N PHE S 100 -35.14 -30.05 -24.47
CA PHE S 100 -34.72 -29.01 -23.55
C PHE S 100 -34.58 -27.68 -24.29
N PRO S 101 -34.94 -26.57 -23.66
CA PRO S 101 -34.81 -25.27 -24.34
C PRO S 101 -33.44 -24.62 -24.20
N TRP S 102 -32.70 -24.93 -23.14
CA TRP S 102 -31.39 -24.32 -22.89
C TRP S 102 -30.31 -25.15 -23.59
N THR S 103 -30.33 -25.14 -24.92
CA THR S 103 -29.33 -25.91 -25.66
C THR S 103 -28.57 -25.09 -26.70
N ALA S 104 -28.69 -23.77 -26.70
CA ALA S 104 -27.99 -22.90 -27.66
C ALA S 104 -28.42 -23.30 -29.08
N GLU S 105 -27.52 -23.15 -30.05
CA GLU S 105 -27.85 -23.44 -31.45
C GLU S 105 -27.04 -24.60 -32.03
N LYS S 106 -26.00 -25.06 -31.35
CA LYS S 106 -25.21 -26.17 -31.86
C LYS S 106 -25.90 -27.50 -31.55
N GLY S 107 -27.12 -27.68 -32.07
CA GLY S 107 -27.88 -28.88 -31.82
C GLY S 107 -28.60 -28.84 -30.49
N LYS S 108 -29.83 -29.31 -30.45
CA LYS S 108 -30.63 -29.34 -29.24
C LYS S 108 -30.46 -30.69 -28.53
N VAL S 109 -30.96 -30.76 -27.30
CA VAL S 109 -30.86 -31.95 -26.47
C VAL S 109 -32.27 -32.38 -26.09
N ALA S 110 -32.56 -33.67 -26.26
CA ALA S 110 -33.84 -34.24 -25.88
C ALA S 110 -33.60 -35.47 -25.01
N ARG S 111 -34.61 -35.83 -24.22
CA ARG S 111 -34.49 -36.97 -23.33
C ARG S 111 -35.72 -37.85 -23.45
N MET S 112 -35.54 -39.13 -23.11
CA MET S 112 -36.64 -40.07 -22.95
C MET S 112 -36.32 -40.98 -21.79
N ILE S 113 -37.25 -41.09 -20.84
CA ILE S 113 -37.10 -42.04 -19.74
C ILE S 113 -37.18 -43.45 -20.31
N CYS S 114 -36.23 -44.30 -19.92
CA CYS S 114 -36.11 -45.63 -20.48
C CYS S 114 -36.36 -46.69 -19.42
N ASP S 115 -36.89 -47.82 -19.86
CA ASP S 115 -37.02 -49.01 -19.03
C ASP S 115 -35.79 -49.88 -19.18
N ILE S 116 -35.50 -50.65 -18.13
CA ILE S 116 -34.33 -51.52 -18.10
C ILE S 116 -34.80 -52.96 -18.29
N TYR S 117 -34.20 -53.65 -19.26
CA TYR S 117 -34.60 -55.01 -19.60
C TYR S 117 -33.39 -55.93 -19.55
N ASN S 118 -33.62 -57.16 -19.10
CA ASN S 118 -32.58 -58.17 -19.11
C ASN S 118 -32.26 -58.57 -20.54
N PRO S 119 -31.07 -59.13 -20.78
CA PRO S 119 -30.74 -59.60 -22.13
C PRO S 119 -31.69 -60.67 -22.65
N ASP S 120 -32.44 -61.34 -21.78
CA ASP S 120 -33.43 -62.33 -22.19
C ASP S 120 -34.81 -61.69 -22.37
N MET S 121 -34.85 -60.40 -22.71
CA MET S 121 -36.07 -59.70 -23.10
C MET S 121 -37.08 -59.62 -21.96
N THR S 122 -36.59 -59.57 -20.72
CA THR S 122 -37.44 -59.52 -19.54
C THR S 122 -37.10 -58.26 -18.74
N PRO S 123 -38.11 -57.53 -18.25
CA PRO S 123 -37.81 -56.32 -17.47
C PRO S 123 -36.98 -56.63 -16.23
N PHE S 124 -36.05 -55.73 -15.93
CA PHE S 124 -35.15 -55.93 -14.81
C PHE S 124 -35.89 -55.74 -13.49
N ALA S 125 -35.72 -56.71 -12.58
CA ALA S 125 -36.39 -56.63 -11.28
C ALA S 125 -35.80 -55.54 -10.40
N GLY S 126 -34.56 -55.14 -10.62
CA GLY S 126 -33.92 -54.11 -9.83
C GLY S 126 -34.20 -52.70 -10.27
N ASP S 127 -35.02 -52.50 -11.29
CA ASP S 127 -35.36 -51.17 -11.77
C ASP S 127 -36.57 -50.65 -11.01
N PRO S 128 -36.47 -49.50 -10.34
CA PRO S 128 -37.64 -48.98 -9.62
C PRO S 128 -38.86 -48.77 -10.48
N ARG S 129 -38.68 -48.30 -11.72
CA ARG S 129 -39.81 -48.09 -12.60
C ARG S 129 -40.49 -49.41 -12.97
N ALA S 130 -39.71 -50.46 -13.24
CA ALA S 130 -40.28 -51.75 -13.53
C ALA S 130 -41.02 -52.31 -12.31
N ASN S 131 -40.46 -52.09 -11.12
CA ASN S 131 -41.14 -52.52 -9.90
C ASN S 131 -42.47 -51.81 -9.73
N LEU S 132 -42.51 -50.51 -9.99
CA LEU S 132 -43.76 -49.77 -9.90
C LEU S 132 -44.76 -50.29 -10.93
N LYS S 133 -44.28 -50.61 -12.14
CA LYS S 133 -45.17 -51.18 -13.15
C LYS S 133 -45.74 -52.52 -12.70
N ARG S 134 -44.91 -53.35 -12.06
CA ARG S 134 -45.39 -54.63 -11.54
C ARG S 134 -46.46 -54.44 -10.47
N VAL S 135 -46.24 -53.48 -9.57
CA VAL S 135 -47.22 -53.22 -8.52
C VAL S 135 -48.52 -52.69 -9.13
N LEU S 136 -48.42 -51.84 -10.16
CA LEU S 136 -49.61 -51.36 -10.84
C LEU S 136 -50.34 -52.50 -11.54
N LYS S 137 -49.60 -53.46 -12.09
CA LYS S 137 -50.22 -54.63 -12.68
C LYS S 137 -51.00 -55.42 -11.64
N GLU S 138 -50.42 -55.57 -10.44
CA GLU S 138 -51.13 -56.25 -9.36
C GLU S 138 -52.41 -55.49 -9.01
N MET S 139 -52.33 -54.17 -8.92
CA MET S 139 -53.51 -53.36 -8.61
C MET S 139 -54.60 -53.54 -9.67
N GLU S 140 -54.20 -53.52 -10.95
CA GLU S 140 -55.17 -53.74 -12.02
C GLU S 140 -55.76 -55.14 -11.94
N GLU S 141 -54.96 -56.12 -11.53
CA GLU S 141 -55.49 -57.47 -11.32
C GLU S 141 -56.54 -57.48 -10.23
N LEU S 142 -56.36 -56.69 -9.17
CA LEU S 142 -57.38 -56.67 -8.12
C LEU S 142 -58.68 -55.99 -8.57
N GLY S 143 -58.65 -55.18 -9.61
CA GLY S 143 -59.89 -54.63 -10.14
C GLY S 143 -59.91 -53.13 -10.43
N PHE S 144 -58.87 -52.42 -10.01
CA PHE S 144 -58.81 -50.98 -10.20
C PHE S 144 -58.13 -50.65 -11.52
N THR S 145 -58.32 -49.40 -11.96
CA THR S 145 -57.80 -48.94 -13.25
C THR S 145 -56.52 -48.13 -13.11
N GLU S 146 -56.54 -47.07 -12.32
CA GLU S 146 -55.38 -46.19 -12.23
C GLU S 146 -55.21 -45.68 -10.80
N PHE S 147 -54.01 -45.19 -10.53
CA PHE S 147 -53.59 -44.66 -9.24
C PHE S 147 -53.11 -43.22 -9.47
N ASN S 148 -54.01 -42.26 -9.38
CA ASN S 148 -53.63 -40.88 -9.61
C ASN S 148 -52.89 -40.31 -8.40
N LEU S 149 -51.86 -39.52 -8.68
CA LEU S 149 -51.03 -38.95 -7.63
C LEU S 149 -50.75 -37.48 -7.95
N GLY S 150 -50.83 -36.65 -6.91
CA GLY S 150 -50.40 -35.28 -6.99
C GLY S 150 -49.42 -34.96 -5.89
N PRO S 151 -48.19 -34.64 -6.26
CA PRO S 151 -47.16 -34.30 -5.26
C PRO S 151 -47.11 -32.81 -4.97
N GLU S 152 -46.63 -32.49 -3.77
CA GLU S 152 -46.46 -31.11 -3.34
C GLU S 152 -45.02 -30.91 -2.88
N PRO S 153 -44.09 -30.81 -3.82
CA PRO S 153 -42.68 -30.67 -3.44
C PRO S 153 -42.35 -29.25 -3.01
N GLU S 154 -41.47 -29.15 -2.01
CA GLU S 154 -40.99 -27.87 -1.49
C GLU S 154 -39.48 -27.85 -1.60
N PHE S 155 -38.93 -26.68 -1.94
CA PHE S 155 -37.49 -26.57 -2.12
C PHE S 155 -36.97 -25.26 -1.54
N PHE S 156 -35.68 -25.26 -1.21
CA PHE S 156 -35.02 -24.09 -0.66
C PHE S 156 -34.09 -23.48 -1.72
N LEU S 157 -33.96 -22.15 -1.67
CA LEU S 157 -33.09 -21.42 -2.58
C LEU S 157 -32.01 -20.73 -1.76
N PHE S 158 -30.76 -20.97 -2.12
CA PHE S 158 -29.60 -20.40 -1.43
C PHE S 158 -28.78 -19.58 -2.40
N LYS S 159 -28.12 -18.54 -1.89
CA LYS S 159 -27.26 -17.72 -2.74
C LYS S 159 -25.91 -18.40 -2.93
N LEU S 160 -25.39 -18.29 -4.16
CA LEU S 160 -24.09 -18.86 -4.48
C LEU S 160 -22.97 -17.91 -4.06
N ASP S 161 -21.78 -18.47 -3.90
CA ASP S 161 -20.61 -17.70 -3.50
C ASP S 161 -19.87 -17.19 -4.73
N GLU S 162 -18.69 -16.61 -4.52
CA GLU S 162 -17.90 -16.13 -5.65
C GLU S 162 -17.45 -17.28 -6.53
N ASN S 163 -17.09 -18.41 -5.93
CA ASN S 163 -16.66 -19.59 -6.66
C ASN S 163 -17.81 -20.47 -7.10
N ARG S 164 -19.03 -19.91 -7.20
CA ARG S 164 -20.22 -20.65 -7.60
C ARG S 164 -20.48 -21.85 -6.69
N ARG S 165 -20.26 -21.65 -5.39
CA ARG S 165 -20.54 -22.67 -4.41
C ARG S 165 -21.71 -22.24 -3.52
N PRO S 166 -22.60 -23.16 -3.16
CA PRO S 166 -23.74 -22.78 -2.33
C PRO S 166 -23.30 -22.27 -0.97
N THR S 167 -24.03 -21.27 -0.47
CA THR S 167 -23.81 -20.72 0.85
C THR S 167 -25.01 -21.05 1.73
N LEU S 168 -25.00 -20.53 2.96
CA LEU S 168 -26.09 -20.75 3.90
C LEU S 168 -27.05 -19.57 3.96
N GLU S 169 -26.92 -18.61 3.04
CA GLU S 169 -27.77 -17.43 3.03
C GLU S 169 -28.95 -17.65 2.08
N LEU S 170 -30.16 -17.46 2.60
CA LEU S 170 -31.36 -17.64 1.81
C LEU S 170 -31.57 -16.46 0.86
N ASN S 171 -32.33 -16.71 -0.21
CA ASN S 171 -32.52 -15.69 -1.22
C ASN S 171 -33.47 -14.58 -0.76
N ASP S 172 -34.44 -14.90 0.09
CA ASP S 172 -35.35 -13.89 0.61
C ASP S 172 -35.88 -14.31 1.96
N SER S 173 -36.28 -13.32 2.76
CA SER S 173 -36.88 -13.56 4.07
C SER S 173 -38.40 -13.45 3.96
N GLY S 174 -38.99 -14.42 3.27
CA GLY S 174 -40.41 -14.45 3.00
C GLY S 174 -41.21 -15.10 4.10
N GLY S 175 -42.48 -15.35 3.81
CA GLY S 175 -43.39 -15.96 4.76
C GLY S 175 -44.37 -16.85 4.04
N TYR S 176 -45.30 -17.41 4.81
CA TYR S 176 -46.27 -18.36 4.26
C TYR S 176 -47.28 -17.62 3.40
N PHE S 177 -47.32 -17.96 2.12
CA PHE S 177 -48.22 -17.35 1.13
C PHE S 177 -47.98 -15.86 0.97
N ASP S 178 -46.81 -15.37 1.37
CA ASP S 178 -46.53 -13.95 1.32
C ASP S 178 -46.08 -13.53 -0.08
N LEU S 179 -46.33 -12.26 -0.41
CA LEU S 179 -45.88 -11.69 -1.67
C LEU S 179 -44.48 -11.11 -1.47
N ALA S 180 -43.55 -12.00 -1.12
CA ALA S 180 -42.20 -11.61 -0.73
C ALA S 180 -41.30 -11.30 -1.92
N PRO S 181 -41.15 -12.18 -2.92
CA PRO S 181 -40.25 -11.85 -4.04
C PRO S 181 -40.67 -10.61 -4.81
N THR S 182 -41.98 -10.32 -4.88
CA THR S 182 -42.52 -9.15 -5.55
C THR S 182 -42.12 -9.08 -7.02
N ASP S 183 -42.37 -7.94 -7.65
CA ASP S 183 -42.08 -7.71 -9.05
C ASP S 183 -40.70 -7.07 -9.19
N LEU S 184 -40.43 -6.50 -10.38
CA LEU S 184 -39.19 -5.79 -10.66
C LEU S 184 -37.98 -6.69 -10.57
N GLY S 185 -37.96 -7.75 -11.37
CA GLY S 185 -36.80 -8.61 -11.46
C GLY S 185 -36.78 -9.68 -10.39
N GLU S 186 -35.74 -10.52 -10.46
CA GLU S 186 -35.55 -11.67 -9.57
C GLU S 186 -36.80 -12.54 -9.66
N ASN S 187 -37.43 -12.90 -8.55
CA ASN S 187 -38.61 -13.77 -8.54
C ASN S 187 -38.33 -15.07 -9.29
N CYS S 188 -37.37 -15.82 -8.77
CA CYS S 188 -36.94 -17.06 -9.43
C CYS S 188 -38.09 -18.05 -9.56
N ARG S 189 -39.04 -17.99 -8.61
CA ARG S 189 -40.21 -18.91 -8.65
C ARG S 189 -41.02 -18.64 -9.93
N ARG S 190 -41.22 -17.35 -10.27
CA ARG S 190 -41.97 -17.00 -11.46
C ARG S 190 -41.27 -17.49 -12.73
N ASP S 191 -39.96 -17.30 -12.82
CA ASP S 191 -39.23 -17.77 -13.99
C ASP S 191 -39.28 -19.28 -14.09
N ILE S 192 -39.14 -19.97 -12.95
CA ILE S 192 -39.17 -21.43 -12.94
C ILE S 192 -40.52 -21.94 -13.44
N VAL S 193 -41.60 -21.36 -12.93
CA VAL S 193 -42.92 -21.83 -13.33
C VAL S 193 -43.20 -21.49 -14.79
N LEU S 194 -42.70 -20.35 -15.26
CA LEU S 194 -42.88 -19.99 -16.68
C LEU S 194 -42.16 -20.96 -17.59
N GLU S 195 -40.91 -21.30 -17.27
CA GLU S 195 -40.19 -22.25 -18.12
C GLU S 195 -40.77 -23.66 -18.01
N LEU S 196 -41.30 -24.03 -16.83
CA LEU S 196 -41.97 -25.33 -16.71
C LEU S 196 -43.22 -25.37 -17.56
N GLU S 197 -44.00 -24.28 -17.59
CA GLU S 197 -45.16 -24.22 -18.46
C GLU S 197 -44.76 -24.31 -19.92
N GLU S 198 -43.67 -23.62 -20.29
CA GLU S 198 -43.20 -23.67 -21.67
C GLU S 198 -42.76 -25.08 -22.05
N MET S 199 -42.09 -25.79 -21.14
CA MET S 199 -41.62 -27.14 -21.41
C MET S 199 -42.76 -28.16 -21.49
N GLY S 200 -43.96 -27.79 -21.08
CA GLY S 200 -45.08 -28.71 -21.16
C GLY S 200 -45.40 -29.39 -19.84
N PHE S 201 -45.42 -28.61 -18.76
CA PHE S 201 -45.77 -29.11 -17.44
C PHE S 201 -47.12 -28.55 -17.03
N GLU S 202 -47.92 -29.38 -16.36
CA GLU S 202 -49.24 -28.97 -15.88
C GLU S 202 -49.07 -28.46 -14.44
N ILE S 203 -48.91 -27.15 -14.29
CA ILE S 203 -48.72 -26.53 -12.99
C ILE S 203 -50.05 -25.98 -12.50
N GLU S 204 -50.44 -26.40 -11.29
CA GLU S 204 -51.73 -25.94 -10.72
C GLU S 204 -51.51 -24.58 -10.04
N ALA S 205 -50.54 -24.50 -9.12
CA ALA S 205 -50.29 -23.24 -8.38
C ALA S 205 -48.83 -23.17 -7.93
N SER S 206 -48.40 -22.03 -7.37
CA SER S 206 -47.02 -21.86 -6.87
C SER S 206 -47.01 -20.78 -5.79
N HIS S 207 -46.41 -21.07 -4.62
CA HIS S 207 -46.47 -20.09 -3.51
C HIS S 207 -45.25 -20.16 -2.59
N HIS S 208 -45.09 -19.18 -1.70
CA HIS S 208 -43.99 -19.15 -0.75
C HIS S 208 -44.36 -19.95 0.49
N GLU S 209 -43.42 -20.74 0.99
CA GLU S 209 -43.70 -21.61 2.13
C GLU S 209 -43.38 -20.87 3.43
N VAL S 210 -43.57 -21.56 4.56
CA VAL S 210 -43.42 -20.93 5.87
C VAL S 210 -41.99 -20.44 6.07
N ALA S 211 -41.02 -21.27 5.75
CA ALA S 211 -39.63 -20.92 5.97
C ALA S 211 -39.19 -19.84 4.98
N PRO S 212 -38.30 -18.94 5.39
CA PRO S 212 -37.72 -18.00 4.44
C PRO S 212 -36.93 -18.73 3.36
N GLY S 213 -37.06 -18.25 2.13
CA GLY S 213 -36.39 -18.89 1.02
C GLY S 213 -36.93 -20.24 0.63
N GLN S 214 -38.10 -20.62 1.13
CA GLN S 214 -38.71 -21.91 0.82
C GLN S 214 -39.91 -21.70 -0.08
N HIS S 215 -39.98 -22.44 -1.18
CA HIS S 215 -41.03 -22.28 -2.17
C HIS S 215 -41.65 -23.62 -2.51
N GLU S 216 -42.94 -23.60 -2.86
CA GLU S 216 -43.67 -24.80 -3.24
C GLU S 216 -44.36 -24.57 -4.57
N ILE S 217 -44.30 -25.57 -5.45
CA ILE S 217 -45.00 -25.57 -6.72
C ILE S 217 -45.82 -26.85 -6.80
N ASP S 218 -47.11 -26.71 -7.13
CA ASP S 218 -48.04 -27.83 -7.15
C ASP S 218 -48.25 -28.32 -8.58
N PHE S 219 -48.48 -29.61 -8.72
CA PHE S 219 -48.70 -30.25 -10.02
C PHE S 219 -50.16 -30.63 -10.21
N LYS S 220 -50.49 -30.99 -11.44
CA LYS S 220 -51.78 -31.61 -11.72
C LYS S 220 -51.69 -33.11 -11.46
N TYR S 221 -52.84 -33.73 -11.27
CA TYR S 221 -52.89 -35.14 -10.90
C TYR S 221 -52.82 -36.00 -12.15
N GLU S 222 -51.77 -36.81 -12.26
CA GLU S 222 -51.57 -37.72 -13.37
C GLU S 222 -51.42 -39.15 -12.85
N ASP S 223 -51.08 -40.06 -13.75
CA ASP S 223 -50.83 -41.44 -13.36
C ASP S 223 -49.58 -41.53 -12.50
N ALA S 224 -49.40 -42.69 -11.87
CA ALA S 224 -48.28 -42.88 -10.97
C ALA S 224 -46.94 -42.71 -11.69
N ILE S 225 -46.78 -43.43 -12.81
CA ILE S 225 -45.52 -43.39 -13.54
C ILE S 225 -45.27 -41.99 -14.10
N THR S 226 -46.31 -41.39 -14.68
CA THR S 226 -46.17 -40.04 -15.22
C THR S 226 -45.86 -39.04 -14.13
N ALA S 227 -46.49 -39.20 -12.96
CA ALA S 227 -46.22 -38.29 -11.85
C ALA S 227 -44.77 -38.40 -11.37
N CYS S 228 -44.27 -39.64 -11.27
CA CYS S 228 -42.88 -39.81 -10.84
C CYS S 228 -41.90 -39.24 -11.86
N ASP S 229 -42.17 -39.46 -13.16
CA ASP S 229 -41.31 -38.89 -14.19
C ASP S 229 -41.34 -37.37 -14.14
N SER S 230 -42.52 -36.79 -13.92
CA SER S 230 -42.64 -35.35 -13.79
C SER S 230 -41.88 -34.84 -12.57
N ILE S 231 -41.89 -35.61 -11.48
CA ILE S 231 -41.14 -35.22 -10.29
C ILE S 231 -39.65 -35.15 -10.58
N GLN S 232 -39.12 -36.18 -11.25
CA GLN S 232 -37.70 -36.19 -11.56
C GLN S 232 -37.33 -35.05 -12.50
N THR S 233 -38.14 -34.86 -13.55
CA THR S 233 -37.88 -33.77 -14.48
C THR S 233 -37.98 -32.42 -13.80
N PHE S 234 -38.93 -32.27 -12.88
CA PHE S 234 -39.08 -31.02 -12.14
C PHE S 234 -37.87 -30.72 -11.29
N LYS S 235 -37.34 -31.74 -10.61
CA LYS S 235 -36.11 -31.54 -9.83
C LYS S 235 -34.97 -31.08 -10.74
N LEU S 236 -34.78 -31.77 -11.86
CA LEU S 236 -33.69 -31.42 -12.76
C LEU S 236 -33.84 -29.98 -13.28
N VAL S 237 -35.04 -29.63 -13.74
CA VAL S 237 -35.28 -28.33 -14.34
C VAL S 237 -35.12 -27.23 -13.30
N VAL S 238 -35.65 -27.44 -12.08
CA VAL S 238 -35.54 -26.44 -11.04
C VAL S 238 -34.08 -26.20 -10.68
N LYS S 239 -33.30 -27.28 -10.54
CA LYS S 239 -31.88 -27.11 -10.23
C LYS S 239 -31.16 -26.34 -11.33
N THR S 240 -31.42 -26.69 -12.60
CA THR S 240 -30.75 -26.01 -13.70
C THR S 240 -31.12 -24.54 -13.75
N ILE S 241 -32.40 -24.21 -13.61
CA ILE S 241 -32.83 -22.81 -13.71
C ILE S 241 -32.29 -22.01 -12.53
N ALA S 242 -32.30 -22.60 -11.33
CA ALA S 242 -31.74 -21.89 -10.18
C ALA S 242 -30.26 -21.63 -10.38
N ARG S 243 -29.52 -22.60 -10.92
CA ARG S 243 -28.12 -22.37 -11.24
C ARG S 243 -27.97 -21.27 -12.28
N LYS S 244 -28.93 -21.14 -13.19
CA LYS S 244 -28.87 -20.07 -14.23
C LYS S 244 -28.85 -18.70 -13.57
N HIS S 245 -29.72 -18.48 -12.58
CA HIS S 245 -29.82 -17.18 -11.93
C HIS S 245 -28.91 -17.04 -10.72
N GLY S 246 -27.81 -17.79 -10.67
CA GLY S 246 -26.88 -17.67 -9.56
C GLY S 246 -27.46 -18.10 -8.23
N LEU S 247 -28.23 -19.18 -8.21
CA LEU S 247 -28.83 -19.70 -7.01
C LEU S 247 -28.65 -21.21 -6.96
N HIS S 248 -28.76 -21.77 -5.76
CA HIS S 248 -28.71 -23.20 -5.54
C HIS S 248 -30.06 -23.65 -5.01
N ALA S 249 -30.74 -24.51 -5.75
CA ALA S 249 -32.02 -25.07 -5.33
C ALA S 249 -31.76 -26.43 -4.71
N THR S 250 -32.15 -26.59 -3.46
CA THR S 250 -31.93 -27.83 -2.73
C THR S 250 -33.25 -28.42 -2.27
N PHE S 251 -33.33 -29.75 -2.35
CA PHE S 251 -34.47 -30.52 -1.88
C PHE S 251 -34.13 -31.32 -0.62
N MET S 252 -33.15 -30.87 0.14
CA MET S 252 -32.83 -31.52 1.39
C MET S 252 -34.01 -31.40 2.35
N PRO S 253 -34.38 -32.47 3.07
CA PRO S 253 -35.54 -32.36 3.96
C PRO S 253 -35.40 -31.32 5.05
N LYS S 254 -34.19 -31.08 5.57
CA LYS S 254 -33.98 -30.12 6.65
C LYS S 254 -32.59 -29.52 6.52
N PRO S 255 -32.43 -28.55 5.60
CA PRO S 255 -31.12 -27.91 5.45
C PRO S 255 -30.68 -27.12 6.67
N LEU S 256 -31.60 -26.55 7.43
CA LEU S 256 -31.27 -25.68 8.56
C LEU S 256 -32.04 -26.12 9.79
N PHE S 257 -31.43 -25.88 10.95
CA PHE S 257 -32.03 -26.21 12.23
C PHE S 257 -32.92 -25.08 12.72
N GLY S 258 -34.02 -25.45 13.39
CA GLY S 258 -34.93 -24.46 13.92
C GLY S 258 -35.82 -23.81 12.89
N VAL S 259 -35.83 -24.31 11.66
CA VAL S 259 -36.63 -23.74 10.58
C VAL S 259 -37.45 -24.88 9.98
N ASN S 260 -38.56 -24.53 9.33
CA ASN S 260 -39.43 -25.54 8.74
C ASN S 260 -38.68 -26.35 7.69
N GLY S 261 -38.97 -27.64 7.64
CA GLY S 261 -38.37 -28.52 6.67
C GLY S 261 -39.14 -28.52 5.36
N SER S 262 -38.65 -29.34 4.43
CA SER S 262 -39.24 -29.48 3.10
C SER S 262 -39.93 -30.83 3.00
N GLY S 263 -41.18 -30.82 2.52
CA GLY S 263 -41.93 -32.04 2.37
C GLY S 263 -42.42 -32.25 0.96
N MET S 264 -42.88 -33.46 0.66
CA MET S 264 -43.38 -33.83 -0.65
C MET S 264 -44.71 -34.58 -0.49
N HIS S 265 -45.65 -33.96 0.20
CA HIS S 265 -46.95 -34.56 0.45
C HIS S 265 -47.53 -35.17 -0.81
N PHE S 266 -48.03 -36.39 -0.69
CA PHE S 266 -48.60 -37.15 -1.81
C PHE S 266 -50.10 -37.23 -1.64
N ASN S 267 -50.85 -36.71 -2.61
CA ASN S 267 -52.30 -36.84 -2.64
C ASN S 267 -52.63 -37.95 -3.63
N MET S 268 -53.07 -39.10 -3.12
CA MET S 268 -53.32 -40.27 -3.93
C MET S 268 -54.81 -40.57 -4.01
N SER S 269 -55.25 -41.00 -5.19
CA SER S 269 -56.63 -41.41 -5.40
C SER S 269 -56.63 -42.67 -6.26
N LEU S 270 -57.56 -43.57 -5.98
CA LEU S 270 -57.67 -44.84 -6.69
C LEU S 270 -58.92 -44.82 -7.55
N PHE S 271 -58.79 -45.22 -8.82
CA PHE S 271 -59.88 -45.15 -9.76
C PHE S 271 -60.27 -46.54 -10.24
N ASN S 272 -61.55 -46.67 -10.63
CA ASN S 272 -62.04 -47.90 -11.24
C ASN S 272 -62.80 -47.57 -12.51
N GLU S 273 -63.51 -48.55 -13.07
CA GLU S 273 -64.26 -48.32 -14.29
C GLU S 273 -65.35 -47.28 -14.09
N LYS S 274 -66.04 -47.34 -12.96
CA LYS S 274 -67.12 -46.38 -12.69
C LYS S 274 -66.56 -44.97 -12.51
N GLY S 275 -65.55 -44.83 -11.67
CA GLY S 275 -64.96 -43.53 -11.39
C GLY S 275 -63.98 -43.55 -10.23
N ASN S 276 -64.11 -42.59 -9.33
CA ASN S 276 -63.27 -42.56 -8.14
C ASN S 276 -63.72 -43.62 -7.15
N ALA S 277 -62.80 -44.48 -6.75
CA ALA S 277 -63.14 -45.56 -5.82
C ALA S 277 -63.19 -45.10 -4.38
N PHE S 278 -62.66 -43.92 -4.07
CA PHE S 278 -62.64 -43.42 -2.71
C PHE S 278 -63.88 -42.61 -2.35
N PHE S 279 -64.78 -42.38 -3.30
CA PHE S 279 -65.92 -41.50 -3.10
C PHE S 279 -67.19 -42.32 -2.96
N ASP S 280 -68.00 -41.99 -1.96
CA ASP S 280 -69.29 -42.63 -1.75
C ASP S 280 -70.19 -41.65 -1.03
N GLU S 281 -71.22 -41.17 -1.72
CA GLU S 281 -72.09 -40.15 -1.12
C GLU S 281 -72.84 -40.68 0.09
N SER S 282 -73.07 -41.99 0.15
CA SER S 282 -73.83 -42.59 1.24
C SER S 282 -72.96 -43.06 2.39
N GLY S 283 -71.63 -42.91 2.30
CA GLY S 283 -70.76 -43.36 3.35
C GLY S 283 -70.42 -42.26 4.35
N GLU S 284 -69.88 -42.69 5.50
CA GLU S 284 -69.45 -41.75 6.51
C GLU S 284 -68.32 -40.88 5.97
N LEU S 285 -68.41 -39.58 6.24
CA LEU S 285 -67.48 -38.58 5.72
C LEU S 285 -67.43 -38.57 4.19
N GLU S 286 -68.48 -39.10 3.56
CA GLU S 286 -68.52 -39.26 2.10
C GLU S 286 -67.31 -40.04 1.60
N LEU S 287 -66.96 -41.10 2.32
CA LEU S 287 -65.83 -41.95 1.98
C LEU S 287 -66.31 -43.38 1.82
N SER S 288 -65.80 -44.05 0.79
CA SER S 288 -66.18 -45.43 0.52
C SER S 288 -65.45 -46.38 1.47
N GLN S 289 -65.93 -47.63 1.51
CA GLN S 289 -65.24 -48.64 2.29
C GLN S 289 -63.85 -48.93 1.74
N THR S 290 -63.66 -48.75 0.43
CA THR S 290 -62.33 -48.90 -0.15
C THR S 290 -61.38 -47.87 0.42
N ALA S 291 -61.84 -46.63 0.59
CA ALA S 291 -60.98 -45.60 1.17
C ALA S 291 -60.59 -45.94 2.60
N TYR S 292 -61.54 -46.45 3.38
CA TYR S 292 -61.24 -46.82 4.76
C TYR S 292 -60.27 -47.99 4.82
N HIS S 293 -60.42 -48.98 3.94
CA HIS S 293 -59.47 -50.07 3.89
C HIS S 293 -58.08 -49.57 3.50
N PHE S 294 -58.02 -48.64 2.54
CA PHE S 294 -56.75 -48.06 2.16
C PHE S 294 -56.11 -47.32 3.33
N LEU S 295 -56.91 -46.57 4.09
CA LEU S 295 -56.40 -45.89 5.27
C LEU S 295 -55.85 -46.88 6.28
N ALA S 296 -56.58 -47.97 6.52
CA ALA S 296 -56.13 -48.96 7.49
C ALA S 296 -54.82 -49.58 7.04
N GLY S 297 -54.70 -49.91 5.76
CA GLY S 297 -53.45 -50.47 5.26
C GLY S 297 -52.31 -49.49 5.34
N MET S 298 -52.56 -48.21 5.03
CA MET S 298 -51.51 -47.20 5.07
C MET S 298 -51.03 -46.97 6.49
N LEU S 299 -51.95 -46.96 7.45
CA LEU S 299 -51.57 -46.73 8.84
C LEU S 299 -50.92 -47.95 9.48
N LYS S 300 -51.34 -49.16 9.09
CA LYS S 300 -50.79 -50.35 9.71
C LYS S 300 -49.31 -50.51 9.40
N HIS S 301 -48.92 -50.25 8.15
CA HIS S 301 -47.55 -50.48 7.71
C HIS S 301 -46.72 -49.21 7.61
N ALA S 302 -47.20 -48.11 8.19
CA ALA S 302 -46.45 -46.85 8.10
C ALA S 302 -45.08 -46.99 8.73
N ARG S 303 -45.01 -47.65 9.89
CA ARG S 303 -43.72 -47.91 10.53
C ARG S 303 -42.82 -48.74 9.63
N GLY S 304 -43.40 -49.51 8.71
CA GLY S 304 -42.63 -50.31 7.80
C GLY S 304 -42.00 -49.53 6.66
N TYR S 305 -42.78 -48.72 5.96
CA TYR S 305 -42.29 -47.98 4.80
C TYR S 305 -41.77 -46.59 5.15
N THR S 306 -41.70 -46.24 6.43
CA THR S 306 -41.10 -44.98 6.82
C THR S 306 -39.67 -44.87 6.31
N ALA S 307 -38.95 -45.99 6.29
CA ALA S 307 -37.58 -45.98 5.78
C ALA S 307 -37.54 -45.64 4.30
N VAL S 308 -38.46 -46.21 3.52
CA VAL S 308 -38.47 -45.95 2.08
C VAL S 308 -38.89 -44.51 1.80
N THR S 309 -39.91 -44.02 2.51
CA THR S 309 -40.37 -42.66 2.27
C THR S 309 -39.41 -41.60 2.80
N ASN S 310 -38.56 -41.94 3.76
CA ASN S 310 -37.57 -41.03 4.32
C ASN S 310 -36.23 -41.75 4.34
N PRO S 311 -35.48 -41.83 3.20
CA PRO S 311 -34.25 -42.64 3.16
C PRO S 311 -32.95 -41.98 3.66
N THR S 312 -32.91 -40.65 3.76
CA THR S 312 -31.64 -39.97 4.14
C THR S 312 -31.57 -39.82 5.66
N ILE S 313 -30.35 -39.64 6.20
CA ILE S 313 -30.19 -39.41 7.67
C ILE S 313 -30.88 -38.09 8.01
N ASN S 314 -30.71 -37.07 7.15
CA ASN S 314 -31.27 -35.76 7.44
C ASN S 314 -32.79 -35.77 7.46
N SER S 315 -33.42 -36.76 6.81
CA SER S 315 -34.87 -36.82 6.74
C SER S 315 -35.49 -36.85 8.13
N PHE S 316 -34.94 -37.68 9.02
CA PHE S 316 -35.48 -37.81 10.36
C PHE S 316 -35.18 -36.60 11.23
N LYS S 317 -34.33 -35.68 10.77
CA LYS S 317 -34.22 -34.39 11.44
C LYS S 317 -35.44 -33.52 11.18
N ARG S 318 -36.15 -33.76 10.06
CA ARG S 318 -37.37 -33.02 9.79
C ARG S 318 -38.53 -33.54 10.63
N LEU S 319 -38.57 -34.85 10.89
CA LEU S 319 -39.66 -35.48 11.63
C LEU S 319 -39.49 -35.21 13.12
N VAL S 320 -39.63 -33.94 13.49
CA VAL S 320 -39.56 -33.53 14.88
C VAL S 320 -40.78 -32.67 15.19
N PRO S 321 -41.28 -32.67 16.43
CA PRO S 321 -42.48 -31.88 16.74
C PRO S 321 -42.23 -30.39 16.64
N GLY S 322 -43.30 -29.65 16.32
CA GLY S 322 -43.27 -28.21 16.30
C GLY S 322 -43.00 -27.57 14.96
N TYR S 323 -42.87 -28.35 13.89
CA TYR S 323 -42.60 -27.81 12.56
C TYR S 323 -43.56 -28.37 11.53
N GLU S 324 -44.75 -28.79 11.97
CA GLU S 324 -45.86 -29.28 11.14
C GLU S 324 -45.53 -30.58 10.43
N ALA S 325 -44.35 -31.16 10.63
CA ALA S 325 -44.06 -32.48 10.08
C ALA S 325 -44.72 -33.55 10.94
N PRO S 326 -45.17 -34.64 10.34
CA PRO S 326 -45.82 -35.70 11.13
C PRO S 326 -44.83 -36.39 12.05
N CYS S 327 -45.33 -36.81 13.21
CA CYS S 327 -44.52 -37.56 14.17
C CYS S 327 -45.24 -38.76 14.76
N TYR S 328 -46.54 -38.90 14.56
CA TYR S 328 -47.30 -40.00 15.14
C TYR S 328 -48.17 -40.63 14.06
N ILE S 329 -48.41 -41.93 14.20
CA ILE S 329 -49.21 -42.67 13.23
C ILE S 329 -50.69 -42.46 13.52
N ALA S 330 -51.28 -41.46 12.88
CA ALA S 330 -52.69 -41.17 13.06
C ALA S 330 -53.18 -40.42 11.83
N TRP S 331 -54.51 -40.44 11.64
CA TRP S 331 -55.14 -39.78 10.52
C TRP S 331 -56.24 -38.86 11.03
N SER S 332 -56.47 -37.77 10.29
CA SER S 332 -57.47 -36.79 10.67
C SER S 332 -57.88 -36.00 9.45
N GLY S 333 -59.02 -35.33 9.56
CA GLY S 333 -59.47 -34.43 8.51
C GLY S 333 -58.98 -33.01 8.75
N LYS S 334 -58.73 -32.66 10.01
CA LYS S 334 -58.23 -31.34 10.35
C LYS S 334 -57.49 -31.47 11.69
N ASN S 335 -56.17 -31.43 11.64
CA ASN S 335 -55.35 -31.56 12.84
C ASN S 335 -53.98 -30.96 12.56
N ARG S 336 -53.26 -30.66 13.65
CA ARG S 336 -51.89 -30.12 13.55
C ARG S 336 -50.93 -31.25 13.21
N SER S 337 -50.51 -31.34 11.94
CA SER S 337 -49.54 -32.30 11.46
C SER S 337 -49.99 -33.75 11.67
N PRO S 338 -51.00 -34.22 10.96
CA PRO S 338 -51.32 -35.65 10.99
C PRO S 338 -50.52 -36.42 9.96
N LEU S 339 -50.34 -37.71 10.22
CA LEU S 339 -49.61 -38.55 9.28
C LEU S 339 -50.36 -38.67 7.95
N VAL S 340 -51.67 -38.87 8.02
CA VAL S 340 -52.50 -38.96 6.83
C VAL S 340 -53.65 -37.95 6.98
N ARG S 341 -53.86 -37.14 5.96
CA ARG S 341 -54.88 -36.11 5.98
C ARG S 341 -55.86 -36.34 4.84
N VAL S 342 -57.15 -36.15 5.13
CA VAL S 342 -58.21 -36.30 4.14
C VAL S 342 -58.67 -34.91 3.73
N PRO S 343 -58.35 -34.45 2.52
CA PRO S 343 -58.82 -33.13 2.10
C PRO S 343 -60.33 -33.07 1.99
N SER S 344 -60.88 -31.88 2.20
CA SER S 344 -62.33 -31.70 2.23
C SER S 344 -62.97 -31.89 0.86
N SER S 345 -62.20 -31.81 -0.21
CA SER S 345 -62.77 -31.95 -1.55
C SER S 345 -63.28 -33.37 -1.76
N ARG S 346 -64.42 -33.48 -2.44
CA ARG S 346 -65.02 -34.79 -2.71
C ARG S 346 -65.36 -34.93 -4.19
N GLY S 347 -66.09 -35.99 -4.53
CA GLY S 347 -66.40 -36.27 -5.91
C GLY S 347 -65.25 -36.97 -6.61
N LEU S 348 -64.92 -36.54 -7.82
CA LEU S 348 -63.75 -37.09 -8.51
C LEU S 348 -62.44 -36.62 -7.89
N SER S 349 -62.47 -35.64 -6.98
CA SER S 349 -61.28 -35.12 -6.35
C SER S 349 -61.01 -35.74 -4.99
N THR S 350 -61.75 -36.78 -4.62
CA THR S 350 -61.50 -37.45 -3.35
C THR S 350 -60.13 -38.09 -3.35
N ARG S 351 -59.38 -37.88 -2.27
CA ARG S 351 -58.00 -38.34 -2.21
C ARG S 351 -57.55 -38.43 -0.77
N LEU S 352 -56.47 -39.17 -0.54
CA LEU S 352 -55.83 -39.28 0.76
C LEU S 352 -54.43 -38.69 0.64
N GLU S 353 -54.06 -37.84 1.59
CA GLU S 353 -52.77 -37.18 1.57
C GLU S 353 -51.86 -37.78 2.63
N LEU S 354 -50.69 -38.27 2.19
CA LEU S 354 -49.63 -38.71 3.09
C LEU S 354 -48.59 -37.60 3.17
N ARG S 355 -48.26 -37.18 4.40
CA ARG S 355 -47.42 -36.03 4.62
C ARG S 355 -46.02 -36.39 5.10
N SER S 356 -45.71 -37.67 5.29
CA SER S 356 -44.40 -38.06 5.79
C SER S 356 -43.34 -38.11 4.70
N VAL S 357 -43.73 -38.04 3.43
CA VAL S 357 -42.77 -38.15 2.33
C VAL S 357 -42.01 -36.84 2.21
N ASP S 358 -40.72 -36.94 1.89
CA ASP S 358 -39.85 -35.80 1.67
C ASP S 358 -39.32 -35.82 0.25
N PRO S 359 -38.86 -34.67 -0.26
CA PRO S 359 -38.38 -34.63 -1.66
C PRO S 359 -37.18 -35.52 -1.92
N SER S 360 -36.43 -35.93 -0.90
CA SER S 360 -35.27 -36.78 -1.12
C SER S 360 -35.64 -38.21 -1.46
N ALA S 361 -36.89 -38.63 -1.27
CA ALA S 361 -37.26 -40.01 -1.50
C ALA S 361 -37.33 -40.32 -2.98
N ASN S 362 -37.13 -41.59 -3.32
CA ASN S 362 -37.31 -42.06 -4.68
C ASN S 362 -38.81 -42.17 -4.96
N PRO S 363 -39.35 -41.45 -5.95
CA PRO S 363 -40.80 -41.49 -6.17
C PRO S 363 -41.32 -42.89 -6.50
N TYR S 364 -40.57 -43.65 -7.30
CA TYR S 364 -41.06 -44.96 -7.72
C TYR S 364 -41.14 -45.92 -6.54
N LEU S 365 -40.11 -45.96 -5.71
CA LEU S 365 -40.13 -46.86 -4.55
C LEU S 365 -41.22 -46.47 -3.57
N ALA S 366 -41.36 -45.16 -3.31
CA ALA S 366 -42.39 -44.71 -2.38
C ALA S 366 -43.77 -45.05 -2.89
N MET S 367 -44.03 -44.82 -4.18
CA MET S 367 -45.34 -45.18 -4.72
C MET S 367 -45.57 -46.68 -4.67
N ALA S 368 -44.53 -47.47 -4.95
CA ALA S 368 -44.69 -48.92 -4.92
C ALA S 368 -45.06 -49.39 -3.52
N VAL S 369 -44.34 -48.91 -2.50
CA VAL S 369 -44.62 -49.39 -1.15
C VAL S 369 -45.97 -48.88 -0.65
N LEU S 370 -46.33 -47.64 -0.98
CA LEU S 370 -47.64 -47.13 -0.58
C LEU S 370 -48.77 -47.90 -1.24
N LEU S 371 -48.64 -48.19 -2.54
CA LEU S 371 -49.65 -48.96 -3.23
C LEU S 371 -49.74 -50.37 -2.66
N LYS S 372 -48.60 -50.99 -2.33
CA LYS S 372 -48.64 -52.31 -1.73
C LYS S 372 -49.36 -52.30 -0.39
N ALA S 373 -49.08 -51.30 0.44
CA ALA S 373 -49.73 -51.20 1.73
C ALA S 373 -51.24 -51.00 1.58
N GLY S 374 -51.64 -50.10 0.70
CA GLY S 374 -53.07 -49.88 0.48
C GLY S 374 -53.77 -51.10 -0.08
N LEU S 375 -53.12 -51.79 -1.02
CA LEU S 375 -53.69 -52.99 -1.60
C LEU S 375 -53.84 -54.09 -0.55
N SER S 376 -52.84 -54.24 0.32
CA SER S 376 -52.95 -55.22 1.40
C SER S 376 -54.08 -54.87 2.34
N GLY S 377 -54.24 -53.59 2.66
CA GLY S 377 -55.34 -53.17 3.51
C GLY S 377 -56.69 -53.46 2.88
N ILE S 378 -56.81 -53.22 1.57
CA ILE S 378 -58.06 -53.52 0.88
C ILE S 378 -58.34 -55.02 0.88
N LYS S 379 -57.32 -55.83 0.59
CA LYS S 379 -57.51 -57.28 0.54
C LYS S 379 -57.90 -57.83 1.91
N ASP S 380 -57.25 -57.35 2.97
CA ASP S 380 -57.56 -57.83 4.31
C ASP S 380 -58.79 -57.17 4.91
N GLU S 381 -59.31 -56.11 4.29
CA GLU S 381 -60.50 -55.40 4.77
C GLU S 381 -60.32 -54.94 6.21
N LEU S 382 -59.15 -54.38 6.51
CA LEU S 382 -58.87 -53.91 7.86
C LEU S 382 -59.72 -52.68 8.19
N THR S 383 -60.08 -52.57 9.47
CA THR S 383 -60.85 -51.44 9.96
C THR S 383 -59.89 -50.35 10.44
N PRO S 384 -59.97 -49.13 9.92
CA PRO S 384 -59.03 -48.10 10.36
C PRO S 384 -59.35 -47.61 11.75
N PRO S 385 -58.36 -47.12 12.49
CA PRO S 385 -58.65 -46.54 13.81
C PRO S 385 -59.42 -45.23 13.69
N ALA S 386 -60.08 -44.87 14.78
CA ALA S 386 -60.86 -43.64 14.80
C ALA S 386 -59.94 -42.44 14.62
N PRO S 387 -60.36 -41.42 13.88
CA PRO S 387 -59.50 -40.24 13.71
C PRO S 387 -59.34 -39.49 15.01
N VAL S 388 -58.19 -38.83 15.15
CA VAL S 388 -57.85 -38.08 16.36
C VAL S 388 -57.87 -36.59 16.03
N ASP S 389 -58.50 -35.81 16.90
CA ASP S 389 -58.64 -34.37 16.71
C ASP S 389 -58.49 -33.61 18.03
N ARG S 390 -57.72 -34.14 18.96
CA ARG S 390 -57.69 -33.62 20.32
C ARG S 390 -56.30 -33.04 20.62
N ASN S 391 -55.51 -32.81 19.58
CA ASN S 391 -54.14 -32.30 19.69
C ASN S 391 -53.26 -33.26 20.50
N ILE S 392 -53.02 -34.42 19.89
CA ILE S 392 -52.20 -35.49 20.45
C ILE S 392 -50.88 -34.97 21.02
N TYR S 393 -50.40 -33.84 20.50
CA TYR S 393 -49.22 -33.22 21.07
C TYR S 393 -49.44 -32.76 22.51
N GLY S 394 -50.70 -32.64 22.93
CA GLY S 394 -50.97 -32.20 24.29
C GLY S 394 -50.50 -33.20 25.33
N MET S 395 -50.74 -34.49 25.10
CA MET S 395 -50.37 -35.50 26.08
C MET S 395 -48.90 -35.89 25.91
N ASN S 396 -48.40 -36.64 26.89
CA ASN S 396 -47.06 -37.21 26.81
C ASN S 396 -47.08 -38.48 25.96
N GLU S 397 -45.90 -39.08 25.78
CA GLU S 397 -45.82 -40.30 25.01
C GLU S 397 -46.59 -41.43 25.67
N GLU S 398 -46.48 -41.55 27.00
CA GLU S 398 -47.18 -42.61 27.72
C GLU S 398 -48.69 -42.41 27.66
N GLU S 399 -49.15 -41.17 27.78
CA GLU S 399 -50.58 -40.90 27.80
C GLU S 399 -51.26 -41.15 26.47
N ARG S 400 -50.51 -41.16 25.36
CA ARG S 400 -51.08 -41.45 24.05
C ARG S 400 -50.73 -42.85 23.55
N GLU S 401 -49.73 -43.51 24.14
CA GLU S 401 -49.43 -44.88 23.76
C GLU S 401 -50.52 -45.86 24.23
N ALA S 402 -51.34 -45.44 25.20
CA ALA S 402 -52.46 -46.28 25.62
C ALA S 402 -53.44 -46.49 24.48
N THR S 403 -53.72 -45.44 23.71
CA THR S 403 -54.57 -45.56 22.53
C THR S 403 -53.74 -46.10 21.37
N GLY S 404 -54.29 -46.05 20.17
CA GLY S 404 -53.62 -46.56 19.00
C GLY S 404 -52.53 -45.68 18.43
N ILE S 405 -52.22 -44.56 19.08
CA ILE S 405 -51.22 -43.63 18.57
C ILE S 405 -49.83 -44.19 18.87
N TYR S 406 -49.01 -44.30 17.82
CA TYR S 406 -47.65 -44.78 17.96
C TYR S 406 -46.70 -43.82 17.27
N ASP S 407 -45.44 -43.85 17.70
CA ASP S 407 -44.42 -42.95 17.19
C ASP S 407 -43.80 -43.52 15.93
N LEU S 408 -43.47 -42.62 14.99
CA LEU S 408 -42.66 -43.00 13.85
C LEU S 408 -41.23 -43.26 14.29
N PRO S 409 -40.47 -44.05 13.53
CA PRO S 409 -39.06 -44.27 13.89
C PRO S 409 -38.30 -42.96 13.97
N GLU S 410 -37.45 -42.86 14.98
CA GLU S 410 -36.73 -41.61 15.26
C GLU S 410 -35.39 -41.52 14.54
N SER S 411 -34.91 -42.60 13.97
CA SER S 411 -33.64 -42.60 13.26
C SER S 411 -33.72 -43.56 12.08
N LEU S 412 -32.78 -43.41 11.16
CA LEU S 412 -32.76 -44.26 9.97
C LEU S 412 -32.48 -45.71 10.32
N GLY S 413 -31.71 -45.96 11.38
CA GLY S 413 -31.44 -47.33 11.78
C GLY S 413 -32.69 -48.06 12.26
N HIS S 414 -33.50 -47.38 13.07
CA HIS S 414 -34.74 -47.99 13.53
C HIS S 414 -35.69 -48.24 12.36
N ALA S 415 -35.73 -47.30 11.41
CA ALA S 415 -36.56 -47.49 10.23
C ALA S 415 -36.08 -48.68 9.40
N LEU S 416 -34.75 -48.85 9.30
CA LEU S 416 -34.21 -50.00 8.60
C LEU S 416 -34.58 -51.30 9.30
N ILE S 417 -34.54 -51.31 10.63
CA ILE S 417 -34.96 -52.50 11.38
C ILE S 417 -36.43 -52.80 11.09
N GLU S 418 -37.27 -51.76 11.09
CA GLU S 418 -38.68 -51.96 10.80
C GLU S 418 -38.90 -52.50 9.39
N LEU S 419 -38.12 -52.00 8.42
CA LEU S 419 -38.15 -52.58 7.07
C LEU S 419 -37.79 -54.06 7.10
N GLU S 420 -36.70 -54.41 7.79
CA GLU S 420 -36.26 -55.80 7.83
C GLU S 420 -37.28 -56.70 8.52
N LYS S 421 -38.14 -56.13 9.36
CA LYS S 421 -39.18 -56.93 10.01
C LYS S 421 -40.40 -57.11 9.12
N ASN S 422 -40.86 -56.04 8.48
CA ASN S 422 -42.08 -56.09 7.68
C ASN S 422 -41.90 -56.91 6.42
N GLU S 423 -42.90 -57.73 6.06
CA GLU S 423 -42.82 -58.59 4.89
C GLU S 423 -43.55 -58.04 3.68
N ILE S 424 -44.68 -57.35 3.90
CA ILE S 424 -45.45 -56.82 2.78
C ILE S 424 -44.65 -55.77 2.03
N ILE S 425 -43.91 -54.92 2.75
CA ILE S 425 -43.08 -53.92 2.08
C ILE S 425 -41.95 -54.59 1.31
N LYS S 426 -41.40 -55.68 1.85
CA LYS S 426 -40.40 -56.44 1.10
C LYS S 426 -40.99 -56.99 -0.19
N ASP S 427 -42.21 -57.52 -0.14
CA ASP S 427 -42.86 -58.02 -1.34
C ASP S 427 -43.12 -56.90 -2.34
N GLY S 428 -43.50 -55.73 -1.86
CA GLY S 428 -43.72 -54.59 -2.73
C GLY S 428 -42.45 -53.99 -3.33
N LEU S 429 -41.31 -54.18 -2.67
CA LEU S 429 -40.04 -53.71 -3.19
C LEU S 429 -39.33 -54.71 -4.08
N GLY S 430 -39.50 -56.00 -3.86
CA GLY S 430 -38.74 -57.01 -4.57
C GLY S 430 -37.41 -57.30 -3.88
N GLU S 431 -36.95 -58.53 -4.05
CA GLU S 431 -35.76 -58.98 -3.32
C GLU S 431 -34.53 -58.17 -3.70
N HIS S 432 -34.32 -57.95 -5.01
CA HIS S 432 -33.14 -57.24 -5.46
C HIS S 432 -33.09 -55.82 -4.89
N ILE S 433 -34.18 -55.07 -5.07
CA ILE S 433 -34.22 -53.69 -4.60
C ILE S 433 -34.12 -53.65 -3.09
N PHE S 434 -34.80 -54.56 -2.39
CA PHE S 434 -34.75 -54.57 -0.94
C PHE S 434 -33.33 -54.81 -0.44
N GLU S 435 -32.65 -55.81 -0.99
CA GLU S 435 -31.30 -56.10 -0.53
C GLU S 435 -30.34 -54.95 -0.80
N HIS S 436 -30.40 -54.38 -2.00
CA HIS S 436 -29.45 -53.30 -2.31
C HIS S 436 -29.75 -52.04 -1.53
N PHE S 437 -31.04 -51.72 -1.33
CA PHE S 437 -31.42 -50.58 -0.51
C PHE S 437 -30.95 -50.76 0.93
N ILE S 438 -31.15 -51.96 1.48
CA ILE S 438 -30.72 -52.20 2.85
C ILE S 438 -29.22 -52.07 2.98
N GLU S 439 -28.47 -52.62 2.01
CA GLU S 439 -27.01 -52.53 2.06
C GLU S 439 -26.56 -51.08 2.02
N ALA S 440 -27.07 -50.31 1.06
CA ALA S 440 -26.63 -48.90 0.91
C ALA S 440 -27.00 -48.09 2.15
N LYS S 441 -28.18 -48.33 2.73
CA LYS S 441 -28.64 -47.50 3.88
C LYS S 441 -27.88 -47.87 5.16
N THR S 442 -27.55 -49.16 5.35
CA THR S 442 -26.73 -49.55 6.54
C THR S 442 -25.37 -48.87 6.44
N ILE S 443 -24.80 -48.79 5.23
CA ILE S 443 -23.50 -48.08 5.02
C ILE S 443 -23.67 -46.62 5.46
N GLU S 444 -24.73 -45.96 4.99
CA GLU S 444 -24.98 -44.54 5.37
C GLU S 444 -25.02 -44.41 6.90
N CYS S 445 -25.82 -45.26 7.56
CA CYS S 445 -25.94 -45.22 9.04
C CYS S 445 -24.55 -45.37 9.67
N ASP S 446 -23.80 -46.41 9.31
CA ASP S 446 -22.47 -46.67 9.93
C ASP S 446 -21.55 -45.46 9.72
N MET S 447 -21.44 -44.98 8.48
CA MET S 447 -20.58 -43.80 8.17
C MET S 447 -20.96 -42.65 9.12
N PHE S 448 -22.25 -42.31 9.16
CA PHE S 448 -22.72 -41.20 10.04
C PHE S 448 -22.46 -41.54 11.50
N ARG S 449 -22.60 -42.81 11.88
CA ARG S 449 -22.48 -43.11 13.31
C ARG S 449 -21.05 -42.89 13.81
N THR S 450 -20.06 -43.27 13.01
CA THR S 450 -18.66 -43.20 13.45
C THR S 450 -18.03 -41.84 13.23
N ALA S 451 -18.72 -40.91 12.59
CA ALA S 451 -18.16 -39.60 12.34
C ALA S 451 -18.16 -38.76 13.61
N VAL S 452 -17.23 -37.80 13.67
CA VAL S 452 -17.14 -36.86 14.78
C VAL S 452 -17.56 -35.50 14.25
N HIS S 453 -18.60 -34.95 14.81
CA HIS S 453 -19.17 -33.71 14.31
C HIS S 453 -18.69 -32.52 15.15
N PRO S 454 -18.67 -31.33 14.56
CA PRO S 454 -18.28 -30.14 15.33
C PRO S 454 -19.17 -29.85 16.51
N TRP S 455 -20.37 -30.44 16.54
CA TRP S 455 -21.27 -30.29 17.71
C TRP S 455 -20.55 -30.85 18.95
N GLU S 456 -19.96 -32.05 18.82
CA GLU S 456 -19.27 -32.69 19.97
C GLU S 456 -18.02 -31.89 20.35
N ARG S 457 -17.32 -31.32 19.36
CA ARG S 457 -16.09 -30.54 19.62
C ARG S 457 -16.45 -29.13 20.10
N GLU S 458 -17.73 -28.89 20.41
CA GLU S 458 -18.17 -27.58 20.96
C GLU S 458 -19.00 -27.83 22.22
N GLN S 459 -19.21 -29.10 22.57
CA GLN S 459 -20.01 -29.45 23.78
C GLN S 459 -19.12 -30.19 24.79
N TYR S 460 -18.01 -30.79 24.35
CA TYR S 460 -17.15 -31.59 25.26
C TYR S 460 -15.68 -31.22 25.10
N LEU S 461 -15.35 -30.16 24.36
CA LEU S 461 -13.92 -29.83 24.11
C LEU S 461 -13.28 -29.27 25.38
N GLU S 462 -13.66 -28.06 25.79
CA GLU S 462 -13.11 -27.44 27.03
C GLU S 462 -13.77 -28.11 28.24
N ILE S 463 -15.06 -28.45 28.13
CA ILE S 463 -15.79 -29.12 29.25
C ILE S 463 -14.99 -30.35 29.70
N TYR S 464 -14.65 -31.25 28.77
CA TYR S 464 -13.86 -32.45 29.11
C TYR S 464 -12.52 -32.40 28.36
N ALA T 22 -71.35 -4.45 -11.97
CA ALA T 22 -70.59 -5.38 -12.79
C ALA T 22 -69.82 -4.65 -13.88
N LYS T 23 -68.54 -4.42 -13.63
CA LYS T 23 -67.68 -3.72 -14.58
C LYS T 23 -67.05 -4.65 -15.61
N TYR T 24 -66.71 -5.87 -15.20
CA TYR T 24 -66.12 -6.86 -16.10
C TYR T 24 -66.86 -8.18 -15.95
N THR T 25 -66.84 -8.97 -17.02
CA THR T 25 -67.37 -10.32 -17.03
C THR T 25 -66.24 -11.32 -17.30
N LYS T 26 -66.58 -12.60 -17.28
CA LYS T 26 -65.58 -13.63 -17.54
C LYS T 26 -64.99 -13.48 -18.93
N GLU T 27 -65.85 -13.23 -19.92
CA GLU T 27 -65.38 -13.07 -21.30
C GLU T 27 -64.45 -11.88 -21.42
N ASP T 28 -64.76 -10.79 -20.71
CA ASP T 28 -63.87 -9.63 -20.72
C ASP T 28 -62.51 -9.99 -20.14
N ILE T 29 -62.48 -10.76 -19.05
CA ILE T 29 -61.22 -11.15 -18.45
C ILE T 29 -60.41 -12.02 -19.40
N PHE T 30 -61.07 -12.98 -20.06
CA PHE T 30 -60.37 -13.83 -21.02
C PHE T 30 -59.81 -13.00 -22.17
N ARG T 31 -60.61 -12.05 -22.68
CA ARG T 31 -60.14 -11.20 -23.77
C ARG T 31 -58.94 -10.36 -23.33
N PHE T 32 -58.99 -9.80 -22.12
CA PHE T 32 -57.85 -9.03 -21.61
C PHE T 32 -56.61 -9.90 -21.50
N ALA T 33 -56.77 -11.10 -20.95
CA ALA T 33 -55.62 -11.99 -20.80
C ALA T 33 -55.02 -12.36 -22.15
N ASP T 34 -55.88 -12.58 -23.15
CA ASP T 34 -55.38 -12.92 -24.48
C ASP T 34 -54.67 -11.74 -25.12
N GLU T 35 -55.27 -10.55 -25.06
CA GLU T 35 -54.74 -9.42 -25.81
C GLU T 35 -53.51 -8.80 -25.16
N GLN T 36 -53.44 -8.74 -23.83
CA GLN T 36 -52.27 -8.17 -23.19
C GLN T 36 -51.14 -9.17 -22.98
N ASN T 37 -51.37 -10.44 -23.34
CA ASN T 37 -50.33 -11.47 -23.27
C ASN T 37 -49.80 -11.63 -21.85
N VAL T 38 -50.68 -12.03 -20.95
CA VAL T 38 -50.31 -12.29 -19.56
C VAL T 38 -50.14 -13.79 -19.38
N LYS T 39 -49.08 -14.18 -18.67
CA LYS T 39 -48.80 -15.58 -18.40
C LYS T 39 -48.84 -15.92 -16.93
N PHE T 40 -49.01 -14.91 -16.06
CA PHE T 40 -49.05 -15.15 -14.60
C PHE T 40 -50.18 -14.33 -13.96
N ILE T 41 -50.95 -14.94 -13.06
CA ILE T 41 -52.04 -14.22 -12.34
C ILE T 41 -51.84 -14.40 -10.82
N ARG T 42 -51.76 -13.29 -10.08
CA ARG T 42 -51.57 -13.35 -8.60
C ARG T 42 -52.92 -13.21 -7.90
N LEU T 43 -53.53 -14.32 -7.50
CA LEU T 43 -54.79 -14.26 -6.76
C LEU T 43 -54.45 -13.87 -5.33
N GLN T 44 -54.75 -12.62 -4.97
CA GLN T 44 -54.27 -12.06 -3.71
C GLN T 44 -55.41 -11.80 -2.74
N PHE T 45 -55.03 -11.69 -1.48
CA PHE T 45 -55.96 -11.46 -0.37
C PHE T 45 -55.15 -10.86 0.77
N THR T 46 -55.85 -10.54 1.86
CA THR T 46 -55.26 -9.89 3.02
C THR T 46 -55.54 -10.72 4.26
N ASP T 47 -54.51 -10.96 5.07
CA ASP T 47 -54.65 -11.73 6.28
C ASP T 47 -55.11 -10.82 7.42
N ILE T 48 -55.17 -11.36 8.64
CA ILE T 48 -55.62 -10.58 9.79
C ILE T 48 -54.64 -9.46 10.08
N LEU T 49 -53.33 -9.75 10.00
CA LEU T 49 -52.30 -8.73 10.37
C LEU T 49 -52.16 -7.64 9.31
N GLY T 50 -52.84 -7.77 8.17
CA GLY T 50 -52.77 -6.77 7.13
C GLY T 50 -51.74 -7.04 6.05
N ILE T 51 -50.99 -8.13 6.15
CA ILE T 51 -50.00 -8.44 5.12
C ILE T 51 -50.71 -8.97 3.88
N ILE T 52 -50.31 -8.48 2.72
CA ILE T 52 -50.88 -8.92 1.45
C ILE T 52 -50.26 -10.26 1.08
N LYS T 53 -51.09 -11.27 0.93
CA LYS T 53 -50.64 -12.60 0.54
C LYS T 53 -51.30 -12.97 -0.79
N ASN T 54 -50.75 -14.00 -1.45
CA ASN T 54 -51.28 -14.34 -2.80
C ASN T 54 -50.88 -15.75 -3.24
N VAL T 55 -51.68 -16.35 -4.12
CA VAL T 55 -51.30 -17.66 -4.72
C VAL T 55 -51.04 -17.38 -6.20
N GLU T 56 -49.94 -17.89 -6.75
CA GLU T 56 -49.58 -17.53 -8.15
C GLU T 56 -49.94 -18.68 -9.10
N ILE T 57 -50.72 -18.39 -10.15
CA ILE T 57 -51.17 -19.46 -11.10
C ILE T 57 -50.82 -19.05 -12.54
N PRO T 58 -50.48 -19.99 -13.45
CA PRO T 58 -50.28 -19.65 -14.86
C PRO T 58 -51.59 -19.27 -15.52
N VAL T 59 -51.46 -18.61 -16.68
CA VAL T 59 -52.65 -18.17 -17.39
C VAL T 59 -53.51 -19.35 -17.82
N SER T 60 -52.89 -20.52 -18.03
CA SER T 60 -53.64 -21.70 -18.44
C SER T 60 -54.66 -22.14 -17.41
N GLN T 61 -54.46 -21.78 -16.15
CA GLN T 61 -55.41 -22.11 -15.08
C GLN T 61 -56.47 -21.03 -14.90
N LEU T 62 -56.40 -19.94 -15.66
CA LEU T 62 -57.27 -18.80 -15.44
C LEU T 62 -58.74 -19.21 -15.46
N LYS T 63 -59.13 -20.03 -16.43
CA LYS T 63 -60.51 -20.49 -16.50
C LYS T 63 -60.93 -21.14 -15.18
N LYS T 64 -60.10 -22.04 -14.66
CA LYS T 64 -60.41 -22.67 -13.38
C LYS T 64 -60.53 -21.63 -12.28
N ALA T 65 -59.65 -20.62 -12.31
CA ALA T 65 -59.73 -19.55 -11.32
C ALA T 65 -61.05 -18.82 -11.41
N LEU T 66 -61.58 -18.66 -12.62
CA LEU T 66 -62.87 -18.00 -12.78
C LEU T 66 -64.04 -18.91 -12.47
N ASP T 67 -63.79 -20.20 -12.26
CA ASP T 67 -64.84 -21.14 -11.87
C ASP T 67 -64.95 -21.30 -10.36
N ASN T 68 -64.16 -20.54 -9.59
CA ASN T 68 -64.17 -20.62 -8.13
C ASN T 68 -63.85 -22.04 -7.66
N LYS T 69 -62.85 -22.66 -8.29
CA LYS T 69 -62.46 -24.02 -7.96
C LYS T 69 -61.05 -24.13 -7.39
N ILE T 70 -60.36 -23.02 -7.19
CA ILE T 70 -59.00 -23.07 -6.66
C ILE T 70 -59.05 -23.28 -5.15
N MET T 71 -58.31 -24.28 -4.67
CA MET T 71 -58.19 -24.58 -3.26
C MET T 71 -56.85 -24.06 -2.73
N PHE T 72 -56.84 -23.60 -1.49
CA PHE T 72 -55.61 -23.19 -0.84
C PHE T 72 -55.77 -23.35 0.67
N ASP T 73 -54.71 -23.03 1.39
CA ASP T 73 -54.68 -23.16 2.85
C ASP T 73 -55.21 -21.86 3.47
N GLY T 74 -56.41 -21.93 4.06
CA GLY T 74 -57.01 -20.76 4.67
C GLY T 74 -56.34 -20.34 5.96
N SER T 75 -55.62 -21.25 6.61
CA SER T 75 -54.96 -20.92 7.88
C SER T 75 -53.95 -19.80 7.72
N SER T 76 -53.44 -19.57 6.51
CA SER T 76 -52.50 -18.48 6.30
C SER T 76 -53.15 -17.13 6.63
N ILE T 77 -54.47 -17.03 6.50
CA ILE T 77 -55.16 -15.80 6.87
C ILE T 77 -54.96 -15.50 8.34
N GLU T 78 -54.87 -16.54 9.18
CA GLU T 78 -54.64 -16.34 10.60
C GLU T 78 -53.24 -15.79 10.89
N GLY T 79 -52.34 -15.81 9.91
CA GLY T 79 -51.00 -15.28 10.14
C GLY T 79 -50.06 -16.30 10.73
N PHE T 80 -49.21 -15.86 11.67
CA PHE T 80 -48.25 -16.75 12.28
C PHE T 80 -48.81 -17.53 13.46
N VAL T 81 -50.07 -17.30 13.83
CA VAL T 81 -50.68 -18.02 14.94
C VAL T 81 -51.51 -19.17 14.38
N ARG T 82 -51.31 -19.50 13.12
CA ARG T 82 -52.01 -20.62 12.52
C ARG T 82 -51.55 -21.93 13.14
N ILE T 83 -52.48 -22.89 13.24
CA ILE T 83 -52.19 -24.17 13.87
C ILE T 83 -52.48 -25.31 12.90
N GLU T 84 -53.72 -25.41 12.45
CA GLU T 84 -54.18 -26.52 11.64
C GLU T 84 -54.46 -26.07 10.22
N GLU T 85 -54.00 -26.87 9.25
CA GLU T 85 -54.29 -26.57 7.85
C GLU T 85 -55.77 -26.73 7.55
N SER T 86 -56.33 -25.75 6.86
CA SER T 86 -57.74 -25.76 6.48
C SER T 86 -57.87 -25.40 5.01
N ASP T 87 -58.59 -26.23 4.26
CA ASP T 87 -58.79 -26.00 2.84
C ASP T 87 -59.89 -24.98 2.61
N MET T 88 -59.66 -24.06 1.69
CA MET T 88 -60.63 -23.01 1.42
C MET T 88 -60.56 -22.61 -0.05
N TYR T 89 -61.68 -22.12 -0.56
CA TYR T 89 -61.79 -21.71 -1.95
C TYR T 89 -61.29 -20.28 -2.12
N LEU T 90 -61.17 -19.86 -3.38
CA LEU T 90 -60.50 -18.61 -3.73
C LEU T 90 -61.33 -17.82 -4.74
N PHE T 91 -62.61 -17.61 -4.43
CA PHE T 91 -63.53 -16.80 -5.24
C PHE T 91 -62.90 -15.45 -5.59
N PRO T 92 -62.57 -15.22 -6.85
CA PRO T 92 -61.96 -13.95 -7.25
C PRO T 92 -63.02 -12.89 -7.55
N ASP T 93 -62.56 -11.64 -7.58
CA ASP T 93 -63.39 -10.50 -7.91
C ASP T 93 -62.99 -9.99 -9.28
N LEU T 94 -63.96 -9.98 -10.21
CA LEU T 94 -63.65 -9.62 -11.59
C LEU T 94 -63.30 -8.14 -11.73
N ASP T 95 -63.94 -7.29 -10.94
CA ASP T 95 -63.75 -5.85 -11.06
C ASP T 95 -62.37 -5.39 -10.62
N THR T 96 -61.60 -6.25 -9.96
CA THR T 96 -60.28 -5.89 -9.46
C THR T 96 -59.15 -6.32 -10.39
N TRP T 97 -59.46 -6.59 -11.66
CA TRP T 97 -58.44 -7.02 -12.61
C TRP T 97 -57.53 -5.85 -12.95
N VAL T 98 -56.25 -5.97 -12.59
CA VAL T 98 -55.25 -4.94 -12.87
C VAL T 98 -54.01 -5.63 -13.42
N VAL T 99 -53.47 -5.11 -14.52
CA VAL T 99 -52.27 -5.64 -15.14
C VAL T 99 -51.10 -4.78 -14.73
N PHE T 100 -50.07 -5.40 -14.16
CA PHE T 100 -48.90 -4.65 -13.73
C PHE T 100 -48.08 -4.21 -14.93
N PRO T 101 -47.49 -3.03 -14.90
CA PRO T 101 -46.68 -2.57 -16.04
C PRO T 101 -45.22 -3.04 -16.00
N TRP T 102 -44.68 -3.28 -14.81
CA TRP T 102 -43.28 -3.67 -14.65
C TRP T 102 -43.16 -5.19 -14.76
N THR T 103 -43.42 -5.71 -15.96
CA THR T 103 -43.35 -7.16 -16.14
C THR T 103 -42.46 -7.58 -17.30
N ALA T 104 -41.67 -6.69 -17.89
CA ALA T 104 -40.77 -7.00 -19.02
C ALA T 104 -41.62 -7.55 -20.17
N GLU T 105 -41.05 -8.45 -20.97
CA GLU T 105 -41.74 -8.99 -22.14
C GLU T 105 -42.04 -10.48 -22.04
N LYS T 106 -41.45 -11.18 -21.08
CA LYS T 106 -41.70 -12.61 -20.94
C LYS T 106 -43.00 -12.85 -20.20
N GLY T 107 -44.11 -12.37 -20.77
CA GLY T 107 -45.41 -12.50 -20.14
C GLY T 107 -45.65 -11.46 -19.08
N LYS T 108 -46.86 -10.92 -19.03
CA LYS T 108 -47.22 -9.91 -18.05
C LYS T 108 -47.84 -10.57 -16.83
N VAL T 109 -48.01 -9.79 -15.77
CA VAL T 109 -48.57 -10.25 -14.51
C VAL T 109 -49.81 -9.42 -14.19
N ALA T 110 -50.89 -10.10 -13.83
CA ALA T 110 -52.13 -9.45 -13.44
C ALA T 110 -52.59 -10.02 -12.10
N ARG T 111 -53.41 -9.25 -11.39
CA ARG T 111 -53.90 -9.68 -10.09
C ARG T 111 -55.40 -9.46 -10.01
N MET T 112 -56.04 -10.24 -9.13
CA MET T 112 -57.43 -10.03 -8.75
C MET T 112 -57.58 -10.32 -7.27
N ILE T 113 -58.13 -9.38 -6.52
CA ILE T 113 -58.43 -9.64 -5.12
C ILE T 113 -59.53 -10.69 -5.02
N CYS T 114 -59.32 -11.69 -4.17
CA CYS T 114 -60.20 -12.84 -4.09
C CYS T 114 -60.89 -12.89 -2.73
N ASP T 115 -62.10 -13.43 -2.71
CA ASP T 115 -62.81 -13.73 -1.49
C ASP T 115 -62.50 -15.16 -1.06
N ILE T 116 -62.59 -15.41 0.25
CA ILE T 116 -62.29 -16.72 0.82
C ILE T 116 -63.62 -17.37 1.19
N TYR T 117 -63.82 -18.60 0.72
CA TYR T 117 -65.06 -19.33 0.93
C TYR T 117 -64.77 -20.68 1.55
N ASN T 118 -65.66 -21.11 2.45
CA ASN T 118 -65.56 -22.44 3.01
C ASN T 118 -65.86 -23.49 1.96
N PRO T 119 -65.40 -24.73 2.17
CA PRO T 119 -65.73 -25.79 1.21
C PRO T 119 -67.23 -26.04 1.06
N ASP T 120 -68.05 -25.61 2.02
CA ASP T 120 -69.50 -25.73 1.92
C ASP T 120 -70.13 -24.50 1.29
N MET T 121 -69.38 -23.80 0.43
CA MET T 121 -69.88 -22.71 -0.40
C MET T 121 -70.35 -21.53 0.43
N THR T 122 -69.73 -21.31 1.59
CA THR T 122 -70.08 -20.22 2.49
C THR T 122 -68.87 -19.33 2.72
N PRO T 123 -69.02 -18.02 2.70
CA PRO T 123 -67.87 -17.13 2.91
C PRO T 123 -67.22 -17.37 4.27
N PHE T 124 -65.89 -17.31 4.30
CA PHE T 124 -65.15 -17.58 5.52
C PHE T 124 -65.32 -16.43 6.51
N ALA T 125 -65.64 -16.76 7.76
CA ALA T 125 -65.83 -15.75 8.78
C ALA T 125 -64.53 -15.08 9.19
N GLY T 126 -63.39 -15.76 9.01
CA GLY T 126 -62.10 -15.21 9.36
C GLY T 126 -61.46 -14.32 8.33
N ASP T 127 -62.13 -14.08 7.21
CA ASP T 127 -61.60 -13.22 6.16
C ASP T 127 -62.00 -11.78 6.44
N PRO T 128 -61.05 -10.85 6.55
CA PRO T 128 -61.43 -9.45 6.81
C PRO T 128 -62.35 -8.86 5.76
N ARG T 129 -62.15 -9.20 4.49
CA ARG T 129 -63.01 -8.68 3.43
C ARG T 129 -64.43 -9.19 3.58
N ALA T 130 -64.60 -10.48 3.90
CA ALA T 130 -65.94 -11.02 4.11
C ALA T 130 -66.59 -10.39 5.33
N ASN T 131 -65.82 -10.12 6.38
CA ASN T 131 -66.36 -9.45 7.55
C ASN T 131 -66.84 -8.05 7.20
N LEU T 132 -66.06 -7.32 6.41
CA LEU T 132 -66.48 -5.99 5.98
C LEU T 132 -67.74 -6.06 5.13
N LYS T 133 -67.84 -7.08 4.27
CA LYS T 133 -69.05 -7.26 3.47
C LYS T 133 -70.25 -7.53 4.37
N ARG T 134 -70.08 -8.33 5.42
CA ARG T 134 -71.16 -8.61 6.35
C ARG T 134 -71.61 -7.33 7.06
N VAL T 135 -70.65 -6.51 7.50
CA VAL T 135 -71.00 -5.26 8.17
C VAL T 135 -71.73 -4.33 7.21
N LEU T 136 -71.29 -4.28 5.95
CA LEU T 136 -71.98 -3.47 4.96
C LEU T 136 -73.39 -3.98 4.72
N LYS T 137 -73.58 -5.30 4.74
CA LYS T 137 -74.92 -5.86 4.61
C LYS T 137 -75.79 -5.42 5.78
N GLU T 138 -75.25 -5.40 7.00
CA GLU T 138 -76.00 -4.90 8.13
C GLU T 138 -76.38 -3.43 7.95
N MET T 139 -75.44 -2.62 7.46
CA MET T 139 -75.71 -1.21 7.22
C MET T 139 -76.82 -1.03 6.20
N GLU T 140 -76.77 -1.80 5.11
CA GLU T 140 -77.83 -1.75 4.10
C GLU T 140 -79.16 -2.19 4.68
N GLU T 141 -79.14 -3.16 5.60
CA GLU T 141 -80.36 -3.57 6.27
C GLU T 141 -80.95 -2.43 7.10
N LEU T 142 -80.09 -1.62 7.73
CA LEU T 142 -80.62 -0.50 8.50
C LEU T 142 -81.20 0.61 7.63
N GLY T 143 -80.86 0.67 6.34
CA GLY T 143 -81.50 1.62 5.46
C GLY T 143 -80.59 2.44 4.56
N PHE T 144 -79.29 2.36 4.77
CA PHE T 144 -78.34 3.15 3.99
C PHE T 144 -77.87 2.36 2.77
N THR T 145 -77.28 3.08 1.83
CA THR T 145 -76.85 2.50 0.56
C THR T 145 -75.35 2.20 0.53
N GLU T 146 -74.52 3.22 0.78
CA GLU T 146 -73.08 3.03 0.65
C GLU T 146 -72.34 3.82 1.73
N PHE T 147 -71.09 3.42 1.94
CA PHE T 147 -70.19 4.02 2.92
C PHE T 147 -68.95 4.48 2.18
N ASN T 148 -68.96 5.73 1.71
CA ASN T 148 -67.83 6.26 0.98
C ASN T 148 -66.68 6.60 1.92
N LEU T 149 -65.47 6.30 1.49
CA LEU T 149 -64.28 6.53 2.29
C LEU T 149 -63.18 7.13 1.43
N GLY T 150 -62.50 8.12 1.99
CA GLY T 150 -61.30 8.67 1.39
C GLY T 150 -60.16 8.66 2.38
N PRO T 151 -59.12 7.89 2.10
CA PRO T 151 -57.96 7.84 3.00
C PRO T 151 -56.89 8.85 2.63
N GLU T 152 -56.10 9.22 3.63
CA GLU T 152 -54.99 10.14 3.45
C GLU T 152 -53.71 9.50 3.98
N PRO T 153 -53.15 8.54 3.25
CA PRO T 153 -51.94 7.85 3.73
C PRO T 153 -50.69 8.70 3.56
N GLU T 154 -49.79 8.60 4.54
CA GLU T 154 -48.51 9.28 4.53
C GLU T 154 -47.40 8.25 4.64
N PHE T 155 -46.30 8.46 3.93
CA PHE T 155 -45.21 7.50 3.92
C PHE T 155 -43.87 8.21 3.96
N PHE T 156 -42.87 7.49 4.45
CA PHE T 156 -41.50 8.00 4.52
C PHE T 156 -40.64 7.34 3.47
N LEU T 157 -39.67 8.10 2.96
CA LEU T 157 -38.72 7.61 1.96
C LEU T 157 -37.32 7.65 2.56
N PHE T 158 -36.63 6.51 2.53
CA PHE T 158 -35.28 6.39 3.07
C PHE T 158 -34.32 5.95 1.97
N LYS T 159 -33.07 6.37 2.08
CA LYS T 159 -32.06 5.97 1.11
C LYS T 159 -31.55 4.57 1.42
N LEU T 160 -31.34 3.77 0.37
CA LEU T 160 -30.82 2.43 0.51
C LEU T 160 -29.31 2.45 0.65
N ASP T 161 -28.77 1.37 1.21
CA ASP T 161 -27.32 1.24 1.41
C ASP T 161 -26.69 0.56 0.19
N GLU T 162 -25.41 0.23 0.30
CA GLU T 162 -24.74 -0.46 -0.79
C GLU T 162 -25.33 -1.85 -1.02
N ASN T 163 -25.69 -2.55 0.06
CA ASN T 163 -26.28 -3.88 -0.03
C ASN T 163 -27.79 -3.83 -0.20
N ARG T 164 -28.33 -2.71 -0.72
CA ARG T 164 -29.76 -2.55 -0.94
C ARG T 164 -30.56 -2.74 0.35
N ARG T 165 -30.03 -2.24 1.46
CA ARG T 165 -30.71 -2.28 2.73
C ARG T 165 -31.10 -0.88 3.16
N PRO T 166 -32.30 -0.71 3.74
CA PRO T 166 -32.72 0.64 4.15
C PRO T 166 -31.81 1.22 5.22
N THR T 167 -31.59 2.52 5.12
CA THR T 167 -30.81 3.26 6.10
C THR T 167 -31.73 4.22 6.84
N LEU T 168 -31.16 5.04 7.72
CA LEU T 168 -31.92 6.01 8.49
C LEU T 168 -31.84 7.41 7.90
N GLU T 169 -31.30 7.54 6.69
CA GLU T 169 -31.14 8.84 6.04
C GLU T 169 -32.32 9.10 5.12
N LEU T 170 -32.99 10.24 5.32
CA LEU T 170 -34.14 10.61 4.52
C LEU T 170 -33.70 11.09 3.13
N ASN T 171 -34.63 11.01 2.18
CA ASN T 171 -34.29 11.36 0.80
C ASN T 171 -34.18 12.87 0.60
N ASP T 172 -34.93 13.66 1.36
CA ASP T 172 -34.83 15.10 1.25
C ASP T 172 -35.24 15.75 2.57
N SER T 173 -34.73 16.97 2.79
CA SER T 173 -35.07 17.75 3.97
C SER T 173 -36.14 18.79 3.60
N GLY T 174 -37.33 18.28 3.31
CA GLY T 174 -38.44 19.11 2.88
C GLY T 174 -39.24 19.68 4.02
N GLY T 175 -40.39 20.26 3.67
CA GLY T 175 -41.27 20.86 4.64
C GLY T 175 -42.71 20.67 4.23
N TYR T 176 -43.60 21.25 5.02
CA TYR T 176 -45.04 21.08 4.80
C TYR T 176 -45.47 21.87 3.57
N PHE T 177 -45.96 21.15 2.56
CA PHE T 177 -46.41 21.73 1.29
C PHE T 177 -45.29 22.43 0.54
N ASP T 178 -44.04 22.12 0.87
CA ASP T 178 -42.91 22.80 0.25
C ASP T 178 -42.58 22.18 -1.11
N LEU T 179 -42.00 23.01 -1.97
CA LEU T 179 -41.53 22.56 -3.29
C LEU T 179 -40.09 22.06 -3.16
N ALA T 180 -39.93 21.03 -2.32
CA ALA T 180 -38.62 20.54 -1.94
C ALA T 180 -37.98 19.64 -3.00
N PRO T 181 -38.64 18.59 -3.49
CA PRO T 181 -37.98 17.74 -4.50
C PRO T 181 -37.63 18.48 -5.78
N THR T 182 -38.41 19.50 -6.15
CA THR T 182 -38.17 20.30 -7.34
C THR T 182 -38.11 19.48 -8.61
N ASP T 183 -37.66 20.11 -9.69
CA ASP T 183 -37.57 19.49 -11.00
C ASP T 183 -36.17 18.90 -11.20
N LEU T 184 -35.84 18.60 -12.46
CA LEU T 184 -34.51 18.10 -12.84
C LEU T 184 -34.19 16.77 -12.19
N GLY T 185 -35.03 15.76 -12.44
CA GLY T 185 -34.77 14.41 -11.98
C GLY T 185 -35.25 14.18 -10.56
N GLU T 186 -35.05 12.94 -10.12
CA GLU T 186 -35.48 12.45 -8.80
C GLU T 186 -36.98 12.71 -8.70
N ASN T 187 -37.47 13.35 -7.65
CA ASN T 187 -38.90 13.60 -7.43
C ASN T 187 -39.68 12.29 -7.52
N CYS T 188 -39.38 11.40 -6.58
CA CYS T 188 -40.00 10.08 -6.59
C CYS T 188 -41.52 10.17 -6.44
N ARG T 189 -41.99 11.22 -5.76
CA ARG T 189 -43.45 11.41 -5.58
C ARG T 189 -44.11 11.61 -6.95
N ARG T 190 -43.49 12.38 -7.84
CA ARG T 190 -44.03 12.62 -9.17
C ARG T 190 -44.09 11.34 -9.98
N ASP T 191 -43.01 10.55 -9.95
CA ASP T 191 -43.02 9.29 -10.68
C ASP T 191 -44.06 8.34 -10.12
N ILE T 192 -44.19 8.28 -8.80
CA ILE T 192 -45.16 7.38 -8.17
C ILE T 192 -46.58 7.76 -8.60
N VAL T 193 -46.90 9.06 -8.56
CA VAL T 193 -48.25 9.47 -8.90
C VAL T 193 -48.50 9.27 -10.40
N LEU T 194 -47.48 9.47 -11.23
CA LEU T 194 -47.65 9.23 -12.67
C LEU T 194 -47.94 7.77 -12.96
N GLU T 195 -47.19 6.85 -12.35
CA GLU T 195 -47.44 5.44 -12.59
C GLU T 195 -48.77 4.99 -11.97
N LEU T 196 -49.17 5.58 -10.85
CA LEU T 196 -50.48 5.27 -10.29
C LEU T 196 -51.60 5.73 -11.21
N GLU T 197 -51.45 6.92 -11.81
CA GLU T 197 -52.44 7.37 -12.79
C GLU T 197 -52.47 6.45 -13.99
N GLU T 198 -51.30 6.01 -14.46
CA GLU T 198 -51.25 5.10 -15.58
C GLU T 198 -51.93 3.77 -15.27
N MET T 199 -51.73 3.26 -14.05
CA MET T 199 -52.31 1.99 -13.64
C MET T 199 -53.83 2.07 -13.45
N GLY T 200 -54.40 3.27 -13.42
CA GLY T 200 -55.83 3.42 -13.26
C GLY T 200 -56.26 3.74 -11.84
N PHE T 201 -55.56 4.68 -11.21
CA PHE T 201 -55.89 5.14 -9.88
C PHE T 201 -56.43 6.56 -9.95
N GLU T 202 -57.42 6.86 -9.12
CA GLU T 202 -58.01 8.19 -9.05
C GLU T 202 -57.30 8.97 -7.96
N ILE T 203 -56.30 9.75 -8.37
CA ILE T 203 -55.50 10.54 -7.44
C ILE T 203 -56.01 11.97 -7.45
N GLU T 204 -56.35 12.47 -6.25
CA GLU T 204 -56.87 13.85 -6.12
C GLU T 204 -55.69 14.82 -6.09
N ALA T 205 -54.77 14.64 -5.14
CA ALA T 205 -53.60 15.54 -5.01
C ALA T 205 -52.40 14.79 -4.41
N SER T 206 -51.25 15.46 -4.32
CA SER T 206 -50.03 14.85 -3.74
C SER T 206 -49.11 15.96 -3.22
N HIS T 207 -48.62 15.85 -1.99
CA HIS T 207 -47.80 16.96 -1.41
C HIS T 207 -46.78 16.47 -0.38
N HIS T 208 -45.87 17.35 0.01
CA HIS T 208 -44.86 17.03 1.02
C HIS T 208 -45.41 17.29 2.40
N GLU T 209 -45.15 16.36 3.33
CA GLU T 209 -45.69 16.47 4.67
C GLU T 209 -44.74 17.26 5.56
N VAL T 210 -45.11 17.41 6.84
CA VAL T 210 -44.33 18.24 7.75
C VAL T 210 -42.93 17.68 7.93
N ALA T 211 -42.82 16.38 8.16
CA ALA T 211 -41.53 15.77 8.40
C ALA T 211 -40.70 15.74 7.13
N PRO T 212 -39.37 15.88 7.25
CA PRO T 212 -38.52 15.69 6.07
C PRO T 212 -38.64 14.27 5.54
N GLY T 213 -38.65 14.15 4.22
CA GLY T 213 -38.78 12.85 3.60
C GLY T 213 -40.15 12.21 3.76
N GLN T 214 -41.15 12.95 4.18
CA GLN T 214 -42.50 12.42 4.37
C GLN T 214 -43.40 12.99 3.29
N HIS T 215 -44.16 12.12 2.63
CA HIS T 215 -45.01 12.52 1.51
C HIS T 215 -46.41 11.95 1.70
N GLU T 216 -47.40 12.68 1.19
CA GLU T 216 -48.79 12.26 1.25
C GLU T 216 -49.41 12.32 -0.13
N ILE T 217 -50.20 11.30 -0.46
CA ILE T 217 -50.95 11.23 -1.71
C ILE T 217 -52.40 10.96 -1.36
N ASP T 218 -53.31 11.77 -1.91
CA ASP T 218 -54.73 11.67 -1.59
C ASP T 218 -55.47 10.93 -2.68
N PHE T 219 -56.52 10.21 -2.29
CA PHE T 219 -57.34 9.42 -3.20
C PHE T 219 -58.69 10.09 -3.42
N LYS T 220 -59.41 9.58 -4.41
CA LYS T 220 -60.81 9.92 -4.60
C LYS T 220 -61.68 9.04 -3.71
N TYR T 221 -62.89 9.50 -3.44
CA TYR T 221 -63.77 8.80 -2.52
C TYR T 221 -64.53 7.70 -3.26
N GLU T 222 -64.31 6.46 -2.85
CA GLU T 222 -64.97 5.30 -3.43
C GLU T 222 -65.69 4.53 -2.33
N ASP T 223 -66.22 3.37 -2.69
CA ASP T 223 -66.86 2.49 -1.72
C ASP T 223 -65.84 1.96 -0.72
N ALA T 224 -66.35 1.38 0.37
CA ALA T 224 -65.48 0.88 1.42
C ALA T 224 -64.54 -0.21 0.89
N ILE T 225 -65.09 -1.21 0.23
CA ILE T 225 -64.28 -2.33 -0.26
C ILE T 225 -63.30 -1.85 -1.31
N THR T 226 -63.77 -1.02 -2.24
CA THR T 226 -62.89 -0.50 -3.28
C THR T 226 -61.81 0.38 -2.69
N ALA T 227 -62.14 1.17 -1.67
CA ALA T 227 -61.13 2.01 -1.03
C ALA T 227 -60.07 1.17 -0.35
N CYS T 228 -60.48 0.11 0.35
CA CYS T 228 -59.50 -0.76 1.01
C CYS T 228 -58.61 -1.45 0.00
N ASP T 229 -59.19 -1.96 -1.09
CA ASP T 229 -58.39 -2.58 -2.13
C ASP T 229 -57.40 -1.60 -2.74
N SER T 230 -57.86 -0.36 -2.97
CA SER T 230 -56.97 0.67 -3.49
C SER T 230 -55.85 0.98 -2.50
N ILE T 231 -56.15 0.95 -1.20
CA ILE T 231 -55.12 1.19 -0.20
C ILE T 231 -54.04 0.12 -0.27
N GLN T 232 -54.46 -1.15 -0.34
CA GLN T 232 -53.48 -2.23 -0.41
C GLN T 232 -52.64 -2.15 -1.68
N THR T 233 -53.31 -1.92 -2.82
CA THR T 233 -52.58 -1.80 -4.08
C THR T 233 -51.64 -0.61 -4.07
N PHE T 234 -52.06 0.49 -3.44
CA PHE T 234 -51.22 1.68 -3.35
C PHE T 234 -49.97 1.39 -2.53
N LYS T 235 -50.12 0.70 -1.40
CA LYS T 235 -48.94 0.32 -0.62
C LYS T 235 -47.98 -0.52 -1.46
N LEU T 236 -48.51 -1.54 -2.14
CA LEU T 236 -47.65 -2.41 -2.93
C LEU T 236 -46.93 -1.64 -4.02
N VAL T 237 -47.66 -0.80 -4.76
CA VAL T 237 -47.10 -0.08 -5.89
C VAL T 237 -46.07 0.93 -5.41
N VAL T 238 -46.35 1.64 -4.32
CA VAL T 238 -45.42 2.62 -3.80
C VAL T 238 -44.12 1.95 -3.36
N LYS T 239 -44.23 0.82 -2.66
CA LYS T 239 -43.02 0.11 -2.24
C LYS T 239 -42.21 -0.34 -3.45
N THR T 240 -42.87 -0.90 -4.47
CA THR T 240 -42.15 -1.38 -5.64
C THR T 240 -41.45 -0.24 -6.37
N ILE T 241 -42.16 0.88 -6.58
CA ILE T 241 -41.57 1.99 -7.33
C ILE T 241 -40.43 2.62 -6.54
N ALA T 242 -40.59 2.76 -5.22
CA ALA T 242 -39.50 3.29 -4.42
C ALA T 242 -38.28 2.38 -4.49
N ARG T 243 -38.49 1.07 -4.44
CA ARG T 243 -37.37 0.15 -4.62
C ARG T 243 -36.73 0.30 -5.99
N LYS T 244 -37.53 0.66 -7.00
CA LYS T 244 -37.00 0.85 -8.37
C LYS T 244 -35.95 1.96 -8.37
N HIS T 245 -36.25 3.08 -7.71
CA HIS T 245 -35.35 4.24 -7.70
C HIS T 245 -34.36 4.21 -6.55
N GLY T 246 -34.03 3.03 -6.03
CA GLY T 246 -33.06 2.94 -4.95
C GLY T 246 -33.51 3.61 -3.66
N LEU T 247 -34.77 3.44 -3.30
CA LEU T 247 -35.33 4.01 -2.09
C LEU T 247 -36.17 2.98 -1.37
N HIS T 248 -36.39 3.20 -0.08
CA HIS T 248 -37.25 2.36 0.73
C HIS T 248 -38.43 3.20 1.20
N ALA T 249 -39.63 2.81 0.80
CA ALA T 249 -40.84 3.49 1.23
C ALA T 249 -41.43 2.72 2.41
N THR T 250 -41.59 3.40 3.53
CA THR T 250 -42.09 2.77 4.74
C THR T 250 -43.36 3.46 5.21
N PHE T 251 -44.30 2.66 5.70
CA PHE T 251 -45.55 3.13 6.28
C PHE T 251 -45.58 2.92 7.79
N MET T 252 -44.42 2.86 8.42
CA MET T 252 -44.37 2.75 9.87
C MET T 252 -44.97 4.01 10.49
N PRO T 253 -45.80 3.88 11.54
CA PRO T 253 -46.41 5.08 12.13
C PRO T 253 -45.41 6.09 12.65
N LYS T 254 -44.28 5.65 13.20
CA LYS T 254 -43.29 6.54 13.79
C LYS T 254 -41.91 5.95 13.61
N PRO T 255 -41.33 6.07 12.41
CA PRO T 255 -39.98 5.52 12.20
C PRO T 255 -38.90 6.23 13.01
N LEU T 256 -39.06 7.51 13.30
CA LEU T 256 -38.04 8.29 13.98
C LEU T 256 -38.64 9.03 15.16
N PHE T 257 -37.82 9.26 16.18
CA PHE T 257 -38.23 9.98 17.38
C PHE T 257 -38.05 11.47 17.19
N GLY T 258 -38.96 12.24 17.78
CA GLY T 258 -38.88 13.69 17.70
C GLY T 258 -39.31 14.28 16.37
N VAL T 259 -39.88 13.46 15.49
CA VAL T 259 -40.31 13.89 14.18
C VAL T 259 -41.77 13.49 14.00
N ASN T 260 -42.47 14.18 13.11
CA ASN T 260 -43.87 13.89 12.88
C ASN T 260 -44.06 12.46 12.40
N GLY T 261 -45.12 11.82 12.86
CA GLY T 261 -45.45 10.47 12.47
C GLY T 261 -46.26 10.44 11.18
N SER T 262 -46.62 9.22 10.78
CA SER T 262 -47.40 8.99 9.57
C SER T 262 -48.80 8.57 9.95
N GLY T 263 -49.80 9.20 9.34
CA GLY T 263 -51.18 8.89 9.61
C GLY T 263 -51.95 8.50 8.37
N MET T 264 -53.14 7.93 8.56
CA MET T 264 -54.00 7.49 7.47
C MET T 264 -55.42 7.97 7.74
N HIS T 265 -55.57 9.28 7.94
CA HIS T 265 -56.87 9.86 8.23
C HIS T 265 -57.94 9.35 7.28
N PHE T 266 -59.08 8.97 7.84
CA PHE T 266 -60.21 8.42 7.08
C PHE T 266 -61.33 9.45 7.04
N ASN T 267 -61.72 9.86 5.85
CA ASN T 267 -62.87 10.75 5.66
C ASN T 267 -64.03 9.87 5.21
N MET T 268 -65.00 9.65 6.09
CA MET T 268 -66.10 8.74 5.82
C MET T 268 -67.40 9.53 5.66
N SER T 269 -68.24 9.07 4.73
CA SER T 269 -69.56 9.63 4.51
C SER T 269 -70.54 8.49 4.28
N LEU T 270 -71.76 8.67 4.78
CA LEU T 270 -72.81 7.67 4.68
C LEU T 270 -73.88 8.15 3.71
N PHE T 271 -74.28 7.30 2.78
CA PHE T 271 -75.22 7.68 1.74
C PHE T 271 -76.51 6.88 1.85
N ASN T 272 -77.60 7.49 1.37
CA ASN T 272 -78.88 6.80 1.29
C ASN T 272 -79.47 6.98 -0.11
N GLU T 273 -80.74 6.61 -0.29
CA GLU T 273 -81.37 6.76 -1.59
C GLU T 273 -81.44 8.22 -2.02
N LYS T 274 -81.78 9.11 -1.09
CA LYS T 274 -81.89 10.53 -1.42
C LYS T 274 -80.52 11.11 -1.77
N GLY T 275 -79.52 10.87 -0.93
CA GLY T 275 -78.19 11.40 -1.17
C GLY T 275 -77.27 11.21 0.02
N ASN T 276 -76.56 12.27 0.39
CA ASN T 276 -75.69 12.21 1.57
C ASN T 276 -76.53 12.27 2.84
N ALA T 277 -76.34 11.28 3.71
CA ALA T 277 -77.12 11.21 4.95
C ALA T 277 -76.57 12.12 6.03
N PHE T 278 -75.35 12.63 5.87
CA PHE T 278 -74.74 13.48 6.88
C PHE T 278 -75.06 14.96 6.67
N PHE T 279 -75.74 15.32 5.58
CA PHE T 279 -75.96 16.71 5.22
C PHE T 279 -77.41 17.11 5.50
N ASP T 280 -77.59 18.25 6.14
CA ASP T 280 -78.92 18.79 6.42
C ASP T 280 -78.79 20.30 6.50
N GLU T 281 -79.36 21.01 5.52
CA GLU T 281 -79.22 22.46 5.49
C GLU T 281 -79.89 23.13 6.69
N SER T 282 -80.90 22.49 7.27
CA SER T 282 -81.63 23.06 8.39
C SER T 282 -81.08 22.67 9.74
N GLY T 283 -80.04 21.85 9.79
CA GLY T 283 -79.48 21.41 11.05
C GLY T 283 -78.33 22.27 11.52
N GLU T 284 -78.00 22.12 12.80
CA GLU T 284 -76.87 22.84 13.38
C GLU T 284 -75.58 22.41 12.70
N LEU T 285 -74.74 23.39 12.36
CA LEU T 285 -73.51 23.17 11.61
C LEU T 285 -73.76 22.53 10.25
N GLU T 286 -74.99 22.63 9.75
CA GLU T 286 -75.41 21.97 8.52
C GLU T 286 -75.12 20.47 8.58
N LEU T 287 -75.42 19.87 9.72
CA LEU T 287 -75.22 18.45 9.96
C LEU T 287 -76.54 17.80 10.36
N SER T 288 -76.81 16.63 9.80
CA SER T 288 -78.04 15.91 10.10
C SER T 288 -77.94 15.22 11.45
N GLN T 289 -79.09 14.77 11.95
CA GLN T 289 -79.11 14.01 13.19
C GLN T 289 -78.38 12.68 13.02
N THR T 290 -78.39 12.13 11.80
CA THR T 290 -77.63 10.91 11.54
C THR T 290 -76.13 11.14 11.76
N ALA T 291 -75.62 12.29 11.31
CA ALA T 291 -74.21 12.61 11.52
C ALA T 291 -73.88 12.73 12.99
N TYR T 292 -74.76 13.36 13.77
CA TYR T 292 -74.52 13.49 15.20
C TYR T 292 -74.56 12.14 15.90
N HIS T 293 -75.49 11.28 15.52
CA HIS T 293 -75.52 9.93 16.08
C HIS T 293 -74.26 9.16 15.72
N PHE T 294 -73.78 9.31 14.48
CA PHE T 294 -72.53 8.67 14.07
C PHE T 294 -71.36 9.18 14.89
N LEU T 295 -71.31 10.49 15.13
CA LEU T 295 -70.27 11.06 15.97
C LEU T 295 -70.32 10.50 17.38
N ALA T 296 -71.52 10.41 17.96
CA ALA T 296 -71.65 9.87 19.30
C ALA T 296 -71.19 8.42 19.37
N GLY T 297 -71.57 7.62 18.38
CA GLY T 297 -71.11 6.24 18.36
C GLY T 297 -69.61 6.12 18.19
N MET T 298 -69.03 6.95 17.32
CA MET T 298 -67.59 6.91 17.08
C MET T 298 -66.81 7.32 18.32
N LEU T 299 -67.29 8.34 19.04
CA LEU T 299 -66.60 8.79 20.24
C LEU T 299 -66.79 7.86 21.42
N LYS T 300 -67.97 7.23 21.53
CA LYS T 300 -68.23 6.37 22.68
C LYS T 300 -67.32 5.15 22.68
N HIS T 301 -67.10 4.54 21.52
CA HIS T 301 -66.34 3.30 21.42
C HIS T 301 -64.91 3.52 20.92
N ALA T 302 -64.43 4.76 20.89
CA ALA T 302 -63.07 5.00 20.39
C ALA T 302 -62.04 4.27 21.21
N ARG T 303 -62.20 4.28 22.53
CA ARG T 303 -61.31 3.53 23.40
C ARG T 303 -61.35 2.04 23.09
N GLY T 304 -62.46 1.56 22.52
CA GLY T 304 -62.60 0.17 22.15
C GLY T 304 -61.84 -0.22 20.91
N TYR T 305 -62.03 0.52 19.82
CA TYR T 305 -61.40 0.17 18.55
C TYR T 305 -60.04 0.83 18.34
N THR T 306 -59.52 1.55 19.34
CA THR T 306 -58.18 2.09 19.23
C THR T 306 -57.16 0.99 18.95
N ALA T 307 -57.37 -0.19 19.52
CA ALA T 307 -56.46 -1.31 19.26
C ALA T 307 -56.49 -1.73 17.79
N VAL T 308 -57.69 -1.80 17.21
CA VAL T 308 -57.80 -2.21 15.81
C VAL T 308 -57.22 -1.15 14.89
N THR T 309 -57.51 0.12 15.16
CA THR T 309 -57.01 1.18 14.29
C THR T 309 -55.51 1.42 14.46
N ASN T 310 -54.93 1.03 15.59
CA ASN T 310 -53.49 1.18 15.85
C ASN T 310 -52.98 -0.16 16.36
N PRO T 311 -52.70 -1.17 15.49
CA PRO T 311 -52.34 -2.52 15.99
C PRO T 311 -50.87 -2.76 16.33
N THR T 312 -49.94 -1.93 15.86
CA THR T 312 -48.50 -2.20 16.10
C THR T 312 -48.05 -1.52 17.41
N ILE T 313 -46.95 -2.00 18.00
CA ILE T 313 -46.40 -1.35 19.22
C ILE T 313 -45.96 0.07 18.86
N ASN T 314 -45.34 0.24 17.69
CA ASN T 314 -44.84 1.55 17.29
C ASN T 314 -45.96 2.55 17.10
N SER T 315 -47.19 2.09 16.85
CA SER T 315 -48.30 3.00 16.60
C SER T 315 -48.51 3.96 17.76
N PHE T 316 -48.48 3.44 18.98
CA PHE T 316 -48.70 4.28 20.16
C PHE T 316 -47.52 5.19 20.46
N LYS T 317 -46.39 5.00 19.78
CA LYS T 317 -45.34 6.01 19.85
C LYS T 317 -45.71 7.26 19.06
N ARG T 318 -46.60 7.12 18.06
CA ARG T 318 -47.07 8.27 17.32
C ARG T 318 -48.10 9.07 18.12
N LEU T 319 -48.92 8.39 18.91
CA LEU T 319 -49.99 9.03 19.68
C LEU T 319 -49.41 9.69 20.92
N VAL T 320 -48.61 10.72 20.68
CA VAL T 320 -48.01 11.51 21.75
C VAL T 320 -48.29 12.99 21.48
N PRO T 321 -48.41 13.82 22.51
CA PRO T 321 -48.72 15.24 22.27
C PRO T 321 -47.58 15.97 21.58
N GLY T 322 -47.95 17.00 20.83
CA GLY T 322 -46.98 17.88 20.20
C GLY T 322 -46.63 17.55 18.76
N TYR T 323 -47.25 16.53 18.16
CA TYR T 323 -46.95 16.14 16.79
C TYR T 323 -48.22 16.02 15.97
N GLU T 324 -49.28 16.72 16.36
CA GLU T 324 -50.56 16.81 15.66
C GLU T 324 -51.31 15.49 15.64
N ALA T 325 -50.79 14.43 16.24
CA ALA T 325 -51.54 13.19 16.36
C ALA T 325 -52.56 13.31 17.49
N PRO T 326 -53.72 12.68 17.35
CA PRO T 326 -54.74 12.77 18.41
C PRO T 326 -54.28 12.07 19.67
N CYS T 327 -54.70 12.62 20.81
CA CYS T 327 -54.42 12.00 22.10
C CYS T 327 -55.61 11.97 23.04
N TYR T 328 -56.70 12.67 22.74
CA TYR T 328 -57.87 12.73 23.60
C TYR T 328 -59.12 12.47 22.78
N ILE T 329 -60.12 11.87 23.43
CA ILE T 329 -61.38 11.54 22.76
C ILE T 329 -62.26 12.78 22.71
N ALA T 330 -62.16 13.53 21.62
CA ALA T 330 -62.97 14.74 21.45
C ALA T 330 -63.08 15.02 19.96
N TRP T 331 -64.10 15.81 19.61
CA TRP T 331 -64.34 16.19 18.23
C TRP T 331 -64.44 17.71 18.13
N SER T 332 -64.05 18.23 16.97
CA SER T 332 -64.07 19.66 16.75
C SER T 332 -64.07 19.94 15.25
N GLY T 333 -64.46 21.16 14.89
CA GLY T 333 -64.39 21.59 13.51
C GLY T 333 -63.07 22.23 13.18
N LYS T 334 -62.42 22.80 14.20
CA LYS T 334 -61.11 23.44 14.02
C LYS T 334 -60.39 23.42 15.37
N ASN T 335 -59.41 22.53 15.51
CA ASN T 335 -58.68 22.40 16.75
C ASN T 335 -57.33 21.75 16.45
N ARG T 336 -56.40 21.90 17.40
CA ARG T 336 -55.06 21.30 17.29
C ARG T 336 -55.17 19.81 17.60
N SER T 337 -55.16 18.96 16.57
CA SER T 337 -55.18 17.51 16.70
C SER T 337 -56.41 17.00 17.44
N PRO T 338 -57.60 17.08 16.86
CA PRO T 338 -58.77 16.42 17.45
C PRO T 338 -58.87 14.98 16.97
N LEU T 339 -59.53 14.16 17.79
CA LEU T 339 -59.73 12.76 17.41
C LEU T 339 -60.61 12.65 16.17
N VAL T 340 -61.69 13.41 16.12
CA VAL T 340 -62.59 13.44 14.98
C VAL T 340 -62.73 14.88 14.52
N ARG T 341 -62.55 15.11 13.22
CA ARG T 341 -62.62 16.44 12.65
C ARG T 341 -63.71 16.49 11.59
N VAL T 342 -64.47 17.58 11.57
CA VAL T 342 -65.54 17.78 10.60
C VAL T 342 -65.05 18.80 9.57
N PRO T 343 -64.74 18.37 8.34
CA PRO T 343 -64.30 19.34 7.33
C PRO T 343 -65.40 20.33 6.99
N SER T 344 -64.97 21.53 6.58
CA SER T 344 -65.91 22.61 6.32
C SER T 344 -66.77 22.36 5.08
N SER T 345 -66.35 21.46 4.19
CA SER T 345 -67.12 21.20 2.98
C SER T 345 -68.47 20.57 3.33
N ARG T 346 -69.50 20.97 2.60
CA ARG T 346 -70.84 20.45 2.83
C ARG T 346 -71.48 19.98 1.53
N GLY T 347 -72.77 19.68 1.57
CA GLY T 347 -73.44 19.13 0.41
C GLY T 347 -73.18 17.65 0.26
N LEU T 348 -72.90 17.20 -0.96
CA LEU T 348 -72.53 15.80 -1.17
C LEU T 348 -71.15 15.47 -0.62
N SER T 349 -70.37 16.48 -0.23
CA SER T 349 -69.02 16.27 0.28
C SER T 349 -68.97 16.25 1.80
N THR T 350 -70.12 16.25 2.47
CA THR T 350 -70.14 16.19 3.93
C THR T 350 -69.55 14.88 4.40
N ARG T 351 -68.66 14.95 5.39
CA ARG T 351 -67.94 13.77 5.83
C ARG T 351 -67.39 14.01 7.23
N LEU T 352 -67.04 12.92 7.91
CA LEU T 352 -66.39 12.96 9.20
C LEU T 352 -65.01 12.35 9.06
N GLU T 353 -64.00 13.01 9.61
CA GLU T 353 -62.62 12.56 9.48
C GLU T 353 -62.15 12.01 10.82
N LEU T 354 -61.70 10.77 10.82
CA LEU T 354 -61.04 10.15 11.95
C LEU T 354 -59.54 10.17 11.71
N ARG T 355 -58.79 10.72 12.68
CA ARG T 355 -57.37 10.96 12.51
C ARG T 355 -56.49 10.02 13.30
N SER T 356 -57.06 9.09 14.06
CA SER T 356 -56.27 8.18 14.87
C SER T 356 -55.74 6.99 14.08
N VAL T 357 -56.22 6.77 12.86
CA VAL T 357 -55.80 5.63 12.07
C VAL T 357 -54.40 5.87 11.51
N ASP T 358 -53.60 4.83 11.46
CA ASP T 358 -52.25 4.87 10.90
C ASP T 358 -52.15 3.93 9.71
N PRO T 359 -51.16 4.12 8.84
CA PRO T 359 -51.05 3.26 7.66
C PRO T 359 -50.81 1.79 7.98
N SER T 360 -50.34 1.46 9.17
CA SER T 360 -50.08 0.07 9.52
C SER T 360 -51.35 -0.73 9.76
N ALA T 361 -52.49 -0.07 9.93
CA ALA T 361 -53.73 -0.77 10.27
C ALA T 361 -54.26 -1.54 9.06
N ASN T 362 -55.01 -2.60 9.34
CA ASN T 362 -55.72 -3.32 8.29
C ASN T 362 -56.94 -2.52 7.87
N PRO T 363 -57.04 -2.11 6.60
CA PRO T 363 -58.18 -1.27 6.20
C PRO T 363 -59.53 -1.92 6.42
N TYR T 364 -59.63 -3.22 6.15
CA TYR T 364 -60.93 -3.89 6.27
C TYR T 364 -61.40 -3.94 7.72
N LEU T 365 -60.51 -4.33 8.64
CA LEU T 365 -60.89 -4.40 10.05
C LEU T 365 -61.23 -3.02 10.60
N ALA T 366 -60.44 -2.01 10.24
CA ALA T 366 -60.71 -0.66 10.72
C ALA T 366 -62.05 -0.16 10.22
N MET T 367 -62.34 -0.36 8.93
CA MET T 367 -63.63 0.05 8.41
C MET T 367 -64.77 -0.71 9.06
N ALA T 368 -64.58 -2.01 9.30
CA ALA T 368 -65.64 -2.80 9.93
C ALA T 368 -65.95 -2.27 11.32
N VAL T 369 -64.92 -2.02 12.13
CA VAL T 369 -65.18 -1.59 13.50
C VAL T 369 -65.74 -0.18 13.52
N LEU T 370 -65.25 0.70 12.64
CA LEU T 370 -65.80 2.06 12.60
C LEU T 370 -67.26 2.06 12.16
N LEU T 371 -67.59 1.26 11.15
CA LEU T 371 -68.98 1.17 10.71
C LEU T 371 -69.86 0.59 11.81
N LYS T 372 -69.36 -0.42 12.54
CA LYS T 372 -70.15 -0.98 13.62
C LYS T 372 -70.40 0.06 14.70
N ALA T 373 -69.37 0.84 15.06
CA ALA T 373 -69.55 1.86 16.09
C ALA T 373 -70.54 2.93 15.64
N GLY T 374 -70.42 3.41 14.40
CA GLY T 374 -71.36 4.40 13.91
C GLY T 374 -72.79 3.87 13.82
N LEU T 375 -72.94 2.62 13.38
CA LEU T 375 -74.26 2.01 13.29
C LEU T 375 -74.88 1.86 14.67
N SER T 376 -74.09 1.45 15.66
CA SER T 376 -74.59 1.36 17.03
C SER T 376 -75.01 2.72 17.56
N GLY T 377 -74.21 3.75 17.26
CA GLY T 377 -74.60 5.10 17.67
C GLY T 377 -75.89 5.55 17.04
N ILE T 378 -76.08 5.25 15.76
CA ILE T 378 -77.32 5.60 15.08
C ILE T 378 -78.50 4.86 15.69
N LYS T 379 -78.34 3.55 15.92
CA LYS T 379 -79.43 2.76 16.47
C LYS T 379 -79.82 3.23 17.87
N ASP T 380 -78.83 3.54 18.70
CA ASP T 380 -79.10 3.99 20.06
C ASP T 380 -79.47 5.47 20.12
N GLU T 381 -79.27 6.22 19.04
CA GLU T 381 -79.58 7.65 18.99
C GLU T 381 -78.88 8.41 20.11
N LEU T 382 -77.60 8.11 20.30
CA LEU T 382 -76.82 8.77 21.34
C LEU T 382 -76.58 10.24 20.99
N THR T 383 -76.52 11.06 22.03
CA THR T 383 -76.24 12.49 21.87
C THR T 383 -74.75 12.72 21.98
N PRO T 384 -74.10 13.32 20.98
CA PRO T 384 -72.66 13.51 21.07
C PRO T 384 -72.31 14.60 22.06
N PRO T 385 -71.12 14.57 22.65
CA PRO T 385 -70.69 15.66 23.53
C PRO T 385 -70.43 16.94 22.76
N ALA T 386 -70.47 18.04 23.47
CA ALA T 386 -70.23 19.34 22.84
C ALA T 386 -68.80 19.41 22.31
N PRO T 387 -68.58 20.01 21.15
CA PRO T 387 -67.22 20.11 20.62
C PRO T 387 -66.36 21.01 21.49
N VAL T 388 -65.06 20.71 21.50
CA VAL T 388 -64.09 21.44 22.30
C VAL T 388 -63.20 22.25 21.37
N ASP T 389 -62.98 23.52 21.73
CA ASP T 389 -62.17 24.42 20.91
C ASP T 389 -61.32 25.34 21.79
N ARG T 390 -60.92 24.88 22.96
CA ARG T 390 -60.28 25.74 23.95
C ARG T 390 -58.84 25.31 24.18
N ASN T 391 -58.31 24.49 23.27
CA ASN T 391 -56.96 23.95 23.36
C ASN T 391 -56.78 23.09 24.61
N ILE T 392 -57.48 21.95 24.61
CA ILE T 392 -57.48 20.97 25.69
C ILE T 392 -56.07 20.65 26.17
N TYR T 393 -55.07 20.83 25.29
CA TYR T 393 -53.69 20.66 25.71
C TYR T 393 -53.28 21.68 26.76
N GLY T 394 -54.03 22.78 26.90
CA GLY T 394 -53.69 23.78 27.89
C GLY T 394 -53.79 23.27 29.31
N MET T 395 -54.86 22.54 29.62
CA MET T 395 -55.05 22.06 30.97
C MET T 395 -54.27 20.77 31.22
N ASN T 396 -54.22 20.37 32.48
CA ASN T 396 -53.62 19.09 32.85
C ASN T 396 -54.63 17.97 32.64
N GLU T 397 -54.19 16.74 32.90
CA GLU T 397 -55.09 15.59 32.76
C GLU T 397 -56.26 15.68 33.72
N GLU T 398 -56.00 16.08 34.97
CA GLU T 398 -57.06 16.18 35.95
C GLU T 398 -58.05 17.28 35.60
N GLU T 399 -57.55 18.42 35.10
CA GLU T 399 -58.42 19.54 34.79
C GLU T 399 -59.34 19.29 33.61
N ARG T 400 -59.00 18.33 32.74
CA ARG T 400 -59.86 17.98 31.62
C ARG T 400 -60.62 16.68 31.82
N GLU T 401 -60.21 15.85 32.77
CA GLU T 401 -60.96 14.63 33.07
C GLU T 401 -62.29 14.94 33.73
N ALA T 402 -62.44 16.14 34.31
CA ALA T 402 -63.72 16.54 34.87
C ALA T 402 -64.81 16.60 33.80
N THR T 403 -64.47 17.12 32.63
CA THR T 403 -65.39 17.13 31.49
C THR T 403 -65.37 15.76 30.82
N GLY T 404 -65.97 15.68 29.63
CA GLY T 404 -66.03 14.42 28.92
C GLY T 404 -64.78 14.02 28.19
N ILE T 405 -63.69 14.77 28.34
CA ILE T 405 -62.45 14.48 27.64
C ILE T 405 -61.74 13.33 28.35
N TYR T 406 -61.41 12.29 27.58
CA TYR T 406 -60.70 11.12 28.12
C TYR T 406 -59.50 10.82 27.22
N ASP T 407 -58.52 10.14 27.81
CA ASP T 407 -57.30 9.81 27.12
C ASP T 407 -57.44 8.52 26.33
N LEU T 408 -56.81 8.48 25.16
CA LEU T 408 -56.69 7.24 24.43
C LEU T 408 -55.73 6.31 25.15
N PRO T 409 -55.82 5.00 24.91
CA PRO T 409 -54.87 4.07 25.53
C PRO T 409 -53.44 4.41 25.16
N GLU T 410 -52.56 4.33 26.15
CA GLU T 410 -51.16 4.74 25.97
C GLU T 410 -50.26 3.62 25.49
N SER T 411 -50.73 2.38 25.52
CA SER T 411 -49.93 1.24 25.07
C SER T 411 -50.83 0.22 24.41
N LEU T 412 -50.23 -0.69 23.64
CA LEU T 412 -51.02 -1.73 22.95
C LEU T 412 -51.73 -2.61 23.99
N GLY T 413 -51.08 -2.91 25.11
CA GLY T 413 -51.71 -3.78 26.10
C GLY T 413 -52.99 -3.21 26.65
N HIS T 414 -52.99 -1.91 26.97
CA HIS T 414 -54.21 -1.27 27.46
C HIS T 414 -55.29 -1.28 26.38
N ALA T 415 -54.90 -1.05 25.12
CA ALA T 415 -55.86 -1.11 24.02
C ALA T 415 -56.42 -2.51 23.87
N LEU T 416 -55.59 -3.53 24.07
CA LEU T 416 -56.06 -4.93 23.98
C LEU T 416 -57.06 -5.20 25.11
N ILE T 417 -56.79 -4.67 26.31
CA ILE T 417 -57.73 -4.82 27.42
C ILE T 417 -59.06 -4.16 27.08
N GLU T 418 -58.99 -2.95 26.51
CA GLU T 418 -60.22 -2.25 26.13
C GLU T 418 -61.00 -3.02 25.07
N LEU T 419 -60.29 -3.63 24.11
CA LEU T 419 -60.95 -4.51 23.16
C LEU T 419 -61.65 -5.66 23.86
N GLU T 420 -60.95 -6.33 24.77
CA GLU T 420 -61.53 -7.47 25.47
C GLU T 420 -62.72 -7.06 26.33
N LYS T 421 -62.82 -5.79 26.71
CA LYS T 421 -63.98 -5.35 27.48
C LYS T 421 -65.16 -5.01 26.58
N ASN T 422 -64.93 -4.29 25.48
CA ASN T 422 -66.00 -3.84 24.61
C ASN T 422 -66.65 -5.00 23.85
N GLU T 423 -67.98 -4.99 23.75
CA GLU T 423 -68.71 -6.06 23.08
C GLU T 423 -69.12 -5.72 21.67
N ILE T 424 -69.45 -4.45 21.39
CA ILE T 424 -69.89 -4.06 20.05
C ILE T 424 -68.76 -4.24 19.05
N ILE T 425 -67.53 -3.92 19.44
CA ILE T 425 -66.39 -4.12 18.55
C ILE T 425 -66.15 -5.60 18.30
N LYS T 426 -66.36 -6.43 19.33
CA LYS T 426 -66.27 -7.88 19.13
C LYS T 426 -67.31 -8.36 18.14
N ASP T 427 -68.53 -7.85 18.23
CA ASP T 427 -69.57 -8.22 17.28
C ASP T 427 -69.21 -7.77 15.87
N GLY T 428 -68.63 -6.57 15.73
CA GLY T 428 -68.22 -6.09 14.44
C GLY T 428 -67.01 -6.79 13.84
N LEU T 429 -66.18 -7.40 14.68
CA LEU T 429 -65.03 -8.17 14.20
C LEU T 429 -65.34 -9.64 13.94
N GLY T 430 -66.28 -10.23 14.67
CA GLY T 430 -66.50 -11.65 14.58
C GLY T 430 -65.60 -12.43 15.52
N GLU T 431 -66.10 -13.59 15.96
CA GLU T 431 -65.38 -14.35 16.98
C GLU T 431 -64.03 -14.83 16.47
N HIS T 432 -63.98 -15.36 15.24
CA HIS T 432 -62.73 -15.89 14.71
C HIS T 432 -61.66 -14.80 14.61
N ILE T 433 -62.00 -13.69 13.97
CA ILE T 433 -61.04 -12.61 13.79
C ILE T 433 -60.65 -12.04 15.15
N PHE T 434 -61.61 -11.86 16.05
CA PHE T 434 -61.30 -11.30 17.37
C PHE T 434 -60.32 -12.18 18.12
N GLU T 435 -60.58 -13.50 18.16
CA GLU T 435 -59.70 -14.39 18.90
C GLU T 435 -58.30 -14.40 18.31
N HIS T 436 -58.19 -14.51 16.97
CA HIS T 436 -56.87 -14.60 16.37
C HIS T 436 -56.10 -13.29 16.50
N PHE T 437 -56.81 -12.17 16.34
CA PHE T 437 -56.17 -10.83 16.46
C PHE T 437 -55.58 -10.68 17.87
N ILE T 438 -56.40 -10.91 18.90
CA ILE T 438 -55.92 -10.78 20.31
C ILE T 438 -54.70 -11.67 20.51
N GLU T 439 -54.79 -12.96 20.11
CA GLU T 439 -53.66 -13.91 20.27
C GLU T 439 -52.38 -13.31 19.70
N ALA T 440 -52.38 -12.91 18.43
CA ALA T 440 -51.18 -12.36 17.77
C ALA T 440 -50.69 -11.09 18.48
N LYS T 441 -51.62 -10.22 18.89
CA LYS T 441 -51.22 -8.92 19.48
C LYS T 441 -50.70 -9.12 20.91
N THR T 442 -51.25 -10.06 21.67
CA THR T 442 -50.73 -10.36 23.03
C THR T 442 -49.31 -10.93 22.88
N ILE T 443 -49.09 -11.76 21.87
CA ILE T 443 -47.72 -12.29 21.60
C ILE T 443 -46.78 -11.11 21.33
N GLU T 444 -47.21 -10.17 20.48
CA GLU T 444 -46.39 -8.97 20.15
C GLU T 444 -46.06 -8.23 21.44
N CYS T 445 -47.06 -7.97 22.29
CA CYS T 445 -46.84 -7.25 23.57
C CYS T 445 -45.80 -7.99 24.40
N ASP T 446 -46.00 -9.29 24.64
CA ASP T 446 -45.08 -10.09 25.48
C ASP T 446 -43.64 -10.02 24.92
N MET T 447 -43.48 -10.31 23.63
CA MET T 447 -42.14 -10.27 22.98
C MET T 447 -41.48 -8.92 23.28
N PHE T 448 -42.19 -7.83 22.98
CA PHE T 448 -41.65 -6.47 23.21
C PHE T 448 -41.39 -6.25 24.71
N ARG T 449 -42.26 -6.80 25.57
CA ARG T 449 -42.09 -6.49 26.99
C ARG T 449 -40.81 -7.09 27.56
N THR T 450 -40.47 -8.32 27.15
CA THR T 450 -39.33 -9.02 27.72
C THR T 450 -38.01 -8.68 27.03
N ALA T 451 -38.04 -7.91 25.95
CA ALA T 451 -36.81 -7.56 25.25
C ALA T 451 -36.02 -6.52 26.03
N VAL T 452 -34.71 -6.52 25.81
CA VAL T 452 -33.81 -5.54 26.41
C VAL T 452 -33.33 -4.62 25.30
N HIS T 453 -33.63 -3.35 25.41
CA HIS T 453 -33.33 -2.40 24.35
C HIS T 453 -32.05 -1.64 24.66
N PRO T 454 -31.36 -1.15 23.62
CA PRO T 454 -30.14 -0.36 23.86
C PRO T 454 -30.38 0.91 24.66
N TRP T 455 -31.61 1.40 24.70
CA TRP T 455 -31.93 2.55 25.55
C TRP T 455 -31.65 2.23 27.02
N GLU T 456 -32.04 1.03 27.45
CA GLU T 456 -31.82 0.63 28.83
C GLU T 456 -30.33 0.56 29.14
N ARG T 457 -29.54 0.02 28.22
CA ARG T 457 -28.09 -0.03 28.43
C ARG T 457 -27.48 1.36 28.48
N GLU T 458 -27.91 2.24 27.58
CA GLU T 458 -27.38 3.60 27.59
C GLU T 458 -27.77 4.34 28.85
N GLN T 459 -28.88 3.97 29.47
CA GLN T 459 -29.32 4.67 30.68
C GLN T 459 -28.81 4.05 31.97
N TYR T 460 -28.47 2.76 31.97
CA TYR T 460 -28.11 2.12 33.27
C TYR T 460 -26.79 1.35 33.27
N LEU T 461 -26.19 1.03 32.11
CA LEU T 461 -25.00 0.20 32.13
C LEU T 461 -23.87 0.87 32.89
N GLU T 462 -23.69 2.17 32.70
CA GLU T 462 -22.60 2.90 33.37
C GLU T 462 -23.01 3.44 34.72
N ILE T 463 -24.26 3.91 34.86
CA ILE T 463 -24.71 4.49 36.12
C ILE T 463 -24.75 3.42 37.21
N TYR T 464 -25.27 2.25 36.89
CA TYR T 464 -25.38 1.16 37.86
C TYR T 464 -24.40 0.04 37.53
N GLN U 1 -33.33 -25.25 34.81
CA GLN U 1 -33.91 -26.53 34.29
C GLN U 1 -33.32 -26.83 32.91
N LEU U 2 -33.41 -25.87 31.98
CA LEU U 2 -32.91 -26.12 30.59
C LEU U 2 -32.15 -24.90 30.07
N PRO U 3 -30.96 -24.55 30.59
CA PRO U 3 -30.16 -23.46 30.02
C PRO U 3 -29.36 -23.95 28.80
N ARG U 4 -29.22 -25.27 28.66
CA ARG U 4 -28.50 -25.87 27.50
C ARG U 4 -29.37 -25.71 26.25
N PHE U 5 -30.64 -26.11 26.33
CA PHE U 5 -31.56 -25.98 25.17
C PHE U 5 -31.76 -24.50 24.83
N GLN V 1 -34.27 20.63 37.01
CA GLN V 1 -35.64 20.03 36.95
C GLN V 1 -35.65 18.89 35.92
N LEU V 2 -35.28 19.20 34.67
CA LEU V 2 -35.33 18.17 33.59
C LEU V 2 -34.07 18.25 32.71
N PRO V 3 -32.86 17.89 33.20
CA PRO V 3 -31.67 17.84 32.35
C PRO V 3 -31.56 16.49 31.63
N ARG V 4 -32.43 15.53 31.98
CA ARG V 4 -32.41 14.19 31.34
C ARG V 4 -33.21 14.25 30.03
N PHE V 5 -34.40 14.90 30.06
CA PHE V 5 -35.23 15.03 28.84
C PHE V 5 -34.48 15.85 27.78
N GLN W 1 -14.96 52.06 -2.72
CA GLN W 1 -13.98 53.10 -3.00
C GLN W 1 -12.62 52.46 -3.28
N LEU W 2 -12.12 51.71 -2.30
CA LEU W 2 -10.83 51.03 -2.40
C LEU W 2 -11.03 49.56 -2.04
N PRO W 3 -11.55 48.67 -2.92
CA PRO W 3 -11.65 47.25 -2.58
C PRO W 3 -10.36 46.49 -2.89
N ARG W 4 -9.32 47.20 -3.37
CA ARG W 4 -8.03 46.55 -3.70
C ARG W 4 -7.27 46.25 -2.40
N PHE W 5 -7.29 47.17 -1.44
CA PHE W 5 -6.62 46.93 -0.13
C PHE W 5 -7.40 45.86 0.65
N GLN X 1 -46.00 23.85 16.05
CA GLN X 1 -46.01 25.27 16.41
C GLN X 1 -44.63 25.86 16.16
N LEU X 2 -43.62 25.31 16.83
CA LEU X 2 -42.23 25.77 16.70
C LEU X 2 -41.35 24.58 16.38
N PRO X 3 -41.27 24.07 15.13
CA PRO X 3 -40.33 22.99 14.82
C PRO X 3 -38.95 23.53 14.43
N ARG X 4 -38.80 24.86 14.41
CA ARG X 4 -37.49 25.48 14.08
C ARG X 4 -36.50 25.16 15.20
N PHE X 5 -36.92 25.27 16.46
CA PHE X 5 -36.05 24.93 17.61
C PHE X 5 -35.74 23.44 17.61
N GLN Y 1 -47.15 -22.07 15.24
CA GLN Y 1 -48.05 -21.35 16.14
C GLN Y 1 -47.48 -19.96 16.43
N LEU Y 2 -46.27 -19.94 16.99
CA LEU Y 2 -45.58 -18.69 17.33
C LEU Y 2 -44.19 -18.72 16.73
N PRO Y 3 -43.97 -18.45 15.42
CA PRO Y 3 -42.61 -18.40 14.87
C PRO Y 3 -41.99 -16.99 15.02
N ARG Y 4 -42.72 -16.07 15.67
CA ARG Y 4 -42.20 -14.70 15.89
C ARG Y 4 -41.12 -14.74 16.96
N PHE Y 5 -41.36 -15.49 18.05
CA PHE Y 5 -40.36 -15.62 19.14
C PHE Y 5 -39.15 -16.42 18.63
N GLN Z 1 22.89 41.07 -27.75
CA GLN Z 1 24.38 41.03 -27.85
C GLN Z 1 24.89 39.69 -27.32
N LEU Z 2 24.45 39.29 -26.12
CA LEU Z 2 24.96 38.02 -25.52
C LEU Z 2 23.92 37.46 -24.55
N PRO Z 3 22.83 36.79 -24.99
CA PRO Z 3 21.92 36.13 -24.05
C PRO Z 3 22.31 34.67 -23.82
N ARG Z 4 23.31 34.16 -24.55
CA ARG Z 4 23.76 32.75 -24.41
C ARG Z 4 24.40 32.57 -23.04
N PHE Z 5 25.32 33.48 -22.66
CA PHE Z 5 26.00 33.40 -21.34
C PHE Z 5 24.96 33.50 -20.22
N GLN AA 1 38.38 -0.30 -38.33
CA GLN AA 1 39.17 -1.50 -38.58
C GLN AA 1 38.67 -2.63 -37.69
N LEU AA 2 38.71 -2.40 -36.38
CA LEU AA 2 38.26 -3.38 -35.39
C LEU AA 2 37.27 -2.71 -34.45
N PRO AA 3 35.96 -2.66 -34.83
CA PRO AA 3 34.95 -2.02 -34.00
C PRO AA 3 34.31 -3.02 -33.01
N ARG AA 4 34.42 -4.33 -33.30
CA ARG AA 4 33.80 -5.36 -32.43
C ARG AA 4 34.39 -5.26 -31.02
N PHE AA 5 35.68 -4.93 -30.90
CA PHE AA 5 36.34 -4.77 -29.58
C PHE AA 5 35.84 -3.48 -28.93
N GLN BA 1 33.74 42.39 -5.48
CA GLN BA 1 33.08 43.66 -5.85
C GLN BA 1 31.56 43.46 -5.87
N LEU BA 2 31.08 42.44 -6.61
CA LEU BA 2 29.62 42.23 -6.73
C LEU BA 2 29.26 40.74 -6.67
N PRO BA 3 29.44 40.04 -5.53
CA PRO BA 3 29.01 38.64 -5.41
C PRO BA 3 27.51 38.57 -5.10
N ARG BA 4 26.91 39.70 -4.69
CA ARG BA 4 25.45 39.75 -4.39
C ARG BA 4 24.67 39.71 -5.71
N PHE BA 5 25.06 40.56 -6.67
CA PHE BA 5 24.39 40.61 -7.99
C PHE BA 5 24.55 39.25 -8.69
MG MG CA . 42.50 33.38 1.27
MG MG DA . 47.05 35.46 0.22
N GLN EA . 39.92 32.22 -3.00
CA GLN EA . 40.61 33.16 -3.92
C GLN EA . 41.68 32.39 -4.70
O GLN EA . 42.59 33.04 -5.23
CB GLN EA . 41.24 34.33 -3.15
CG GLN EA . 40.58 34.59 -1.81
CD GLN EA . 40.90 35.96 -1.27
OE1 GLN EA . 42.00 36.50 -1.49
NE2 GLN EA . 39.96 36.56 -0.56
OXT GLN EA . 41.59 31.16 -4.77
H1 GLN EA . 39.71 31.33 -3.49
H2 GLN EA . 39.09 32.61 -2.71
H3 GLN EA . 40.47 32.04 -2.23
HA GLN EA . 39.88 33.55 -4.63
HB2 GLN EA . 41.17 35.22 -3.77
HB3 GLN EA . 42.29 34.10 -2.99
HG2 GLN EA . 39.50 34.51 -1.91
HG3 GLN EA . 40.91 33.85 -1.10
HE21 GLN EA . 39.88 37.56 -0.55
HE22 GLN EA . 39.30 35.99 -0.03
MG MG FA . -2.72 -46.57 27.33
MG MG GA . -4.54 -50.44 30.12
N GLN HA . -5.90 -45.30 23.49
CA GLN HA . -6.65 -46.59 23.40
C GLN HA . -7.98 -46.43 24.14
O GLN HA . -8.52 -47.46 24.57
CB GLN HA . -5.82 -47.74 23.97
CG GLN HA . -4.32 -47.55 23.83
CD GLN HA . -3.55 -48.82 24.07
OE1 GLN HA . -4.02 -49.73 24.75
NE2 GLN HA . -2.36 -48.89 23.50
OXT GLN HA . -8.45 -45.30 24.30
H1 GLN HA . -6.55 -44.51 23.37
H2 GLN HA . -5.23 -45.26 22.78
H3 GLN HA . -5.47 -45.23 24.34
HA GLN HA . -6.86 -46.79 22.35
HB2 GLN HA . -6.12 -48.65 23.47
HB3 GLN HA . -6.07 -47.84 25.03
HG2 GLN HA . -4.10 -47.18 22.83
HG3 GLN HA . -3.99 -46.79 24.54
HE21 GLN HA . -2.03 -49.76 23.11
HE22 GLN HA . -1.77 -48.06 23.46
MG MG IA . 33.05 -42.53 4.74
MG MG JA . 34.69 -47.33 5.31
N GLN KA . 29.31 -42.12 1.27
CA GLN KA . 29.57 -43.37 0.53
C GLN KA . 28.70 -44.49 1.12
O GLN KA . 27.78 -44.18 1.88
CB GLN KA . 31.05 -43.77 0.60
CG GLN KA . 31.97 -42.62 0.99
CD GLN KA . 33.43 -42.97 0.79
OE1 GLN KA . 33.84 -44.11 0.92
NE2 GLN KA . 34.22 -41.96 0.48
OXT GLN KA . 28.96 -45.66 0.79
H1 GLN KA . 28.29 -41.96 1.35
H2 GLN KA . 29.70 -41.37 0.80
H3 GLN KA . 29.69 -42.18 2.15
HA GLN KA . 29.29 -43.23 -0.52
HB2 GLN KA . 31.35 -44.13 -0.39
HB3 GLN KA . 31.16 -44.58 1.31
HG2 GLN KA . 31.73 -41.74 0.40
HG3 GLN KA . 31.80 -42.39 2.04
HE21 GLN KA . 35.08 -42.13 -0.05
HE22 GLN KA . 33.98 -41.00 0.75
MG MG LA . 28.70 7.97 -45.12
MG MG MA . 31.62 10.23 -48.66
N GLN NA . 30.50 8.69 -40.43
CA GLN NA . 31.92 8.99 -40.76
C GLN NA . 32.12 10.51 -40.78
O GLN NA . 33.15 10.94 -41.33
CB GLN NA . 32.32 8.37 -42.10
CG GLN NA . 31.45 7.20 -42.52
CD GLN NA . 32.07 6.39 -43.63
OE1 GLN NA . 32.77 6.92 -44.49
NE2 GLN NA . 31.82 5.09 -43.62
OXT GLN NA . 31.26 11.23 -40.26
H1 GLN NA . 30.19 9.29 -39.65
H2 GLN NA . 30.41 7.77 -40.18
H3 GLN NA . 29.95 8.87 -41.20
HA GLN NA . 32.55 8.57 -39.97
HB2 GLN NA . 33.36 8.04 -42.03
HB3 GLN NA . 32.26 9.15 -42.86
HG2 GLN NA . 31.29 6.55 -41.66
HG3 GLN NA . 30.48 7.56 -42.84
HE21 GLN NA . 32.49 4.43 -44.00
HE22 GLN NA . 30.95 4.74 -43.22
MG MG OA . 17.53 -32.62 -39.38
MG MG PA . 20.45 -34.61 -43.07
N GLN QA . 20.23 -31.46 -35.18
CA GLN QA . 21.41 -32.34 -35.41
C GLN QA . 22.51 -31.53 -36.09
O GLN QA . 23.42 -32.15 -36.65
CB GLN QA . 21.02 -33.56 -36.26
CG GLN QA . 19.53 -33.86 -36.26
CD GLN QA . 19.22 -35.23 -36.82
OE1 GLN QA . 19.92 -35.73 -37.70
NE2 GLN QA . 18.17 -35.84 -36.31
OXT GLN QA . 22.43 -30.30 -36.07
H1 GLN QA . 20.54 -30.55 -34.77
H2 GLN QA . 19.62 -31.88 -34.56
H3 GLN QA . 19.77 -31.29 -36.01
HA GLN QA . 21.77 -32.69 -34.44
HB2 GLN QA . 21.56 -34.42 -35.89
HB3 GLN QA . 21.34 -33.38 -37.29
HG2 GLN QA . 19.15 -33.80 -35.24
HG3 GLN QA . 19.02 -33.11 -36.85
HE21 GLN QA . 18.14 -36.86 -36.28
HE22 GLN QA . 17.38 -35.30 -35.95
MG MG RA . -16.07 -48.16 -18.55
MG MG SA . -15.94 -52.85 -20.55
N GLN TA . -12.51 -47.53 -14.96
CA GLN TA . -12.29 -48.95 -14.59
C GLN TA . -11.07 -49.48 -15.36
O GLN TA . -10.90 -50.70 -15.42
CB GLN TA . -13.53 -49.80 -14.91
CG GLN TA . -14.82 -49.01 -14.96
CD GLN TA . -16.04 -49.88 -14.92
OE1 GLN TA . -16.03 -51.02 -15.39
NE2 GLN TA . -17.11 -49.36 -14.35
OXT GLN TA . -10.30 -48.66 -15.88
H1 GLN TA . -11.62 -47.02 -14.95
H2 GLN TA . -13.10 -47.12 -14.31
H3 GLN TA . -12.90 -47.47 -15.83
HA GLN TA . -12.08 -49.01 -13.52
HB2 GLN TA . -13.61 -50.58 -14.14
HB3 GLN TA . -13.37 -50.29 -15.87
HG2 GLN TA . -14.85 -48.31 -14.13
HG3 GLN TA . -14.83 -48.42 -15.88
HE21 GLN TA . -17.78 -49.96 -13.86
HE22 GLN TA . -17.28 -48.36 -14.39
MG MG UA . -26.72 46.20 -8.65
MG MG VA . -30.10 50.00 -8.14
N GLN WA . -24.58 44.86 -4.20
CA GLN WA . -24.83 46.11 -3.44
C GLN WA . -26.12 45.93 -2.63
O GLN WA . -26.67 46.96 -2.20
CB GLN WA . -24.94 47.31 -4.36
CG GLN WA . -24.28 47.10 -5.73
CD GLN WA . -24.14 48.39 -6.50
OE1 GLN WA . -24.95 49.30 -6.38
NE2 GLN WA . -23.08 48.47 -7.30
OXT GLN WA . -26.56 44.80 -2.44
H1 GLN WA . -24.71 44.03 -3.59
H2 GLN WA . -23.68 44.86 -4.55
H3 GLN WA . -25.20 44.79 -4.94
HA GLN WA . -24.01 46.26 -2.75
HB2 GLN WA . -24.46 48.17 -3.88
HB3 GLN WA . -25.99 47.55 -4.52
HG2 GLN WA . -23.30 46.65 -5.58
HG3 GLN WA . -24.88 46.41 -6.30
HE21 GLN WA . -22.63 49.37 -7.45
HE22 GLN WA . -22.72 47.63 -7.75
MG MG XA . 9.07 48.08 23.00
MG MG YA . 10.85 52.80 23.79
N GLN ZA . 7.32 47.43 18.23
CA GLN ZA . 7.07 48.86 17.88
C GLN ZA . 8.25 49.39 17.08
O GLN ZA . 8.40 50.63 17.03
CB GLN ZA . 6.84 49.70 19.14
CG GLN ZA . 6.36 48.89 20.34
CD GLN ZA . 5.74 49.76 21.41
OE1 GLN ZA . 6.13 50.92 21.60
NE2 GLN ZA . 4.79 49.21 22.13
OXT GLN ZA . 9.00 48.59 16.52
H1 GLN ZA . 7.74 46.94 17.42
H2 GLN ZA . 6.49 47.01 18.47
H3 GLN ZA . 7.94 47.39 18.97
HA GLN ZA . 6.17 48.91 17.27
HB2 GLN ZA . 6.11 50.48 18.91
HB3 GLN ZA . 7.78 50.19 19.40
HG2 GLN ZA . 5.62 48.17 20.01
HG3 GLN ZA . 7.21 48.35 20.76
HE21 GLN ZA . 4.03 49.78 22.51
HE22 GLN ZA . 4.80 48.21 22.30
MG MG AB . -21.95 26.08 41.96
MG MG BB . -23.66 29.85 44.94
N GLN CB . -23.52 26.55 37.13
CA GLN CB . -24.69 27.44 37.37
C GLN CB . -24.25 28.90 37.14
O GLN CB . -24.95 29.79 37.65
CB GLN CB . -25.24 27.26 38.78
CG GLN CB . -24.87 25.93 39.43
CD GLN CB . -25.68 25.63 40.66
OE1 GLN CB . -26.09 26.54 41.38
NE2 GLN CB . -25.94 24.36 40.89
OXT GLN CB . -23.26 29.12 36.46
H1 GLN CB . -23.03 26.83 36.26
H2 GLN CB . -23.81 25.64 37.04
H3 GLN CB . -22.90 26.62 37.88
HA GLN CB . -25.47 27.19 36.65
HB2 GLN CB . -26.33 27.33 38.74
HB3 GLN CB . -24.86 28.06 39.41
HG2 GLN CB . -25.02 25.13 38.70
HG3 GLN CB . -23.82 25.95 39.69
HE21 GLN CB . -26.81 24.09 41.35
HE22 GLN CB . -25.26 23.64 40.63
MG MG DB . -27.20 -16.03 43.88
MG MG EB . -30.52 -16.08 47.75
N GLN FB . -29.42 -14.73 39.46
CA GLN FB . -30.82 -15.04 39.84
C GLN FB . -31.48 -13.77 40.37
O GLN FB . -30.91 -12.69 40.23
CB GLN FB . -30.87 -16.17 40.87
CG GLN FB . -29.59 -16.97 40.98
CD GLN FB . -29.77 -18.22 41.80
OE1 GLN FB . -30.55 -18.27 42.75
NE2 GLN FB . -29.03 -19.26 41.44
OXT GLN FB . -32.58 -13.89 40.93
H1 GLN FB . -29.40 -13.87 38.88
H2 GLN FB . -29.05 -15.45 38.93
H3 GLN FB . -28.88 -14.59 40.24
HA GLN FB . -31.36 -15.36 38.95
HB2 GLN FB . -31.70 -16.84 40.62
HB3 GLN FB . -31.10 -15.73 41.84
HG2 GLN FB . -29.25 -17.24 39.98
HG3 GLN FB . -28.82 -16.35 41.44
HE21 GLN FB . -29.36 -20.20 41.62
HE22 GLN FB . -28.14 -19.11 40.97
MG MG GB . 53.18 -6.94 -6.85
MG MG HB . 57.66 -9.10 -8.00
N GLN IB . 49.73 -7.73 -10.57
CA GLN IB . 50.68 -7.99 -11.69
C GLN IB . 50.82 -9.49 -11.88
O GLN IB . 51.81 -9.91 -12.50
CB GLN IB . 52.04 -7.35 -11.38
CG GLN IB . 51.97 -6.16 -10.43
CD GLN IB . 53.19 -5.29 -10.50
OE1 GLN IB . 54.29 -5.75 -10.80
NE2 GLN IB . 53.01 -4.01 -10.21
OXT GLN IB . 49.94 -10.23 -11.43
H1 GLN IB . 48.92 -8.38 -10.65
H2 GLN IB . 49.39 -6.83 -10.63
H3 GLN IB . 50.15 -7.88 -9.72
HA GLN IB . 50.28 -7.54 -12.59
HB2 GLN IB . 52.49 -7.03 -12.32
HB3 GLN IB . 52.69 -8.11 -10.94
HG2 GLN IB . 51.09 -5.56 -10.67
HG3 GLN IB . 51.85 -6.53 -9.42
HE21 GLN IB . 53.60 -3.30 -10.65
HE22 GLN IB . 52.28 -3.74 -9.56
MG MG JB . 9.01 43.05 -31.43
MG MG KB . 9.12 47.88 -33.11
N GLN LB . 10.55 42.73 -26.55
CA GLN LB . 11.34 43.99 -26.50
C GLN LB . 10.48 45.09 -25.86
O GLN LB . 9.48 44.76 -25.22
CB GLN LB . 11.80 44.40 -27.90
CG GLN LB . 11.91 43.25 -28.88
CD GLN LB . 12.75 43.59 -30.08
OE1 GLN LB . 12.84 44.74 -30.50
NE2 GLN LB . 13.39 42.57 -30.65
OXT GLN LB . 10.83 46.27 -26.04
H1 GLN LB . 10.02 42.61 -25.67
H2 GLN LB . 11.14 41.98 -26.68
H3 GLN LB . 9.91 42.78 -27.29
HA GLN LB . 12.21 43.83 -25.88
HB2 GLN LB . 12.77 44.89 -27.81
HB3 GLN LB . 11.09 45.14 -28.29
HG2 GLN LB . 12.34 42.39 -28.37
HG3 GLN LB . 10.91 42.97 -29.21
HE21 GLN LB . 14.27 42.73 -31.12
HE22 GLN LB . 13.00 41.64 -30.60
MG MG MB . -46.84 -26.95 1.69
MG MG NB . -50.20 -30.78 1.93
N GLN OB . -43.11 -27.39 5.24
CA GLN OB . -43.84 -28.31 6.15
C GLN OB . -43.46 -29.76 5.80
O GLN OB . -44.16 -30.66 6.27
CB GLN OB . -45.35 -28.11 6.05
CG GLN OB . -45.76 -26.80 5.40
CD GLN OB . -47.23 -26.49 5.59
OE1 GLN OB . -48.06 -27.39 5.64
NE2 GLN OB . -47.55 -25.21 5.69
OXT GLN OB . -42.48 -29.95 5.08
H1 GLN OB . -42.11 -27.66 5.19
H2 GLN OB . -43.17 -26.47 5.57
H3 GLN OB . -43.48 -27.43 4.35
HA GLN OB . -43.53 -28.11 7.18
HB2 GLN OB . -45.77 -28.16 7.05
HB3 GLN OB . -45.77 -28.93 5.47
HG2 GLN OB . -45.18 -25.98 5.83
HG3 GLN OB . -45.54 -26.84 4.34
HE21 GLN OB . -48.36 -24.94 6.23
HE22 GLN OB . -46.98 -24.51 5.25
MG MG PB . -51.57 15.05 6.10
MG MG QB . -56.49 14.99 7.45
N GLN RB . -48.48 13.71 9.99
CA GLN RB . -49.40 14.03 11.11
C GLN RB . -50.04 12.73 11.60
O GLN RB . -49.44 11.67 11.44
CB GLN RB . -50.46 15.04 10.67
CG GLN RB . -49.97 16.02 9.62
CD GLN RB . -50.89 17.21 9.46
OE1 GLN RB . -52.07 17.15 9.80
NE2 GLN RB . -50.34 18.30 8.95
OXT GLN RB . -51.16 12.81 12.14
H1 GLN RB . -47.97 12.83 10.18
H2 GLN RB . -47.84 14.43 9.87
H3 GLN RB . -48.99 13.61 9.17
HA GLN RB . -48.81 14.45 11.93
HB2 GLN RB . -50.79 15.60 11.56
HB3 GLN RB . -51.32 14.50 10.29
HG2 GLN RB . -48.97 16.37 9.90
HG3 GLN RB . -49.88 15.50 8.67
HE21 GLN RB . -50.62 19.21 9.30
HE22 GLN RB . -49.65 18.23 8.21
#